data_3ZIA
#
_entry.id   3ZIA
#
_cell.length_a   118.224
_cell.length_b   187.846
_cell.length_c   181.812
_cell.angle_alpha   90.00
_cell.angle_beta   89.96
_cell.angle_gamma   90.00
#
_symmetry.space_group_name_H-M   'P 1 21 1'
#
loop_
_entity.id
_entity.type
_entity.pdbx_description
1 polymer 'ATP SYNTHASE SUBUNIT ALPHA, MITOCHONDRIAL'
2 polymer 'ATP SYNTHASE SUBUNIT BETA, MITOCHONDRIAL'
3 polymer 'ATP SYNTHASE SUBUNIT GAMMA, MITOCHONDRIAL'
4 polymer 'ATP SYNTHASE SUBUNIT DELTA, MITOCHONDRIAL'
5 polymer 'ATP SYNTHASE SUBUNIT EPSILON, MITOCHONDRIAL'
6 polymer 'ATPASE INHIBITOR, MITOCHONDRIAL'
7 non-polymer "ADENOSINE-5'-TRIPHOSPHATE"
8 non-polymer 'MAGNESIUM ION'
9 non-polymer "ADENOSINE-5'-DIPHOSPHATE"
10 non-polymer 1,2-ETHANEDIOL
11 water water
#
loop_
_entity_poly.entity_id
_entity_poly.type
_entity_poly.pdbx_seq_one_letter_code
_entity_poly.pdbx_strand_id
1 'polypeptide(L)'
;ASTKAQPTEVSSILEERIKGVSDEANLNETGRVLAVGDGIARVFGLNNIQAEELVEFSSGVKGMALNLEPGQVGIVLFGS
DRLVKEGELVKRTGNIVDVPVGPGLLGRVVDALGNPIDGKGPIDAAGRSRAQVKAPGILPRRSVHEPVQTGLKAVDALVP
IGRGQRELIIGDRQTGKTAVALDTILNQKRWNNGSDESKKLYCVYVAVGQKRSTVAQLVQTLEQHDAMKYSIIVAATASE
AAPLQYLAPFTAASIGEWFRDNGKHALIVYDDLSKQAVAYRQLSLLLRRPPGREAYPGDVFYLHSRLLERAAKLSEKEGS
GSLTALPVIETQGGDVSAYIPTNVISITDGQIFLEAELFYKGIRPAINVGLSVSRVGSAAQVKALKQVAGSLKLFLAQYR
EVAAFAQFGSDLDASTKQTLVRGERLTQLLKQNQYSPLATEEQVPLIYAGVNGHLDGIELSRIGEFESSFLSYLKSNHNE
LLTEIREKGELSKELLASLKSATESFVATF
;
A,B,C,K,L,M
2 'polypeptide(L)'
;ASAAQSTPITGKVTAVIGAIVDVHFEQSELPAILNALEIKTPQGKLVLEVAQHLGENTVRTIAMDGTEGLVRGEKVLDTG
GPISVPVGRETLGRIINVIGEPIDERGPIKSKLRKPIHADPPSFAEQSTSAEILETGIKVVDLLAPYARGGKIGLFGGAG
VGKTVFIQELINNIAKAHGGFSVFTGVGERTREGNDLYREMKETGVINLEGESKVALVFGQMNEPPGARARVALTGLTIA
EYFRDEEGQDVLLFIDNIFRFTQAGSEVSALLGRIPSAVGYQPTLATDMGLLQERITTTKKGSVTSVQAVYVPADDLTDP
APATTFAHLDATTVLSRGISELGIYPAVDPLDSKSRLLDAAVVGQEHYDVASKVQETLQTYKSLQDIIAILGMDELSEQD
KLTVERARKIQRFLSQPFAVAEVFTGIPGKLVRLKDTVASFKAVLEGKYDNIPEHAFYMVGGIEDVVAKAEKLAAEAN
;
D,E,F,N,O,P
3 'polypeptide(L)'
;ATLKEVEMRLKSIKNIEKITKTMKIVASTRLSKAEKAKISAKKMDEAEQLFYKNAETKNLDVEATETGAPKELIVAITSD
KGLCGSIHSQLAKAVRRHLNDQPNADIVTIGDKIKMQLLRTHPNNIKLSINGIGKDAPTFQESALIADKLLSVMKAGTYP
KISIFYNDPVSSLSFEPSEKPIFNAKTIEQSPSFGKFEIDTDANVPRDLFEYTLANQMLTAMAQGYAAEISARRNAMDNA
SKNAGDMINRYSILYNRTRQAVITNELVDIITGASSLG
;
G,Q
4 'polypeptide(L)'
;AEAAAASSGLKLQFALPHETLYSGSEVTQVNLPAKSGRIGVLANHVPTVEQLLPGVVEVMEGSNSKKFFISGGFATVQPD
SQLCVTAIEAFPLESFSQENIKNLLAEAKKNVSSSDAREAAEAAIQVEVLENLQSVLK
;
H,R
5 'polypeptide(L)' SAWRKAGISYAAYLNVAAQAIRSSLKTELQTASVLNRSQTDAFYTQYKNGTAASEPTPITK I,S
6 'polypeptide(L)' SEGSTGTPRGSGSEDSFVKRARATEDFFVRQREKEQLRHLKEQLEKQRKKIDSLENKIDSMTK J,T
#
loop_
_chem_comp.id
_chem_comp.type
_chem_comp.name
_chem_comp.formula
ADP non-polymer ADENOSINE-5'-DIPHOSPHATE 'C10 H15 N5 O10 P2'
ATP non-polymer ADENOSINE-5'-TRIPHOSPHATE 'C10 H16 N5 O13 P3'
EDO non-polymer 1,2-ETHANEDIOL 'C2 H6 O2'
MG non-polymer 'MAGNESIUM ION' 'Mg 2'
#
# COMPACT_ATOMS: atom_id res chain seq x y z
N ASN A 26 16.61 -46.42 45.44
CA ASN A 26 16.96 -47.01 44.11
C ASN A 26 15.84 -46.81 43.10
N LEU A 27 15.76 -45.60 42.57
CA LEU A 27 14.66 -45.20 41.71
C LEU A 27 14.71 -45.80 40.30
N ASN A 28 15.84 -46.42 39.96
CA ASN A 28 16.00 -47.07 38.67
C ASN A 28 15.21 -48.37 38.56
N GLU A 29 15.09 -49.07 39.68
CA GLU A 29 14.46 -50.40 39.70
C GLU A 29 13.18 -50.42 40.52
N THR A 30 12.98 -49.37 41.32
CA THR A 30 11.80 -49.27 42.15
C THR A 30 11.11 -47.92 41.97
N GLY A 31 9.84 -47.87 42.36
CA GLY A 31 9.10 -46.63 42.38
C GLY A 31 8.12 -46.57 43.54
N ARG A 32 7.63 -45.36 43.80
CA ARG A 32 6.60 -45.12 44.82
C ARG A 32 5.30 -44.60 44.16
N VAL A 33 4.16 -45.12 44.62
CA VAL A 33 2.84 -44.73 44.12
C VAL A 33 2.56 -43.26 44.45
N LEU A 34 2.24 -42.51 43.41
CA LEU A 34 1.84 -41.10 43.54
C LEU A 34 0.34 -40.96 43.72
N ALA A 35 -0.40 -41.74 42.93
CA ALA A 35 -1.85 -41.69 42.88
C ALA A 35 -2.38 -43.02 42.36
N VAL A 36 -3.56 -43.42 42.82
CA VAL A 36 -4.18 -44.65 42.35
C VAL A 36 -5.71 -44.56 42.35
N GLY A 37 -6.31 -45.04 41.26
CA GLY A 37 -7.76 -45.08 41.13
C GLY A 37 -8.17 -45.65 39.78
N ASP A 38 -9.34 -46.29 39.76
CA ASP A 38 -9.92 -46.86 38.53
C ASP A 38 -8.97 -47.78 37.75
N GLY A 39 -8.27 -48.65 38.47
CA GLY A 39 -7.35 -49.61 37.85
C GLY A 39 -6.08 -48.99 37.27
N ILE A 40 -5.78 -47.75 37.66
CA ILE A 40 -4.61 -47.04 37.19
C ILE A 40 -3.80 -46.58 38.40
N ALA A 41 -2.47 -46.70 38.29
CA ALA A 41 -1.55 -46.18 39.31
C ALA A 41 -0.48 -45.33 38.66
N ARG A 42 -0.30 -44.12 39.18
CA ARG A 42 0.75 -43.24 38.70
C ARG A 42 1.94 -43.39 39.67
N VAL A 43 3.09 -43.79 39.14
CA VAL A 43 4.21 -44.16 40.00
C VAL A 43 5.42 -43.26 39.74
N PHE A 44 6.02 -42.77 40.82
CA PHE A 44 7.25 -42.00 40.74
C PHE A 44 8.43 -42.97 40.70
N GLY A 45 9.40 -42.70 39.83
CA GLY A 45 10.58 -43.56 39.73
C GLY A 45 10.51 -44.57 38.60
N LEU A 46 10.95 -45.80 38.90
CA LEU A 46 11.09 -46.88 37.92
C LEU A 46 11.82 -46.40 36.66
N ASN A 47 12.90 -45.64 36.85
CA ASN A 47 13.57 -44.95 35.74
C ASN A 47 14.08 -45.84 34.62
N ASN A 48 14.38 -47.10 34.93
CA ASN A 48 14.90 -48.05 33.94
C ASN A 48 13.84 -48.94 33.33
N ILE A 49 12.57 -48.72 33.70
CA ILE A 49 11.48 -49.58 33.22
C ILE A 49 11.31 -49.50 31.70
N GLN A 50 10.93 -50.62 31.11
CA GLN A 50 10.66 -50.68 29.69
C GLN A 50 9.17 -50.53 29.44
N ALA A 51 8.83 -49.93 28.30
CA ALA A 51 7.46 -49.86 27.85
C ALA A 51 6.87 -51.26 27.71
N GLU A 52 5.79 -51.51 28.43
CA GLU A 52 5.03 -52.77 28.41
C GLU A 52 5.58 -53.84 29.39
N GLU A 53 6.40 -53.40 30.34
CA GLU A 53 6.97 -54.29 31.33
C GLU A 53 5.98 -54.53 32.47
N LEU A 54 6.04 -55.73 33.01
CA LEU A 54 5.26 -56.11 34.17
C LEU A 54 5.86 -55.48 35.40
N VAL A 55 5.03 -55.15 36.39
CA VAL A 55 5.51 -54.65 37.69
C VAL A 55 4.79 -55.34 38.85
N GLU A 56 5.40 -55.24 40.03
CA GLU A 56 4.86 -55.85 41.24
C GLU A 56 4.72 -54.83 42.38
N PHE A 57 3.58 -54.87 43.08
CA PHE A 57 3.29 -53.96 44.20
C PHE A 57 3.40 -54.69 45.54
N SER A 58 3.68 -53.95 46.59
CA SER A 58 3.69 -54.46 47.98
C SER A 58 2.56 -55.46 48.24
N SER A 59 1.34 -55.10 47.86
CA SER A 59 0.14 -55.90 48.09
C SER A 59 0.22 -57.27 47.46
N GLY A 60 0.91 -57.34 46.31
CA GLY A 60 1.06 -58.59 45.58
C GLY A 60 0.51 -58.52 44.17
N VAL A 61 -0.37 -57.55 43.95
CA VAL A 61 -0.97 -57.32 42.63
C VAL A 61 0.08 -56.87 41.61
N LYS A 62 -0.14 -57.26 40.36
CA LYS A 62 0.75 -56.94 39.25
C LYS A 62 0.12 -55.91 38.33
N GLY A 63 0.94 -55.27 37.52
CA GLY A 63 0.46 -54.36 36.48
C GLY A 63 1.40 -54.32 35.30
N MET A 64 1.06 -53.52 34.28
CA MET A 64 2.03 -53.19 33.23
C MET A 64 2.17 -51.70 32.95
N ALA A 65 3.41 -51.31 32.71
CA ALA A 65 3.76 -49.93 32.46
C ALA A 65 3.40 -49.61 31.02
N LEU A 66 2.36 -48.79 30.85
CA LEU A 66 1.93 -48.38 29.51
C LEU A 66 2.28 -46.93 29.18
N ASN A 67 2.20 -46.05 30.17
CA ASN A 67 2.54 -44.66 29.97
C ASN A 67 3.89 -44.33 30.63
N LEU A 68 4.93 -44.12 29.82
CA LEU A 68 6.20 -43.66 30.35
C LEU A 68 6.29 -42.17 30.09
N GLU A 69 6.15 -41.38 31.15
CA GLU A 69 6.17 -39.92 31.04
C GLU A 69 7.32 -39.37 31.87
N PRO A 70 7.68 -38.08 31.68
CA PRO A 70 8.76 -37.48 32.44
C PRO A 70 8.71 -37.72 33.96
N GLY A 71 7.70 -37.22 34.65
CA GLY A 71 7.74 -37.33 36.10
C GLY A 71 7.35 -38.67 36.67
N GLN A 72 6.75 -39.53 35.85
CA GLN A 72 5.97 -40.65 36.36
C GLN A 72 5.73 -41.76 35.35
N VAL A 73 5.22 -42.88 35.85
CA VAL A 73 4.81 -43.98 35.01
C VAL A 73 3.33 -44.32 35.26
N GLY A 74 2.56 -44.40 34.20
CA GLY A 74 1.18 -44.82 34.32
C GLY A 74 1.12 -46.33 34.15
N ILE A 75 0.58 -46.99 35.17
CA ILE A 75 0.56 -48.44 35.22
C ILE A 75 -0.88 -48.91 35.32
N VAL A 76 -1.23 -49.91 34.52
CA VAL A 76 -2.56 -50.51 34.58
C VAL A 76 -2.53 -51.80 35.41
N LEU A 77 -3.37 -51.86 36.45
CA LEU A 77 -3.39 -52.99 37.39
C LEU A 77 -4.12 -54.22 36.83
N PHE A 78 -3.65 -55.41 37.23
CA PHE A 78 -4.35 -56.66 36.91
C PHE A 78 -5.26 -57.10 38.05
N GLY A 79 -5.44 -56.26 39.06
CA GLY A 79 -6.31 -56.59 40.20
C GLY A 79 -6.92 -55.36 40.87
N SER A 80 -7.78 -55.60 41.87
CA SER A 80 -8.50 -54.54 42.55
C SER A 80 -7.58 -53.46 43.14
N ASP A 81 -7.89 -52.21 42.84
CA ASP A 81 -7.09 -51.09 43.34
C ASP A 81 -7.23 -50.83 44.85
N ARG A 82 -8.13 -51.56 45.53
CA ARG A 82 -8.19 -51.50 46.99
C ARG A 82 -6.83 -51.83 47.58
N LEU A 83 -6.12 -52.73 46.90
CA LEU A 83 -4.85 -53.23 47.40
C LEU A 83 -3.68 -52.23 47.31
N VAL A 84 -3.83 -51.18 46.52
CA VAL A 84 -2.75 -50.21 46.32
C VAL A 84 -3.02 -48.88 47.02
N LYS A 85 -1.96 -48.27 47.56
CA LYS A 85 -2.07 -47.01 48.29
C LYS A 85 -0.95 -46.07 47.90
N GLU A 86 -1.19 -44.77 48.04
CA GLU A 86 -0.14 -43.76 47.86
C GLU A 86 1.03 -44.03 48.77
N GLY A 87 2.23 -43.97 48.22
CA GLY A 87 3.45 -44.16 49.00
C GLY A 87 4.00 -45.58 48.95
N GLU A 88 3.18 -46.53 48.53
CA GLU A 88 3.59 -47.93 48.47
C GLU A 88 4.73 -48.18 47.49
N LEU A 89 5.48 -49.25 47.73
CA LEU A 89 6.63 -49.59 46.91
C LEU A 89 6.21 -50.39 45.69
N VAL A 90 6.86 -50.12 44.56
CA VAL A 90 6.61 -50.82 43.31
C VAL A 90 7.94 -51.29 42.74
N LYS A 91 7.97 -52.51 42.20
CA LYS A 91 9.20 -53.11 41.67
C LYS A 91 9.09 -53.48 40.19
N ARG A 92 10.17 -53.23 39.46
CA ARG A 92 10.33 -53.78 38.11
C ARG A 92 10.45 -55.29 38.19
N THR A 93 9.96 -56.00 37.17
CA THR A 93 10.23 -57.42 37.04
C THR A 93 11.29 -57.65 35.97
N GLY A 94 11.66 -56.58 35.26
CA GLY A 94 12.60 -56.67 34.14
C GLY A 94 12.01 -57.26 32.86
N ASN A 95 10.77 -57.74 32.93
CA ASN A 95 10.16 -58.52 31.83
C ASN A 95 9.00 -57.82 31.11
N ILE A 96 9.13 -57.67 29.80
CA ILE A 96 8.00 -57.34 28.93
C ILE A 96 6.94 -58.41 29.13
N VAL A 97 5.66 -58.01 29.22
CA VAL A 97 4.57 -58.95 29.46
C VAL A 97 4.67 -60.19 28.58
N ASP A 98 4.64 -61.37 29.20
CA ASP A 98 4.80 -62.64 28.50
C ASP A 98 3.88 -63.75 29.04
N VAL A 99 3.97 -64.92 28.43
CA VAL A 99 3.11 -66.06 28.80
C VAL A 99 3.80 -67.42 28.58
N PRO A 100 3.58 -68.38 29.50
CA PRO A 100 4.03 -69.76 29.28
C PRO A 100 3.44 -70.37 28.02
N VAL A 101 4.28 -71.00 27.21
CA VAL A 101 3.83 -71.67 25.99
C VAL A 101 4.24 -73.15 25.94
N GLY A 102 3.60 -73.91 25.05
CA GLY A 102 3.93 -75.31 24.85
C GLY A 102 2.76 -76.27 25.06
N PRO A 103 2.98 -77.55 24.71
CA PRO A 103 1.93 -78.58 24.71
C PRO A 103 1.50 -78.99 26.11
N GLY A 104 2.30 -78.65 27.12
CA GLY A 104 1.93 -78.87 28.52
C GLY A 104 0.67 -78.12 28.91
N LEU A 105 0.31 -77.11 28.10
CA LEU A 105 -0.88 -76.30 28.34
C LEU A 105 -2.16 -77.01 27.92
N LEU A 106 -2.06 -77.99 27.03
CA LEU A 106 -3.23 -78.77 26.58
C LEU A 106 -3.97 -79.38 27.76
N GLY A 107 -5.30 -79.34 27.70
CA GLY A 107 -6.15 -79.82 28.79
C GLY A 107 -6.36 -78.83 29.92
N ARG A 108 -5.61 -77.71 29.89
CA ARG A 108 -5.64 -76.75 31.00
C ARG A 108 -6.50 -75.50 30.74
N VAL A 109 -7.08 -74.98 31.81
CA VAL A 109 -7.77 -73.69 31.78
C VAL A 109 -6.90 -72.69 32.52
N VAL A 110 -6.45 -71.66 31.79
CA VAL A 110 -5.60 -70.62 32.36
C VAL A 110 -6.22 -69.22 32.30
N ASP A 111 -5.68 -68.30 33.08
CA ASP A 111 -6.04 -66.89 32.97
C ASP A 111 -5.17 -66.21 31.90
N ALA A 112 -5.34 -64.89 31.74
CA ALA A 112 -4.66 -64.14 30.67
C ALA A 112 -3.12 -64.20 30.69
N LEU A 113 -2.55 -64.56 31.82
CA LEU A 113 -1.10 -64.61 31.97
C LEU A 113 -0.54 -66.04 32.07
N GLY A 114 -1.42 -67.03 31.90
CA GLY A 114 -1.02 -68.43 31.91
C GLY A 114 -1.06 -69.09 33.28
N ASN A 115 -1.56 -68.37 34.27
CA ASN A 115 -1.75 -68.96 35.59
C ASN A 115 -2.92 -69.95 35.53
N PRO A 116 -2.68 -71.20 35.98
CA PRO A 116 -3.75 -72.20 36.05
C PRO A 116 -4.92 -71.73 36.91
N ILE A 117 -6.14 -71.98 36.44
CA ILE A 117 -7.33 -71.61 37.21
C ILE A 117 -8.31 -72.77 37.36
N ASP A 118 -7.98 -73.92 36.77
CA ASP A 118 -8.81 -75.14 36.87
C ASP A 118 -8.56 -75.95 38.14
N GLY A 119 -7.48 -75.64 38.84
CA GLY A 119 -7.11 -76.32 40.09
C GLY A 119 -6.53 -77.70 39.86
N LYS A 120 -5.51 -77.78 39.00
CA LYS A 120 -4.86 -79.05 38.67
C LYS A 120 -3.34 -78.91 38.70
N GLY A 121 -2.89 -77.94 39.49
CA GLY A 121 -1.46 -77.74 39.74
C GLY A 121 -0.78 -76.97 38.63
N PRO A 122 0.55 -76.87 38.69
CA PRO A 122 1.36 -76.06 37.77
C PRO A 122 1.26 -76.49 36.30
N ILE A 123 1.93 -75.73 35.42
CA ILE A 123 1.97 -76.04 34.00
C ILE A 123 3.43 -76.24 33.56
N ASP A 124 3.70 -77.33 32.83
CA ASP A 124 5.01 -77.53 32.20
C ASP A 124 5.05 -76.59 31.02
N ALA A 125 5.87 -75.56 31.12
CA ALA A 125 6.05 -74.65 30.01
C ALA A 125 7.27 -75.07 29.22
N ALA A 126 7.08 -75.30 27.93
CA ALA A 126 8.21 -75.53 27.02
C ALA A 126 9.04 -74.25 26.85
N GLY A 127 8.49 -73.13 27.31
CA GLY A 127 9.14 -71.83 27.19
C GLY A 127 8.16 -70.69 27.37
N ARG A 128 8.64 -69.46 27.20
CA ARG A 128 7.80 -68.28 27.38
C ARG A 128 7.85 -67.36 26.16
N SER A 129 6.70 -66.86 25.75
CA SER A 129 6.61 -65.88 24.65
C SER A 129 5.94 -64.58 25.09
N ARG A 130 6.34 -63.47 24.48
CA ARG A 130 5.69 -62.17 24.67
C ARG A 130 4.27 -62.16 24.15
N ALA A 131 3.40 -61.36 24.77
CA ALA A 131 2.02 -61.22 24.32
C ALA A 131 1.97 -60.59 22.94
N GLN A 132 2.75 -59.52 22.75
CA GLN A 132 2.82 -58.83 21.48
C GLN A 132 3.99 -59.34 20.65
N VAL A 133 3.68 -60.15 19.64
CA VAL A 133 4.68 -60.71 18.74
C VAL A 133 4.34 -60.30 17.32
N LYS A 134 5.34 -59.86 16.56
CA LYS A 134 5.15 -59.53 15.14
C LYS A 134 4.54 -60.70 14.40
N ALA A 135 3.63 -60.41 13.49
CA ALA A 135 3.09 -61.41 12.60
C ALA A 135 4.17 -61.83 11.58
N PRO A 136 4.06 -63.07 11.07
CA PRO A 136 4.93 -63.50 9.98
C PRO A 136 4.89 -62.50 8.83
N GLY A 137 6.07 -62.13 8.33
CA GLY A 137 6.20 -61.18 7.23
C GLY A 137 5.64 -61.68 5.92
N ILE A 138 5.97 -60.96 4.85
CA ILE A 138 5.46 -61.27 3.52
C ILE A 138 6.00 -62.61 2.99
N LEU A 139 7.26 -62.88 3.30
CA LEU A 139 7.98 -64.01 2.70
C LEU A 139 7.67 -65.39 3.28
N PRO A 140 7.76 -65.58 4.62
CA PRO A 140 7.58 -66.91 5.21
C PRO A 140 6.17 -67.55 5.13
N ARG A 141 5.27 -66.99 4.35
CA ARG A 141 3.94 -67.58 4.18
C ARG A 141 3.82 -68.32 2.85
N ARG A 142 2.88 -69.26 2.78
CA ARG A 142 2.48 -69.88 1.50
C ARG A 142 0.97 -70.03 1.46
N SER A 143 0.43 -70.10 0.24
CA SER A 143 -1.01 -70.25 0.04
C SER A 143 -1.66 -71.23 1.00
N VAL A 144 -2.87 -70.89 1.44
CA VAL A 144 -3.68 -71.78 2.25
C VAL A 144 -4.25 -72.88 1.35
N HIS A 145 -3.99 -74.14 1.73
CA HIS A 145 -4.37 -75.29 0.88
C HIS A 145 -4.92 -76.49 1.66
N GLU A 146 -4.79 -76.46 2.98
CA GLU A 146 -5.24 -77.55 3.83
C GLU A 146 -6.56 -77.18 4.53
N PRO A 147 -7.55 -78.10 4.52
CA PRO A 147 -8.87 -77.84 5.12
C PRO A 147 -8.86 -77.74 6.65
N VAL A 148 -9.70 -76.84 7.17
CA VAL A 148 -10.11 -76.87 8.57
C VAL A 148 -11.51 -77.46 8.56
N GLN A 149 -11.60 -78.71 8.99
CA GLN A 149 -12.83 -79.47 8.90
C GLN A 149 -13.79 -79.14 10.04
N THR A 150 -14.91 -78.49 9.72
CA THR A 150 -15.83 -78.01 10.74
C THR A 150 -16.88 -79.03 11.15
N GLY A 151 -17.27 -79.87 10.19
CA GLY A 151 -18.31 -80.85 10.44
C GLY A 151 -19.68 -80.26 10.22
N LEU A 152 -19.71 -78.97 9.88
CA LEU A 152 -20.97 -78.29 9.60
C LEU A 152 -21.16 -78.30 8.12
N LYS A 153 -22.27 -78.89 7.68
CA LYS A 153 -22.58 -79.04 6.26
C LYS A 153 -22.50 -77.70 5.55
N ALA A 154 -23.23 -76.73 6.08
CA ALA A 154 -23.28 -75.36 5.56
C ALA A 154 -21.90 -74.73 5.40
N VAL A 155 -21.09 -74.80 6.46
CA VAL A 155 -19.79 -74.16 6.45
C VAL A 155 -18.83 -74.88 5.51
N ASP A 156 -18.66 -76.19 5.71
CA ASP A 156 -17.67 -76.96 4.95
C ASP A 156 -17.92 -76.95 3.44
N ALA A 157 -19.19 -76.97 3.06
CA ALA A 157 -19.57 -76.89 1.65
C ALA A 157 -19.47 -75.48 1.07
N LEU A 158 -20.02 -74.49 1.79
CA LEU A 158 -20.22 -73.16 1.20
C LEU A 158 -19.22 -72.12 1.64
N VAL A 159 -18.79 -72.19 2.90
CA VAL A 159 -17.84 -71.24 3.47
C VAL A 159 -16.62 -72.02 3.98
N PRO A 160 -15.84 -72.61 3.06
CA PRO A 160 -14.74 -73.49 3.47
C PRO A 160 -13.59 -72.75 4.14
N ILE A 161 -13.30 -73.12 5.40
CA ILE A 161 -12.18 -72.54 6.13
C ILE A 161 -10.91 -73.37 5.92
N GLY A 162 -9.79 -72.71 5.62
CA GLY A 162 -8.50 -73.35 5.48
C GLY A 162 -7.51 -73.04 6.59
N ARG A 163 -6.38 -73.72 6.60
CA ARG A 163 -5.40 -73.58 7.68
C ARG A 163 -4.47 -72.40 7.44
N GLY A 164 -4.42 -71.48 8.41
CA GLY A 164 -3.68 -70.22 8.26
C GLY A 164 -4.60 -69.05 7.94
N GLN A 165 -5.88 -69.34 7.75
CA GLN A 165 -6.89 -68.36 7.43
C GLN A 165 -7.43 -67.67 8.69
N ARG A 166 -8.05 -66.51 8.49
CA ARG A 166 -8.83 -65.84 9.52
C ARG A 166 -10.24 -65.79 8.99
N GLU A 167 -11.18 -66.35 9.73
CA GLU A 167 -12.57 -66.33 9.32
C GLU A 167 -13.46 -65.81 10.44
N LEU A 168 -14.09 -64.67 10.19
CA LEU A 168 -14.92 -63.99 11.18
C LEU A 168 -16.25 -64.69 11.40
N ILE A 169 -16.58 -64.93 12.68
CA ILE A 169 -17.94 -65.31 13.07
C ILE A 169 -18.68 -64.08 13.62
N ILE A 170 -19.75 -63.69 12.94
CA ILE A 170 -20.37 -62.38 13.18
C ILE A 170 -21.89 -62.44 13.19
N GLY A 171 -22.49 -61.70 14.12
CA GLY A 171 -23.94 -61.66 14.26
C GLY A 171 -24.39 -61.14 15.61
N ASP A 172 -25.69 -60.86 15.73
CA ASP A 172 -26.26 -60.38 17.00
C ASP A 172 -26.07 -61.39 18.14
N ARG A 173 -26.38 -60.95 19.36
CA ARG A 173 -26.35 -61.80 20.53
C ARG A 173 -27.27 -63.00 20.31
N GLN A 174 -26.95 -64.12 20.97
CA GLN A 174 -27.70 -65.38 20.82
C GLN A 174 -28.10 -65.79 19.38
N THR A 175 -27.16 -65.75 18.46
CA THR A 175 -27.43 -66.20 17.09
C THR A 175 -26.72 -67.51 16.72
N GLY A 176 -25.94 -68.05 17.65
CA GLY A 176 -25.27 -69.33 17.46
C GLY A 176 -23.80 -69.19 17.14
N LYS A 177 -23.20 -68.07 17.58
CA LYS A 177 -21.82 -67.75 17.24
C LYS A 177 -20.82 -68.68 17.95
N THR A 178 -20.96 -68.80 19.26
CA THR A 178 -20.11 -69.70 20.01
C THR A 178 -20.35 -71.14 19.55
N ALA A 179 -21.63 -71.47 19.30
CA ALA A 179 -22.02 -72.78 18.83
C ALA A 179 -21.28 -73.22 17.58
N VAL A 180 -20.98 -72.27 16.69
CA VAL A 180 -20.26 -72.58 15.45
C VAL A 180 -18.78 -72.86 15.72
N ALA A 181 -18.19 -72.10 16.63
CA ALA A 181 -16.79 -72.34 17.00
C ALA A 181 -16.66 -73.63 17.80
N LEU A 182 -17.68 -73.92 18.62
CA LEU A 182 -17.65 -75.07 19.51
C LEU A 182 -17.75 -76.37 18.72
N ASP A 183 -18.76 -76.47 17.87
CA ASP A 183 -18.92 -77.64 17.00
C ASP A 183 -17.66 -77.92 16.18
N THR A 184 -17.00 -76.87 15.70
CA THR A 184 -15.73 -77.02 14.98
C THR A 184 -14.66 -77.67 15.86
N ILE A 185 -14.52 -77.20 17.09
CA ILE A 185 -13.54 -77.76 18.00
C ILE A 185 -13.83 -79.24 18.25
N LEU A 186 -15.09 -79.56 18.59
CA LEU A 186 -15.54 -80.93 18.82
C LEU A 186 -15.18 -81.87 17.67
N ASN A 187 -15.43 -81.41 16.43
CA ASN A 187 -15.20 -82.19 15.22
C ASN A 187 -13.75 -82.60 14.97
N GLN A 188 -12.83 -82.12 15.80
CA GLN A 188 -11.42 -82.43 15.61
C GLN A 188 -11.00 -83.75 16.28
N LYS A 189 -11.94 -84.42 16.95
CA LYS A 189 -11.69 -85.74 17.55
C LYS A 189 -11.24 -86.77 16.51
N ARG A 190 -11.72 -86.61 15.29
CA ARG A 190 -11.44 -87.52 14.19
C ARG A 190 -9.96 -87.64 13.86
N TRP A 191 -9.19 -86.56 14.08
CA TRP A 191 -7.78 -86.58 13.74
C TRP A 191 -6.85 -86.49 14.95
N ASN A 192 -7.38 -85.97 16.05
CA ASN A 192 -6.58 -85.80 17.26
C ASN A 192 -6.41 -87.10 18.04
N ASN A 193 -7.24 -88.09 17.70
CA ASN A 193 -7.06 -89.46 18.18
C ASN A 193 -6.00 -90.22 17.37
N GLY A 194 -5.85 -89.87 16.09
CA GLY A 194 -4.93 -90.54 15.17
C GLY A 194 -3.44 -90.31 15.40
N SER A 195 -2.63 -90.68 14.41
CA SER A 195 -1.16 -90.64 14.51
C SER A 195 -0.55 -89.45 13.77
N ASP A 196 -1.10 -89.18 12.58
CA ASP A 196 -0.63 -88.13 11.68
C ASP A 196 -0.65 -86.76 12.36
N GLU A 197 0.55 -86.27 12.73
CA GLU A 197 0.71 -84.98 13.42
C GLU A 197 0.35 -83.79 12.53
N SER A 198 0.42 -83.99 11.22
CA SER A 198 0.11 -82.95 10.24
C SER A 198 -1.40 -82.80 10.00
N LYS A 199 -2.19 -83.72 10.54
CA LYS A 199 -3.64 -83.68 10.40
C LYS A 199 -4.36 -83.34 11.70
N LYS A 200 -3.60 -83.27 12.80
CA LYS A 200 -4.13 -82.84 14.10
C LYS A 200 -4.31 -81.32 14.17
N LEU A 201 -5.32 -80.90 14.94
CA LEU A 201 -5.64 -79.47 15.09
C LEU A 201 -5.88 -79.14 16.56
N TYR A 202 -4.88 -78.53 17.18
CA TYR A 202 -4.97 -78.16 18.59
C TYR A 202 -5.75 -76.85 18.74
N CYS A 203 -6.70 -76.84 19.68
CA CYS A 203 -7.68 -75.77 19.77
C CYS A 203 -7.47 -74.84 20.94
N VAL A 204 -7.45 -73.55 20.66
CA VAL A 204 -7.33 -72.51 21.69
C VAL A 204 -8.61 -71.67 21.71
N TYR A 205 -9.36 -71.76 22.80
CA TYR A 205 -10.56 -70.97 22.97
C TYR A 205 -10.26 -69.84 23.96
N VAL A 206 -10.45 -68.61 23.50
CA VAL A 206 -10.21 -67.44 24.32
C VAL A 206 -11.55 -66.84 24.72
N ALA A 207 -11.82 -66.85 26.02
CA ALA A 207 -13.05 -66.26 26.56
C ALA A 207 -12.77 -64.86 27.11
N VAL A 208 -13.28 -63.86 26.40
CA VAL A 208 -13.08 -62.47 26.76
C VAL A 208 -14.41 -61.85 27.19
N GLY A 209 -14.51 -61.48 28.45
CA GLY A 209 -15.67 -60.77 28.95
C GLY A 209 -16.88 -61.61 29.33
N GLN A 210 -16.80 -62.91 29.09
CA GLN A 210 -17.90 -63.83 29.41
C GLN A 210 -18.00 -64.06 30.91
N LYS A 211 -19.18 -64.46 31.39
CA LYS A 211 -19.30 -64.81 32.81
C LYS A 211 -18.66 -66.18 33.08
N ARG A 212 -18.10 -66.34 34.28
CA ARG A 212 -17.38 -67.55 34.66
C ARG A 212 -18.22 -68.81 34.48
N SER A 213 -19.47 -68.74 34.91
CA SER A 213 -20.40 -69.86 34.79
C SER A 213 -20.58 -70.32 33.34
N THR A 214 -20.34 -69.41 32.39
CA THR A 214 -20.48 -69.71 30.96
C THR A 214 -19.26 -70.45 30.46
N VAL A 215 -18.08 -70.07 30.95
CA VAL A 215 -16.84 -70.75 30.59
C VAL A 215 -16.84 -72.15 31.23
N ALA A 216 -17.30 -72.22 32.48
CA ALA A 216 -17.43 -73.49 33.21
C ALA A 216 -18.36 -74.45 32.47
N GLN A 217 -19.51 -73.94 32.03
CA GLN A 217 -20.47 -74.73 31.28
C GLN A 217 -19.87 -75.21 29.96
N LEU A 218 -18.98 -74.40 29.38
CA LEU A 218 -18.32 -74.74 28.12
C LEU A 218 -17.29 -75.84 28.34
N VAL A 219 -16.48 -75.68 29.38
CA VAL A 219 -15.44 -76.65 29.70
C VAL A 219 -16.08 -78.01 29.98
N GLN A 220 -17.13 -78.03 30.81
CA GLN A 220 -17.90 -79.24 31.08
C GLN A 220 -18.25 -79.95 29.77
N THR A 221 -18.89 -79.21 28.87
CA THR A 221 -19.27 -79.70 27.55
C THR A 221 -18.07 -80.26 26.76
N LEU A 222 -16.90 -79.63 26.87
CA LEU A 222 -15.72 -80.11 26.14
C LEU A 222 -15.17 -81.41 26.73
N GLU A 223 -15.37 -81.61 28.03
CA GLU A 223 -14.93 -82.81 28.71
C GLU A 223 -15.85 -84.01 28.44
N GLN A 224 -17.16 -83.76 28.46
CA GLN A 224 -18.16 -84.79 28.17
C GLN A 224 -18.06 -85.32 26.74
N HIS A 225 -17.27 -84.63 25.91
CA HIS A 225 -17.02 -85.06 24.54
C HIS A 225 -15.55 -85.43 24.35
N ASP A 226 -14.80 -85.48 25.46
CA ASP A 226 -13.38 -85.84 25.47
C ASP A 226 -12.53 -84.95 24.51
N ALA A 227 -12.90 -83.68 24.42
CA ALA A 227 -12.24 -82.72 23.55
C ALA A 227 -11.22 -81.85 24.28
N MET A 228 -11.41 -81.67 25.59
CA MET A 228 -10.49 -80.91 26.44
C MET A 228 -9.02 -81.23 26.27
N LYS A 229 -8.71 -82.51 26.00
CA LYS A 229 -7.32 -82.99 25.91
C LYS A 229 -6.49 -82.32 24.80
N TYR A 230 -7.15 -81.86 23.74
CA TYR A 230 -6.47 -81.14 22.67
C TYR A 230 -6.84 -79.65 22.67
N SER A 231 -7.42 -79.19 23.77
CA SER A 231 -7.92 -77.82 23.89
C SER A 231 -7.24 -77.05 25.01
N ILE A 232 -6.95 -75.78 24.75
CA ILE A 232 -6.49 -74.84 25.77
C ILE A 232 -7.55 -73.75 25.93
N ILE A 233 -7.98 -73.50 27.16
CA ILE A 233 -8.91 -72.42 27.46
C ILE A 233 -8.19 -71.27 28.15
N VAL A 234 -8.24 -70.10 27.51
CA VAL A 234 -7.70 -68.86 28.10
C VAL A 234 -8.85 -67.92 28.47
N ALA A 235 -9.03 -67.69 29.77
CA ALA A 235 -10.17 -66.92 30.26
C ALA A 235 -9.79 -65.58 30.90
N ALA A 236 -10.45 -64.52 30.42
CA ALA A 236 -10.44 -63.20 31.08
C ALA A 236 -11.90 -62.79 31.17
N THR A 237 -12.51 -63.15 32.29
CA THR A 237 -13.96 -63.05 32.44
C THR A 237 -14.45 -61.66 32.87
N ALA A 238 -15.76 -61.45 32.75
CA ALA A 238 -16.41 -60.16 32.93
C ALA A 238 -15.95 -59.32 34.13
N SER A 239 -15.64 -59.96 35.25
CA SER A 239 -15.24 -59.21 36.45
C SER A 239 -13.74 -58.95 36.55
N GLU A 240 -12.96 -59.54 35.64
CA GLU A 240 -11.50 -59.40 35.70
C GLU A 240 -11.11 -58.06 35.12
N ALA A 241 -10.01 -57.50 35.63
CA ALA A 241 -9.54 -56.18 35.22
C ALA A 241 -9.40 -56.08 33.72
N ALA A 242 -9.62 -54.89 33.18
CA ALA A 242 -9.66 -54.67 31.74
C ALA A 242 -8.35 -54.99 31.01
N PRO A 243 -7.19 -54.70 31.64
CA PRO A 243 -5.93 -55.08 30.98
C PRO A 243 -5.84 -56.58 30.66
N LEU A 244 -6.45 -57.40 31.53
CA LEU A 244 -6.46 -58.85 31.33
C LEU A 244 -7.34 -59.25 30.15
N GLN A 245 -8.50 -58.62 30.03
CA GLN A 245 -9.40 -58.85 28.90
C GLN A 245 -8.79 -58.39 27.58
N TYR A 246 -7.99 -57.34 27.66
CA TYR A 246 -7.29 -56.80 26.49
C TYR A 246 -6.16 -57.73 26.05
N LEU A 247 -5.41 -58.24 27.04
CA LEU A 247 -4.26 -59.12 26.79
C LEU A 247 -4.67 -60.50 26.29
N ALA A 248 -5.71 -61.07 26.89
CA ALA A 248 -6.10 -62.46 26.66
C ALA A 248 -5.91 -62.93 25.22
N PRO A 249 -6.50 -62.23 24.24
CA PRO A 249 -6.27 -62.61 22.85
C PRO A 249 -4.81 -62.64 22.39
N PHE A 250 -4.01 -61.66 22.77
CA PHE A 250 -2.59 -61.62 22.35
C PHE A 250 -1.81 -62.76 22.99
N THR A 251 -2.13 -63.00 24.26
CA THR A 251 -1.49 -64.02 25.06
C THR A 251 -1.88 -65.41 24.52
N ALA A 252 -3.17 -65.60 24.24
CA ALA A 252 -3.65 -66.86 23.71
C ALA A 252 -3.09 -67.09 22.31
N ALA A 253 -2.85 -66.00 21.58
CA ALA A 253 -2.23 -66.11 20.27
C ALA A 253 -0.82 -66.68 20.39
N SER A 254 -0.05 -66.20 21.35
CA SER A 254 1.30 -66.70 21.59
C SER A 254 1.30 -68.18 21.90
N ILE A 255 0.35 -68.60 22.74
CA ILE A 255 0.16 -70.00 23.09
C ILE A 255 -0.15 -70.84 21.85
N GLY A 256 -1.10 -70.39 21.04
CA GLY A 256 -1.45 -71.05 19.79
C GLY A 256 -0.33 -71.01 18.77
N GLU A 257 0.61 -70.08 18.94
CA GLU A 257 1.74 -69.93 18.03
C GLU A 257 2.82 -70.99 18.21
N TRP A 258 2.96 -71.51 19.43
CA TRP A 258 3.91 -72.58 19.70
C TRP A 258 3.71 -73.75 18.74
N PHE A 259 2.45 -74.11 18.48
CA PHE A 259 2.13 -75.16 17.52
C PHE A 259 2.54 -74.77 16.11
N ARG A 260 2.14 -73.58 15.68
CA ARG A 260 2.45 -73.06 14.35
C ARG A 260 3.95 -73.06 14.09
N ASP A 261 4.73 -72.66 15.09
CA ASP A 261 6.18 -72.51 14.93
C ASP A 261 6.93 -73.85 14.88
N ASN A 262 6.36 -74.86 15.53
CA ASN A 262 6.96 -76.20 15.62
C ASN A 262 6.29 -77.21 14.69
N GLY A 263 5.97 -76.75 13.47
CA GLY A 263 5.39 -77.59 12.42
C GLY A 263 4.04 -78.22 12.70
N LYS A 264 3.35 -77.76 13.74
CA LYS A 264 2.00 -78.25 14.08
C LYS A 264 0.90 -77.24 13.69
N HIS A 265 -0.36 -77.62 13.91
CA HIS A 265 -1.49 -76.79 13.50
C HIS A 265 -2.45 -76.52 14.65
N ALA A 266 -2.76 -75.24 14.85
CA ALA A 266 -3.66 -74.80 15.91
C ALA A 266 -4.85 -73.99 15.38
N LEU A 267 -5.94 -74.04 16.11
CA LEU A 267 -7.12 -73.25 15.81
C LEU A 267 -7.44 -72.35 17.00
N ILE A 268 -7.50 -71.03 16.76
CA ILE A 268 -7.84 -70.10 17.83
C ILE A 268 -9.19 -69.39 17.64
N VAL A 269 -10.01 -69.47 18.67
CA VAL A 269 -11.28 -68.78 18.74
C VAL A 269 -11.18 -67.60 19.72
N TYR A 270 -11.37 -66.39 19.20
CA TYR A 270 -11.45 -65.19 20.03
C TYR A 270 -12.91 -64.88 20.29
N ASP A 271 -13.36 -65.14 21.51
CA ASP A 271 -14.78 -65.03 21.84
C ASP A 271 -15.00 -64.10 23.03
N ASP A 272 -15.25 -62.82 22.78
CA ASP A 272 -15.21 -62.24 21.43
C ASP A 272 -14.31 -61.01 21.35
N LEU A 273 -14.13 -60.47 20.15
CA LEU A 273 -13.30 -59.27 19.96
C LEU A 273 -14.03 -57.95 20.26
N SER A 274 -15.36 -57.98 20.26
CA SER A 274 -16.14 -56.82 20.70
C SER A 274 -15.75 -56.44 22.11
N LYS A 275 -15.84 -57.39 23.03
CA LYS A 275 -15.59 -57.12 24.43
C LYS A 275 -14.13 -56.80 24.69
N GLN A 276 -13.25 -57.27 23.80
CA GLN A 276 -11.83 -56.95 23.92
C GLN A 276 -11.60 -55.49 23.60
N ALA A 277 -12.23 -55.02 22.53
CA ALA A 277 -12.22 -53.61 22.14
C ALA A 277 -12.68 -52.70 23.29
N VAL A 278 -13.79 -53.06 23.94
CA VAL A 278 -14.31 -52.31 25.09
C VAL A 278 -13.28 -52.23 26.21
N ALA A 279 -12.59 -53.33 26.47
CA ALA A 279 -11.55 -53.37 27.50
C ALA A 279 -10.37 -52.47 27.13
N TYR A 280 -9.96 -52.49 25.86
CA TYR A 280 -8.88 -51.60 25.42
C TYR A 280 -9.32 -50.14 25.61
N ARG A 281 -10.56 -49.85 25.24
CA ARG A 281 -11.14 -48.52 25.41
C ARG A 281 -11.08 -48.08 26.87
N GLN A 282 -11.46 -48.97 27.79
CA GLN A 282 -11.43 -48.67 29.23
C GLN A 282 -10.04 -48.26 29.69
N LEU A 283 -9.02 -49.03 29.28
CA LEU A 283 -7.62 -48.68 29.53
C LEU A 283 -7.21 -47.30 29.07
N SER A 284 -7.46 -46.99 27.80
CA SER A 284 -6.88 -45.78 27.20
C SER A 284 -7.53 -44.52 27.72
N LEU A 285 -8.86 -44.56 27.87
CA LEU A 285 -9.58 -43.43 28.42
C LEU A 285 -9.06 -43.13 29.83
N LEU A 286 -8.93 -44.18 30.63
CA LEU A 286 -8.46 -44.05 32.00
C LEU A 286 -6.99 -43.69 32.10
N LEU A 287 -6.22 -44.00 31.06
CA LEU A 287 -4.83 -43.53 30.99
C LEU A 287 -4.76 -42.14 30.40
N ARG A 288 -5.93 -41.59 30.08
CA ARG A 288 -6.08 -40.22 29.55
C ARG A 288 -5.49 -40.04 28.14
N ARG A 289 -5.51 -41.14 27.40
CA ARG A 289 -5.14 -41.14 26.01
C ARG A 289 -6.30 -40.55 25.19
N PRO A 290 -5.99 -39.79 24.12
CA PRO A 290 -7.05 -39.11 23.38
C PRO A 290 -8.07 -40.08 22.75
N PRO A 291 -9.37 -39.84 22.98
CA PRO A 291 -10.41 -40.70 22.40
C PRO A 291 -10.72 -40.35 20.95
N GLY A 292 -11.10 -41.36 20.17
CA GLY A 292 -11.59 -41.18 18.81
C GLY A 292 -13.04 -41.60 18.70
N ARG A 293 -13.46 -41.92 17.48
CA ARG A 293 -14.80 -42.42 17.22
C ARG A 293 -15.28 -43.44 18.27
N GLU A 294 -16.53 -43.25 18.74
CA GLU A 294 -17.14 -44.08 19.78
C GLU A 294 -16.27 -44.25 21.03
N ALA A 295 -15.36 -43.30 21.23
CA ALA A 295 -14.47 -43.28 22.39
C ALA A 295 -13.35 -44.32 22.37
N TYR A 296 -13.26 -45.11 21.31
CA TYR A 296 -12.13 -46.03 21.17
C TYR A 296 -10.87 -45.23 20.88
N PRO A 297 -9.68 -45.81 21.16
CA PRO A 297 -8.44 -45.09 20.88
C PRO A 297 -8.20 -44.92 19.39
N GLY A 298 -7.27 -44.03 19.04
CA GLY A 298 -6.91 -43.78 17.65
C GLY A 298 -6.57 -45.07 16.95
N ASP A 299 -5.75 -45.90 17.60
CA ASP A 299 -5.25 -47.14 17.02
C ASP A 299 -6.12 -48.38 17.33
N VAL A 300 -7.43 -48.28 17.13
CA VAL A 300 -8.29 -49.40 17.50
C VAL A 300 -8.40 -50.43 16.38
N PHE A 301 -8.08 -49.98 15.16
CA PHE A 301 -7.99 -50.89 14.05
C PHE A 301 -6.77 -51.77 14.25
N TYR A 302 -5.70 -51.12 14.70
CA TYR A 302 -4.42 -51.76 14.97
C TYR A 302 -4.47 -52.68 16.20
N LEU A 303 -5.46 -52.50 17.07
CA LEU A 303 -5.70 -53.45 18.17
C LEU A 303 -5.97 -54.85 17.59
N HIS A 304 -6.80 -54.88 16.56
CA HIS A 304 -7.27 -56.12 15.99
C HIS A 304 -6.45 -56.63 14.80
N SER A 305 -5.93 -55.70 13.99
CA SER A 305 -5.12 -56.09 12.83
C SER A 305 -3.80 -56.72 13.28
N ARG A 306 -3.19 -56.09 14.28
CA ARG A 306 -2.00 -56.60 14.94
C ARG A 306 -2.20 -58.04 15.40
N LEU A 307 -3.41 -58.36 15.84
CA LEU A 307 -3.69 -59.65 16.45
C LEU A 307 -3.91 -60.70 15.38
N LEU A 308 -4.81 -60.40 14.45
CA LEU A 308 -5.28 -61.38 13.49
C LEU A 308 -4.28 -61.74 12.40
N GLU A 309 -3.35 -60.83 12.10
CA GLU A 309 -2.30 -61.12 11.13
C GLU A 309 -1.33 -62.19 11.62
N ARG A 310 -1.37 -62.52 12.91
CA ARG A 310 -0.52 -63.54 13.49
C ARG A 310 -0.99 -64.95 13.12
N ALA A 311 -2.27 -65.09 12.78
CA ALA A 311 -2.76 -66.29 12.16
C ALA A 311 -2.20 -66.32 10.75
N ALA A 312 -1.69 -67.50 10.34
CA ALA A 312 -0.89 -67.64 9.12
C ALA A 312 -0.59 -69.09 8.77
N LYS A 313 -0.45 -69.35 7.47
CA LYS A 313 0.09 -70.59 6.96
C LYS A 313 1.57 -70.39 6.60
N LEU A 314 2.45 -71.08 7.32
CA LEU A 314 3.89 -70.94 7.11
C LEU A 314 4.41 -71.73 5.89
N SER A 315 5.55 -71.30 5.37
CA SER A 315 6.21 -71.99 4.25
C SER A 315 6.89 -73.29 4.69
N GLU A 316 7.23 -74.13 3.71
CA GLU A 316 8.02 -75.35 3.94
C GLU A 316 9.31 -75.03 4.71
N LYS A 317 9.99 -73.98 4.27
CA LYS A 317 11.24 -73.53 4.87
C LYS A 317 11.12 -73.32 6.38
N GLU A 318 9.99 -72.77 6.81
CA GLU A 318 9.79 -72.37 8.20
C GLU A 318 9.02 -73.42 9.03
N GLY A 319 8.83 -74.61 8.44
CA GLY A 319 8.27 -75.76 9.16
C GLY A 319 6.87 -76.15 8.74
N SER A 320 6.25 -75.32 7.90
CA SER A 320 4.89 -75.55 7.37
C SER A 320 3.71 -75.50 8.39
N GLY A 321 3.99 -75.02 9.59
CA GLY A 321 2.95 -74.87 10.62
C GLY A 321 1.87 -73.86 10.25
N SER A 322 0.74 -73.94 10.95
CA SER A 322 -0.36 -73.01 10.72
C SER A 322 -1.03 -72.60 12.03
N LEU A 323 -1.53 -71.37 12.05
CA LEU A 323 -2.46 -70.91 13.09
C LEU A 323 -3.69 -70.36 12.38
N THR A 324 -4.84 -70.89 12.73
CA THR A 324 -6.12 -70.47 12.15
C THR A 324 -6.96 -69.75 13.19
N ALA A 325 -7.56 -68.64 12.79
CA ALA A 325 -8.27 -67.78 13.71
C ALA A 325 -9.73 -67.68 13.34
N LEU A 326 -10.57 -67.89 14.35
CA LEU A 326 -11.99 -67.64 14.22
C LEU A 326 -12.37 -66.53 15.20
N PRO A 327 -12.05 -65.26 14.86
CA PRO A 327 -12.50 -64.18 15.72
C PRO A 327 -14.01 -64.11 15.77
N VAL A 328 -14.56 -63.72 16.91
CA VAL A 328 -15.99 -63.50 17.05
C VAL A 328 -16.28 -62.01 17.27
N ILE A 329 -17.29 -61.51 16.56
CA ILE A 329 -17.79 -60.15 16.67
C ILE A 329 -19.30 -60.19 16.89
N GLU A 330 -19.76 -59.52 17.94
CA GLU A 330 -21.17 -59.36 18.19
C GLU A 330 -21.60 -58.04 17.55
N THR A 331 -22.50 -58.12 16.58
CA THR A 331 -23.08 -56.91 16.01
C THR A 331 -24.23 -56.48 16.88
N GLN A 332 -24.63 -55.21 16.76
CA GLN A 332 -25.66 -54.66 17.62
C GLN A 332 -27.11 -54.84 17.15
N GLY A 333 -27.44 -54.32 15.98
CA GLY A 333 -28.82 -54.47 15.48
C GLY A 333 -28.89 -55.20 14.15
N GLY A 334 -27.81 -55.93 13.85
CA GLY A 334 -27.62 -56.51 12.51
C GLY A 334 -26.74 -55.56 11.73
N ASP A 335 -26.22 -54.54 12.42
CA ASP A 335 -25.45 -53.48 11.76
C ASP A 335 -24.02 -53.91 11.54
N VAL A 336 -23.77 -54.61 10.44
CA VAL A 336 -22.41 -54.99 10.02
C VAL A 336 -21.58 -53.79 9.57
N SER A 337 -22.26 -52.65 9.36
CA SER A 337 -21.59 -51.41 8.96
C SER A 337 -21.15 -50.61 10.19
N ALA A 338 -21.53 -51.09 11.37
CA ALA A 338 -21.07 -50.54 12.66
C ALA A 338 -19.55 -50.47 12.70
N TYR A 339 -19.02 -49.64 13.58
CA TYR A 339 -17.59 -49.32 13.62
C TYR A 339 -16.63 -50.52 13.74
N ILE A 340 -16.56 -51.12 14.93
CA ILE A 340 -15.64 -52.25 15.18
C ILE A 340 -15.89 -53.48 14.27
N PRO A 341 -17.16 -53.87 14.05
CA PRO A 341 -17.40 -54.97 13.12
C PRO A 341 -16.74 -54.69 11.75
N THR A 342 -16.96 -53.50 11.24
CA THR A 342 -16.35 -53.04 9.99
C THR A 342 -14.82 -53.10 9.95
N ASN A 343 -14.16 -52.81 11.07
CA ASN A 343 -12.72 -52.99 11.18
C ASN A 343 -12.37 -54.46 10.92
N VAL A 344 -12.96 -55.34 11.73
CA VAL A 344 -12.63 -56.76 11.71
C VAL A 344 -13.03 -57.45 10.39
N ILE A 345 -14.17 -57.07 9.82
CA ILE A 345 -14.60 -57.57 8.50
C ILE A 345 -13.53 -57.30 7.43
N SER A 346 -12.83 -56.18 7.56
CA SER A 346 -11.85 -55.78 6.56
C SER A 346 -10.49 -56.40 6.84
N ILE A 347 -10.33 -56.93 8.06
CA ILE A 347 -9.09 -57.59 8.43
C ILE A 347 -9.09 -59.06 7.98
N THR A 348 -10.17 -59.76 8.31
CA THR A 348 -10.27 -61.20 8.07
C THR A 348 -10.35 -61.57 6.58
N ASP A 349 -10.33 -62.87 6.30
CA ASP A 349 -10.31 -63.38 4.94
C ASP A 349 -11.71 -63.71 4.46
N GLY A 350 -12.71 -63.47 5.30
CA GLY A 350 -14.08 -63.79 4.97
C GLY A 350 -14.86 -63.82 6.25
N GLN A 351 -16.16 -64.05 6.16
CA GLN A 351 -16.99 -64.05 7.35
C GLN A 351 -18.13 -65.03 7.24
N ILE A 352 -18.49 -65.62 8.37
CA ILE A 352 -19.72 -66.38 8.47
C ILE A 352 -20.70 -65.48 9.22
N PHE A 353 -21.81 -65.16 8.57
CA PHE A 353 -22.77 -64.23 9.13
C PHE A 353 -24.04 -64.95 9.57
N LEU A 354 -24.45 -64.71 10.83
CA LEU A 354 -25.62 -65.37 11.42
C LEU A 354 -26.77 -64.40 11.70
N GLU A 355 -27.98 -64.84 11.43
CA GLU A 355 -29.17 -63.99 11.52
C GLU A 355 -30.25 -64.56 12.41
N ALA A 356 -30.76 -63.76 13.33
CA ALA A 356 -31.82 -64.16 14.24
C ALA A 356 -33.04 -64.61 13.46
N GLU A 357 -33.28 -63.94 12.33
CA GLU A 357 -34.39 -64.27 11.45
C GLU A 357 -34.32 -65.73 11.00
N LEU A 358 -33.16 -66.09 10.44
CA LEU A 358 -32.92 -67.48 10.03
C LEU A 358 -33.14 -68.43 11.20
N PHE A 359 -32.57 -68.10 12.35
CA PHE A 359 -32.71 -68.89 13.56
C PHE A 359 -34.17 -69.21 13.87
N TYR A 360 -35.02 -68.18 13.92
CA TYR A 360 -36.43 -68.36 14.24
C TYR A 360 -37.19 -69.16 13.18
N LYS A 361 -36.73 -69.08 11.93
CA LYS A 361 -37.35 -69.79 10.81
C LYS A 361 -37.10 -71.30 10.86
N GLY A 362 -36.08 -71.70 11.61
CA GLY A 362 -35.70 -73.09 11.75
C GLY A 362 -34.35 -73.38 11.12
N ILE A 363 -33.80 -72.41 10.41
CA ILE A 363 -32.48 -72.56 9.80
C ILE A 363 -31.42 -72.42 10.87
N ARG A 364 -30.74 -73.55 11.14
CA ARG A 364 -29.78 -73.69 12.24
C ARG A 364 -28.75 -74.74 11.82
N PRO A 365 -27.45 -74.36 11.74
CA PRO A 365 -26.87 -73.04 12.00
C PRO A 365 -27.46 -71.94 11.11
N ALA A 366 -27.73 -70.78 11.72
CA ALA A 366 -28.46 -69.69 11.09
C ALA A 366 -27.59 -68.85 10.17
N ILE A 367 -26.95 -69.52 9.22
CA ILE A 367 -25.96 -68.90 8.35
C ILE A 367 -26.59 -68.32 7.08
N ASN A 368 -26.41 -67.02 6.87
CA ASN A 368 -26.84 -66.39 5.63
C ASN A 368 -25.82 -66.71 4.55
N VAL A 369 -26.24 -67.57 3.62
CA VAL A 369 -25.36 -68.05 2.57
C VAL A 369 -24.96 -66.92 1.62
N GLY A 370 -25.85 -65.96 1.41
CA GLY A 370 -25.60 -64.85 0.51
C GLY A 370 -24.56 -63.88 1.05
N LEU A 371 -24.55 -63.68 2.36
CA LEU A 371 -23.64 -62.71 2.98
C LEU A 371 -22.37 -63.32 3.57
N SER A 372 -22.27 -64.65 3.52
CA SER A 372 -21.09 -65.33 4.04
C SER A 372 -20.17 -65.76 2.91
N VAL A 373 -18.87 -65.54 3.10
CA VAL A 373 -17.87 -65.91 2.11
C VAL A 373 -16.59 -66.40 2.76
N SER A 374 -15.82 -67.17 1.99
CA SER A 374 -14.43 -67.42 2.30
C SER A 374 -13.63 -67.02 1.08
N ARG A 375 -12.87 -65.94 1.19
CA ARG A 375 -12.11 -65.38 0.06
C ARG A 375 -10.98 -66.31 -0.38
N VAL A 376 -10.51 -67.16 0.54
CA VAL A 376 -9.63 -68.27 0.22
C VAL A 376 -10.40 -69.26 -0.64
N GLY A 377 -11.56 -69.69 -0.14
CA GLY A 377 -12.51 -70.50 -0.91
C GLY A 377 -12.13 -71.96 -1.08
N SER A 378 -12.26 -72.42 -2.32
CA SER A 378 -12.05 -73.82 -2.70
C SER A 378 -10.67 -74.36 -2.36
N ALA A 379 -9.64 -73.52 -2.53
CA ALA A 379 -8.24 -73.93 -2.37
C ALA A 379 -8.00 -74.89 -1.19
N ALA A 380 -8.76 -74.72 -0.12
CA ALA A 380 -8.63 -75.58 1.05
C ALA A 380 -9.94 -76.28 1.40
N GLN A 381 -10.60 -76.81 0.38
CA GLN A 381 -11.78 -77.65 0.57
C GLN A 381 -11.42 -79.07 0.12
N VAL A 382 -12.03 -80.07 0.76
CA VAL A 382 -11.85 -81.46 0.33
C VAL A 382 -12.42 -81.64 -1.08
N LYS A 383 -11.58 -82.14 -1.99
CA LYS A 383 -11.90 -82.29 -3.42
C LYS A 383 -13.27 -82.94 -3.67
N ALA A 384 -13.61 -83.93 -2.86
CA ALA A 384 -14.88 -84.66 -2.97
C ALA A 384 -16.07 -83.76 -2.66
N LEU A 385 -15.91 -82.87 -1.68
CA LEU A 385 -16.92 -81.89 -1.33
C LEU A 385 -16.99 -80.80 -2.41
N LYS A 386 -15.83 -80.38 -2.89
CA LYS A 386 -15.72 -79.38 -3.95
C LYS A 386 -16.42 -79.80 -5.24
N GLN A 387 -16.48 -81.11 -5.49
CA GLN A 387 -17.08 -81.64 -6.71
C GLN A 387 -18.61 -81.60 -6.69
N VAL A 388 -19.20 -81.74 -5.51
CA VAL A 388 -20.66 -81.65 -5.36
C VAL A 388 -21.13 -80.27 -4.89
N ALA A 389 -20.25 -79.55 -4.19
CA ALA A 389 -20.58 -78.21 -3.68
C ALA A 389 -20.54 -77.14 -4.78
N GLY A 390 -19.67 -77.34 -5.77
CA GLY A 390 -19.51 -76.39 -6.88
C GLY A 390 -20.83 -75.88 -7.45
N SER A 391 -21.76 -76.80 -7.68
CA SER A 391 -23.08 -76.45 -8.20
C SER A 391 -24.15 -76.38 -7.11
N LEU A 392 -23.77 -76.65 -5.86
CA LEU A 392 -24.65 -76.40 -4.70
C LEU A 392 -24.68 -74.90 -4.42
N LYS A 393 -23.59 -74.22 -4.75
CA LYS A 393 -23.52 -72.77 -4.77
C LYS A 393 -24.52 -72.23 -5.78
N LEU A 394 -24.49 -72.80 -6.99
CA LEU A 394 -25.34 -72.38 -8.11
C LEU A 394 -26.83 -72.50 -7.77
N PHE A 395 -27.30 -73.74 -7.56
CA PHE A 395 -28.72 -74.03 -7.32
C PHE A 395 -29.31 -73.18 -6.19
N LEU A 396 -28.47 -72.78 -5.23
CA LEU A 396 -28.90 -71.97 -4.08
C LEU A 396 -28.93 -70.48 -4.38
N ALA A 397 -27.92 -70.00 -5.10
CA ALA A 397 -27.90 -68.61 -5.54
C ALA A 397 -29.11 -68.33 -6.42
N GLN A 398 -29.43 -69.31 -7.27
CA GLN A 398 -30.62 -69.28 -8.12
C GLN A 398 -31.90 -69.33 -7.31
N TYR A 399 -31.88 -70.08 -6.21
CA TYR A 399 -33.05 -70.21 -5.33
C TYR A 399 -33.35 -68.90 -4.59
N ARG A 400 -32.31 -68.25 -4.08
CA ARG A 400 -32.46 -66.99 -3.33
C ARG A 400 -33.00 -65.86 -4.21
N GLU A 401 -32.70 -65.95 -5.50
CA GLU A 401 -33.15 -64.97 -6.48
C GLU A 401 -34.67 -65.06 -6.68
N VAL A 402 -35.16 -66.29 -6.69
CA VAL A 402 -36.52 -66.60 -7.11
C VAL A 402 -37.45 -66.91 -5.91
N ALA A 403 -36.88 -66.89 -4.71
CA ALA A 403 -37.60 -67.25 -3.47
C ALA A 403 -38.92 -66.54 -3.23
N ALA A 404 -39.05 -65.30 -3.70
CA ALA A 404 -40.26 -64.50 -3.49
C ALA A 404 -41.47 -65.02 -4.26
N PHE A 405 -41.22 -65.88 -5.26
CA PHE A 405 -42.28 -66.45 -6.10
C PHE A 405 -43.02 -67.64 -5.48
N ALA A 406 -42.51 -68.13 -4.35
CA ALA A 406 -43.13 -69.22 -3.60
C ALA A 406 -44.49 -68.81 -3.04
N GLN A 407 -44.69 -67.51 -2.88
CA GLN A 407 -45.96 -66.94 -2.41
C GLN A 407 -47.07 -67.08 -3.46
N PHE A 408 -46.65 -67.26 -4.72
CA PHE A 408 -47.58 -67.46 -5.83
C PHE A 408 -47.36 -68.83 -6.46
N GLY A 409 -47.68 -69.89 -5.70
CA GLY A 409 -47.50 -71.27 -6.15
C GLY A 409 -48.36 -71.63 -7.36
N SER A 410 -49.58 -71.11 -7.35
CA SER A 410 -50.55 -71.31 -8.43
C SER A 410 -50.08 -70.78 -9.80
N ASP A 411 -49.16 -69.82 -9.79
CA ASP A 411 -48.75 -69.09 -11.02
C ASP A 411 -47.41 -69.51 -11.62
N LEU A 412 -46.79 -70.55 -11.06
CA LEU A 412 -45.41 -70.89 -11.39
C LEU A 412 -45.24 -71.61 -12.73
N ASP A 413 -44.18 -71.26 -13.45
CA ASP A 413 -43.78 -71.96 -14.67
C ASP A 413 -42.93 -73.20 -14.34
N ALA A 414 -42.37 -73.85 -15.36
CA ALA A 414 -41.69 -75.15 -15.19
C ALA A 414 -40.35 -75.10 -14.45
N SER A 415 -39.40 -74.32 -14.98
CA SER A 415 -38.06 -74.25 -14.40
C SER A 415 -38.02 -73.46 -13.09
N THR A 416 -39.01 -72.60 -12.88
CA THR A 416 -39.13 -71.84 -11.65
C THR A 416 -39.62 -72.71 -10.50
N LYS A 417 -40.66 -73.52 -10.75
CA LYS A 417 -41.14 -74.49 -9.77
C LYS A 417 -40.03 -75.49 -9.41
N GLN A 418 -39.29 -75.90 -10.43
CA GLN A 418 -38.15 -76.81 -10.29
C GLN A 418 -37.06 -76.25 -9.38
N THR A 419 -36.73 -74.97 -9.55
CA THR A 419 -35.72 -74.29 -8.74
C THR A 419 -36.15 -74.22 -7.28
N LEU A 420 -37.41 -73.86 -7.04
CA LEU A 420 -37.97 -73.78 -5.70
C LEU A 420 -37.94 -75.12 -4.96
N VAL A 421 -38.35 -76.18 -5.64
CA VAL A 421 -38.36 -77.53 -5.05
C VAL A 421 -36.96 -77.97 -4.63
N ARG A 422 -35.98 -77.77 -5.51
CA ARG A 422 -34.60 -78.12 -5.21
C ARG A 422 -34.05 -77.28 -4.06
N GLY A 423 -34.30 -75.97 -4.13
CA GLY A 423 -33.82 -75.02 -3.12
C GLY A 423 -34.34 -75.33 -1.72
N GLU A 424 -35.66 -75.35 -1.58
CA GLU A 424 -36.32 -75.70 -0.32
C GLU A 424 -35.70 -76.94 0.31
N ARG A 425 -35.35 -77.91 -0.54
CA ARG A 425 -34.76 -79.15 -0.10
C ARG A 425 -33.28 -78.99 0.31
N LEU A 426 -32.51 -78.27 -0.49
CA LEU A 426 -31.09 -78.06 -0.16
C LEU A 426 -30.92 -77.22 1.10
N THR A 427 -31.89 -76.35 1.38
CA THR A 427 -31.90 -75.54 2.59
C THR A 427 -32.17 -76.41 3.81
N GLN A 428 -33.21 -77.24 3.72
CA GLN A 428 -33.58 -78.18 4.79
C GLN A 428 -32.46 -79.19 5.02
N LEU A 429 -31.64 -79.39 3.99
CA LEU A 429 -30.49 -80.30 4.06
C LEU A 429 -29.38 -79.70 4.91
N LEU A 430 -29.27 -78.36 4.90
CA LEU A 430 -28.19 -77.69 5.61
C LEU A 430 -28.50 -77.43 7.09
N LYS A 431 -29.76 -77.64 7.47
CA LYS A 431 -30.16 -77.65 8.87
C LYS A 431 -29.37 -78.75 9.57
N GLN A 432 -28.94 -78.47 10.80
CA GLN A 432 -28.06 -79.39 11.51
C GLN A 432 -28.19 -79.14 12.99
N ASN A 433 -28.48 -80.20 13.74
CA ASN A 433 -28.54 -80.13 15.20
C ASN A 433 -27.19 -79.76 15.77
N GLN A 434 -27.20 -79.15 16.96
CA GLN A 434 -25.97 -78.72 17.63
C GLN A 434 -25.20 -79.91 18.21
N TYR A 435 -23.87 -79.76 18.30
CA TYR A 435 -22.97 -80.80 18.83
C TYR A 435 -22.95 -82.07 17.98
N SER A 436 -23.33 -81.95 16.72
CA SER A 436 -23.44 -83.11 15.82
C SER A 436 -22.67 -82.89 14.52
N PRO A 437 -21.36 -82.60 14.61
CA PRO A 437 -20.59 -82.40 13.38
C PRO A 437 -20.44 -83.69 12.60
N LEU A 438 -20.59 -83.61 11.28
CA LEU A 438 -20.50 -84.80 10.42
C LEU A 438 -19.14 -84.91 9.74
N ALA A 439 -18.68 -86.14 9.52
CA ALA A 439 -17.43 -86.38 8.79
C ALA A 439 -17.61 -86.04 7.32
N THR A 440 -16.50 -85.78 6.63
CA THR A 440 -16.50 -85.43 5.22
C THR A 440 -17.23 -86.49 4.39
N GLU A 441 -16.89 -87.76 4.62
CA GLU A 441 -17.50 -88.87 3.90
C GLU A 441 -19.00 -89.01 4.17
N GLU A 442 -19.46 -88.49 5.31
CA GLU A 442 -20.89 -88.47 5.61
C GLU A 442 -21.57 -87.28 4.93
N GLN A 443 -20.80 -86.23 4.68
CA GLN A 443 -21.32 -85.01 4.07
C GLN A 443 -21.55 -85.14 2.57
N VAL A 444 -20.54 -85.65 1.85
CA VAL A 444 -20.60 -85.74 0.38
C VAL A 444 -21.86 -86.43 -0.19
N PRO A 445 -22.25 -87.60 0.35
CA PRO A 445 -23.40 -88.29 -0.24
C PRO A 445 -24.70 -87.55 -0.01
N LEU A 446 -24.86 -86.96 1.17
CA LEU A 446 -26.04 -86.16 1.48
C LEU A 446 -26.16 -85.03 0.45
N ILE A 447 -25.04 -84.36 0.18
CA ILE A 447 -25.01 -83.28 -0.79
C ILE A 447 -25.18 -83.81 -2.21
N TYR A 448 -24.61 -84.98 -2.50
CA TYR A 448 -24.79 -85.62 -3.80
C TYR A 448 -26.27 -85.92 -4.08
N ALA A 449 -26.95 -86.46 -3.08
CA ALA A 449 -28.38 -86.79 -3.19
C ALA A 449 -29.26 -85.57 -3.46
N GLY A 450 -28.90 -84.44 -2.88
CA GLY A 450 -29.63 -83.20 -3.09
C GLY A 450 -29.36 -82.56 -4.43
N VAL A 451 -28.09 -82.27 -4.69
CA VAL A 451 -27.65 -81.52 -5.88
C VAL A 451 -28.14 -82.11 -7.19
N ASN A 452 -28.04 -83.43 -7.32
CA ASN A 452 -28.37 -84.10 -8.58
C ASN A 452 -29.86 -84.36 -8.81
N GLY A 453 -30.63 -84.43 -7.72
CA GLY A 453 -32.09 -84.46 -7.84
C GLY A 453 -32.83 -85.46 -6.99
N HIS A 454 -32.10 -86.35 -6.34
CA HIS A 454 -32.70 -87.50 -5.67
C HIS A 454 -33.59 -87.15 -4.47
N LEU A 455 -33.71 -85.86 -4.18
CA LEU A 455 -34.55 -85.38 -3.08
C LEU A 455 -35.87 -84.77 -3.55
N ASP A 456 -35.89 -84.35 -4.82
CA ASP A 456 -37.01 -83.59 -5.40
C ASP A 456 -38.39 -84.25 -5.25
N GLY A 457 -38.40 -85.57 -5.15
CA GLY A 457 -39.65 -86.32 -5.02
C GLY A 457 -40.13 -86.47 -3.59
N ILE A 458 -39.24 -86.25 -2.63
CA ILE A 458 -39.55 -86.43 -1.22
C ILE A 458 -40.13 -85.15 -0.59
N GLU A 459 -41.24 -85.30 0.13
CA GLU A 459 -41.88 -84.21 0.85
C GLU A 459 -40.94 -83.58 1.87
N LEU A 460 -41.06 -82.26 2.05
CA LEU A 460 -40.07 -81.47 2.81
C LEU A 460 -39.85 -81.93 4.26
N SER A 461 -40.93 -82.26 4.96
CA SER A 461 -40.87 -82.65 6.37
C SER A 461 -40.11 -83.95 6.61
N ARG A 462 -39.81 -84.68 5.54
CA ARG A 462 -39.22 -86.00 5.65
C ARG A 462 -37.69 -85.99 5.44
N ILE A 463 -37.15 -84.84 5.07
CA ILE A 463 -35.71 -84.69 4.82
C ILE A 463 -34.89 -84.94 6.09
N GLY A 464 -35.50 -84.61 7.23
CA GLY A 464 -34.89 -84.88 8.54
C GLY A 464 -34.63 -86.36 8.74
N GLU A 465 -35.71 -87.16 8.66
CA GLU A 465 -35.60 -88.61 8.84
C GLU A 465 -34.88 -89.32 7.68
N PHE A 466 -34.85 -88.68 6.52
CA PHE A 466 -34.11 -89.19 5.36
C PHE A 466 -32.61 -89.23 5.64
N GLU A 467 -32.11 -88.16 6.24
CA GLU A 467 -30.69 -88.02 6.54
C GLU A 467 -30.18 -89.12 7.48
N SER A 468 -30.94 -89.41 8.53
CA SER A 468 -30.59 -90.45 9.51
C SER A 468 -30.61 -91.85 8.90
N SER A 469 -31.65 -92.15 8.14
CA SER A 469 -31.84 -93.47 7.54
C SER A 469 -30.91 -93.74 6.35
N PHE A 470 -30.62 -92.71 5.57
CA PHE A 470 -29.73 -92.83 4.42
C PHE A 470 -28.28 -93.04 4.83
N LEU A 471 -27.91 -92.54 6.01
CA LEU A 471 -26.54 -92.66 6.50
C LEU A 471 -26.22 -94.04 7.08
N SER A 472 -27.08 -94.52 7.99
CA SER A 472 -26.90 -95.81 8.64
C SER A 472 -27.00 -96.96 7.63
N TYR A 473 -27.83 -96.77 6.60
CA TYR A 473 -27.90 -97.69 5.46
C TYR A 473 -26.55 -97.82 4.76
N LEU A 474 -25.88 -96.69 4.53
CA LEU A 474 -24.59 -96.67 3.83
C LEU A 474 -23.46 -97.30 4.65
N LYS A 475 -23.50 -97.13 5.97
CA LYS A 475 -22.50 -97.71 6.86
C LYS A 475 -22.67 -99.23 7.00
N SER A 476 -23.83 -99.72 6.56
CA SER A 476 -24.17 -101.14 6.65
C SER A 476 -24.04 -101.87 5.30
N ASN A 477 -24.10 -101.14 4.20
CA ASN A 477 -24.14 -101.73 2.87
C ASN A 477 -22.99 -101.29 1.95
N HIS A 478 -22.66 -100.00 2.02
CA HIS A 478 -21.68 -99.40 1.12
C HIS A 478 -20.57 -98.68 1.88
N ASN A 479 -20.27 -99.17 3.09
CA ASN A 479 -19.20 -98.62 3.91
C ASN A 479 -17.89 -98.50 3.14
N GLU A 480 -17.68 -99.41 2.19
CA GLU A 480 -16.47 -99.42 1.39
C GLU A 480 -16.33 -98.17 0.51
N LEU A 481 -17.45 -97.58 0.12
CA LEU A 481 -17.45 -96.32 -0.64
C LEU A 481 -17.06 -95.14 0.25
N LEU A 482 -17.68 -95.08 1.43
CA LEU A 482 -17.36 -94.08 2.45
C LEU A 482 -15.86 -94.08 2.74
N THR A 483 -15.31 -95.29 2.86
CA THR A 483 -13.90 -95.48 3.16
C THR A 483 -12.99 -94.92 2.06
N GLU A 484 -13.35 -95.16 0.80
CA GLU A 484 -12.54 -94.64 -0.32
C GLU A 484 -12.62 -93.12 -0.41
N ILE A 485 -13.80 -92.57 -0.09
CA ILE A 485 -13.97 -91.12 -0.01
C ILE A 485 -13.05 -90.53 1.06
N ARG A 486 -13.16 -91.06 2.27
CA ARG A 486 -12.34 -90.63 3.41
C ARG A 486 -10.84 -90.68 3.10
N GLU A 487 -10.38 -91.80 2.54
CA GLU A 487 -8.96 -92.03 2.33
C GLU A 487 -8.38 -91.28 1.14
N LYS A 488 -9.13 -91.23 0.04
CA LYS A 488 -8.63 -90.59 -1.18
C LYS A 488 -8.90 -89.09 -1.23
N GLY A 489 -10.08 -88.68 -0.77
CA GLY A 489 -10.45 -87.26 -0.76
C GLY A 489 -10.97 -86.74 -2.09
N GLU A 490 -10.65 -87.46 -3.17
CA GLU A 490 -11.18 -87.14 -4.50
C GLU A 490 -12.39 -88.04 -4.78
N LEU A 491 -12.90 -88.00 -6.02
CA LEU A 491 -13.96 -88.91 -6.43
C LEU A 491 -13.69 -89.50 -7.81
N SER A 492 -13.64 -90.83 -7.87
CA SER A 492 -13.45 -91.57 -9.12
C SER A 492 -14.70 -91.48 -9.97
N LYS A 493 -14.53 -91.61 -11.29
CA LYS A 493 -15.65 -91.75 -12.22
C LYS A 493 -16.45 -92.99 -11.84
N GLU A 494 -15.72 -94.01 -11.39
CA GLU A 494 -16.29 -95.23 -10.83
C GLU A 494 -17.10 -94.93 -9.57
N LEU A 495 -16.52 -94.12 -8.67
CA LEU A 495 -17.15 -93.79 -7.40
C LEU A 495 -18.40 -92.94 -7.59
N LEU A 496 -18.34 -92.02 -8.55
CA LEU A 496 -19.51 -91.24 -8.96
C LEU A 496 -20.64 -92.18 -9.39
N ALA A 497 -20.28 -93.18 -10.19
CA ALA A 497 -21.22 -94.18 -10.70
C ALA A 497 -21.76 -95.11 -9.61
N SER A 498 -20.88 -95.53 -8.69
CA SER A 498 -21.25 -96.40 -7.58
C SER A 498 -22.16 -95.67 -6.58
N LEU A 499 -21.92 -94.37 -6.45
CA LEU A 499 -22.69 -93.52 -5.54
C LEU A 499 -24.10 -93.28 -6.07
N LYS A 500 -24.21 -92.98 -7.36
CA LYS A 500 -25.50 -92.87 -8.04
C LYS A 500 -26.29 -94.15 -7.80
N SER A 501 -25.64 -95.28 -8.09
CA SER A 501 -26.20 -96.62 -7.90
C SER A 501 -26.72 -96.83 -6.48
N ALA A 502 -25.91 -96.46 -5.49
CA ALA A 502 -26.28 -96.57 -4.08
C ALA A 502 -27.44 -95.65 -3.72
N THR A 503 -27.44 -94.44 -4.29
CA THR A 503 -28.47 -93.44 -4.01
C THR A 503 -29.82 -93.85 -4.59
N GLU A 504 -29.86 -94.06 -5.90
CA GLU A 504 -31.07 -94.47 -6.61
C GLU A 504 -31.77 -95.65 -5.91
N SER A 505 -30.95 -96.60 -5.43
CA SER A 505 -31.43 -97.78 -4.74
C SER A 505 -32.24 -97.44 -3.49
N PHE A 506 -31.75 -96.47 -2.71
CA PHE A 506 -32.41 -96.04 -1.49
C PHE A 506 -33.66 -95.20 -1.76
N VAL A 507 -33.64 -94.45 -2.86
CA VAL A 507 -34.78 -93.61 -3.29
C VAL A 507 -36.07 -94.44 -3.44
N ALA A 508 -35.91 -95.74 -3.70
CA ALA A 508 -37.03 -96.67 -3.84
C ALA A 508 -37.95 -96.74 -2.62
N THR A 509 -37.45 -96.26 -1.48
CA THR A 509 -38.24 -96.22 -0.25
C THR A 509 -38.27 -94.81 0.35
N ALA B 25 19.49 -8.62 20.78
CA ALA B 25 18.13 -9.17 21.12
C ALA B 25 17.12 -8.07 21.49
N ASN B 26 16.56 -7.41 20.47
CA ASN B 26 15.51 -6.42 20.69
C ASN B 26 14.14 -7.09 20.76
N LEU B 27 13.69 -7.40 21.99
CA LEU B 27 12.49 -8.21 22.17
C LEU B 27 11.19 -7.51 21.81
N ASN B 28 11.27 -6.22 21.49
CA ASN B 28 10.12 -5.50 21.00
C ASN B 28 9.75 -5.82 19.56
N GLU B 29 10.78 -5.96 18.73
CA GLU B 29 10.64 -6.12 17.28
C GLU B 29 10.94 -7.55 16.85
N THR B 30 11.27 -8.40 17.82
CA THR B 30 11.88 -9.68 17.54
C THR B 30 11.43 -10.70 18.59
N GLY B 31 11.50 -11.97 18.24
CA GLY B 31 11.10 -13.01 19.19
C GLY B 31 11.80 -14.33 18.96
N ARG B 32 11.70 -15.20 19.96
CA ARG B 32 12.25 -16.54 19.88
C ARG B 32 11.12 -17.55 19.89
N VAL B 33 11.23 -18.58 19.07
CA VAL B 33 10.23 -19.64 19.01
C VAL B 33 10.28 -20.52 20.26
N LEU B 34 9.13 -20.66 20.92
CA LEU B 34 9.02 -21.49 22.11
C LEU B 34 8.65 -22.91 21.78
N ALA B 35 7.78 -23.06 20.78
CA ALA B 35 7.26 -24.37 20.38
C ALA B 35 6.60 -24.24 19.03
N VAL B 36 6.56 -25.35 18.31
CA VAL B 36 5.93 -25.36 17.00
C VAL B 36 5.22 -26.69 16.76
N GLY B 37 4.00 -26.60 16.25
CA GLY B 37 3.20 -27.78 15.97
C GLY B 37 1.79 -27.45 15.49
N ASP B 38 1.21 -28.42 14.77
CA ASP B 38 -0.17 -28.32 14.29
C ASP B 38 -0.41 -27.03 13.49
N GLY B 39 0.60 -26.58 12.74
CA GLY B 39 0.51 -25.35 11.95
C GLY B 39 0.74 -24.06 12.76
N ILE B 40 1.07 -24.20 14.04
CA ILE B 40 1.15 -23.07 14.98
C ILE B 40 2.53 -22.91 15.63
N ALA B 41 3.02 -21.67 15.68
CA ALA B 41 4.23 -21.34 16.44
C ALA B 41 3.97 -20.43 17.63
N ARG B 42 4.35 -20.91 18.81
CA ARG B 42 4.31 -20.08 20.01
C ARG B 42 5.62 -19.32 20.12
N VAL B 43 5.56 -18.00 20.20
CA VAL B 43 6.78 -17.19 20.16
C VAL B 43 6.89 -16.33 21.43
N PHE B 44 8.08 -16.31 22.01
CA PHE B 44 8.38 -15.40 23.12
C PHE B 44 8.86 -14.07 22.56
N GLY B 45 8.41 -12.96 23.13
CA GLY B 45 8.82 -11.65 22.68
C GLY B 45 7.85 -10.96 21.75
N LEU B 46 8.39 -10.33 20.70
CA LEU B 46 7.63 -9.51 19.76
C LEU B 46 6.68 -8.57 20.48
N ASN B 47 7.18 -7.85 21.48
CA ASN B 47 6.31 -7.03 22.35
C ASN B 47 5.51 -5.96 21.64
N ASN B 48 6.03 -5.41 20.56
CA ASN B 48 5.34 -4.33 19.84
C ASN B 48 4.52 -4.80 18.66
N ILE B 49 4.37 -6.11 18.53
CA ILE B 49 3.63 -6.64 17.41
C ILE B 49 2.12 -6.29 17.49
N GLN B 50 1.55 -5.97 16.33
CA GLN B 50 0.14 -5.71 16.17
C GLN B 50 -0.61 -7.02 15.96
N ALA B 51 -1.85 -7.09 16.45
CA ALA B 51 -2.71 -8.23 16.19
C ALA B 51 -2.90 -8.37 14.69
N GLU B 52 -2.71 -9.59 14.18
CA GLU B 52 -2.85 -9.88 12.74
C GLU B 52 -1.70 -9.34 11.88
N GLU B 53 -0.54 -9.13 12.52
CA GLU B 53 0.65 -8.73 11.79
C GLU B 53 1.36 -9.92 11.17
N LEU B 54 1.83 -9.72 9.94
CA LEU B 54 2.71 -10.66 9.28
C LEU B 54 4.08 -10.70 9.94
N VAL B 55 4.60 -11.91 10.14
CA VAL B 55 5.95 -12.07 10.67
C VAL B 55 6.81 -12.92 9.73
N GLU B 56 8.13 -12.84 9.92
CA GLU B 56 9.04 -13.65 9.13
C GLU B 56 9.96 -14.49 10.00
N PHE B 57 9.96 -15.79 9.73
CA PHE B 57 10.84 -16.74 10.42
C PHE B 57 12.23 -16.87 9.74
N SER B 58 13.21 -17.42 10.48
CA SER B 58 14.59 -17.59 9.97
C SER B 58 14.61 -18.17 8.56
N SER B 59 13.93 -19.30 8.39
CA SER B 59 13.93 -20.02 7.13
C SER B 59 13.26 -19.23 6.01
N GLY B 60 12.64 -18.10 6.34
CA GLY B 60 11.91 -17.31 5.33
C GLY B 60 10.41 -17.57 5.22
N VAL B 61 9.91 -18.61 5.87
CA VAL B 61 8.48 -18.85 5.95
C VAL B 61 7.79 -17.71 6.74
N LYS B 62 6.58 -17.35 6.30
CA LYS B 62 5.83 -16.29 6.95
C LYS B 62 4.69 -16.84 7.79
N GLY B 63 4.14 -15.98 8.65
CA GLY B 63 3.08 -16.35 9.54
C GLY B 63 2.33 -15.10 9.98
N MET B 64 1.22 -15.33 10.68
CA MET B 64 0.34 -14.25 11.14
C MET B 64 0.16 -14.33 12.66
N ALA B 65 0.29 -13.18 13.31
CA ALA B 65 0.13 -13.06 14.77
C ALA B 65 -1.34 -13.12 15.11
N LEU B 66 -1.77 -14.26 15.66
CA LEU B 66 -3.17 -14.46 15.91
C LEU B 66 -3.54 -14.10 17.36
N ASN B 67 -2.94 -14.78 18.33
CA ASN B 67 -3.11 -14.41 19.73
C ASN B 67 -1.93 -13.74 20.38
N LEU B 68 -2.16 -12.51 20.79
CA LEU B 68 -1.22 -11.81 21.66
C LEU B 68 -1.66 -12.10 23.10
N GLU B 69 -0.84 -12.85 23.81
CA GLU B 69 -1.10 -13.19 25.20
C GLU B 69 -0.07 -12.49 26.07
N PRO B 70 -0.13 -12.70 27.39
CA PRO B 70 1.00 -12.19 28.15
C PRO B 70 2.17 -13.14 28.03
N GLY B 71 3.35 -12.62 27.70
CA GLY B 71 4.52 -13.49 27.62
C GLY B 71 4.64 -14.49 26.46
N GLN B 72 3.71 -14.43 25.50
CA GLN B 72 3.87 -15.19 24.25
C GLN B 72 2.93 -14.72 23.14
N VAL B 73 3.24 -15.09 21.90
CA VAL B 73 2.40 -14.77 20.76
C VAL B 73 2.16 -16.03 19.95
N GLY B 74 0.91 -16.28 19.58
CA GLY B 74 0.57 -17.47 18.82
C GLY B 74 0.56 -17.09 17.36
N ILE B 75 1.36 -17.81 16.57
CA ILE B 75 1.48 -17.46 15.17
C ILE B 75 1.04 -18.59 14.27
N VAL B 76 0.17 -18.27 13.32
CA VAL B 76 -0.33 -19.23 12.33
C VAL B 76 0.62 -19.23 11.12
N LEU B 77 1.18 -20.38 10.79
CA LEU B 77 2.20 -20.47 9.72
C LEU B 77 1.63 -20.51 8.31
N PHE B 78 2.17 -19.68 7.43
CA PHE B 78 1.85 -19.75 6.01
C PHE B 78 2.74 -20.72 5.23
N GLY B 79 3.06 -21.88 5.83
CA GLY B 79 3.90 -22.89 5.20
C GLY B 79 4.00 -24.13 6.07
N SER B 80 4.89 -25.04 5.72
CA SER B 80 5.09 -26.30 6.45
C SER B 80 5.63 -26.09 7.87
N ASP B 81 5.26 -26.98 8.77
CA ASP B 81 5.84 -27.02 10.13
C ASP B 81 7.36 -27.25 10.10
N ARG B 82 7.83 -28.06 9.16
CA ARG B 82 9.26 -28.36 9.04
C ARG B 82 10.10 -27.08 8.99
N LEU B 83 9.54 -26.02 8.43
CA LEU B 83 10.26 -24.77 8.19
C LEU B 83 10.52 -23.91 9.44
N VAL B 84 10.11 -24.39 10.62
CA VAL B 84 10.29 -23.64 11.89
C VAL B 84 10.74 -24.55 13.03
N LYS B 85 11.74 -24.11 13.77
CA LYS B 85 12.25 -24.85 14.93
C LYS B 85 12.17 -24.01 16.21
N GLU B 86 12.13 -24.68 17.36
CA GLU B 86 12.26 -24.00 18.65
C GLU B 86 13.58 -23.26 18.73
N GLY B 87 13.58 -22.10 19.34
CA GLY B 87 14.83 -21.35 19.55
C GLY B 87 15.19 -20.40 18.41
N GLU B 88 14.53 -20.55 17.26
CA GLU B 88 14.80 -19.72 16.10
C GLU B 88 14.26 -18.31 16.24
N LEU B 89 14.87 -17.37 15.54
CA LEU B 89 14.50 -15.95 15.62
C LEU B 89 13.27 -15.66 14.76
N VAL B 90 12.44 -14.72 15.21
CA VAL B 90 11.27 -14.27 14.45
C VAL B 90 11.27 -12.76 14.44
N LYS B 91 10.92 -12.17 13.30
CA LYS B 91 10.93 -10.74 13.15
C LYS B 91 9.56 -10.18 12.81
N ARG B 92 9.27 -9.02 13.37
CA ARG B 92 8.15 -8.21 12.93
C ARG B 92 8.36 -7.77 11.50
N THR B 93 7.24 -7.49 10.83
CA THR B 93 7.20 -6.97 9.49
C THR B 93 6.68 -5.55 9.55
N GLY B 94 5.91 -5.24 10.60
CA GLY B 94 5.22 -3.96 10.75
C GLY B 94 3.89 -3.89 9.99
N ASN B 95 3.50 -4.99 9.36
CA ASN B 95 2.29 -4.99 8.50
C ASN B 95 1.20 -6.00 8.80
N ILE B 96 -0.02 -5.51 8.94
CA ILE B 96 -1.17 -6.39 8.95
C ILE B 96 -1.14 -7.12 7.61
N VAL B 97 -1.47 -8.41 7.63
CA VAL B 97 -1.50 -9.26 6.43
C VAL B 97 -2.07 -8.48 5.26
N ASP B 98 -1.26 -8.29 4.23
CA ASP B 98 -1.64 -7.50 3.06
C ASP B 98 -1.17 -8.15 1.76
N VAL B 99 -1.41 -7.48 0.64
CA VAL B 99 -1.24 -8.06 -0.68
C VAL B 99 -1.04 -6.90 -1.64
N PRO B 100 -0.15 -7.07 -2.64
CA PRO B 100 -0.01 -6.06 -3.70
C PRO B 100 -1.30 -5.99 -4.51
N VAL B 101 -1.65 -4.80 -4.99
CA VAL B 101 -2.87 -4.61 -5.76
C VAL B 101 -2.59 -3.65 -6.91
N GLY B 102 -3.51 -3.60 -7.88
CA GLY B 102 -3.33 -2.70 -9.02
C GLY B 102 -3.43 -3.40 -10.37
N PRO B 103 -3.47 -2.61 -11.46
CA PRO B 103 -3.66 -3.17 -12.80
C PRO B 103 -2.45 -3.98 -13.25
N GLY B 104 -1.28 -3.70 -12.70
CA GLY B 104 -0.07 -4.45 -13.03
C GLY B 104 -0.19 -5.93 -12.75
N LEU B 105 -1.24 -6.33 -12.02
CA LEU B 105 -1.45 -7.74 -11.69
C LEU B 105 -2.15 -8.49 -12.83
N LEU B 106 -2.77 -7.74 -13.75
CA LEU B 106 -3.39 -8.27 -14.95
C LEU B 106 -2.44 -9.19 -15.76
N GLY B 107 -2.88 -10.41 -16.05
CA GLY B 107 -2.09 -11.36 -16.82
C GLY B 107 -1.22 -12.26 -15.97
N ARG B 108 -1.24 -12.03 -14.66
CA ARG B 108 -0.34 -12.72 -13.72
C ARG B 108 -1.04 -13.81 -12.91
N VAL B 109 -0.23 -14.70 -12.34
CA VAL B 109 -0.69 -15.77 -11.48
C VAL B 109 0.13 -15.65 -10.22
N VAL B 110 -0.57 -15.60 -9.08
CA VAL B 110 0.08 -15.32 -7.80
C VAL B 110 -0.40 -16.32 -6.77
N ASP B 111 0.34 -16.42 -5.65
CA ASP B 111 -0.07 -17.25 -4.53
C ASP B 111 -0.96 -16.40 -3.60
N ALA B 112 -1.36 -16.96 -2.44
CA ALA B 112 -2.33 -16.24 -1.59
C ALA B 112 -1.81 -14.92 -1.06
N LEU B 113 -0.48 -14.80 -0.95
CA LEU B 113 0.16 -13.58 -0.48
C LEU B 113 0.56 -12.62 -1.57
N GLY B 114 0.20 -12.93 -2.81
CA GLY B 114 0.55 -12.09 -3.96
C GLY B 114 1.92 -12.31 -4.60
N ASN B 115 2.66 -13.33 -4.19
CA ASN B 115 3.91 -13.70 -4.87
C ASN B 115 3.67 -14.30 -6.25
N PRO B 116 4.42 -13.83 -7.28
CA PRO B 116 4.25 -14.43 -8.62
C PRO B 116 4.69 -15.89 -8.60
N ILE B 117 3.96 -16.74 -9.28
CA ILE B 117 4.29 -18.15 -9.34
C ILE B 117 4.30 -18.63 -10.81
N ASP B 118 4.22 -17.67 -11.72
CA ASP B 118 4.12 -17.94 -13.15
C ASP B 118 5.49 -17.90 -13.88
N GLY B 119 6.53 -17.47 -13.15
CA GLY B 119 7.89 -17.35 -13.69
C GLY B 119 8.17 -16.04 -14.39
N LYS B 120 7.17 -15.18 -14.53
CA LYS B 120 7.34 -13.95 -15.29
C LYS B 120 7.85 -12.76 -14.48
N GLY B 121 8.48 -13.04 -13.34
CA GLY B 121 9.13 -12.00 -12.56
C GLY B 121 8.21 -11.10 -11.74
N PRO B 122 8.79 -10.06 -11.10
CA PRO B 122 8.11 -9.31 -10.03
C PRO B 122 6.80 -8.66 -10.48
N ILE B 123 5.88 -8.45 -9.53
CA ILE B 123 4.62 -7.78 -9.84
C ILE B 123 4.85 -6.28 -9.74
N ASP B 124 4.27 -5.54 -10.67
CA ASP B 124 4.28 -4.09 -10.60
C ASP B 124 2.99 -3.62 -9.89
N ALA B 125 3.12 -3.28 -8.61
CA ALA B 125 1.97 -2.94 -7.76
C ALA B 125 1.71 -1.45 -7.73
N ALA B 126 0.44 -1.07 -7.73
CA ALA B 126 0.06 0.32 -7.49
C ALA B 126 0.14 0.64 -6.00
N GLY B 127 0.09 -0.40 -5.16
CA GLY B 127 0.17 -0.25 -3.73
C GLY B 127 -0.06 -1.58 -3.06
N ARG B 128 -0.39 -1.54 -1.78
CA ARG B 128 -0.76 -2.73 -1.03
C ARG B 128 -2.07 -2.49 -0.29
N SER B 129 -2.86 -3.54 -0.14
CA SER B 129 -4.10 -3.52 0.61
C SER B 129 -4.08 -4.65 1.59
N ARG B 130 -4.72 -4.44 2.75
CA ARG B 130 -4.88 -5.51 3.72
C ARG B 130 -5.75 -6.61 3.14
N ALA B 131 -5.48 -7.83 3.55
CA ALA B 131 -6.33 -8.98 3.23
C ALA B 131 -7.79 -8.78 3.72
N GLN B 132 -7.94 -8.34 4.97
CA GLN B 132 -9.26 -8.07 5.55
C GLN B 132 -9.59 -6.58 5.42
N VAL B 133 -10.60 -6.27 4.61
CA VAL B 133 -11.05 -4.90 4.47
C VAL B 133 -12.56 -4.97 4.68
N LYS B 134 -13.10 -4.09 5.51
CA LYS B 134 -14.53 -4.14 5.78
C LYS B 134 -15.29 -3.69 4.56
N ALA B 135 -16.37 -4.41 4.26
CA ALA B 135 -17.24 -4.07 3.16
C ALA B 135 -17.82 -2.67 3.28
N PRO B 136 -18.10 -2.03 2.14
CA PRO B 136 -18.80 -0.75 2.12
C PRO B 136 -20.14 -0.81 2.85
N GLY B 137 -20.51 0.29 3.50
CA GLY B 137 -21.78 0.40 4.21
C GLY B 137 -22.91 0.69 3.25
N ILE B 138 -24.04 1.16 3.79
CA ILE B 138 -25.21 1.47 2.99
C ILE B 138 -24.95 2.62 2.04
N LEU B 139 -24.36 3.69 2.54
CA LEU B 139 -24.25 4.94 1.78
C LEU B 139 -23.41 4.91 0.48
N PRO B 140 -22.22 4.31 0.52
CA PRO B 140 -21.42 4.26 -0.72
C PRO B 140 -21.98 3.34 -1.81
N ARG B 141 -23.16 2.75 -1.58
CA ARG B 141 -23.71 1.80 -2.53
C ARG B 141 -24.81 2.36 -3.40
N ARG B 142 -25.09 1.65 -4.48
CA ARG B 142 -26.15 2.02 -5.39
C ARG B 142 -26.69 0.68 -5.88
N SER B 143 -27.94 0.61 -6.27
CA SER B 143 -28.48 -0.69 -6.65
C SER B 143 -27.88 -1.21 -7.98
N VAL B 144 -27.77 -2.52 -8.15
CA VAL B 144 -27.15 -3.03 -9.36
C VAL B 144 -28.10 -2.90 -10.55
N HIS B 145 -27.57 -2.48 -11.69
CA HIS B 145 -28.42 -2.22 -12.86
C HIS B 145 -27.73 -2.50 -14.18
N GLU B 146 -26.46 -2.91 -14.13
CA GLU B 146 -25.69 -3.19 -15.33
C GLU B 146 -25.44 -4.69 -15.49
N PRO B 147 -25.52 -5.20 -16.72
CA PRO B 147 -25.40 -6.65 -16.92
C PRO B 147 -24.00 -7.18 -16.83
N VAL B 148 -23.87 -8.34 -16.20
CA VAL B 148 -22.70 -9.19 -16.39
C VAL B 148 -23.09 -10.26 -17.42
N GLN B 149 -22.68 -10.05 -18.67
CA GLN B 149 -23.10 -10.97 -19.75
C GLN B 149 -22.22 -12.21 -19.73
N THR B 150 -22.83 -13.37 -19.50
CA THR B 150 -22.07 -14.63 -19.38
C THR B 150 -21.83 -15.27 -20.73
N GLY B 151 -22.72 -15.04 -21.68
CA GLY B 151 -22.66 -15.69 -22.97
C GLY B 151 -23.30 -17.07 -23.00
N LEU B 152 -23.76 -17.55 -21.84
CA LEU B 152 -24.49 -18.80 -21.75
C LEU B 152 -25.97 -18.51 -21.90
N LYS B 153 -26.57 -19.09 -22.94
CA LYS B 153 -28.00 -18.88 -23.23
C LYS B 153 -28.86 -19.13 -22.00
N ALA B 154 -28.62 -20.24 -21.31
CA ALA B 154 -29.41 -20.58 -20.13
C ALA B 154 -29.30 -19.53 -19.01
N VAL B 155 -28.10 -19.01 -18.77
CA VAL B 155 -27.88 -18.09 -17.66
C VAL B 155 -28.42 -16.72 -17.98
N ASP B 156 -28.00 -16.14 -19.10
CA ASP B 156 -28.40 -14.78 -19.46
C ASP B 156 -29.91 -14.63 -19.62
N ALA B 157 -30.55 -15.64 -20.18
CA ALA B 157 -32.00 -15.64 -20.35
C ALA B 157 -32.74 -15.91 -19.04
N LEU B 158 -32.28 -16.89 -18.26
CA LEU B 158 -33.02 -17.37 -17.08
C LEU B 158 -32.61 -16.77 -15.73
N VAL B 159 -31.31 -16.62 -15.50
CA VAL B 159 -30.81 -16.13 -14.22
C VAL B 159 -29.77 -15.03 -14.43
N PRO B 160 -30.18 -13.90 -15.01
CA PRO B 160 -29.17 -12.90 -15.40
C PRO B 160 -28.43 -12.34 -14.18
N ILE B 161 -27.16 -12.04 -14.35
CA ILE B 161 -26.30 -11.56 -13.29
C ILE B 161 -25.96 -10.10 -13.56
N GLY B 162 -26.00 -9.27 -12.50
CA GLY B 162 -25.67 -7.85 -12.61
C GLY B 162 -24.35 -7.49 -11.95
N ARG B 163 -23.84 -6.31 -12.29
CA ARG B 163 -22.55 -5.87 -11.74
C ARG B 163 -22.69 -5.37 -10.30
N GLY B 164 -22.01 -6.08 -9.40
CA GLY B 164 -22.03 -5.80 -7.97
C GLY B 164 -22.71 -6.90 -7.17
N GLN B 165 -23.33 -7.82 -7.89
CA GLN B 165 -24.14 -8.87 -7.31
C GLN B 165 -23.26 -10.01 -6.82
N ARG B 166 -23.80 -10.82 -5.92
CA ARG B 166 -23.16 -12.06 -5.57
C ARG B 166 -24.12 -13.15 -6.05
N GLU B 167 -23.61 -14.08 -6.86
CA GLU B 167 -24.43 -15.15 -7.39
C GLU B 167 -23.75 -16.46 -7.16
N LEU B 168 -24.33 -17.26 -6.29
CA LEU B 168 -23.78 -18.56 -5.95
C LEU B 168 -23.87 -19.54 -7.13
N ILE B 169 -22.81 -20.32 -7.34
CA ILE B 169 -22.85 -21.44 -8.24
C ILE B 169 -22.70 -22.70 -7.42
N ILE B 170 -23.73 -23.52 -7.44
CA ILE B 170 -23.84 -24.62 -6.47
C ILE B 170 -24.27 -25.92 -7.16
N GLY B 171 -23.57 -26.99 -6.85
CA GLY B 171 -23.97 -28.33 -7.26
C GLY B 171 -22.92 -29.34 -6.85
N ASP B 172 -23.21 -30.62 -7.04
CA ASP B 172 -22.23 -31.68 -6.78
C ASP B 172 -20.99 -31.52 -7.66
N ARG B 173 -20.00 -32.33 -7.32
CA ARG B 173 -18.78 -32.54 -8.10
C ARG B 173 -19.11 -32.89 -9.56
N GLN B 174 -18.39 -32.27 -10.51
CA GLN B 174 -18.55 -32.57 -11.94
C GLN B 174 -19.97 -32.32 -12.47
N THR B 175 -20.50 -31.14 -12.17
CA THR B 175 -21.82 -30.73 -12.65
C THR B 175 -21.70 -29.51 -13.55
N GLY B 176 -20.47 -29.02 -13.73
CA GLY B 176 -20.22 -27.90 -14.64
C GLY B 176 -20.01 -26.52 -14.02
N LYS B 177 -19.64 -26.47 -12.73
CA LYS B 177 -19.61 -25.20 -11.98
C LYS B 177 -18.49 -24.32 -12.47
N THR B 178 -17.27 -24.85 -12.41
CA THR B 178 -16.11 -24.13 -12.93
C THR B 178 -16.36 -23.64 -14.38
N ALA B 179 -16.95 -24.52 -15.19
CA ALA B 179 -17.22 -24.24 -16.61
C ALA B 179 -18.12 -23.04 -16.83
N VAL B 180 -19.16 -22.92 -16.01
CA VAL B 180 -20.00 -21.70 -16.03
C VAL B 180 -19.12 -20.46 -15.77
N ALA B 181 -18.32 -20.49 -14.70
CA ALA B 181 -17.45 -19.38 -14.36
C ALA B 181 -16.45 -19.11 -15.47
N LEU B 182 -15.84 -20.17 -16.00
CA LEU B 182 -14.84 -20.03 -17.06
C LEU B 182 -15.43 -19.46 -18.35
N ASP B 183 -16.64 -19.85 -18.71
CA ASP B 183 -17.26 -19.29 -19.91
C ASP B 183 -17.60 -17.80 -19.75
N THR B 184 -18.02 -17.41 -18.54
CA THR B 184 -18.29 -16.00 -18.22
C THR B 184 -17.03 -15.16 -18.41
N ILE B 185 -15.91 -15.69 -17.94
CA ILE B 185 -14.65 -15.01 -18.08
C ILE B 185 -14.28 -14.87 -19.57
N LEU B 186 -14.28 -15.99 -20.31
CA LEU B 186 -14.00 -15.95 -21.75
C LEU B 186 -14.91 -14.98 -22.47
N ASN B 187 -16.16 -14.85 -22.01
CA ASN B 187 -17.07 -13.94 -22.66
C ASN B 187 -16.67 -12.47 -22.64
N GLN B 188 -15.91 -12.05 -21.63
CA GLN B 188 -15.60 -10.64 -21.45
C GLN B 188 -14.71 -10.05 -22.56
N LYS B 189 -14.06 -10.92 -23.35
CA LYS B 189 -13.20 -10.48 -24.46
C LYS B 189 -13.92 -9.52 -25.43
N ARG B 190 -15.24 -9.67 -25.53
CA ARG B 190 -16.10 -8.83 -26.36
C ARG B 190 -16.01 -7.34 -26.09
N TRP B 191 -15.82 -6.96 -24.83
CA TRP B 191 -15.76 -5.55 -24.45
C TRP B 191 -14.37 -5.14 -24.04
N ASN B 192 -13.63 -6.09 -23.48
CA ASN B 192 -12.30 -5.84 -22.97
C ASN B 192 -11.30 -5.47 -24.06
N ASN B 193 -11.71 -5.71 -25.31
CA ASN B 193 -10.94 -5.32 -26.47
C ASN B 193 -11.32 -3.94 -26.98
N GLY B 194 -12.53 -3.49 -26.65
CA GLY B 194 -13.05 -2.20 -27.09
C GLY B 194 -12.39 -1.04 -26.36
N SER B 195 -12.91 0.16 -26.58
CA SER B 195 -12.36 1.37 -25.98
C SER B 195 -13.30 1.96 -24.91
N ASP B 196 -14.50 1.37 -24.80
CA ASP B 196 -15.48 1.80 -23.81
C ASP B 196 -15.19 1.21 -22.42
N GLU B 197 -14.51 1.99 -21.60
CA GLU B 197 -14.05 1.52 -20.28
C GLU B 197 -15.18 1.05 -19.35
N SER B 198 -16.35 1.67 -19.44
CA SER B 198 -17.45 1.29 -18.57
C SER B 198 -17.98 -0.14 -18.80
N LYS B 199 -17.80 -0.69 -20.00
CA LYS B 199 -18.34 -2.01 -20.31
C LYS B 199 -17.35 -3.14 -19.96
N LYS B 200 -16.11 -2.79 -19.67
CA LYS B 200 -15.08 -3.78 -19.40
C LYS B 200 -15.30 -4.48 -18.06
N LEU B 201 -14.70 -5.66 -17.93
CA LEU B 201 -14.85 -6.47 -16.77
C LEU B 201 -13.59 -7.28 -16.56
N TYR B 202 -12.78 -6.87 -15.59
CA TYR B 202 -11.58 -7.58 -15.23
C TYR B 202 -11.91 -8.77 -14.35
N CYS B 203 -11.18 -9.86 -14.51
CA CYS B 203 -11.59 -11.11 -13.93
C CYS B 203 -10.54 -11.61 -12.98
N VAL B 204 -10.99 -11.99 -11.79
CA VAL B 204 -10.11 -12.56 -10.77
C VAL B 204 -10.60 -13.97 -10.55
N TYR B 205 -9.72 -14.94 -10.69
CA TYR B 205 -10.12 -16.31 -10.48
C TYR B 205 -9.31 -16.89 -9.33
N VAL B 206 -10.01 -17.42 -8.33
CA VAL B 206 -9.36 -17.86 -7.11
C VAL B 206 -9.47 -19.37 -7.01
N ALA B 207 -8.34 -20.06 -7.12
CA ALA B 207 -8.31 -21.50 -7.00
C ALA B 207 -7.98 -21.85 -5.57
N VAL B 208 -8.96 -22.40 -4.86
CA VAL B 208 -8.75 -22.75 -3.46
C VAL B 208 -8.91 -24.24 -3.37
N GLY B 209 -7.85 -24.91 -2.94
CA GLY B 209 -7.87 -26.34 -2.65
C GLY B 209 -7.74 -27.23 -3.88
N GLN B 210 -7.70 -26.59 -5.05
CA GLN B 210 -7.68 -27.28 -6.33
C GLN B 210 -6.31 -27.94 -6.60
N LYS B 211 -6.27 -28.85 -7.57
CA LYS B 211 -5.01 -29.42 -8.04
C LYS B 211 -4.22 -28.40 -8.82
N ARG B 212 -2.94 -28.27 -8.49
CA ARG B 212 -2.04 -27.37 -9.19
C ARG B 212 -2.03 -27.54 -10.73
N SER B 213 -1.99 -28.79 -11.21
CA SER B 213 -2.05 -29.07 -12.66
C SER B 213 -3.34 -28.55 -13.29
N THR B 214 -4.47 -28.78 -12.62
CA THR B 214 -5.76 -28.24 -13.07
C THR B 214 -5.68 -26.74 -13.29
N VAL B 215 -5.11 -26.04 -12.31
CA VAL B 215 -4.96 -24.58 -12.38
C VAL B 215 -3.99 -24.20 -13.51
N ALA B 216 -2.87 -24.91 -13.59
CA ALA B 216 -1.94 -24.68 -14.71
C ALA B 216 -2.64 -24.82 -16.06
N GLN B 217 -3.48 -25.85 -16.20
CA GLN B 217 -4.19 -26.08 -17.46
C GLN B 217 -5.21 -25.00 -17.73
N LEU B 218 -5.96 -24.61 -16.69
CA LEU B 218 -6.96 -23.54 -16.79
C LEU B 218 -6.33 -22.26 -17.28
N VAL B 219 -5.14 -21.94 -16.77
CA VAL B 219 -4.42 -20.74 -17.19
C VAL B 219 -4.05 -20.80 -18.68
N GLN B 220 -3.64 -21.99 -19.15
CA GLN B 220 -3.31 -22.20 -20.55
C GLN B 220 -4.53 -21.98 -21.44
N THR B 221 -5.67 -22.51 -21.00
CA THR B 221 -6.93 -22.32 -21.70
C THR B 221 -7.25 -20.83 -21.84
N LEU B 222 -7.03 -20.07 -20.78
CA LEU B 222 -7.30 -18.64 -20.78
C LEU B 222 -6.35 -17.91 -21.72
N GLU B 223 -5.11 -18.39 -21.79
CA GLU B 223 -4.11 -17.82 -22.70
C GLU B 223 -4.45 -18.13 -24.14
N GLN B 224 -4.86 -19.38 -24.40
CA GLN B 224 -5.32 -19.78 -25.73
C GLN B 224 -6.45 -18.93 -26.28
N HIS B 225 -7.35 -18.48 -25.41
CA HIS B 225 -8.48 -17.65 -25.81
C HIS B 225 -8.20 -16.17 -25.69
N ASP B 226 -6.93 -15.82 -25.41
CA ASP B 226 -6.53 -14.42 -25.21
C ASP B 226 -7.33 -13.72 -24.07
N ALA B 227 -7.67 -14.49 -23.04
CA ALA B 227 -8.45 -13.96 -21.91
C ALA B 227 -7.55 -13.63 -20.71
N MET B 228 -6.35 -14.21 -20.69
CA MET B 228 -5.43 -14.03 -19.59
C MET B 228 -5.04 -12.57 -19.41
N LYS B 229 -4.99 -11.79 -20.48
CA LYS B 229 -4.51 -10.41 -20.37
C LYS B 229 -5.42 -9.52 -19.50
N TYR B 230 -6.64 -9.99 -19.26
CA TYR B 230 -7.58 -9.24 -18.41
C TYR B 230 -8.00 -10.03 -17.17
N SER B 231 -7.17 -11.01 -16.80
CA SER B 231 -7.49 -11.90 -15.72
C SER B 231 -6.34 -11.93 -14.74
N ILE B 232 -6.65 -12.21 -13.48
CA ILE B 232 -5.63 -12.39 -12.46
C ILE B 232 -6.02 -13.68 -11.78
N ILE B 233 -5.03 -14.53 -11.49
CA ILE B 233 -5.29 -15.83 -10.92
C ILE B 233 -4.59 -15.84 -9.57
N VAL B 234 -5.35 -16.10 -8.50
CA VAL B 234 -4.76 -16.25 -7.17
C VAL B 234 -4.97 -17.71 -6.81
N ALA B 235 -3.90 -18.42 -6.49
CA ALA B 235 -3.98 -19.86 -6.35
C ALA B 235 -3.40 -20.28 -5.02
N ALA B 236 -4.15 -21.12 -4.30
CA ALA B 236 -3.68 -21.79 -3.09
C ALA B 236 -4.20 -23.21 -3.19
N THR B 237 -3.31 -24.10 -3.63
CA THR B 237 -3.70 -25.42 -4.08
C THR B 237 -3.60 -26.49 -3.01
N ALA B 238 -4.02 -27.71 -3.36
CA ALA B 238 -4.34 -28.73 -2.38
C ALA B 238 -3.21 -29.10 -1.43
N SER B 239 -1.97 -28.83 -1.82
CA SER B 239 -0.83 -29.20 -0.98
C SER B 239 -0.33 -28.05 -0.14
N GLU B 240 -0.80 -26.83 -0.43
CA GLU B 240 -0.41 -25.65 0.34
C GLU B 240 -1.07 -25.62 1.74
N ALA B 241 -0.35 -25.07 2.72
CA ALA B 241 -0.86 -24.97 4.09
C ALA B 241 -2.25 -24.33 4.16
N ALA B 242 -3.10 -24.92 5.01
CA ALA B 242 -4.50 -24.50 5.19
C ALA B 242 -4.67 -22.99 5.32
N PRO B 243 -3.84 -22.33 6.14
CA PRO B 243 -4.02 -20.87 6.21
C PRO B 243 -3.93 -20.15 4.86
N LEU B 244 -3.06 -20.62 3.96
CA LEU B 244 -2.94 -19.98 2.66
C LEU B 244 -4.22 -20.13 1.84
N GLN B 245 -4.80 -21.31 1.92
CA GLN B 245 -6.09 -21.58 1.27
C GLN B 245 -7.22 -20.74 1.90
N TYR B 246 -7.20 -20.60 3.23
CA TYR B 246 -8.16 -19.78 3.94
C TYR B 246 -7.98 -18.31 3.50
N LEU B 247 -6.73 -17.89 3.33
CA LEU B 247 -6.43 -16.49 2.98
C LEU B 247 -6.70 -16.04 1.54
N ALA B 248 -6.54 -16.95 0.58
CA ALA B 248 -6.60 -16.59 -0.86
C ALA B 248 -7.82 -15.79 -1.30
N PRO B 249 -9.04 -16.20 -0.87
CA PRO B 249 -10.19 -15.40 -1.28
C PRO B 249 -10.15 -13.97 -0.78
N PHE B 250 -9.58 -13.73 0.40
CA PHE B 250 -9.55 -12.34 0.93
C PHE B 250 -8.56 -11.44 0.21
N THR B 251 -7.32 -11.89 0.11
CA THR B 251 -6.31 -11.16 -0.68
C THR B 251 -6.80 -10.95 -2.12
N ALA B 252 -7.46 -11.98 -2.67
CA ALA B 252 -8.04 -11.86 -4.01
C ALA B 252 -9.10 -10.76 -4.08
N ALA B 253 -9.98 -10.69 -3.06
CA ALA B 253 -10.99 -9.63 -3.03
C ALA B 253 -10.33 -8.27 -3.00
N SER B 254 -9.26 -8.13 -2.22
CA SER B 254 -8.53 -6.84 -2.19
C SER B 254 -8.04 -6.48 -3.58
N ILE B 255 -7.48 -7.48 -4.28
CA ILE B 255 -7.08 -7.32 -5.69
C ILE B 255 -8.26 -6.90 -6.53
N GLY B 256 -9.40 -7.58 -6.37
CA GLY B 256 -10.58 -7.18 -7.14
C GLY B 256 -11.01 -5.76 -6.78
N GLU B 257 -10.90 -5.42 -5.49
CA GLU B 257 -11.35 -4.12 -4.98
C GLU B 257 -10.65 -2.90 -5.59
N TRP B 258 -9.36 -3.07 -5.94
CA TRP B 258 -8.66 -1.99 -6.64
C TRP B 258 -9.46 -1.52 -7.84
N PHE B 259 -9.99 -2.47 -8.62
CA PHE B 259 -10.82 -2.12 -9.76
C PHE B 259 -12.11 -1.42 -9.33
N ARG B 260 -12.84 -2.07 -8.41
CA ARG B 260 -14.05 -1.50 -7.78
C ARG B 260 -13.82 -0.07 -7.29
N ASP B 261 -12.75 0.13 -6.53
CA ASP B 261 -12.47 1.43 -5.92
C ASP B 261 -12.02 2.54 -6.89
N ASN B 262 -11.63 2.15 -8.11
CA ASN B 262 -11.10 3.10 -9.08
C ASN B 262 -11.92 3.26 -10.35
N GLY B 263 -13.24 3.17 -10.19
CA GLY B 263 -14.21 3.47 -11.25
C GLY B 263 -14.31 2.40 -12.30
N LYS B 264 -13.91 1.18 -11.95
CA LYS B 264 -13.93 0.05 -12.88
C LYS B 264 -14.71 -1.15 -12.34
N HIS B 265 -14.76 -2.21 -13.14
CA HIS B 265 -15.59 -3.36 -12.82
C HIS B 265 -14.76 -4.62 -12.86
N ALA B 266 -14.88 -5.42 -11.81
CA ALA B 266 -14.21 -6.70 -11.75
C ALA B 266 -15.20 -7.82 -11.41
N LEU B 267 -14.84 -9.04 -11.78
CA LEU B 267 -15.62 -10.22 -11.50
C LEU B 267 -14.65 -11.16 -10.81
N ILE B 268 -15.04 -11.67 -9.65
CA ILE B 268 -14.18 -12.56 -8.92
C ILE B 268 -14.92 -13.90 -8.79
N VAL B 269 -14.17 -14.99 -8.97
CA VAL B 269 -14.70 -16.32 -8.84
C VAL B 269 -13.97 -17.00 -7.69
N TYR B 270 -14.72 -17.48 -6.71
CA TYR B 270 -14.13 -18.17 -5.59
C TYR B 270 -14.41 -19.63 -5.83
N ASP B 271 -13.36 -20.36 -6.23
CA ASP B 271 -13.48 -21.74 -6.68
C ASP B 271 -12.52 -22.61 -5.87
N ASP B 272 -12.97 -23.22 -4.78
CA ASP B 272 -14.35 -23.04 -4.28
C ASP B 272 -14.39 -22.71 -2.78
N LEU B 273 -15.52 -22.22 -2.28
CA LEU B 273 -15.64 -21.83 -0.87
C LEU B 273 -15.84 -23.02 0.07
N SER B 274 -16.29 -24.16 -0.45
CA SER B 274 -16.39 -25.38 0.34
C SER B 274 -15.01 -25.75 0.89
N LYS B 275 -14.01 -25.69 0.00
CA LYS B 275 -12.64 -26.03 0.33
C LYS B 275 -11.98 -24.98 1.22
N GLN B 276 -12.27 -23.70 0.97
CA GLN B 276 -11.87 -22.67 1.94
C GLN B 276 -12.42 -22.98 3.36
N ALA B 277 -13.70 -23.38 3.46
CA ALA B 277 -14.28 -23.65 4.78
C ALA B 277 -13.59 -24.83 5.49
N VAL B 278 -13.24 -25.86 4.71
CA VAL B 278 -12.56 -27.06 5.19
C VAL B 278 -11.16 -26.70 5.73
N ALA B 279 -10.49 -25.80 5.01
CA ALA B 279 -9.16 -25.34 5.40
C ALA B 279 -9.24 -24.53 6.70
N TYR B 280 -10.24 -23.65 6.78
CA TYR B 280 -10.48 -22.86 7.99
C TYR B 280 -10.85 -23.75 9.19
N ARG B 281 -11.66 -24.78 8.95
CA ARG B 281 -11.94 -25.75 9.99
C ARG B 281 -10.67 -26.46 10.48
N GLN B 282 -9.78 -26.82 9.57
CA GLN B 282 -8.52 -27.47 9.95
C GLN B 282 -7.79 -26.62 11.00
N LEU B 283 -7.55 -25.35 10.70
CA LEU B 283 -6.94 -24.43 11.66
C LEU B 283 -7.73 -24.34 12.97
N SER B 284 -9.04 -24.12 12.85
CA SER B 284 -9.89 -23.96 14.03
C SER B 284 -9.78 -25.15 14.95
N LEU B 285 -9.84 -26.35 14.38
CA LEU B 285 -9.70 -27.56 15.19
C LEU B 285 -8.32 -27.65 15.82
N LEU B 286 -7.28 -27.28 15.07
CA LEU B 286 -5.91 -27.41 15.57
C LEU B 286 -5.59 -26.34 16.62
N LEU B 287 -6.29 -25.22 16.54
CA LEU B 287 -6.23 -24.19 17.57
C LEU B 287 -7.12 -24.54 18.76
N ARG B 288 -7.90 -25.60 18.61
CA ARG B 288 -8.76 -26.18 19.65
C ARG B 288 -10.03 -25.37 19.96
N ARG B 289 -10.49 -24.60 18.97
CA ARG B 289 -11.79 -23.95 19.01
C ARG B 289 -12.89 -25.02 18.99
N PRO B 290 -13.94 -24.88 19.82
CA PRO B 290 -14.94 -25.93 19.90
C PRO B 290 -15.54 -26.21 18.54
N PRO B 291 -15.61 -27.49 18.15
CA PRO B 291 -16.31 -27.80 16.90
C PRO B 291 -17.81 -27.70 17.09
N GLY B 292 -18.49 -27.16 16.08
CA GLY B 292 -19.94 -27.12 16.12
C GLY B 292 -20.57 -28.07 15.13
N ARG B 293 -21.64 -27.61 14.49
CA ARG B 293 -22.31 -28.33 13.43
C ARG B 293 -21.30 -28.78 12.37
N GLU B 294 -21.26 -30.10 12.12
CA GLU B 294 -20.39 -30.72 11.14
C GLU B 294 -18.94 -30.34 11.40
N ALA B 295 -18.63 -30.15 12.69
CA ALA B 295 -17.28 -29.86 13.18
C ALA B 295 -16.72 -28.48 12.83
N TYR B 296 -17.44 -27.71 12.03
CA TYR B 296 -17.01 -26.34 11.70
C TYR B 296 -17.09 -25.40 12.91
N PRO B 297 -16.22 -24.39 12.97
CA PRO B 297 -16.33 -23.45 14.09
C PRO B 297 -17.50 -22.48 13.92
N GLY B 298 -17.91 -21.86 15.03
CA GLY B 298 -19.01 -20.90 15.06
C GLY B 298 -18.90 -19.75 14.09
N ASP B 299 -17.68 -19.34 13.78
CA ASP B 299 -17.49 -18.21 12.89
C ASP B 299 -17.33 -18.57 11.40
N VAL B 300 -17.72 -19.80 11.01
CA VAL B 300 -17.57 -20.23 9.63
C VAL B 300 -18.52 -19.48 8.70
N PHE B 301 -19.63 -18.99 9.23
CA PHE B 301 -20.52 -18.17 8.44
C PHE B 301 -19.87 -16.81 8.22
N TYR B 302 -19.27 -16.28 9.27
CA TYR B 302 -18.64 -14.97 9.21
C TYR B 302 -17.45 -14.96 8.24
N LEU B 303 -16.72 -16.08 8.22
CA LEU B 303 -15.71 -16.35 7.20
C LEU B 303 -16.20 -15.95 5.83
N HIS B 304 -17.36 -16.46 5.45
CA HIS B 304 -17.92 -16.20 4.12
C HIS B 304 -18.67 -14.90 3.98
N SER B 305 -19.42 -14.50 5.02
CA SER B 305 -20.19 -13.26 4.91
C SER B 305 -19.30 -12.01 4.84
N ARG B 306 -18.22 -11.94 5.63
CA ARG B 306 -17.27 -10.83 5.56
CA ARG B 306 -17.35 -10.78 5.54
C ARG B 306 -16.65 -10.73 4.16
N LEU B 307 -16.43 -11.89 3.55
CA LEU B 307 -15.85 -11.99 2.21
C LEU B 307 -16.82 -11.51 1.15
N LEU B 308 -18.03 -12.06 1.12
CA LEU B 308 -18.94 -11.81 0.01
C LEU B 308 -19.56 -10.43 0.07
N GLU B 309 -19.59 -9.85 1.26
CA GLU B 309 -20.09 -8.48 1.43
C GLU B 309 -19.27 -7.46 0.69
N ARG B 310 -18.02 -7.81 0.39
CA ARG B 310 -17.11 -6.89 -0.27
C ARG B 310 -17.42 -6.71 -1.74
N ALA B 311 -18.15 -7.66 -2.32
CA ALA B 311 -18.70 -7.49 -3.66
C ALA B 311 -19.86 -6.51 -3.55
N ALA B 312 -19.92 -5.53 -4.44
CA ALA B 312 -20.85 -4.40 -4.30
C ALA B 312 -20.86 -3.51 -5.52
N LYS B 313 -21.95 -2.80 -5.71
CA LYS B 313 -22.01 -1.76 -6.72
C LYS B 313 -21.97 -0.42 -5.99
N LEU B 314 -20.99 0.41 -6.35
CA LEU B 314 -20.77 1.69 -5.69
C LEU B 314 -21.53 2.82 -6.38
N SER B 315 -21.89 3.83 -5.61
CA SER B 315 -22.58 5.01 -6.14
C SER B 315 -21.67 5.91 -6.99
N GLU B 316 -22.31 6.82 -7.75
CA GLU B 316 -21.63 7.88 -8.49
C GLU B 316 -20.58 8.64 -7.71
N LYS B 317 -20.95 9.11 -6.51
CA LYS B 317 -20.04 9.80 -5.64
C LYS B 317 -18.77 8.97 -5.47
N GLU B 318 -18.93 7.65 -5.47
CA GLU B 318 -17.82 6.76 -5.17
C GLU B 318 -17.08 6.21 -6.41
N GLY B 319 -17.44 6.70 -7.59
CA GLY B 319 -16.76 6.32 -8.83
C GLY B 319 -17.56 5.36 -9.72
N SER B 320 -18.64 4.81 -9.18
CA SER B 320 -19.52 3.88 -9.88
C SER B 320 -18.95 2.49 -10.14
N GLY B 321 -17.74 2.22 -9.66
CA GLY B 321 -17.13 0.89 -9.80
C GLY B 321 -17.95 -0.25 -9.17
N SER B 322 -17.56 -1.49 -9.48
CA SER B 322 -18.23 -2.66 -8.93
C SER B 322 -17.32 -3.86 -8.83
N LEU B 323 -17.67 -4.79 -7.95
CA LEU B 323 -17.02 -6.07 -7.83
C LEU B 323 -18.16 -7.07 -7.73
N THR B 324 -18.23 -7.99 -8.67
CA THR B 324 -19.28 -8.99 -8.76
C THR B 324 -18.63 -10.31 -8.34
N ALA B 325 -19.33 -11.12 -7.57
CA ALA B 325 -18.72 -12.35 -7.07
C ALA B 325 -19.51 -13.56 -7.53
N LEU B 326 -18.77 -14.58 -7.93
CA LEU B 326 -19.37 -15.86 -8.25
C LEU B 326 -18.72 -16.87 -7.32
N PRO B 327 -19.20 -16.92 -6.06
CA PRO B 327 -18.69 -17.97 -5.20
C PRO B 327 -19.16 -19.34 -5.68
N VAL B 328 -18.37 -20.38 -5.41
CA VAL B 328 -18.73 -21.73 -5.77
C VAL B 328 -18.81 -22.64 -4.53
N ILE B 329 -19.84 -23.46 -4.51
CA ILE B 329 -20.01 -24.40 -3.43
C ILE B 329 -20.26 -25.77 -4.03
N GLU B 330 -19.51 -26.75 -3.53
CA GLU B 330 -19.72 -28.13 -3.91
C GLU B 330 -20.58 -28.83 -2.87
N THR B 331 -21.77 -29.27 -3.26
CA THR B 331 -22.61 -30.09 -2.39
C THR B 331 -22.23 -31.55 -2.47
N GLN B 332 -22.65 -32.31 -1.47
CA GLN B 332 -22.43 -33.74 -1.40
C GLN B 332 -23.80 -34.39 -1.57
N GLY B 333 -23.94 -35.18 -2.64
CA GLY B 333 -25.19 -35.88 -2.94
C GLY B 333 -26.40 -34.99 -3.00
N GLY B 334 -26.24 -33.79 -3.56
CA GLY B 334 -27.35 -32.85 -3.68
C GLY B 334 -27.80 -32.19 -2.39
N ASP B 335 -27.02 -32.31 -1.31
CA ASP B 335 -27.46 -31.78 -0.01
C ASP B 335 -27.29 -30.26 0.09
N VAL B 336 -28.30 -29.54 -0.39
CA VAL B 336 -28.31 -28.09 -0.29
C VAL B 336 -28.68 -27.60 1.11
N SER B 337 -29.12 -28.53 1.97
CA SER B 337 -29.54 -28.25 3.34
C SER B 337 -28.39 -28.23 4.32
N ALA B 338 -27.20 -28.59 3.87
CA ALA B 338 -26.07 -28.69 4.77
C ALA B 338 -25.61 -27.30 5.32
N TYR B 339 -24.79 -27.33 6.36
CA TYR B 339 -24.31 -26.11 7.02
C TYR B 339 -23.71 -25.06 6.05
N ILE B 340 -22.60 -25.40 5.39
CA ILE B 340 -21.95 -24.45 4.47
C ILE B 340 -22.84 -24.01 3.32
N PRO B 341 -23.49 -24.95 2.61
CA PRO B 341 -24.39 -24.49 1.54
C PRO B 341 -25.44 -23.50 2.03
N THR B 342 -26.08 -23.79 3.16
CA THR B 342 -27.09 -22.87 3.68
C THR B 342 -26.48 -21.53 4.15
N ASN B 343 -25.35 -21.58 4.84
CA ASN B 343 -24.59 -20.35 5.08
C ASN B 343 -24.48 -19.46 3.84
N VAL B 344 -23.96 -20.01 2.74
CA VAL B 344 -23.67 -19.17 1.56
C VAL B 344 -24.94 -18.75 0.82
N ILE B 345 -25.92 -19.65 0.72
CA ILE B 345 -27.22 -19.25 0.15
C ILE B 345 -27.78 -18.07 0.91
N SER B 346 -27.52 -17.99 2.21
CA SER B 346 -28.09 -16.90 2.99
C SER B 346 -27.19 -15.63 3.00
N ILE B 347 -26.10 -15.70 2.23
CA ILE B 347 -25.24 -14.53 1.97
C ILE B 347 -25.45 -13.94 0.57
N THR B 348 -25.56 -14.82 -0.44
CA THR B 348 -25.57 -14.37 -1.84
C THR B 348 -26.94 -13.86 -2.29
N ASP B 349 -26.97 -13.30 -3.49
CA ASP B 349 -28.19 -12.71 -4.04
C ASP B 349 -28.91 -13.69 -4.97
N GLY B 350 -28.80 -14.98 -4.67
CA GLY B 350 -29.41 -15.99 -5.51
C GLY B 350 -28.42 -17.09 -5.83
N GLN B 351 -28.85 -18.09 -6.58
CA GLN B 351 -27.99 -19.23 -6.93
C GLN B 351 -28.34 -19.75 -8.30
N ILE B 352 -27.29 -20.25 -8.95
CA ILE B 352 -27.43 -21.09 -10.10
C ILE B 352 -27.18 -22.48 -9.57
N PHE B 353 -28.25 -23.29 -9.54
CA PHE B 353 -28.12 -24.65 -9.03
C PHE B 353 -27.88 -25.62 -10.20
N LEU B 354 -26.79 -26.38 -10.12
CA LEU B 354 -26.42 -27.32 -11.19
C LEU B 354 -26.66 -28.76 -10.77
N GLU B 355 -27.49 -29.46 -11.55
CA GLU B 355 -28.02 -30.75 -11.15
C GLU B 355 -27.33 -31.91 -11.86
N ALA B 356 -26.91 -32.92 -11.10
CA ALA B 356 -26.20 -34.06 -11.65
C ALA B 356 -27.05 -34.83 -12.67
N GLU B 357 -28.33 -35.05 -12.34
CA GLU B 357 -29.23 -35.78 -13.24
C GLU B 357 -29.31 -35.12 -14.60
N LEU B 358 -29.43 -33.79 -14.64
CA LEU B 358 -29.47 -33.05 -15.91
C LEU B 358 -28.14 -33.17 -16.64
N PHE B 359 -27.06 -33.03 -15.88
CA PHE B 359 -25.73 -33.16 -16.45
C PHE B 359 -25.51 -34.54 -17.07
N TYR B 360 -25.99 -35.59 -16.41
CA TYR B 360 -25.84 -36.95 -16.90
C TYR B 360 -26.57 -37.15 -18.25
N LYS B 361 -27.79 -36.61 -18.34
CA LYS B 361 -28.60 -36.65 -19.58
C LYS B 361 -28.08 -35.72 -20.69
N GLY B 362 -26.93 -35.08 -20.48
CA GLY B 362 -26.40 -34.12 -21.46
C GLY B 362 -27.07 -32.76 -21.52
N ILE B 363 -27.92 -32.44 -20.54
CA ILE B 363 -28.43 -31.07 -20.42
C ILE B 363 -27.34 -30.23 -19.74
N ARG B 364 -26.62 -29.46 -20.56
CA ARG B 364 -25.50 -28.67 -20.08
C ARG B 364 -25.50 -27.31 -20.77
N PRO B 365 -25.43 -26.21 -19.99
CA PRO B 365 -25.39 -26.08 -18.52
C PRO B 365 -26.52 -26.81 -17.79
N ALA B 366 -26.18 -27.54 -16.72
CA ALA B 366 -27.15 -28.34 -15.99
C ALA B 366 -28.02 -27.55 -15.00
N ILE B 367 -28.56 -26.41 -15.44
CA ILE B 367 -29.33 -25.53 -14.56
C ILE B 367 -30.70 -26.10 -14.18
N ASN B 368 -30.93 -26.29 -12.89
CA ASN B 368 -32.25 -26.56 -12.39
C ASN B 368 -33.03 -25.26 -12.32
N VAL B 369 -33.94 -25.06 -13.26
CA VAL B 369 -34.65 -23.79 -13.41
C VAL B 369 -35.43 -23.39 -12.16
N GLY B 370 -36.15 -24.35 -11.58
CA GLY B 370 -37.01 -24.07 -10.44
C GLY B 370 -36.26 -23.71 -9.17
N LEU B 371 -35.01 -24.16 -9.06
CA LEU B 371 -34.20 -23.89 -7.86
C LEU B 371 -33.21 -22.75 -8.05
N SER B 372 -33.05 -22.30 -9.29
CA SER B 372 -32.14 -21.22 -9.62
C SER B 372 -32.84 -19.88 -9.65
N VAL B 373 -32.25 -18.88 -9.00
CA VAL B 373 -32.78 -17.53 -9.03
C VAL B 373 -31.67 -16.49 -8.96
N SER B 374 -31.95 -15.32 -9.53
CA SER B 374 -31.08 -14.17 -9.47
C SER B 374 -31.90 -13.00 -8.96
N ARG B 375 -31.72 -12.69 -7.67
CA ARG B 375 -32.49 -11.70 -6.91
C ARG B 375 -32.56 -10.34 -7.59
N VAL B 376 -31.39 -9.78 -7.82
CA VAL B 376 -31.24 -8.44 -8.37
C VAL B 376 -30.90 -8.53 -9.85
N GLY B 377 -31.41 -9.57 -10.50
CA GLY B 377 -30.99 -9.95 -11.85
C GLY B 377 -31.75 -9.32 -13.00
N SER B 378 -33.08 -9.30 -12.91
CA SER B 378 -33.94 -8.73 -13.95
C SER B 378 -33.62 -7.27 -14.30
N ALA B 379 -33.40 -6.44 -13.27
CA ALA B 379 -33.06 -5.03 -13.48
C ALA B 379 -31.77 -4.88 -14.32
N ALA B 380 -30.94 -5.92 -14.33
CA ALA B 380 -29.67 -5.92 -15.04
C ALA B 380 -29.59 -6.99 -16.14
N GLN B 381 -30.73 -7.34 -16.72
CA GLN B 381 -30.73 -8.17 -17.90
C GLN B 381 -30.75 -7.22 -19.08
N VAL B 382 -30.12 -7.58 -20.20
CA VAL B 382 -30.25 -6.79 -21.42
C VAL B 382 -31.73 -6.82 -21.86
N LYS B 383 -32.30 -5.65 -22.12
CA LYS B 383 -33.74 -5.53 -22.36
C LYS B 383 -34.23 -6.42 -23.49
N ALA B 384 -33.54 -6.38 -24.64
CA ALA B 384 -33.86 -7.25 -25.76
C ALA B 384 -34.04 -8.70 -25.33
N LEU B 385 -33.17 -9.16 -24.45
CA LEU B 385 -33.25 -10.53 -23.96
C LEU B 385 -34.44 -10.72 -23.02
N LYS B 386 -34.72 -9.70 -22.20
CA LYS B 386 -35.87 -9.73 -21.31
C LYS B 386 -37.15 -9.85 -22.11
N GLN B 387 -37.23 -9.06 -23.19
CA GLN B 387 -38.41 -9.00 -24.06
C GLN B 387 -38.71 -10.34 -24.72
N VAL B 388 -37.69 -10.96 -25.31
CA VAL B 388 -37.88 -12.20 -26.05
C VAL B 388 -38.04 -13.44 -25.18
N ALA B 389 -37.88 -13.30 -23.87
CA ALA B 389 -37.87 -14.47 -22.98
C ALA B 389 -38.98 -14.48 -21.94
N GLY B 390 -40.03 -13.70 -22.16
CA GLY B 390 -41.15 -13.67 -21.23
C GLY B 390 -41.69 -15.07 -20.99
N SER B 391 -41.90 -15.41 -19.72
CA SER B 391 -42.49 -16.71 -19.31
C SER B 391 -41.55 -17.90 -19.45
N LEU B 392 -40.41 -17.72 -20.12
CA LEU B 392 -39.50 -18.81 -20.42
C LEU B 392 -39.06 -19.55 -19.17
N LYS B 393 -38.86 -18.82 -18.07
CA LYS B 393 -38.44 -19.40 -16.81
C LYS B 393 -39.57 -20.20 -16.13
N LEU B 394 -40.74 -19.58 -16.00
CA LEU B 394 -41.91 -20.27 -15.42
C LEU B 394 -42.29 -21.49 -16.26
N PHE B 395 -42.43 -21.27 -17.58
CA PHE B 395 -42.78 -22.35 -18.48
C PHE B 395 -41.87 -23.55 -18.28
N LEU B 396 -40.57 -23.32 -18.36
CA LEU B 396 -39.60 -24.42 -18.24
C LEU B 396 -39.72 -25.20 -16.93
N ALA B 397 -39.98 -24.51 -15.81
CA ALA B 397 -40.23 -25.16 -14.53
C ALA B 397 -41.52 -25.99 -14.56
N GLN B 398 -42.57 -25.42 -15.16
CA GLN B 398 -43.86 -26.10 -15.35
C GLN B 398 -43.75 -27.27 -16.32
N TYR B 399 -43.03 -27.05 -17.42
CA TYR B 399 -42.79 -28.09 -18.41
C TYR B 399 -42.11 -29.31 -17.82
N ARG B 400 -41.08 -29.10 -16.99
CA ARG B 400 -40.36 -30.21 -16.35
C ARG B 400 -41.28 -31.00 -15.43
N GLU B 401 -42.14 -30.27 -14.71
CA GLU B 401 -43.14 -30.86 -13.84
C GLU B 401 -44.08 -31.75 -14.65
N VAL B 402 -44.55 -31.22 -15.77
CA VAL B 402 -45.36 -31.97 -16.72
C VAL B 402 -44.63 -33.21 -17.29
N ALA B 403 -43.41 -33.01 -17.79
CA ALA B 403 -42.64 -34.13 -18.35
C ALA B 403 -42.39 -35.23 -17.33
N ALA B 404 -42.34 -34.86 -16.05
CA ALA B 404 -42.17 -35.81 -14.95
C ALA B 404 -43.36 -36.78 -14.83
N PHE B 405 -44.60 -36.25 -14.84
CA PHE B 405 -45.80 -37.11 -14.76
C PHE B 405 -46.09 -37.89 -16.05
N ALA B 406 -45.75 -37.31 -17.21
CA ALA B 406 -45.95 -37.94 -18.52
C ALA B 406 -45.43 -39.37 -18.59
N LEU B 412 -52.57 -39.20 -23.06
CA LEU B 412 -51.85 -38.28 -23.94
C LEU B 412 -52.65 -36.98 -24.16
N ASP B 413 -53.02 -36.31 -23.08
CA ASP B 413 -53.75 -35.03 -23.15
C ASP B 413 -53.16 -34.12 -24.24
N ALA B 414 -54.03 -33.52 -25.05
CA ALA B 414 -53.62 -32.75 -26.25
C ALA B 414 -52.81 -31.49 -25.91
N SER B 415 -53.33 -30.71 -24.96
CA SER B 415 -52.69 -29.50 -24.44
C SER B 415 -51.31 -29.81 -23.84
N THR B 416 -51.23 -30.87 -23.05
CA THR B 416 -49.99 -31.27 -22.39
C THR B 416 -49.02 -32.00 -23.34
N LYS B 417 -49.44 -32.18 -24.59
CA LYS B 417 -48.57 -32.73 -25.62
C LYS B 417 -47.83 -31.60 -26.32
N GLN B 418 -48.47 -30.44 -26.41
CA GLN B 418 -47.87 -29.22 -26.98
C GLN B 418 -46.84 -28.61 -26.02
N THR B 419 -47.21 -28.43 -24.75
CA THR B 419 -46.28 -27.92 -23.73
C THR B 419 -45.03 -28.79 -23.73
N LEU B 420 -45.23 -30.08 -23.97
CA LEU B 420 -44.16 -31.06 -24.06
C LEU B 420 -43.33 -30.84 -25.32
N VAL B 421 -43.97 -30.37 -26.39
CA VAL B 421 -43.30 -30.12 -27.67
C VAL B 421 -42.35 -28.93 -27.55
N ARG B 422 -42.86 -27.81 -27.03
CA ARG B 422 -42.06 -26.60 -26.81
C ARG B 422 -40.87 -26.86 -25.90
N GLY B 423 -41.16 -27.34 -24.69
CA GLY B 423 -40.14 -27.56 -23.67
C GLY B 423 -38.99 -28.41 -24.13
N GLU B 424 -39.27 -29.38 -24.99
CA GLU B 424 -38.23 -30.26 -25.50
C GLU B 424 -37.31 -29.51 -26.46
N ARG B 425 -37.91 -28.66 -27.29
CA ARG B 425 -37.17 -27.79 -28.19
C ARG B 425 -36.36 -26.74 -27.40
N LEU B 426 -37.03 -26.07 -26.47
CA LEU B 426 -36.41 -25.06 -25.61
C LEU B 426 -35.23 -25.64 -24.83
N THR B 427 -35.48 -26.73 -24.12
CA THR B 427 -34.40 -27.47 -23.48
C THR B 427 -33.23 -27.64 -24.44
N GLN B 428 -33.47 -28.26 -25.59
CA GLN B 428 -32.42 -28.49 -26.59
C GLN B 428 -31.72 -27.21 -27.04
N LEU B 429 -32.50 -26.14 -27.17
CA LEU B 429 -32.00 -24.85 -27.60
C LEU B 429 -31.01 -24.28 -26.57
N LEU B 430 -31.30 -24.50 -25.29
CA LEU B 430 -30.49 -23.97 -24.20
C LEU B 430 -29.25 -24.79 -23.87
N LYS B 431 -29.06 -25.93 -24.55
CA LYS B 431 -27.79 -26.65 -24.45
C LYS B 431 -26.72 -25.83 -25.14
N GLN B 432 -25.47 -25.98 -24.72
CA GLN B 432 -24.38 -25.18 -25.25
C GLN B 432 -23.07 -25.88 -24.96
N ASN B 433 -22.22 -25.97 -25.97
CA ASN B 433 -20.87 -26.50 -25.79
C ASN B 433 -20.06 -25.56 -24.91
N GLN B 434 -19.11 -26.13 -24.17
CA GLN B 434 -18.19 -25.36 -23.35
C GLN B 434 -17.37 -24.43 -24.23
N TYR B 435 -16.81 -23.37 -23.65
CA TYR B 435 -15.92 -22.44 -24.36
C TYR B 435 -16.55 -21.73 -25.55
N SER B 436 -17.88 -21.66 -25.61
CA SER B 436 -18.52 -21.05 -26.77
C SER B 436 -19.59 -20.04 -26.37
N PRO B 437 -19.21 -19.01 -25.60
CA PRO B 437 -20.20 -18.03 -25.21
C PRO B 437 -20.67 -17.24 -26.42
N LEU B 438 -21.93 -16.83 -26.40
CA LEU B 438 -22.53 -16.10 -27.50
C LEU B 438 -22.79 -14.67 -27.13
N ALA B 439 -22.68 -13.78 -28.11
CA ALA B 439 -23.07 -12.38 -27.97
C ALA B 439 -24.58 -12.31 -27.77
N THR B 440 -25.05 -11.21 -27.17
CA THR B 440 -26.47 -11.05 -26.85
C THR B 440 -27.31 -11.00 -28.12
N GLU B 441 -26.78 -10.34 -29.15
CA GLU B 441 -27.49 -10.23 -30.42
C GLU B 441 -27.60 -11.58 -31.14
N GLU B 442 -26.73 -12.53 -30.77
CA GLU B 442 -26.85 -13.91 -31.22
C GLU B 442 -27.89 -14.67 -30.40
N GLN B 443 -27.97 -14.38 -29.10
CA GLN B 443 -28.89 -15.10 -28.21
C GLN B 443 -30.36 -14.75 -28.46
N VAL B 444 -30.69 -13.47 -28.68
CA VAL B 444 -32.09 -13.09 -28.78
C VAL B 444 -32.84 -13.73 -29.97
N PRO B 445 -32.21 -13.79 -31.16
CA PRO B 445 -32.89 -14.43 -32.29
C PRO B 445 -33.17 -15.90 -32.01
N LEU B 446 -32.23 -16.57 -31.35
CA LEU B 446 -32.41 -17.97 -31.00
C LEU B 446 -33.59 -18.13 -30.06
N ILE B 447 -33.62 -17.33 -28.99
CA ILE B 447 -34.64 -17.46 -27.98
C ILE B 447 -36.01 -17.04 -28.50
N TYR B 448 -36.02 -16.00 -29.33
CA TYR B 448 -37.26 -15.55 -29.99
C TYR B 448 -37.92 -16.69 -30.76
N ALA B 449 -37.13 -17.40 -31.56
CA ALA B 449 -37.62 -18.53 -32.34
C ALA B 449 -38.33 -19.53 -31.42
N GLY B 450 -37.57 -20.13 -30.50
CA GLY B 450 -38.09 -21.13 -29.58
C GLY B 450 -39.35 -20.71 -28.84
N VAL B 451 -39.32 -19.53 -28.23
CA VAL B 451 -40.42 -19.09 -27.37
C VAL B 451 -41.70 -18.79 -28.18
N ASN B 452 -41.54 -18.51 -29.46
CA ASN B 452 -42.68 -18.19 -30.34
C ASN B 452 -43.04 -19.28 -31.36
N GLY B 453 -42.78 -20.54 -31.01
CA GLY B 453 -43.26 -21.68 -31.78
C GLY B 453 -42.51 -22.09 -33.04
N HIS B 454 -41.66 -21.20 -33.55
CA HIS B 454 -40.98 -21.43 -34.83
C HIS B 454 -40.01 -22.62 -34.85
N LEU B 455 -40.02 -23.42 -33.79
CA LEU B 455 -39.19 -24.61 -33.74
C LEU B 455 -40.04 -25.86 -33.51
N ASP B 456 -41.33 -25.63 -33.21
CA ASP B 456 -42.28 -26.72 -32.92
C ASP B 456 -42.32 -27.77 -34.02
N GLY B 457 -42.00 -27.36 -35.25
CA GLY B 457 -42.03 -28.23 -36.42
C GLY B 457 -40.75 -29.00 -36.71
N ILE B 458 -39.62 -28.44 -36.31
CA ILE B 458 -38.30 -29.04 -36.63
C ILE B 458 -37.98 -30.22 -35.71
N GLU B 459 -37.21 -31.17 -36.23
CA GLU B 459 -36.81 -32.36 -35.49
C GLU B 459 -35.86 -32.02 -34.34
N LEU B 460 -36.09 -32.66 -33.20
CA LEU B 460 -35.25 -32.49 -32.01
C LEU B 460 -33.74 -32.56 -32.32
N SER B 461 -33.35 -33.59 -33.06
CA SER B 461 -31.93 -33.82 -33.37
C SER B 461 -31.32 -32.77 -34.31
N ARG B 462 -32.15 -31.83 -34.76
CA ARG B 462 -31.69 -30.79 -35.69
C ARG B 462 -31.64 -29.37 -35.08
N ILE B 463 -31.93 -29.25 -33.79
CA ILE B 463 -31.93 -27.94 -33.11
C ILE B 463 -30.54 -27.27 -33.09
N GLY B 464 -29.49 -28.05 -32.88
CA GLY B 464 -28.12 -27.56 -32.93
C GLY B 464 -27.75 -27.11 -34.33
N GLU B 465 -28.08 -27.96 -35.30
CA GLU B 465 -27.88 -27.64 -36.72
C GLU B 465 -28.62 -26.34 -37.07
N PHE B 466 -29.84 -26.19 -36.55
CA PHE B 466 -30.61 -24.97 -36.72
C PHE B 466 -29.83 -23.73 -36.22
N GLU B 467 -29.35 -23.78 -34.98
CA GLU B 467 -28.67 -22.64 -34.36
C GLU B 467 -27.57 -22.04 -35.24
N SER B 468 -26.58 -22.87 -35.59
CA SER B 468 -25.43 -22.38 -36.37
C SER B 468 -25.79 -21.92 -37.78
N SER B 469 -26.79 -22.57 -38.40
CA SER B 469 -27.27 -22.17 -39.73
C SER B 469 -28.04 -20.84 -39.67
N PHE B 470 -28.93 -20.73 -38.68
CA PHE B 470 -29.72 -19.52 -38.47
C PHE B 470 -28.82 -18.30 -38.21
N LEU B 471 -27.78 -18.50 -37.41
CA LEU B 471 -26.82 -17.44 -37.11
C LEU B 471 -26.02 -17.02 -38.34
N SER B 472 -25.51 -18.01 -39.09
CA SER B 472 -24.84 -17.76 -40.37
C SER B 472 -25.73 -16.97 -41.32
N TYR B 473 -26.97 -17.41 -41.46
CA TYR B 473 -27.96 -16.73 -42.27
C TYR B 473 -28.09 -15.27 -41.84
N LEU B 474 -28.37 -15.05 -40.57
CA LEU B 474 -28.57 -13.69 -40.02
C LEU B 474 -27.33 -12.80 -40.16
N LYS B 475 -26.15 -13.38 -39.98
CA LYS B 475 -24.89 -12.63 -40.05
C LYS B 475 -24.58 -12.14 -41.47
N SER B 476 -25.07 -12.84 -42.48
CA SER B 476 -24.87 -12.43 -43.87
C SER B 476 -26.09 -11.72 -44.50
N ASN B 477 -27.29 -12.07 -44.07
CA ASN B 477 -28.52 -11.51 -44.66
C ASN B 477 -29.24 -10.42 -43.86
N HIS B 478 -29.09 -10.42 -42.54
CA HIS B 478 -29.77 -9.44 -41.69
C HIS B 478 -28.78 -8.81 -40.70
N ASN B 479 -27.58 -8.47 -41.19
CA ASN B 479 -26.50 -7.99 -40.32
C ASN B 479 -26.85 -6.69 -39.58
N GLU B 480 -27.70 -5.89 -40.20
CA GLU B 480 -28.16 -4.63 -39.63
C GLU B 480 -29.15 -4.87 -38.50
N LEU B 481 -29.80 -6.03 -38.55
CA LEU B 481 -30.71 -6.52 -37.51
C LEU B 481 -29.96 -6.76 -36.21
N LEU B 482 -28.92 -7.60 -36.31
CA LEU B 482 -28.06 -7.94 -35.21
C LEU B 482 -27.37 -6.69 -34.68
N THR B 483 -26.99 -5.81 -35.59
CA THR B 483 -26.33 -4.56 -35.22
C THR B 483 -27.21 -3.66 -34.35
N GLU B 484 -28.48 -3.49 -34.72
CA GLU B 484 -29.36 -2.66 -33.91
C GLU B 484 -29.58 -3.29 -32.52
N ILE B 485 -29.66 -4.62 -32.47
CA ILE B 485 -29.83 -5.34 -31.20
C ILE B 485 -28.61 -5.13 -30.29
N ARG B 486 -27.42 -5.22 -30.85
CA ARG B 486 -26.17 -4.98 -30.11
C ARG B 486 -26.06 -3.54 -29.63
N GLU B 487 -26.48 -2.60 -30.46
CA GLU B 487 -26.25 -1.19 -30.18
C GLU B 487 -27.32 -0.54 -29.33
N LYS B 488 -28.57 -0.95 -29.51
CA LYS B 488 -29.67 -0.37 -28.72
C LYS B 488 -30.05 -1.21 -27.50
N GLY B 489 -29.78 -2.52 -27.54
CA GLY B 489 -30.04 -3.41 -26.41
C GLY B 489 -31.52 -3.58 -26.11
N GLU B 490 -32.34 -3.21 -27.08
CA GLU B 490 -33.77 -3.10 -26.90
C GLU B 490 -34.41 -3.22 -28.28
N LEU B 491 -35.61 -3.81 -28.33
CA LEU B 491 -36.32 -4.02 -29.58
C LEU B 491 -37.59 -3.18 -29.66
N SER B 492 -37.64 -2.29 -30.65
CA SER B 492 -38.87 -1.57 -30.99
C SER B 492 -39.83 -2.50 -31.72
N LYS B 493 -41.10 -2.09 -31.82
CA LYS B 493 -42.11 -2.89 -32.53
C LYS B 493 -41.69 -3.16 -33.98
N GLU B 494 -41.09 -2.16 -34.62
CA GLU B 494 -40.51 -2.27 -35.95
C GLU B 494 -39.41 -3.33 -36.03
N LEU B 495 -38.53 -3.37 -35.02
CA LEU B 495 -37.39 -4.28 -35.02
C LEU B 495 -37.78 -5.70 -34.65
N LEU B 496 -38.77 -5.82 -33.77
CA LEU B 496 -39.36 -7.09 -33.40
C LEU B 496 -40.02 -7.74 -34.61
N ALA B 497 -40.87 -6.97 -35.30
CA ALA B 497 -41.55 -7.41 -36.52
C ALA B 497 -40.57 -7.86 -37.59
N SER B 498 -39.51 -7.07 -37.79
CA SER B 498 -38.47 -7.38 -38.75
C SER B 498 -37.76 -8.71 -38.42
N LEU B 499 -37.69 -9.01 -37.12
CA LEU B 499 -37.09 -10.26 -36.64
C LEU B 499 -38.00 -11.47 -36.88
N LYS B 500 -39.30 -11.30 -36.62
CA LYS B 500 -40.35 -12.25 -37.00
C LYS B 500 -40.22 -12.66 -38.47
N SER B 501 -40.19 -11.67 -39.37
CA SER B 501 -40.01 -11.88 -40.80
C SER B 501 -38.77 -12.71 -41.11
N ALA B 502 -37.65 -12.37 -40.46
CA ALA B 502 -36.37 -13.03 -40.69
C ALA B 502 -36.40 -14.49 -40.25
N THR B 503 -37.16 -14.77 -39.19
CA THR B 503 -37.25 -16.12 -38.65
C THR B 503 -38.12 -17.02 -39.54
N GLU B 504 -39.34 -16.58 -39.82
CA GLU B 504 -40.27 -17.32 -40.68
C GLU B 504 -39.59 -17.67 -42.01
N SER B 505 -38.91 -16.67 -42.57
CA SER B 505 -38.19 -16.80 -43.82
C SER B 505 -37.14 -17.88 -43.80
N PHE B 506 -36.45 -18.03 -42.68
CA PHE B 506 -35.43 -19.08 -42.55
C PHE B 506 -36.06 -20.44 -42.21
N VAL B 507 -37.12 -20.43 -41.40
CA VAL B 507 -37.85 -21.64 -41.02
C VAL B 507 -38.29 -22.42 -42.28
N ALA B 508 -38.99 -21.73 -43.18
CA ALA B 508 -39.43 -22.29 -44.46
C ALA B 508 -38.32 -23.08 -45.18
N THR B 509 -37.12 -22.50 -45.25
CA THR B 509 -35.95 -23.15 -45.87
C THR B 509 -34.97 -23.71 -44.83
N ASN C 26 -11.29 -10.99 58.19
CA ASN C 26 -11.44 -12.38 58.71
C ASN C 26 -11.97 -13.33 57.65
N LEU C 27 -11.11 -14.26 57.24
CA LEU C 27 -11.41 -15.10 56.08
C LEU C 27 -12.25 -16.34 56.34
N ASN C 28 -12.70 -16.50 57.58
CA ASN C 28 -13.51 -17.64 57.93
C ASN C 28 -14.97 -17.40 57.62
N GLU C 29 -15.41 -16.16 57.78
CA GLU C 29 -16.83 -15.82 57.73
C GLU C 29 -17.15 -14.96 56.53
N THR C 30 -16.10 -14.39 55.95
CA THR C 30 -16.23 -13.52 54.80
C THR C 30 -15.20 -13.96 53.77
N GLY C 31 -15.31 -13.41 52.57
CA GLY C 31 -14.37 -13.70 51.50
C GLY C 31 -14.23 -12.55 50.53
N ARG C 32 -13.33 -12.71 49.57
CA ARG C 32 -13.01 -11.68 48.57
C ARG C 32 -13.14 -12.23 47.16
N VAL C 33 -13.85 -11.53 46.29
CA VAL C 33 -14.02 -11.97 44.90
C VAL C 33 -12.68 -11.99 44.16
N LEU C 34 -12.30 -13.16 43.69
CA LEU C 34 -11.11 -13.31 42.85
C LEU C 34 -11.42 -12.96 41.41
N ALA C 35 -12.58 -13.40 40.92
CA ALA C 35 -13.00 -13.20 39.53
C ALA C 35 -14.48 -13.38 39.47
N VAL C 36 -15.09 -12.73 38.48
CA VAL C 36 -16.54 -12.84 38.31
C VAL C 36 -16.89 -12.63 36.85
N GLY C 37 -17.76 -13.50 36.34
CA GLY C 37 -18.29 -13.34 35.00
C GLY C 37 -19.32 -14.41 34.76
N ASP C 38 -20.29 -14.13 33.89
CA ASP C 38 -21.28 -15.12 33.47
C ASP C 38 -22.06 -15.67 34.66
N GLY C 39 -22.27 -14.86 35.68
CA GLY C 39 -23.09 -15.27 36.81
C GLY C 39 -22.35 -16.16 37.79
N ILE C 40 -21.04 -16.27 37.61
CA ILE C 40 -20.19 -17.06 38.50
C ILE C 40 -19.19 -16.15 39.18
N ALA C 41 -19.00 -16.35 40.49
CA ALA C 41 -17.95 -15.67 41.21
C ALA C 41 -17.03 -16.71 41.80
N ARG C 42 -15.73 -16.49 41.63
CA ARG C 42 -14.71 -17.29 42.31
C ARG C 42 -14.25 -16.47 43.53
N VAL C 43 -14.31 -17.07 44.72
CA VAL C 43 -14.08 -16.31 45.94
C VAL C 43 -12.98 -16.90 46.80
N PHE C 44 -12.06 -16.03 47.22
CA PHE C 44 -11.04 -16.39 48.19
C PHE C 44 -11.60 -16.26 49.60
N GLY C 45 -11.28 -17.22 50.45
CA GLY C 45 -11.73 -17.21 51.83
C GLY C 45 -13.01 -17.98 52.05
N LEU C 46 -13.93 -17.37 52.81
CA LEU C 46 -15.15 -18.05 53.27
C LEU C 46 -14.83 -19.46 53.83
N ASN C 47 -13.75 -19.56 54.62
CA ASN C 47 -13.23 -20.84 55.05
C ASN C 47 -14.23 -21.76 55.73
N ASN C 48 -15.16 -21.17 56.49
CA ASN C 48 -16.15 -21.96 57.23
C ASN C 48 -17.45 -22.17 56.49
N ILE C 49 -17.53 -21.76 55.23
CA ILE C 49 -18.79 -21.88 54.48
C ILE C 49 -19.26 -23.33 54.29
N GLN C 50 -20.57 -23.52 54.35
CA GLN C 50 -21.18 -24.80 54.08
C GLN C 50 -21.47 -24.92 52.58
N ALA C 51 -21.41 -26.13 52.07
CA ALA C 51 -21.88 -26.43 50.73
C ALA C 51 -23.36 -26.07 50.68
N GLU C 52 -23.75 -25.33 49.64
CA GLU C 52 -25.11 -24.90 49.37
C GLU C 52 -25.65 -23.80 50.27
N GLU C 53 -24.73 -23.09 50.92
CA GLU C 53 -25.04 -21.95 51.76
C GLU C 53 -25.25 -20.69 50.93
N LEU C 54 -26.25 -19.92 51.32
CA LEU C 54 -26.45 -18.57 50.82
C LEU C 54 -25.31 -17.63 51.25
N VAL C 55 -24.85 -16.78 50.33
CA VAL C 55 -23.90 -15.73 50.64
C VAL C 55 -24.47 -14.40 50.16
N GLU C 56 -23.98 -13.32 50.75
CA GLU C 56 -24.32 -11.96 50.34
C GLU C 56 -23.07 -11.22 49.84
N PHE C 57 -23.22 -10.57 48.69
CA PHE C 57 -22.17 -9.72 48.12
C PHE C 57 -22.41 -8.28 48.56
N SER C 58 -21.33 -7.56 48.83
CA SER C 58 -21.46 -6.20 49.35
C SER C 58 -22.35 -5.28 48.50
N SER C 59 -22.50 -5.53 47.20
CA SER C 59 -23.42 -4.73 46.37
C SER C 59 -24.91 -5.09 46.53
N GLY C 60 -25.19 -6.21 47.18
CA GLY C 60 -26.56 -6.56 47.47
C GLY C 60 -27.04 -7.85 46.85
N VAL C 61 -26.44 -8.26 45.74
CA VAL C 61 -26.81 -9.51 45.08
C VAL C 61 -26.45 -10.71 45.99
N LYS C 62 -27.23 -11.76 45.86
CA LYS C 62 -27.04 -12.95 46.66
C LYS C 62 -26.50 -14.08 45.80
N GLY C 63 -25.81 -15.02 46.43
CA GLY C 63 -25.40 -16.20 45.73
C GLY C 63 -25.45 -17.46 46.57
N MET C 64 -24.97 -18.55 45.96
CA MET C 64 -25.07 -19.88 46.54
C MET C 64 -23.73 -20.56 46.28
N ALA C 65 -23.10 -21.07 47.34
CA ALA C 65 -21.81 -21.75 47.22
C ALA C 65 -22.02 -23.18 46.77
N LEU C 66 -21.56 -23.49 45.57
CA LEU C 66 -21.68 -24.83 45.05
C LEU C 66 -20.36 -25.61 44.90
N ASN C 67 -19.25 -24.93 44.63
CA ASN C 67 -17.94 -25.59 44.57
C ASN C 67 -17.06 -25.15 45.75
N LEU C 68 -16.73 -26.09 46.63
CA LEU C 68 -15.80 -25.80 47.71
C LEU C 68 -14.50 -26.47 47.34
N GLU C 69 -13.50 -25.67 46.97
CA GLU C 69 -12.21 -26.20 46.51
C GLU C 69 -11.10 -25.71 47.44
N PRO C 70 -9.90 -26.32 47.35
CA PRO C 70 -8.85 -25.94 48.29
C PRO C 70 -8.61 -24.43 48.40
N GLY C 71 -8.40 -23.72 47.29
CA GLY C 71 -8.06 -22.30 47.43
C GLY C 71 -9.16 -21.27 47.23
N GLN C 72 -10.38 -21.74 46.94
CA GLN C 72 -11.44 -20.84 46.50
C GLN C 72 -12.83 -21.48 46.58
N VAL C 73 -13.87 -20.66 46.47
CA VAL C 73 -15.24 -21.15 46.46
C VAL C 73 -15.89 -20.68 45.16
N GLY C 74 -16.57 -21.59 44.48
CA GLY C 74 -17.37 -21.24 43.32
C GLY C 74 -18.79 -20.89 43.75
N ILE C 75 -19.21 -19.68 43.43
CA ILE C 75 -20.53 -19.22 43.82
C ILE C 75 -21.34 -18.86 42.58
N VAL C 76 -22.59 -19.32 42.55
CA VAL C 76 -23.48 -18.97 41.45
C VAL C 76 -24.33 -17.80 41.91
N LEU C 77 -24.51 -16.80 41.08
CA LEU C 77 -25.27 -15.62 41.47
C LEU C 77 -26.78 -15.76 41.27
N PHE C 78 -27.53 -15.28 42.25
CA PHE C 78 -28.97 -15.18 42.15
C PHE C 78 -29.42 -13.84 41.58
N GLY C 79 -28.61 -13.29 40.69
CA GLY C 79 -28.90 -12.00 40.06
C GLY C 79 -27.81 -11.63 39.06
N SER C 80 -27.77 -10.35 38.69
CA SER C 80 -26.81 -9.83 37.74
C SER C 80 -25.44 -9.68 38.38
N ASP C 81 -24.38 -9.86 37.60
CA ASP C 81 -23.02 -9.67 38.10
C ASP C 81 -22.41 -8.36 37.68
N ARG C 82 -23.23 -7.55 37.02
CA ARG C 82 -22.91 -6.17 36.67
C ARG C 82 -22.32 -5.40 37.86
N LEU C 83 -22.77 -5.72 39.07
CA LEU C 83 -22.33 -5.00 40.24
C LEU C 83 -21.28 -5.71 41.08
N VAL C 84 -21.03 -6.99 40.81
CA VAL C 84 -19.96 -7.68 41.53
C VAL C 84 -18.60 -7.35 40.89
N LYS C 85 -17.54 -7.24 41.70
CA LYS C 85 -16.23 -6.82 41.19
C LYS C 85 -15.10 -7.55 41.90
N GLU C 86 -13.96 -7.73 41.23
CA GLU C 86 -12.78 -8.26 41.92
C GLU C 86 -12.50 -7.48 43.19
N GLY C 87 -12.11 -8.20 44.27
CA GLY C 87 -11.79 -7.58 45.57
C GLY C 87 -12.97 -7.31 46.49
N GLU C 88 -14.18 -7.38 45.94
CA GLU C 88 -15.39 -7.10 46.69
C GLU C 88 -15.66 -8.15 47.79
N LEU C 89 -16.24 -7.71 48.91
CA LEU C 89 -16.46 -8.56 50.07
C LEU C 89 -17.68 -9.47 49.90
N VAL C 90 -17.52 -10.70 50.34
CA VAL C 90 -18.60 -11.67 50.31
C VAL C 90 -18.84 -12.15 51.75
N LYS C 91 -20.09 -12.19 52.20
CA LYS C 91 -20.40 -12.58 53.60
C LYS C 91 -21.21 -13.85 53.68
N ARG C 92 -20.75 -14.80 54.51
CA ARG C 92 -21.58 -15.96 54.87
C ARG C 92 -22.92 -15.48 55.43
N THR C 93 -23.97 -16.25 55.17
CA THR C 93 -25.22 -16.03 55.89
C THR C 93 -25.41 -17.07 56.99
N GLY C 94 -24.62 -18.15 56.98
CA GLY C 94 -24.82 -19.28 57.88
C GLY C 94 -25.91 -20.27 57.46
N ASN C 95 -26.72 -19.91 56.46
CA ASN C 95 -27.91 -20.70 56.11
C ASN C 95 -27.84 -21.44 54.77
N ILE C 96 -28.04 -22.75 54.80
CA ILE C 96 -28.31 -23.52 53.59
C ILE C 96 -29.51 -22.86 52.88
N VAL C 97 -29.44 -22.78 51.55
CA VAL C 97 -30.46 -22.09 50.78
C VAL C 97 -31.86 -22.54 51.17
N ASP C 98 -32.65 -21.57 51.61
CA ASP C 98 -34.00 -21.84 52.09
C ASP C 98 -35.02 -20.88 51.50
N VAL C 99 -36.29 -21.12 51.83
CA VAL C 99 -37.42 -20.33 51.37
C VAL C 99 -38.44 -20.25 52.49
N PRO C 100 -39.19 -19.14 52.59
CA PRO C 100 -40.35 -19.06 53.49
C PRO C 100 -41.46 -20.03 53.08
N VAL C 101 -42.16 -20.57 54.06
CA VAL C 101 -43.31 -21.44 53.81
C VAL C 101 -44.48 -21.06 54.70
N GLY C 102 -45.66 -21.59 54.38
CA GLY C 102 -46.82 -21.36 55.23
C GLY C 102 -48.06 -21.03 54.43
N PRO C 103 -49.24 -21.04 55.10
CA PRO C 103 -50.49 -20.71 54.43
C PRO C 103 -50.57 -19.22 54.05
N GLY C 104 -49.71 -18.38 54.65
CA GLY C 104 -49.68 -16.94 54.36
C GLY C 104 -49.14 -16.61 52.96
N LEU C 105 -48.57 -17.61 52.29
CA LEU C 105 -48.10 -17.46 50.92
C LEU C 105 -49.22 -17.57 49.92
N LEU C 106 -50.39 -18.03 50.37
CA LEU C 106 -51.53 -18.17 49.48
C LEU C 106 -51.94 -16.81 48.92
N GLY C 107 -52.22 -16.77 47.63
CA GLY C 107 -52.56 -15.53 46.94
C GLY C 107 -51.38 -14.64 46.60
N ARG C 108 -50.16 -15.15 46.79
CA ARG C 108 -48.93 -14.39 46.55
C ARG C 108 -48.20 -14.87 45.28
N VAL C 109 -47.40 -13.95 44.72
CA VAL C 109 -46.54 -14.29 43.58
C VAL C 109 -45.12 -14.00 44.03
N VAL C 110 -44.29 -15.05 44.06
CA VAL C 110 -42.89 -14.91 44.50
C VAL C 110 -41.84 -15.30 43.45
N ASP C 111 -40.60 -14.87 43.70
CA ASP C 111 -39.44 -15.36 42.93
C ASP C 111 -38.90 -16.67 43.55
N ALA C 112 -37.86 -17.24 42.96
CA ALA C 112 -37.34 -18.54 43.38
C ALA C 112 -36.91 -18.60 44.85
N LEU C 113 -36.66 -17.44 45.45
CA LEU C 113 -36.19 -17.39 46.85
C LEU C 113 -37.30 -16.96 47.85
N GLY C 114 -38.54 -16.84 47.34
CA GLY C 114 -39.65 -16.37 48.16
C GLY C 114 -39.86 -14.87 48.26
N ASN C 115 -38.98 -14.07 47.66
CA ASN C 115 -39.20 -12.61 47.62
C ASN C 115 -40.46 -12.28 46.84
N PRO C 116 -41.30 -11.39 47.38
CA PRO C 116 -42.55 -11.01 46.70
C PRO C 116 -42.27 -10.27 45.38
N ILE C 117 -43.02 -10.59 44.34
CA ILE C 117 -42.86 -9.86 43.09
C ILE C 117 -44.22 -9.35 42.60
N ASP C 118 -45.23 -9.44 43.45
CA ASP C 118 -46.57 -8.93 43.14
C ASP C 118 -46.76 -7.47 43.59
N GLY C 119 -45.81 -6.94 44.34
CA GLY C 119 -45.89 -5.58 44.86
C GLY C 119 -46.89 -5.42 46.00
N LYS C 120 -47.00 -6.44 46.86
CA LYS C 120 -47.99 -6.46 47.93
C LYS C 120 -47.34 -6.59 49.31
N GLY C 121 -46.08 -6.19 49.41
CA GLY C 121 -45.37 -6.13 50.68
C GLY C 121 -44.88 -7.48 51.15
N PRO C 122 -44.24 -7.52 52.35
CA PRO C 122 -43.57 -8.71 52.87
C PRO C 122 -44.44 -9.96 52.92
N ILE C 123 -43.78 -11.11 52.94
CA ILE C 123 -44.45 -12.39 52.91
C ILE C 123 -44.77 -12.79 54.34
N ASP C 124 -46.02 -13.21 54.56
CA ASP C 124 -46.42 -13.74 55.86
C ASP C 124 -45.99 -15.20 55.99
N ALA C 125 -44.85 -15.41 56.62
CA ALA C 125 -44.24 -16.73 56.70
C ALA C 125 -44.47 -17.42 58.05
N ALA C 126 -44.93 -18.66 58.00
CA ALA C 126 -45.03 -19.52 59.20
C ALA C 126 -43.66 -20.07 59.60
N GLY C 127 -42.75 -20.17 58.64
CA GLY C 127 -41.40 -20.70 58.90
C GLY C 127 -40.56 -20.71 57.64
N ARG C 128 -39.42 -21.37 57.70
CA ARG C 128 -38.52 -21.46 56.56
C ARG C 128 -38.05 -22.89 56.34
N SER C 129 -38.14 -23.38 55.10
CA SER C 129 -37.65 -24.71 54.75
C SER C 129 -36.51 -24.60 53.78
N ARG C 130 -35.58 -25.55 53.87
CA ARG C 130 -34.52 -25.68 52.89
C ARG C 130 -35.11 -25.92 51.53
N ALA C 131 -34.38 -25.52 50.49
CA ALA C 131 -34.80 -25.78 49.11
C ALA C 131 -34.76 -27.29 48.82
N GLN C 132 -33.71 -27.95 49.27
CA GLN C 132 -33.53 -29.38 49.07
C GLN C 132 -33.90 -30.10 50.37
N VAL C 133 -34.91 -30.96 50.27
CA VAL C 133 -35.42 -31.72 51.39
C VAL C 133 -35.62 -33.16 50.90
N LYS C 134 -35.12 -34.10 51.69
CA LYS C 134 -35.36 -35.54 51.47
C LYS C 134 -36.82 -35.84 51.23
N ALA C 135 -37.08 -36.68 50.24
CA ALA C 135 -38.41 -37.20 49.99
C ALA C 135 -38.84 -38.12 51.16
N PRO C 136 -40.15 -38.22 51.42
CA PRO C 136 -40.62 -39.17 52.43
C PRO C 136 -40.17 -40.58 52.07
N GLY C 137 -39.73 -41.33 53.07
CA GLY C 137 -39.23 -42.69 52.90
C GLY C 137 -40.30 -43.71 52.54
N ILE C 138 -39.89 -44.98 52.45
CA ILE C 138 -40.84 -46.09 52.20
C ILE C 138 -41.94 -46.08 53.26
N LEU C 139 -41.57 -45.94 54.52
CA LEU C 139 -42.52 -46.10 55.61
C LEU C 139 -43.61 -45.03 55.71
N PRO C 140 -43.24 -43.72 55.69
CA PRO C 140 -44.25 -42.67 55.92
C PRO C 140 -45.34 -42.50 54.85
N ARG C 141 -45.39 -43.41 53.88
CA ARG C 141 -46.36 -43.30 52.81
C ARG C 141 -47.51 -44.26 52.97
N ARG C 142 -48.57 -43.99 52.22
CA ARG C 142 -49.73 -44.85 52.10
C ARG C 142 -50.16 -44.78 50.64
N SER C 143 -50.68 -45.88 50.10
CA SER C 143 -51.15 -45.95 48.72
C SER C 143 -52.12 -44.85 48.35
N VAL C 144 -51.94 -44.30 47.15
CA VAL C 144 -52.74 -43.21 46.63
C VAL C 144 -54.17 -43.72 46.39
N HIS C 145 -55.15 -43.06 47.00
CA HIS C 145 -56.53 -43.53 46.93
C HIS C 145 -57.56 -42.43 46.74
N GLU C 146 -57.14 -41.17 46.86
CA GLU C 146 -58.07 -40.03 46.70
C GLU C 146 -57.93 -39.34 45.34
N PRO C 147 -59.07 -38.91 44.75
CA PRO C 147 -59.05 -38.16 43.49
C PRO C 147 -58.47 -36.74 43.59
N VAL C 148 -57.71 -36.38 42.56
CA VAL C 148 -57.50 -34.99 42.19
C VAL C 148 -58.41 -34.83 40.99
N GLN C 149 -59.53 -34.16 41.18
CA GLN C 149 -60.51 -34.06 40.10
C GLN C 149 -60.11 -32.89 39.23
N THR C 150 -59.71 -33.18 37.99
CA THR C 150 -59.25 -32.13 37.08
C THR C 150 -60.41 -31.31 36.54
N GLY C 151 -61.59 -31.94 36.42
CA GLY C 151 -62.74 -31.32 35.79
C GLY C 151 -62.73 -31.52 34.28
N LEU C 152 -61.74 -32.26 33.78
CA LEU C 152 -61.64 -32.55 32.36
C LEU C 152 -62.16 -33.94 32.09
N LYS C 153 -63.19 -34.00 31.25
CA LYS C 153 -63.83 -35.25 30.91
C LYS C 153 -62.81 -36.30 30.51
N ALA C 154 -61.94 -35.98 29.57
CA ALA C 154 -60.97 -36.96 29.03
C ALA C 154 -59.99 -37.43 30.09
N VAL C 155 -59.54 -36.51 30.94
CA VAL C 155 -58.55 -36.82 31.97
C VAL C 155 -59.17 -37.67 33.07
N ASP C 156 -60.18 -37.11 33.74
CA ASP C 156 -60.83 -37.76 34.87
C ASP C 156 -61.37 -39.17 34.55
N ALA C 157 -61.83 -39.36 33.33
CA ALA C 157 -62.40 -40.63 32.91
C ALA C 157 -61.35 -41.65 32.51
N LEU C 158 -60.33 -41.20 31.77
CA LEU C 158 -59.39 -42.12 31.14
C LEU C 158 -58.03 -42.18 31.83
N VAL C 159 -57.57 -41.04 32.35
CA VAL C 159 -56.31 -41.00 33.10
C VAL C 159 -56.51 -40.28 34.43
N PRO C 160 -57.19 -40.94 35.38
CA PRO C 160 -57.48 -40.28 36.65
C PRO C 160 -56.21 -40.12 37.48
N ILE C 161 -56.08 -38.97 38.12
CA ILE C 161 -54.91 -38.63 38.89
C ILE C 161 -55.28 -38.61 40.36
N GLY C 162 -54.41 -39.19 41.19
CA GLY C 162 -54.68 -39.23 42.63
C GLY C 162 -53.82 -38.34 43.48
N ARG C 163 -54.29 -38.06 44.69
CA ARG C 163 -53.54 -37.25 45.64
C ARG C 163 -52.27 -37.99 46.06
N GLY C 164 -51.11 -37.39 45.72
CA GLY C 164 -49.81 -37.95 46.04
C GLY C 164 -49.11 -38.46 44.79
N GLN C 165 -49.86 -38.52 43.69
CA GLN C 165 -49.31 -39.02 42.43
C GLN C 165 -48.47 -37.96 41.70
N ARG C 166 -47.51 -38.43 40.91
CA ARG C 166 -46.81 -37.58 39.96
C ARG C 166 -47.27 -37.98 38.58
N GLU C 167 -47.92 -37.06 37.86
CA GLU C 167 -48.39 -37.33 36.49
C GLU C 167 -47.78 -36.33 35.52
N LEU C 168 -47.02 -36.83 34.55
CA LEU C 168 -46.36 -36.00 33.54
C LEU C 168 -47.36 -35.46 32.53
N ILE C 169 -47.17 -34.20 32.14
CA ILE C 169 -47.82 -33.62 30.96
C ILE C 169 -46.72 -33.35 29.94
N ILE C 170 -46.86 -33.91 28.74
CA ILE C 170 -45.79 -33.88 27.77
C ILE C 170 -46.33 -33.70 26.35
N GLY C 171 -45.62 -32.88 25.56
CA GLY C 171 -45.98 -32.57 24.18
C GLY C 171 -45.26 -31.34 23.63
N ASP C 172 -45.24 -31.21 22.30
CA ASP C 172 -44.62 -30.06 21.63
C ASP C 172 -45.18 -28.73 22.17
N ARG C 173 -44.59 -27.61 21.76
CA ARG C 173 -45.07 -26.34 22.26
C ARG C 173 -46.47 -26.06 21.74
N GLN C 174 -47.29 -25.37 22.54
CA GLN C 174 -48.65 -24.98 22.15
C GLN C 174 -49.57 -26.18 21.84
N THR C 175 -49.46 -27.25 22.61
CA THR C 175 -50.34 -28.41 22.46
C THR C 175 -51.39 -28.52 23.57
N GLY C 176 -51.35 -27.60 24.54
CA GLY C 176 -52.35 -27.53 25.59
C GLY C 176 -51.85 -27.89 26.98
N LYS C 177 -50.53 -27.95 27.16
CA LYS C 177 -49.95 -28.45 28.40
C LYS C 177 -50.26 -27.57 29.59
N THR C 178 -49.97 -26.28 29.50
CA THR C 178 -50.34 -25.37 30.57
C THR C 178 -51.86 -25.37 30.79
N ALA C 179 -52.64 -25.40 29.71
CA ALA C 179 -54.11 -25.41 29.78
C ALA C 179 -54.65 -26.54 30.65
N VAL C 180 -54.22 -27.78 30.38
CA VAL C 180 -54.53 -28.93 31.23
C VAL C 180 -54.27 -28.65 32.72
N ALA C 181 -53.13 -28.09 33.07
CA ALA C 181 -52.80 -27.87 34.48
C ALA C 181 -53.60 -26.73 35.08
N LEU C 182 -53.88 -25.74 34.24
CA LEU C 182 -54.58 -24.53 34.68
C LEU C 182 -56.06 -24.80 34.98
N ASP C 183 -56.72 -25.58 34.11
CA ASP C 183 -58.08 -26.02 34.35
C ASP C 183 -58.18 -26.77 35.68
N THR C 184 -57.26 -27.72 35.90
CA THR C 184 -57.17 -28.46 37.14
C THR C 184 -57.12 -27.51 38.34
N ILE C 185 -56.36 -26.44 38.23
CA ILE C 185 -56.28 -25.47 39.32
C ILE C 185 -57.63 -24.77 39.47
N LEU C 186 -58.25 -24.43 38.34
CA LEU C 186 -59.53 -23.73 38.38
C LEU C 186 -60.63 -24.60 39.04
N ASN C 187 -60.61 -25.90 38.74
CA ASN C 187 -61.56 -26.87 39.26
C ASN C 187 -61.65 -26.93 40.80
N GLN C 188 -60.52 -26.80 41.48
CA GLN C 188 -60.47 -26.89 42.94
C GLN C 188 -61.32 -25.83 43.70
N LYS C 189 -61.93 -24.93 42.97
CA LYS C 189 -62.81 -23.89 43.53
C LYS C 189 -63.97 -24.48 44.36
N ARG C 190 -64.56 -25.55 43.83
CA ARG C 190 -65.67 -26.27 44.46
C ARG C 190 -65.38 -26.59 45.92
N TRP C 191 -64.27 -27.28 46.16
CA TRP C 191 -63.94 -27.73 47.51
C TRP C 191 -63.25 -26.68 48.34
N ASN C 192 -62.57 -25.74 47.68
CA ASN C 192 -61.81 -24.73 48.41
C ASN C 192 -62.69 -23.66 49.03
N ASN C 193 -63.85 -23.45 48.42
CA ASN C 193 -64.83 -22.50 48.95
C ASN C 193 -65.59 -23.05 50.16
N GLY C 194 -65.66 -24.39 50.23
CA GLY C 194 -66.24 -25.10 51.37
C GLY C 194 -65.43 -24.90 52.64
N SER C 195 -65.71 -25.72 53.65
CA SER C 195 -65.00 -25.64 54.94
C SER C 195 -64.31 -26.97 55.32
N ASP C 196 -64.68 -28.05 54.62
CA ASP C 196 -64.03 -29.34 54.85
C ASP C 196 -62.60 -29.34 54.33
N GLU C 197 -61.66 -29.30 55.27
CA GLU C 197 -60.22 -29.19 54.95
C GLU C 197 -59.63 -30.41 54.24
N SER C 198 -60.29 -31.56 54.36
CA SER C 198 -59.77 -32.81 53.82
C SER C 198 -60.01 -32.97 52.31
N LYS C 199 -60.90 -32.16 51.76
CA LYS C 199 -61.22 -32.24 50.32
C LYS C 199 -60.57 -31.08 49.54
N LYS C 200 -60.07 -30.09 50.28
CA LYS C 200 -59.35 -28.95 49.73
C LYS C 200 -58.01 -29.33 49.08
N LEU C 201 -57.69 -28.64 47.99
CA LEU C 201 -56.43 -28.84 47.25
C LEU C 201 -55.78 -27.49 46.95
N TYR C 202 -54.76 -27.13 47.73
CA TYR C 202 -54.03 -25.89 47.54
C TYR C 202 -53.03 -26.03 46.40
N CYS C 203 -52.90 -24.97 45.59
CA CYS C 203 -52.21 -25.05 44.31
C CYS C 203 -50.94 -24.23 44.24
N VAL C 204 -49.88 -24.90 43.83
CA VAL C 204 -48.58 -24.25 43.58
C VAL C 204 -48.22 -24.33 42.09
N TYR C 205 -48.13 -23.16 41.47
CA TYR C 205 -47.72 -23.07 40.05
C TYR C 205 -46.31 -22.51 39.94
N VAL C 206 -45.44 -23.31 39.34
CA VAL C 206 -44.01 -22.94 39.14
C VAL C 206 -43.76 -22.59 37.67
N ALA C 207 -43.38 -21.34 37.43
CA ALA C 207 -43.08 -20.88 36.07
C ALA C 207 -41.56 -20.87 35.95
N VAL C 208 -41.05 -21.77 35.12
CA VAL C 208 -39.61 -21.89 34.92
C VAL C 208 -39.23 -21.59 33.48
N GLY C 209 -38.59 -20.43 33.27
CA GLY C 209 -38.06 -20.05 31.96
C GLY C 209 -39.09 -19.53 30.98
N GLN C 210 -40.30 -19.31 31.47
CA GLN C 210 -41.37 -18.69 30.70
C GLN C 210 -41.16 -17.18 30.63
N LYS C 211 -41.83 -16.57 29.68
CA LYS C 211 -41.96 -15.12 29.62
C LYS C 211 -42.74 -14.60 30.81
N ARG C 212 -42.33 -13.45 31.33
CA ARG C 212 -43.08 -12.74 32.38
C ARG C 212 -44.54 -12.47 32.02
N SER C 213 -44.80 -12.16 30.75
CA SER C 213 -46.14 -11.80 30.31
C SER C 213 -47.02 -13.04 30.27
N THR C 214 -46.42 -14.19 30.02
CA THR C 214 -47.15 -15.45 30.07
C THR C 214 -47.60 -15.75 31.50
N VAL C 215 -46.77 -15.39 32.46
CA VAL C 215 -47.06 -15.65 33.85
C VAL C 215 -48.07 -14.63 34.35
N ALA C 216 -47.89 -13.36 33.95
CA ALA C 216 -48.84 -12.29 34.28
C ALA C 216 -50.25 -12.60 33.75
N GLN C 217 -50.33 -13.06 32.51
CA GLN C 217 -51.59 -13.47 31.91
C GLN C 217 -52.20 -14.60 32.73
N LEU C 218 -51.39 -15.57 33.13
CA LEU C 218 -51.88 -16.69 33.90
C LEU C 218 -52.42 -16.26 35.27
N VAL C 219 -51.76 -15.34 35.96
CA VAL C 219 -52.30 -14.92 37.25
C VAL C 219 -53.49 -13.98 37.13
N GLN C 220 -53.64 -13.36 35.96
CA GLN C 220 -54.83 -12.55 35.71
C GLN C 220 -56.03 -13.48 35.64
N THR C 221 -55.90 -14.57 34.89
CA THR C 221 -56.93 -15.59 34.79
C THR C 221 -57.32 -16.11 36.17
N LEU C 222 -56.34 -16.60 36.93
CA LEU C 222 -56.62 -17.10 38.27
C LEU C 222 -57.34 -16.07 39.14
N GLU C 223 -57.03 -14.79 38.95
CA GLU C 223 -57.72 -13.76 39.71
C GLU C 223 -59.18 -13.59 39.27
N GLN C 224 -59.40 -13.76 37.96
CA GLN C 224 -60.72 -13.57 37.38
C GLN C 224 -61.67 -14.72 37.69
N HIS C 225 -61.11 -15.89 37.97
CA HIS C 225 -61.89 -17.02 38.44
C HIS C 225 -61.78 -17.18 39.95
N ASP C 226 -61.33 -16.13 40.64
CA ASP C 226 -61.23 -16.11 42.11
C ASP C 226 -60.50 -17.37 42.61
N ALA C 227 -59.35 -17.66 41.99
CA ALA C 227 -58.60 -18.87 42.25
C ALA C 227 -57.26 -18.55 42.87
N MET C 228 -56.87 -17.28 42.79
CA MET C 228 -55.60 -16.81 43.34
C MET C 228 -55.52 -16.99 44.84
N LYS C 229 -56.68 -16.89 45.52
CA LYS C 229 -56.73 -16.99 46.99
C LYS C 229 -56.25 -18.34 47.55
N TYR C 230 -56.28 -19.37 46.72
CA TYR C 230 -55.78 -20.68 47.13
C TYR C 230 -54.61 -21.18 46.26
N SER C 231 -54.00 -20.25 45.52
CA SER C 231 -52.86 -20.54 44.68
C SER C 231 -51.60 -19.84 45.18
N ILE C 232 -50.44 -20.45 44.93
CA ILE C 232 -49.13 -19.79 45.12
C ILE C 232 -48.33 -19.92 43.81
N ILE C 233 -47.82 -18.80 43.31
CA ILE C 233 -47.09 -18.75 42.05
C ILE C 233 -45.64 -18.49 42.38
N VAL C 234 -44.78 -19.40 41.94
CA VAL C 234 -43.34 -19.23 42.07
C VAL C 234 -42.75 -19.03 40.66
N ALA C 235 -42.08 -17.91 40.47
CA ALA C 235 -41.66 -17.52 39.13
C ALA C 235 -40.15 -17.31 39.03
N ALA C 236 -39.54 -18.02 38.10
CA ALA C 236 -38.17 -17.77 37.66
C ALA C 236 -38.24 -17.67 36.14
N THR C 237 -38.45 -16.46 35.66
CA THR C 237 -38.74 -16.24 34.24
C THR C 237 -37.46 -16.22 33.36
N ALA C 238 -37.64 -16.09 32.05
CA ALA C 238 -36.58 -16.34 31.07
C ALA C 238 -35.35 -15.43 31.14
N SER C 239 -35.53 -14.22 31.68
CA SER C 239 -34.41 -13.30 31.82
C SER C 239 -33.62 -13.49 33.12
N GLU C 240 -34.13 -14.32 34.03
CA GLU C 240 -33.54 -14.44 35.35
C GLU C 240 -32.39 -15.42 35.37
N ALA C 241 -31.42 -15.15 36.24
CA ALA C 241 -30.23 -15.94 36.36
C ALA C 241 -30.53 -17.41 36.40
N ALA C 242 -29.66 -18.21 35.80
CA ALA C 242 -29.86 -19.64 35.69
C ALA C 242 -30.06 -20.36 37.03
N PRO C 243 -29.31 -19.95 38.09
CA PRO C 243 -29.54 -20.57 39.41
C PRO C 243 -30.96 -20.40 39.94
N LEU C 244 -31.58 -19.24 39.70
CA LEU C 244 -33.00 -19.04 40.08
C LEU C 244 -33.96 -20.00 39.36
N GLN C 245 -33.67 -20.28 38.08
CA GLN C 245 -34.52 -21.15 37.28
C GLN C 245 -34.30 -22.59 37.71
N TYR C 246 -33.06 -22.89 38.08
CA TYR C 246 -32.74 -24.19 38.63
C TYR C 246 -33.44 -24.42 39.97
N LEU C 247 -33.43 -23.40 40.82
CA LEU C 247 -33.89 -23.52 42.19
C LEU C 247 -35.43 -23.54 42.38
N ALA C 248 -36.14 -22.78 41.54
CA ALA C 248 -37.55 -22.56 41.70
C ALA C 248 -38.38 -23.80 41.97
N PRO C 249 -38.19 -24.88 41.16
CA PRO C 249 -39.01 -26.06 41.45
C PRO C 249 -38.73 -26.65 42.82
N PHE C 250 -37.54 -26.45 43.35
CA PHE C 250 -37.20 -27.00 44.66
C PHE C 250 -37.84 -26.20 45.79
N THR C 251 -37.72 -24.86 45.72
CA THR C 251 -38.30 -24.02 46.75
C THR C 251 -39.83 -24.12 46.69
N ALA C 252 -40.37 -24.27 45.48
CA ALA C 252 -41.80 -24.43 45.34
C ALA C 252 -42.24 -25.74 45.97
N ALA C 253 -41.47 -26.81 45.74
CA ALA C 253 -41.74 -28.06 46.43
C ALA C 253 -41.86 -27.85 47.95
N SER C 254 -40.87 -27.20 48.55
CA SER C 254 -40.89 -26.91 49.99
C SER C 254 -42.15 -26.15 50.41
N ILE C 255 -42.59 -25.23 49.56
CA ILE C 255 -43.79 -24.46 49.81
C ILE C 255 -44.99 -25.41 49.80
N GLY C 256 -45.06 -26.29 48.81
CA GLY C 256 -46.12 -27.27 48.70
C GLY C 256 -46.14 -28.30 49.81
N GLU C 257 -44.94 -28.61 50.34
CA GLU C 257 -44.78 -29.57 51.42
C GLU C 257 -45.27 -29.06 52.77
N TRP C 258 -45.34 -27.73 52.96
CA TRP C 258 -45.89 -27.21 54.21
C TRP C 258 -47.30 -27.74 54.34
N PHE C 259 -48.04 -27.75 53.24
CA PHE C 259 -49.38 -28.33 53.21
C PHE C 259 -49.34 -29.82 53.45
N ARG C 260 -48.48 -30.52 52.71
CA ARG C 260 -48.35 -31.97 52.85
C ARG C 260 -48.08 -32.41 54.30
N ASP C 261 -47.28 -31.63 55.03
CA ASP C 261 -46.77 -32.05 56.33
C ASP C 261 -47.75 -31.75 57.47
N ASN C 262 -48.67 -30.82 57.24
CA ASN C 262 -49.62 -30.40 58.26
C ASN C 262 -51.03 -30.87 57.92
N GLY C 263 -51.11 -32.11 57.49
CA GLY C 263 -52.39 -32.76 57.23
C GLY C 263 -53.24 -32.16 56.14
N LYS C 264 -52.67 -31.30 55.29
CA LYS C 264 -53.40 -30.74 54.16
C LYS C 264 -52.88 -31.29 52.83
N HIS C 265 -53.50 -30.87 51.73
CA HIS C 265 -53.23 -31.42 50.39
C HIS C 265 -52.92 -30.35 49.35
N ALA C 266 -51.82 -30.54 48.62
CA ALA C 266 -51.33 -29.54 47.66
C ALA C 266 -51.06 -30.14 46.31
N LEU C 267 -51.31 -29.35 45.29
CA LEU C 267 -50.99 -29.70 43.92
C LEU C 267 -49.90 -28.74 43.42
N ILE C 268 -48.80 -29.31 42.89
CA ILE C 268 -47.71 -28.52 42.32
C ILE C 268 -47.55 -28.78 40.83
N VAL C 269 -47.57 -27.69 40.06
CA VAL C 269 -47.27 -27.75 38.60
C VAL C 269 -45.86 -27.22 38.31
N TYR C 270 -45.04 -28.02 37.64
CA TYR C 270 -43.68 -27.62 37.27
C TYR C 270 -43.63 -27.30 35.80
N ASP C 271 -43.67 -26.02 35.47
CA ASP C 271 -43.92 -25.64 34.10
C ASP C 271 -42.78 -24.74 33.57
N ASP C 272 -41.72 -25.33 33.00
CA ASP C 272 -41.56 -26.76 32.78
C ASP C 272 -40.18 -27.26 33.18
N LEU C 273 -40.00 -28.57 33.20
CA LEU C 273 -38.74 -29.13 33.65
C LEU C 273 -37.69 -29.17 32.53
N SER C 274 -38.14 -29.02 31.28
CA SER C 274 -37.21 -28.93 30.17
C SER C 274 -36.28 -27.74 30.40
N LYS C 275 -36.86 -26.60 30.74
CA LYS C 275 -36.12 -25.35 30.92
C LYS C 275 -35.33 -25.35 32.20
N GLN C 276 -35.79 -26.08 33.21
CA GLN C 276 -35.02 -26.22 34.43
C GLN C 276 -33.73 -26.98 34.15
N ALA C 277 -33.83 -28.03 33.33
CA ALA C 277 -32.65 -28.83 33.00
C ALA C 277 -31.64 -27.99 32.25
N VAL C 278 -32.12 -27.16 31.34
CA VAL C 278 -31.27 -26.23 30.60
C VAL C 278 -30.56 -25.24 31.54
N ALA C 279 -31.27 -24.73 32.54
CA ALA C 279 -30.67 -23.81 33.49
C ALA C 279 -29.61 -24.51 34.33
N TYR C 280 -29.93 -25.74 34.75
CA TYR C 280 -28.97 -26.53 35.50
C TYR C 280 -27.70 -26.74 34.68
N ARG C 281 -27.87 -27.07 33.40
CA ARG C 281 -26.73 -27.22 32.49
C ARG C 281 -25.90 -25.96 32.46
N GLN C 282 -26.55 -24.80 32.27
CA GLN C 282 -25.84 -23.52 32.17
C GLN C 282 -24.95 -23.31 33.39
N LEU C 283 -25.50 -23.37 34.60
CA LEU C 283 -24.71 -23.02 35.74
C LEU C 283 -23.60 -24.03 35.98
N SER C 284 -23.87 -25.28 35.61
CA SER C 284 -22.91 -26.37 35.83
C SER C 284 -21.71 -26.26 34.87
N LEU C 285 -21.98 -25.93 33.62
CA LEU C 285 -20.90 -25.65 32.67
C LEU C 285 -20.04 -24.47 33.15
N LEU C 286 -20.69 -23.41 33.63
CA LEU C 286 -19.99 -22.22 34.03
C LEU C 286 -19.24 -22.40 35.36
N LEU C 287 -19.65 -23.36 36.16
CA LEU C 287 -18.89 -23.69 37.34
C LEU C 287 -17.68 -24.53 36.91
N ARG C 288 -17.61 -24.79 35.61
CA ARG C 288 -16.58 -25.64 34.98
C ARG C 288 -16.63 -27.10 35.45
N ARG C 289 -17.83 -27.61 35.67
CA ARG C 289 -18.02 -29.03 35.94
C ARG C 289 -18.11 -29.79 34.62
N PRO C 290 -17.26 -30.82 34.44
CA PRO C 290 -17.23 -31.47 33.12
C PRO C 290 -18.60 -32.07 32.83
N PRO C 291 -19.16 -31.78 31.64
CA PRO C 291 -20.52 -32.17 31.34
C PRO C 291 -20.59 -33.64 30.92
N GLY C 292 -21.81 -34.15 30.83
CA GLY C 292 -22.06 -35.48 30.31
C GLY C 292 -22.83 -35.38 29.01
N ARG C 293 -23.77 -36.31 28.83
CA ARG C 293 -24.54 -36.39 27.59
C ARG C 293 -25.13 -35.03 27.24
N GLU C 294 -24.95 -34.62 25.99
CA GLU C 294 -25.49 -33.38 25.43
C GLU C 294 -25.14 -32.14 26.26
N ALA C 295 -23.98 -32.22 26.91
CA ALA C 295 -23.44 -31.15 27.74
C ALA C 295 -24.25 -30.89 29.02
N TYR C 296 -25.30 -31.67 29.26
CA TYR C 296 -26.04 -31.61 30.51
C TYR C 296 -25.14 -32.21 31.60
N PRO C 297 -25.38 -31.84 32.87
CA PRO C 297 -24.51 -32.34 33.92
C PRO C 297 -24.67 -33.86 34.05
N GLY C 298 -23.65 -34.53 34.59
CA GLY C 298 -23.71 -35.94 34.88
C GLY C 298 -24.98 -36.39 35.60
N ASP C 299 -25.47 -35.59 36.54
CA ASP C 299 -26.60 -36.01 37.38
C ASP C 299 -27.92 -35.31 37.00
N VAL C 300 -28.16 -35.14 35.71
CA VAL C 300 -29.35 -34.43 35.28
C VAL C 300 -30.62 -35.20 35.59
N PHE C 301 -30.53 -36.53 35.62
CA PHE C 301 -31.66 -37.36 35.99
C PHE C 301 -32.02 -37.12 37.44
N TYR C 302 -30.99 -37.13 38.29
CA TYR C 302 -31.14 -36.87 39.72
C TYR C 302 -31.84 -35.53 39.98
N LEU C 303 -31.50 -34.52 39.18
CA LEU C 303 -32.12 -33.20 39.29
C LEU C 303 -33.61 -33.37 39.33
N HIS C 304 -34.14 -34.17 38.42
CA HIS C 304 -35.58 -34.40 38.34
C HIS C 304 -36.12 -35.50 39.27
N SER C 305 -35.34 -36.55 39.48
CA SER C 305 -35.84 -37.66 40.29
C SER C 305 -35.96 -37.22 41.75
N ARG C 306 -35.00 -36.45 42.25
CA ARG C 306 -35.09 -36.01 43.64
C ARG C 306 -36.20 -35.01 43.85
N LEU C 307 -36.55 -34.30 42.80
CA LEU C 307 -37.61 -33.31 42.90
C LEU C 307 -38.94 -34.03 42.99
N LEU C 308 -39.19 -34.94 42.06
CA LEU C 308 -40.51 -35.53 41.91
C LEU C 308 -40.84 -36.56 42.98
N GLU C 309 -39.81 -37.16 43.58
CA GLU C 309 -39.99 -38.09 44.66
C GLU C 309 -40.56 -37.41 45.90
N ARG C 310 -40.49 -36.07 45.92
CA ARG C 310 -41.04 -35.31 47.03
C ARG C 310 -42.57 -35.19 46.99
N ALA C 311 -43.16 -35.51 45.85
CA ALA C 311 -44.60 -35.71 45.81
C ALA C 311 -44.93 -37.08 46.43
N ALA C 312 -45.90 -37.10 47.32
CA ALA C 312 -46.21 -38.31 48.09
C ALA C 312 -47.56 -38.24 48.79
N LYS C 313 -48.19 -39.40 48.95
CA LYS C 313 -49.32 -39.54 49.87
C LYS C 313 -48.75 -40.05 51.18
N LEU C 314 -48.90 -39.25 52.23
CA LEU C 314 -48.39 -39.62 53.55
C LEU C 314 -49.32 -40.58 54.30
N SER C 315 -48.76 -41.33 55.24
CA SER C 315 -49.50 -42.29 56.07
C SER C 315 -50.40 -41.61 57.09
N GLU C 316 -51.27 -42.40 57.70
CA GLU C 316 -52.16 -41.93 58.75
C GLU C 316 -51.33 -41.41 59.93
N LYS C 317 -50.27 -42.14 60.26
CA LYS C 317 -49.39 -41.74 61.36
C LYS C 317 -48.81 -40.34 61.15
N GLU C 318 -48.52 -40.00 59.89
CA GLU C 318 -47.85 -38.73 59.55
C GLU C 318 -48.80 -37.61 59.15
N GLY C 319 -50.10 -37.79 59.39
CA GLY C 319 -51.09 -36.72 59.22
C GLY C 319 -51.99 -36.84 58.00
N SER C 320 -51.71 -37.83 57.16
CA SER C 320 -52.51 -38.11 55.94
C SER C 320 -52.40 -37.09 54.76
N GLY C 321 -51.52 -36.11 54.90
CA GLY C 321 -51.29 -35.08 53.88
C GLY C 321 -50.69 -35.62 52.58
N SER C 322 -50.72 -34.78 51.55
CA SER C 322 -50.25 -35.20 50.24
C SER C 322 -49.78 -34.01 49.43
N LEU C 323 -48.83 -34.28 48.53
CA LEU C 323 -48.43 -33.37 47.45
C LEU C 323 -48.50 -34.14 46.13
N THR C 324 -49.27 -33.60 45.21
CA THR C 324 -49.43 -34.15 43.87
C THR C 324 -48.71 -33.26 42.86
N ALA C 325 -47.96 -33.88 41.95
CA ALA C 325 -47.12 -33.12 41.03
C ALA C 325 -47.54 -33.33 39.61
N LEU C 326 -47.71 -32.20 38.90
CA LEU C 326 -47.87 -32.22 37.46
C LEU C 326 -46.65 -31.57 36.79
N PRO C 327 -45.55 -32.34 36.63
CA PRO C 327 -44.43 -31.79 35.88
C PRO C 327 -44.80 -31.66 34.42
N VAL C 328 -44.23 -30.67 33.76
CA VAL C 328 -44.44 -30.43 32.35
C VAL C 328 -43.12 -30.64 31.63
N ILE C 329 -43.16 -31.41 30.54
CA ILE C 329 -42.02 -31.58 29.66
C ILE C 329 -42.41 -31.18 28.25
N GLU C 330 -41.56 -30.37 27.61
CA GLU C 330 -41.79 -29.89 26.25
C GLU C 330 -40.91 -30.63 25.27
N THR C 331 -41.55 -31.39 24.39
CA THR C 331 -40.84 -32.15 23.37
C THR C 331 -40.65 -31.28 22.16
N GLN C 332 -39.90 -31.79 21.18
CA GLN C 332 -39.75 -31.11 19.91
C GLN C 332 -40.07 -32.04 18.77
N GLY C 333 -41.04 -31.66 17.95
CA GLY C 333 -41.47 -32.47 16.81
C GLY C 333 -41.88 -33.85 17.26
N GLY C 334 -42.63 -33.90 18.37
CA GLY C 334 -43.10 -35.16 18.97
C GLY C 334 -42.03 -36.16 19.43
N ASP C 335 -40.78 -35.71 19.63
CA ASP C 335 -39.71 -36.66 19.98
C ASP C 335 -39.66 -36.96 21.47
N VAL C 336 -40.37 -38.00 21.89
CA VAL C 336 -40.38 -38.37 23.30
C VAL C 336 -39.16 -39.20 23.70
N SER C 337 -38.40 -39.61 22.70
CA SER C 337 -37.20 -40.40 22.93
C SER C 337 -35.95 -39.57 23.26
N ALA C 338 -36.08 -38.25 23.26
CA ALA C 338 -34.99 -37.36 23.60
C ALA C 338 -34.59 -37.55 25.05
N TYR C 339 -33.35 -37.18 25.36
CA TYR C 339 -32.71 -37.40 26.64
C TYR C 339 -33.58 -37.03 27.85
N ILE C 340 -33.96 -35.77 27.98
CA ILE C 340 -34.65 -35.29 29.17
C ILE C 340 -36.11 -35.80 29.25
N PRO C 341 -36.87 -35.74 28.12
CA PRO C 341 -38.20 -36.35 28.14
C PRO C 341 -38.19 -37.79 28.62
N THR C 342 -37.25 -38.59 28.13
CA THR C 342 -37.14 -39.97 28.53
C THR C 342 -36.78 -40.14 30.01
N ASN C 343 -35.93 -39.25 30.52
CA ASN C 343 -35.62 -39.21 31.96
C ASN C 343 -36.87 -39.02 32.81
N VAL C 344 -37.71 -38.05 32.46
CA VAL C 344 -38.85 -37.71 33.30
C VAL C 344 -39.98 -38.74 33.16
N ILE C 345 -40.26 -39.20 31.94
CA ILE C 345 -41.18 -40.29 31.69
C ILE C 345 -40.89 -41.48 32.63
N SER C 346 -39.63 -41.87 32.78
CA SER C 346 -39.26 -42.97 33.67
C SER C 346 -39.32 -42.61 35.16
N ILE C 347 -39.79 -41.41 35.49
CA ILE C 347 -39.83 -41.00 36.91
C ILE C 347 -41.26 -41.00 37.42
N THR C 348 -42.16 -40.46 36.61
CA THR C 348 -43.52 -40.22 37.02
C THR C 348 -44.38 -41.48 36.99
N ASP C 349 -45.59 -41.36 37.50
CA ASP C 349 -46.52 -42.47 37.62
C ASP C 349 -47.44 -42.49 36.40
N GLY C 350 -46.85 -42.31 35.24
CA GLY C 350 -47.61 -42.22 33.99
C GLY C 350 -47.55 -40.82 33.39
N GLN C 351 -48.14 -40.67 32.21
CA GLN C 351 -48.03 -39.43 31.43
C GLN C 351 -49.31 -39.15 30.69
N ILE C 352 -49.68 -37.87 30.63
CA ILE C 352 -50.67 -37.37 29.69
C ILE C 352 -49.94 -36.76 28.50
N PHE C 353 -50.23 -37.35 27.36
CA PHE C 353 -49.47 -37.17 26.16
C PHE C 353 -50.27 -36.32 25.18
N LEU C 354 -49.92 -35.05 25.06
CA LEU C 354 -50.61 -34.14 24.13
C LEU C 354 -49.95 -34.16 22.76
N GLU C 355 -50.78 -34.33 21.71
CA GLU C 355 -50.29 -34.47 20.34
C GLU C 355 -50.78 -33.34 19.48
N ALA C 356 -49.86 -32.78 18.69
CA ALA C 356 -50.17 -31.68 17.78
C ALA C 356 -51.20 -32.07 16.72
N GLU C 357 -51.06 -33.27 16.17
CA GLU C 357 -51.98 -33.75 15.14
C GLU C 357 -53.45 -33.63 15.61
N LEU C 358 -53.69 -33.99 16.86
CA LEU C 358 -55.02 -33.88 17.46
C LEU C 358 -55.42 -32.43 17.76
N PHE C 359 -54.50 -31.66 18.34
CA PHE C 359 -54.73 -30.25 18.69
C PHE C 359 -55.05 -29.37 17.48
N TYR C 360 -54.54 -29.75 16.31
CA TYR C 360 -54.79 -29.00 15.07
C TYR C 360 -56.20 -29.26 14.51
N LYS C 361 -56.63 -30.52 14.53
CA LYS C 361 -58.03 -30.86 14.23
C LYS C 361 -58.94 -30.07 15.17
N GLY C 362 -58.39 -29.71 16.34
CA GLY C 362 -59.14 -28.99 17.37
C GLY C 362 -59.85 -29.91 18.34
N ILE C 363 -59.53 -31.21 18.31
CA ILE C 363 -59.94 -32.11 19.40
C ILE C 363 -59.10 -31.72 20.63
N ARG C 364 -59.73 -30.99 21.54
CA ARG C 364 -59.01 -30.44 22.68
C ARG C 364 -59.79 -30.74 23.95
N PRO C 365 -59.08 -31.23 25.00
CA PRO C 365 -57.62 -31.42 25.05
C PRO C 365 -57.13 -32.47 24.07
N ALA C 366 -55.90 -32.30 23.61
CA ALA C 366 -55.35 -33.16 22.57
C ALA C 366 -54.66 -34.38 23.18
N ILE C 367 -55.40 -35.12 23.98
CA ILE C 367 -54.87 -36.28 24.66
C ILE C 367 -54.87 -37.50 23.76
N ASN C 368 -53.70 -38.07 23.55
CA ASN C 368 -53.59 -39.36 22.91
C ASN C 368 -53.97 -40.43 23.94
N VAL C 369 -55.17 -40.98 23.79
CA VAL C 369 -55.71 -41.93 24.76
C VAL C 369 -54.85 -43.20 24.90
N GLY C 370 -54.51 -43.82 23.77
CA GLY C 370 -53.70 -45.02 23.76
C GLY C 370 -52.31 -44.91 24.39
N LEU C 371 -51.80 -43.69 24.48
CA LEU C 371 -50.44 -43.50 24.98
C LEU C 371 -50.40 -42.83 26.35
N SER C 372 -51.49 -42.16 26.71
CA SER C 372 -51.59 -41.57 28.04
C SER C 372 -51.97 -42.63 29.07
N VAL C 373 -51.20 -42.74 30.14
CA VAL C 373 -51.47 -43.72 31.16
C VAL C 373 -51.42 -43.08 32.55
N SER C 374 -52.19 -43.65 33.46
CA SER C 374 -52.06 -43.35 34.87
C SER C 374 -51.74 -44.67 35.57
N ARG C 375 -50.50 -44.81 36.00
CA ARG C 375 -50.02 -46.06 36.61
C ARG C 375 -50.68 -46.36 37.96
N VAL C 376 -51.40 -45.38 38.49
CA VAL C 376 -52.18 -45.55 39.71
C VAL C 376 -53.52 -46.23 39.40
N GLY C 377 -54.18 -45.77 38.34
CA GLY C 377 -55.40 -46.41 37.85
C GLY C 377 -56.69 -45.99 38.53
N SER C 378 -57.68 -46.88 38.46
CA SER C 378 -59.01 -46.65 39.02
C SER C 378 -58.99 -46.36 40.53
N ALA C 379 -57.92 -46.79 41.20
CA ALA C 379 -57.73 -46.56 42.63
C ALA C 379 -57.87 -45.07 42.99
N ALA C 380 -57.54 -44.20 42.04
CA ALA C 380 -57.59 -42.75 42.22
C ALA C 380 -58.86 -42.11 41.67
N GLN C 381 -59.70 -42.91 41.04
CA GLN C 381 -60.89 -42.42 40.35
C GLN C 381 -62.10 -42.40 41.29
N VAL C 382 -62.94 -41.38 41.17
CA VAL C 382 -64.23 -41.38 41.86
C VAL C 382 -65.02 -42.60 41.38
N LYS C 383 -65.48 -43.41 42.34
CA LYS C 383 -66.15 -44.69 42.05
C LYS C 383 -67.31 -44.56 41.07
N ALA C 384 -68.10 -43.51 41.21
CA ALA C 384 -69.24 -43.26 40.34
C ALA C 384 -68.81 -43.11 38.88
N LEU C 385 -67.64 -42.49 38.68
CA LEU C 385 -67.10 -42.29 37.34
C LEU C 385 -66.52 -43.59 36.80
N LYS C 386 -65.87 -44.37 37.67
CA LYS C 386 -65.34 -45.68 37.29
C LYS C 386 -66.45 -46.61 36.76
N GLN C 387 -67.63 -46.52 37.38
CA GLN C 387 -68.81 -47.31 37.00
C GLN C 387 -69.25 -46.98 35.57
N VAL C 388 -69.64 -45.73 35.34
CA VAL C 388 -70.18 -45.29 34.05
C VAL C 388 -69.20 -45.37 32.87
N ALA C 389 -67.91 -45.35 33.16
CA ALA C 389 -66.87 -45.42 32.12
C ALA C 389 -66.15 -46.76 32.18
N GLY C 390 -66.91 -47.84 32.29
CA GLY C 390 -66.37 -49.19 32.41
C GLY C 390 -65.30 -49.51 31.37
N SER C 391 -65.71 -49.55 30.11
CA SER C 391 -64.82 -49.93 29.01
C SER C 391 -64.22 -48.74 28.27
N LEU C 392 -64.71 -47.54 28.57
CA LEU C 392 -64.42 -46.34 27.77
C LEU C 392 -63.03 -46.26 27.12
N LYS C 393 -61.98 -46.64 27.86
CA LYS C 393 -60.61 -46.54 27.33
C LYS C 393 -60.29 -47.60 26.27
N LEU C 394 -60.66 -48.85 26.53
CA LEU C 394 -60.54 -49.91 25.52
C LEU C 394 -61.66 -49.84 24.48
N PHE C 395 -62.68 -49.05 24.78
CA PHE C 395 -63.78 -48.78 23.84
C PHE C 395 -63.33 -47.76 22.78
N LEU C 396 -62.32 -46.97 23.13
CA LEU C 396 -61.64 -46.07 22.19
C LEU C 396 -60.37 -46.73 21.65
N ALA C 397 -60.26 -48.04 21.90
CA ALA C 397 -59.30 -48.90 21.24
C ALA C 397 -60.07 -49.85 20.34
N GLN C 398 -61.36 -50.05 20.66
CA GLN C 398 -62.31 -50.73 19.79
C GLN C 398 -62.77 -49.81 18.66
N TYR C 399 -62.86 -48.51 18.95
CA TYR C 399 -63.22 -47.51 17.95
C TYR C 399 -62.03 -47.12 17.07
N ARG C 400 -60.85 -46.97 17.68
CA ARG C 400 -59.64 -46.63 16.92
C ARG C 400 -59.30 -47.75 15.93
N GLU C 401 -59.64 -48.98 16.30
CA GLU C 401 -59.53 -50.14 15.45
C GLU C 401 -60.35 -49.97 14.16
N VAL C 402 -61.62 -49.61 14.32
CA VAL C 402 -62.56 -49.47 13.20
C VAL C 402 -62.36 -48.15 12.42
N ALA C 403 -61.50 -47.27 12.94
CA ALA C 403 -61.16 -46.03 12.25
C ALA C 403 -60.33 -46.32 11.00
N ALA C 404 -59.56 -47.40 11.05
CA ALA C 404 -58.77 -47.87 9.91
C ALA C 404 -59.64 -48.57 8.84
N PHE C 405 -60.80 -49.07 9.25
CA PHE C 405 -61.74 -49.77 8.36
C PHE C 405 -62.42 -48.86 7.33
N ALA C 406 -62.54 -47.57 7.66
CA ALA C 406 -63.26 -46.60 6.82
C ALA C 406 -62.50 -46.19 5.55
N GLN C 407 -61.19 -45.94 5.69
CA GLN C 407 -60.33 -45.64 4.53
C GLN C 407 -59.86 -46.89 3.80
N PHE C 408 -60.05 -48.05 4.45
CA PHE C 408 -59.98 -49.35 3.80
C PHE C 408 -61.03 -49.42 2.68
N GLY C 409 -62.09 -48.62 2.84
CA GLY C 409 -63.10 -48.43 1.80
C GLY C 409 -64.32 -49.31 1.93
N SER C 410 -64.22 -50.34 2.77
CA SER C 410 -65.27 -51.34 2.93
C SER C 410 -66.46 -50.85 3.75
N ASP C 411 -67.64 -51.33 3.38
CA ASP C 411 -68.93 -50.90 3.97
C ASP C 411 -69.66 -52.08 4.60
N LEU C 412 -69.01 -52.73 5.55
CA LEU C 412 -69.54 -53.96 6.13
C LEU C 412 -69.50 -53.89 7.65
N ASP C 413 -69.81 -55.03 8.29
CA ASP C 413 -69.90 -55.13 9.74
C ASP C 413 -70.85 -54.05 10.25
N ALA C 414 -72.16 -54.29 10.06
CA ALA C 414 -73.20 -53.39 10.55
C ALA C 414 -73.23 -53.39 12.07
N SER C 415 -72.85 -54.53 12.65
CA SER C 415 -72.55 -54.65 14.07
C SER C 415 -71.38 -53.72 14.42
N THR C 416 -70.39 -53.68 13.53
CA THR C 416 -69.28 -52.72 13.62
C THR C 416 -69.79 -51.28 13.52
N LYS C 417 -70.71 -51.02 12.58
CA LYS C 417 -71.36 -49.71 12.45
C LYS C 417 -71.85 -49.15 13.78
N GLN C 418 -72.35 -50.02 14.65
CA GLN C 418 -72.82 -49.63 15.99
C GLN C 418 -71.69 -49.02 16.83
N THR C 419 -70.58 -49.73 16.93
CA THR C 419 -69.38 -49.23 17.62
C THR C 419 -68.67 -48.12 16.80
N LEU C 420 -68.75 -48.23 15.48
CA LEU C 420 -68.13 -47.28 14.54
C LEU C 420 -68.69 -45.86 14.70
N VAL C 421 -69.99 -45.78 14.94
CA VAL C 421 -70.69 -44.50 15.13
C VAL C 421 -70.48 -43.99 16.55
N ARG C 422 -70.65 -44.88 17.52
CA ARG C 422 -70.52 -44.57 18.95
C ARG C 422 -69.22 -43.83 19.27
N GLY C 423 -68.09 -44.41 18.85
CA GLY C 423 -66.78 -43.85 19.13
C GLY C 423 -66.62 -42.42 18.66
N GLU C 424 -67.15 -42.13 17.48
CA GLU C 424 -67.10 -40.78 16.90
C GLU C 424 -67.87 -39.77 17.76
N ARG C 425 -68.96 -40.24 18.38
CA ARG C 425 -69.75 -39.43 19.30
C ARG C 425 -69.08 -39.31 20.66
N LEU C 426 -68.42 -40.38 21.10
CA LEU C 426 -67.63 -40.36 22.33
C LEU C 426 -66.47 -39.37 22.23
N THR C 427 -65.82 -39.35 21.07
CA THR C 427 -64.74 -38.41 20.80
C THR C 427 -65.21 -36.96 20.87
N GLN C 428 -66.41 -36.69 20.35
CA GLN C 428 -66.97 -35.34 20.41
C GLN C 428 -67.39 -34.96 21.84
N LEU C 429 -67.76 -35.96 22.62
CA LEU C 429 -68.16 -35.76 24.00
C LEU C 429 -66.98 -35.38 24.88
N LEU C 430 -65.83 -35.98 24.59
CA LEU C 430 -64.59 -35.71 25.33
C LEU C 430 -63.90 -34.37 24.99
N LYS C 431 -64.27 -33.76 23.86
CA LYS C 431 -63.84 -32.40 23.55
C LYS C 431 -64.36 -31.46 24.63
N GLN C 432 -63.61 -30.41 24.93
CA GLN C 432 -63.94 -29.54 26.03
C GLN C 432 -63.25 -28.20 25.86
N ASN C 433 -64.01 -27.12 25.98
CA ASN C 433 -63.42 -25.79 25.95
C ASN C 433 -62.47 -25.56 27.13
N GLN C 434 -61.65 -24.53 27.01
CA GLN C 434 -60.72 -24.16 28.05
C GLN C 434 -61.42 -23.32 29.13
N TYR C 435 -60.87 -23.37 30.34
CA TYR C 435 -61.39 -22.62 31.49
C TYR C 435 -62.82 -23.04 31.88
N SER C 436 -63.19 -24.25 31.52
CA SER C 436 -64.54 -24.76 31.75
C SER C 436 -64.55 -26.18 32.33
N PRO C 437 -64.03 -26.33 33.57
CA PRO C 437 -63.99 -27.68 34.13
C PRO C 437 -65.36 -28.10 34.67
N LEU C 438 -65.64 -29.40 34.63
CA LEU C 438 -66.92 -29.95 35.10
C LEU C 438 -66.80 -30.74 36.40
N ALA C 439 -67.77 -30.54 37.29
CA ALA C 439 -67.91 -31.36 38.50
C ALA C 439 -68.22 -32.80 38.11
N THR C 440 -67.88 -33.74 38.99
CA THR C 440 -68.14 -35.16 38.74
C THR C 440 -69.61 -35.44 38.47
N GLU C 441 -70.51 -34.79 39.22
CA GLU C 441 -71.94 -34.98 39.01
C GLU C 441 -72.39 -34.52 37.62
N GLU C 442 -71.61 -33.64 37.00
CA GLU C 442 -71.88 -33.22 35.62
C GLU C 442 -71.27 -34.21 34.62
N GLN C 443 -70.09 -34.73 34.92
CA GLN C 443 -69.41 -35.69 34.07
C GLN C 443 -70.12 -37.04 33.99
N VAL C 444 -70.42 -37.62 35.15
CA VAL C 444 -70.96 -38.99 35.26
C VAL C 444 -72.18 -39.26 34.35
N PRO C 445 -73.19 -38.38 34.39
CA PRO C 445 -74.30 -38.48 33.44
C PRO C 445 -73.84 -38.52 31.99
N LEU C 446 -73.04 -37.54 31.57
CA LEU C 446 -72.53 -37.44 30.20
C LEU C 446 -71.85 -38.72 29.74
N ILE C 447 -70.97 -39.27 30.57
CA ILE C 447 -70.27 -40.50 30.22
C ILE C 447 -71.25 -41.66 30.10
N TYR C 448 -72.19 -41.74 31.05
CA TYR C 448 -73.22 -42.78 31.01
C TYR C 448 -74.00 -42.71 29.70
N ALA C 449 -74.43 -41.50 29.35
CA ALA C 449 -75.16 -41.25 28.12
C ALA C 449 -74.42 -41.76 26.89
N GLY C 450 -73.13 -41.47 26.81
CA GLY C 450 -72.31 -41.86 25.66
C GLY C 450 -71.99 -43.34 25.55
N VAL C 451 -71.59 -43.93 26.67
CA VAL C 451 -71.12 -45.32 26.71
C VAL C 451 -72.23 -46.32 26.34
N ASN C 452 -73.43 -46.09 26.87
CA ASN C 452 -74.56 -47.00 26.65
C ASN C 452 -75.31 -46.77 25.33
N GLY C 453 -74.74 -45.93 24.48
CA GLY C 453 -75.25 -45.74 23.13
C GLY C 453 -76.48 -44.87 23.01
N HIS C 454 -76.79 -44.10 24.07
CA HIS C 454 -77.91 -43.17 24.05
C HIS C 454 -77.64 -41.95 23.16
N LEU C 455 -76.43 -41.89 22.61
CA LEU C 455 -76.01 -40.80 21.73
C LEU C 455 -75.96 -41.23 20.26
N ASP C 456 -75.92 -42.54 20.04
CA ASP C 456 -75.76 -43.13 18.71
C ASP C 456 -76.75 -42.60 17.67
N GLY C 457 -77.88 -42.07 18.15
CA GLY C 457 -78.93 -41.52 17.28
C GLY C 457 -78.99 -39.99 17.21
N ILE C 458 -77.99 -39.31 17.76
CA ILE C 458 -77.91 -37.85 17.71
C ILE C 458 -76.86 -37.40 16.69
N GLU C 459 -77.12 -36.26 16.06
CA GLU C 459 -76.20 -35.70 15.07
C GLU C 459 -74.90 -35.24 15.73
N LEU C 460 -73.79 -35.52 15.06
CA LEU C 460 -72.45 -35.17 15.53
C LEU C 460 -72.29 -33.69 15.90
N SER C 461 -72.86 -32.82 15.05
CA SER C 461 -72.70 -31.38 15.22
C SER C 461 -73.52 -30.78 16.35
N ARG C 462 -74.33 -31.61 17.01
CA ARG C 462 -75.22 -31.14 18.07
C ARG C 462 -74.89 -31.72 19.45
N ILE C 463 -73.84 -32.54 19.51
CA ILE C 463 -73.37 -33.11 20.78
C ILE C 463 -72.92 -32.01 21.75
N GLY C 464 -72.32 -30.96 21.21
CA GLY C 464 -71.97 -29.78 21.99
C GLY C 464 -73.17 -29.23 22.74
N GLU C 465 -74.21 -28.85 22.01
CA GLU C 465 -75.43 -28.28 22.62
C GLU C 465 -76.18 -29.31 23.47
N PHE C 466 -76.11 -30.59 23.09
CA PHE C 466 -76.71 -31.67 23.87
C PHE C 466 -76.24 -31.65 25.32
N GLU C 467 -74.92 -31.48 25.50
CA GLU C 467 -74.30 -31.50 26.82
C GLU C 467 -74.88 -30.43 27.74
N SER C 468 -74.81 -29.17 27.31
CA SER C 468 -75.20 -28.03 28.16
C SER C 468 -76.69 -27.98 28.46
N SER C 469 -77.49 -28.60 27.59
CA SER C 469 -78.94 -28.70 27.78
C SER C 469 -79.30 -29.83 28.74
N PHE C 470 -78.71 -31.00 28.51
CA PHE C 470 -78.89 -32.16 29.37
C PHE C 470 -78.60 -31.82 30.83
N LEU C 471 -77.60 -30.98 31.05
CA LEU C 471 -77.21 -30.58 32.40
C LEU C 471 -78.10 -29.46 32.94
N SER C 472 -78.74 -28.71 32.04
CA SER C 472 -79.77 -27.76 32.45
C SER C 472 -80.99 -28.54 32.92
N TYR C 473 -81.32 -29.58 32.16
CA TYR C 473 -82.45 -30.47 32.43
C TYR C 473 -82.31 -31.22 33.76
N LEU C 474 -81.10 -31.65 34.07
CA LEU C 474 -80.83 -32.37 35.31
C LEU C 474 -80.81 -31.43 36.52
N LYS C 475 -80.43 -30.18 36.30
CA LYS C 475 -80.46 -29.18 37.36
C LYS C 475 -81.88 -28.68 37.62
N SER C 476 -82.67 -28.54 36.55
CA SER C 476 -84.05 -28.08 36.63
C SER C 476 -84.94 -29.10 37.33
N ASN C 477 -84.82 -30.36 36.91
CA ASN C 477 -85.75 -31.41 37.33
C ASN C 477 -85.14 -32.43 38.29
N HIS C 478 -84.14 -33.16 37.82
CA HIS C 478 -83.52 -34.23 38.61
C HIS C 478 -82.41 -33.71 39.53
N ASN C 479 -82.64 -32.57 40.16
CA ASN C 479 -81.66 -31.93 41.04
C ASN C 479 -81.16 -32.80 42.19
N GLU C 480 -82.00 -33.75 42.62
CA GLU C 480 -81.63 -34.67 43.70
C GLU C 480 -80.71 -35.78 43.20
N LEU C 481 -80.81 -36.08 41.91
CA LEU C 481 -79.98 -37.10 41.26
C LEU C 481 -78.51 -36.69 41.31
N LEU C 482 -78.25 -35.44 40.94
CA LEU C 482 -76.90 -34.87 40.94
C LEU C 482 -76.34 -34.79 42.36
N THR C 483 -77.16 -34.32 43.30
CA THR C 483 -76.80 -34.22 44.71
C THR C 483 -76.39 -35.59 45.27
N GLU C 484 -77.06 -36.64 44.79
CA GLU C 484 -76.75 -38.02 45.19
C GLU C 484 -75.33 -38.40 44.82
N ILE C 485 -75.00 -38.26 43.54
CA ILE C 485 -73.65 -38.57 43.03
C ILE C 485 -72.59 -37.70 43.72
N ARG C 486 -72.91 -36.43 43.92
CA ARG C 486 -72.00 -35.50 44.59
C ARG C 486 -71.62 -35.95 46.01
N GLU C 487 -72.62 -36.24 46.84
CA GLU C 487 -72.38 -36.60 48.24
C GLU C 487 -71.87 -38.02 48.45
N LYS C 488 -72.45 -38.97 47.71
CA LYS C 488 -72.13 -40.39 47.92
C LYS C 488 -70.91 -40.86 47.13
N GLY C 489 -70.64 -40.18 46.01
CA GLY C 489 -69.51 -40.54 45.15
C GLY C 489 -69.67 -41.90 44.49
N GLU C 490 -70.88 -42.46 44.56
CA GLU C 490 -71.18 -43.78 44.01
C GLU C 490 -72.56 -43.82 43.35
N LEU C 491 -72.82 -44.90 42.63
CA LEU C 491 -74.15 -45.16 42.07
C LEU C 491 -74.65 -46.53 42.53
N SER C 492 -75.68 -46.52 43.36
CA SER C 492 -76.36 -47.75 43.73
C SER C 492 -77.24 -48.21 42.56
N LYS C 493 -77.59 -49.49 42.58
CA LYS C 493 -78.47 -50.08 41.56
C LYS C 493 -79.76 -49.27 41.40
N GLU C 494 -80.17 -48.60 42.47
CA GLU C 494 -81.32 -47.71 42.47
C GLU C 494 -81.05 -46.46 41.63
N LEU C 495 -79.92 -45.80 41.89
CA LEU C 495 -79.49 -44.62 41.12
C LEU C 495 -79.19 -44.92 39.66
N LEU C 496 -78.54 -46.05 39.42
CA LEU C 496 -78.14 -46.48 38.07
C LEU C 496 -79.35 -46.53 37.12
N ALA C 497 -80.49 -46.99 37.62
CA ALA C 497 -81.72 -47.04 36.82
C ALA C 497 -82.46 -45.71 36.81
N SER C 498 -82.34 -44.95 37.90
CA SER C 498 -82.93 -43.61 37.99
C SER C 498 -82.32 -42.70 36.93
N LEU C 499 -81.00 -42.79 36.78
CA LEU C 499 -80.25 -42.07 35.75
C LEU C 499 -80.59 -42.59 34.36
N LYS C 500 -80.64 -43.92 34.20
CA LYS C 500 -81.03 -44.56 32.94
C LYS C 500 -82.38 -44.02 32.47
N SER C 501 -83.33 -43.95 33.40
CA SER C 501 -84.69 -43.48 33.11
C SER C 501 -84.71 -42.00 32.73
N ALA C 502 -83.91 -41.20 33.44
CA ALA C 502 -83.80 -39.77 33.16
C ALA C 502 -83.10 -39.51 31.82
N THR C 503 -82.25 -40.44 31.40
CA THR C 503 -81.53 -40.35 30.13
C THR C 503 -82.49 -40.61 28.98
N GLU C 504 -83.05 -41.83 28.94
CA GLU C 504 -83.99 -42.25 27.90
C GLU C 504 -85.12 -41.24 27.76
N SER C 505 -85.45 -40.58 28.87
CA SER C 505 -86.41 -39.50 28.91
C SER C 505 -85.97 -38.30 28.05
N PHE C 506 -84.77 -37.78 28.30
CA PHE C 506 -84.30 -36.56 27.63
C PHE C 506 -84.04 -36.72 26.13
N VAL C 507 -83.66 -37.92 25.70
CA VAL C 507 -83.40 -38.21 24.27
C VAL C 507 -84.48 -37.62 23.36
N ALA C 508 -85.75 -37.85 23.71
CA ALA C 508 -86.88 -37.23 23.02
C ALA C 508 -87.00 -35.75 23.44
N THR C 509 -86.04 -34.95 22.99
CA THR C 509 -85.88 -33.52 23.36
C THR C 509 -86.04 -33.25 24.87
N SER D 6 -7.22 -45.99 72.34
CA SER D 6 -7.40 -46.38 70.91
C SER D 6 -6.65 -45.44 69.98
N THR D 7 -6.74 -45.72 68.67
CA THR D 7 -6.05 -44.92 67.65
C THR D 7 -6.94 -44.67 66.39
N PRO D 8 -7.90 -43.73 66.48
CA PRO D 8 -8.82 -43.50 65.35
C PRO D 8 -8.23 -42.59 64.27
N ILE D 9 -8.25 -43.06 63.01
CA ILE D 9 -7.68 -42.31 61.88
C ILE D 9 -8.59 -41.16 61.45
N THR D 10 -8.02 -39.96 61.41
CA THR D 10 -8.77 -38.72 61.22
C THR D 10 -8.26 -37.90 60.04
N GLY D 11 -9.19 -37.44 59.21
CA GLY D 11 -8.89 -36.51 58.13
C GLY D 11 -9.78 -35.28 58.11
N LYS D 12 -9.51 -34.39 57.15
CA LYS D 12 -10.28 -33.15 57.00
C LYS D 12 -10.83 -33.00 55.59
N VAL D 13 -12.06 -32.52 55.48
CA VAL D 13 -12.64 -32.26 54.17
C VAL D 13 -11.89 -31.10 53.51
N THR D 14 -11.40 -31.32 52.30
CA THR D 14 -10.70 -30.27 51.54
C THR D 14 -11.48 -29.71 50.37
N ALA D 15 -12.39 -30.50 49.81
CA ALA D 15 -13.22 -30.07 48.67
C ALA D 15 -14.56 -30.78 48.66
N VAL D 16 -15.59 -30.05 48.27
CA VAL D 16 -16.92 -30.59 48.04
C VAL D 16 -17.41 -30.14 46.67
N ILE D 17 -17.71 -31.08 45.79
CA ILE D 17 -18.28 -30.78 44.48
C ILE D 17 -19.37 -31.82 44.16
N GLY D 18 -20.62 -31.45 44.35
CA GLY D 18 -21.71 -32.40 44.18
C GLY D 18 -21.54 -33.59 45.12
N ALA D 19 -21.65 -34.80 44.56
CA ALA D 19 -21.48 -36.04 45.34
C ALA D 19 -20.03 -36.33 45.69
N ILE D 20 -19.10 -35.59 45.10
CA ILE D 20 -17.69 -35.88 45.28
C ILE D 20 -17.03 -35.04 46.40
N VAL D 21 -16.45 -35.73 47.38
CA VAL D 21 -15.80 -35.10 48.51
C VAL D 21 -14.35 -35.56 48.56
N ASP D 22 -13.43 -34.59 48.53
CA ASP D 22 -12.02 -34.86 48.71
C ASP D 22 -11.64 -34.64 50.20
N VAL D 23 -10.77 -35.52 50.70
CA VAL D 23 -10.40 -35.59 52.11
C VAL D 23 -8.89 -35.78 52.28
N HIS D 24 -8.27 -34.90 53.06
CA HIS D 24 -6.83 -34.98 53.35
C HIS D 24 -6.57 -35.65 54.69
N PHE D 25 -5.48 -36.41 54.75
CA PHE D 25 -5.10 -37.17 55.94
C PHE D 25 -3.64 -36.94 56.31
N GLU D 26 -3.23 -37.45 57.46
CA GLU D 26 -1.80 -37.48 57.82
C GLU D 26 -1.06 -38.68 57.23
N GLN D 27 0.23 -38.49 56.98
CA GLN D 27 1.05 -39.41 56.18
C GLN D 27 0.88 -40.89 56.56
N SER D 28 0.88 -41.76 55.54
CA SER D 28 0.80 -43.24 55.67
C SER D 28 -0.33 -43.77 56.58
N GLU D 29 -1.27 -42.89 56.93
CA GLU D 29 -2.51 -43.32 57.55
C GLU D 29 -3.70 -43.00 56.63
N LEU D 30 -3.51 -43.21 55.33
CA LEU D 30 -4.60 -43.07 54.35
C LEU D 30 -5.48 -44.30 54.31
N PRO D 31 -6.81 -44.12 54.31
CA PRO D 31 -7.73 -45.25 54.20
C PRO D 31 -7.64 -45.92 52.84
N ALA D 32 -7.86 -47.23 52.80
CA ALA D 32 -7.86 -47.98 51.55
C ALA D 32 -9.04 -47.60 50.66
N ILE D 33 -8.83 -47.71 49.35
CA ILE D 33 -9.90 -47.60 48.39
C ILE D 33 -11.03 -48.56 48.76
N LEU D 34 -12.25 -48.02 48.76
CA LEU D 34 -13.49 -48.74 49.13
C LEU D 34 -13.84 -48.67 50.63
N ASN D 35 -12.97 -48.07 51.43
CA ASN D 35 -13.26 -47.83 52.85
C ASN D 35 -14.39 -46.82 53.03
N ALA D 36 -15.25 -47.07 54.01
CA ALA D 36 -16.25 -46.11 54.42
C ALA D 36 -15.63 -45.10 55.38
N LEU D 37 -15.93 -43.83 55.16
CA LEU D 37 -15.52 -42.76 56.08
C LEU D 37 -16.78 -42.10 56.61
N GLU D 38 -16.67 -41.46 57.77
CA GLU D 38 -17.86 -40.88 58.40
C GLU D 38 -17.68 -39.44 58.81
N ILE D 39 -18.73 -38.64 58.61
CA ILE D 39 -18.78 -37.27 59.09
C ILE D 39 -20.00 -37.10 60.01
N LYS D 40 -19.74 -36.60 61.22
CA LYS D 40 -20.82 -36.32 62.19
C LYS D 40 -21.56 -35.02 61.84
N THR D 41 -22.84 -35.15 61.48
CA THR D 41 -23.70 -34.04 61.06
C THR D 41 -24.45 -33.38 62.25
N PRO D 42 -25.46 -32.51 61.97
CA PRO D 42 -26.34 -32.07 63.05
C PRO D 42 -27.21 -33.23 63.56
N GLN D 43 -28.05 -33.80 62.69
CA GLN D 43 -28.86 -34.97 63.04
C GLN D 43 -28.50 -36.13 62.10
N GLY D 44 -27.86 -37.15 62.66
CA GLY D 44 -27.49 -38.35 61.91
C GLY D 44 -25.98 -38.47 61.66
N LYS D 45 -25.63 -38.76 60.40
CA LYS D 45 -24.23 -38.77 59.93
C LYS D 45 -24.15 -38.87 58.40
N LEU D 46 -22.97 -38.63 57.85
CA LEU D 46 -22.75 -38.82 56.42
C LEU D 46 -21.67 -39.85 56.18
N VAL D 47 -21.97 -40.83 55.33
CA VAL D 47 -20.98 -41.82 54.93
C VAL D 47 -20.40 -41.51 53.55
N LEU D 48 -19.08 -41.56 53.45
CA LEU D 48 -18.36 -41.42 52.18
C LEU D 48 -17.64 -42.72 51.85
N GLU D 49 -17.58 -43.08 50.58
CA GLU D 49 -16.77 -44.23 50.14
C GLU D 49 -15.53 -43.78 49.36
N VAL D 50 -14.36 -44.24 49.79
CA VAL D 50 -13.10 -43.90 49.13
C VAL D 50 -13.06 -44.49 47.74
N ALA D 51 -12.80 -43.66 46.76
CA ALA D 51 -12.80 -44.08 45.36
C ALA D 51 -11.41 -44.04 44.75
N GLN D 52 -10.64 -43.01 45.09
CA GLN D 52 -9.29 -42.82 44.52
C GLN D 52 -8.29 -42.24 45.53
N HIS D 53 -7.02 -42.48 45.28
CA HIS D 53 -5.94 -41.76 45.97
C HIS D 53 -5.37 -40.73 45.03
N LEU D 54 -5.64 -39.45 45.29
CA LEU D 54 -5.30 -38.36 44.39
C LEU D 54 -3.83 -37.95 44.41
N GLY D 55 -3.12 -38.37 45.46
CA GLY D 55 -1.75 -37.93 45.71
C GLY D 55 -1.75 -36.88 46.82
N GLU D 56 -0.56 -36.58 47.34
CA GLU D 56 -0.40 -35.53 48.35
C GLU D 56 -1.30 -35.76 49.59
N ASN D 57 -1.43 -37.02 49.99
CA ASN D 57 -2.20 -37.41 51.17
C ASN D 57 -3.72 -37.20 51.11
N THR D 58 -4.25 -36.98 49.92
CA THR D 58 -5.67 -36.70 49.75
C THR D 58 -6.37 -37.86 49.02
N VAL D 59 -7.59 -38.18 49.46
CA VAL D 59 -8.38 -39.19 48.79
C VAL D 59 -9.65 -38.58 48.21
N ARG D 60 -10.21 -39.24 47.21
CA ARG D 60 -11.44 -38.80 46.60
C ARG D 60 -12.53 -39.77 46.97
N THR D 61 -13.65 -39.26 47.47
CA THR D 61 -14.71 -40.12 47.95
C THR D 61 -16.02 -39.82 47.22
N ILE D 62 -16.95 -40.76 47.31
CA ILE D 62 -18.29 -40.60 46.80
C ILE D 62 -19.22 -40.57 48.02
N ALA D 63 -20.09 -39.57 48.11
CA ALA D 63 -21.02 -39.48 49.24
C ALA D 63 -22.17 -40.45 49.09
N MET D 64 -22.62 -41.01 50.21
CA MET D 64 -23.77 -41.92 50.20
C MET D 64 -25.08 -41.19 50.55
N ASP D 65 -24.97 -39.89 50.82
CA ASP D 65 -26.13 -39.02 50.99
C ASP D 65 -25.75 -37.62 50.48
N GLY D 66 -26.67 -36.66 50.64
CA GLY D 66 -26.43 -35.25 50.28
C GLY D 66 -25.18 -34.66 50.88
N THR D 67 -24.57 -33.71 50.17
CA THR D 67 -23.35 -33.05 50.67
C THR D 67 -23.59 -31.63 51.13
N GLU D 68 -24.81 -31.13 50.97
CA GLU D 68 -25.16 -29.85 51.59
C GLU D 68 -24.73 -29.82 53.07
N GLY D 69 -24.25 -28.68 53.53
CA GLY D 69 -23.86 -28.56 54.94
C GLY D 69 -22.40 -28.88 55.23
N LEU D 70 -21.72 -29.57 54.32
CA LEU D 70 -20.30 -29.84 54.52
C LEU D 70 -19.49 -28.58 54.45
N VAL D 71 -18.39 -28.56 55.20
CA VAL D 71 -17.53 -27.40 55.37
C VAL D 71 -16.09 -27.88 55.19
N ARG D 72 -15.26 -27.11 54.51
CA ARG D 72 -13.85 -27.46 54.43
C ARG D 72 -13.27 -27.34 55.83
N GLY D 73 -12.47 -28.34 56.22
CA GLY D 73 -11.93 -28.42 57.58
C GLY D 73 -12.59 -29.44 58.49
N GLU D 74 -13.81 -29.85 58.14
CA GLU D 74 -14.60 -30.81 58.89
C GLU D 74 -13.88 -32.14 59.15
N LYS D 75 -13.97 -32.65 60.38
CA LYS D 75 -13.36 -33.94 60.76
C LYS D 75 -13.99 -35.08 59.99
N VAL D 76 -13.15 -35.96 59.46
CA VAL D 76 -13.59 -37.15 58.73
C VAL D 76 -12.96 -38.38 59.38
N LEU D 77 -13.78 -39.32 59.83
CA LEU D 77 -13.29 -40.55 60.49
C LEU D 77 -13.24 -41.74 59.54
N ASP D 78 -12.13 -42.48 59.58
CA ASP D 78 -11.98 -43.72 58.83
C ASP D 78 -12.54 -44.88 59.63
N THR D 79 -13.54 -45.57 59.09
CA THR D 79 -14.17 -46.72 59.77
C THR D 79 -13.28 -47.97 59.79
N GLY D 80 -12.24 -48.00 58.97
CA GLY D 80 -11.34 -49.13 58.92
C GLY D 80 -11.69 -50.20 57.89
N GLY D 81 -12.92 -50.18 57.40
CA GLY D 81 -13.36 -51.12 56.38
C GLY D 81 -14.41 -50.54 55.45
N PRO D 82 -14.83 -51.31 54.44
CA PRO D 82 -15.88 -50.87 53.54
C PRO D 82 -17.22 -50.70 54.26
N ILE D 83 -18.24 -50.31 53.51
CA ILE D 83 -19.58 -50.18 54.04
C ILE D 83 -20.06 -51.58 54.46
N SER D 84 -20.65 -51.67 55.64
CA SER D 84 -21.04 -52.95 56.23
C SER D 84 -22.54 -53.09 56.34
N VAL D 85 -23.04 -54.26 55.95
CA VAL D 85 -24.44 -54.61 56.22
C VAL D 85 -24.54 -55.68 57.30
N PRO D 86 -25.61 -55.59 58.12
CA PRO D 86 -26.08 -56.76 58.87
C PRO D 86 -26.43 -57.89 57.92
N VAL D 87 -26.19 -59.12 58.34
CA VAL D 87 -26.51 -60.31 57.54
C VAL D 87 -27.21 -61.33 58.43
N GLY D 88 -27.77 -62.38 57.83
CA GLY D 88 -28.40 -63.43 58.61
C GLY D 88 -29.88 -63.22 58.77
N ARG D 89 -30.51 -64.06 59.58
CA ARG D 89 -31.97 -64.18 59.68
C ARG D 89 -32.63 -62.92 60.22
N GLU D 90 -31.85 -62.08 60.91
CA GLU D 90 -32.36 -60.86 61.53
C GLU D 90 -32.80 -59.79 60.52
N THR D 91 -32.19 -59.82 59.33
CA THR D 91 -32.55 -58.91 58.23
C THR D 91 -33.94 -59.21 57.64
N LEU D 92 -34.34 -60.47 57.70
CA LEU D 92 -35.63 -60.91 57.16
C LEU D 92 -36.79 -60.17 57.80
N GLY D 93 -37.66 -59.63 56.95
CA GLY D 93 -38.80 -58.84 57.41
C GLY D 93 -38.47 -57.40 57.75
N ARG D 94 -37.20 -57.02 57.66
CA ARG D 94 -36.74 -55.65 57.91
C ARG D 94 -36.50 -54.88 56.60
N ILE D 95 -36.59 -53.55 56.66
CA ILE D 95 -36.21 -52.71 55.50
C ILE D 95 -34.92 -51.98 55.79
N ILE D 96 -33.91 -52.28 54.98
CA ILE D 96 -32.54 -51.79 55.17
C ILE D 96 -32.20 -50.78 54.06
N ASN D 97 -31.41 -49.75 54.38
CA ASN D 97 -30.89 -48.83 53.36
C ASN D 97 -29.47 -49.18 52.95
N VAL D 98 -28.87 -48.37 52.09
CA VAL D 98 -27.58 -48.69 51.48
C VAL D 98 -26.43 -48.91 52.48
N ILE D 99 -26.48 -48.21 53.60
CA ILE D 99 -25.41 -48.27 54.60
C ILE D 99 -25.72 -49.25 55.72
N GLY D 100 -26.78 -50.03 55.51
CA GLY D 100 -27.15 -51.11 56.43
C GLY D 100 -28.00 -50.69 57.60
N GLU D 101 -28.62 -49.52 57.50
CA GLU D 101 -29.47 -49.04 58.58
C GLU D 101 -30.92 -49.43 58.35
N PRO D 102 -31.68 -49.64 59.43
CA PRO D 102 -33.11 -49.91 59.34
C PRO D 102 -33.92 -48.66 58.99
N ILE D 103 -34.81 -48.78 58.01
CA ILE D 103 -35.65 -47.66 57.64
C ILE D 103 -37.14 -47.98 57.82
N ASP D 104 -37.45 -48.92 58.69
CA ASP D 104 -38.83 -49.33 58.95
C ASP D 104 -39.33 -48.94 60.33
N GLU D 105 -38.51 -48.18 61.07
CA GLU D 105 -38.83 -47.68 62.42
C GLU D 105 -39.12 -48.80 63.44
N ARG D 106 -38.52 -49.96 63.23
CA ARG D 106 -38.78 -51.12 64.10
C ARG D 106 -37.57 -51.46 64.98
N GLY D 107 -36.79 -50.43 65.29
CA GLY D 107 -35.61 -50.60 66.14
C GLY D 107 -34.43 -51.20 65.41
N PRO D 108 -33.28 -51.33 66.12
CA PRO D 108 -32.05 -51.90 65.57
C PRO D 108 -32.24 -53.27 64.92
N ILE D 109 -31.31 -53.63 64.03
CA ILE D 109 -31.27 -54.95 63.45
C ILE D 109 -30.22 -55.74 64.24
N LYS D 110 -30.70 -56.54 65.18
CA LYS D 110 -29.86 -57.21 66.16
C LYS D 110 -29.23 -58.48 65.59
N SER D 111 -28.40 -58.32 64.56
CA SER D 111 -27.70 -59.46 63.99
C SER D 111 -26.31 -59.59 64.63
N LYS D 112 -25.74 -60.78 64.54
CA LYS D 112 -24.45 -61.06 65.19
C LYS D 112 -23.27 -60.65 64.33
N LEU D 113 -23.45 -60.72 63.00
CA LEU D 113 -22.40 -60.34 62.07
C LEU D 113 -22.78 -59.15 61.21
N ARG D 114 -21.76 -58.42 60.77
CA ARG D 114 -21.88 -57.50 59.66
C ARG D 114 -20.83 -57.90 58.63
N LYS D 115 -21.15 -57.72 57.36
CA LYS D 115 -20.21 -58.02 56.29
C LYS D 115 -19.99 -56.82 55.36
N PRO D 116 -18.76 -56.67 54.83
CA PRO D 116 -18.49 -55.65 53.84
C PRO D 116 -19.37 -55.84 52.60
N ILE D 117 -19.87 -54.74 52.04
CA ILE D 117 -20.70 -54.80 50.83
C ILE D 117 -19.87 -55.03 49.57
N HIS D 118 -18.57 -54.77 49.66
CA HIS D 118 -17.66 -55.11 48.56
C HIS D 118 -16.98 -56.44 48.86
N ALA D 119 -16.97 -57.32 47.86
CA ALA D 119 -16.37 -58.64 47.97
C ALA D 119 -16.01 -59.19 46.59
N ASP D 120 -14.98 -60.05 46.55
CA ASP D 120 -14.55 -60.72 45.32
C ASP D 120 -15.58 -61.75 44.87
N PRO D 121 -15.81 -61.85 43.56
CA PRO D 121 -16.68 -62.91 43.06
C PRO D 121 -16.05 -64.30 43.20
N PRO D 122 -16.88 -65.34 43.35
CA PRO D 122 -16.40 -66.72 43.37
C PRO D 122 -15.47 -67.01 42.19
N SER D 123 -14.37 -67.72 42.46
CA SER D 123 -13.39 -68.06 41.41
C SER D 123 -13.99 -68.99 40.36
N PHE D 124 -13.25 -69.21 39.27
CA PHE D 124 -13.66 -70.17 38.26
C PHE D 124 -13.89 -71.56 38.86
N ALA D 125 -12.93 -72.02 39.64
CA ALA D 125 -12.99 -73.32 40.30
C ALA D 125 -14.22 -73.52 41.18
N GLU D 126 -14.76 -72.44 41.73
CA GLU D 126 -15.92 -72.52 42.64
C GLU D 126 -17.29 -72.59 41.92
N GLN D 127 -17.29 -72.48 40.59
CA GLN D 127 -18.53 -72.53 39.81
C GLN D 127 -19.14 -73.92 39.75
N SER D 128 -20.41 -74.03 40.10
CA SER D 128 -21.14 -75.27 39.89
C SER D 128 -22.14 -75.11 38.78
N THR D 129 -21.82 -75.69 37.63
CA THR D 129 -22.71 -75.66 36.46
C THR D 129 -23.98 -76.43 36.79
N SER D 130 -25.07 -76.05 36.14
CA SER D 130 -26.38 -76.64 36.43
C SER D 130 -27.26 -76.52 35.19
N ALA D 131 -28.39 -77.22 35.18
CA ALA D 131 -29.36 -77.12 34.11
C ALA D 131 -30.73 -77.52 34.63
N GLU D 132 -31.16 -76.84 35.69
CA GLU D 132 -32.48 -77.10 36.26
C GLU D 132 -33.42 -75.93 35.97
N ILE D 133 -34.65 -76.26 35.63
CA ILE D 133 -35.65 -75.26 35.25
C ILE D 133 -36.47 -74.78 36.45
N LEU D 134 -36.81 -73.49 36.44
CA LEU D 134 -37.66 -72.88 37.45
C LEU D 134 -39.03 -72.55 36.85
N GLU D 135 -40.05 -73.26 37.31
CA GLU D 135 -41.42 -73.05 36.84
C GLU D 135 -41.94 -71.74 37.39
N THR D 136 -42.48 -70.91 36.50
CA THR D 136 -42.95 -69.57 36.88
C THR D 136 -44.46 -69.54 37.01
N GLY D 137 -45.13 -70.30 36.14
CA GLY D 137 -46.58 -70.27 36.06
C GLY D 137 -47.04 -69.28 35.00
N ILE D 138 -46.07 -68.75 34.26
CA ILE D 138 -46.35 -67.78 33.20
C ILE D 138 -46.10 -68.47 31.86
N LYS D 139 -47.15 -68.53 31.04
CA LYS D 139 -47.17 -69.38 29.86
C LYS D 139 -46.00 -69.15 28.92
N VAL D 140 -45.80 -67.89 28.52
CA VAL D 140 -44.78 -67.54 27.53
C VAL D 140 -43.38 -67.85 28.02
N VAL D 141 -43.15 -67.59 29.30
CA VAL D 141 -41.86 -67.86 29.89
C VAL D 141 -41.61 -69.36 29.88
N ASP D 142 -42.53 -70.10 30.52
CA ASP D 142 -42.38 -71.55 30.70
C ASP D 142 -42.33 -72.26 29.35
N LEU D 143 -43.05 -71.74 28.36
CA LEU D 143 -43.01 -72.35 27.04
C LEU D 143 -41.73 -72.04 26.26
N LEU D 144 -41.42 -70.76 26.07
CA LEU D 144 -40.42 -70.34 25.07
C LEU D 144 -39.04 -69.96 25.60
N ALA D 145 -38.97 -69.55 26.87
CA ALA D 145 -37.70 -69.13 27.47
C ALA D 145 -37.70 -69.33 28.99
N PRO D 146 -37.69 -70.59 29.44
CA PRO D 146 -37.87 -70.91 30.86
C PRO D 146 -36.70 -70.45 31.72
N TYR D 147 -36.98 -70.12 32.97
CA TYR D 147 -35.98 -69.60 33.87
C TYR D 147 -35.13 -70.73 34.44
N ALA D 148 -33.89 -70.39 34.80
CA ALA D 148 -32.93 -71.36 35.32
C ALA D 148 -32.76 -71.23 36.83
N ARG D 149 -32.93 -72.35 37.53
CA ARG D 149 -32.67 -72.43 38.97
C ARG D 149 -31.22 -72.08 39.23
N GLY D 150 -30.99 -71.17 40.17
CA GLY D 150 -29.64 -70.75 40.53
C GLY D 150 -28.92 -70.08 39.37
N GLY D 151 -29.70 -69.40 38.53
CA GLY D 151 -29.16 -68.64 37.40
C GLY D 151 -29.70 -67.23 37.37
N LYS D 152 -29.15 -66.41 36.47
CA LYS D 152 -29.52 -65.00 36.37
C LYS D 152 -30.56 -64.75 35.29
N ILE D 153 -31.56 -63.95 35.65
CA ILE D 153 -32.69 -63.66 34.76
C ILE D 153 -32.97 -62.15 34.69
N GLY D 154 -33.12 -61.65 33.47
CA GLY D 154 -33.35 -60.23 33.28
C GLY D 154 -34.60 -59.93 32.50
N LEU D 155 -35.39 -58.98 33.01
CA LEU D 155 -36.61 -58.53 32.36
C LEU D 155 -36.39 -57.18 31.70
N PHE D 156 -36.15 -57.22 30.40
CA PHE D 156 -35.84 -56.04 29.60
C PHE D 156 -37.10 -55.34 29.16
N GLY D 157 -37.15 -54.03 29.36
CA GLY D 157 -38.25 -53.22 28.85
C GLY D 157 -38.05 -51.72 28.96
N GLY D 158 -38.54 -51.01 27.95
CA GLY D 158 -38.57 -49.55 27.97
C GLY D 158 -39.46 -49.07 29.09
N ALA D 159 -39.66 -47.75 29.17
CA ALA D 159 -40.47 -47.17 30.23
C ALA D 159 -41.93 -47.57 30.08
N GLY D 160 -42.49 -48.11 31.16
CA GLY D 160 -43.93 -48.38 31.24
C GLY D 160 -44.45 -49.56 30.45
N VAL D 161 -43.60 -50.55 30.17
CA VAL D 161 -44.03 -51.72 29.42
C VAL D 161 -44.39 -52.92 30.30
N GLY D 162 -43.95 -52.89 31.55
CA GLY D 162 -44.41 -53.84 32.55
C GLY D 162 -43.34 -54.57 33.36
N LYS D 163 -42.13 -54.02 33.42
CA LYS D 163 -41.04 -54.64 34.16
C LYS D 163 -41.39 -54.88 35.63
N THR D 164 -41.98 -53.88 36.26
CA THR D 164 -42.24 -53.92 37.69
C THR D 164 -43.48 -54.77 38.02
N VAL D 165 -44.51 -54.69 37.20
CA VAL D 165 -45.65 -55.55 37.36
C VAL D 165 -45.19 -57.01 37.21
N PHE D 166 -44.34 -57.27 36.21
CA PHE D 166 -43.85 -58.60 35.92
C PHE D 166 -43.05 -59.18 37.06
N ILE D 167 -42.11 -58.39 37.59
CA ILE D 167 -41.26 -58.88 38.67
C ILE D 167 -42.08 -59.17 39.93
N GLN D 168 -43.11 -58.37 40.17
CA GLN D 168 -44.01 -58.57 41.31
C GLN D 168 -44.86 -59.83 41.18
N GLU D 169 -45.22 -60.21 39.95
CA GLU D 169 -45.96 -61.44 39.70
C GLU D 169 -45.04 -62.65 39.90
N LEU D 170 -43.78 -62.52 39.50
CA LEU D 170 -42.79 -63.55 39.81
C LEU D 170 -42.60 -63.72 41.30
N ILE D 171 -42.65 -62.62 42.05
CA ILE D 171 -42.61 -62.66 43.51
C ILE D 171 -43.85 -63.38 44.05
N ASN D 172 -45.02 -62.97 43.59
CA ASN D 172 -46.26 -63.63 43.96
C ASN D 172 -46.20 -65.15 43.74
N ASN D 173 -45.81 -65.55 42.53
CA ASN D 173 -45.84 -66.94 42.11
C ASN D 173 -44.79 -67.83 42.78
N ILE D 174 -43.65 -67.24 43.16
CA ILE D 174 -42.49 -68.03 43.59
C ILE D 174 -42.09 -67.82 45.04
N ALA D 175 -42.19 -66.58 45.53
CA ALA D 175 -41.60 -66.19 46.82
C ALA D 175 -42.07 -67.03 47.99
N LYS D 176 -43.37 -66.97 48.30
CA LYS D 176 -43.99 -67.69 49.42
C LYS D 176 -43.74 -69.20 49.35
N ALA D 177 -43.98 -69.77 48.17
CA ALA D 177 -43.87 -71.20 47.93
C ALA D 177 -42.43 -71.75 47.98
N HIS D 178 -41.45 -70.86 47.84
CA HIS D 178 -40.03 -71.25 47.76
C HIS D 178 -39.44 -71.68 49.10
N GLY D 179 -38.61 -72.72 49.06
CA GLY D 179 -37.95 -73.27 50.25
C GLY D 179 -37.09 -72.28 51.03
N GLY D 180 -36.09 -71.69 50.36
CA GLY D 180 -35.16 -70.76 50.99
C GLY D 180 -35.66 -69.34 51.27
N PHE D 181 -34.73 -68.41 51.46
CA PHE D 181 -35.08 -67.02 51.74
C PHE D 181 -35.01 -66.15 50.49
N SER D 182 -35.83 -65.11 50.45
CA SER D 182 -35.79 -64.13 49.37
C SER D 182 -35.18 -62.81 49.78
N VAL D 183 -34.52 -62.16 48.83
CA VAL D 183 -34.05 -60.78 49.02
C VAL D 183 -34.53 -59.90 47.87
N PHE D 184 -35.24 -58.83 48.22
CA PHE D 184 -35.62 -57.84 47.23
C PHE D 184 -34.83 -56.55 47.44
N THR D 185 -34.10 -56.15 46.39
CA THR D 185 -33.40 -54.87 46.41
C THR D 185 -34.03 -53.88 45.43
N GLY D 186 -34.49 -52.74 45.99
CA GLY D 186 -34.95 -51.61 45.19
C GLY D 186 -33.80 -50.68 44.86
N VAL D 187 -33.42 -50.66 43.59
CA VAL D 187 -32.32 -49.83 43.11
C VAL D 187 -32.87 -48.74 42.20
N GLY D 188 -32.77 -47.49 42.65
CA GLY D 188 -33.14 -46.32 41.87
C GLY D 188 -34.53 -46.26 41.27
N GLU D 189 -35.50 -46.91 41.90
CA GLU D 189 -36.87 -46.87 41.38
C GLU D 189 -37.78 -46.05 42.28
N ARG D 190 -39.09 -46.18 42.13
CA ARG D 190 -40.04 -45.33 42.86
C ARG D 190 -40.22 -45.74 44.32
N THR D 191 -40.10 -44.78 45.22
CA THR D 191 -40.31 -45.05 46.63
C THR D 191 -41.72 -45.60 46.89
N ARG D 192 -42.73 -45.02 46.24
CA ARG D 192 -44.10 -45.48 46.45
C ARG D 192 -44.25 -46.95 46.02
N GLU D 193 -43.43 -47.40 45.07
CA GLU D 193 -43.43 -48.80 44.67
C GLU D 193 -42.88 -49.73 45.78
N GLY D 194 -41.94 -49.23 46.57
CA GLY D 194 -41.43 -49.94 47.72
C GLY D 194 -42.47 -50.03 48.84
N ASN D 195 -43.23 -48.96 49.03
CA ASN D 195 -44.34 -48.95 49.99
C ASN D 195 -45.43 -49.95 49.55
N ASP D 196 -45.75 -49.94 48.26
CA ASP D 196 -46.70 -50.90 47.67
C ASP D 196 -46.26 -52.35 47.91
N LEU D 197 -44.96 -52.61 47.70
CA LEU D 197 -44.41 -53.96 47.82
C LEU D 197 -44.38 -54.48 49.26
N TYR D 198 -43.96 -53.61 50.20
CA TYR D 198 -43.96 -53.90 51.62
C TYR D 198 -45.36 -54.35 52.08
N ARG D 199 -46.38 -53.55 51.76
CA ARG D 199 -47.75 -53.84 52.13
C ARG D 199 -48.24 -55.17 51.54
N GLU D 200 -47.78 -55.50 50.33
CA GLU D 200 -48.16 -56.74 49.67
C GLU D 200 -47.43 -57.97 50.21
N MET D 201 -46.25 -57.78 50.80
CA MET D 201 -45.53 -58.85 51.46
C MET D 201 -46.32 -59.24 52.70
N LYS D 202 -46.72 -58.23 53.46
CA LYS D 202 -47.48 -58.37 54.70
C LYS D 202 -48.76 -59.16 54.48
N GLU D 203 -49.61 -58.66 53.58
CA GLU D 203 -50.93 -59.24 53.34
C GLU D 203 -50.85 -60.57 52.60
N THR D 204 -49.63 -60.97 52.24
CA THR D 204 -49.36 -62.28 51.64
C THR D 204 -48.72 -63.24 52.64
N GLY D 205 -48.20 -62.70 53.74
CA GLY D 205 -47.59 -63.51 54.80
C GLY D 205 -46.11 -63.80 54.64
N VAL D 206 -45.52 -63.35 53.53
CA VAL D 206 -44.07 -63.49 53.32
C VAL D 206 -43.29 -62.55 54.25
N ILE D 207 -43.94 -61.48 54.70
CA ILE D 207 -43.45 -60.68 55.81
C ILE D 207 -44.47 -60.72 56.94
N ASN D 208 -43.99 -61.07 58.12
CA ASN D 208 -44.83 -61.16 59.31
C ASN D 208 -44.12 -60.45 60.45
N LEU D 209 -44.67 -59.34 60.89
CA LEU D 209 -44.02 -58.52 61.92
C LEU D 209 -44.02 -59.15 63.32
N GLU D 210 -45.06 -59.93 63.63
CA GLU D 210 -45.11 -60.69 64.89
C GLU D 210 -44.82 -62.18 64.70
N GLY D 211 -44.34 -62.54 63.51
CA GLY D 211 -44.05 -63.92 63.17
C GLY D 211 -42.68 -64.06 62.54
N GLU D 212 -42.63 -64.83 61.47
CA GLU D 212 -41.38 -65.11 60.76
C GLU D 212 -41.47 -64.70 59.30
N SER D 213 -40.34 -64.24 58.74
CA SER D 213 -40.36 -63.69 57.39
C SER D 213 -39.34 -64.36 56.47
N LYS D 214 -39.76 -64.61 55.24
CA LYS D 214 -38.92 -65.26 54.23
C LYS D 214 -38.16 -64.25 53.35
N VAL D 215 -38.40 -62.97 53.55
CA VAL D 215 -37.81 -61.94 52.67
C VAL D 215 -37.23 -60.73 53.41
N ALA D 216 -36.07 -60.28 52.94
CA ALA D 216 -35.43 -59.06 53.46
C ALA D 216 -35.48 -57.97 52.39
N LEU D 217 -35.75 -56.73 52.82
CA LEU D 217 -35.90 -55.62 51.89
C LEU D 217 -34.78 -54.58 51.98
N VAL D 218 -34.12 -54.37 50.84
CA VAL D 218 -33.10 -53.32 50.73
C VAL D 218 -33.54 -52.24 49.73
N PHE D 219 -33.47 -50.97 50.14
CA PHE D 219 -33.95 -49.88 49.29
C PHE D 219 -33.00 -48.67 49.16
N GLY D 220 -32.69 -48.33 47.91
CA GLY D 220 -31.96 -47.11 47.55
C GLY D 220 -32.59 -46.49 46.31
N GLN D 221 -33.71 -45.81 46.51
CA GLN D 221 -34.57 -45.41 45.39
C GLN D 221 -34.13 -44.10 44.72
N MET D 222 -34.85 -43.71 43.66
CA MET D 222 -34.43 -42.58 42.81
C MET D 222 -34.42 -41.22 43.49
N ASN D 223 -34.92 -41.15 44.72
CA ASN D 223 -34.77 -39.94 45.53
C ASN D 223 -33.37 -39.80 46.12
N GLU D 224 -32.59 -40.87 46.04
CA GLU D 224 -31.26 -40.90 46.67
C GLU D 224 -30.23 -40.39 45.70
N PRO D 225 -29.19 -39.73 46.20
CA PRO D 225 -28.01 -39.27 45.43
C PRO D 225 -27.35 -40.42 44.68
N PRO D 226 -26.60 -40.12 43.61
CA PRO D 226 -25.99 -41.17 42.81
C PRO D 226 -25.18 -42.16 43.62
N GLY D 227 -24.47 -41.68 44.63
CA GLY D 227 -23.63 -42.55 45.46
C GLY D 227 -24.41 -43.71 46.09
N ALA D 228 -25.59 -43.42 46.65
CA ALA D 228 -26.38 -44.47 47.28
C ALA D 228 -26.95 -45.43 46.24
N ARG D 229 -27.42 -44.90 45.12
CA ARG D 229 -27.95 -45.75 44.05
C ARG D 229 -26.87 -46.60 43.43
N ALA D 230 -25.61 -46.16 43.49
CA ALA D 230 -24.50 -46.92 42.92
C ALA D 230 -24.07 -48.11 43.79
N ARG D 231 -24.47 -48.09 45.06
CA ARG D 231 -23.97 -49.06 46.01
C ARG D 231 -25.05 -49.96 46.62
N VAL D 232 -26.31 -49.50 46.63
CA VAL D 232 -27.39 -50.25 47.27
C VAL D 232 -27.56 -51.70 46.76
N ALA D 233 -27.19 -51.95 45.51
CA ALA D 233 -27.36 -53.27 44.94
C ALA D 233 -26.41 -54.21 45.65
N LEU D 234 -25.18 -53.74 45.90
CA LEU D 234 -24.17 -54.49 46.65
C LEU D 234 -24.64 -54.78 48.06
N THR D 235 -25.34 -53.83 48.65
CA THR D 235 -25.85 -53.98 50.00
C THR D 235 -26.81 -55.18 50.09
N GLY D 236 -27.82 -55.19 49.21
CA GLY D 236 -28.78 -56.28 49.12
C GLY D 236 -28.14 -57.61 48.70
N LEU D 237 -27.19 -57.53 47.78
CA LEU D 237 -26.47 -58.70 47.30
C LEU D 237 -25.69 -59.39 48.43
N THR D 238 -25.08 -58.60 49.30
CA THR D 238 -24.27 -59.15 50.40
C THR D 238 -25.12 -59.99 51.36
N ILE D 239 -26.31 -59.50 51.68
CA ILE D 239 -27.27 -60.26 52.48
C ILE D 239 -27.57 -61.60 51.82
N ALA D 240 -27.83 -61.57 50.52
CA ALA D 240 -28.12 -62.77 49.76
C ALA D 240 -26.94 -63.73 49.75
N GLU D 241 -25.72 -63.20 49.67
CA GLU D 241 -24.52 -64.01 49.65
C GLU D 241 -24.27 -64.79 50.95
N TYR D 242 -24.70 -64.21 52.08
CA TYR D 242 -24.53 -64.84 53.38
C TYR D 242 -25.42 -66.05 53.48
N PHE D 243 -26.68 -65.87 53.09
CA PHE D 243 -27.64 -66.97 53.04
C PHE D 243 -27.10 -68.09 52.15
N ARG D 244 -26.49 -67.73 51.02
CA ARG D 244 -25.97 -68.73 50.09
C ARG D 244 -24.82 -69.56 50.67
N ASP D 245 -23.86 -68.87 51.29
CA ASP D 245 -22.58 -69.48 51.67
C ASP D 245 -22.52 -70.09 53.07
N GLU D 246 -23.20 -69.48 54.02
CA GLU D 246 -23.07 -69.86 55.41
C GLU D 246 -24.32 -70.63 55.86
N GLU D 247 -25.48 -70.16 55.42
CA GLU D 247 -26.75 -70.85 55.69
C GLU D 247 -26.98 -71.99 54.66
N GLY D 248 -26.07 -72.12 53.70
CA GLY D 248 -26.15 -73.13 52.62
C GLY D 248 -27.34 -73.01 51.66
N GLN D 249 -28.11 -71.94 51.85
CA GLN D 249 -29.48 -71.79 51.31
C GLN D 249 -29.63 -71.78 49.78
N ASP D 250 -30.88 -71.97 49.34
CA ASP D 250 -31.29 -71.66 47.97
C ASP D 250 -31.95 -70.28 47.99
N VAL D 251 -31.18 -69.26 47.61
CA VAL D 251 -31.65 -67.87 47.73
C VAL D 251 -32.29 -67.36 46.45
N LEU D 252 -33.31 -66.53 46.63
CA LEU D 252 -33.82 -65.69 45.54
C LEU D 252 -33.44 -64.23 45.77
N LEU D 253 -32.85 -63.62 44.73
CA LEU D 253 -32.51 -62.20 44.74
C LEU D 253 -33.27 -61.42 43.66
N PHE D 254 -34.22 -60.60 44.09
CA PHE D 254 -34.98 -59.75 43.17
C PHE D 254 -34.42 -58.32 43.13
N ILE D 255 -34.12 -57.83 41.94
CA ILE D 255 -33.58 -56.47 41.75
C ILE D 255 -34.40 -55.66 40.74
N ASP D 256 -34.98 -54.58 41.24
CA ASP D 256 -35.65 -53.59 40.41
C ASP D 256 -35.05 -52.24 40.83
N ASN D 257 -34.18 -51.64 40.02
CA ASN D 257 -33.89 -52.02 38.62
C ASN D 257 -32.37 -51.92 38.43
N ILE D 258 -31.79 -52.90 37.75
CA ILE D 258 -30.34 -53.03 37.72
C ILE D 258 -29.66 -51.95 36.85
N PHE D 259 -30.39 -51.40 35.90
CA PHE D 259 -29.92 -50.29 35.08
C PHE D 259 -29.55 -49.08 35.96
N ARG D 260 -30.33 -48.86 37.02
CA ARG D 260 -30.11 -47.71 37.88
C ARG D 260 -28.76 -47.75 38.59
N PHE D 261 -28.14 -48.94 38.59
CA PHE D 261 -26.78 -49.11 39.12
C PHE D 261 -25.73 -48.53 38.17
N THR D 262 -25.82 -48.87 36.89
CA THR D 262 -24.93 -48.33 35.87
C THR D 262 -25.16 -46.82 35.68
N GLN D 263 -26.42 -46.41 35.69
CA GLN D 263 -26.81 -45.00 35.58
C GLN D 263 -26.22 -44.19 36.72
N ALA D 264 -26.32 -44.69 37.94
CA ALA D 264 -25.75 -44.00 39.08
C ALA D 264 -24.26 -43.77 38.89
N GLY D 265 -23.55 -44.78 38.39
CA GLY D 265 -22.12 -44.65 38.16
C GLY D 265 -21.89 -43.56 37.15
N SER D 266 -22.73 -43.57 36.12
CA SER D 266 -22.70 -42.57 35.09
C SER D 266 -22.76 -41.17 35.67
N GLU D 267 -23.65 -40.98 36.64
CA GLU D 267 -23.95 -39.66 37.16
C GLU D 267 -22.79 -38.96 37.86
N VAL D 268 -21.85 -39.73 38.39
CA VAL D 268 -20.69 -39.15 39.09
C VAL D 268 -19.37 -39.35 38.35
N SER D 269 -19.42 -39.98 37.18
CA SER D 269 -18.21 -40.32 36.48
C SER D 269 -17.34 -39.13 36.12
N ALA D 270 -17.94 -38.09 35.55
CA ALA D 270 -17.19 -36.89 35.13
C ALA D 270 -16.50 -36.22 36.31
N LEU D 271 -17.20 -36.13 37.43
CA LEU D 271 -16.64 -35.53 38.64
C LEU D 271 -15.58 -36.40 39.31
N LEU D 272 -15.53 -37.69 38.97
CA LEU D 272 -14.42 -38.53 39.40
C LEU D 272 -13.18 -38.33 38.52
N GLY D 273 -13.32 -37.53 37.46
CA GLY D 273 -12.19 -37.20 36.60
C GLY D 273 -11.99 -38.12 35.41
N ARG D 274 -12.98 -38.95 35.08
CA ARG D 274 -12.90 -39.80 33.89
C ARG D 274 -13.28 -39.03 32.62
N ILE D 275 -12.59 -39.33 31.53
CA ILE D 275 -13.01 -38.98 30.18
C ILE D 275 -14.26 -39.82 29.88
N PRO D 276 -15.30 -39.23 29.29
CA PRO D 276 -16.44 -40.11 29.05
C PRO D 276 -16.21 -41.12 27.91
N SER D 277 -16.97 -42.20 27.96
CA SER D 277 -17.02 -43.18 26.89
C SER D 277 -18.24 -42.83 26.02
N ALA D 278 -18.67 -43.75 25.16
CA ALA D 278 -19.84 -43.54 24.29
C ALA D 278 -21.16 -43.33 25.05
N VAL D 279 -22.03 -42.50 24.49
CA VAL D 279 -23.40 -42.26 25.00
C VAL D 279 -23.44 -41.72 26.44
N GLY D 280 -22.37 -41.04 26.87
CA GLY D 280 -22.33 -40.40 28.18
C GLY D 280 -22.09 -41.37 29.33
N TYR D 281 -21.56 -42.56 29.00
CA TYR D 281 -21.32 -43.57 30.01
C TYR D 281 -19.87 -43.57 30.48
N GLN D 282 -19.68 -44.06 31.70
CA GLN D 282 -18.37 -44.22 32.30
C GLN D 282 -17.57 -45.23 31.48
N PRO D 283 -16.24 -45.07 31.42
CA PRO D 283 -15.40 -46.02 30.70
C PRO D 283 -15.37 -47.39 31.38
N THR D 284 -15.64 -47.40 32.68
CA THR D 284 -15.59 -48.61 33.50
C THR D 284 -16.88 -49.42 33.46
N LEU D 285 -17.77 -49.11 32.50
CA LEU D 285 -19.11 -49.69 32.46
C LEU D 285 -19.14 -51.21 32.58
N ALA D 286 -18.35 -51.88 31.74
CA ALA D 286 -18.37 -53.36 31.64
C ALA D 286 -17.79 -54.04 32.86
N THR D 287 -16.59 -53.61 33.25
CA THR D 287 -15.95 -54.18 34.44
C THR D 287 -16.73 -53.87 35.71
N ASP D 288 -17.31 -52.68 35.79
CA ASP D 288 -18.13 -52.33 36.95
C ASP D 288 -19.28 -53.30 37.08
N MET D 289 -19.93 -53.59 35.96
CA MET D 289 -21.06 -54.49 35.93
C MET D 289 -20.62 -55.94 36.21
N GLY D 290 -19.50 -56.34 35.63
CA GLY D 290 -18.86 -57.61 35.95
C GLY D 290 -18.68 -57.83 37.45
N LEU D 291 -18.04 -56.87 38.12
CA LEU D 291 -17.73 -56.98 39.54
C LEU D 291 -18.97 -57.12 40.41
N LEU D 292 -20.14 -56.88 39.81
CA LEU D 292 -21.37 -57.04 40.56
C LEU D 292 -22.07 -58.33 40.15
N GLN D 293 -22.15 -58.59 38.86
CA GLN D 293 -22.88 -59.75 38.33
C GLN D 293 -22.25 -61.10 38.65
N GLU D 294 -20.92 -61.17 38.60
CA GLU D 294 -20.17 -62.40 38.87
C GLU D 294 -20.25 -62.85 40.33
N ARG D 295 -20.74 -61.97 41.20
CA ARG D 295 -20.99 -62.31 42.58
C ARG D 295 -22.36 -62.97 42.69
N ILE D 296 -23.27 -62.61 41.79
CA ILE D 296 -24.63 -63.17 41.81
C ILE D 296 -24.61 -64.47 41.03
N THR D 297 -24.09 -65.52 41.67
CA THR D 297 -23.92 -66.80 41.00
C THR D 297 -24.22 -67.98 41.95
N THR D 298 -23.96 -69.18 41.46
CA THR D 298 -24.21 -70.40 42.22
C THR D 298 -22.91 -71.16 42.44
N THR D 299 -22.59 -71.40 43.70
CA THR D 299 -21.37 -72.09 44.09
C THR D 299 -21.66 -73.47 44.63
N LYS D 300 -20.60 -74.18 45.00
CA LYS D 300 -20.73 -75.49 45.63
C LYS D 300 -21.38 -75.42 47.01
N LYS D 301 -21.29 -74.26 47.67
CA LYS D 301 -21.94 -74.04 48.98
C LYS D 301 -23.44 -73.78 48.87
N GLY D 302 -23.89 -73.29 47.71
CA GLY D 302 -25.31 -72.99 47.55
C GLY D 302 -25.72 -72.28 46.26
N SER D 303 -27.01 -71.93 46.20
CA SER D 303 -27.61 -71.43 44.98
C SER D 303 -28.20 -70.03 45.13
N VAL D 304 -27.96 -69.17 44.14
CA VAL D 304 -28.63 -67.88 44.04
C VAL D 304 -29.33 -67.73 42.70
N THR D 305 -30.65 -67.53 42.76
CA THR D 305 -31.45 -67.24 41.58
C THR D 305 -31.91 -65.80 41.67
N SER D 306 -31.47 -64.98 40.72
CA SER D 306 -31.81 -63.56 40.72
C SER D 306 -32.64 -63.19 39.53
N VAL D 307 -33.68 -62.41 39.79
CA VAL D 307 -34.47 -61.81 38.75
C VAL D 307 -34.21 -60.30 38.80
N GLN D 308 -33.67 -59.78 37.72
CA GLN D 308 -33.32 -58.37 37.62
C GLN D 308 -34.16 -57.69 36.57
N ALA D 309 -34.82 -56.60 36.95
CA ALA D 309 -35.50 -55.75 35.96
C ALA D 309 -34.45 -54.89 35.27
N VAL D 310 -34.44 -54.89 33.94
CA VAL D 310 -33.45 -54.11 33.18
C VAL D 310 -34.12 -53.06 32.31
N TYR D 311 -34.07 -51.81 32.77
CA TYR D 311 -34.59 -50.70 31.99
C TYR D 311 -33.79 -50.53 30.71
N VAL D 312 -34.51 -50.22 29.64
CA VAL D 312 -33.98 -50.06 28.30
C VAL D 312 -34.36 -48.64 27.84
N PRO D 313 -33.42 -47.68 27.97
CA PRO D 313 -33.73 -46.28 27.75
C PRO D 313 -34.16 -46.04 26.31
N ALA D 314 -35.30 -45.38 26.14
CA ALA D 314 -35.85 -45.06 24.81
C ALA D 314 -36.12 -46.33 23.97
N ASP D 315 -36.36 -47.45 24.65
CA ASP D 315 -36.58 -48.75 24.00
C ASP D 315 -35.39 -49.22 23.16
N ASP D 316 -34.22 -48.59 23.32
CA ASP D 316 -33.07 -48.98 22.52
C ASP D 316 -32.26 -50.08 23.20
N LEU D 317 -32.41 -51.31 22.71
CA LEU D 317 -31.69 -52.45 23.25
C LEU D 317 -30.19 -52.38 22.94
N THR D 318 -29.78 -51.44 22.08
CA THR D 318 -28.35 -51.26 21.78
C THR D 318 -27.68 -50.26 22.71
N ASP D 319 -28.46 -49.58 23.54
CA ASP D 319 -27.89 -48.75 24.61
C ASP D 319 -26.86 -49.57 25.42
N PRO D 320 -25.64 -49.01 25.61
CA PRO D 320 -24.57 -49.76 26.25
C PRO D 320 -24.96 -50.47 27.56
N ALA D 321 -25.89 -49.90 28.31
CA ALA D 321 -26.25 -50.46 29.61
C ALA D 321 -26.99 -51.81 29.52
N PRO D 322 -28.18 -51.85 28.87
CA PRO D 322 -28.82 -53.15 28.61
C PRO D 322 -27.95 -54.09 27.77
N ALA D 323 -27.25 -53.54 26.79
CA ALA D 323 -26.44 -54.36 25.89
C ALA D 323 -25.43 -55.18 26.64
N THR D 324 -24.77 -54.57 27.62
CA THR D 324 -23.68 -55.20 28.35
C THR D 324 -24.24 -56.19 29.36
N THR D 325 -25.53 -56.10 29.62
CA THR D 325 -26.20 -56.97 30.58
C THR D 325 -26.48 -58.38 30.04
N PHE D 326 -26.82 -58.48 28.75
CA PHE D 326 -27.20 -59.75 28.11
C PHE D 326 -26.27 -60.93 28.39
N ALA D 327 -24.96 -60.69 28.35
CA ALA D 327 -23.96 -61.75 28.58
C ALA D 327 -24.02 -62.36 30.00
N HIS D 328 -24.63 -61.65 30.93
CA HIS D 328 -24.68 -62.11 32.32
C HIS D 328 -25.90 -62.97 32.60
N LEU D 329 -26.76 -63.14 31.61
CA LEU D 329 -28.06 -63.74 31.86
C LEU D 329 -28.25 -65.10 31.20
N ASP D 330 -28.77 -66.03 32.00
CA ASP D 330 -29.06 -67.39 31.55
C ASP D 330 -30.35 -67.38 30.73
N ALA D 331 -31.25 -66.46 31.09
CA ALA D 331 -32.53 -66.29 30.39
C ALA D 331 -32.93 -64.82 30.38
N THR D 332 -33.50 -64.39 29.25
CA THR D 332 -33.89 -62.99 29.05
C THR D 332 -35.35 -62.89 28.66
N THR D 333 -36.14 -62.15 29.45
CA THR D 333 -37.53 -61.86 29.11
C THR D 333 -37.65 -60.44 28.53
N VAL D 334 -37.70 -60.35 27.20
CA VAL D 334 -37.69 -59.05 26.53
C VAL D 334 -39.11 -58.52 26.30
N LEU D 335 -39.47 -57.46 27.02
CA LEU D 335 -40.76 -56.81 26.81
C LEU D 335 -40.75 -55.90 25.57
N SER D 336 -41.92 -55.54 25.08
CA SER D 336 -42.02 -54.71 23.88
C SER D 336 -43.22 -53.79 23.92
N ARG D 337 -42.98 -52.51 23.62
CA ARG D 337 -44.04 -51.51 23.56
C ARG D 337 -45.02 -51.89 22.45
N GLY D 338 -44.48 -52.43 21.36
CA GLY D 338 -45.27 -52.88 20.22
C GLY D 338 -46.30 -53.93 20.62
N ILE D 339 -45.84 -54.94 21.36
CA ILE D 339 -46.71 -55.98 21.89
C ILE D 339 -47.72 -55.38 22.90
N SER D 340 -47.24 -54.60 23.85
CA SER D 340 -48.11 -54.05 24.91
C SER D 340 -49.22 -53.16 24.37
N GLU D 341 -48.93 -52.42 23.30
CA GLU D 341 -49.91 -51.51 22.69
C GLU D 341 -51.04 -52.25 21.97
N LEU D 342 -50.80 -53.52 21.64
CA LEU D 342 -51.84 -54.39 21.11
C LEU D 342 -52.70 -55.06 22.21
N GLY D 343 -52.49 -54.69 23.46
CA GLY D 343 -53.26 -55.24 24.58
C GLY D 343 -52.75 -56.56 25.14
N ILE D 344 -51.66 -57.08 24.57
CA ILE D 344 -51.06 -58.31 25.05
C ILE D 344 -50.19 -58.07 26.28
N TYR D 345 -50.70 -58.43 27.46
CA TYR D 345 -49.89 -58.48 28.68
C TYR D 345 -49.81 -59.92 29.19
N PRO D 346 -48.62 -60.35 29.67
CA PRO D 346 -47.36 -59.60 29.69
C PRO D 346 -46.88 -59.32 28.27
N ALA D 347 -46.26 -58.17 28.07
CA ALA D 347 -45.85 -57.73 26.75
C ALA D 347 -44.56 -58.41 26.30
N VAL D 348 -44.54 -59.73 26.38
CA VAL D 348 -43.33 -60.47 26.05
C VAL D 348 -43.18 -60.70 24.55
N ASP D 349 -42.02 -60.35 24.02
CA ASP D 349 -41.66 -60.68 22.65
C ASP D 349 -41.34 -62.17 22.61
N PRO D 350 -42.20 -62.95 21.93
CA PRO D 350 -42.09 -64.40 21.90
C PRO D 350 -40.85 -64.89 21.16
N LEU D 351 -40.29 -64.07 20.28
CA LEU D 351 -39.11 -64.46 19.52
C LEU D 351 -37.79 -63.97 20.10
N ASP D 352 -37.78 -62.75 20.61
CA ASP D 352 -36.55 -62.10 21.08
C ASP D 352 -36.05 -62.63 22.43
N SER D 353 -36.97 -63.12 23.26
CA SER D 353 -36.62 -63.68 24.55
C SER D 353 -35.93 -65.03 24.36
N LYS D 354 -34.89 -65.29 25.16
CA LYS D 354 -34.09 -66.52 25.01
C LYS D 354 -33.88 -67.23 26.35
N SER D 355 -33.45 -68.50 26.27
CA SER D 355 -33.06 -69.27 27.45
C SER D 355 -32.00 -70.30 27.13
N ARG D 356 -31.03 -70.42 28.03
CA ARG D 356 -30.02 -71.48 27.99
C ARG D 356 -30.73 -72.84 28.03
N LEU D 357 -31.84 -72.88 28.78
CA LEU D 357 -32.56 -74.12 29.05
C LEU D 357 -33.64 -74.51 28.05
N LEU D 358 -33.76 -73.80 26.94
CA LEU D 358 -34.63 -74.28 25.87
C LEU D 358 -33.83 -75.30 25.09
N ASP D 359 -33.87 -76.53 25.58
CA ASP D 359 -33.01 -77.62 25.11
C ASP D 359 -33.75 -78.94 25.32
N ALA D 360 -33.86 -79.74 24.26
CA ALA D 360 -34.50 -81.06 24.33
C ALA D 360 -33.96 -81.90 25.48
N ALA D 361 -32.64 -81.81 25.69
CA ALA D 361 -31.97 -82.51 26.78
C ALA D 361 -32.45 -82.06 28.15
N VAL D 362 -33.02 -80.85 28.22
CA VAL D 362 -33.45 -80.28 29.50
C VAL D 362 -34.97 -80.32 29.70
N VAL D 363 -35.73 -79.88 28.69
CA VAL D 363 -37.19 -79.83 28.81
C VAL D 363 -37.92 -81.01 28.12
N GLY D 364 -37.16 -81.84 27.41
CA GLY D 364 -37.72 -82.98 26.70
C GLY D 364 -38.06 -82.61 25.26
N GLN D 365 -37.76 -83.53 24.34
CA GLN D 365 -37.97 -83.31 22.90
C GLN D 365 -39.36 -82.81 22.51
N GLU D 366 -40.39 -83.13 23.29
CA GLU D 366 -41.74 -82.64 23.01
C GLU D 366 -41.83 -81.12 23.19
N HIS D 367 -41.54 -80.66 24.41
CA HIS D 367 -41.46 -79.24 24.78
C HIS D 367 -40.69 -78.43 23.72
N TYR D 368 -39.44 -78.82 23.46
CA TYR D 368 -38.59 -78.16 22.48
C TYR D 368 -39.29 -77.99 21.13
N ASP D 369 -39.92 -79.07 20.66
CA ASP D 369 -40.59 -79.09 19.35
C ASP D 369 -41.79 -78.15 19.30
N VAL D 370 -42.55 -78.10 20.39
CA VAL D 370 -43.69 -77.19 20.50
C VAL D 370 -43.22 -75.75 20.40
N ALA D 371 -42.27 -75.38 21.27
CA ALA D 371 -41.66 -74.04 21.28
C ALA D 371 -41.18 -73.63 19.89
N SER D 372 -40.33 -74.47 19.31
CA SER D 372 -39.76 -74.25 17.98
C SER D 372 -40.78 -73.98 16.89
N LYS D 373 -41.91 -74.67 16.93
CA LYS D 373 -42.91 -74.52 15.87
C LYS D 373 -43.88 -73.37 16.15
N VAL D 374 -44.05 -73.02 17.42
CA VAL D 374 -44.74 -71.78 17.79
C VAL D 374 -43.93 -70.60 17.22
N GLN D 375 -42.64 -70.64 17.46
CA GLN D 375 -41.72 -69.62 16.98
C GLN D 375 -41.66 -69.53 15.45
N GLU D 376 -41.69 -70.69 14.78
CA GLU D 376 -41.73 -70.75 13.30
C GLU D 376 -43.03 -70.19 12.75
N THR D 377 -44.12 -70.49 13.45
CA THR D 377 -45.43 -70.00 13.08
C THR D 377 -45.45 -68.46 13.17
N LEU D 378 -44.91 -67.92 14.26
CA LEU D 378 -44.90 -66.49 14.51
C LEU D 378 -43.95 -65.73 13.57
N GLN D 379 -42.83 -66.37 13.23
CA GLN D 379 -41.91 -65.80 12.26
C GLN D 379 -42.56 -65.76 10.88
N THR D 380 -43.09 -66.90 10.43
CA THR D 380 -43.73 -66.98 9.12
C THR D 380 -44.84 -65.95 8.99
N TYR D 381 -45.57 -65.74 10.09
CA TYR D 381 -46.61 -64.72 10.20
C TYR D 381 -46.12 -63.34 9.80
N LYS D 382 -44.99 -62.92 10.35
CA LYS D 382 -44.37 -61.63 10.03
C LYS D 382 -44.20 -61.44 8.52
N SER D 383 -43.57 -62.42 7.88
CA SER D 383 -43.36 -62.41 6.43
C SER D 383 -44.65 -62.26 5.62
N LEU D 384 -45.76 -62.76 6.16
CA LEU D 384 -47.05 -62.66 5.49
C LEU D 384 -47.66 -61.29 5.68
N GLN D 385 -47.52 -60.76 6.89
CA GLN D 385 -48.00 -59.41 7.22
C GLN D 385 -47.48 -58.36 6.23
N ASP D 386 -46.30 -58.60 5.66
CA ASP D 386 -45.77 -57.77 4.58
C ASP D 386 -46.66 -57.88 3.36
N ILE D 387 -46.82 -59.10 2.83
CA ILE D 387 -47.63 -59.33 1.64
C ILE D 387 -49.05 -58.77 1.84
N ILE D 388 -49.60 -58.95 3.05
CA ILE D 388 -50.94 -58.43 3.38
C ILE D 388 -50.98 -56.88 3.31
N ALA D 389 -49.88 -56.23 3.68
CA ALA D 389 -49.79 -54.77 3.66
C ALA D 389 -49.94 -54.22 2.25
N ILE D 390 -49.20 -54.79 1.32
CA ILE D 390 -49.23 -54.34 -0.07
C ILE D 390 -50.38 -55.00 -0.86
N LEU D 391 -50.34 -56.32 -0.97
CA LEU D 391 -51.16 -57.08 -1.91
C LEU D 391 -52.54 -57.47 -1.40
N GLY D 392 -52.72 -57.42 -0.08
CA GLY D 392 -53.98 -57.85 0.52
C GLY D 392 -54.05 -59.37 0.68
N MET D 393 -55.29 -59.86 0.77
CA MET D 393 -55.55 -61.24 1.16
C MET D 393 -55.52 -62.21 -0.01
N ASP D 394 -55.81 -61.69 -1.21
CA ASP D 394 -56.03 -62.51 -2.40
C ASP D 394 -54.81 -63.31 -2.89
N GLU D 395 -53.61 -62.94 -2.44
CA GLU D 395 -52.40 -63.66 -2.85
C GLU D 395 -51.90 -64.64 -1.78
N LEU D 396 -52.71 -64.86 -0.75
CA LEU D 396 -52.41 -65.82 0.30
C LEU D 396 -53.00 -67.18 -0.03
N SER D 397 -52.19 -68.23 0.10
CA SER D 397 -52.66 -69.60 -0.04
C SER D 397 -53.65 -69.93 1.08
N GLU D 398 -54.29 -71.09 0.99
CA GLU D 398 -55.21 -71.53 2.05
C GLU D 398 -54.46 -71.88 3.32
N GLN D 399 -53.24 -72.41 3.15
CA GLN D 399 -52.36 -72.64 4.29
C GLN D 399 -51.87 -71.32 4.90
N ASP D 400 -51.49 -70.38 4.02
CA ASP D 400 -51.09 -69.05 4.44
C ASP D 400 -52.15 -68.44 5.36
N LYS D 401 -53.42 -68.47 4.93
CA LYS D 401 -54.51 -67.91 5.74
C LYS D 401 -54.73 -68.64 7.05
N LEU D 402 -54.43 -69.94 7.04
CA LEU D 402 -54.50 -70.75 8.26
C LEU D 402 -53.38 -70.39 9.23
N THR D 403 -52.16 -70.27 8.71
CA THR D 403 -51.01 -69.79 9.48
C THR D 403 -51.33 -68.45 10.16
N VAL D 404 -51.85 -67.50 9.39
CA VAL D 404 -52.25 -66.20 9.93
C VAL D 404 -53.22 -66.40 11.10
N GLU D 405 -54.29 -67.15 10.86
CA GLU D 405 -55.31 -67.41 11.89
C GLU D 405 -54.75 -68.00 13.17
N ARG D 406 -53.87 -68.99 13.03
CA ARG D 406 -53.32 -69.72 14.16
C ARG D 406 -52.34 -68.88 14.97
N ALA D 407 -51.43 -68.20 14.26
CA ALA D 407 -50.47 -67.28 14.86
C ALA D 407 -51.19 -66.21 15.68
N ARG D 408 -52.26 -65.68 15.12
CA ARG D 408 -53.08 -64.68 15.81
C ARG D 408 -53.67 -65.22 17.12
N LYS D 409 -54.06 -66.50 17.11
CA LYS D 409 -54.56 -67.16 18.31
C LYS D 409 -53.40 -67.44 19.28
N ILE D 410 -52.26 -67.84 18.73
CA ILE D 410 -51.06 -68.11 19.52
C ILE D 410 -50.62 -66.87 20.30
N GLN D 411 -50.57 -65.73 19.60
CA GLN D 411 -50.19 -64.43 20.19
C GLN D 411 -51.06 -64.10 21.39
N ARG D 412 -52.38 -64.19 21.18
CA ARG D 412 -53.37 -63.97 22.23
C ARG D 412 -53.23 -64.99 23.36
N PHE D 413 -53.01 -66.25 22.99
CA PHE D 413 -52.88 -67.32 23.96
C PHE D 413 -51.68 -67.10 24.87
N LEU D 414 -50.67 -66.39 24.36
CA LEU D 414 -49.52 -66.01 25.18
C LEU D 414 -49.83 -64.94 26.25
N SER D 415 -50.93 -64.21 26.09
CA SER D 415 -51.35 -63.27 27.15
C SER D 415 -51.88 -64.01 28.38
N GLN D 416 -51.91 -63.33 29.51
CA GLN D 416 -52.26 -63.95 30.78
C GLN D 416 -52.63 -62.87 31.77
N PRO D 417 -53.75 -63.03 32.49
CA PRO D 417 -54.06 -62.07 33.55
C PRO D 417 -53.14 -62.33 34.74
N PHE D 418 -52.48 -61.29 35.21
CA PHE D 418 -51.60 -61.43 36.35
C PHE D 418 -52.38 -61.12 37.62
N ALA D 419 -52.00 -61.78 38.72
CA ALA D 419 -52.65 -61.54 40.01
C ALA D 419 -52.44 -60.08 40.45
N VAL D 420 -51.20 -59.62 40.33
CA VAL D 420 -50.84 -58.25 40.73
C VAL D 420 -51.35 -57.19 39.77
N ALA D 421 -51.70 -57.59 38.55
CA ALA D 421 -52.27 -56.68 37.55
C ALA D 421 -53.79 -56.56 37.65
N GLU D 422 -54.36 -57.16 38.70
CA GLU D 422 -55.81 -57.23 38.89
C GLU D 422 -56.50 -55.87 38.82
N VAL D 423 -55.87 -54.86 39.42
CA VAL D 423 -56.39 -53.49 39.41
C VAL D 423 -56.45 -52.89 38.00
N PHE D 424 -55.55 -53.33 37.12
CA PHE D 424 -55.51 -52.87 35.73
C PHE D 424 -56.47 -53.65 34.83
N THR D 425 -56.49 -54.97 35.02
CA THR D 425 -57.30 -55.88 34.21
C THR D 425 -58.79 -55.91 34.60
N GLY D 426 -59.06 -55.88 35.91
CA GLY D 426 -60.37 -56.25 36.43
C GLY D 426 -60.45 -57.76 36.59
N ILE D 427 -59.95 -58.48 35.58
CA ILE D 427 -59.89 -59.95 35.55
C ILE D 427 -59.01 -60.54 36.65
N PRO D 428 -59.50 -61.56 37.38
CA PRO D 428 -58.66 -62.21 38.40
C PRO D 428 -57.51 -62.98 37.75
N GLY D 429 -56.37 -63.02 38.42
CA GLY D 429 -55.16 -63.59 37.86
C GLY D 429 -55.16 -65.09 37.77
N LYS D 430 -54.47 -65.62 36.77
CA LYS D 430 -54.36 -67.06 36.59
C LYS D 430 -52.92 -67.52 36.71
N LEU D 431 -52.74 -68.74 37.21
CA LEU D 431 -51.43 -69.39 37.21
C LEU D 431 -51.55 -70.73 36.49
N VAL D 432 -50.73 -70.91 35.46
CA VAL D 432 -50.84 -72.08 34.58
C VAL D 432 -49.59 -72.92 34.71
N ARG D 433 -49.77 -74.19 35.07
CA ARG D 433 -48.65 -75.10 35.23
C ARG D 433 -47.96 -75.34 33.90
N LEU D 434 -46.65 -75.61 33.94
CA LEU D 434 -45.86 -75.81 32.72
C LEU D 434 -46.43 -76.89 31.80
N LYS D 435 -46.78 -78.03 32.38
CA LYS D 435 -47.33 -79.16 31.62
C LYS D 435 -48.60 -78.77 30.86
N ASP D 436 -49.49 -78.06 31.55
CA ASP D 436 -50.65 -77.43 30.93
C ASP D 436 -50.24 -76.65 29.68
N THR D 437 -49.29 -75.74 29.85
CA THR D 437 -48.81 -74.85 28.80
C THR D 437 -48.38 -75.65 27.56
N VAL D 438 -47.43 -76.57 27.74
CA VAL D 438 -46.93 -77.35 26.61
C VAL D 438 -48.05 -78.14 25.92
N ALA D 439 -48.86 -78.83 26.72
CA ALA D 439 -50.00 -79.61 26.22
C ALA D 439 -50.97 -78.75 25.43
N SER D 440 -51.38 -77.64 26.04
CA SER D 440 -52.34 -76.71 25.42
C SER D 440 -51.85 -76.13 24.09
N PHE D 441 -50.57 -75.80 24.02
CA PHE D 441 -50.00 -75.20 22.81
C PHE D 441 -49.78 -76.24 21.72
N LYS D 442 -49.43 -77.46 22.12
CA LYS D 442 -49.27 -78.58 21.19
C LYS D 442 -50.59 -78.87 20.48
N ALA D 443 -51.67 -78.92 21.26
CA ALA D 443 -53.03 -79.12 20.77
C ALA D 443 -53.41 -78.11 19.70
N VAL D 444 -53.04 -76.84 19.93
CA VAL D 444 -53.35 -75.75 18.99
C VAL D 444 -52.48 -75.84 17.74
N LEU D 445 -51.22 -76.23 17.91
CA LEU D 445 -50.30 -76.45 16.79
C LEU D 445 -50.73 -77.59 15.87
N GLU D 446 -51.39 -78.60 16.46
CA GLU D 446 -51.88 -79.75 15.69
C GLU D 446 -53.15 -79.41 14.90
N GLY D 447 -54.10 -78.74 15.55
CA GLY D 447 -55.24 -78.15 14.84
C GLY D 447 -56.55 -78.23 15.56
N LYS D 448 -56.52 -78.76 16.78
CA LYS D 448 -57.73 -79.12 17.52
C LYS D 448 -58.68 -77.97 17.87
N TYR D 449 -58.25 -76.74 17.63
CA TYR D 449 -59.07 -75.58 17.99
C TYR D 449 -59.22 -74.54 16.87
N ASP D 450 -58.92 -74.97 15.64
CA ASP D 450 -59.09 -74.14 14.45
C ASP D 450 -60.50 -73.56 14.28
N ASN D 451 -61.46 -74.16 14.99
CA ASN D 451 -62.86 -73.72 14.94
C ASN D 451 -63.21 -72.73 16.05
N ILE D 452 -62.31 -72.60 17.03
CA ILE D 452 -62.51 -71.68 18.14
C ILE D 452 -61.98 -70.28 17.80
N PRO D 453 -62.83 -69.24 17.97
CA PRO D 453 -62.44 -67.86 17.66
C PRO D 453 -61.36 -67.28 18.59
N GLU D 454 -60.62 -66.31 18.07
CA GLU D 454 -59.50 -65.64 18.76
C GLU D 454 -59.76 -65.29 20.22
N HIS D 455 -60.82 -64.51 20.44
CA HIS D 455 -61.13 -63.97 21.76
C HIS D 455 -61.09 -64.97 22.90
N ALA D 456 -61.26 -66.25 22.57
CA ALA D 456 -61.21 -67.32 23.56
C ALA D 456 -59.81 -67.53 24.10
N PHE D 457 -58.80 -67.26 23.27
CA PHE D 457 -57.40 -67.44 23.64
C PHE D 457 -56.81 -66.26 24.40
N TYR D 458 -57.48 -65.12 24.32
CA TYR D 458 -56.98 -63.87 24.89
C TYR D 458 -57.29 -63.73 26.39
N MET D 459 -56.26 -63.40 27.15
CA MET D 459 -56.35 -63.09 28.57
C MET D 459 -56.98 -64.23 29.39
N VAL D 460 -56.53 -65.46 29.12
CA VAL D 460 -56.98 -66.63 29.87
C VAL D 460 -55.80 -67.48 30.33
N GLY D 461 -56.13 -68.53 31.09
CA GLY D 461 -55.13 -69.45 31.61
C GLY D 461 -54.80 -70.58 30.64
N GLY D 462 -55.11 -71.81 31.07
CA GLY D 462 -54.87 -73.00 30.26
C GLY D 462 -55.91 -73.23 29.18
N ILE D 463 -55.72 -74.30 28.40
CA ILE D 463 -56.64 -74.66 27.30
C ILE D 463 -58.10 -74.85 27.72
N GLU D 464 -58.32 -75.30 28.96
CA GLU D 464 -59.67 -75.47 29.50
C GLU D 464 -60.41 -74.14 29.60
N ASP D 465 -59.73 -73.11 30.12
CA ASP D 465 -60.28 -71.75 30.25
C ASP D 465 -60.60 -71.13 28.89
N VAL D 466 -59.99 -71.67 27.83
CA VAL D 466 -60.25 -71.25 26.46
C VAL D 466 -61.65 -71.71 26.02
N VAL D 467 -61.88 -73.02 26.14
CA VAL D 467 -63.15 -73.64 25.73
C VAL D 467 -64.31 -73.04 26.55
N ALA D 468 -64.07 -72.84 27.85
CA ALA D 468 -65.06 -72.23 28.75
C ALA D 468 -65.45 -70.83 28.31
N LYS D 469 -64.46 -70.05 27.88
CA LYS D 469 -64.69 -68.70 27.37
C LYS D 469 -65.36 -68.74 26.01
N ALA D 470 -65.00 -69.72 25.19
CA ALA D 470 -65.57 -69.88 23.85
C ALA D 470 -67.08 -70.13 23.90
N GLU D 471 -67.49 -70.97 24.84
CA GLU D 471 -68.90 -71.30 25.06
C GLU D 471 -69.68 -70.14 25.69
N LYS D 472 -69.00 -69.37 26.54
CA LYS D 472 -69.58 -68.21 27.21
C LYS D 472 -69.91 -67.07 26.23
N LEU D 473 -69.11 -66.94 25.17
CA LEU D 473 -69.35 -65.93 24.14
C LEU D 473 -70.34 -66.38 23.08
N ALA D 474 -70.54 -67.69 22.98
CA ALA D 474 -71.62 -68.25 22.16
C ALA D 474 -72.97 -67.78 22.70
N ALA D 475 -73.11 -67.76 24.02
CA ALA D 475 -74.30 -67.23 24.69
C ALA D 475 -74.19 -65.72 24.92
N PRO E 8 27.71 -36.86 15.10
CA PRO E 8 26.31 -37.30 15.07
C PRO E 8 25.48 -36.70 16.22
N ILE E 9 24.41 -35.96 15.86
CA ILE E 9 23.49 -35.36 16.85
C ILE E 9 22.69 -36.43 17.64
N THR E 10 22.69 -36.30 18.95
CA THR E 10 22.19 -37.35 19.85
C THR E 10 21.24 -36.84 20.94
N GLY E 11 20.25 -37.66 21.29
CA GLY E 11 19.28 -37.32 22.33
C GLY E 11 18.77 -38.51 23.12
N LYS E 12 17.87 -38.25 24.06
CA LYS E 12 17.38 -39.27 25.00
C LYS E 12 15.85 -39.34 25.00
N VAL E 13 15.30 -40.55 25.00
CA VAL E 13 13.87 -40.76 25.17
C VAL E 13 13.42 -40.17 26.51
N THR E 14 12.39 -39.33 26.48
CA THR E 14 11.80 -38.80 27.72
C THR E 14 10.41 -39.36 28.00
N ALA E 15 9.72 -39.82 26.96
CA ALA E 15 8.37 -40.39 27.12
C ALA E 15 8.02 -41.44 26.08
N VAL E 16 7.21 -42.40 26.50
CA VAL E 16 6.67 -43.42 25.63
C VAL E 16 5.20 -43.65 25.95
N ILE E 17 4.34 -43.32 24.99
CA ILE E 17 2.91 -43.51 25.13
C ILE E 17 2.44 -44.17 23.85
N GLY E 18 2.35 -45.50 23.88
CA GLY E 18 2.07 -46.29 22.67
C GLY E 18 3.00 -45.86 21.55
N ALA E 19 2.41 -45.48 20.43
CA ALA E 19 3.16 -45.12 19.23
C ALA E 19 3.80 -43.72 19.30
N ILE E 20 3.57 -43.00 20.40
CA ILE E 20 4.08 -41.65 20.57
C ILE E 20 5.28 -41.64 21.51
N VAL E 21 6.39 -41.12 21.01
CA VAL E 21 7.65 -41.16 21.73
C VAL E 21 8.24 -39.75 21.78
N ASP E 22 8.55 -39.29 22.98
CA ASP E 22 9.16 -37.98 23.17
C ASP E 22 10.67 -38.09 23.40
N VAL E 23 11.41 -37.19 22.78
CA VAL E 23 12.86 -37.24 22.79
C VAL E 23 13.43 -35.87 23.12
N HIS E 24 14.39 -35.84 24.05
CA HIS E 24 15.06 -34.61 24.44
C HIS E 24 16.41 -34.45 23.74
N PHE E 25 16.73 -33.23 23.33
CA PHE E 25 17.99 -32.92 22.65
C PHE E 25 18.67 -31.72 23.30
N GLU E 26 19.92 -31.47 22.90
CA GLU E 26 20.69 -30.32 23.37
C GLU E 26 20.36 -29.07 22.58
N GLN E 27 20.57 -27.90 23.18
CA GLN E 27 20.25 -26.59 22.58
C GLN E 27 20.87 -26.42 21.19
N SER E 28 20.07 -25.86 20.27
CA SER E 28 20.43 -25.60 18.87
C SER E 28 20.70 -26.87 18.04
N GLU E 29 20.51 -28.03 18.66
CA GLU E 29 20.69 -29.34 18.00
C GLU E 29 19.35 -30.04 17.74
N LEU E 30 18.29 -29.28 17.52
CA LEU E 30 16.98 -29.91 17.41
C LEU E 30 16.68 -30.37 16.00
N PRO E 31 16.31 -31.65 15.84
CA PRO E 31 15.97 -32.18 14.53
C PRO E 31 14.66 -31.58 14.02
N ALA E 32 14.65 -31.15 12.76
CA ALA E 32 13.48 -30.52 12.17
C ALA E 32 12.31 -31.49 12.16
N ILE E 33 11.10 -30.94 12.16
CA ILE E 33 9.88 -31.74 12.02
C ILE E 33 9.94 -32.50 10.70
N LEU E 34 9.61 -33.79 10.77
CA LEU E 34 9.68 -34.73 9.63
C LEU E 34 11.01 -35.49 9.49
N ASN E 35 12.03 -35.08 10.24
CA ASN E 35 13.29 -35.84 10.30
C ASN E 35 13.08 -37.21 10.91
N ALA E 36 13.86 -38.18 10.42
CA ALA E 36 13.89 -39.52 10.99
C ALA E 36 14.91 -39.58 12.12
N LEU E 37 14.51 -40.20 13.22
CA LEU E 37 15.40 -40.51 14.30
C LEU E 37 15.50 -42.02 14.42
N GLU E 38 16.62 -42.51 14.94
CA GLU E 38 16.83 -43.95 15.06
C GLU E 38 17.19 -44.36 16.47
N ILE E 39 16.69 -45.52 16.85
CA ILE E 39 17.05 -46.16 18.11
C ILE E 39 17.43 -47.60 17.78
N LYS E 40 18.58 -48.03 18.30
CA LYS E 40 19.01 -49.40 18.09
C LYS E 40 18.36 -50.35 19.08
N THR E 41 17.64 -51.33 18.53
CA THR E 41 16.93 -52.32 19.32
C THR E 41 17.53 -53.70 19.03
N PRO E 42 17.27 -54.67 19.93
CA PRO E 42 17.67 -56.05 19.67
C PRO E 42 17.45 -56.50 18.21
N GLN E 43 16.27 -56.21 17.65
CA GLN E 43 15.86 -56.72 16.33
C GLN E 43 16.39 -55.90 15.14
N GLY E 44 16.63 -54.61 15.37
CA GLY E 44 17.14 -53.71 14.33
C GLY E 44 16.95 -52.28 14.77
N LYS E 45 16.75 -51.37 13.82
CA LYS E 45 16.45 -49.99 14.18
C LYS E 45 14.94 -49.76 14.33
N LEU E 46 14.60 -48.95 15.31
CA LEU E 46 13.27 -48.38 15.44
C LEU E 46 13.38 -46.95 14.93
N VAL E 47 12.56 -46.63 13.93
CA VAL E 47 12.56 -45.30 13.33
C VAL E 47 11.41 -44.47 13.89
N LEU E 48 11.72 -43.23 14.27
CA LEU E 48 10.76 -42.26 14.75
C LEU E 48 10.73 -41.07 13.80
N GLU E 49 9.52 -40.63 13.41
CA GLU E 49 9.39 -39.38 12.65
C GLU E 49 8.96 -38.21 13.54
N VAL E 50 9.69 -37.11 13.43
CA VAL E 50 9.45 -35.94 14.27
C VAL E 50 8.14 -35.25 13.85
N ALA E 51 7.22 -35.10 14.81
CA ALA E 51 5.94 -34.46 14.55
C ALA E 51 5.89 -33.02 15.04
N GLN E 52 6.37 -32.77 16.25
CA GLN E 52 6.22 -31.46 16.90
C GLN E 52 7.44 -31.10 17.76
N HIS E 53 7.70 -29.79 17.86
CA HIS E 53 8.64 -29.27 18.85
C HIS E 53 7.84 -28.81 20.08
N LEU E 54 7.79 -29.64 21.12
CA LEU E 54 6.99 -29.35 22.32
C LEU E 54 7.52 -28.19 23.15
N GLY E 55 8.75 -27.78 22.89
CA GLY E 55 9.40 -26.79 23.73
C GLY E 55 10.31 -27.43 24.77
N GLU E 56 11.13 -26.60 25.42
CA GLU E 56 12.15 -27.05 26.36
C GLU E 56 13.01 -28.18 25.79
N ASN E 57 13.37 -28.02 24.51
CA ASN E 57 14.31 -28.91 23.82
C ASN E 57 13.84 -30.36 23.66
N THR E 58 12.52 -30.54 23.78
CA THR E 58 11.89 -31.82 23.53
C THR E 58 11.13 -31.80 22.21
N VAL E 59 11.18 -32.92 21.49
CA VAL E 59 10.38 -33.12 20.30
C VAL E 59 9.45 -34.28 20.54
N ARG E 60 8.28 -34.24 19.91
CA ARG E 60 7.36 -35.38 19.92
C ARG E 60 7.45 -36.10 18.58
N THR E 61 7.43 -37.43 18.64
CA THR E 61 7.61 -38.27 17.44
C THR E 61 6.53 -39.32 17.34
N ILE E 62 6.29 -39.81 16.12
CA ILE E 62 5.45 -40.98 15.89
C ILE E 62 6.36 -42.14 15.47
N ALA E 63 6.13 -43.32 16.05
CA ALA E 63 6.98 -44.46 15.78
C ALA E 63 6.57 -45.17 14.50
N MET E 64 7.55 -45.73 13.80
CA MET E 64 7.31 -46.51 12.58
C MET E 64 7.19 -48.01 12.88
N ASP E 65 7.43 -48.37 14.14
CA ASP E 65 7.30 -49.75 14.59
C ASP E 65 6.90 -49.77 16.05
N GLY E 66 6.60 -50.95 16.59
CA GLY E 66 6.21 -51.12 18.00
C GLY E 66 7.24 -50.52 18.95
N THR E 67 6.78 -49.98 20.07
CA THR E 67 7.63 -49.29 21.03
C THR E 67 7.83 -50.05 22.35
N GLU E 68 7.28 -51.27 22.42
CA GLU E 68 7.54 -52.11 23.60
C GLU E 68 9.04 -52.33 23.75
N GLY E 69 9.51 -52.19 24.98
CA GLY E 69 10.92 -52.38 25.27
C GLY E 69 11.69 -51.08 25.45
N LEU E 70 11.19 -50.00 24.88
CA LEU E 70 11.83 -48.69 25.07
C LEU E 70 11.93 -48.28 26.54
N VAL E 71 12.98 -47.52 26.84
CA VAL E 71 13.32 -47.14 28.20
C VAL E 71 13.65 -45.66 28.16
N ARG E 72 13.12 -44.91 29.12
CA ARG E 72 13.43 -43.49 29.22
C ARG E 72 14.93 -43.35 29.43
N GLY E 73 15.56 -42.51 28.63
CA GLY E 73 17.02 -42.35 28.69
C GLY E 73 17.74 -43.03 27.54
N GLU E 74 17.04 -43.89 26.80
CA GLU E 74 17.66 -44.61 25.69
C GLU E 74 18.17 -43.64 24.62
N LYS E 75 19.34 -43.96 24.08
CA LYS E 75 20.05 -43.12 23.11
C LYS E 75 19.27 -43.01 21.81
N VAL E 76 19.18 -41.79 21.27
CA VAL E 76 18.42 -41.54 20.05
C VAL E 76 19.22 -40.72 19.06
N LEU E 77 19.32 -41.23 17.82
CA LEU E 77 20.10 -40.58 16.77
C LEU E 77 19.26 -39.76 15.78
N ASP E 78 19.65 -38.50 15.59
CA ASP E 78 19.13 -37.68 14.49
C ASP E 78 19.83 -38.10 13.21
N THR E 79 19.06 -38.62 12.24
CA THR E 79 19.64 -39.00 10.96
C THR E 79 19.86 -37.78 10.06
N GLY E 80 19.45 -36.62 10.53
CA GLY E 80 19.69 -35.36 9.82
C GLY E 80 18.75 -35.03 8.67
N GLY E 81 17.85 -35.95 8.34
CA GLY E 81 16.83 -35.70 7.32
C GLY E 81 15.62 -36.62 7.49
N PRO E 82 14.63 -36.51 6.58
CA PRO E 82 13.46 -37.37 6.63
C PRO E 82 13.79 -38.84 6.34
N ILE E 83 12.84 -39.72 6.67
CA ILE E 83 12.92 -41.11 6.24
C ILE E 83 13.32 -41.17 4.78
N SER E 84 14.41 -41.89 4.50
CA SER E 84 14.92 -42.02 3.14
C SER E 84 14.68 -43.43 2.60
N VAL E 85 14.51 -43.53 1.29
CA VAL E 85 14.36 -44.82 0.66
C VAL E 85 15.29 -44.97 -0.54
N PRO E 86 15.78 -46.20 -0.79
CA PRO E 86 16.50 -46.54 -2.01
C PRO E 86 15.64 -46.33 -3.25
N VAL E 87 16.22 -45.69 -4.26
CA VAL E 87 15.52 -45.44 -5.52
C VAL E 87 16.29 -46.02 -6.71
N GLY E 88 15.64 -46.10 -7.86
CA GLY E 88 16.30 -46.58 -9.08
C GLY E 88 15.94 -48.01 -9.41
N ARG E 89 16.63 -48.54 -10.43
CA ARG E 89 16.33 -49.88 -10.98
C ARG E 89 16.57 -51.03 -10.01
N GLU E 90 17.47 -50.80 -9.04
CA GLU E 90 17.76 -51.78 -7.99
C GLU E 90 16.56 -52.12 -7.09
N THR E 91 15.50 -51.29 -7.13
CA THR E 91 14.31 -51.55 -6.33
C THR E 91 13.39 -52.56 -7.02
N LEU E 92 13.52 -52.65 -8.34
CA LEU E 92 12.64 -53.49 -9.16
C LEU E 92 12.80 -54.97 -8.83
N GLY E 93 11.67 -55.65 -8.69
CA GLY E 93 11.65 -57.04 -8.25
C GLY E 93 11.74 -57.24 -6.75
N ARG E 94 12.20 -56.20 -6.03
CA ARG E 94 12.31 -56.26 -4.57
C ARG E 94 10.98 -55.99 -3.84
N ILE E 95 10.95 -56.34 -2.57
CA ILE E 95 9.86 -55.97 -1.67
C ILE E 95 10.46 -55.12 -0.54
N ILE E 96 9.95 -53.90 -0.43
CA ILE E 96 10.51 -52.87 0.45
C ILE E 96 9.48 -52.47 1.52
N ASN E 97 9.95 -52.03 2.69
CA ASN E 97 9.05 -51.48 3.69
C ASN E 97 9.13 -49.94 3.79
N VAL E 98 8.28 -49.35 4.63
CA VAL E 98 8.13 -47.90 4.75
C VAL E 98 9.45 -47.14 4.91
N ILE E 99 10.34 -47.71 5.71
CA ILE E 99 11.64 -47.08 5.97
C ILE E 99 12.74 -47.54 5.00
N GLY E 100 12.34 -48.10 3.87
CA GLY E 100 13.28 -48.44 2.80
C GLY E 100 14.09 -49.73 2.97
N GLU E 101 13.71 -50.57 3.93
CA GLU E 101 14.39 -51.82 4.18
C GLU E 101 13.79 -52.95 3.34
N PRO E 102 14.64 -53.86 2.83
CA PRO E 102 14.17 -55.06 2.10
C PRO E 102 13.47 -56.04 3.03
N ILE E 103 12.33 -56.59 2.60
CA ILE E 103 11.59 -57.56 3.42
C ILE E 103 11.28 -58.84 2.65
N ASP E 104 12.10 -59.12 1.63
CA ASP E 104 11.98 -60.32 0.80
C ASP E 104 13.12 -61.32 1.07
N GLU E 105 13.94 -61.03 2.08
CA GLU E 105 15.13 -61.82 2.44
C GLU E 105 16.12 -62.04 1.29
N ARG E 106 16.16 -61.11 0.34
CA ARG E 106 17.08 -61.24 -0.79
C ARG E 106 18.30 -60.32 -0.64
N GLY E 107 18.67 -60.05 0.60
CA GLY E 107 19.81 -59.18 0.89
C GLY E 107 19.56 -57.71 0.58
N PRO E 108 20.58 -56.86 0.78
CA PRO E 108 20.45 -55.42 0.61
C PRO E 108 20.03 -54.99 -0.79
N ILE E 109 19.27 -53.89 -0.86
CA ILE E 109 19.08 -53.18 -2.10
C ILE E 109 20.35 -52.36 -2.28
N LYS E 110 21.16 -52.73 -3.28
CA LYS E 110 22.45 -52.08 -3.48
C LYS E 110 22.30 -50.83 -4.34
N SER E 111 21.59 -49.86 -3.78
CA SER E 111 21.18 -48.68 -4.51
C SER E 111 22.24 -47.61 -4.45
N LYS E 112 22.39 -46.87 -5.54
CA LYS E 112 23.35 -45.79 -5.61
C LYS E 112 22.92 -44.63 -4.71
N LEU E 113 21.63 -44.30 -4.76
CA LEU E 113 21.09 -43.17 -4.01
C LEU E 113 19.91 -43.51 -3.09
N ARG E 114 19.75 -42.68 -2.06
CA ARG E 114 18.55 -42.66 -1.25
C ARG E 114 17.89 -41.30 -1.42
N LYS E 115 16.56 -41.28 -1.45
CA LYS E 115 15.82 -40.01 -1.50
C LYS E 115 14.88 -39.91 -0.30
N PRO E 116 14.66 -38.67 0.22
CA PRO E 116 13.72 -38.51 1.35
C PRO E 116 12.26 -38.71 0.91
N ILE E 117 11.45 -39.37 1.73
CA ILE E 117 10.03 -39.60 1.41
C ILE E 117 9.12 -38.35 1.51
N HIS E 118 9.59 -37.29 2.17
CA HIS E 118 8.90 -35.99 2.14
C HIS E 118 9.64 -35.05 1.23
N ALA E 119 8.92 -34.51 0.26
CA ALA E 119 9.48 -33.54 -0.66
C ALA E 119 8.34 -32.72 -1.26
N ASP E 120 8.67 -31.53 -1.75
CA ASP E 120 7.70 -30.66 -2.38
C ASP E 120 7.23 -31.17 -3.72
N PRO E 121 5.92 -31.02 -4.01
CA PRO E 121 5.41 -31.28 -5.34
C PRO E 121 6.10 -30.35 -6.34
N PRO E 122 6.05 -30.69 -7.64
CA PRO E 122 6.51 -29.71 -8.63
C PRO E 122 5.78 -28.38 -8.50
N SER E 123 6.52 -27.29 -8.66
CA SER E 123 5.97 -25.94 -8.65
C SER E 123 4.94 -25.75 -9.75
N PHE E 124 4.27 -24.61 -9.72
CA PHE E 124 3.24 -24.30 -10.70
C PHE E 124 3.86 -24.16 -12.10
N ALA E 125 5.02 -23.50 -12.16
CA ALA E 125 5.74 -23.27 -13.41
C ALA E 125 6.21 -24.55 -14.09
N GLU E 126 6.44 -25.59 -13.31
CA GLU E 126 6.94 -26.87 -13.80
C GLU E 126 5.83 -27.81 -14.25
N GLN E 127 4.58 -27.36 -14.20
CA GLN E 127 3.46 -28.23 -14.55
C GLN E 127 3.28 -28.30 -16.06
N SER E 128 2.82 -29.46 -16.51
CA SER E 128 2.36 -29.67 -17.88
C SER E 128 1.12 -28.82 -18.10
N THR E 129 1.12 -28.05 -19.20
CA THR E 129 0.07 -27.08 -19.47
C THR E 129 -1.18 -27.67 -20.16
N SER E 130 -1.14 -28.95 -20.51
CA SER E 130 -2.27 -29.61 -21.17
C SER E 130 -2.45 -31.03 -20.66
N ALA E 131 -3.71 -31.41 -20.44
CA ALA E 131 -4.06 -32.79 -20.19
C ALA E 131 -3.65 -33.61 -21.41
N GLU E 132 -3.01 -34.75 -21.17
CA GLU E 132 -2.79 -35.73 -22.23
C GLU E 132 -3.17 -37.13 -21.79
N ILE E 133 -3.61 -37.93 -22.75
CA ILE E 133 -4.03 -39.30 -22.51
C ILE E 133 -2.84 -40.17 -22.14
N LEU E 134 -3.05 -41.11 -21.23
CA LEU E 134 -2.13 -42.22 -21.08
C LEU E 134 -2.78 -43.43 -21.73
N GLU E 135 -2.32 -43.74 -22.95
CA GLU E 135 -2.80 -44.89 -23.72
C GLU E 135 -2.53 -46.19 -22.96
N THR E 136 -3.58 -46.94 -22.66
CA THR E 136 -3.44 -48.16 -21.85
C THR E 136 -3.49 -49.45 -22.66
N GLY E 137 -3.96 -49.39 -23.89
CA GLY E 137 -4.10 -50.58 -24.71
C GLY E 137 -5.30 -51.43 -24.35
N ILE E 138 -6.09 -50.98 -23.38
CA ILE E 138 -7.33 -51.65 -23.02
C ILE E 138 -8.46 -50.88 -23.67
N LYS E 139 -9.37 -51.58 -24.34
CA LYS E 139 -10.35 -50.95 -25.23
C LYS E 139 -11.35 -50.09 -24.48
N VAL E 140 -12.03 -50.65 -23.48
CA VAL E 140 -12.98 -49.91 -22.66
C VAL E 140 -12.38 -48.62 -22.16
N VAL E 141 -11.21 -48.72 -21.52
CA VAL E 141 -10.53 -47.57 -20.92
C VAL E 141 -10.17 -46.52 -21.95
N ASP E 142 -9.36 -46.88 -22.95
CA ASP E 142 -8.90 -45.91 -23.95
C ASP E 142 -10.05 -45.25 -24.71
N LEU E 143 -11.10 -46.00 -25.00
CA LEU E 143 -12.24 -45.42 -25.69
C LEU E 143 -13.10 -44.55 -24.76
N LEU E 144 -13.62 -45.16 -23.68
CA LEU E 144 -14.71 -44.60 -22.90
C LEU E 144 -14.32 -43.78 -21.65
N ALA E 145 -13.32 -44.26 -20.91
CA ALA E 145 -12.82 -43.54 -19.75
C ALA E 145 -11.28 -43.53 -19.71
N PRO E 146 -10.65 -42.79 -20.64
CA PRO E 146 -9.19 -42.80 -20.79
C PRO E 146 -8.42 -42.30 -19.56
N TYR E 147 -7.22 -42.83 -19.35
CA TYR E 147 -6.35 -42.43 -18.26
C TYR E 147 -5.61 -41.15 -18.61
N ALA E 148 -5.22 -40.41 -17.58
CA ALA E 148 -4.54 -39.13 -17.76
C ALA E 148 -3.08 -39.29 -17.42
N ARG E 149 -2.23 -38.89 -18.35
CA ARG E 149 -0.82 -38.86 -18.07
C ARG E 149 -0.55 -37.92 -16.88
N GLY E 150 -0.02 -38.49 -15.80
CA GLY E 150 0.26 -37.72 -14.58
C GLY E 150 -0.98 -37.49 -13.72
N GLY E 151 -2.00 -38.32 -13.93
CA GLY E 151 -3.24 -38.19 -13.22
C GLY E 151 -3.48 -39.33 -12.26
N LYS E 152 -4.69 -39.38 -11.73
CA LYS E 152 -5.06 -40.39 -10.75
C LYS E 152 -6.30 -41.09 -11.25
N ILE E 153 -6.38 -42.38 -11.00
CA ILE E 153 -7.54 -43.17 -11.41
C ILE E 153 -8.04 -43.98 -10.23
N GLY E 154 -9.33 -43.91 -9.97
CA GLY E 154 -9.93 -44.74 -8.95
C GLY E 154 -10.34 -46.09 -9.52
N LEU E 155 -9.96 -47.15 -8.82
CA LEU E 155 -10.35 -48.50 -9.21
C LEU E 155 -11.33 -49.06 -8.19
N PHE E 156 -12.53 -49.40 -8.65
CA PHE E 156 -13.62 -49.83 -7.78
C PHE E 156 -14.09 -51.22 -8.14
N GLY E 157 -14.55 -51.98 -7.15
CA GLY E 157 -15.05 -53.32 -7.37
C GLY E 157 -14.98 -54.21 -6.14
N GLY E 158 -15.97 -55.10 -6.00
CA GLY E 158 -15.98 -56.08 -4.93
C GLY E 158 -14.91 -57.14 -5.14
N ALA E 159 -14.82 -58.10 -4.23
CA ALA E 159 -13.79 -59.14 -4.32
C ALA E 159 -13.99 -60.02 -5.56
N GLY E 160 -12.89 -60.54 -6.09
CA GLY E 160 -12.95 -61.51 -7.19
C GLY E 160 -13.51 -61.03 -8.52
N VAL E 161 -13.61 -59.71 -8.71
CA VAL E 161 -14.07 -59.15 -9.99
C VAL E 161 -12.93 -58.92 -10.99
N GLY E 162 -11.69 -58.86 -10.49
CA GLY E 162 -10.53 -58.85 -11.39
C GLY E 162 -9.63 -57.64 -11.40
N LYS E 163 -9.50 -56.96 -10.26
CA LYS E 163 -8.64 -55.77 -10.21
C LYS E 163 -7.15 -56.09 -10.23
N THR E 164 -6.76 -57.17 -9.55
CA THR E 164 -5.36 -57.58 -9.52
C THR E 164 -4.85 -57.94 -10.90
N VAL E 165 -5.68 -58.65 -11.67
CA VAL E 165 -5.38 -58.99 -13.06
C VAL E 165 -5.34 -57.72 -13.90
N PHE E 166 -6.28 -56.82 -13.62
CA PHE E 166 -6.31 -55.51 -14.28
C PHE E 166 -5.01 -54.74 -14.02
N ILE E 167 -4.66 -54.63 -12.73
CA ILE E 167 -3.42 -53.98 -12.31
C ILE E 167 -2.21 -54.51 -13.06
N GLN E 168 -2.05 -55.84 -13.04
CA GLN E 168 -0.92 -56.51 -13.70
C GLN E 168 -0.89 -56.28 -15.21
N GLU E 169 -2.06 -56.33 -15.86
CA GLU E 169 -2.14 -56.03 -17.29
C GLU E 169 -1.68 -54.61 -17.61
N LEU E 170 -2.08 -53.65 -16.77
CA LEU E 170 -1.58 -52.27 -16.86
C LEU E 170 -0.08 -52.20 -16.73
N ILE E 171 0.49 -52.92 -15.74
CA ILE E 171 1.94 -52.91 -15.54
C ILE E 171 2.63 -53.36 -16.82
N ASN E 172 2.10 -54.45 -17.38
CA ASN E 172 2.59 -55.04 -18.61
C ASN E 172 2.49 -54.05 -19.77
N ASN E 173 1.27 -53.63 -20.09
CA ASN E 173 1.02 -52.77 -21.24
C ASN E 173 1.76 -51.44 -21.21
N ILE E 174 2.04 -50.93 -20.02
CA ILE E 174 2.75 -49.65 -19.90
C ILE E 174 4.26 -49.84 -20.07
N ALA E 175 4.78 -50.97 -19.62
CA ALA E 175 6.19 -51.32 -19.83
C ALA E 175 6.48 -51.59 -21.32
N LYS E 176 5.61 -52.36 -21.96
CA LYS E 176 5.74 -52.68 -23.39
C LYS E 176 5.62 -51.42 -24.26
N ALA E 177 4.48 -50.74 -24.12
CA ALA E 177 4.10 -49.61 -24.98
C ALA E 177 4.90 -48.34 -24.79
N HIS E 178 5.37 -48.08 -23.57
CA HIS E 178 6.01 -46.79 -23.27
C HIS E 178 7.39 -46.93 -22.64
N GLY E 179 7.75 -48.15 -22.23
CA GLY E 179 9.00 -48.38 -21.51
C GLY E 179 8.96 -47.74 -20.13
N GLY E 180 7.80 -47.83 -19.47
CA GLY E 180 7.64 -47.28 -18.13
C GLY E 180 7.57 -48.35 -17.05
N PHE E 181 8.28 -48.11 -15.95
CA PHE E 181 8.21 -49.00 -14.77
C PHE E 181 7.01 -48.71 -13.88
N SER E 182 6.73 -49.64 -12.97
CA SER E 182 5.63 -49.51 -12.04
C SER E 182 6.11 -49.66 -10.60
N VAL E 183 5.45 -48.96 -9.69
CA VAL E 183 5.60 -49.25 -8.27
C VAL E 183 4.22 -49.62 -7.74
N PHE E 184 4.17 -50.64 -6.88
CA PHE E 184 2.93 -51.05 -6.26
C PHE E 184 3.09 -50.91 -4.77
N THR E 185 2.28 -50.04 -4.16
CA THR E 185 2.31 -49.83 -2.73
C THR E 185 1.06 -50.39 -2.08
N GLY E 186 1.26 -51.30 -1.13
CA GLY E 186 0.19 -51.89 -0.35
C GLY E 186 0.11 -51.16 0.96
N VAL E 187 -0.98 -50.43 1.13
CA VAL E 187 -1.23 -49.61 2.31
C VAL E 187 -2.34 -50.28 3.09
N GLY E 188 -2.04 -50.70 4.31
CA GLY E 188 -3.03 -51.41 5.12
C GLY E 188 -3.50 -52.68 4.44
N GLU E 189 -2.57 -53.27 3.70
CA GLU E 189 -2.72 -54.55 3.02
C GLU E 189 -2.90 -55.65 4.07
N ARG E 190 -3.77 -56.62 3.78
CA ARG E 190 -3.70 -57.91 4.47
C ARG E 190 -2.36 -58.52 4.04
N THR E 191 -1.54 -58.92 5.00
CA THR E 191 -0.25 -59.53 4.70
C THR E 191 -0.39 -60.72 3.75
N ARG E 192 -1.37 -61.59 4.05
CA ARG E 192 -1.69 -62.75 3.20
C ARG E 192 -1.87 -62.37 1.71
N GLU E 193 -2.57 -61.25 1.47
CA GLU E 193 -2.77 -60.77 0.10
C GLU E 193 -1.48 -60.27 -0.53
N GLY E 194 -0.54 -59.81 0.30
CA GLY E 194 0.76 -59.38 -0.18
C GLY E 194 1.54 -60.57 -0.68
N ASN E 195 1.57 -61.62 0.14
CA ASN E 195 2.12 -62.92 -0.24
C ASN E 195 1.53 -63.41 -1.56
N ASP E 196 0.20 -63.47 -1.64
CA ASP E 196 -0.51 -63.87 -2.87
C ASP E 196 -0.06 -63.10 -4.10
N LEU E 197 0.12 -61.79 -3.94
CA LEU E 197 0.45 -60.91 -5.06
C LEU E 197 1.88 -61.07 -5.53
N TYR E 198 2.79 -61.32 -4.59
CA TYR E 198 4.20 -61.56 -4.89
C TYR E 198 4.36 -62.81 -5.75
N ARG E 199 3.73 -63.89 -5.28
CA ARG E 199 3.69 -65.16 -6.01
C ARG E 199 3.06 -64.95 -7.38
N GLU E 200 1.90 -64.29 -7.43
CA GLU E 200 1.17 -64.10 -8.69
C GLU E 200 1.93 -63.23 -9.68
N MET E 201 2.74 -62.30 -9.18
CA MET E 201 3.54 -61.41 -10.02
C MET E 201 4.74 -62.12 -10.63
N LYS E 202 5.26 -63.12 -9.91
CA LYS E 202 6.31 -64.00 -10.42
C LYS E 202 5.74 -64.98 -11.45
N GLU E 203 4.54 -65.52 -11.16
CA GLU E 203 3.81 -66.41 -12.06
C GLU E 203 3.45 -65.72 -13.36
N THR E 204 3.48 -64.39 -13.37
CA THR E 204 3.03 -63.61 -14.51
C THR E 204 4.22 -63.07 -15.31
N GLY E 205 5.36 -62.93 -14.64
CA GLY E 205 6.56 -62.41 -15.28
C GLY E 205 6.85 -60.94 -15.07
N VAL E 206 5.94 -60.20 -14.42
CA VAL E 206 6.18 -58.77 -14.14
C VAL E 206 7.32 -58.60 -13.12
N ILE E 207 7.42 -59.55 -12.18
CA ILE E 207 8.62 -59.70 -11.38
C ILE E 207 9.36 -60.94 -11.90
N ASN E 208 10.66 -60.79 -12.17
CA ASN E 208 11.50 -61.92 -12.56
C ASN E 208 12.84 -61.94 -11.83
N LEU E 209 12.93 -62.80 -10.81
CA LEU E 209 14.03 -62.81 -9.87
C LEU E 209 15.42 -62.87 -10.49
N GLU E 210 15.59 -63.73 -11.50
CA GLU E 210 16.86 -63.81 -12.25
C GLU E 210 16.91 -62.81 -13.40
N GLY E 211 15.77 -62.63 -14.07
CA GLY E 211 15.68 -61.74 -15.24
C GLY E 211 15.45 -60.28 -14.90
N GLU E 212 14.67 -59.61 -15.76
CA GLU E 212 14.31 -58.20 -15.60
C GLU E 212 12.89 -58.04 -15.06
N SER E 213 12.76 -57.21 -14.03
CA SER E 213 11.46 -56.95 -13.41
C SER E 213 10.88 -55.60 -13.86
N LYS E 214 9.56 -55.50 -13.88
CA LYS E 214 8.87 -54.28 -14.28
C LYS E 214 8.41 -53.43 -13.08
N VAL E 215 8.15 -54.09 -11.95
CA VAL E 215 7.55 -53.44 -10.78
C VAL E 215 8.41 -53.54 -9.50
N ALA E 216 8.34 -52.49 -8.68
CA ALA E 216 8.88 -52.52 -7.32
C ALA E 216 7.71 -52.67 -6.35
N LEU E 217 7.93 -53.40 -5.27
CA LEU E 217 6.87 -53.60 -4.29
C LEU E 217 7.21 -52.92 -2.99
N VAL E 218 6.25 -52.15 -2.47
CA VAL E 218 6.40 -51.50 -1.17
C VAL E 218 5.19 -51.87 -0.31
N PHE E 219 5.45 -52.38 0.89
CA PHE E 219 4.37 -52.84 1.77
C PHE E 219 4.34 -52.20 3.14
N GLY E 220 3.16 -51.66 3.45
CA GLY E 220 2.83 -51.14 4.76
C GLY E 220 1.54 -51.82 5.15
N GLN E 221 1.70 -53.04 5.67
CA GLN E 221 0.60 -53.94 5.96
C GLN E 221 -0.20 -53.54 7.20
N MET E 222 -1.43 -54.03 7.26
CA MET E 222 -2.34 -53.89 8.39
C MET E 222 -1.74 -54.01 9.79
N ASN E 223 -0.83 -54.97 9.97
CA ASN E 223 -0.30 -55.27 11.30
C ASN E 223 0.72 -54.25 11.77
N GLU E 224 1.11 -53.34 10.87
CA GLU E 224 2.00 -52.24 11.24
C GLU E 224 1.25 -51.14 12.01
N PRO E 225 1.99 -50.34 12.77
CA PRO E 225 1.35 -49.30 13.57
C PRO E 225 0.96 -48.09 12.71
N PRO E 226 0.06 -47.21 13.22
CA PRO E 226 -0.47 -46.11 12.41
C PRO E 226 0.61 -45.31 11.66
N GLY E 227 1.72 -45.03 12.35
CA GLY E 227 2.80 -44.23 11.76
C GLY E 227 3.32 -44.80 10.46
N ALA E 228 3.50 -46.12 10.42
CA ALA E 228 4.04 -46.81 9.24
C ALA E 228 3.04 -46.81 8.10
N ARG E 229 1.79 -47.11 8.44
CA ARG E 229 0.72 -47.17 7.45
C ARG E 229 0.43 -45.79 6.87
N ALA E 230 0.66 -44.74 7.67
CA ALA E 230 0.48 -43.36 7.21
C ALA E 230 1.54 -42.98 6.19
N ARG E 231 2.76 -43.48 6.37
CA ARG E 231 3.87 -43.04 5.53
C ARG E 231 4.24 -43.95 4.33
N VAL E 232 3.86 -45.23 4.35
CA VAL E 232 4.21 -46.12 3.22
C VAL E 232 3.94 -45.55 1.84
N ALA E 233 2.74 -45.00 1.63
CA ALA E 233 2.40 -44.46 0.32
C ALA E 233 3.44 -43.44 -0.14
N LEU E 234 4.06 -42.73 0.80
CA LEU E 234 5.08 -41.74 0.46
C LEU E 234 6.37 -42.46 0.03
N THR E 235 6.59 -43.64 0.60
CA THR E 235 7.71 -44.48 0.25
C THR E 235 7.60 -44.97 -1.21
N GLY E 236 6.45 -45.54 -1.57
CA GLY E 236 6.17 -45.95 -2.95
C GLY E 236 6.28 -44.79 -3.91
N LEU E 237 5.64 -43.68 -3.55
CA LEU E 237 5.66 -42.46 -4.34
C LEU E 237 7.07 -41.98 -4.69
N THR E 238 7.98 -42.01 -3.72
CA THR E 238 9.33 -41.49 -3.91
C THR E 238 10.12 -42.31 -4.92
N ILE E 239 10.00 -43.63 -4.83
CA ILE E 239 10.58 -44.55 -5.79
C ILE E 239 10.03 -44.20 -7.17
N ALA E 240 8.71 -44.08 -7.27
CA ALA E 240 8.08 -43.71 -8.56
C ALA E 240 8.62 -42.38 -9.10
N GLU E 241 8.73 -41.38 -8.24
CA GLU E 241 9.19 -40.05 -8.66
C GLU E 241 10.56 -40.07 -9.29
N TYR E 242 11.44 -40.95 -8.81
CA TYR E 242 12.81 -41.00 -9.29
C TYR E 242 12.88 -41.41 -10.75
N PHE E 243 12.11 -42.45 -11.10
CA PHE E 243 12.02 -42.90 -12.48
C PHE E 243 11.58 -41.77 -13.40
N ARG E 244 10.71 -40.90 -12.90
CA ARG E 244 10.27 -39.74 -13.66
C ARG E 244 11.36 -38.67 -13.73
N ASP E 245 11.92 -38.30 -12.59
CA ASP E 245 12.84 -37.18 -12.51
C ASP E 245 14.22 -37.47 -13.14
N GLU E 246 14.72 -38.68 -12.94
CA GLU E 246 16.05 -39.06 -13.40
C GLU E 246 16.03 -39.75 -14.78
N GLU E 247 15.03 -40.59 -15.02
CA GLU E 247 15.03 -41.42 -16.22
C GLU E 247 13.92 -41.06 -17.23
N GLY E 248 13.25 -39.94 -16.98
CA GLY E 248 12.26 -39.39 -17.90
C GLY E 248 11.13 -40.32 -18.32
N GLN E 249 10.76 -41.23 -17.43
CA GLN E 249 9.75 -42.24 -17.75
C GLN E 249 8.32 -41.77 -17.53
N ASP E 250 7.36 -42.57 -17.99
CA ASP E 250 5.97 -42.43 -17.61
C ASP E 250 5.64 -43.61 -16.70
N VAL E 251 5.76 -43.37 -15.39
CA VAL E 251 5.65 -44.38 -14.35
C VAL E 251 4.18 -44.61 -13.95
N LEU E 252 3.86 -45.85 -13.59
CA LEU E 252 2.62 -46.15 -12.88
C LEU E 252 2.90 -46.27 -11.38
N LEU E 253 2.06 -45.63 -10.56
CA LEU E 253 2.10 -45.84 -9.13
C LEU E 253 0.78 -46.44 -8.71
N PHE E 254 0.85 -47.58 -8.02
CA PHE E 254 -0.36 -48.20 -7.53
C PHE E 254 -0.46 -48.06 -6.03
N ILE E 255 -1.64 -47.65 -5.57
CA ILE E 255 -1.91 -47.61 -4.14
C ILE E 255 -3.19 -48.40 -3.84
N ASP E 256 -3.00 -49.45 -3.04
CA ASP E 256 -4.11 -50.27 -2.55
C ASP E 256 -3.86 -50.43 -1.06
N ASN E 257 -4.70 -49.82 -0.21
CA ASN E 257 -5.89 -49.04 -0.57
C ASN E 257 -5.76 -47.59 -0.09
N ILE E 258 -6.16 -46.62 -0.92
CA ILE E 258 -5.98 -45.18 -0.58
C ILE E 258 -6.66 -44.78 0.73
N PHE E 259 -7.81 -45.38 1.00
CA PHE E 259 -8.53 -45.18 2.25
C PHE E 259 -7.68 -45.47 3.48
N ARG E 260 -6.81 -46.47 3.40
CA ARG E 260 -6.00 -46.88 4.54
C ARG E 260 -4.94 -45.84 4.86
N PHE E 261 -4.49 -45.12 3.83
CA PHE E 261 -3.63 -43.96 4.00
C PHE E 261 -4.37 -42.89 4.80
N THR E 262 -5.62 -42.63 4.42
CA THR E 262 -6.47 -41.69 5.10
C THR E 262 -6.72 -42.13 6.55
N GLN E 263 -7.15 -43.40 6.68
CA GLN E 263 -7.42 -43.99 7.99
C GLN E 263 -6.21 -43.92 8.92
N ALA E 264 -5.02 -44.21 8.39
CA ALA E 264 -3.81 -44.15 9.20
C ALA E 264 -3.49 -42.72 9.63
N GLY E 265 -3.63 -41.78 8.69
CA GLY E 265 -3.55 -40.35 9.00
C GLY E 265 -4.47 -39.96 10.17
N SER E 266 -5.72 -40.40 10.12
CA SER E 266 -6.67 -40.19 11.19
C SER E 266 -6.24 -40.78 12.54
N GLU E 267 -5.68 -41.98 12.54
CA GLU E 267 -5.20 -42.60 13.78
C GLU E 267 -4.04 -41.82 14.36
N VAL E 268 -3.11 -41.44 13.50
CA VAL E 268 -1.94 -40.68 13.94
C VAL E 268 -2.35 -39.35 14.57
N SER E 269 -3.32 -38.71 13.92
CA SER E 269 -3.85 -37.42 14.34
C SER E 269 -4.52 -37.54 15.70
N ALA E 270 -5.36 -38.56 15.87
CA ALA E 270 -6.00 -38.84 17.15
C ALA E 270 -4.96 -39.05 18.25
N LEU E 271 -3.93 -39.85 17.96
CA LEU E 271 -2.89 -40.18 18.94
C LEU E 271 -2.02 -38.99 19.33
N LEU E 272 -1.86 -38.07 18.40
CA LEU E 272 -1.15 -36.81 18.66
C LEU E 272 -1.99 -35.80 19.48
N GLY E 273 -3.24 -36.15 19.76
CA GLY E 273 -4.11 -35.36 20.64
C GLY E 273 -4.82 -34.26 19.88
N ARG E 274 -4.87 -34.38 18.56
CA ARG E 274 -5.51 -33.37 17.75
C ARG E 274 -7.02 -33.61 17.80
N ILE E 275 -7.77 -32.51 17.87
CA ILE E 275 -9.21 -32.59 17.92
C ILE E 275 -9.70 -33.15 16.59
N PRO E 276 -10.41 -34.29 16.64
CA PRO E 276 -11.01 -34.86 15.45
C PRO E 276 -12.01 -33.92 14.80
N SER E 277 -12.18 -34.10 13.50
CA SER E 277 -13.05 -33.30 12.68
C SER E 277 -14.30 -34.11 12.39
N ALA E 278 -15.11 -33.65 11.45
CA ALA E 278 -16.37 -34.30 11.11
C ALA E 278 -16.17 -35.79 10.87
N VAL E 279 -17.03 -36.58 11.51
CA VAL E 279 -17.03 -38.04 11.33
C VAL E 279 -15.78 -38.71 11.87
N GLY E 280 -15.03 -37.99 12.71
CA GLY E 280 -13.91 -38.63 13.40
C GLY E 280 -12.57 -38.55 12.68
N TYR E 281 -12.60 -38.09 11.44
CA TYR E 281 -11.40 -37.93 10.62
C TYR E 281 -10.53 -36.81 11.13
N GLN E 282 -9.29 -36.78 10.64
CA GLN E 282 -8.33 -35.79 11.06
C GLN E 282 -8.71 -34.40 10.53
N PRO E 283 -8.46 -33.35 11.33
CA PRO E 283 -8.67 -31.98 10.86
C PRO E 283 -7.90 -31.68 9.55
N THR E 284 -6.72 -32.28 9.39
CA THR E 284 -5.85 -32.09 8.21
C THR E 284 -6.19 -33.00 7.03
N LEU E 285 -7.38 -33.57 7.04
CA LEU E 285 -7.79 -34.53 6.02
C LEU E 285 -7.40 -34.10 4.60
N ALA E 286 -7.79 -32.91 4.21
CA ALA E 286 -7.62 -32.49 2.82
C ALA E 286 -6.18 -32.13 2.50
N THR E 287 -5.45 -31.54 3.46
CA THR E 287 -4.03 -31.23 3.22
C THR E 287 -3.15 -32.50 3.24
N ASP E 288 -3.44 -33.43 4.15
CA ASP E 288 -2.81 -34.75 4.16
C ASP E 288 -2.92 -35.35 2.76
N MET E 289 -4.15 -35.40 2.23
CA MET E 289 -4.37 -35.98 0.91
C MET E 289 -3.59 -35.20 -0.14
N GLY E 290 -3.58 -33.88 -0.01
CA GLY E 290 -2.93 -33.03 -1.00
C GLY E 290 -1.43 -33.20 -1.06
N LEU E 291 -0.80 -33.46 0.09
CA LEU E 291 0.65 -33.64 0.17
C LEU E 291 1.11 -34.92 -0.54
N LEU E 292 0.23 -35.92 -0.60
CA LEU E 292 0.47 -37.12 -1.39
C LEU E 292 0.13 -36.84 -2.85
N GLN E 293 -1.15 -36.60 -3.12
CA GLN E 293 -1.66 -36.52 -4.49
C GLN E 293 -0.93 -35.51 -5.38
N GLU E 294 -0.52 -34.39 -4.83
CA GLU E 294 0.05 -33.33 -5.67
C GLU E 294 1.42 -33.71 -6.23
N ARG E 295 2.01 -34.75 -5.66
CA ARG E 295 3.29 -35.23 -6.13
C ARG E 295 3.13 -36.12 -7.38
N ILE E 296 1.93 -36.67 -7.53
CA ILE E 296 1.56 -37.49 -8.67
C ILE E 296 1.13 -36.58 -9.82
N THR E 297 2.07 -36.27 -10.72
CA THR E 297 1.81 -35.30 -11.79
C THR E 297 2.79 -35.41 -12.97
N THR E 298 2.55 -34.64 -14.03
CA THR E 298 3.48 -34.54 -15.17
C THR E 298 4.43 -33.35 -15.01
N THR E 299 5.71 -33.60 -15.28
CA THR E 299 6.72 -32.55 -15.34
C THR E 299 7.32 -32.54 -16.74
N LYS E 300 8.39 -31.76 -16.94
CA LYS E 300 9.09 -31.73 -18.23
C LYS E 300 9.84 -33.03 -18.59
N LYS E 301 10.26 -33.77 -17.56
CA LYS E 301 11.03 -35.00 -17.73
C LYS E 301 10.18 -36.24 -18.04
N GLY E 302 8.94 -36.26 -17.55
CA GLY E 302 8.05 -37.43 -17.64
C GLY E 302 6.85 -37.29 -16.73
N SER E 303 6.32 -38.41 -16.24
CA SER E 303 5.07 -38.39 -15.48
C SER E 303 4.97 -39.54 -14.49
N VAL E 304 4.28 -39.30 -13.38
CA VAL E 304 3.86 -40.39 -12.50
C VAL E 304 2.35 -40.42 -12.55
N THR E 305 1.78 -41.52 -13.06
CA THR E 305 0.33 -41.71 -13.10
C THR E 305 -0.02 -42.74 -12.05
N SER E 306 -1.16 -42.58 -11.38
CA SER E 306 -1.47 -43.42 -10.23
C SER E 306 -2.82 -44.09 -10.33
N VAL E 307 -2.87 -45.37 -9.99
CA VAL E 307 -4.13 -46.09 -9.98
C VAL E 307 -4.36 -46.54 -8.55
N GLN E 308 -5.50 -46.19 -8.02
CA GLN E 308 -5.69 -46.25 -6.58
C GLN E 308 -6.95 -47.03 -6.26
N ALA E 309 -6.80 -48.04 -5.43
CA ALA E 309 -7.97 -48.71 -4.88
C ALA E 309 -8.64 -47.75 -3.89
N VAL E 310 -9.94 -47.54 -4.07
CA VAL E 310 -10.69 -46.62 -3.21
C VAL E 310 -11.82 -47.33 -2.46
N TYR E 311 -11.61 -47.58 -1.18
CA TYR E 311 -12.66 -48.09 -0.31
C TYR E 311 -13.65 -46.96 0.06
N VAL E 312 -14.94 -47.28 0.07
CA VAL E 312 -15.99 -46.31 0.35
C VAL E 312 -16.72 -46.68 1.63
N PRO E 313 -16.36 -46.06 2.76
CA PRO E 313 -16.96 -46.43 4.05
C PRO E 313 -18.50 -46.38 4.02
N ALA E 314 -19.12 -47.45 4.52
CA ALA E 314 -20.59 -47.58 4.60
C ALA E 314 -21.29 -47.35 3.26
N ASP E 315 -20.52 -47.46 2.18
CA ASP E 315 -20.99 -47.19 0.81
C ASP E 315 -21.46 -45.77 0.59
N ASP E 316 -21.06 -44.88 1.50
CA ASP E 316 -21.42 -43.47 1.44
C ASP E 316 -20.37 -42.70 0.64
N LEU E 317 -20.67 -42.37 -0.60
CA LEU E 317 -19.75 -41.57 -1.41
C LEU E 317 -19.55 -40.14 -0.89
N THR E 318 -20.46 -39.68 -0.01
CA THR E 318 -20.38 -38.36 0.57
C THR E 318 -19.57 -38.39 1.85
N ASP E 319 -19.07 -39.57 2.21
CA ASP E 319 -18.18 -39.71 3.37
C ASP E 319 -16.91 -38.90 3.14
N PRO E 320 -16.42 -38.20 4.18
CA PRO E 320 -15.24 -37.34 4.04
C PRO E 320 -14.04 -38.00 3.33
N ALA E 321 -13.81 -39.30 3.56
CA ALA E 321 -12.65 -39.98 2.97
C ALA E 321 -12.68 -40.06 1.43
N PRO E 322 -13.72 -40.70 0.86
CA PRO E 322 -13.83 -40.73 -0.59
C PRO E 322 -14.07 -39.35 -1.20
N ALA E 323 -14.89 -38.53 -0.55
CA ALA E 323 -15.22 -37.19 -1.05
C ALA E 323 -13.97 -36.35 -1.28
N THR E 324 -13.02 -36.44 -0.35
CA THR E 324 -11.77 -35.73 -0.47
C THR E 324 -10.88 -36.40 -1.51
N THR E 325 -10.88 -37.73 -1.51
CA THR E 325 -10.11 -38.47 -2.51
C THR E 325 -10.59 -38.15 -3.92
N PHE E 326 -11.90 -38.17 -4.12
CA PHE E 326 -12.50 -37.89 -5.42
C PHE E 326 -12.10 -36.58 -6.06
N ALA E 327 -11.87 -35.56 -5.24
CA ALA E 327 -11.42 -34.26 -5.76
C ALA E 327 -10.14 -34.40 -6.59
N HIS E 328 -9.39 -35.48 -6.36
CA HIS E 328 -8.12 -35.65 -7.05
C HIS E 328 -8.21 -36.58 -8.28
N LEU E 329 -9.29 -37.35 -8.36
CA LEU E 329 -9.46 -38.34 -9.43
C LEU E 329 -9.78 -37.71 -10.79
N ASP E 330 -8.93 -38.03 -11.76
CA ASP E 330 -9.15 -37.64 -13.15
C ASP E 330 -10.01 -38.67 -13.88
N ALA E 331 -10.05 -39.90 -13.38
CA ALA E 331 -10.85 -40.95 -14.00
C ALA E 331 -11.18 -42.09 -13.05
N THR E 332 -12.19 -42.88 -13.41
CA THR E 332 -12.47 -44.10 -12.66
C THR E 332 -12.57 -45.32 -13.57
N THR E 333 -12.17 -46.46 -13.03
CA THR E 333 -12.40 -47.74 -13.67
C THR E 333 -13.24 -48.55 -12.69
N VAL E 334 -14.51 -48.72 -13.03
CA VAL E 334 -15.43 -49.42 -12.15
C VAL E 334 -15.63 -50.84 -12.64
N LEU E 335 -15.17 -51.79 -11.84
CA LEU E 335 -15.38 -53.20 -12.12
C LEU E 335 -16.60 -53.67 -11.34
N SER E 336 -17.58 -54.21 -12.05
CA SER E 336 -18.84 -54.62 -11.43
C SER E 336 -19.04 -56.13 -11.47
N ARG E 337 -19.59 -56.68 -10.39
CA ARG E 337 -19.93 -58.09 -10.33
C ARG E 337 -21.17 -58.39 -11.18
N GLY E 338 -22.03 -57.39 -11.38
CA GLY E 338 -23.10 -57.47 -12.38
C GLY E 338 -22.55 -57.88 -13.74
N ILE E 339 -21.48 -57.21 -14.17
CA ILE E 339 -20.63 -57.64 -15.28
C ILE E 339 -19.82 -58.86 -14.79
N SER E 340 -19.03 -59.49 -15.67
CA SER E 340 -18.22 -60.67 -15.31
C SER E 340 -19.05 -61.94 -15.14
N GLU E 341 -20.16 -61.84 -14.41
CA GLU E 341 -21.15 -62.91 -14.34
C GLU E 341 -21.72 -63.19 -15.74
N LEU E 342 -21.88 -62.12 -16.52
CA LEU E 342 -22.24 -62.22 -17.94
C LEU E 342 -21.04 -62.67 -18.81
N GLY E 343 -19.93 -63.01 -18.16
CA GLY E 343 -18.74 -63.52 -18.84
C GLY E 343 -17.86 -62.49 -19.52
N ILE E 344 -18.07 -61.21 -19.20
CA ILE E 344 -17.30 -60.12 -19.81
C ILE E 344 -16.07 -59.76 -18.98
N TYR E 345 -14.91 -59.76 -19.62
CA TYR E 345 -13.65 -59.37 -19.00
C TYR E 345 -12.86 -58.49 -19.94
N PRO E 346 -12.26 -57.40 -19.43
CA PRO E 346 -12.29 -56.96 -18.04
C PRO E 346 -13.68 -56.52 -17.62
N ALA E 347 -14.08 -56.89 -16.42
CA ALA E 347 -15.45 -56.68 -15.94
C ALA E 347 -15.77 -55.22 -15.59
N VAL E 348 -15.45 -54.31 -16.53
CA VAL E 348 -15.64 -52.89 -16.31
C VAL E 348 -16.98 -52.40 -16.86
N ASP E 349 -17.75 -51.77 -15.98
CA ASP E 349 -18.99 -51.11 -16.36
C ASP E 349 -18.66 -49.92 -17.28
N PRO E 350 -19.07 -50.01 -18.56
CA PRO E 350 -18.72 -49.02 -19.57
C PRO E 350 -19.44 -47.69 -19.42
N LEU E 351 -20.40 -47.63 -18.49
CA LEU E 351 -21.20 -46.42 -18.26
C LEU E 351 -20.91 -45.79 -16.90
N ASP E 352 -20.63 -46.62 -15.90
CA ASP E 352 -20.30 -46.14 -14.56
C ASP E 352 -18.86 -45.62 -14.50
N SER E 353 -17.99 -46.15 -15.36
CA SER E 353 -16.61 -45.71 -15.43
C SER E 353 -16.52 -44.44 -16.25
N LYS E 354 -15.83 -43.44 -15.71
CA LYS E 354 -15.86 -42.08 -16.26
C LYS E 354 -14.48 -41.44 -16.27
N SER E 355 -14.27 -40.52 -17.20
CA SER E 355 -13.01 -39.77 -17.28
C SER E 355 -13.25 -38.32 -17.61
N ARG E 356 -12.54 -37.46 -16.89
CA ARG E 356 -12.55 -36.03 -17.13
C ARG E 356 -11.85 -35.70 -18.46
N LEU E 357 -11.08 -36.65 -18.98
CA LEU E 357 -10.34 -36.47 -20.21
C LEU E 357 -11.09 -36.89 -21.48
N LEU E 358 -12.26 -37.51 -21.33
CA LEU E 358 -13.11 -37.80 -22.48
C LEU E 358 -13.73 -36.48 -22.94
N ASP E 359 -12.88 -35.69 -23.57
CA ASP E 359 -13.18 -34.30 -23.90
C ASP E 359 -12.65 -34.06 -25.30
N ALA E 360 -13.51 -33.56 -26.18
CA ALA E 360 -13.13 -33.30 -27.57
C ALA E 360 -11.87 -32.44 -27.65
N ALA E 361 -11.73 -31.52 -26.71
CA ALA E 361 -10.55 -30.65 -26.64
C ALA E 361 -9.27 -31.43 -26.31
N VAL E 362 -9.43 -32.62 -25.72
CA VAL E 362 -8.30 -33.45 -25.29
C VAL E 362 -8.05 -34.60 -26.28
N VAL E 363 -9.10 -35.35 -26.57
CA VAL E 363 -9.02 -36.57 -27.37
C VAL E 363 -9.31 -36.36 -28.86
N GLY E 364 -9.74 -35.15 -29.22
CA GLY E 364 -10.13 -34.85 -30.60
C GLY E 364 -11.63 -35.11 -30.81
N GLN E 365 -12.20 -34.48 -31.83
CA GLN E 365 -13.65 -34.60 -32.06
C GLN E 365 -14.08 -36.01 -32.44
N GLU E 366 -13.29 -36.67 -33.29
CA GLU E 366 -13.54 -38.05 -33.72
C GLU E 366 -13.80 -38.97 -32.53
N HIS E 367 -12.78 -39.15 -31.71
CA HIS E 367 -12.81 -39.98 -30.50
C HIS E 367 -14.01 -39.65 -29.61
N TYR E 368 -14.22 -38.35 -29.33
CA TYR E 368 -15.30 -37.94 -28.46
C TYR E 368 -16.66 -38.43 -28.98
N ASP E 369 -16.91 -38.22 -30.28
CA ASP E 369 -18.17 -38.58 -30.91
C ASP E 369 -18.41 -40.09 -30.89
N VAL E 370 -17.38 -40.86 -31.24
CA VAL E 370 -17.44 -42.32 -31.21
C VAL E 370 -17.85 -42.79 -29.82
N ALA E 371 -17.06 -42.39 -28.81
CA ALA E 371 -17.31 -42.76 -27.43
C ALA E 371 -18.69 -42.31 -26.95
N SER E 372 -19.02 -41.04 -27.18
CA SER E 372 -20.32 -40.48 -26.77
C SER E 372 -21.49 -41.26 -27.35
N LYS E 373 -21.36 -41.71 -28.60
CA LYS E 373 -22.43 -42.46 -29.24
C LYS E 373 -22.51 -43.90 -28.70
N VAL E 374 -21.35 -44.48 -28.39
CA VAL E 374 -21.31 -45.79 -27.75
C VAL E 374 -22.01 -45.75 -26.39
N GLN E 375 -21.75 -44.69 -25.64
CA GLN E 375 -22.44 -44.47 -24.36
C GLN E 375 -23.94 -44.31 -24.58
N GLU E 376 -24.30 -43.49 -25.58
CA GLU E 376 -25.69 -43.27 -25.95
C GLU E 376 -26.40 -44.59 -26.28
N THR E 377 -25.73 -45.42 -27.07
CA THR E 377 -26.25 -46.71 -27.51
C THR E 377 -26.50 -47.68 -26.35
N LEU E 378 -25.51 -47.81 -25.47
CA LEU E 378 -25.60 -48.72 -24.34
C LEU E 378 -26.59 -48.22 -23.29
N GLN E 379 -26.69 -46.89 -23.15
CA GLN E 379 -27.61 -46.26 -22.20
C GLN E 379 -29.07 -46.50 -22.58
N THR E 380 -29.37 -46.45 -23.88
CA THR E 380 -30.71 -46.76 -24.37
C THR E 380 -31.02 -48.25 -24.19
N TYR E 381 -30.07 -49.11 -24.56
CA TYR E 381 -30.22 -50.55 -24.37
C TYR E 381 -30.42 -50.91 -22.91
N LYS E 382 -29.65 -50.26 -22.02
CA LYS E 382 -29.76 -50.45 -20.57
C LYS E 382 -31.19 -50.22 -20.06
N SER E 383 -31.81 -49.13 -20.52
CA SER E 383 -33.17 -48.78 -20.12
C SER E 383 -34.27 -49.41 -20.97
N LEU E 384 -33.86 -50.12 -22.03
CA LEU E 384 -34.78 -50.95 -22.82
C LEU E 384 -34.82 -52.40 -22.32
N GLN E 385 -33.96 -52.69 -21.33
CA GLN E 385 -33.88 -54.03 -20.73
C GLN E 385 -35.17 -54.42 -19.99
N ASP E 386 -35.75 -53.46 -19.28
CA ASP E 386 -36.95 -53.70 -18.47
C ASP E 386 -38.22 -53.91 -19.29
N ILE E 387 -38.23 -53.40 -20.52
CA ILE E 387 -39.35 -53.64 -21.43
C ILE E 387 -39.06 -54.74 -22.47
N ILE E 388 -37.98 -55.48 -22.24
CA ILE E 388 -37.69 -56.69 -23.02
C ILE E 388 -38.18 -57.93 -22.27
N ALA E 389 -38.09 -57.89 -20.95
CA ALA E 389 -38.54 -58.99 -20.09
C ALA E 389 -40.05 -58.99 -19.84
N ILE E 390 -40.76 -58.05 -20.46
CA ILE E 390 -42.22 -57.95 -20.35
C ILE E 390 -42.90 -58.22 -21.71
N LEU E 391 -42.50 -57.48 -22.74
CA LEU E 391 -43.21 -57.43 -24.02
C LEU E 391 -42.52 -58.20 -25.16
N GLY E 392 -41.70 -59.19 -24.83
CA GLY E 392 -40.96 -59.98 -25.82
C GLY E 392 -39.90 -59.17 -26.55
N MET E 393 -39.54 -59.60 -27.76
CA MET E 393 -38.55 -58.87 -28.56
C MET E 393 -39.05 -58.43 -29.94
N ASP E 394 -40.13 -59.04 -30.41
CA ASP E 394 -40.73 -58.69 -31.71
C ASP E 394 -41.51 -57.39 -31.66
N GLU E 395 -41.97 -57.00 -30.47
CA GLU E 395 -42.82 -55.81 -30.29
C GLU E 395 -42.02 -54.55 -29.97
N LEU E 396 -41.34 -54.03 -30.99
CA LEU E 396 -40.61 -52.75 -30.92
C LEU E 396 -40.75 -52.00 -32.23
N SER E 397 -40.26 -50.76 -32.28
CA SER E 397 -40.10 -50.05 -33.54
C SER E 397 -38.84 -50.56 -34.23
N GLU E 398 -38.87 -50.62 -35.56
CA GLU E 398 -37.78 -51.22 -36.35
C GLU E 398 -36.44 -50.46 -36.25
N GLN E 399 -36.45 -49.33 -35.55
CA GLN E 399 -35.24 -48.55 -35.31
C GLN E 399 -34.68 -48.81 -33.91
N ASP E 400 -35.54 -49.25 -33.00
CA ASP E 400 -35.14 -49.61 -31.64
C ASP E 400 -34.47 -50.99 -31.57
N LYS E 401 -34.83 -51.89 -32.49
CA LYS E 401 -34.20 -53.21 -32.57
C LYS E 401 -32.91 -53.16 -33.40
N LEU E 402 -32.73 -52.06 -34.13
CA LEU E 402 -31.53 -51.83 -34.95
C LEU E 402 -30.31 -51.57 -34.08
N THR E 403 -30.47 -50.71 -33.07
CA THR E 403 -29.39 -50.36 -32.16
C THR E 403 -29.19 -51.37 -31.03
N VAL E 404 -30.27 -52.03 -30.61
CA VAL E 404 -30.21 -53.07 -29.56
C VAL E 404 -29.43 -54.30 -30.04
N GLU E 405 -29.64 -54.67 -31.31
CA GLU E 405 -28.89 -55.75 -31.94
C GLU E 405 -27.42 -55.33 -32.06
N ARG E 406 -27.21 -54.03 -32.19
CA ARG E 406 -25.88 -53.45 -32.34
C ARG E 406 -25.20 -53.18 -31.00
N ALA E 407 -26.01 -52.95 -29.96
CA ALA E 407 -25.51 -52.72 -28.60
C ALA E 407 -24.95 -54.00 -27.99
N ARG E 408 -25.69 -55.10 -28.17
CA ARG E 408 -25.26 -56.43 -27.72
C ARG E 408 -23.93 -56.86 -28.34
N LYS E 409 -23.62 -56.29 -29.51
CA LYS E 409 -22.37 -56.55 -30.22
C LYS E 409 -21.22 -55.80 -29.58
N ILE E 410 -21.49 -54.55 -29.18
CA ILE E 410 -20.51 -53.67 -28.56
C ILE E 410 -20.21 -54.09 -27.12
N GLN E 411 -21.26 -54.35 -26.36
CA GLN E 411 -21.17 -54.86 -24.99
C GLN E 411 -20.20 -56.03 -24.91
N ARG E 412 -20.13 -56.80 -26.00
CA ARG E 412 -19.21 -57.94 -26.12
C ARG E 412 -17.88 -57.53 -26.72
N PHE E 413 -17.89 -56.48 -27.54
CA PHE E 413 -16.68 -55.98 -28.18
C PHE E 413 -15.79 -55.22 -27.20
N LEU E 414 -16.38 -54.80 -26.08
CA LEU E 414 -15.63 -54.11 -25.03
C LEU E 414 -14.76 -55.06 -24.20
N SER E 415 -15.14 -56.34 -24.21
CA SER E 415 -14.33 -57.39 -23.60
C SER E 415 -13.01 -57.54 -24.37
N GLN E 416 -12.03 -58.15 -23.74
CA GLN E 416 -10.68 -58.23 -24.26
C GLN E 416 -9.90 -59.29 -23.50
N PRO E 417 -9.12 -60.12 -24.20
CA PRO E 417 -8.23 -61.05 -23.52
C PRO E 417 -6.88 -60.40 -23.19
N PHE E 418 -6.43 -60.60 -21.96
CA PHE E 418 -5.22 -59.96 -21.45
C PHE E 418 -4.03 -60.90 -21.44
N ALA E 419 -2.86 -60.34 -21.74
CA ALA E 419 -1.59 -61.07 -21.72
C ALA E 419 -1.38 -61.82 -20.41
N VAL E 420 -1.78 -61.20 -19.30
CA VAL E 420 -1.63 -61.79 -17.97
C VAL E 420 -2.83 -62.69 -17.62
N ALA E 421 -3.86 -62.64 -18.45
CA ALA E 421 -5.09 -63.39 -18.20
C ALA E 421 -5.17 -64.73 -18.95
N GLU E 422 -4.20 -64.99 -19.82
CA GLU E 422 -4.20 -66.19 -20.66
C GLU E 422 -4.52 -67.47 -19.87
N VAL E 423 -3.91 -67.59 -18.69
CA VAL E 423 -4.11 -68.74 -17.79
C VAL E 423 -5.57 -68.96 -17.37
N PHE E 424 -6.43 -67.98 -17.65
CA PHE E 424 -7.84 -68.07 -17.26
C PHE E 424 -8.80 -68.34 -18.42
N THR E 425 -8.49 -67.81 -19.60
CA THR E 425 -9.40 -67.89 -20.75
C THR E 425 -8.89 -68.75 -21.90
N GLY E 426 -7.58 -68.87 -22.03
CA GLY E 426 -7.02 -69.69 -23.10
C GLY E 426 -6.97 -69.00 -24.45
N ILE E 427 -7.20 -67.70 -24.45
CA ILE E 427 -7.06 -66.88 -25.66
C ILE E 427 -5.86 -65.95 -25.45
N PRO E 428 -4.97 -65.85 -26.46
CA PRO E 428 -3.80 -64.98 -26.37
C PRO E 428 -4.18 -63.53 -26.11
N GLY E 429 -3.37 -62.84 -25.30
CA GLY E 429 -3.66 -61.47 -24.89
C GLY E 429 -3.41 -60.44 -25.97
N LYS E 430 -4.33 -59.50 -26.10
CA LYS E 430 -4.23 -58.44 -27.10
C LYS E 430 -3.89 -57.10 -26.45
N LEU E 431 -3.04 -56.34 -27.13
CA LEU E 431 -2.74 -54.96 -26.78
C LEU E 431 -3.22 -54.08 -27.91
N VAL E 432 -4.50 -53.73 -27.89
CA VAL E 432 -5.13 -52.90 -28.92
C VAL E 432 -4.75 -51.44 -28.76
N ARG E 433 -4.21 -50.83 -29.81
CA ARG E 433 -3.87 -49.41 -29.77
C ARG E 433 -5.10 -48.49 -29.75
N LEU E 434 -4.91 -47.25 -29.29
CA LEU E 434 -6.00 -46.27 -29.20
C LEU E 434 -6.65 -46.04 -30.56
N LYS E 435 -5.83 -45.71 -31.56
CA LYS E 435 -6.31 -45.45 -32.93
C LYS E 435 -7.13 -46.61 -33.48
N ASP E 436 -6.63 -47.83 -33.30
CA ASP E 436 -7.35 -49.07 -33.55
C ASP E 436 -8.75 -49.01 -32.93
N THR E 437 -8.77 -48.87 -31.60
CA THR E 437 -10.01 -48.91 -30.81
C THR E 437 -11.08 -47.95 -31.33
N VAL E 438 -10.67 -46.73 -31.68
CA VAL E 438 -11.58 -45.70 -32.19
C VAL E 438 -12.11 -46.08 -33.57
N ALA E 439 -11.21 -46.21 -34.54
CA ALA E 439 -11.54 -46.67 -35.89
C ALA E 439 -12.48 -47.88 -35.85
N SER E 440 -12.08 -48.91 -35.10
CA SER E 440 -12.82 -50.17 -34.98
C SER E 440 -14.23 -49.97 -34.45
N PHE E 441 -14.41 -49.01 -33.55
CA PHE E 441 -15.72 -48.74 -32.97
C PHE E 441 -16.55 -47.76 -33.81
N LYS E 442 -15.87 -46.90 -34.55
CA LYS E 442 -16.53 -45.98 -35.48
C LYS E 442 -17.29 -46.78 -36.56
N ALA E 443 -16.65 -47.84 -37.04
CA ALA E 443 -17.20 -48.70 -38.09
C ALA E 443 -18.48 -49.44 -37.67
N VAL E 444 -18.48 -49.99 -36.46
CA VAL E 444 -19.64 -50.73 -35.94
C VAL E 444 -20.88 -49.84 -35.78
N LEU E 445 -20.66 -48.59 -35.38
CA LEU E 445 -21.73 -47.60 -35.29
C LEU E 445 -22.26 -47.21 -36.67
N GLU E 446 -21.36 -47.19 -37.65
CA GLU E 446 -21.68 -46.82 -39.05
C GLU E 446 -22.58 -47.87 -39.72
N GLY E 447 -22.48 -49.11 -39.27
CA GLY E 447 -23.29 -50.21 -39.79
C GLY E 447 -22.49 -51.30 -40.48
N LYS E 448 -21.25 -50.97 -40.83
CA LYS E 448 -20.37 -51.81 -41.68
C LYS E 448 -20.27 -53.29 -41.28
N TYR E 449 -20.77 -53.64 -40.10
CA TYR E 449 -20.69 -55.01 -39.60
C TYR E 449 -21.98 -55.46 -38.92
N ASP E 450 -23.13 -55.06 -39.47
CA ASP E 450 -24.44 -55.49 -38.97
C ASP E 450 -24.74 -56.95 -39.29
N ASN E 451 -24.19 -57.43 -40.41
CA ASN E 451 -24.36 -58.81 -40.87
C ASN E 451 -23.50 -59.82 -40.10
N ILE E 452 -22.63 -59.31 -39.22
CA ILE E 452 -21.69 -60.13 -38.45
C ILE E 452 -22.33 -60.64 -37.14
N PRO E 453 -22.17 -61.95 -36.85
CA PRO E 453 -22.72 -62.60 -35.64
C PRO E 453 -22.20 -62.07 -34.30
N GLU E 454 -23.01 -62.22 -33.25
CA GLU E 454 -22.72 -61.65 -31.92
C GLU E 454 -21.45 -62.17 -31.25
N HIS E 455 -21.15 -63.46 -31.43
CA HIS E 455 -20.01 -64.10 -30.76
C HIS E 455 -18.67 -63.72 -31.37
N ALA E 456 -18.70 -63.05 -32.53
CA ALA E 456 -17.49 -62.63 -33.23
C ALA E 456 -16.79 -61.43 -32.58
N PHE E 457 -17.55 -60.63 -31.82
CA PHE E 457 -17.03 -59.47 -31.10
C PHE E 457 -16.48 -59.81 -29.71
N TYR E 458 -16.86 -60.98 -29.21
CA TYR E 458 -16.48 -61.48 -27.88
C TYR E 458 -15.00 -61.87 -27.81
N MET E 459 -14.33 -61.39 -26.76
CA MET E 459 -12.94 -61.74 -26.44
C MET E 459 -11.95 -61.70 -27.61
N VAL E 460 -11.86 -60.52 -28.23
CA VAL E 460 -10.90 -60.26 -29.31
C VAL E 460 -10.53 -58.80 -29.33
N GLY E 461 -9.34 -58.49 -29.84
CA GLY E 461 -8.83 -57.11 -29.81
C GLY E 461 -8.51 -56.49 -31.14
N GLY E 462 -9.38 -55.60 -31.60
CA GLY E 462 -9.18 -54.88 -32.87
C GLY E 462 -10.33 -55.12 -33.83
N ILE E 463 -10.20 -54.60 -35.05
CA ILE E 463 -11.20 -54.84 -36.09
C ILE E 463 -10.78 -55.98 -37.01
N GLU E 464 -9.49 -56.02 -37.36
CA GLU E 464 -8.91 -57.10 -38.15
C GLU E 464 -9.17 -58.46 -37.48
N ASP E 465 -9.34 -58.44 -36.17
CA ASP E 465 -9.62 -59.64 -35.38
C ASP E 465 -11.09 -60.04 -35.40
N VAL E 466 -11.97 -59.14 -35.83
CA VAL E 466 -13.38 -59.46 -35.99
C VAL E 466 -13.63 -60.10 -37.36
N VAL E 467 -12.89 -59.63 -38.37
CA VAL E 467 -12.93 -60.19 -39.72
C VAL E 467 -12.43 -61.64 -39.70
N ALA E 468 -11.26 -61.86 -39.11
CA ALA E 468 -10.65 -63.19 -39.01
C ALA E 468 -11.51 -64.20 -38.25
N LYS E 469 -12.19 -63.74 -37.20
CA LYS E 469 -12.96 -64.65 -36.34
C LYS E 469 -14.28 -65.12 -36.95
N ALA E 470 -15.02 -64.19 -37.54
CA ALA E 470 -16.35 -64.47 -38.10
C ALA E 470 -16.35 -65.54 -39.20
N GLU E 471 -15.34 -65.49 -40.07
CA GLU E 471 -15.19 -66.43 -41.19
C GLU E 471 -14.86 -67.84 -40.72
N LYS E 472 -14.07 -67.92 -39.65
CA LYS E 472 -13.61 -69.20 -39.15
C LYS E 472 -14.65 -69.92 -38.29
N LEU E 473 -15.79 -69.27 -38.04
CA LEU E 473 -16.86 -69.87 -37.24
C LEU E 473 -17.66 -70.92 -38.01
N ALA E 474 -18.26 -70.50 -39.13
CA ALA E 474 -19.10 -71.38 -39.95
C ALA E 474 -18.28 -72.45 -40.69
N ALA E 475 -17.32 -72.00 -41.50
CA ALA E 475 -16.46 -72.89 -42.27
C ALA E 475 -15.00 -72.76 -41.84
N THR F 7 -9.36 13.35 36.83
CA THR F 7 -8.83 12.58 35.64
C THR F 7 -9.32 11.11 35.64
N PRO F 8 -9.54 10.54 34.44
CA PRO F 8 -10.34 9.32 34.37
C PRO F 8 -9.52 8.05 34.58
N ILE F 9 -10.22 6.92 34.67
CA ILE F 9 -9.57 5.64 34.94
C ILE F 9 -9.05 5.07 33.62
N THR F 10 -7.77 4.68 33.60
CA THR F 10 -7.14 4.18 32.40
C THR F 10 -6.41 2.86 32.61
N GLY F 11 -6.46 1.99 31.61
CA GLY F 11 -5.73 0.74 31.65
C GLY F 11 -4.85 0.51 30.42
N LYS F 12 -4.25 -0.67 30.37
CA LYS F 12 -3.42 -1.10 29.24
C LYS F 12 -3.89 -2.45 28.70
N VAL F 13 -3.90 -2.59 27.37
CA VAL F 13 -4.25 -3.85 26.74
C VAL F 13 -3.18 -4.86 27.13
N THR F 14 -3.59 -6.06 27.58
CA THR F 14 -2.59 -7.09 27.85
C THR F 14 -2.69 -8.37 27.01
N ALA F 15 -3.80 -8.51 26.27
CA ALA F 15 -4.06 -9.69 25.45
C ALA F 15 -5.13 -9.37 24.43
N VAL F 16 -4.99 -9.98 23.25
CA VAL F 16 -5.92 -9.82 22.12
C VAL F 16 -6.00 -11.16 21.40
N ILE F 17 -7.24 -11.66 21.24
CA ILE F 17 -7.55 -12.78 20.37
C ILE F 17 -8.90 -12.47 19.70
N GLY F 18 -8.89 -12.25 18.40
CA GLY F 18 -10.10 -11.93 17.68
C GLY F 18 -10.81 -10.81 18.41
N ALA F 19 -12.10 -11.00 18.68
CA ALA F 19 -12.94 -9.98 19.29
C ALA F 19 -12.64 -9.69 20.77
N ILE F 20 -11.86 -10.54 21.42
CA ILE F 20 -11.70 -10.46 22.86
C ILE F 20 -10.41 -9.73 23.24
N VAL F 21 -10.56 -8.65 24.02
CA VAL F 21 -9.42 -7.85 24.47
C VAL F 21 -9.34 -7.76 25.99
N ASP F 22 -8.27 -8.32 26.56
CA ASP F 22 -8.01 -8.23 27.98
C ASP F 22 -7.33 -6.89 28.31
N VAL F 23 -7.77 -6.24 29.40
CA VAL F 23 -7.24 -4.94 29.79
C VAL F 23 -6.87 -4.92 31.27
N HIS F 24 -5.67 -4.46 31.57
CA HIS F 24 -5.19 -4.37 32.94
C HIS F 24 -5.39 -2.97 33.49
N PHE F 25 -5.84 -2.88 34.73
CA PHE F 25 -5.96 -1.60 35.39
C PHE F 25 -5.02 -1.49 36.57
N GLU F 26 -4.03 -0.61 36.41
CA GLU F 26 -2.92 -0.41 37.37
C GLU F 26 -3.38 0.08 38.74
N GLN F 27 -4.46 0.85 38.75
CA GLN F 27 -4.98 1.40 39.98
C GLN F 27 -6.06 0.50 40.58
N SER F 28 -6.56 0.93 41.74
CA SER F 28 -7.48 0.15 42.58
C SER F 28 -8.80 -0.18 41.89
N GLU F 29 -9.27 0.76 41.06
CA GLU F 29 -10.62 0.75 40.53
C GLU F 29 -10.80 0.11 39.12
N LEU F 30 -11.53 -1.01 39.08
CA LEU F 30 -11.86 -1.72 37.84
C LEU F 30 -13.22 -1.31 37.31
N PRO F 31 -13.37 -1.23 35.98
CA PRO F 31 -14.67 -0.86 35.43
C PRO F 31 -15.69 -1.99 35.57
N ALA F 32 -16.94 -1.62 35.83
CA ALA F 32 -17.99 -2.61 36.00
C ALA F 32 -18.21 -3.42 34.72
N ILE F 33 -18.72 -4.63 34.91
CA ILE F 33 -19.14 -5.47 33.81
C ILE F 33 -20.24 -4.74 33.07
N LEU F 34 -20.15 -4.75 31.74
CA LEU F 34 -21.05 -4.02 30.80
C LEU F 34 -20.60 -2.58 30.50
N ASN F 35 -19.58 -2.09 31.19
CA ASN F 35 -19.04 -0.75 30.85
C ASN F 35 -18.39 -0.70 29.48
N ALA F 36 -18.49 0.47 28.85
CA ALA F 36 -17.85 0.74 27.59
C ALA F 36 -16.47 1.31 27.89
N LEU F 37 -15.44 0.69 27.31
CA LEU F 37 -14.09 1.24 27.30
C LEU F 37 -13.73 1.78 25.90
N GLU F 38 -12.72 2.63 25.84
CA GLU F 38 -12.37 3.26 24.58
C GLU F 38 -10.88 3.26 24.41
N ILE F 39 -10.46 2.84 23.22
CA ILE F 39 -9.07 2.97 22.78
C ILE F 39 -9.06 4.01 21.68
N LYS F 40 -8.22 5.03 21.83
CA LYS F 40 -8.08 6.06 20.80
C LYS F 40 -7.37 5.48 19.59
N THR F 41 -7.95 5.67 18.42
CA THR F 41 -7.30 5.30 17.16
C THR F 41 -7.21 6.54 16.28
N PRO F 42 -6.29 6.52 15.30
CA PRO F 42 -6.17 7.65 14.36
C PRO F 42 -7.45 7.84 13.55
N GLN F 43 -8.20 6.77 13.36
CA GLN F 43 -9.53 6.85 12.71
C GLN F 43 -10.63 7.36 13.65
N GLY F 44 -10.46 7.18 14.95
CA GLY F 44 -11.48 7.59 15.91
C GLY F 44 -11.28 6.83 17.20
N LYS F 45 -12.17 5.87 17.46
CA LYS F 45 -12.03 5.04 18.67
C LYS F 45 -12.60 3.67 18.45
N LEU F 46 -11.97 2.70 19.08
CA LEU F 46 -12.50 1.35 19.19
C LEU F 46 -13.19 1.21 20.57
N VAL F 47 -14.47 0.89 20.53
CA VAL F 47 -15.26 0.64 21.74
C VAL F 47 -15.17 -0.82 22.20
N LEU F 48 -14.93 -1.01 23.49
CA LEU F 48 -14.88 -2.33 24.11
C LEU F 48 -15.97 -2.44 25.21
N GLU F 49 -16.68 -3.55 25.25
CA GLU F 49 -17.64 -3.79 26.34
C GLU F 49 -17.05 -4.76 27.34
N VAL F 50 -17.01 -4.37 28.62
CA VAL F 50 -16.42 -5.24 29.64
C VAL F 50 -17.32 -6.48 29.82
N ALA F 51 -16.71 -7.67 29.80
CA ALA F 51 -17.46 -8.93 29.94
C ALA F 51 -17.21 -9.69 31.24
N GLN F 52 -16.01 -9.63 31.80
CA GLN F 52 -15.66 -10.45 32.94
C GLN F 52 -14.54 -9.78 33.67
N HIS F 53 -14.47 -10.03 34.98
CA HIS F 53 -13.28 -9.72 35.75
C HIS F 53 -12.46 -11.00 35.89
N LEU F 54 -11.24 -10.98 35.38
CA LEU F 54 -10.44 -12.20 35.31
C LEU F 54 -9.63 -12.46 36.56
N GLY F 55 -9.50 -11.45 37.41
CA GLY F 55 -8.55 -11.54 38.49
C GLY F 55 -7.33 -10.68 38.19
N GLU F 56 -6.54 -10.42 39.23
CA GLU F 56 -5.26 -9.70 39.10
C GLU F 56 -5.40 -8.41 38.32
N ASN F 57 -6.46 -7.65 38.62
CA ASN F 57 -6.69 -6.33 38.08
C ASN F 57 -6.95 -6.27 36.58
N THR F 58 -7.41 -7.39 36.02
CA THR F 58 -7.60 -7.49 34.58
C THR F 58 -9.04 -7.83 34.28
N VAL F 59 -9.58 -7.16 33.29
CA VAL F 59 -10.91 -7.44 32.78
C VAL F 59 -10.83 -8.00 31.36
N ARG F 60 -11.78 -8.85 31.01
CA ARG F 60 -11.95 -9.31 29.65
C ARG F 60 -13.08 -8.53 29.01
N THR F 61 -12.91 -8.15 27.76
CA THR F 61 -13.82 -7.25 27.07
C THR F 61 -14.10 -7.82 25.69
N ILE F 62 -15.21 -7.37 25.10
CA ILE F 62 -15.59 -7.74 23.75
C ILE F 62 -15.57 -6.47 22.92
N ALA F 63 -14.76 -6.46 21.85
CA ALA F 63 -14.61 -5.31 20.95
C ALA F 63 -15.84 -5.09 20.10
N MET F 64 -16.16 -3.84 19.81
CA MET F 64 -17.29 -3.53 18.93
C MET F 64 -16.88 -3.33 17.46
N ASP F 65 -15.58 -3.47 17.18
CA ASP F 65 -15.05 -3.38 15.83
C ASP F 65 -13.81 -4.28 15.79
N GLY F 66 -13.21 -4.40 14.59
CA GLY F 66 -12.02 -5.21 14.41
C GLY F 66 -10.87 -4.82 15.32
N THR F 67 -10.15 -5.82 15.83
CA THR F 67 -8.97 -5.57 16.65
C THR F 67 -7.59 -5.58 15.93
N GLU F 68 -7.53 -5.69 14.61
CA GLU F 68 -6.21 -5.74 13.96
C GLU F 68 -5.54 -4.43 14.23
N GLY F 69 -4.26 -4.47 14.56
CA GLY F 69 -3.55 -3.23 14.81
C GLY F 69 -3.25 -3.02 16.28
N LEU F 70 -4.11 -3.52 17.15
CA LEU F 70 -3.92 -3.37 18.58
C LEU F 70 -2.58 -3.91 18.98
N VAL F 71 -1.90 -3.20 19.87
CA VAL F 71 -0.63 -3.65 20.40
C VAL F 71 -0.80 -3.85 21.89
N ARG F 72 -0.13 -4.86 22.45
CA ARG F 72 -0.10 -4.97 23.90
C ARG F 72 0.51 -3.71 24.48
N GLY F 73 -0.14 -3.13 25.48
CA GLY F 73 0.32 -1.90 26.13
C GLY F 73 -0.53 -0.71 25.76
N GLU F 74 -1.30 -0.83 24.69
CA GLU F 74 -2.14 0.27 24.23
C GLU F 74 -3.06 0.76 25.36
N LYS F 75 -3.17 2.08 25.47
CA LYS F 75 -3.91 2.77 26.51
C LYS F 75 -5.41 2.62 26.32
N VAL F 76 -6.14 2.39 27.43
CA VAL F 76 -7.60 2.20 27.42
C VAL F 76 -8.30 3.06 28.47
N LEU F 77 -9.41 3.67 28.09
CA LEU F 77 -10.18 4.57 28.94
C LEU F 77 -11.53 3.98 29.32
N ASP F 78 -11.89 4.06 30.61
CA ASP F 78 -13.22 3.71 31.10
C ASP F 78 -14.15 4.90 30.92
N THR F 79 -15.30 4.70 30.27
CA THR F 79 -16.26 5.79 30.08
C THR F 79 -17.19 5.95 31.29
N GLY F 80 -17.08 5.02 32.25
CA GLY F 80 -17.90 5.02 33.45
C GLY F 80 -19.31 4.46 33.31
N GLY F 81 -19.69 4.10 32.08
CA GLY F 81 -21.01 3.52 31.81
C GLY F 81 -21.06 2.64 30.55
N PRO F 82 -22.19 1.93 30.35
CA PRO F 82 -22.39 1.06 29.18
C PRO F 82 -22.48 1.83 27.89
N ILE F 83 -22.24 1.14 26.78
CA ILE F 83 -22.52 1.71 25.47
C ILE F 83 -23.89 2.38 25.53
N SER F 84 -23.96 3.61 25.05
CA SER F 84 -25.21 4.33 25.05
C SER F 84 -25.60 4.80 23.67
N VAL F 85 -26.89 5.08 23.48
CA VAL F 85 -27.39 5.49 22.19
C VAL F 85 -28.41 6.61 22.31
N PRO F 86 -28.44 7.51 21.31
CA PRO F 86 -29.47 8.54 21.26
C PRO F 86 -30.86 7.91 21.28
N VAL F 87 -31.80 8.57 21.95
CA VAL F 87 -33.19 8.13 21.99
C VAL F 87 -34.10 9.31 21.66
N GLY F 88 -35.35 9.00 21.33
CA GLY F 88 -36.35 10.03 21.05
C GLY F 88 -36.55 10.26 19.56
N ARG F 89 -37.28 11.33 19.25
CA ARG F 89 -37.71 11.64 17.89
C ARG F 89 -36.56 12.02 16.94
N GLU F 90 -35.42 12.42 17.48
CA GLU F 90 -34.29 12.78 16.62
C GLU F 90 -33.62 11.56 15.98
N THR F 91 -34.01 10.34 16.41
CA THR F 91 -33.54 9.11 15.76
C THR F 91 -34.41 8.75 14.55
N LEU F 92 -35.62 9.31 14.47
CA LEU F 92 -36.50 9.00 13.34
C LEU F 92 -35.92 9.49 12.00
N GLY F 93 -35.96 8.64 10.98
CA GLY F 93 -35.43 8.98 9.67
C GLY F 93 -33.92 8.91 9.58
N ARG F 94 -33.25 8.58 10.69
CA ARG F 94 -31.80 8.48 10.71
C ARG F 94 -31.37 7.03 10.62
N ILE F 95 -30.08 6.80 10.39
CA ILE F 95 -29.51 5.46 10.38
C ILE F 95 -28.32 5.46 11.32
N ILE F 96 -28.31 4.48 12.23
CA ILE F 96 -27.47 4.49 13.45
C ILE F 96 -26.74 3.15 13.53
N ASN F 97 -25.52 3.12 14.03
CA ASN F 97 -24.91 1.82 14.25
C ASN F 97 -25.07 1.33 15.68
N VAL F 98 -24.25 0.35 16.07
CA VAL F 98 -24.39 -0.37 17.33
C VAL F 98 -24.03 0.52 18.52
N ILE F 99 -23.17 1.50 18.29
CA ILE F 99 -22.76 2.40 19.36
C ILE F 99 -23.42 3.78 19.26
N GLY F 100 -24.55 3.87 18.59
CA GLY F 100 -25.30 5.12 18.53
C GLY F 100 -24.85 6.21 17.57
N GLU F 101 -23.80 5.95 16.78
CA GLU F 101 -23.31 6.93 15.82
C GLU F 101 -24.14 6.91 14.56
N PRO F 102 -24.40 8.08 13.97
CA PRO F 102 -25.07 8.15 12.65
C PRO F 102 -24.16 7.58 11.55
N ILE F 103 -24.76 6.86 10.61
CA ILE F 103 -24.02 6.26 9.51
C ILE F 103 -24.65 6.65 8.19
N ASP F 104 -25.48 7.69 8.25
CA ASP F 104 -26.22 8.22 7.10
C ASP F 104 -25.66 9.54 6.53
N GLU F 105 -24.53 10.01 7.05
CA GLU F 105 -23.82 11.21 6.54
C GLU F 105 -24.71 12.45 6.57
N ARG F 106 -25.50 12.58 7.62
CA ARG F 106 -26.39 13.72 7.79
C ARG F 106 -26.14 14.46 9.10
N GLY F 107 -24.95 14.28 9.65
CA GLY F 107 -24.55 14.98 10.85
C GLY F 107 -25.06 14.38 12.15
N PRO F 108 -24.69 15.03 13.28
CA PRO F 108 -25.01 14.53 14.62
C PRO F 108 -26.50 14.30 14.80
N ILE F 109 -26.86 13.38 15.70
CA ILE F 109 -28.24 13.20 16.09
C ILE F 109 -28.43 14.08 17.33
N LYS F 110 -29.11 15.20 17.14
CA LYS F 110 -29.20 16.20 18.21
C LYS F 110 -30.31 15.87 19.25
N SER F 111 -30.22 14.68 19.84
CA SER F 111 -31.19 14.25 20.83
C SER F 111 -30.84 14.80 22.21
N LYS F 112 -31.90 15.10 22.98
CA LYS F 112 -31.76 15.58 24.36
C LYS F 112 -31.00 14.57 25.23
N LEU F 113 -31.27 13.29 25.00
CA LEU F 113 -30.83 12.22 25.88
C LEU F 113 -30.20 11.03 25.15
N ARG F 114 -29.27 10.39 25.86
CA ARG F 114 -28.72 9.11 25.47
C ARG F 114 -29.05 8.09 26.56
N LYS F 115 -29.23 6.83 26.18
CA LYS F 115 -29.58 5.76 27.11
C LYS F 115 -28.69 4.54 26.89
N PRO F 116 -28.37 3.83 28.00
CA PRO F 116 -27.55 2.63 27.87
C PRO F 116 -28.30 1.55 27.11
N ILE F 117 -27.56 0.74 26.37
CA ILE F 117 -28.20 -0.29 25.55
C ILE F 117 -28.54 -1.53 26.37
N HIS F 118 -27.92 -1.69 27.53
CA HIS F 118 -28.31 -2.71 28.51
C HIS F 118 -29.30 -2.15 29.53
N ALA F 119 -30.41 -2.85 29.71
CA ALA F 119 -31.38 -2.50 30.78
C ALA F 119 -32.18 -3.74 31.20
N ASP F 120 -32.67 -3.71 32.42
CA ASP F 120 -33.56 -4.72 32.95
C ASP F 120 -34.86 -4.69 32.17
N PRO F 121 -35.45 -5.87 31.93
CA PRO F 121 -36.77 -5.90 31.35
C PRO F 121 -37.80 -5.40 32.36
N PRO F 122 -38.99 -5.00 31.89
CA PRO F 122 -40.08 -4.70 32.79
C PRO F 122 -40.33 -5.84 33.78
N SER F 123 -40.69 -5.48 35.00
CA SER F 123 -40.95 -6.46 36.07
C SER F 123 -42.26 -7.20 35.85
N PHE F 124 -42.51 -8.19 36.73
CA PHE F 124 -43.80 -8.89 36.74
C PHE F 124 -44.95 -7.91 36.93
N ALA F 125 -44.78 -6.99 37.88
CA ALA F 125 -45.79 -5.99 38.20
C ALA F 125 -46.14 -5.11 37.01
N GLU F 126 -45.17 -4.83 36.14
CA GLU F 126 -45.36 -3.88 35.04
C GLU F 126 -45.94 -4.50 33.78
N GLN F 127 -46.14 -5.82 33.76
CA GLN F 127 -46.75 -6.48 32.60
C GLN F 127 -48.17 -5.97 32.34
N SER F 128 -48.60 -6.07 31.09
CA SER F 128 -49.96 -5.70 30.71
C SER F 128 -50.35 -6.61 29.56
N THR F 129 -51.31 -7.50 29.82
CA THR F 129 -51.64 -8.54 28.84
C THR F 129 -52.94 -8.27 28.11
N SER F 130 -53.04 -8.76 26.88
CA SER F 130 -54.14 -8.45 25.98
C SER F 130 -54.37 -9.58 25.01
N ALA F 131 -55.35 -9.40 24.11
CA ALA F 131 -55.69 -10.40 23.10
C ALA F 131 -56.19 -9.76 21.81
N GLU F 132 -55.72 -8.54 21.54
CA GLU F 132 -56.11 -7.83 20.34
C GLU F 132 -55.42 -8.40 19.09
N ILE F 133 -56.23 -8.83 18.11
CA ILE F 133 -55.71 -9.33 16.82
C ILE F 133 -55.05 -8.20 16.06
N LEU F 134 -53.96 -8.51 15.37
CA LEU F 134 -53.37 -7.61 14.40
C LEU F 134 -53.59 -8.21 13.02
N GLU F 135 -54.46 -7.56 12.24
CA GLU F 135 -54.81 -8.06 10.93
C GLU F 135 -53.64 -7.80 9.99
N THR F 136 -53.21 -8.83 9.27
CA THR F 136 -52.04 -8.70 8.41
C THR F 136 -52.42 -8.49 6.94
N GLY F 137 -53.49 -9.13 6.52
CA GLY F 137 -53.88 -9.14 5.11
C GLY F 137 -53.31 -10.36 4.42
N ILE F 138 -52.64 -11.21 5.18
CA ILE F 138 -52.05 -12.42 4.63
C ILE F 138 -52.94 -13.58 5.05
N LYS F 139 -53.52 -14.25 4.05
CA LYS F 139 -54.56 -15.26 4.28
C LYS F 139 -54.16 -16.36 5.26
N VAL F 140 -52.95 -16.88 5.10
CA VAL F 140 -52.54 -18.04 5.91
C VAL F 140 -52.33 -17.66 7.37
N VAL F 141 -51.90 -16.42 7.61
CA VAL F 141 -51.64 -15.95 8.95
C VAL F 141 -52.94 -15.57 9.63
N ASP F 142 -53.73 -14.72 8.96
CA ASP F 142 -54.99 -14.25 9.51
C ASP F 142 -55.94 -15.42 9.80
N LEU F 143 -55.99 -16.40 8.91
CA LEU F 143 -56.87 -17.56 9.12
C LEU F 143 -56.35 -18.53 10.18
N LEU F 144 -55.14 -19.04 10.01
CA LEU F 144 -54.68 -20.20 10.76
C LEU F 144 -53.86 -19.90 12.02
N ALA F 145 -53.27 -18.70 12.08
CA ALA F 145 -52.43 -18.32 13.22
C ALA F 145 -52.24 -16.80 13.32
N PRO F 146 -53.29 -16.08 13.76
CA PRO F 146 -53.30 -14.63 13.76
C PRO F 146 -52.20 -14.07 14.64
N TYR F 147 -51.76 -12.87 14.33
CA TYR F 147 -50.74 -12.21 15.15
C TYR F 147 -51.42 -11.42 16.28
N ALA F 148 -50.64 -11.06 17.29
CA ALA F 148 -51.16 -10.30 18.43
C ALA F 148 -50.57 -8.89 18.49
N ARG F 149 -51.43 -7.87 18.55
CA ARG F 149 -50.98 -6.50 18.85
C ARG F 149 -50.25 -6.49 20.18
N GLY F 150 -49.14 -5.76 20.24
CA GLY F 150 -48.31 -5.70 21.44
C GLY F 150 -47.65 -7.02 21.72
N GLY F 151 -47.76 -7.93 20.76
CA GLY F 151 -47.14 -9.25 20.89
C GLY F 151 -45.82 -9.43 20.16
N LYS F 152 -45.26 -10.62 20.33
CA LYS F 152 -44.02 -11.00 19.67
C LYS F 152 -44.26 -12.07 18.62
N ILE F 153 -43.81 -11.75 17.40
CA ILE F 153 -44.02 -12.59 16.23
C ILE F 153 -42.69 -13.02 15.65
N GLY F 154 -42.53 -14.33 15.46
CA GLY F 154 -41.30 -14.85 14.90
C GLY F 154 -41.57 -15.48 13.55
N LEU F 155 -40.72 -15.16 12.58
CA LEU F 155 -40.77 -15.76 11.25
C LEU F 155 -39.58 -16.72 11.04
N PHE F 156 -39.83 -18.01 11.16
CA PHE F 156 -38.75 -19.00 11.09
C PHE F 156 -38.56 -19.45 9.65
N GLY F 157 -37.31 -19.63 9.24
CA GLY F 157 -37.06 -20.18 7.90
C GLY F 157 -35.60 -20.50 7.65
N GLY F 158 -35.37 -21.56 6.87
CA GLY F 158 -34.02 -21.90 6.45
C GLY F 158 -33.55 -20.86 5.46
N ALA F 159 -32.34 -21.04 4.93
CA ALA F 159 -31.76 -20.16 3.94
C ALA F 159 -32.61 -20.07 2.69
N GLY F 160 -32.98 -18.84 2.31
CA GLY F 160 -33.66 -18.58 1.05
C GLY F 160 -35.13 -18.95 0.90
N VAL F 161 -35.83 -19.29 1.99
CA VAL F 161 -37.25 -19.67 1.89
C VAL F 161 -38.26 -18.52 1.97
N GLY F 162 -37.84 -17.34 2.43
CA GLY F 162 -38.67 -16.13 2.35
C GLY F 162 -38.83 -15.22 3.57
N LYS F 163 -37.96 -15.36 4.56
CA LYS F 163 -38.06 -14.54 5.79
C LYS F 163 -38.07 -13.05 5.52
N THR F 164 -37.14 -12.58 4.68
CA THR F 164 -36.99 -11.16 4.47
C THR F 164 -38.08 -10.60 3.57
N VAL F 165 -38.44 -11.36 2.53
CA VAL F 165 -39.61 -11.00 1.73
C VAL F 165 -40.83 -10.91 2.64
N PHE F 166 -40.98 -11.87 3.55
CA PHE F 166 -42.12 -11.89 4.44
C PHE F 166 -42.18 -10.66 5.34
N ILE F 167 -41.05 -10.34 5.99
CA ILE F 167 -41.03 -9.23 6.94
C ILE F 167 -41.22 -7.91 6.22
N GLN F 168 -40.76 -7.84 4.98
CA GLN F 168 -40.95 -6.64 4.15
C GLN F 168 -42.41 -6.42 3.77
N GLU F 169 -43.14 -7.51 3.56
CA GLU F 169 -44.57 -7.41 3.24
C GLU F 169 -45.34 -6.97 4.46
N LEU F 170 -44.94 -7.46 5.63
CA LEU F 170 -45.53 -7.02 6.88
C LEU F 170 -45.28 -5.54 7.17
N ILE F 171 -44.08 -5.07 6.85
CA ILE F 171 -43.75 -3.65 6.98
C ILE F 171 -44.64 -2.86 6.03
N ASN F 172 -44.71 -3.31 4.78
CA ASN F 172 -45.55 -2.70 3.77
C ASN F 172 -47.02 -2.60 4.20
N ASN F 173 -47.54 -3.69 4.76
CA ASN F 173 -48.95 -3.79 5.14
C ASN F 173 -49.36 -3.12 6.46
N ILE F 174 -48.41 -2.85 7.33
CA ILE F 174 -48.73 -2.48 8.72
C ILE F 174 -48.12 -1.15 9.15
N ALA F 175 -46.93 -0.83 8.63
CA ALA F 175 -46.11 0.24 9.19
C ALA F 175 -46.55 1.67 8.86
N LYS F 176 -47.23 1.84 7.73
CA LYS F 176 -47.74 3.16 7.29
C LYS F 176 -48.93 3.62 8.10
N ALA F 177 -49.91 2.73 8.24
CA ALA F 177 -51.18 3.04 8.87
C ALA F 177 -51.17 2.66 10.35
N HIS F 178 -49.98 2.66 10.95
CA HIS F 178 -49.84 2.27 12.34
C HIS F 178 -50.10 3.43 13.31
N GLY F 179 -49.59 4.61 12.95
CA GLY F 179 -49.80 5.82 13.77
C GLY F 179 -48.63 6.04 14.72
N GLY F 180 -48.31 5.00 15.51
CA GLY F 180 -47.09 4.97 16.32
C GLY F 180 -45.83 4.85 15.47
N PHE F 181 -44.68 4.82 16.11
CA PHE F 181 -43.40 4.77 15.41
C PHE F 181 -42.90 3.34 15.24
N SER F 182 -42.00 3.16 14.27
CA SER F 182 -41.32 1.89 14.04
C SER F 182 -39.81 2.00 14.24
N VAL F 183 -39.22 0.91 14.72
CA VAL F 183 -37.78 0.72 14.63
C VAL F 183 -37.50 -0.55 13.83
N PHE F 184 -36.63 -0.43 12.81
CA PHE F 184 -36.11 -1.58 12.08
C PHE F 184 -34.65 -1.78 12.46
N THR F 185 -34.32 -3.01 12.86
CA THR F 185 -32.95 -3.34 13.19
C THR F 185 -32.43 -4.49 12.32
N GLY F 186 -31.44 -4.19 11.49
CA GLY F 186 -30.73 -5.19 10.70
C GLY F 186 -29.64 -5.76 11.56
N VAL F 187 -29.70 -7.06 11.82
CA VAL F 187 -28.67 -7.72 12.60
C VAL F 187 -28.10 -8.84 11.76
N GLY F 188 -26.82 -8.72 11.43
CA GLY F 188 -26.08 -9.76 10.73
C GLY F 188 -26.71 -10.14 9.41
N GLU F 189 -27.42 -9.22 8.77
CA GLU F 189 -27.94 -9.52 7.44
C GLU F 189 -27.23 -8.74 6.32
N ARG F 190 -27.83 -8.64 5.15
CA ARG F 190 -27.11 -8.10 3.98
C ARG F 190 -27.06 -6.57 3.98
N THR F 191 -25.87 -6.00 3.90
CA THR F 191 -25.76 -4.55 3.79
C THR F 191 -26.61 -4.01 2.66
N ARG F 192 -26.56 -4.65 1.49
CA ARG F 192 -27.41 -4.25 0.36
C ARG F 192 -28.89 -4.18 0.72
N GLU F 193 -29.36 -5.09 1.57
CA GLU F 193 -30.77 -5.11 1.94
C GLU F 193 -31.15 -3.84 2.70
N GLY F 194 -30.19 -3.33 3.49
CA GLY F 194 -30.34 -2.08 4.23
C GLY F 194 -30.39 -0.91 3.28
N ASN F 195 -29.52 -0.96 2.27
CA ASN F 195 -29.53 0.02 1.21
C ASN F 195 -30.90 0.04 0.53
N ASP F 196 -31.40 -1.15 0.16
CA ASP F 196 -32.73 -1.30 -0.46
C ASP F 196 -33.83 -0.69 0.40
N LEU F 197 -33.86 -1.08 1.67
CA LEU F 197 -34.93 -0.69 2.58
C LEU F 197 -34.97 0.82 2.82
N TYR F 198 -33.80 1.45 2.87
CA TYR F 198 -33.66 2.89 3.05
C TYR F 198 -34.31 3.62 1.90
N ARG F 199 -33.95 3.22 0.69
CA ARG F 199 -34.51 3.80 -0.52
C ARG F 199 -36.02 3.58 -0.59
N GLU F 200 -36.46 2.36 -0.28
CA GLU F 200 -37.88 2.02 -0.33
C GLU F 200 -38.71 2.85 0.67
N MET F 201 -38.18 3.04 1.88
CA MET F 201 -38.88 3.81 2.92
C MET F 201 -38.97 5.30 2.62
N LYS F 202 -37.93 5.84 2.00
CA LYS F 202 -37.97 7.19 1.43
C LYS F 202 -39.08 7.31 0.38
N GLU F 203 -39.19 6.30 -0.49
CA GLU F 203 -40.15 6.32 -1.59
C GLU F 203 -41.59 6.01 -1.16
N THR F 204 -41.79 5.59 0.08
CA THR F 204 -43.14 5.48 0.61
C THR F 204 -43.47 6.63 1.57
N GLY F 205 -42.47 7.47 1.86
CA GLY F 205 -42.64 8.63 2.74
C GLY F 205 -42.47 8.34 4.22
N VAL F 206 -42.41 7.06 4.57
CA VAL F 206 -42.15 6.58 5.92
C VAL F 206 -40.88 7.21 6.53
N ILE F 207 -39.85 7.37 5.69
CA ILE F 207 -38.74 8.25 5.99
C ILE F 207 -38.90 9.44 5.06
N ASN F 208 -38.57 10.61 5.58
CA ASN F 208 -38.74 11.86 4.86
C ASN F 208 -37.65 12.83 5.33
N LEU F 209 -36.56 12.86 4.58
CA LEU F 209 -35.35 13.59 4.95
C LEU F 209 -35.59 15.08 5.22
N GLU F 210 -36.50 15.69 4.46
CA GLU F 210 -36.79 17.13 4.61
C GLU F 210 -38.15 17.38 5.28
N GLY F 211 -38.60 16.42 6.10
CA GLY F 211 -39.89 16.49 6.77
C GLY F 211 -39.94 15.63 8.03
N GLU F 212 -41.14 15.10 8.32
CA GLU F 212 -41.39 14.20 9.46
C GLU F 212 -41.13 12.74 9.10
N SER F 213 -40.45 12.02 9.97
CA SER F 213 -40.23 10.57 9.75
C SER F 213 -40.87 9.70 10.83
N LYS F 214 -41.28 8.50 10.43
CA LYS F 214 -42.00 7.55 11.27
C LYS F 214 -41.15 6.36 11.73
N VAL F 215 -39.94 6.21 11.18
CA VAL F 215 -39.13 5.01 11.42
C VAL F 215 -37.66 5.29 11.67
N ALA F 216 -37.11 4.63 12.69
CA ALA F 216 -35.67 4.68 12.98
C ALA F 216 -35.00 3.41 12.46
N LEU F 217 -33.82 3.56 11.87
CA LEU F 217 -33.06 2.43 11.34
C LEU F 217 -31.75 2.23 12.05
N VAL F 218 -31.51 1.00 12.51
CA VAL F 218 -30.28 0.64 13.19
C VAL F 218 -29.68 -0.56 12.46
N PHE F 219 -28.38 -0.52 12.17
CA PHE F 219 -27.76 -1.62 11.39
C PHE F 219 -26.41 -2.07 11.92
N GLY F 220 -26.22 -3.38 11.94
CA GLY F 220 -24.92 -4.02 12.21
C GLY F 220 -24.95 -5.34 11.45
N GLN F 221 -24.49 -5.31 10.19
CA GLN F 221 -24.82 -6.38 9.28
C GLN F 221 -23.78 -7.48 9.25
N MET F 222 -23.95 -8.46 8.36
CA MET F 222 -23.04 -9.62 8.31
C MET F 222 -21.59 -9.30 7.87
N ASN F 223 -21.28 -8.04 7.61
CA ASN F 223 -19.87 -7.65 7.41
C ASN F 223 -19.18 -7.27 8.70
N GLU F 224 -19.95 -7.18 9.79
CA GLU F 224 -19.43 -6.71 11.08
C GLU F 224 -18.80 -7.81 11.92
N PRO F 225 -17.83 -7.45 12.76
CA PRO F 225 -17.26 -8.40 13.71
C PRO F 225 -18.31 -8.78 14.77
N PRO F 226 -18.13 -9.93 15.46
CA PRO F 226 -19.20 -10.49 16.28
C PRO F 226 -19.68 -9.57 17.41
N GLY F 227 -18.78 -8.79 18.00
CA GLY F 227 -19.17 -7.90 19.08
C GLY F 227 -20.30 -6.97 18.65
N ALA F 228 -20.21 -6.48 17.44
CA ALA F 228 -21.18 -5.54 16.95
C ALA F 228 -22.49 -6.22 16.63
N ARG F 229 -22.42 -7.42 16.04
CA ARG F 229 -23.63 -8.19 15.73
C ARG F 229 -24.32 -8.66 17.02
N ALA F 230 -23.54 -8.87 18.07
CA ALA F 230 -24.07 -9.31 19.35
C ALA F 230 -24.83 -8.21 20.09
N ARG F 231 -24.51 -6.94 19.81
CA ARG F 231 -25.06 -5.84 20.63
C ARG F 231 -26.03 -4.97 19.88
N VAL F 232 -26.02 -5.01 18.56
CA VAL F 232 -26.78 -4.04 17.77
C VAL F 232 -28.30 -4.20 18.00
N ALA F 233 -28.73 -5.40 18.35
CA ALA F 233 -30.15 -5.57 18.58
C ALA F 233 -30.55 -4.84 19.86
N LEU F 234 -29.67 -4.80 20.86
CA LEU F 234 -29.96 -4.06 22.09
C LEU F 234 -30.13 -2.57 21.79
N THR F 235 -29.33 -2.08 20.86
CA THR F 235 -29.33 -0.69 20.46
C THR F 235 -30.67 -0.26 19.85
N GLY F 236 -31.16 -1.02 18.89
CA GLY F 236 -32.45 -0.72 18.26
C GLY F 236 -33.57 -0.86 19.28
N LEU F 237 -33.40 -1.84 20.17
CA LEU F 237 -34.38 -2.12 21.20
C LEU F 237 -34.49 -0.93 22.16
N THR F 238 -33.36 -0.36 22.54
CA THR F 238 -33.33 0.72 23.51
C THR F 238 -34.12 1.93 23.01
N ILE F 239 -34.03 2.19 21.71
CA ILE F 239 -34.78 3.27 21.08
C ILE F 239 -36.28 3.01 21.10
N ALA F 240 -36.66 1.74 20.91
CA ALA F 240 -38.08 1.35 20.99
C ALA F 240 -38.60 1.48 22.44
N GLU F 241 -37.77 1.10 23.41
CA GLU F 241 -38.14 1.17 24.81
C GLU F 241 -38.47 2.61 25.21
N TYR F 242 -37.70 3.56 24.68
CA TYR F 242 -37.91 4.94 25.04
C TYR F 242 -39.26 5.43 24.50
N PHE F 243 -39.56 5.14 23.24
CA PHE F 243 -40.85 5.49 22.69
C PHE F 243 -41.97 4.87 23.51
N ARG F 244 -41.72 3.68 24.04
CA ARG F 244 -42.75 2.98 24.78
C ARG F 244 -42.98 3.59 26.17
N ASP F 245 -41.90 3.83 26.92
CA ASP F 245 -41.99 4.22 28.33
C ASP F 245 -42.17 5.71 28.57
N GLU F 246 -41.40 6.53 27.85
CA GLU F 246 -41.40 7.97 28.07
C GLU F 246 -42.43 8.70 27.23
N GLU F 247 -42.86 8.09 26.12
CA GLU F 247 -43.86 8.74 25.27
C GLU F 247 -45.17 7.94 25.18
N GLY F 248 -45.24 6.84 25.94
CA GLY F 248 -46.42 5.96 26.00
C GLY F 248 -46.93 5.41 24.67
N GLN F 249 -46.04 5.33 23.67
CA GLN F 249 -46.39 4.97 22.29
C GLN F 249 -46.67 3.49 22.06
N ASP F 250 -47.41 3.21 20.99
CA ASP F 250 -47.48 1.87 20.44
C ASP F 250 -46.40 1.76 19.37
N VAL F 251 -45.38 0.99 19.67
CA VAL F 251 -44.19 0.92 18.85
C VAL F 251 -44.15 -0.38 18.06
N LEU F 252 -43.64 -0.33 16.84
CA LEU F 252 -43.32 -1.56 16.13
C LEU F 252 -41.81 -1.76 16.15
N LEU F 253 -41.37 -2.98 16.48
CA LEU F 253 -39.96 -3.30 16.40
C LEU F 253 -39.78 -4.46 15.42
N PHE F 254 -39.18 -4.18 14.26
CA PHE F 254 -38.85 -5.22 13.27
C PHE F 254 -37.38 -5.54 13.36
N ILE F 255 -37.04 -6.83 13.40
CA ILE F 255 -35.65 -7.28 13.51
C ILE F 255 -35.35 -8.39 12.52
N ASP F 256 -34.41 -8.14 11.61
CA ASP F 256 -33.93 -9.14 10.66
C ASP F 256 -32.41 -9.14 10.79
N ASN F 257 -31.79 -10.15 11.39
CA ASN F 257 -32.41 -11.43 11.79
C ASN F 257 -31.92 -11.80 13.18
N ILE F 258 -32.84 -12.11 14.10
CA ILE F 258 -32.47 -12.21 15.52
C ILE F 258 -31.55 -13.39 15.82
N PHE F 259 -31.57 -14.41 14.97
CA PHE F 259 -30.63 -15.51 15.12
C PHE F 259 -29.19 -15.00 15.15
N ARG F 260 -28.92 -13.96 14.34
CA ARG F 260 -27.54 -13.44 14.19
C ARG F 260 -26.97 -12.90 15.48
N PHE F 261 -27.83 -12.50 16.40
CA PHE F 261 -27.41 -12.14 17.78
C PHE F 261 -26.84 -13.37 18.51
N THR F 262 -27.52 -14.51 18.36
CA THR F 262 -27.13 -15.73 19.07
C THR F 262 -25.87 -16.30 18.44
N GLN F 263 -25.84 -16.28 17.12
CA GLN F 263 -24.66 -16.71 16.37
C GLN F 263 -23.42 -15.90 16.75
N ALA F 264 -23.59 -14.58 16.82
CA ALA F 264 -22.49 -13.69 17.25
C ALA F 264 -21.97 -14.12 18.62
N GLY F 265 -22.91 -14.37 19.53
CA GLY F 265 -22.59 -14.85 20.86
C GLY F 265 -21.77 -16.11 20.82
N SER F 266 -22.08 -17.00 19.87
CA SER F 266 -21.36 -18.25 19.78
C SER F 266 -19.96 -18.11 19.20
N GLU F 267 -19.72 -17.09 18.39
CA GLU F 267 -18.36 -16.81 17.87
C GLU F 267 -17.40 -16.39 18.98
N VAL F 268 -17.88 -15.64 19.96
CA VAL F 268 -16.99 -15.15 21.03
C VAL F 268 -16.95 -16.05 22.25
N SER F 269 -17.87 -17.00 22.32
CA SER F 269 -18.05 -17.78 23.55
C SER F 269 -16.78 -18.50 23.98
N ALA F 270 -16.10 -19.19 23.06
CA ALA F 270 -14.85 -19.94 23.42
C ALA F 270 -13.73 -19.01 23.81
N LEU F 271 -13.61 -17.89 23.09
CA LEU F 271 -12.67 -16.83 23.43
C LEU F 271 -12.90 -16.29 24.84
N LEU F 272 -14.15 -16.30 25.31
CA LEU F 272 -14.48 -15.87 26.65
C LEU F 272 -14.15 -16.92 27.72
N GLY F 273 -13.79 -18.13 27.33
CA GLY F 273 -13.38 -19.16 28.30
C GLY F 273 -14.43 -20.19 28.65
N ARG F 274 -15.60 -20.10 28.04
CA ARG F 274 -16.73 -20.98 28.38
C ARG F 274 -16.54 -22.36 27.79
N ILE F 275 -16.76 -23.40 28.60
CA ILE F 275 -16.93 -24.75 28.08
C ILE F 275 -18.20 -24.73 27.17
N PRO F 276 -18.09 -25.20 25.91
CA PRO F 276 -19.25 -25.18 25.00
C PRO F 276 -20.40 -26.12 25.40
N SER F 277 -21.63 -25.71 25.10
CA SER F 277 -22.81 -26.52 25.31
C SER F 277 -23.13 -27.24 24.01
N ALA F 278 -24.31 -27.86 23.91
CA ALA F 278 -24.67 -28.68 22.77
C ALA F 278 -24.48 -27.95 21.45
N VAL F 279 -23.90 -28.64 20.47
CA VAL F 279 -23.69 -28.14 19.11
C VAL F 279 -22.79 -26.92 19.03
N GLY F 280 -21.93 -26.75 20.03
CA GLY F 280 -20.94 -25.70 20.00
C GLY F 280 -21.42 -24.35 20.53
N TYR F 281 -22.69 -24.27 20.94
CA TYR F 281 -23.24 -23.00 21.43
C TYR F 281 -22.73 -22.65 22.81
N GLN F 282 -22.84 -21.36 23.11
CA GLN F 282 -22.59 -20.83 24.42
C GLN F 282 -23.52 -21.48 25.45
N PRO F 283 -23.04 -21.69 26.68
CA PRO F 283 -23.91 -22.23 27.74
C PRO F 283 -24.97 -21.23 28.18
N THR F 284 -24.73 -19.95 27.91
CA THR F 284 -25.63 -18.87 28.30
C THR F 284 -26.72 -18.64 27.24
N LEU F 285 -26.81 -19.51 26.26
CA LEU F 285 -27.83 -19.40 25.22
C LEU F 285 -29.19 -18.88 25.71
N ALA F 286 -29.82 -19.57 26.65
CA ALA F 286 -31.19 -19.24 27.03
C ALA F 286 -31.27 -17.96 27.81
N THR F 287 -30.40 -17.78 28.80
CA THR F 287 -30.41 -16.55 29.54
C THR F 287 -30.10 -15.33 28.66
N ASP F 288 -29.05 -15.40 27.84
CA ASP F 288 -28.70 -14.30 26.95
C ASP F 288 -29.94 -13.91 26.15
N MET F 289 -30.63 -14.92 25.62
CA MET F 289 -31.82 -14.68 24.82
CA MET F 289 -31.83 -14.70 24.81
C MET F 289 -32.93 -14.06 25.66
N GLY F 290 -33.13 -14.58 26.87
CA GLY F 290 -34.15 -14.05 27.78
C GLY F 290 -33.92 -12.60 28.17
N LEU F 291 -32.67 -12.24 28.44
CA LEU F 291 -32.34 -10.88 28.78
C LEU F 291 -32.64 -9.92 27.65
N LEU F 292 -32.70 -10.42 26.42
CA LEU F 292 -33.06 -9.51 25.35
C LEU F 292 -34.55 -9.59 25.04
N GLN F 293 -35.10 -10.78 24.85
CA GLN F 293 -36.52 -10.89 24.44
C GLN F 293 -37.48 -10.33 25.50
N GLU F 294 -37.11 -10.42 26.78
CA GLU F 294 -38.03 -10.03 27.83
C GLU F 294 -38.23 -8.53 27.89
N ARG F 295 -37.30 -7.79 27.29
CA ARG F 295 -37.41 -6.33 27.17
C ARG F 295 -38.40 -5.99 26.05
N ILE F 296 -38.51 -6.88 25.06
CA ILE F 296 -39.42 -6.67 23.95
C ILE F 296 -40.79 -7.14 24.38
N THR F 297 -41.49 -6.28 25.09
CA THR F 297 -42.77 -6.61 25.69
C THR F 297 -43.65 -5.36 25.86
N THR F 298 -44.92 -5.59 26.17
CA THR F 298 -45.89 -4.55 26.35
C THR F 298 -46.08 -4.26 27.84
N THR F 299 -46.05 -2.98 28.20
CA THR F 299 -46.21 -2.59 29.61
C THR F 299 -47.47 -1.76 29.78
N LYS F 300 -47.69 -1.32 31.01
CA LYS F 300 -48.80 -0.40 31.29
C LYS F 300 -48.58 0.99 30.66
N LYS F 301 -47.32 1.37 30.47
CA LYS F 301 -46.96 2.66 29.85
C LYS F 301 -47.14 2.62 28.34
N GLY F 302 -46.95 1.45 27.75
CA GLY F 302 -47.06 1.32 26.29
C GLY F 302 -46.87 -0.06 25.70
N SER F 303 -47.09 -0.13 24.40
CA SER F 303 -47.11 -1.37 23.67
C SER F 303 -45.92 -1.49 22.70
N VAL F 304 -45.34 -2.69 22.62
CA VAL F 304 -44.37 -3.03 21.58
C VAL F 304 -44.80 -4.29 20.80
N THR F 305 -45.15 -4.11 19.53
CA THR F 305 -45.37 -5.22 18.61
C THR F 305 -44.05 -5.54 17.90
N SER F 306 -43.58 -6.77 18.03
CA SER F 306 -42.30 -7.15 17.44
C SER F 306 -42.40 -8.27 16.41
N VAL F 307 -41.83 -8.02 15.24
CA VAL F 307 -41.69 -9.05 14.22
C VAL F 307 -40.21 -9.34 14.02
N GLN F 308 -39.85 -10.61 14.18
CA GLN F 308 -38.45 -11.03 14.13
C GLN F 308 -38.25 -12.16 13.17
N ALA F 309 -37.38 -11.98 12.18
CA ALA F 309 -36.95 -13.09 11.34
C ALA F 309 -36.00 -13.94 12.17
N VAL F 310 -36.19 -15.26 12.09
CA VAL F 310 -35.39 -16.21 12.84
C VAL F 310 -34.81 -17.24 11.88
N TYR F 311 -33.51 -17.12 11.60
CA TYR F 311 -32.86 -18.06 10.70
C TYR F 311 -32.79 -19.48 11.27
N VAL F 312 -32.98 -20.48 10.42
CA VAL F 312 -32.90 -21.87 10.88
C VAL F 312 -31.67 -22.57 10.27
N PRO F 313 -30.61 -22.80 11.08
CA PRO F 313 -29.38 -23.42 10.58
C PRO F 313 -29.67 -24.77 9.92
N ALA F 314 -29.16 -24.94 8.71
CA ALA F 314 -29.26 -26.22 8.00
C ALA F 314 -30.68 -26.80 8.01
N ASP F 315 -31.70 -25.93 8.01
CA ASP F 315 -33.09 -26.36 7.97
C ASP F 315 -33.53 -27.21 9.17
N ASP F 316 -32.78 -27.16 10.26
CA ASP F 316 -33.04 -27.97 11.44
C ASP F 316 -33.73 -27.17 12.54
N LEU F 317 -35.04 -27.32 12.65
CA LEU F 317 -35.80 -26.59 13.70
C LEU F 317 -35.46 -26.97 15.15
N THR F 318 -34.75 -28.07 15.36
CA THR F 318 -34.28 -28.45 16.73
C THR F 318 -32.88 -27.89 17.03
N ASP F 319 -32.26 -27.19 16.08
CA ASP F 319 -31.02 -26.48 16.39
C ASP F 319 -31.25 -25.56 17.59
N PRO F 320 -30.33 -25.58 18.57
CA PRO F 320 -30.54 -24.81 19.82
C PRO F 320 -31.02 -23.38 19.61
N ALA F 321 -30.48 -22.66 18.63
CA ALA F 321 -30.88 -21.27 18.46
C ALA F 321 -32.36 -21.09 18.11
N PRO F 322 -32.84 -21.65 16.98
CA PRO F 322 -34.28 -21.44 16.81
C PRO F 322 -35.10 -22.15 17.88
N ALA F 323 -34.63 -23.29 18.35
CA ALA F 323 -35.38 -24.08 19.35
C ALA F 323 -35.71 -23.23 20.58
N THR F 324 -34.74 -22.48 21.07
CA THR F 324 -34.88 -21.68 22.26
C THR F 324 -35.65 -20.41 21.97
N THR F 325 -35.79 -20.05 20.71
CA THR F 325 -36.51 -18.81 20.38
C THR F 325 -38.02 -18.96 20.50
N PHE F 326 -38.53 -20.18 20.26
CA PHE F 326 -39.97 -20.47 20.29
C PHE F 326 -40.68 -20.02 21.57
N ALA F 327 -40.09 -20.26 22.73
CA ALA F 327 -40.72 -19.93 24.00
C ALA F 327 -41.02 -18.41 24.18
N HIS F 328 -40.54 -17.57 23.26
CA HIS F 328 -40.66 -16.11 23.45
C HIS F 328 -41.78 -15.48 22.63
N LEU F 329 -42.49 -16.29 21.85
CA LEU F 329 -43.35 -15.72 20.84
C LEU F 329 -44.82 -16.03 21.08
N ASP F 330 -45.67 -15.08 20.72
CA ASP F 330 -47.09 -15.23 20.80
C ASP F 330 -47.56 -15.87 19.53
N ALA F 331 -46.87 -15.57 18.42
CA ALA F 331 -47.17 -16.23 17.15
C ALA F 331 -45.89 -16.58 16.42
N THR F 332 -45.95 -17.64 15.63
CA THR F 332 -44.78 -18.16 14.98
C THR F 332 -45.20 -18.59 13.59
N THR F 333 -44.65 -17.95 12.57
CA THR F 333 -44.82 -18.40 11.19
C THR F 333 -43.58 -19.20 10.83
N VAL F 334 -43.76 -20.47 10.52
CA VAL F 334 -42.64 -21.33 10.11
C VAL F 334 -42.69 -21.51 8.59
N LEU F 335 -41.59 -21.16 7.93
CA LEU F 335 -41.49 -21.29 6.49
C LEU F 335 -40.76 -22.58 6.15
N SER F 336 -41.27 -23.31 5.16
CA SER F 336 -40.74 -24.62 4.83
C SER F 336 -40.09 -24.64 3.45
N ARG F 337 -38.88 -25.21 3.36
CA ARG F 337 -38.24 -25.39 2.05
C ARG F 337 -39.06 -26.28 1.10
N GLY F 338 -39.62 -27.37 1.63
CA GLY F 338 -40.44 -28.28 0.84
C GLY F 338 -41.66 -27.61 0.24
N ILE F 339 -42.26 -26.71 1.02
CA ILE F 339 -43.37 -25.90 0.52
C ILE F 339 -42.91 -24.85 -0.52
N SER F 340 -41.77 -24.20 -0.27
CA SER F 340 -41.26 -23.24 -1.25
C SER F 340 -40.90 -23.88 -2.59
N GLU F 341 -40.36 -25.08 -2.57
CA GLU F 341 -40.02 -25.77 -3.83
C GLU F 341 -41.24 -26.20 -4.66
N LEU F 342 -42.38 -26.38 -3.99
CA LEU F 342 -43.66 -26.56 -4.67
C LEU F 342 -44.23 -25.28 -5.27
N GLY F 343 -43.60 -24.13 -4.97
CA GLY F 343 -44.01 -22.83 -5.51
C GLY F 343 -45.09 -22.16 -4.69
N ILE F 344 -45.36 -22.69 -3.50
CA ILE F 344 -46.27 -22.02 -2.57
C ILE F 344 -45.53 -20.89 -1.84
N TYR F 345 -45.91 -19.64 -2.14
CA TYR F 345 -45.46 -18.47 -1.41
C TYR F 345 -46.65 -17.67 -0.92
N PRO F 346 -46.59 -17.16 0.33
CA PRO F 346 -45.50 -17.41 1.27
C PRO F 346 -45.44 -18.90 1.61
N ALA F 347 -44.23 -19.41 1.81
CA ALA F 347 -44.00 -20.84 2.01
C ALA F 347 -44.38 -21.30 3.43
N VAL F 348 -45.53 -20.88 3.90
CA VAL F 348 -45.93 -21.11 5.26
C VAL F 348 -46.34 -22.56 5.47
N ASP F 349 -45.86 -23.15 6.56
CA ASP F 349 -46.31 -24.49 6.91
C ASP F 349 -47.53 -24.37 7.82
N PRO F 350 -48.74 -24.63 7.28
CA PRO F 350 -50.00 -24.38 7.98
C PRO F 350 -50.11 -25.16 9.28
N LEU F 351 -49.49 -26.33 9.32
CA LEU F 351 -49.33 -27.10 10.53
C LEU F 351 -47.91 -26.82 10.96
N ASP F 352 -47.72 -26.27 12.15
CA ASP F 352 -46.37 -25.92 12.63
C ASP F 352 -46.25 -24.43 12.87
N SER F 353 -47.08 -23.63 12.24
CA SER F 353 -47.15 -22.22 12.62
C SER F 353 -48.31 -22.03 13.58
N LYS F 354 -48.12 -21.19 14.58
CA LYS F 354 -49.02 -21.19 15.73
C LYS F 354 -49.34 -19.81 16.24
N SER F 355 -50.43 -19.73 17.01
CA SER F 355 -50.85 -18.52 17.61
C SER F 355 -51.56 -18.81 18.90
N ARG F 356 -51.25 -18.00 19.91
CA ARG F 356 -51.96 -17.95 21.17
C ARG F 356 -53.42 -17.55 20.94
N LEU F 357 -53.68 -16.85 19.84
CA LEU F 357 -54.99 -16.24 19.60
C LEU F 357 -56.01 -17.08 18.84
N LEU F 358 -55.62 -18.22 18.28
CA LEU F 358 -56.58 -19.07 17.57
C LEU F 358 -57.52 -19.69 18.59
N ASP F 359 -58.59 -18.96 18.84
CA ASP F 359 -59.41 -19.13 20.03
C ASP F 359 -60.79 -18.52 19.79
N ALA F 360 -61.82 -19.33 20.00
CA ALA F 360 -63.22 -18.89 19.78
C ALA F 360 -63.57 -17.61 20.54
N ALA F 361 -63.03 -17.46 21.75
CA ALA F 361 -63.26 -16.27 22.56
C ALA F 361 -62.69 -15.01 21.92
N VAL F 362 -61.81 -15.19 20.93
CA VAL F 362 -61.06 -14.09 20.34
C VAL F 362 -61.43 -13.84 18.89
N VAL F 363 -61.51 -14.92 18.11
CA VAL F 363 -61.82 -14.82 16.67
C VAL F 363 -63.30 -15.14 16.33
N GLY F 364 -64.05 -15.62 17.31
CA GLY F 364 -65.43 -16.05 17.09
C GLY F 364 -65.48 -17.50 16.68
N GLN F 365 -66.58 -18.17 17.00
CA GLN F 365 -66.75 -19.60 16.72
C GLN F 365 -66.64 -19.97 15.24
N GLU F 366 -67.14 -19.10 14.38
CA GLU F 366 -67.11 -19.34 12.94
C GLU F 366 -65.66 -19.47 12.48
N HIS F 367 -64.90 -18.38 12.63
CA HIS F 367 -63.47 -18.36 12.31
C HIS F 367 -62.77 -19.59 12.88
N TYR F 368 -62.83 -19.75 14.20
CA TYR F 368 -62.23 -20.89 14.88
C TYR F 368 -62.51 -22.21 14.16
N ASP F 369 -63.78 -22.45 13.82
CA ASP F 369 -64.21 -23.72 13.24
C ASP F 369 -63.74 -23.94 11.80
N VAL F 370 -63.72 -22.87 11.01
CA VAL F 370 -63.14 -22.91 9.67
C VAL F 370 -61.65 -23.32 9.72
N ALA F 371 -60.91 -22.69 10.62
CA ALA F 371 -59.50 -23.02 10.84
C ALA F 371 -59.32 -24.49 11.19
N SER F 372 -60.13 -24.98 12.14
CA SER F 372 -60.02 -26.37 12.57
C SER F 372 -60.24 -27.34 11.41
N LYS F 373 -61.23 -27.04 10.57
CA LYS F 373 -61.56 -27.89 9.42
C LYS F 373 -60.50 -27.83 8.32
N VAL F 374 -59.99 -26.63 8.05
CA VAL F 374 -58.85 -26.47 7.14
C VAL F 374 -57.68 -27.31 7.67
N GLN F 375 -57.35 -27.14 8.94
CA GLN F 375 -56.26 -27.89 9.57
C GLN F 375 -56.50 -29.42 9.51
N GLU F 376 -57.73 -29.84 9.78
CA GLU F 376 -58.11 -31.26 9.71
C GLU F 376 -57.91 -31.84 8.31
N THR F 377 -58.38 -31.09 7.31
CA THR F 377 -58.23 -31.46 5.90
C THR F 377 -56.76 -31.59 5.48
N LEU F 378 -55.94 -30.61 5.85
CA LEU F 378 -54.50 -30.64 5.52
C LEU F 378 -53.82 -31.82 6.23
N GLN F 379 -54.19 -32.03 7.50
CA GLN F 379 -53.68 -33.15 8.26
C GLN F 379 -53.98 -34.51 7.57
N THR F 380 -55.25 -34.72 7.21
CA THR F 380 -55.66 -35.95 6.50
C THR F 380 -54.81 -36.18 5.25
N TYR F 381 -54.54 -35.10 4.53
CA TYR F 381 -53.75 -35.16 3.31
C TYR F 381 -52.29 -35.51 3.56
N LYS F 382 -51.70 -34.92 4.60
CA LYS F 382 -50.34 -35.25 4.98
C LYS F 382 -50.25 -36.73 5.30
N SER F 383 -51.16 -37.19 6.17
CA SER F 383 -51.19 -38.57 6.65
C SER F 383 -51.16 -39.62 5.53
N LEU F 384 -51.60 -39.23 4.34
CA LEU F 384 -51.73 -40.15 3.22
C LEU F 384 -50.58 -40.09 2.21
N GLN F 385 -49.60 -39.25 2.47
CA GLN F 385 -48.48 -39.03 1.53
C GLN F 385 -47.70 -40.30 1.18
N ASP F 386 -47.62 -41.22 2.15
CA ASP F 386 -46.99 -42.54 1.96
C ASP F 386 -47.62 -43.27 0.80
N ILE F 387 -48.90 -43.61 0.99
CA ILE F 387 -49.68 -44.34 0.01
C ILE F 387 -49.59 -43.66 -1.34
N ILE F 388 -49.96 -42.38 -1.39
CA ILE F 388 -49.99 -41.62 -2.63
C ILE F 388 -48.73 -41.84 -3.45
N ALA F 389 -47.57 -41.58 -2.83
CA ALA F 389 -46.28 -41.62 -3.52
C ALA F 389 -45.92 -43.01 -4.06
N ILE F 390 -46.19 -44.04 -3.27
CA ILE F 390 -45.89 -45.42 -3.66
C ILE F 390 -46.94 -46.01 -4.62
N LEU F 391 -48.18 -46.09 -4.15
CA LEU F 391 -49.24 -46.85 -4.82
C LEU F 391 -50.02 -46.06 -5.86
N GLY F 392 -50.15 -44.74 -5.65
CA GLY F 392 -50.91 -43.88 -6.54
C GLY F 392 -52.23 -43.44 -5.94
N MET F 393 -52.85 -42.43 -6.56
CA MET F 393 -54.12 -41.86 -6.11
C MET F 393 -55.27 -42.86 -6.20
N ASP F 394 -55.13 -43.81 -7.13
CA ASP F 394 -56.15 -44.81 -7.39
C ASP F 394 -56.46 -45.72 -6.20
N GLU F 395 -55.53 -45.79 -5.25
CA GLU F 395 -55.66 -46.71 -4.12
C GLU F 395 -56.25 -46.08 -2.86
N LEU F 396 -56.81 -44.87 -2.98
CA LEU F 396 -57.47 -44.27 -1.84
C LEU F 396 -58.95 -44.57 -1.91
N SER F 397 -59.64 -44.45 -0.79
CA SER F 397 -61.09 -44.50 -0.78
C SER F 397 -61.59 -43.31 -1.58
N GLU F 398 -62.89 -43.24 -1.84
CA GLU F 398 -63.44 -42.12 -2.58
C GLU F 398 -63.61 -40.91 -1.66
N GLN F 399 -63.90 -41.18 -0.38
CA GLN F 399 -63.98 -40.12 0.62
C GLN F 399 -62.62 -39.46 0.78
N ASP F 400 -61.57 -40.27 0.69
CA ASP F 400 -60.21 -39.78 0.83
C ASP F 400 -59.68 -39.06 -0.42
N LYS F 401 -60.13 -39.50 -1.60
CA LYS F 401 -59.79 -38.80 -2.86
C LYS F 401 -60.29 -37.37 -2.83
N LEU F 402 -61.52 -37.20 -2.33
CA LEU F 402 -62.15 -35.91 -2.26
C LEU F 402 -61.37 -34.98 -1.33
N THR F 403 -61.04 -35.50 -0.14
CA THR F 403 -60.26 -34.76 0.84
C THR F 403 -58.92 -34.28 0.27
N VAL F 404 -58.25 -35.15 -0.47
CA VAL F 404 -56.99 -34.81 -1.13
C VAL F 404 -57.20 -33.73 -2.19
N GLU F 405 -58.27 -33.86 -2.96
CA GLU F 405 -58.62 -32.83 -3.95
C GLU F 405 -58.80 -31.49 -3.25
N ARG F 406 -59.59 -31.50 -2.19
CA ARG F 406 -59.97 -30.31 -1.47
C ARG F 406 -58.73 -29.71 -0.78
N ALA F 407 -57.89 -30.56 -0.23
CA ALA F 407 -56.70 -30.09 0.48
C ALA F 407 -55.70 -29.43 -0.48
N ARG F 408 -55.50 -30.04 -1.64
CA ARG F 408 -54.63 -29.47 -2.67
C ARG F 408 -55.07 -28.09 -3.15
N LYS F 409 -56.38 -27.85 -3.12
CA LYS F 409 -56.95 -26.55 -3.43
C LYS F 409 -56.77 -25.58 -2.26
N ILE F 410 -56.90 -26.09 -1.04
CA ILE F 410 -56.64 -25.28 0.16
C ILE F 410 -55.16 -24.88 0.24
N GLN F 411 -54.26 -25.82 -0.03
CA GLN F 411 -52.83 -25.54 -0.09
C GLN F 411 -52.58 -24.37 -1.01
N ARG F 412 -53.13 -24.46 -2.22
CA ARG F 412 -52.93 -23.41 -3.22
C ARG F 412 -53.57 -22.09 -2.81
N PHE F 413 -54.76 -22.18 -2.21
CA PHE F 413 -55.51 -20.98 -1.83
C PHE F 413 -54.83 -20.21 -0.70
N LEU F 414 -53.97 -20.89 0.06
CA LEU F 414 -53.19 -20.28 1.13
C LEU F 414 -52.03 -19.44 0.60
N SER F 415 -51.58 -19.75 -0.62
CA SER F 415 -50.55 -18.97 -1.29
C SER F 415 -51.14 -17.60 -1.65
N GLN F 416 -50.26 -16.63 -1.88
CA GLN F 416 -50.68 -15.23 -2.01
C GLN F 416 -49.59 -14.40 -2.68
N PRO F 417 -49.96 -13.56 -3.65
CA PRO F 417 -48.96 -12.66 -4.22
C PRO F 417 -48.70 -11.47 -3.31
N PHE F 418 -47.45 -11.31 -2.91
CA PHE F 418 -47.04 -10.15 -2.11
C PHE F 418 -46.65 -8.96 -2.99
N ALA F 419 -47.01 -7.77 -2.53
CA ALA F 419 -46.67 -6.51 -3.22
C ALA F 419 -45.17 -6.32 -3.36
N VAL F 420 -44.41 -6.65 -2.32
CA VAL F 420 -42.95 -6.54 -2.37
C VAL F 420 -42.33 -7.64 -3.22
N ALA F 421 -43.17 -8.56 -3.72
CA ALA F 421 -42.68 -9.66 -4.52
C ALA F 421 -42.95 -9.46 -6.00
N GLU F 422 -43.72 -8.42 -6.35
CA GLU F 422 -44.14 -8.15 -7.73
C GLU F 422 -43.05 -8.39 -8.78
N VAL F 423 -41.80 -8.09 -8.43
CA VAL F 423 -40.68 -8.37 -9.33
C VAL F 423 -40.45 -9.89 -9.48
N PHE F 424 -40.33 -10.59 -8.35
CA PHE F 424 -40.21 -12.06 -8.39
C PHE F 424 -41.37 -12.76 -9.11
N THR F 425 -42.59 -12.28 -8.87
CA THR F 425 -43.79 -12.94 -9.41
C THR F 425 -44.21 -12.42 -10.79
N GLY F 426 -44.09 -11.10 -11.01
CA GLY F 426 -44.76 -10.44 -12.12
C GLY F 426 -46.26 -10.38 -11.86
N ILE F 427 -46.66 -10.60 -10.63
CA ILE F 427 -48.06 -10.70 -10.25
C ILE F 427 -48.37 -9.64 -9.19
N PRO F 428 -49.36 -8.78 -9.44
CA PRO F 428 -49.72 -7.72 -8.50
C PRO F 428 -50.04 -8.25 -7.11
N GLY F 429 -49.51 -7.58 -6.09
CA GLY F 429 -49.74 -7.95 -4.70
C GLY F 429 -51.19 -7.92 -4.32
N LYS F 430 -51.59 -8.86 -3.46
CA LYS F 430 -52.95 -8.93 -2.95
C LYS F 430 -52.95 -8.83 -1.43
N LEU F 431 -53.92 -8.08 -0.90
CA LEU F 431 -54.09 -7.92 0.53
C LEU F 431 -55.53 -8.30 0.84
N VAL F 432 -55.72 -9.49 1.43
CA VAL F 432 -57.06 -10.03 1.66
C VAL F 432 -57.51 -9.78 3.08
N ARG F 433 -58.70 -9.21 3.24
CA ARG F 433 -59.25 -8.95 4.56
C ARG F 433 -59.56 -10.27 5.29
N LEU F 434 -59.28 -10.27 6.60
CA LEU F 434 -59.52 -11.41 7.46
C LEU F 434 -60.91 -12.01 7.28
N LYS F 435 -61.93 -11.14 7.33
CA LYS F 435 -63.33 -11.55 7.18
C LYS F 435 -63.57 -12.29 5.87
N ASP F 436 -62.97 -11.77 4.80
CA ASP F 436 -63.08 -12.37 3.48
C ASP F 436 -62.30 -13.68 3.37
N THR F 437 -61.21 -13.79 4.12
CA THR F 437 -60.42 -15.04 4.20
C THR F 437 -61.24 -16.15 4.85
N VAL F 438 -61.90 -15.83 5.96
CA VAL F 438 -62.80 -16.77 6.65
C VAL F 438 -63.94 -17.26 5.74
N ALA F 439 -64.74 -16.32 5.24
CA ALA F 439 -65.83 -16.63 4.30
C ALA F 439 -65.36 -17.48 3.12
N SER F 440 -64.28 -17.04 2.46
CA SER F 440 -63.74 -17.73 1.29
C SER F 440 -63.35 -19.16 1.59
N PHE F 441 -62.82 -19.41 2.79
CA PHE F 441 -62.38 -20.76 3.13
C PHE F 441 -63.54 -21.63 3.59
N LYS F 442 -64.45 -21.01 4.37
CA LYS F 442 -65.72 -21.63 4.77
C LYS F 442 -66.42 -22.22 3.54
N ALA F 443 -66.65 -21.36 2.55
CA ALA F 443 -67.27 -21.75 1.29
C ALA F 443 -66.55 -22.92 0.60
N VAL F 444 -65.23 -22.92 0.65
CA VAL F 444 -64.45 -23.98 0.00
C VAL F 444 -64.58 -25.32 0.74
N LEU F 445 -64.70 -25.24 2.06
CA LEU F 445 -64.90 -26.44 2.87
C LEU F 445 -66.27 -27.06 2.62
N GLU F 446 -67.28 -26.19 2.51
CA GLU F 446 -68.68 -26.58 2.29
C GLU F 446 -68.90 -27.27 0.94
N GLY F 447 -67.91 -27.24 0.07
CA GLY F 447 -67.98 -27.95 -1.21
C GLY F 447 -68.37 -27.10 -2.41
N LYS F 448 -68.67 -25.83 -2.16
CA LYS F 448 -69.20 -24.91 -3.19
C LYS F 448 -68.27 -24.65 -4.38
N TYR F 449 -67.03 -25.15 -4.33
CA TYR F 449 -66.08 -24.91 -5.40
C TYR F 449 -65.31 -26.15 -5.80
N ASP F 450 -65.92 -27.32 -5.62
CA ASP F 450 -65.29 -28.60 -6.00
C ASP F 450 -65.17 -28.78 -7.51
N ASN F 451 -66.01 -28.07 -8.27
CA ASN F 451 -65.97 -28.11 -9.74
C ASN F 451 -64.89 -27.20 -10.35
N ILE F 452 -64.24 -26.40 -9.51
CA ILE F 452 -63.20 -25.50 -9.97
C ILE F 452 -61.85 -26.21 -9.97
N PRO F 453 -61.07 -26.07 -11.06
CA PRO F 453 -59.76 -26.69 -11.13
C PRO F 453 -58.74 -26.04 -10.19
N GLU F 454 -57.73 -26.82 -9.80
CA GLU F 454 -56.70 -26.45 -8.83
C GLU F 454 -55.99 -25.10 -9.05
N HIS F 455 -55.46 -24.92 -10.27
CA HIS F 455 -54.60 -23.77 -10.56
C HIS F 455 -55.29 -22.43 -10.32
N ALA F 456 -56.63 -22.44 -10.29
CA ALA F 456 -57.40 -21.22 -10.09
C ALA F 456 -57.31 -20.69 -8.66
N PHE F 457 -56.92 -21.56 -7.73
CA PHE F 457 -56.76 -21.16 -6.32
C PHE F 457 -55.35 -20.62 -6.05
N TYR F 458 -54.44 -20.93 -6.97
CA TYR F 458 -53.02 -20.62 -6.84
C TYR F 458 -52.73 -19.15 -7.11
N MET F 459 -52.13 -18.50 -6.12
CA MET F 459 -51.54 -17.16 -6.28
C MET F 459 -52.59 -16.09 -6.62
N VAL F 460 -53.67 -16.07 -5.86
CA VAL F 460 -54.71 -15.04 -5.98
C VAL F 460 -55.07 -14.49 -4.60
N GLY F 461 -56.12 -13.69 -4.54
CA GLY F 461 -56.56 -13.07 -3.30
C GLY F 461 -57.71 -13.84 -2.71
N GLY F 462 -58.88 -13.21 -2.67
CA GLY F 462 -60.10 -13.83 -2.14
C GLY F 462 -60.76 -14.77 -3.13
N ILE F 463 -61.94 -15.27 -2.77
CA ILE F 463 -62.64 -16.25 -3.58
C ILE F 463 -63.15 -15.69 -4.92
N GLU F 464 -63.44 -14.39 -4.95
CA GLU F 464 -63.84 -13.72 -6.19
C GLU F 464 -62.75 -13.89 -7.27
N ASP F 465 -61.49 -13.79 -6.85
CA ASP F 465 -60.34 -13.95 -7.73
C ASP F 465 -60.20 -15.39 -8.22
N VAL F 466 -60.62 -16.35 -7.39
CA VAL F 466 -60.68 -17.76 -7.80
C VAL F 466 -61.69 -17.91 -8.93
N VAL F 467 -62.91 -17.47 -8.69
CA VAL F 467 -63.95 -17.50 -9.71
C VAL F 467 -63.46 -16.78 -10.98
N ALA F 468 -62.96 -15.56 -10.80
CA ALA F 468 -62.40 -14.79 -11.90
C ALA F 468 -61.38 -15.59 -12.71
N LYS F 469 -60.34 -16.09 -12.05
CA LYS F 469 -59.28 -16.86 -12.72
C LYS F 469 -59.80 -18.13 -13.39
N ALA F 470 -60.78 -18.78 -12.77
CA ALA F 470 -61.39 -19.99 -13.32
C ALA F 470 -62.06 -19.70 -14.67
N GLU F 471 -62.80 -18.59 -14.75
CA GLU F 471 -63.46 -18.18 -15.98
C GLU F 471 -62.43 -17.86 -17.06
N LYS F 472 -61.35 -17.18 -16.65
CA LYS F 472 -60.24 -16.90 -17.54
C LYS F 472 -59.62 -18.18 -18.08
N LEU F 473 -59.46 -19.17 -17.21
CA LEU F 473 -58.89 -20.45 -17.58
C LEU F 473 -59.83 -21.28 -18.46
N ALA F 474 -61.13 -21.02 -18.32
CA ALA F 474 -62.13 -21.66 -19.18
C ALA F 474 -62.04 -21.14 -20.63
N ALA F 475 -61.71 -19.87 -20.78
CA ALA F 475 -61.64 -19.19 -22.09
C ALA F 475 -60.63 -19.79 -23.07
N ALA G 1 -36.57 -37.94 12.41
CA ALA G 1 -35.34 -37.85 11.57
C ALA G 1 -34.12 -38.48 12.24
N THR G 2 -34.37 -39.41 13.16
CA THR G 2 -33.30 -40.15 13.83
C THR G 2 -32.85 -41.33 12.96
N LEU G 3 -31.69 -41.86 13.28
CA LEU G 3 -31.08 -42.92 12.48
C LEU G 3 -31.94 -44.18 12.42
N LYS G 4 -32.60 -44.51 13.52
CA LYS G 4 -33.41 -45.71 13.60
C LYS G 4 -34.74 -45.54 12.84
N GLU G 5 -35.30 -44.33 12.86
CA GLU G 5 -36.48 -44.01 12.07
C GLU G 5 -36.21 -44.22 10.58
N VAL G 6 -35.07 -43.69 10.11
CA VAL G 6 -34.69 -43.80 8.70
C VAL G 6 -34.42 -45.26 8.32
N GLU G 7 -33.84 -46.02 9.24
CA GLU G 7 -33.58 -47.44 9.02
C GLU G 7 -34.89 -48.22 8.79
N MET G 8 -35.83 -48.08 9.73
CA MET G 8 -37.15 -48.72 9.64
C MET G 8 -37.86 -48.39 8.34
N ARG G 9 -38.02 -47.09 8.08
CA ARG G 9 -38.57 -46.58 6.83
C ARG G 9 -37.88 -47.23 5.64
N LEU G 10 -36.56 -47.30 5.68
CA LEU G 10 -35.77 -47.84 4.56
C LEU G 10 -36.00 -49.34 4.31
N LYS G 11 -36.00 -50.15 5.37
CA LYS G 11 -36.28 -51.59 5.25
C LYS G 11 -37.72 -51.86 4.83
N SER G 12 -38.66 -51.00 5.24
CA SER G 12 -40.06 -51.14 4.87
C SER G 12 -40.29 -50.94 3.38
N ILE G 13 -39.70 -49.89 2.82
CA ILE G 13 -39.81 -49.57 1.41
C ILE G 13 -39.02 -50.55 0.55
N LYS G 14 -37.96 -51.12 1.12
CA LYS G 14 -37.14 -52.11 0.41
C LYS G 14 -37.92 -53.41 0.13
N ASN G 15 -38.78 -53.78 1.07
CA ASN G 15 -39.73 -54.88 0.90
C ASN G 15 -40.80 -54.54 -0.12
N ILE G 16 -41.39 -53.34 0.01
CA ILE G 16 -42.37 -52.87 -0.95
C ILE G 16 -41.83 -53.00 -2.37
N GLU G 17 -40.61 -52.52 -2.59
CA GLU G 17 -40.01 -52.61 -3.92
C GLU G 17 -39.95 -54.05 -4.39
N LYS G 18 -39.58 -54.95 -3.47
CA LYS G 18 -39.44 -56.37 -3.82
C LYS G 18 -40.81 -57.00 -4.13
N ILE G 19 -41.79 -56.75 -3.28
CA ILE G 19 -43.13 -57.33 -3.42
C ILE G 19 -43.79 -56.87 -4.72
N THR G 20 -43.78 -55.56 -4.96
CA THR G 20 -44.40 -54.96 -6.15
C THR G 20 -43.74 -55.41 -7.44
N LYS G 21 -42.41 -55.54 -7.42
CA LYS G 21 -41.70 -56.08 -8.57
C LYS G 21 -42.17 -57.50 -8.87
N THR G 22 -42.29 -58.30 -7.82
CA THR G 22 -42.71 -59.69 -7.97
C THR G 22 -44.12 -59.75 -8.56
N MET G 23 -45.06 -59.04 -7.95
CA MET G 23 -46.43 -58.98 -8.44
C MET G 23 -46.50 -58.64 -9.93
N LYS G 24 -45.69 -57.67 -10.35
CA LYS G 24 -45.62 -57.25 -11.74
C LYS G 24 -45.24 -58.39 -12.68
N ILE G 25 -44.25 -59.18 -12.29
CA ILE G 25 -43.78 -60.30 -13.11
C ILE G 25 -44.82 -61.42 -13.13
N VAL G 26 -45.49 -61.59 -11.99
CA VAL G 26 -46.61 -62.51 -11.87
C VAL G 26 -47.72 -62.10 -12.84
N ALA G 27 -48.13 -60.83 -12.75
CA ALA G 27 -49.14 -60.28 -13.64
C ALA G 27 -48.79 -60.48 -15.12
N SER G 28 -47.51 -60.35 -15.46
CA SER G 28 -47.06 -60.57 -16.84
C SER G 28 -47.38 -61.98 -17.31
N THR G 29 -47.17 -62.95 -16.41
CA THR G 29 -47.48 -64.35 -16.68
C THR G 29 -49.00 -64.52 -16.81
N ARG G 30 -49.73 -63.99 -15.84
CA ARG G 30 -51.19 -64.03 -15.86
C ARG G 30 -51.77 -63.45 -17.15
N LEU G 31 -51.06 -62.49 -17.74
CA LEU G 31 -51.52 -61.80 -18.95
C LEU G 31 -51.30 -62.62 -20.20
N SER G 32 -50.17 -63.32 -20.29
CA SER G 32 -49.93 -64.25 -21.39
C SER G 32 -51.07 -65.25 -21.48
N LYS G 33 -51.38 -65.85 -20.33
CA LYS G 33 -52.42 -66.85 -20.18
C LYS G 33 -53.80 -66.27 -20.53
N ALA G 34 -54.07 -65.06 -20.04
CA ALA G 34 -55.36 -64.42 -20.27
C ALA G 34 -55.49 -63.79 -21.68
N GLU G 35 -54.37 -63.66 -22.38
CA GLU G 35 -54.37 -63.17 -23.76
C GLU G 35 -54.97 -64.20 -24.70
N LYS G 36 -54.55 -65.45 -24.54
CA LYS G 36 -55.06 -66.54 -25.38
C LYS G 36 -56.56 -66.79 -25.19
N ALA G 37 -57.03 -66.69 -23.94
CA ALA G 37 -58.45 -66.85 -23.63
C ALA G 37 -59.30 -65.68 -24.12
N LYS G 38 -58.66 -64.53 -24.32
CA LYS G 38 -59.32 -63.34 -24.86
C LYS G 38 -59.52 -63.48 -26.37
N ILE G 39 -58.53 -64.06 -27.04
CA ILE G 39 -58.62 -64.35 -28.48
C ILE G 39 -59.75 -65.35 -28.76
N SER G 40 -59.79 -66.42 -27.97
CA SER G 40 -60.82 -67.47 -28.07
C SER G 40 -62.24 -66.93 -27.87
N ALA G 41 -62.38 -65.98 -26.94
CA ALA G 41 -63.66 -65.34 -26.68
C ALA G 41 -63.99 -64.28 -27.72
N LYS G 42 -62.99 -63.86 -28.49
CA LYS G 42 -63.20 -62.90 -29.56
C LYS G 42 -63.54 -63.59 -30.90
N LYS G 43 -63.26 -64.89 -30.97
CA LYS G 43 -63.66 -65.72 -32.12
C LYS G 43 -65.09 -66.21 -31.95
N MET G 44 -65.49 -66.42 -30.70
CA MET G 44 -66.87 -66.73 -30.33
C MET G 44 -67.66 -65.43 -30.16
N ASP G 45 -67.26 -64.42 -30.93
CA ASP G 45 -67.90 -63.11 -30.95
C ASP G 45 -68.04 -62.66 -32.40
N GLU G 46 -67.11 -63.13 -33.23
CA GLU G 46 -67.19 -62.96 -34.68
C GLU G 46 -68.15 -63.98 -35.27
N ALA G 47 -68.14 -65.20 -34.71
CA ALA G 47 -69.00 -66.30 -35.15
C ALA G 47 -70.38 -66.28 -34.47
N GLU G 48 -70.41 -65.78 -33.24
CA GLU G 48 -71.64 -65.74 -32.45
C GLU G 48 -72.59 -64.63 -32.90
N GLN G 49 -72.05 -63.44 -33.14
CA GLN G 49 -72.84 -62.27 -33.51
C GLN G 49 -72.92 -62.02 -35.02
N LEU G 50 -72.31 -62.90 -35.82
CA LEU G 50 -72.40 -62.77 -37.29
C LEU G 50 -73.84 -62.94 -37.79
N PHE G 51 -74.67 -63.61 -37.00
CA PHE G 51 -76.11 -63.64 -37.21
C PHE G 51 -76.71 -62.24 -37.08
N TYR G 52 -76.25 -61.48 -36.09
CA TYR G 52 -76.74 -60.12 -35.82
C TYR G 52 -76.25 -59.09 -36.85
N LYS G 53 -75.16 -59.41 -37.54
CA LYS G 53 -74.65 -58.58 -38.65
C LYS G 53 -75.60 -58.64 -39.83
N ASN G 54 -75.89 -59.87 -40.28
CA ASN G 54 -76.80 -60.12 -41.41
C ASN G 54 -78.25 -59.78 -41.10
N ALA G 55 -78.76 -60.29 -39.97
CA ALA G 55 -80.12 -59.99 -39.52
C ALA G 55 -80.29 -58.51 -39.16
N GLU G 56 -79.17 -57.83 -38.91
CA GLU G 56 -79.12 -56.36 -38.82
C GLU G 56 -80.02 -55.81 -37.70
N THR G 57 -79.79 -56.28 -36.47
CA THR G 57 -80.68 -56.01 -35.35
C THR G 57 -80.51 -54.59 -34.79
N LYS G 58 -81.63 -54.00 -34.37
CA LYS G 58 -81.67 -52.65 -33.82
C LYS G 58 -82.81 -52.55 -32.80
N ASN G 59 -82.53 -51.87 -31.69
CA ASN G 59 -83.51 -51.69 -30.61
C ASN G 59 -84.62 -50.71 -30.97
N LYS G 71 -87.12 -47.53 -19.08
CA LYS G 71 -86.63 -48.66 -18.29
C LYS G 71 -85.59 -49.48 -19.07
N GLU G 72 -84.36 -49.52 -18.56
CA GLU G 72 -83.23 -50.19 -19.22
C GLU G 72 -82.38 -50.97 -18.21
N LEU G 73 -81.76 -52.04 -18.68
CA LEU G 73 -80.83 -52.83 -17.86
C LEU G 73 -79.38 -52.58 -18.27
N ILE G 74 -78.61 -52.07 -17.32
CA ILE G 74 -77.17 -51.90 -17.49
C ILE G 74 -76.43 -52.89 -16.59
N VAL G 75 -75.47 -53.60 -17.17
CA VAL G 75 -74.60 -54.48 -16.41
C VAL G 75 -73.15 -54.00 -16.54
N ALA G 76 -72.58 -53.58 -15.41
CA ALA G 76 -71.25 -52.98 -15.38
C ALA G 76 -70.20 -53.96 -14.86
N ILE G 77 -69.18 -54.23 -15.66
CA ILE G 77 -68.24 -55.31 -15.35
C ILE G 77 -66.81 -54.89 -15.01
N THR G 78 -66.50 -54.93 -13.72
CA THR G 78 -65.12 -54.85 -13.24
C THR G 78 -64.86 -56.08 -12.35
N SER G 79 -64.25 -55.88 -11.17
CA SER G 79 -63.96 -56.97 -10.24
C SER G 79 -63.99 -56.47 -8.81
N ASP G 80 -63.52 -57.31 -7.90
CA ASP G 80 -63.44 -56.96 -6.48
C ASP G 80 -62.07 -56.39 -6.09
N LYS G 81 -61.08 -56.58 -6.97
CA LYS G 81 -59.69 -56.30 -6.68
C LYS G 81 -59.27 -54.86 -6.95
N GLY G 82 -58.47 -54.29 -6.05
CA GLY G 82 -57.80 -53.02 -6.30
C GLY G 82 -56.46 -53.24 -6.99
N LEU G 83 -55.59 -52.24 -6.89
CA LEU G 83 -54.22 -52.30 -7.43
C LEU G 83 -54.15 -52.48 -8.95
N CYS G 84 -55.10 -51.88 -9.66
CA CYS G 84 -55.14 -51.97 -11.11
C CYS G 84 -55.40 -50.62 -11.76
N GLY G 85 -54.90 -49.55 -11.13
CA GLY G 85 -55.05 -48.21 -11.68
C GLY G 85 -56.48 -47.71 -11.62
N SER G 86 -56.94 -47.16 -12.73
CA SER G 86 -58.26 -46.53 -12.78
C SER G 86 -59.34 -47.41 -13.46
N ILE G 87 -59.06 -48.70 -13.59
CA ILE G 87 -60.00 -49.67 -14.16
C ILE G 87 -61.43 -49.42 -13.67
N HIS G 88 -61.61 -49.34 -12.36
CA HIS G 88 -62.94 -49.19 -11.76
C HIS G 88 -63.53 -47.80 -11.85
N SER G 89 -62.70 -46.76 -11.65
CA SER G 89 -63.19 -45.38 -11.69
C SER G 89 -63.48 -44.92 -13.11
N GLN G 90 -62.65 -45.35 -14.06
CA GLN G 90 -62.77 -44.97 -15.46
C GLN G 90 -64.05 -45.57 -16.06
N LEU G 91 -64.29 -46.85 -15.78
CA LEU G 91 -65.52 -47.51 -16.20
C LEU G 91 -66.74 -46.95 -15.48
N ALA G 92 -66.55 -46.55 -14.23
CA ALA G 92 -67.63 -45.92 -13.46
C ALA G 92 -68.04 -44.58 -14.05
N LYS G 93 -67.08 -43.84 -14.61
CA LYS G 93 -67.39 -42.55 -15.22
C LYS G 93 -68.16 -42.76 -16.52
N ALA G 94 -67.75 -43.77 -17.29
CA ALA G 94 -68.45 -44.13 -18.54
C ALA G 94 -69.91 -44.51 -18.32
N VAL G 95 -70.19 -45.14 -17.19
CA VAL G 95 -71.55 -45.56 -16.83
C VAL G 95 -72.40 -44.37 -16.39
N ARG G 96 -71.84 -43.49 -15.55
CA ARG G 96 -72.52 -42.27 -15.12
C ARG G 96 -72.84 -41.38 -16.31
N ARG G 97 -71.93 -41.35 -17.29
CA ARG G 97 -72.12 -40.57 -18.51
C ARG G 97 -73.32 -41.08 -19.32
N HIS G 98 -73.48 -42.39 -19.37
CA HIS G 98 -74.63 -43.01 -20.01
C HIS G 98 -75.88 -42.83 -19.15
N LEU G 99 -75.66 -42.68 -17.85
CA LEU G 99 -76.73 -42.55 -16.87
C LEU G 99 -77.32 -41.13 -16.82
N ASN G 100 -76.60 -40.16 -17.38
CA ASN G 100 -77.13 -38.82 -17.58
C ASN G 100 -78.18 -38.83 -18.68
N ASP G 101 -77.89 -39.55 -19.76
CA ASP G 101 -78.80 -39.72 -20.90
C ASP G 101 -80.03 -40.57 -20.57
N GLN G 102 -79.92 -41.41 -19.55
CA GLN G 102 -81.09 -42.11 -19.00
C GLN G 102 -80.91 -42.45 -17.53
N PRO G 103 -81.53 -41.65 -16.64
CA PRO G 103 -81.28 -41.72 -15.19
C PRO G 103 -82.12 -42.74 -14.41
N ASN G 104 -83.09 -43.36 -15.07
CA ASN G 104 -84.01 -44.28 -14.39
C ASN G 104 -83.69 -45.76 -14.59
N ALA G 105 -82.62 -46.03 -15.33
CA ALA G 105 -82.17 -47.40 -15.64
C ALA G 105 -81.77 -48.21 -14.40
N ASP G 106 -81.98 -49.52 -14.48
CA ASP G 106 -81.53 -50.44 -13.43
C ASP G 106 -80.09 -50.89 -13.68
N ILE G 107 -79.35 -51.07 -12.59
CA ILE G 107 -77.94 -51.45 -12.67
C ILE G 107 -77.69 -52.78 -11.98
N VAL G 108 -77.00 -53.66 -12.69
CA VAL G 108 -76.39 -54.85 -12.09
C VAL G 108 -74.87 -54.72 -12.16
N THR G 109 -74.24 -54.68 -11.00
CA THR G 109 -72.78 -54.53 -10.90
C THR G 109 -72.11 -55.88 -10.67
N ILE G 110 -71.14 -56.18 -11.50
CA ILE G 110 -70.33 -57.38 -11.35
C ILE G 110 -68.94 -56.99 -10.89
N GLY G 111 -68.73 -57.04 -9.58
CA GLY G 111 -67.49 -56.62 -8.96
C GLY G 111 -67.75 -55.57 -7.90
N ASP G 112 -67.27 -55.82 -6.69
CA ASP G 112 -67.45 -54.92 -5.55
C ASP G 112 -66.88 -53.53 -5.80
N LYS G 113 -65.81 -53.43 -6.59
CA LYS G 113 -65.16 -52.16 -6.88
C LYS G 113 -66.03 -51.20 -7.71
N ILE G 114 -66.71 -51.73 -8.72
CA ILE G 114 -67.64 -50.91 -9.50
C ILE G 114 -68.88 -50.58 -8.67
N LYS G 115 -69.33 -51.56 -7.89
CA LYS G 115 -70.43 -51.36 -6.96
C LYS G 115 -70.09 -50.20 -6.04
N MET G 116 -68.83 -50.17 -5.62
CA MET G 116 -68.25 -49.10 -4.81
C MET G 116 -68.57 -47.73 -5.40
N GLN G 117 -68.14 -47.53 -6.64
CA GLN G 117 -68.27 -46.26 -7.35
C GLN G 117 -69.71 -45.82 -7.55
N LEU G 118 -70.53 -46.74 -8.08
CA LEU G 118 -71.91 -46.44 -8.44
C LEU G 118 -72.82 -46.35 -7.23
N LEU G 119 -72.35 -46.88 -6.10
CA LEU G 119 -73.11 -46.83 -4.85
C LEU G 119 -73.02 -45.44 -4.19
N ARG G 120 -71.95 -44.72 -4.52
CA ARG G 120 -71.75 -43.36 -4.05
C ARG G 120 -72.62 -42.38 -4.86
N THR G 121 -72.43 -42.43 -6.18
CA THR G 121 -73.07 -41.51 -7.12
C THR G 121 -74.55 -41.82 -7.39
N HIS G 122 -74.87 -43.07 -7.76
CA HIS G 122 -76.26 -43.46 -8.07
C HIS G 122 -76.79 -44.61 -7.21
N PRO G 123 -76.85 -44.42 -5.88
CA PRO G 123 -77.13 -45.55 -4.97
C PRO G 123 -78.44 -46.32 -5.21
N ASN G 124 -79.51 -45.61 -5.54
CA ASN G 124 -80.82 -46.24 -5.66
C ASN G 124 -81.03 -47.04 -6.94
N ASN G 125 -80.20 -46.78 -7.95
CA ASN G 125 -80.28 -47.45 -9.24
C ASN G 125 -79.84 -48.93 -9.22
N ILE G 126 -78.97 -49.26 -8.27
CA ILE G 126 -78.39 -50.61 -8.19
C ILE G 126 -79.43 -51.57 -7.61
N LYS G 127 -79.72 -52.64 -8.34
CA LYS G 127 -80.69 -53.62 -7.88
C LYS G 127 -80.10 -55.02 -7.64
N LEU G 128 -78.90 -55.25 -8.15
CA LEU G 128 -78.22 -56.54 -7.99
C LEU G 128 -76.70 -56.44 -8.13
N SER G 129 -75.97 -56.98 -7.15
CA SER G 129 -74.51 -56.99 -7.17
C SER G 129 -73.93 -58.40 -7.17
N ILE G 130 -72.93 -58.61 -8.01
CA ILE G 130 -72.24 -59.89 -8.10
C ILE G 130 -70.86 -59.77 -7.46
N ASN G 131 -70.50 -60.79 -6.69
CA ASN G 131 -69.29 -60.81 -5.87
C ASN G 131 -68.36 -61.94 -6.32
N GLY G 132 -67.09 -61.85 -5.93
CA GLY G 132 -66.12 -62.93 -6.14
C GLY G 132 -65.84 -63.37 -7.56
N ILE G 133 -65.84 -62.43 -8.49
CA ILE G 133 -65.60 -62.75 -9.90
C ILE G 133 -64.12 -62.67 -10.33
N GLY G 134 -63.41 -61.67 -9.84
CA GLY G 134 -62.10 -61.30 -10.36
C GLY G 134 -60.91 -62.23 -10.19
N LYS G 135 -60.87 -62.99 -9.10
CA LYS G 135 -59.68 -63.80 -8.75
C LYS G 135 -59.19 -64.69 -9.90
N ASP G 136 -60.05 -65.61 -10.33
CA ASP G 136 -59.72 -66.55 -11.38
C ASP G 136 -60.27 -66.11 -12.74
N ALA G 137 -59.65 -66.59 -13.81
CA ALA G 137 -60.14 -66.38 -15.18
C ALA G 137 -61.64 -66.68 -15.29
N PRO G 138 -62.38 -65.80 -16.02
CA PRO G 138 -63.83 -65.96 -16.14
C PRO G 138 -64.21 -67.17 -17.00
N THR G 139 -65.32 -67.82 -16.67
CA THR G 139 -65.74 -69.08 -17.30
C THR G 139 -67.17 -68.99 -17.78
N PHE G 140 -67.54 -69.85 -18.73
CA PHE G 140 -68.92 -69.91 -19.17
C PHE G 140 -69.90 -70.17 -18.02
N GLN G 141 -69.54 -71.08 -17.11
CA GLN G 141 -70.40 -71.38 -15.97
C GLN G 141 -70.78 -70.09 -15.23
N GLU G 142 -69.78 -69.24 -15.00
CA GLU G 142 -69.99 -67.97 -14.29
C GLU G 142 -70.94 -67.06 -15.06
N SER G 143 -70.69 -66.94 -16.36
CA SER G 143 -71.51 -66.12 -17.23
C SER G 143 -72.96 -66.58 -17.27
N ALA G 144 -73.14 -67.88 -17.55
CA ALA G 144 -74.46 -68.52 -17.63
C ALA G 144 -75.26 -68.38 -16.35
N LEU G 145 -74.63 -68.62 -15.21
CA LEU G 145 -75.30 -68.54 -13.91
C LEU G 145 -75.69 -67.11 -13.55
N ILE G 146 -74.86 -66.15 -13.96
CA ILE G 146 -75.16 -64.72 -13.80
C ILE G 146 -76.32 -64.35 -14.71
N ALA G 147 -76.21 -64.72 -15.99
CA ALA G 147 -77.30 -64.56 -16.97
C ALA G 147 -78.59 -65.18 -16.43
N ASP G 148 -78.50 -66.40 -15.92
CA ASP G 148 -79.63 -67.08 -15.32
C ASP G 148 -80.32 -66.19 -14.28
N LYS G 149 -79.56 -65.72 -13.30
CA LYS G 149 -80.12 -64.88 -12.23
C LYS G 149 -80.58 -63.52 -12.75
N LEU G 150 -79.96 -63.04 -13.82
CA LEU G 150 -80.43 -61.86 -14.54
C LEU G 150 -81.83 -62.11 -15.09
N LEU G 151 -82.00 -63.25 -15.77
CA LEU G 151 -83.29 -63.64 -16.34
C LEU G 151 -84.32 -63.95 -15.27
N SER G 152 -83.87 -64.53 -14.17
CA SER G 152 -84.75 -65.00 -13.11
C SER G 152 -85.29 -63.86 -12.25
N VAL G 153 -84.39 -63.16 -11.55
CA VAL G 153 -84.80 -62.17 -10.54
C VAL G 153 -84.81 -60.73 -11.10
N MET G 154 -84.03 -60.48 -12.15
CA MET G 154 -84.01 -59.14 -12.76
C MET G 154 -84.97 -58.97 -13.94
N LYS G 155 -85.59 -60.08 -14.37
CA LYS G 155 -86.50 -60.11 -15.53
C LYS G 155 -85.83 -59.52 -16.78
N ALA G 156 -84.62 -59.99 -17.06
CA ALA G 156 -83.82 -59.49 -18.19
C ALA G 156 -84.50 -59.58 -19.56
N GLY G 157 -85.51 -60.44 -19.67
CA GLY G 157 -86.29 -60.56 -20.90
C GLY G 157 -87.16 -59.35 -21.18
N THR G 158 -87.69 -58.74 -20.11
CA THR G 158 -88.67 -57.67 -20.21
C THR G 158 -88.06 -56.27 -20.35
N TYR G 159 -86.85 -56.20 -20.91
CA TYR G 159 -86.16 -54.93 -21.08
C TYR G 159 -85.99 -54.55 -22.54
N PRO G 160 -86.43 -53.33 -22.92
CA PRO G 160 -86.29 -52.79 -24.27
C PRO G 160 -84.82 -52.71 -24.70
N LYS G 161 -83.99 -52.11 -23.86
CA LYS G 161 -82.54 -52.03 -24.09
C LYS G 161 -81.77 -52.70 -22.97
N ILE G 162 -80.68 -53.35 -23.36
CA ILE G 162 -79.74 -53.97 -22.42
C ILE G 162 -78.32 -53.62 -22.86
N SER G 163 -77.53 -53.13 -21.91
CA SER G 163 -76.14 -52.77 -22.18
C SER G 163 -75.15 -53.40 -21.19
N ILE G 164 -74.00 -53.82 -21.72
CA ILE G 164 -72.91 -54.32 -20.89
C ILE G 164 -71.73 -53.35 -20.97
N PHE G 165 -71.37 -52.77 -19.84
CA PHE G 165 -70.18 -51.93 -19.77
C PHE G 165 -69.00 -52.73 -19.23
N TYR G 166 -67.91 -52.67 -19.97
CA TYR G 166 -66.70 -53.43 -19.67
C TYR G 166 -65.50 -52.64 -20.19
N ASN G 167 -64.29 -53.03 -19.80
CA ASN G 167 -63.08 -52.39 -20.32
C ASN G 167 -62.46 -53.20 -21.47
N ASP G 168 -62.20 -52.53 -22.59
CA ASP G 168 -61.61 -53.18 -23.77
C ASP G 168 -60.10 -52.91 -23.87
N PRO G 169 -59.28 -53.98 -23.88
CA PRO G 169 -57.83 -53.83 -24.05
C PRO G 169 -57.41 -53.50 -25.49
N VAL G 170 -57.56 -52.22 -25.85
CA VAL G 170 -57.12 -51.68 -27.14
C VAL G 170 -55.73 -52.23 -27.54
N SER G 171 -54.74 -51.95 -26.70
CA SER G 171 -53.40 -52.49 -26.84
C SER G 171 -53.05 -53.37 -25.63
N SER G 172 -51.82 -53.89 -25.61
CA SER G 172 -51.34 -54.67 -24.48
C SER G 172 -50.80 -53.78 -23.34
N LEU G 173 -50.88 -52.46 -23.53
CA LEU G 173 -50.47 -51.50 -22.49
C LEU G 173 -51.66 -50.77 -21.87
N SER G 174 -52.63 -50.35 -22.68
CA SER G 174 -53.77 -49.55 -22.19
C SER G 174 -55.15 -50.11 -22.53
N PHE G 175 -56.19 -49.45 -22.00
CA PHE G 175 -57.57 -49.89 -22.15
C PHE G 175 -58.55 -48.73 -22.33
N GLU G 176 -59.69 -49.02 -22.94
CA GLU G 176 -60.76 -48.05 -23.13
C GLU G 176 -62.10 -48.66 -22.67
N PRO G 177 -62.85 -47.95 -21.80
CA PRO G 177 -64.19 -48.39 -21.44
C PRO G 177 -65.08 -48.48 -22.68
N SER G 178 -65.39 -49.70 -23.10
CA SER G 178 -66.29 -49.94 -24.22
C SER G 178 -67.72 -50.28 -23.77
N GLU G 179 -68.63 -50.30 -24.74
CA GLU G 179 -70.02 -50.60 -24.50
C GLU G 179 -70.49 -51.52 -25.62
N LYS G 180 -71.35 -52.47 -25.29
CA LYS G 180 -72.04 -53.27 -26.31
C LYS G 180 -73.44 -53.67 -25.87
N PRO G 181 -74.43 -53.51 -26.77
CA PRO G 181 -75.81 -53.76 -26.42
C PRO G 181 -76.28 -55.19 -26.69
N ILE G 182 -77.30 -55.61 -25.92
CA ILE G 182 -77.93 -56.91 -26.08
C ILE G 182 -79.42 -56.71 -26.39
N PHE G 183 -79.89 -57.39 -27.43
CA PHE G 183 -81.28 -57.31 -27.88
C PHE G 183 -82.07 -58.51 -27.41
N ASN G 184 -83.25 -58.27 -26.83
CA ASN G 184 -84.10 -59.36 -26.34
C ASN G 184 -84.81 -60.17 -27.44
N ALA G 185 -85.47 -61.27 -27.05
CA ALA G 185 -86.18 -62.15 -27.98
C ALA G 185 -87.20 -61.40 -28.85
N LYS G 186 -87.90 -60.45 -28.21
CA LYS G 186 -88.82 -59.54 -28.89
C LYS G 186 -88.14 -58.75 -30.02
N THR G 187 -86.88 -58.38 -29.81
CA THR G 187 -86.11 -57.56 -30.76
C THR G 187 -85.39 -58.39 -31.84
N ILE G 188 -85.04 -59.64 -31.51
CA ILE G 188 -84.38 -60.54 -32.46
C ILE G 188 -85.28 -60.89 -33.64
N GLU G 189 -86.58 -61.02 -33.36
CA GLU G 189 -87.59 -61.33 -34.38
C GLU G 189 -87.83 -60.15 -35.32
N GLN G 190 -87.89 -58.94 -34.77
CA GLN G 190 -88.20 -57.74 -35.52
C GLN G 190 -87.00 -57.18 -36.31
N SER G 191 -85.89 -57.93 -36.32
CA SER G 191 -84.73 -57.59 -37.13
C SER G 191 -85.04 -57.68 -38.64
N PRO G 192 -84.68 -56.62 -39.41
CA PRO G 192 -84.97 -56.46 -40.85
C PRO G 192 -84.75 -57.68 -41.75
N SER G 193 -83.63 -58.38 -41.59
CA SER G 193 -83.32 -59.54 -42.42
C SER G 193 -83.50 -60.87 -41.68
N PHE G 194 -84.21 -60.83 -40.55
CA PHE G 194 -84.43 -61.98 -39.67
C PHE G 194 -84.86 -63.28 -40.37
N GLY G 195 -85.79 -63.16 -41.31
CA GLY G 195 -86.39 -64.31 -41.98
C GLY G 195 -85.58 -65.01 -43.06
N LYS G 196 -84.40 -64.46 -43.40
CA LYS G 196 -83.55 -65.01 -44.45
C LYS G 196 -83.01 -66.43 -44.16
N PHE G 197 -83.15 -66.86 -42.91
CA PHE G 197 -82.72 -68.19 -42.48
C PHE G 197 -83.93 -69.05 -42.15
N GLU G 198 -83.89 -70.32 -42.55
CA GLU G 198 -84.95 -71.26 -42.22
C GLU G 198 -85.03 -71.45 -40.72
N ILE G 199 -86.16 -71.03 -40.15
CA ILE G 199 -86.34 -71.04 -38.70
C ILE G 199 -87.69 -71.67 -38.33
N ASP G 200 -87.64 -72.60 -37.38
CA ASP G 200 -88.85 -73.19 -36.84
C ASP G 200 -89.52 -72.25 -35.83
N THR G 201 -90.61 -71.63 -36.26
CA THR G 201 -91.41 -70.77 -35.39
C THR G 201 -92.17 -71.59 -34.32
N ASP G 202 -92.32 -72.89 -34.58
CA ASP G 202 -93.01 -73.82 -33.66
C ASP G 202 -92.25 -73.95 -32.35
N ALA G 203 -90.93 -74.13 -32.45
CA ALA G 203 -90.05 -74.22 -31.30
C ALA G 203 -89.45 -72.85 -30.96
N ASN G 204 -88.99 -72.70 -29.71
CA ASN G 204 -88.41 -71.44 -29.24
C ASN G 204 -86.98 -71.21 -29.71
N VAL G 205 -86.83 -70.43 -30.77
CA VAL G 205 -85.51 -70.04 -31.28
C VAL G 205 -85.13 -68.61 -30.85
N PRO G 206 -86.12 -67.69 -30.77
CA PRO G 206 -85.77 -66.31 -30.39
C PRO G 206 -85.32 -66.22 -28.93
N ARG G 207 -86.13 -66.76 -28.02
CA ARG G 207 -85.82 -66.75 -26.59
C ARG G 207 -84.47 -67.41 -26.29
N ASP G 208 -84.26 -68.59 -26.87
CA ASP G 208 -83.03 -69.34 -26.67
C ASP G 208 -81.80 -68.63 -27.22
N LEU G 209 -81.94 -67.92 -28.33
CA LEU G 209 -80.83 -67.18 -28.90
C LEU G 209 -80.48 -65.93 -28.09
N PHE G 210 -81.50 -65.30 -27.53
CA PHE G 210 -81.30 -64.14 -26.66
C PHE G 210 -80.61 -64.56 -25.36
N GLU G 211 -81.05 -65.68 -24.78
CA GLU G 211 -80.51 -66.15 -23.52
C GLU G 211 -79.09 -66.72 -23.67
N TYR G 212 -78.80 -67.20 -24.88
CA TYR G 212 -77.50 -67.79 -25.21
C TYR G 212 -76.47 -66.70 -25.49
N THR G 213 -76.90 -65.65 -26.19
CA THR G 213 -76.04 -64.53 -26.52
C THR G 213 -75.74 -63.71 -25.25
N LEU G 214 -76.76 -63.52 -24.41
CA LEU G 214 -76.58 -62.86 -23.11
C LEU G 214 -75.40 -63.45 -22.34
N ALA G 215 -75.30 -64.78 -22.33
CA ALA G 215 -74.23 -65.49 -21.62
C ALA G 215 -72.89 -65.42 -22.34
N ASN G 216 -72.89 -65.50 -23.66
CA ASN G 216 -71.65 -65.44 -24.41
C ASN G 216 -71.04 -64.06 -24.44
N GLN G 217 -71.89 -63.04 -24.58
CA GLN G 217 -71.41 -61.66 -24.66
C GLN G 217 -70.81 -61.22 -23.34
N MET G 218 -71.47 -61.59 -22.24
CA MET G 218 -70.94 -61.35 -20.92
C MET G 218 -69.59 -62.04 -20.71
N LEU G 219 -69.46 -63.26 -21.22
CA LEU G 219 -68.20 -63.98 -21.16
C LEU G 219 -67.12 -63.30 -22.00
N THR G 220 -67.51 -62.69 -23.10
CA THR G 220 -66.56 -61.93 -23.93
C THR G 220 -66.15 -60.60 -23.26
N ALA G 221 -67.09 -59.99 -22.54
CA ALA G 221 -66.83 -58.75 -21.82
C ALA G 221 -65.86 -59.01 -20.68
N MET G 222 -66.19 -60.01 -19.86
CA MET G 222 -65.36 -60.42 -18.73
C MET G 222 -63.98 -60.89 -19.14
N ALA G 223 -63.87 -61.58 -20.27
CA ALA G 223 -62.58 -62.05 -20.77
C ALA G 223 -61.71 -60.88 -21.19
N GLN G 224 -62.37 -59.85 -21.72
CA GLN G 224 -61.68 -58.63 -22.13
C GLN G 224 -61.36 -57.75 -20.92
N GLY G 225 -62.35 -57.53 -20.06
CA GLY G 225 -62.21 -56.73 -18.84
C GLY G 225 -61.20 -57.30 -17.85
N TYR G 226 -60.99 -58.62 -17.94
CA TYR G 226 -60.01 -59.33 -17.12
C TYR G 226 -58.60 -59.11 -17.65
N ALA G 227 -58.42 -59.21 -18.97
CA ALA G 227 -57.13 -58.95 -19.59
C ALA G 227 -56.75 -57.47 -19.55
N ALA G 228 -57.74 -56.61 -19.35
CA ALA G 228 -57.50 -55.19 -19.21
C ALA G 228 -57.07 -54.86 -17.77
N GLU G 229 -57.53 -55.66 -16.82
CA GLU G 229 -57.24 -55.43 -15.41
C GLU G 229 -55.86 -55.96 -15.02
N ILE G 230 -55.49 -57.11 -15.56
CA ILE G 230 -54.14 -57.64 -15.35
C ILE G 230 -53.12 -56.64 -15.91
N SER G 231 -53.34 -56.22 -17.16
CA SER G 231 -52.47 -55.27 -17.85
C SER G 231 -52.31 -53.95 -17.10
N ALA G 232 -53.41 -53.46 -16.53
CA ALA G 232 -53.39 -52.24 -15.75
C ALA G 232 -52.68 -52.42 -14.40
N ARG G 233 -52.75 -53.63 -13.85
CA ARG G 233 -52.08 -53.95 -12.59
C ARG G 233 -50.59 -54.15 -12.82
N ARG G 234 -50.23 -54.70 -13.98
CA ARG G 234 -48.82 -54.82 -14.35
C ARG G 234 -48.21 -53.46 -14.59
N ASN G 235 -49.00 -52.54 -15.16
CA ASN G 235 -48.62 -51.16 -15.32
C ASN G 235 -48.41 -50.48 -13.95
N ALA G 236 -49.37 -50.63 -13.04
CA ALA G 236 -49.31 -50.00 -11.72
C ALA G 236 -48.18 -50.56 -10.85
N MET G 237 -48.01 -51.88 -10.90
CA MET G 237 -46.93 -52.55 -10.17
C MET G 237 -45.54 -52.23 -10.71
N ASP G 238 -45.45 -51.92 -12.00
CA ASP G 238 -44.19 -51.45 -12.57
C ASP G 238 -43.89 -50.04 -12.02
N ASN G 239 -44.93 -49.22 -11.92
CA ASN G 239 -44.79 -47.89 -11.37
C ASN G 239 -44.46 -47.91 -9.89
N ALA G 240 -45.30 -48.54 -9.09
CA ALA G 240 -45.08 -48.63 -7.66
C ALA G 240 -43.68 -49.12 -7.32
N SER G 241 -43.16 -50.05 -8.12
CA SER G 241 -41.83 -50.61 -7.92
C SER G 241 -40.73 -49.60 -8.27
N LYS G 242 -40.97 -48.81 -9.31
CA LYS G 242 -40.02 -47.80 -9.76
C LYS G 242 -39.97 -46.65 -8.75
N ASN G 243 -41.15 -46.19 -8.31
CA ASN G 243 -41.27 -45.16 -7.29
C ASN G 243 -40.60 -45.56 -5.98
N ALA G 244 -40.81 -46.81 -5.58
CA ALA G 244 -40.20 -47.33 -4.35
C ALA G 244 -38.67 -47.28 -4.43
N GLY G 245 -38.14 -47.58 -5.61
CA GLY G 245 -36.70 -47.52 -5.88
C GLY G 245 -36.13 -46.14 -5.65
N ASP G 246 -36.82 -45.13 -6.17
CA ASP G 246 -36.45 -43.72 -5.94
C ASP G 246 -36.51 -43.39 -4.46
N MET G 247 -37.61 -43.78 -3.79
CA MET G 247 -37.74 -43.59 -2.34
C MET G 247 -36.56 -44.19 -1.58
N ILE G 248 -36.18 -45.40 -1.97
CA ILE G 248 -35.01 -46.07 -1.40
C ILE G 248 -33.75 -45.21 -1.59
N ASN G 249 -33.59 -44.63 -2.77
CA ASN G 249 -32.44 -43.77 -3.04
C ASN G 249 -32.43 -42.48 -2.22
N ARG G 250 -33.59 -41.87 -2.04
CA ARG G 250 -33.70 -40.65 -1.24
C ARG G 250 -33.42 -40.93 0.23
N TYR G 251 -33.89 -42.08 0.71
CA TYR G 251 -33.72 -42.45 2.12
C TYR G 251 -32.34 -43.02 2.42
N SER G 252 -31.68 -43.54 1.38
CA SER G 252 -30.29 -43.99 1.50
C SER G 252 -29.39 -42.79 1.75
N ILE G 253 -29.61 -41.77 0.93
CA ILE G 253 -28.90 -40.51 1.03
C ILE G 253 -29.19 -39.87 2.40
N LEU G 254 -30.45 -39.83 2.82
CA LEU G 254 -30.79 -39.32 4.15
C LEU G 254 -30.11 -40.13 5.24
N TYR G 255 -30.07 -41.45 5.08
CA TYR G 255 -29.47 -42.31 6.09
C TYR G 255 -28.03 -41.91 6.31
N ASN G 256 -27.30 -41.76 5.22
CA ASN G 256 -25.89 -41.46 5.31
C ASN G 256 -25.58 -40.08 5.94
N ARG G 257 -26.36 -39.05 5.59
CA ARG G 257 -26.21 -37.74 6.25
C ARG G 257 -26.38 -37.88 7.75
N THR G 258 -27.38 -38.65 8.16
CA THR G 258 -27.70 -38.84 9.56
C THR G 258 -26.64 -39.68 10.26
N ARG G 259 -26.16 -40.70 9.54
CA ARG G 259 -25.07 -41.54 10.01
C ARG G 259 -23.85 -40.70 10.34
N GLN G 260 -23.43 -39.89 9.38
CA GLN G 260 -22.30 -38.98 9.56
C GLN G 260 -22.52 -38.05 10.76
N ALA G 261 -23.68 -37.40 10.83
CA ALA G 261 -23.99 -36.49 11.92
C ALA G 261 -23.94 -37.15 13.29
N VAL G 262 -24.46 -38.38 13.39
CA VAL G 262 -24.50 -39.06 14.66
C VAL G 262 -23.09 -39.36 15.16
N ILE G 263 -22.19 -39.71 14.24
CA ILE G 263 -20.82 -40.01 14.61
C ILE G 263 -20.09 -38.76 15.13
N THR G 264 -20.21 -37.67 14.37
CA THR G 264 -19.70 -36.39 14.78
C THR G 264 -20.30 -35.91 16.11
N ASN G 265 -21.63 -35.87 16.20
CA ASN G 265 -22.29 -35.40 17.43
C ASN G 265 -21.87 -36.24 18.64
N GLU G 266 -21.90 -37.55 18.51
CA GLU G 266 -21.44 -38.45 19.58
C GLU G 266 -20.04 -38.12 20.05
N LEU G 267 -19.17 -37.84 19.08
CA LEU G 267 -17.79 -37.58 19.36
C LEU G 267 -17.55 -36.20 19.99
N VAL G 268 -18.32 -35.21 19.55
CA VAL G 268 -18.24 -33.88 20.14
C VAL G 268 -18.52 -33.94 21.66
N ASP G 269 -19.58 -34.61 22.07
CA ASP G 269 -19.85 -34.86 23.49
C ASP G 269 -18.65 -35.41 24.21
N ILE G 270 -18.00 -36.39 23.61
CA ILE G 270 -16.83 -37.04 24.20
C ILE G 270 -15.69 -36.04 24.34
N ILE G 271 -15.42 -35.30 23.27
CA ILE G 271 -14.38 -34.26 23.27
C ILE G 271 -14.60 -33.22 24.38
N THR G 272 -15.80 -32.65 24.45
CA THR G 272 -16.12 -31.68 25.49
C THR G 272 -15.90 -32.22 26.90
N GLY G 273 -16.27 -33.47 27.15
CA GLY G 273 -16.03 -34.14 28.43
C GLY G 273 -14.56 -34.35 28.75
N ALA G 274 -13.75 -34.55 27.71
CA ALA G 274 -12.30 -34.75 27.85
C ALA G 274 -11.54 -33.45 28.11
N SER G 275 -11.94 -32.38 27.42
CA SER G 275 -11.36 -31.04 27.56
C SER G 275 -11.42 -30.48 28.99
N SER G 276 -12.44 -30.86 29.75
CA SER G 276 -12.66 -30.33 31.10
C SER G 276 -12.24 -31.33 32.18
N LYS H 11 -65.22 -74.90 -45.38
CA LYS H 11 -65.55 -73.56 -44.82
C LYS H 11 -66.38 -73.63 -43.54
N LEU H 12 -65.73 -74.02 -42.44
CA LEU H 12 -66.37 -74.13 -41.13
C LEU H 12 -65.64 -73.33 -40.04
N GLN H 13 -66.42 -72.65 -39.20
CA GLN H 13 -65.90 -72.04 -37.97
C GLN H 13 -66.48 -72.78 -36.75
N PHE H 14 -65.66 -73.64 -36.16
CA PHE H 14 -66.07 -74.45 -35.02
C PHE H 14 -65.35 -73.98 -33.76
N ALA H 15 -66.04 -73.16 -32.97
CA ALA H 15 -65.44 -72.46 -31.83
C ALA H 15 -66.08 -72.73 -30.48
N LEU H 16 -65.24 -72.93 -29.47
CA LEU H 16 -65.65 -73.02 -28.08
C LEU H 16 -65.11 -71.79 -27.35
N PRO H 17 -65.63 -71.48 -26.15
CA PRO H 17 -65.10 -70.33 -25.40
C PRO H 17 -63.60 -70.41 -25.11
N HIS H 18 -63.08 -71.62 -24.91
CA HIS H 18 -61.69 -71.82 -24.51
C HIS H 18 -60.76 -72.26 -25.64
N GLU H 19 -61.34 -72.72 -26.74
CA GLU H 19 -60.56 -73.27 -27.85
C GLU H 19 -61.34 -73.18 -29.16
N THR H 20 -60.64 -72.86 -30.25
CA THR H 20 -61.27 -72.78 -31.56
C THR H 20 -60.74 -73.87 -32.48
N LEU H 21 -61.56 -74.89 -32.71
CA LEU H 21 -61.13 -76.14 -33.35
C LEU H 21 -60.87 -76.06 -34.86
N TYR H 22 -61.61 -75.21 -35.58
CA TYR H 22 -61.50 -75.21 -37.04
C TYR H 22 -61.18 -73.86 -37.71
N SER H 23 -62.15 -72.95 -37.75
CA SER H 23 -62.04 -71.67 -38.48
C SER H 23 -61.41 -71.83 -39.88
N VAL H 27 -62.66 -78.01 -45.68
CA VAL H 27 -63.51 -79.10 -45.21
C VAL H 27 -64.75 -79.26 -46.11
N THR H 28 -65.32 -80.47 -46.12
CA THR H 28 -66.42 -80.83 -47.03
C THR H 28 -67.81 -80.91 -46.38
N GLN H 29 -67.97 -81.83 -45.41
CA GLN H 29 -69.28 -82.05 -44.77
C GLN H 29 -69.19 -82.26 -43.26
N VAL H 30 -70.21 -81.74 -42.55
CA VAL H 30 -70.40 -81.97 -41.11
C VAL H 30 -71.83 -82.42 -40.77
N ASN H 31 -71.96 -83.25 -39.74
CA ASN H 31 -73.25 -83.70 -39.23
C ASN H 31 -73.47 -83.19 -37.80
N LEU H 32 -74.60 -82.54 -37.56
CA LEU H 32 -74.85 -81.90 -36.26
C LEU H 32 -76.25 -82.14 -35.69
N PRO H 33 -76.33 -82.41 -34.36
CA PRO H 33 -77.60 -82.74 -33.71
C PRO H 33 -78.44 -81.51 -33.34
N ALA H 34 -79.30 -81.11 -34.26
CA ALA H 34 -80.18 -79.96 -34.08
C ALA H 34 -81.32 -80.25 -33.10
N LYS H 35 -82.08 -79.21 -32.74
CA LYS H 35 -83.32 -79.38 -32.00
C LYS H 35 -84.31 -80.11 -32.89
N SER H 36 -84.36 -79.68 -34.15
CA SER H 36 -85.07 -80.39 -35.21
C SER H 36 -84.29 -81.66 -35.57
N GLY H 37 -84.74 -82.37 -36.60
CA GLY H 37 -84.09 -83.60 -37.04
C GLY H 37 -82.57 -83.51 -37.08
N ARG H 38 -81.92 -84.56 -36.58
CA ARG H 38 -80.46 -84.68 -36.68
C ARG H 38 -80.06 -84.52 -38.14
N ILE H 39 -79.43 -83.39 -38.46
CA ILE H 39 -79.21 -82.94 -39.85
C ILE H 39 -77.76 -83.11 -40.32
N GLY H 40 -77.60 -83.41 -41.61
CA GLY H 40 -76.30 -83.37 -42.27
C GLY H 40 -76.16 -82.11 -43.12
N VAL H 41 -74.95 -81.57 -43.22
CA VAL H 41 -74.72 -80.30 -43.93
C VAL H 41 -73.78 -80.46 -45.15
N LEU H 42 -74.33 -80.19 -46.34
CA LEU H 42 -73.61 -80.29 -47.61
C LEU H 42 -72.98 -78.95 -48.01
N ALA H 43 -72.24 -78.97 -49.12
CA ALA H 43 -71.46 -77.82 -49.61
C ALA H 43 -72.27 -76.52 -49.79
N ASN H 44 -73.46 -76.62 -50.37
CA ASN H 44 -74.33 -75.46 -50.60
C ASN H 44 -75.68 -75.58 -49.89
N HIS H 45 -75.64 -75.58 -48.57
CA HIS H 45 -76.85 -75.70 -47.76
C HIS H 45 -77.63 -74.39 -47.71
N VAL H 46 -78.96 -74.51 -47.55
CA VAL H 46 -79.86 -73.38 -47.39
C VAL H 46 -79.53 -72.65 -46.08
N PRO H 47 -79.39 -71.30 -46.14
CA PRO H 47 -79.20 -70.52 -44.91
C PRO H 47 -80.22 -70.90 -43.82
N THR H 48 -79.71 -71.51 -42.74
CA THR H 48 -80.54 -72.00 -41.64
C THR H 48 -79.90 -71.64 -40.31
N VAL H 49 -80.72 -71.26 -39.34
CA VAL H 49 -80.25 -70.99 -37.97
C VAL H 49 -81.15 -71.69 -36.95
N GLU H 50 -80.60 -72.70 -36.28
CA GLU H 50 -81.33 -73.46 -35.25
C GLU H 50 -80.43 -73.97 -34.14
N GLN H 51 -81.05 -74.32 -33.02
CA GLN H 51 -80.37 -74.79 -31.82
C GLN H 51 -79.57 -76.06 -32.04
N LEU H 52 -78.72 -76.37 -31.07
CA LEU H 52 -78.04 -77.65 -31.02
C LEU H 52 -78.27 -78.27 -29.67
N LEU H 53 -78.88 -79.44 -29.67
CA LEU H 53 -79.07 -80.22 -28.46
C LEU H 53 -77.76 -80.91 -28.14
N PRO H 54 -77.57 -81.35 -26.87
CA PRO H 54 -76.35 -82.09 -26.57
C PRO H 54 -76.30 -83.41 -27.32
N GLY H 55 -75.40 -83.49 -28.30
CA GLY H 55 -75.27 -84.69 -29.11
C GLY H 55 -73.90 -84.84 -29.71
N VAL H 56 -73.84 -85.49 -30.88
CA VAL H 56 -72.57 -85.80 -31.53
C VAL H 56 -72.39 -85.00 -32.80
N VAL H 57 -71.35 -84.18 -32.84
CA VAL H 57 -70.97 -83.48 -34.06
C VAL H 57 -69.86 -84.27 -34.76
N GLU H 58 -70.16 -84.74 -35.97
CA GLU H 58 -69.16 -85.41 -36.80
C GLU H 58 -68.75 -84.50 -37.95
N VAL H 59 -67.50 -84.61 -38.36
CA VAL H 59 -66.98 -83.85 -39.49
C VAL H 59 -66.06 -84.71 -40.36
N MET H 60 -66.46 -84.92 -41.62
CA MET H 60 -65.60 -85.57 -42.61
C MET H 60 -64.93 -84.56 -43.53
N GLU H 61 -63.59 -84.55 -43.47
CA GLU H 61 -62.77 -83.74 -44.35
C GLU H 61 -62.40 -84.60 -45.55
N GLY H 62 -63.28 -84.59 -46.55
CA GLY H 62 -63.15 -85.47 -47.71
C GLY H 62 -63.49 -86.91 -47.35
N SER H 63 -62.45 -87.70 -47.07
CA SER H 63 -62.60 -89.12 -46.74
C SER H 63 -62.57 -89.39 -45.24
N ASN H 64 -61.51 -88.91 -44.57
CA ASN H 64 -61.33 -89.12 -43.13
C ASN H 64 -62.26 -88.25 -42.29
N SER H 65 -62.85 -88.84 -41.25
CA SER H 65 -63.78 -88.12 -40.38
C SER H 65 -63.36 -88.08 -38.91
N LYS H 66 -63.64 -86.96 -38.25
CA LYS H 66 -63.34 -86.78 -36.83
C LYS H 66 -64.65 -86.56 -36.07
N LYS H 67 -64.71 -87.08 -34.84
CA LYS H 67 -65.97 -87.13 -34.09
C LYS H 67 -65.89 -86.40 -32.75
N PHE H 68 -66.73 -85.38 -32.58
CA PHE H 68 -66.75 -84.55 -31.36
C PHE H 68 -68.13 -84.55 -30.68
N PHE H 69 -68.19 -85.02 -29.43
CA PHE H 69 -69.39 -84.91 -28.62
C PHE H 69 -69.44 -83.53 -27.96
N ILE H 70 -70.49 -82.77 -28.25
CA ILE H 70 -70.61 -81.40 -27.74
C ILE H 70 -71.61 -81.28 -26.58
N SER H 71 -71.68 -80.08 -26.00
CA SER H 71 -72.57 -79.78 -24.90
C SER H 71 -73.89 -79.20 -25.39
N GLY H 72 -73.88 -78.70 -26.61
CA GLY H 72 -75.03 -77.99 -27.17
C GLY H 72 -74.77 -76.51 -27.28
N GLY H 73 -75.32 -75.89 -28.32
CA GLY H 73 -75.17 -74.45 -28.53
C GLY H 73 -76.12 -73.95 -29.59
N PHE H 74 -75.54 -73.38 -30.65
CA PHE H 74 -76.31 -72.84 -31.78
C PHE H 74 -75.58 -73.09 -33.09
N ALA H 75 -76.29 -73.62 -34.08
CA ALA H 75 -75.76 -73.80 -35.42
C ALA H 75 -76.18 -72.64 -36.31
N THR H 76 -75.23 -72.13 -37.09
CA THR H 76 -75.49 -71.01 -38.00
C THR H 76 -74.95 -71.30 -39.39
N VAL H 77 -75.86 -71.31 -40.37
CA VAL H 77 -75.48 -71.41 -41.79
C VAL H 77 -75.58 -70.03 -42.41
N GLN H 78 -74.48 -69.58 -43.00
CA GLN H 78 -74.39 -68.22 -43.55
C GLN H 78 -74.64 -68.21 -45.07
N PRO H 79 -75.12 -67.05 -45.61
CA PRO H 79 -75.37 -66.90 -47.04
C PRO H 79 -74.21 -67.32 -47.94
N ASP H 80 -72.98 -67.01 -47.51
CA ASP H 80 -71.78 -67.27 -48.31
C ASP H 80 -71.12 -68.64 -48.04
N SER H 81 -71.94 -69.69 -47.98
CA SER H 81 -71.47 -71.08 -47.79
C SER H 81 -70.55 -71.28 -46.57
N GLN H 82 -70.92 -70.66 -45.45
CA GLN H 82 -70.16 -70.76 -44.20
C GLN H 82 -70.98 -71.37 -43.09
N LEU H 83 -70.34 -72.24 -42.31
CA LEU H 83 -71.01 -72.87 -41.16
C LEU H 83 -70.31 -72.53 -39.86
N CYS H 84 -71.06 -71.88 -38.96
CA CYS H 84 -70.55 -71.46 -37.66
C CYS H 84 -71.24 -72.25 -36.56
N VAL H 85 -70.47 -73.12 -35.91
CA VAL H 85 -70.99 -73.94 -34.84
C VAL H 85 -70.32 -73.55 -33.52
N THR H 86 -71.13 -73.09 -32.57
CA THR H 86 -70.62 -72.65 -31.27
C THR H 86 -71.13 -73.57 -30.16
N ALA H 87 -70.21 -74.13 -29.40
CA ALA H 87 -70.55 -74.98 -28.25
C ALA H 87 -69.64 -74.69 -27.08
N ILE H 88 -70.17 -74.87 -25.87
CA ILE H 88 -69.41 -74.64 -24.63
C ILE H 88 -68.33 -75.71 -24.44
N GLU H 89 -68.72 -76.98 -24.47
CA GLU H 89 -67.76 -78.08 -24.45
C GLU H 89 -67.88 -78.94 -25.70
N ALA H 90 -66.75 -79.49 -26.12
CA ALA H 90 -66.69 -80.39 -27.27
C ALA H 90 -65.45 -81.26 -27.15
N PHE H 91 -65.64 -82.57 -27.17
CA PHE H 91 -64.55 -83.54 -27.00
C PHE H 91 -64.73 -84.78 -27.86
N PRO H 92 -63.61 -85.38 -28.30
CA PRO H 92 -63.65 -86.74 -28.87
C PRO H 92 -64.15 -87.79 -27.86
N LEU H 93 -64.62 -88.92 -28.39
CA LEU H 93 -65.26 -89.98 -27.60
C LEU H 93 -64.23 -90.77 -26.80
N GLU H 94 -63.10 -91.06 -27.46
CA GLU H 94 -61.94 -91.69 -26.83
C GLU H 94 -61.49 -90.96 -25.55
N SER H 95 -62.03 -89.76 -25.33
CA SER H 95 -61.66 -88.91 -24.20
C SER H 95 -62.53 -89.11 -22.95
N PHE H 96 -63.43 -90.09 -22.99
CA PHE H 96 -64.34 -90.35 -21.87
C PHE H 96 -64.09 -91.70 -21.20
N SER H 97 -64.26 -91.74 -19.88
CA SER H 97 -64.16 -92.97 -19.10
C SER H 97 -65.55 -93.44 -18.70
N GLN H 98 -65.85 -94.71 -19.03
CA GLN H 98 -67.18 -95.30 -18.84
C GLN H 98 -67.71 -95.12 -17.42
N GLU H 99 -66.87 -95.40 -16.44
CA GLU H 99 -67.28 -95.44 -15.02
C GLU H 99 -67.63 -94.08 -14.43
N ASN H 100 -66.88 -93.05 -14.80
CA ASN H 100 -67.19 -91.68 -14.37
C ASN H 100 -68.59 -91.28 -14.81
N ILE H 101 -68.93 -91.65 -16.04
CA ILE H 101 -70.26 -91.43 -16.59
C ILE H 101 -71.32 -92.15 -15.74
N LYS H 102 -71.01 -93.38 -15.34
CA LYS H 102 -71.91 -94.17 -14.52
C LYS H 102 -72.11 -93.56 -13.13
N ASN H 103 -71.00 -93.24 -12.47
CA ASN H 103 -71.03 -92.61 -11.14
C ASN H 103 -71.85 -91.32 -11.11
N LEU H 104 -71.79 -90.57 -12.21
CA LEU H 104 -72.58 -89.35 -12.38
C LEU H 104 -74.05 -89.70 -12.65
N LEU H 105 -74.26 -90.61 -13.62
CA LEU H 105 -75.60 -91.03 -14.02
C LEU H 105 -76.43 -91.46 -12.81
N ALA H 106 -75.85 -92.34 -12.00
CA ALA H 106 -76.53 -92.85 -10.81
C ALA H 106 -76.88 -91.73 -9.83
N GLU H 107 -75.90 -90.86 -9.57
CA GLU H 107 -76.09 -89.73 -8.66
C GLU H 107 -77.13 -88.75 -9.18
N ALA H 108 -77.22 -88.62 -10.50
CA ALA H 108 -78.21 -87.77 -11.14
C ALA H 108 -79.62 -88.35 -11.00
N LYS H 109 -79.76 -89.64 -11.28
CA LYS H 109 -81.02 -90.37 -11.15
C LYS H 109 -81.58 -90.24 -9.74
N LYS H 110 -80.70 -90.43 -8.76
CA LYS H 110 -81.06 -90.27 -7.35
C LYS H 110 -81.57 -88.86 -7.09
N ASN H 111 -80.92 -87.87 -7.72
CA ASN H 111 -81.25 -86.47 -7.51
C ASN H 111 -82.54 -86.00 -8.18
N VAL H 112 -83.01 -86.71 -9.21
CA VAL H 112 -84.37 -86.47 -9.70
C VAL H 112 -85.28 -86.78 -8.52
N SER H 113 -86.29 -85.93 -8.29
CA SER H 113 -87.16 -86.03 -7.12
C SER H 113 -86.35 -86.07 -5.82
N SER H 114 -85.27 -85.28 -5.78
CA SER H 114 -84.35 -85.28 -4.64
C SER H 114 -84.90 -84.49 -3.48
N SER H 115 -85.81 -83.57 -3.78
CA SER H 115 -86.39 -82.62 -2.82
C SER H 115 -86.98 -81.49 -3.63
N ASP H 116 -87.64 -80.56 -2.94
CA ASP H 116 -88.06 -79.31 -3.55
C ASP H 116 -86.87 -78.52 -4.11
N ALA H 117 -87.14 -77.75 -5.16
CA ALA H 117 -86.15 -76.93 -5.86
C ALA H 117 -85.91 -77.44 -7.28
N ARG H 118 -85.11 -76.66 -8.00
CA ARG H 118 -84.64 -77.06 -9.30
C ARG H 118 -83.43 -77.99 -9.17
N GLU H 119 -82.97 -78.19 -7.93
CA GLU H 119 -82.03 -79.26 -7.64
C GLU H 119 -82.60 -80.53 -8.25
N ALA H 120 -83.89 -80.74 -8.01
CA ALA H 120 -84.64 -81.86 -8.59
C ALA H 120 -84.66 -81.78 -10.11
N ALA H 121 -84.91 -80.59 -10.64
CA ALA H 121 -85.05 -80.38 -12.08
C ALA H 121 -83.71 -80.43 -12.83
N GLU H 122 -82.64 -79.98 -12.18
CA GLU H 122 -81.29 -79.98 -12.77
C GLU H 122 -80.80 -81.41 -13.00
N ALA H 123 -81.11 -82.28 -12.05
CA ALA H 123 -80.77 -83.71 -12.15
C ALA H 123 -81.40 -84.32 -13.39
N ALA H 124 -82.68 -84.04 -13.60
CA ALA H 124 -83.41 -84.51 -14.77
C ALA H 124 -82.67 -84.19 -16.07
N ILE H 125 -82.06 -83.01 -16.11
CA ILE H 125 -81.30 -82.56 -17.27
C ILE H 125 -80.02 -83.38 -17.44
N GLN H 126 -79.39 -83.71 -16.32
CA GLN H 126 -78.14 -84.48 -16.34
C GLN H 126 -78.38 -85.90 -16.85
N VAL H 127 -79.41 -86.56 -16.32
CA VAL H 127 -79.76 -87.93 -16.69
C VAL H 127 -79.88 -88.10 -18.21
N GLU H 128 -80.65 -87.20 -18.83
CA GLU H 128 -80.88 -87.23 -20.27
C GLU H 128 -79.57 -87.09 -21.05
N VAL H 129 -78.71 -86.17 -20.62
CA VAL H 129 -77.42 -85.89 -21.28
C VAL H 129 -76.43 -87.06 -21.15
N LEU H 130 -76.35 -87.62 -19.94
CA LEU H 130 -75.46 -88.74 -19.66
C LEU H 130 -75.95 -90.02 -20.34
N GLU H 131 -77.27 -90.14 -20.52
CA GLU H 131 -77.87 -91.25 -21.28
C GLU H 131 -77.50 -91.14 -22.76
N ASN H 132 -77.66 -89.94 -23.33
CA ASN H 132 -77.27 -89.66 -24.72
C ASN H 132 -75.79 -89.93 -24.98
N LEU H 133 -75.01 -89.90 -23.90
CA LEU H 133 -73.57 -90.15 -23.98
C LEU H 133 -73.27 -91.65 -24.07
N GLN H 134 -73.79 -92.42 -23.12
CA GLN H 134 -73.58 -93.88 -23.10
C GLN H 134 -74.06 -94.54 -24.38
N SER H 135 -75.20 -94.06 -24.90
CA SER H 135 -75.77 -94.55 -26.15
C SER H 135 -74.79 -94.52 -27.34
N VAL H 136 -73.71 -93.76 -27.18
CA VAL H 136 -72.67 -93.70 -28.21
C VAL H 136 -71.37 -94.29 -27.66
N LEU H 137 -70.78 -95.21 -28.43
CA LEU H 137 -69.50 -95.85 -28.12
C LEU H 137 -69.18 -96.88 -29.21
N SER I 1 -85.74 -81.76 -22.19
CA SER I 1 -86.45 -81.92 -20.88
C SER I 1 -87.46 -80.79 -20.64
N ALA I 2 -87.84 -80.58 -19.39
CA ALA I 2 -88.82 -79.56 -19.03
C ALA I 2 -88.29 -78.52 -18.04
N TRP I 3 -87.14 -77.93 -18.36
CA TRP I 3 -86.56 -76.86 -17.56
C TRP I 3 -87.40 -75.59 -17.63
N ARG I 4 -88.43 -75.65 -18.48
CA ARG I 4 -89.39 -74.58 -18.71
C ARG I 4 -90.21 -74.32 -17.46
N LYS I 5 -90.84 -75.37 -16.93
CA LYS I 5 -91.63 -75.28 -15.68
C LYS I 5 -90.74 -74.81 -14.54
N ALA I 6 -89.56 -75.41 -14.45
CA ALA I 6 -88.53 -75.01 -13.50
C ALA I 6 -87.95 -73.64 -13.90
N GLY I 7 -87.11 -73.08 -13.03
CA GLY I 7 -86.55 -71.75 -13.28
C GLY I 7 -85.48 -71.65 -14.36
N ILE I 8 -85.10 -72.77 -14.96
CA ILE I 8 -83.91 -72.85 -15.85
C ILE I 8 -83.98 -72.06 -17.16
N SER I 9 -82.93 -71.28 -17.39
CA SER I 9 -82.74 -70.53 -18.63
C SER I 9 -81.91 -71.36 -19.60
N TYR I 10 -81.88 -70.95 -20.86
CA TYR I 10 -81.21 -71.73 -21.90
C TYR I 10 -79.74 -72.01 -21.62
N ALA I 11 -78.98 -70.96 -21.29
CA ALA I 11 -77.55 -71.10 -21.07
C ALA I 11 -77.23 -71.88 -19.78
N ALA I 12 -78.06 -71.70 -18.75
CA ALA I 12 -77.96 -72.48 -17.50
C ALA I 12 -78.10 -73.97 -17.75
N TYR I 13 -79.02 -74.32 -18.66
CA TYR I 13 -79.21 -75.68 -19.13
C TYR I 13 -77.94 -76.23 -19.80
N LEU I 14 -77.37 -75.46 -20.73
CA LEU I 14 -76.17 -75.87 -21.45
C LEU I 14 -74.98 -76.08 -20.52
N ASN I 15 -74.91 -75.26 -19.48
CA ASN I 15 -73.85 -75.37 -18.49
C ASN I 15 -73.97 -76.67 -17.70
N VAL I 16 -75.16 -76.94 -17.17
CA VAL I 16 -75.49 -78.22 -16.53
C VAL I 16 -74.99 -79.41 -17.37
N ALA I 17 -75.29 -79.37 -18.67
CA ALA I 17 -74.78 -80.34 -19.63
C ALA I 17 -73.27 -80.33 -19.65
N ALA I 18 -72.69 -79.18 -20.01
CA ALA I 18 -71.24 -78.99 -20.14
C ALA I 18 -70.46 -79.52 -18.93
N GLN I 19 -71.00 -79.28 -17.74
CA GLN I 19 -70.47 -79.84 -16.49
C GLN I 19 -70.37 -81.36 -16.55
N ALA I 20 -71.51 -82.01 -16.77
CA ALA I 20 -71.57 -83.47 -16.89
C ALA I 20 -70.55 -84.02 -17.90
N ILE I 21 -70.41 -83.32 -19.02
CA ILE I 21 -69.45 -83.70 -20.06
C ILE I 21 -67.99 -83.56 -19.60
N ARG I 22 -67.71 -82.53 -18.81
CA ARG I 22 -66.37 -82.33 -18.24
C ARG I 22 -66.05 -83.40 -17.21
N SER I 23 -66.99 -83.63 -16.28
CA SER I 23 -66.86 -84.70 -15.29
C SER I 23 -66.75 -86.09 -15.94
N SER I 24 -67.27 -86.21 -17.17
CA SER I 24 -67.30 -87.49 -17.88
C SER I 24 -65.98 -87.88 -18.52
N LEU I 25 -65.07 -86.90 -18.64
CA LEU I 25 -63.78 -87.12 -19.28
C LEU I 25 -62.96 -88.18 -18.55
N LYS I 26 -62.00 -88.77 -19.27
CA LYS I 26 -60.99 -89.64 -18.65
C LYS I 26 -60.27 -88.80 -17.62
N THR I 27 -60.31 -89.25 -16.36
CA THR I 27 -59.80 -88.47 -15.22
C THR I 27 -58.45 -87.76 -15.46
N GLU I 28 -57.52 -88.43 -16.12
CA GLU I 28 -56.20 -87.82 -16.40
C GLU I 28 -56.29 -86.64 -17.37
N LEU I 29 -57.31 -86.65 -18.24
CA LEU I 29 -57.56 -85.54 -19.17
C LEU I 29 -58.40 -84.42 -18.54
N GLN I 30 -58.85 -84.64 -17.30
CA GLN I 30 -59.51 -83.58 -16.53
C GLN I 30 -58.44 -82.65 -15.95
N THR I 31 -57.77 -81.93 -16.85
CA THR I 31 -56.63 -81.07 -16.49
C THR I 31 -57.01 -79.92 -15.56
N ALA I 32 -55.98 -79.26 -15.00
CA ALA I 32 -56.16 -78.15 -14.08
C ALA I 32 -57.15 -77.12 -14.63
N SER I 33 -56.96 -76.72 -15.88
CA SER I 33 -57.83 -75.73 -16.54
C SER I 33 -59.27 -76.21 -16.68
N VAL I 34 -59.44 -77.49 -17.01
CA VAL I 34 -60.76 -78.11 -17.16
C VAL I 34 -61.53 -78.05 -15.84
N LEU I 35 -60.85 -78.33 -14.73
CA LEU I 35 -61.51 -78.30 -13.42
C LEU I 35 -61.83 -76.86 -12.98
N ASN I 36 -61.10 -75.90 -13.54
CA ASN I 36 -61.32 -74.48 -13.22
C ASN I 36 -62.56 -73.95 -13.92
N ARG I 37 -62.84 -74.53 -15.08
CA ARG I 37 -64.04 -74.26 -15.86
C ARG I 37 -65.30 -74.71 -15.13
N SER I 38 -65.11 -75.43 -14.03
CA SER I 38 -66.17 -76.11 -13.29
C SER I 38 -66.51 -75.48 -11.92
N GLN I 39 -65.61 -74.65 -11.39
CA GLN I 39 -65.82 -74.04 -10.08
C GLN I 39 -65.80 -72.51 -10.10
N THR I 40 -66.61 -71.94 -9.21
CA THR I 40 -66.69 -70.50 -9.00
C THR I 40 -67.10 -70.20 -7.57
N ASP I 41 -66.51 -69.14 -7.00
CA ASP I 41 -66.83 -68.69 -5.64
C ASP I 41 -67.72 -67.45 -5.69
N ALA I 42 -68.44 -67.29 -6.79
CA ALA I 42 -69.25 -66.10 -7.03
C ALA I 42 -70.54 -66.07 -6.20
N PHE I 43 -70.87 -64.88 -5.72
CA PHE I 43 -72.07 -64.64 -4.94
C PHE I 43 -72.94 -63.61 -5.66
N TYR I 44 -74.22 -63.54 -5.31
CA TYR I 44 -75.09 -62.48 -5.82
C TYR I 44 -75.94 -61.87 -4.70
N THR I 45 -76.06 -60.55 -4.72
CA THR I 45 -76.79 -59.83 -3.68
C THR I 45 -77.71 -58.79 -4.32
N GLN I 46 -78.99 -58.88 -3.97
CA GLN I 46 -80.00 -57.95 -4.50
C GLN I 46 -79.96 -56.65 -3.69
N TYR I 47 -80.22 -55.52 -4.35
CA TYR I 47 -80.18 -54.20 -3.70
C TYR I 47 -81.45 -53.38 -3.91
N LYS I 48 -81.88 -52.67 -2.87
CA LYS I 48 -83.02 -51.77 -2.94
C LYS I 48 -82.72 -50.44 -2.27
N ASN I 49 -83.42 -49.40 -2.71
CA ASN I 49 -83.29 -48.03 -2.16
C ASN I 49 -81.87 -47.44 -2.29
N ALA I 53 -79.63 -47.78 -0.10
CA ALA I 53 -78.66 -48.66 -0.73
C ALA I 53 -78.36 -49.89 0.13
N SER I 54 -79.36 -50.35 0.86
CA SER I 54 -79.27 -51.60 1.60
C SER I 54 -79.60 -52.78 0.69
N GLU I 55 -79.74 -53.96 1.29
CA GLU I 55 -79.85 -55.20 0.52
C GLU I 55 -80.32 -56.37 1.41
N PRO I 56 -81.05 -57.34 0.83
CA PRO I 56 -81.37 -58.60 1.51
C PRO I 56 -80.32 -59.70 1.29
N THR I 57 -80.12 -60.52 2.31
CA THR I 57 -79.30 -61.75 2.30
C THR I 57 -78.43 -62.09 1.06
N PRO I 58 -77.13 -62.40 1.30
CA PRO I 58 -76.24 -62.87 0.22
C PRO I 58 -76.51 -64.33 -0.17
N ILE I 59 -76.42 -64.63 -1.46
CA ILE I 59 -76.65 -66.00 -1.94
C ILE I 59 -75.44 -66.43 -2.79
N THR I 60 -75.56 -67.55 -3.49
CA THR I 60 -74.43 -68.15 -4.19
C THR I 60 -74.84 -68.50 -5.61
N LYS I 61 -73.85 -68.60 -6.51
CA LYS I 61 -74.03 -69.36 -7.75
C LYS I 61 -74.83 -68.57 -8.79
N SER J 1 -35.96 -57.69 8.43
CA SER J 1 -36.43 -57.69 7.01
C SER J 1 -37.82 -58.32 6.83
N GLU J 2 -38.04 -59.49 7.42
CA GLU J 2 -39.35 -60.13 7.36
C GLU J 2 -40.28 -59.49 8.38
N GLY J 3 -41.36 -58.89 7.88
CA GLY J 3 -42.30 -58.17 8.72
C GLY J 3 -42.00 -56.68 8.84
N SER J 4 -40.95 -56.25 8.16
CA SER J 4 -40.49 -54.86 8.18
C SER J 4 -41.52 -53.86 7.63
N THR J 5 -42.34 -54.32 6.69
CA THR J 5 -43.44 -53.52 6.14
C THR J 5 -44.73 -53.73 6.92
N GLY J 6 -45.05 -54.99 7.21
CA GLY J 6 -46.38 -55.35 7.67
C GLY J 6 -46.66 -55.39 9.15
N THR J 7 -45.68 -55.85 9.94
CA THR J 7 -45.96 -56.15 11.35
C THR J 7 -45.99 -54.89 12.21
N PRO J 8 -46.92 -54.84 13.18
CA PRO J 8 -47.03 -53.66 14.04
C PRO J 8 -45.92 -53.56 15.08
N ARG J 9 -45.02 -52.60 14.87
CA ARG J 9 -44.14 -52.12 15.92
C ARG J 9 -44.88 -50.98 16.62
N GLY J 10 -44.19 -50.26 17.52
CA GLY J 10 -44.86 -49.26 18.35
C GLY J 10 -45.74 -48.26 17.61
N SER J 11 -46.80 -47.83 18.27
CA SER J 11 -47.55 -46.64 17.83
C SER J 11 -46.62 -45.45 17.98
N GLY J 12 -46.57 -44.61 16.96
CA GLY J 12 -45.57 -43.57 16.88
C GLY J 12 -44.33 -44.10 16.17
N SER J 13 -44.54 -45.17 15.39
CA SER J 13 -43.54 -45.69 14.44
C SER J 13 -44.29 -46.28 13.24
N GLU J 14 -45.57 -45.93 13.14
CA GLU J 14 -46.50 -46.53 12.18
C GLU J 14 -46.36 -45.99 10.75
N ASP J 15 -46.29 -46.91 9.79
CA ASP J 15 -46.51 -46.58 8.38
C ASP J 15 -48.02 -46.45 8.18
N SER J 16 -48.41 -46.01 6.99
CA SER J 16 -49.78 -46.20 6.54
C SER J 16 -49.90 -47.66 6.05
N PHE J 17 -48.77 -48.24 5.66
CA PHE J 17 -48.69 -49.62 5.21
C PHE J 17 -48.88 -50.62 6.35
N VAL J 18 -48.35 -50.29 7.52
CA VAL J 18 -48.63 -51.07 8.74
C VAL J 18 -50.12 -50.96 9.05
N LYS J 19 -50.63 -49.73 9.00
CA LYS J 19 -52.01 -49.42 9.33
C LYS J 19 -53.01 -50.18 8.46
N ARG J 20 -52.71 -50.33 7.17
CA ARG J 20 -53.60 -51.04 6.26
C ARG J 20 -53.46 -52.56 6.37
N ALA J 21 -52.25 -53.05 6.62
CA ALA J 21 -52.01 -54.48 6.85
C ALA J 21 -52.88 -54.98 8.00
N ARG J 22 -52.95 -54.22 9.08
CA ARG J 22 -53.78 -54.59 10.22
C ARG J 22 -55.27 -54.39 9.91
N ALA J 23 -55.58 -53.46 9.02
CA ALA J 23 -56.97 -53.20 8.65
C ALA J 23 -57.53 -54.29 7.73
N THR J 24 -56.83 -54.60 6.63
CA THR J 24 -57.30 -55.60 5.69
C THR J 24 -57.36 -56.97 6.35
N GLU J 25 -56.46 -57.17 7.31
CA GLU J 25 -56.31 -58.43 8.03
C GLU J 25 -57.37 -58.62 9.12
N ASP J 26 -57.52 -57.64 9.99
CA ASP J 26 -58.55 -57.71 11.04
C ASP J 26 -59.93 -57.98 10.46
N PHE J 27 -60.24 -57.35 9.33
CA PHE J 27 -61.49 -57.55 8.59
C PHE J 27 -61.64 -59.01 8.17
N PHE J 28 -60.56 -59.57 7.63
CA PHE J 28 -60.55 -60.95 7.16
C PHE J 28 -60.87 -61.93 8.28
N VAL J 29 -60.22 -61.75 9.43
CA VAL J 29 -60.45 -62.63 10.58
C VAL J 29 -61.89 -62.49 11.09
N ARG J 30 -62.39 -61.26 11.11
CA ARG J 30 -63.78 -61.00 11.49
C ARG J 30 -64.80 -61.77 10.65
N GLN J 31 -64.60 -61.76 9.33
CA GLN J 31 -65.47 -62.46 8.39
C GLN J 31 -65.46 -63.97 8.60
N ARG J 32 -64.26 -64.53 8.74
CA ARG J 32 -64.10 -65.95 8.97
C ARG J 32 -64.65 -66.40 10.33
N GLU J 33 -64.47 -65.58 11.36
CA GLU J 33 -64.98 -65.91 12.70
C GLU J 33 -66.49 -65.81 12.77
N LYS J 34 -67.04 -64.88 11.98
CA LYS J 34 -68.48 -64.73 11.82
C LYS J 34 -69.11 -65.96 11.16
N GLU J 35 -68.47 -66.48 10.11
CA GLU J 35 -68.97 -67.66 9.39
C GLU J 35 -68.91 -68.94 10.24
N GLN J 36 -67.88 -69.06 11.08
CA GLN J 36 -67.70 -70.23 11.96
C GLN J 36 -68.37 -70.01 13.31
N ASN K 26 -11.25 47.74 -51.73
CA ASN K 26 -10.00 48.40 -52.24
C ASN K 26 -8.82 48.16 -51.31
N LEU K 27 -8.24 46.96 -51.39
CA LEU K 27 -7.21 46.54 -50.46
C LEU K 27 -5.84 47.19 -50.70
N ASN K 28 -5.70 47.89 -51.82
CA ASN K 28 -4.48 48.61 -52.14
C ASN K 28 -4.29 49.85 -51.29
N GLU K 29 -5.39 50.51 -50.95
CA GLU K 29 -5.34 51.79 -50.24
C GLU K 29 -5.95 51.69 -48.85
N THR K 30 -6.65 50.60 -48.60
CA THR K 30 -7.30 50.41 -47.31
C THR K 30 -6.98 49.03 -46.75
N GLY K 31 -7.16 48.89 -45.44
CA GLY K 31 -7.02 47.61 -44.78
C GLY K 31 -8.01 47.44 -43.64
N ARG K 32 -8.16 46.19 -43.20
CA ARG K 32 -8.99 45.84 -42.05
C ARG K 32 -8.13 45.27 -40.90
N VAL K 33 -8.42 45.71 -39.67
CA VAL K 33 -7.71 45.25 -38.48
C VAL K 33 -7.94 43.76 -38.23
N LEU K 34 -6.85 43.03 -38.14
CA LEU K 34 -6.87 41.60 -37.81
C LEU K 34 -6.82 41.38 -36.31
N ALA K 35 -5.94 42.13 -35.65
CA ALA K 35 -5.66 41.99 -34.24
C ALA K 35 -5.09 43.29 -33.71
N VAL K 36 -5.38 43.60 -32.45
CA VAL K 36 -4.86 44.82 -31.83
C VAL K 36 -4.60 44.65 -30.33
N GLY K 37 -3.45 45.15 -29.88
CA GLY K 37 -3.07 45.08 -28.48
C GLY K 37 -1.70 45.67 -28.24
N ASP K 38 -1.50 46.24 -27.06
CA ASP K 38 -0.21 46.81 -26.64
C ASP K 38 0.37 47.81 -27.64
N GLY K 39 -0.47 48.70 -28.17
CA GLY K 39 -0.03 49.74 -29.09
C GLY K 39 0.35 49.23 -30.47
N ILE K 40 -0.04 47.99 -30.77
CA ILE K 40 0.26 47.37 -32.06
C ILE K 40 -1.05 46.91 -32.71
N ALA K 41 -1.17 47.13 -34.01
CA ALA K 41 -2.29 46.61 -34.79
C ALA K 41 -1.79 45.85 -36.01
N ARG K 42 -2.31 44.64 -36.19
CA ARG K 42 -1.99 43.85 -37.36
C ARG K 42 -3.13 44.05 -38.37
N VAL K 43 -2.80 44.54 -39.56
CA VAL K 43 -3.84 44.93 -40.51
C VAL K 43 -3.75 44.11 -41.78
N PHE K 44 -4.90 43.61 -42.25
CA PHE K 44 -4.98 42.93 -43.53
C PHE K 44 -5.16 43.97 -44.64
N GLY K 45 -4.46 43.80 -45.75
CA GLY K 45 -4.57 44.72 -46.87
C GLY K 45 -3.48 45.78 -46.90
N LEU K 46 -3.86 47.01 -47.22
CA LEU K 46 -2.94 48.13 -47.43
C LEU K 46 -1.80 47.74 -48.38
N ASN K 47 -2.14 47.05 -49.46
CA ASN K 47 -1.13 46.45 -50.35
C ASN K 47 -0.12 47.42 -50.97
N ASN K 48 -0.52 48.68 -51.13
CA ASN K 48 0.35 49.69 -51.74
C ASN K 48 1.09 50.53 -50.71
N ILE K 49 0.92 50.23 -49.43
CA ILE K 49 1.55 51.04 -48.38
C ILE K 49 3.07 51.01 -48.45
N GLN K 50 3.68 52.13 -48.10
CA GLN K 50 5.14 52.21 -48.05
C GLN K 50 5.62 51.98 -46.63
N ALA K 51 6.81 51.40 -46.51
CA ALA K 51 7.48 51.27 -45.22
C ALA K 51 7.67 52.64 -44.59
N GLU K 52 7.12 52.80 -43.38
CA GLU K 52 7.22 54.01 -42.55
C GLU K 52 6.15 55.06 -42.87
N GLU K 53 5.09 54.65 -43.57
CA GLU K 53 4.00 55.52 -43.91
C GLU K 53 3.04 55.66 -42.74
N LEU K 54 2.45 56.85 -42.63
CA LEU K 54 1.42 57.15 -41.65
C LEU K 54 0.11 56.50 -42.10
N VAL K 55 -0.71 56.07 -41.15
CA VAL K 55 -2.06 55.55 -41.44
C VAL K 55 -3.10 56.15 -40.52
N GLU K 56 -4.37 56.04 -40.92
CA GLU K 56 -5.49 56.58 -40.17
C GLU K 56 -6.56 55.51 -39.93
N PHE K 57 -7.07 55.45 -38.69
CA PHE K 57 -8.11 54.49 -38.29
C PHE K 57 -9.48 55.17 -38.14
N SER K 58 -10.55 54.39 -38.32
CA SER K 58 -11.92 54.86 -38.06
C SER K 58 -12.03 55.78 -36.84
N SER K 59 -11.44 55.35 -35.73
CA SER K 59 -11.50 56.08 -34.44
C SER K 59 -10.92 57.48 -34.55
N GLY K 60 -9.91 57.63 -35.40
CA GLY K 60 -9.24 58.91 -35.59
C GLY K 60 -7.77 58.85 -35.27
N VAL K 61 -7.38 57.85 -34.49
CA VAL K 61 -5.98 57.64 -34.12
C VAL K 61 -5.13 57.30 -35.35
N LYS K 62 -3.87 57.74 -35.31
CA LYS K 62 -2.92 57.50 -36.37
C LYS K 62 -1.88 56.46 -35.95
N GLY K 63 -1.17 55.91 -36.94
CA GLY K 63 -0.06 54.99 -36.69
C GLY K 63 0.97 55.06 -37.80
N MET K 64 2.05 54.30 -37.67
CA MET K 64 2.93 54.07 -38.81
C MET K 64 3.23 52.59 -39.11
N ALA K 65 3.28 52.29 -40.40
CA ALA K 65 3.52 50.95 -40.87
C ALA K 65 5.00 50.66 -40.75
N LEU K 66 5.37 49.78 -39.81
CA LEU K 66 6.76 49.40 -39.63
C LEU K 66 7.08 48.00 -40.11
N ASN K 67 6.13 47.07 -39.93
CA ASN K 67 6.32 45.71 -40.40
C ASN K 67 5.48 45.45 -41.64
N LEU K 68 6.11 45.34 -42.81
CA LEU K 68 5.39 44.92 -44.01
C LEU K 68 5.67 43.45 -44.23
N GLU K 69 4.68 42.61 -43.99
CA GLU K 69 4.82 41.16 -44.11
C GLU K 69 3.83 40.64 -45.15
N PRO K 70 3.99 39.39 -45.61
CA PRO K 70 3.09 38.84 -46.61
C PRO K 70 1.59 39.01 -46.30
N GLY K 71 1.10 38.41 -45.24
CA GLY K 71 -0.36 38.48 -45.05
C GLY K 71 -0.90 39.78 -44.47
N GLN K 72 0.00 40.63 -43.96
CA GLN K 72 -0.42 41.67 -43.04
C GLN K 72 0.59 42.79 -42.89
N VAL K 73 0.15 43.87 -42.24
CA VAL K 73 1.01 44.99 -41.89
C VAL K 73 0.97 45.22 -40.38
N GLY K 74 2.15 45.29 -39.76
CA GLY K 74 2.25 45.63 -38.36
C GLY K 74 2.37 47.12 -38.23
N ILE K 75 1.43 47.71 -37.51
CA ILE K 75 1.32 49.16 -37.37
C ILE K 75 1.44 49.55 -35.91
N VAL K 76 2.27 50.54 -35.63
CA VAL K 76 2.41 51.06 -34.27
C VAL K 76 1.55 52.32 -34.08
N LEU K 77 0.66 52.28 -33.10
CA LEU K 77 -0.29 53.37 -32.85
C LEU K 77 0.33 54.57 -32.14
N PHE K 78 -0.16 55.78 -32.47
CA PHE K 78 0.20 57.00 -31.73
C PHE K 78 -0.78 57.35 -30.61
N GLY K 79 -1.73 56.46 -30.35
CA GLY K 79 -2.72 56.68 -29.29
C GLY K 79 -3.26 55.39 -28.67
N SER K 80 -4.10 55.54 -27.64
CA SER K 80 -4.63 54.41 -26.90
C SER K 80 -5.33 53.37 -27.77
N ASP K 81 -4.95 52.11 -27.60
CA ASP K 81 -5.54 51.03 -28.39
C ASP K 81 -7.00 50.69 -28.03
N ARG K 82 -7.55 51.34 -27.01
CA ARG K 82 -8.98 51.22 -26.71
C ARG K 82 -9.78 51.63 -27.93
N LEU K 83 -9.26 52.59 -28.68
CA LEU K 83 -9.96 53.15 -29.82
C LEU K 83 -10.02 52.23 -31.06
N VAL K 84 -9.21 51.18 -31.09
CA VAL K 84 -9.14 50.30 -32.26
C VAL K 84 -9.75 48.93 -31.98
N LYS K 85 -10.42 48.37 -32.97
CA LYS K 85 -11.09 47.07 -32.84
C LYS K 85 -10.86 46.22 -34.06
N GLU K 86 -10.94 44.89 -33.89
CA GLU K 86 -10.89 43.96 -35.01
C GLU K 86 -11.99 44.28 -36.01
N GLY K 87 -11.63 44.31 -37.28
CA GLY K 87 -12.60 44.55 -38.35
C GLY K 87 -12.68 45.98 -38.81
N GLU K 88 -12.16 46.91 -38.00
CA GLU K 88 -12.22 48.33 -38.32
C GLU K 88 -11.43 48.68 -39.58
N LEU K 89 -11.81 49.80 -40.20
CA LEU K 89 -11.20 50.23 -41.45
C LEU K 89 -9.93 51.04 -41.17
N VAL K 90 -8.93 50.84 -42.02
CA VAL K 90 -7.66 51.58 -41.93
C VAL K 90 -7.33 52.16 -43.30
N LYS K 91 -6.83 53.39 -43.33
CA LYS K 91 -6.52 54.09 -44.58
C LYS K 91 -5.06 54.51 -44.68
N ARG K 92 -4.48 54.36 -45.86
CA ARG K 92 -3.21 54.98 -46.20
C ARG K 92 -3.36 56.49 -46.20
N THR K 93 -2.29 57.19 -45.82
CA THR K 93 -2.25 58.63 -46.03
C THR K 93 -1.36 58.97 -47.22
N GLY K 94 -0.69 57.96 -47.77
CA GLY K 94 0.27 58.13 -48.86
C GLY K 94 1.60 58.74 -48.45
N ASN K 95 1.72 59.16 -47.18
CA ASN K 95 2.88 59.92 -46.71
C ASN K 95 3.79 59.18 -45.72
N ILE K 96 5.08 59.10 -46.07
CA ILE K 96 6.11 58.73 -45.11
C ILE K 96 6.05 59.72 -43.95
N VAL K 97 6.17 59.24 -42.72
CA VAL K 97 6.10 60.11 -41.53
C VAL K 97 6.92 61.39 -41.69
N ASP K 98 6.26 62.53 -41.49
CA ASP K 98 6.89 63.84 -41.67
C ASP K 98 6.48 64.86 -40.60
N VAL K 99 7.02 66.07 -40.71
CA VAL K 99 6.77 67.13 -39.73
C VAL K 99 6.83 68.54 -40.37
N PRO K 100 5.95 69.46 -39.93
CA PRO K 100 6.05 70.85 -40.32
C PRO K 100 7.36 71.49 -39.89
N VAL K 101 8.02 72.19 -40.81
CA VAL K 101 9.27 72.88 -40.51
C VAL K 101 9.22 74.39 -40.81
N GLY K 102 10.16 75.14 -40.26
CA GLY K 102 10.27 76.56 -40.53
C GLY K 102 10.24 77.44 -39.31
N PRO K 103 10.53 78.75 -39.48
CA PRO K 103 10.65 79.72 -38.39
C PRO K 103 9.32 80.04 -37.70
N GLY K 104 8.21 79.71 -38.36
CA GLY K 104 6.88 79.84 -37.76
C GLY K 104 6.73 79.01 -36.50
N LEU K 105 7.59 78.01 -36.35
CA LEU K 105 7.57 77.13 -35.20
C LEU K 105 8.17 77.77 -33.94
N LEU K 106 9.00 78.81 -34.14
CA LEU K 106 9.61 79.51 -33.00
C LEU K 106 8.55 80.03 -32.03
N GLY K 107 8.82 79.91 -30.74
CA GLY K 107 7.87 80.30 -29.70
C GLY K 107 6.82 79.25 -29.38
N ARG K 108 6.74 78.19 -30.20
CA ARG K 108 5.70 77.18 -30.06
C ARG K 108 6.13 75.89 -29.34
N VAL K 109 5.18 75.29 -28.64
CA VAL K 109 5.35 73.96 -28.03
C VAL K 109 4.51 72.99 -28.85
N VAL K 110 5.17 72.01 -29.45
CA VAL K 110 4.52 71.01 -30.28
C VAL K 110 4.73 69.59 -29.77
N ASP K 111 3.89 68.66 -30.24
CA ASP K 111 4.09 67.24 -29.99
C ASP K 111 5.01 66.66 -31.08
N ALA K 112 5.24 65.35 -31.02
CA ALA K 112 6.20 64.68 -31.90
C ALA K 112 5.95 64.83 -33.41
N LEU K 113 4.72 65.19 -33.78
CA LEU K 113 4.36 65.31 -35.20
C LEU K 113 4.13 66.77 -35.62
N GLY K 114 4.41 67.71 -34.71
CA GLY K 114 4.29 69.13 -35.03
C GLY K 114 2.94 69.74 -34.73
N ASN K 115 2.05 68.95 -34.12
CA ASN K 115 0.76 69.47 -33.68
C ASN K 115 0.97 70.39 -32.48
N PRO K 116 0.47 71.64 -32.56
CA PRO K 116 0.54 72.57 -31.43
C PRO K 116 -0.11 71.99 -30.18
N ILE K 117 0.53 72.19 -29.03
CA ILE K 117 -0.03 71.72 -27.77
C ILE K 117 -0.05 72.81 -26.69
N ASP K 118 0.46 74.00 -27.04
CA ASP K 118 0.46 75.16 -26.13
C ASP K 118 -0.87 75.94 -26.11
N GLY K 119 -1.72 75.67 -27.10
CA GLY K 119 -3.03 76.32 -27.22
C GLY K 119 -2.94 77.74 -27.74
N LYS K 120 -2.26 77.91 -28.86
CA LYS K 120 -2.07 79.24 -29.47
C LYS K 120 -2.33 79.18 -30.97
N GLY K 121 -3.16 78.21 -31.37
CA GLY K 121 -3.62 78.10 -32.75
C GLY K 121 -2.62 77.41 -33.63
N PRO K 122 -2.88 77.38 -34.96
CA PRO K 122 -2.08 76.65 -35.94
C PRO K 122 -0.63 77.14 -36.05
N ILE K 123 0.15 76.46 -36.89
CA ILE K 123 1.54 76.82 -37.14
C ILE K 123 1.74 77.13 -38.62
N ASP K 124 2.39 78.27 -38.92
CA ASP K 124 2.79 78.55 -40.30
C ASP K 124 3.98 77.68 -40.60
N ALA K 125 3.78 76.69 -41.44
CA ALA K 125 4.86 75.84 -41.86
C ALA K 125 5.45 76.36 -43.17
N ALA K 126 6.75 76.63 -43.17
CA ALA K 126 7.46 76.95 -44.40
C ALA K 126 7.52 75.75 -45.34
N GLY K 127 7.20 74.58 -44.80
CA GLY K 127 7.24 73.32 -45.54
C GLY K 127 7.25 72.12 -44.61
N ARG K 128 7.38 70.93 -45.20
CA ARG K 128 7.38 69.69 -44.42
C ARG K 128 8.59 68.82 -44.73
N SER K 129 9.20 68.26 -43.69
CA SER K 129 10.31 67.33 -43.84
C SER K 129 10.03 65.97 -43.19
N ARG K 130 10.60 64.92 -43.76
CA ARG K 130 10.55 63.57 -43.17
C ARG K 130 11.30 63.50 -41.85
N ALA K 131 10.83 62.64 -40.94
CA ALA K 131 11.50 62.43 -39.67
C ALA K 131 12.89 61.84 -39.88
N GLN K 132 12.99 60.83 -40.75
CA GLN K 132 14.25 60.18 -41.07
C GLN K 132 14.86 60.80 -42.32
N VAL K 133 15.89 61.63 -42.11
CA VAL K 133 16.60 62.28 -43.20
C VAL K 133 18.08 61.90 -43.11
N LYS K 134 18.68 61.56 -44.25
CA LYS K 134 20.11 61.25 -44.30
C LYS K 134 20.90 62.43 -43.75
N ALA K 135 21.96 62.11 -43.01
CA ALA K 135 22.91 63.11 -42.55
C ALA K 135 23.72 63.65 -43.73
N PRO K 136 24.22 64.89 -43.64
CA PRO K 136 25.13 65.41 -44.64
C PRO K 136 26.29 64.46 -44.84
N GLY K 137 26.61 64.18 -46.10
CA GLY K 137 27.70 63.28 -46.46
C GLY K 137 29.08 63.80 -46.09
N ILE K 138 30.10 63.13 -46.62
CA ILE K 138 31.49 63.46 -46.32
C ILE K 138 31.87 64.85 -46.83
N LEU K 139 31.37 65.20 -48.01
CA LEU K 139 31.83 66.38 -48.75
C LEU K 139 31.26 67.73 -48.27
N PRO K 140 29.91 67.85 -48.13
CA PRO K 140 29.32 69.16 -47.76
C PRO K 140 29.61 69.71 -46.36
N ARG K 141 30.53 69.11 -45.62
CA ARG K 141 30.90 69.65 -44.30
C ARG K 141 32.21 70.44 -44.34
N ARG K 142 32.40 71.33 -43.36
CA ARG K 142 33.70 71.94 -43.14
C ARG K 142 33.99 72.00 -41.65
N SER K 143 35.27 72.10 -41.29
CA SER K 143 35.69 72.15 -39.89
C SER K 143 34.82 73.07 -39.04
N VAL K 144 34.57 72.63 -37.81
CA VAL K 144 33.89 73.44 -36.81
C VAL K 144 34.85 74.54 -36.34
N HIS K 145 34.40 75.80 -36.44
CA HIS K 145 35.26 76.96 -36.11
C HIS K 145 34.54 78.09 -35.38
N GLU K 146 33.22 78.02 -35.30
CA GLU K 146 32.42 79.05 -34.64
C GLU K 146 31.95 78.57 -33.26
N PRO K 147 32.08 79.42 -32.22
CA PRO K 147 31.71 79.06 -30.84
C PRO K 147 30.21 78.90 -30.62
N VAL K 148 29.85 77.93 -29.78
CA VAL K 148 28.53 77.88 -29.16
C VAL K 148 28.75 78.39 -27.74
N GLN K 149 28.31 79.61 -27.50
CA GLN K 149 28.57 80.31 -26.24
C GLN K 149 27.59 79.87 -25.14
N THR K 150 28.11 79.17 -24.14
CA THR K 150 27.27 78.59 -23.09
C THR K 150 27.00 79.53 -21.93
N GLY K 151 27.98 80.38 -21.64
CA GLY K 151 27.87 81.28 -20.51
C GLY K 151 28.34 80.62 -19.23
N LEU K 152 28.72 79.36 -19.34
CA LEU K 152 29.20 78.61 -18.19
C LEU K 152 30.70 78.65 -18.24
N LYS K 153 31.28 79.19 -17.17
CA LYS K 153 32.74 79.38 -17.08
C LYS K 153 33.46 78.07 -17.36
N ALA K 154 33.06 77.04 -16.61
CA ALA K 154 33.63 75.70 -16.74
C ALA K 154 33.58 75.16 -18.17
N VAL K 155 32.42 75.25 -18.80
CA VAL K 155 32.24 74.68 -20.13
C VAL K 155 32.99 75.49 -21.17
N ASP K 156 32.73 76.79 -21.22
CA ASP K 156 33.30 77.65 -22.26
C ASP K 156 34.83 77.68 -22.25
N ALA K 157 35.40 77.64 -21.05
CA ALA K 157 36.86 77.59 -20.90
C ALA K 157 37.46 76.22 -21.19
N LEU K 158 36.87 75.17 -20.61
CA LEU K 158 37.52 73.86 -20.58
C LEU K 158 36.95 72.86 -21.57
N VAL K 159 35.64 72.91 -21.79
CA VAL K 159 34.96 72.00 -22.70
C VAL K 159 34.23 72.81 -23.79
N PRO K 160 35.00 73.50 -24.65
CA PRO K 160 34.39 74.43 -25.60
C PRO K 160 33.56 73.73 -26.68
N ILE K 161 32.27 74.07 -26.75
CA ILE K 161 31.40 73.53 -27.78
C ILE K 161 31.37 74.45 -29.01
N GLY K 162 31.50 73.87 -30.20
CA GLY K 162 31.42 74.61 -31.45
C GLY K 162 30.18 74.29 -32.27
N ARG K 163 29.98 75.05 -33.35
CA ARG K 163 28.76 74.93 -34.14
C ARG K 163 28.88 73.81 -35.18
N GLY K 164 27.94 72.87 -35.15
CA GLY K 164 28.01 71.66 -35.97
C GLY K 164 28.48 70.44 -35.20
N GLN K 165 28.86 70.68 -33.95
CA GLN K 165 29.38 69.63 -33.06
C GLN K 165 28.24 68.87 -32.37
N ARG K 166 28.58 67.68 -31.87
CA ARG K 166 27.70 66.93 -30.99
C ARG K 166 28.45 66.81 -29.69
N GLU K 167 27.85 67.29 -28.61
CA GLU K 167 28.49 67.19 -27.30
C GLU K 167 27.54 66.58 -26.28
N LEU K 168 27.91 65.42 -25.78
CA LEU K 168 27.07 64.65 -24.85
C LEU K 168 27.04 65.26 -23.47
N ILE K 169 25.84 65.41 -22.92
CA ILE K 169 25.66 65.70 -21.49
C ILE K 169 25.27 64.41 -20.77
N ILE K 170 26.12 63.98 -19.84
CA ILE K 170 26.02 62.64 -19.28
C ILE K 170 26.24 62.61 -17.76
N GLY K 171 25.45 61.80 -17.07
CA GLY K 171 25.54 61.65 -15.62
C GLY K 171 24.30 61.05 -15.02
N ASP K 172 24.37 60.69 -13.74
CA ASP K 172 23.24 60.14 -13.01
C ASP K 172 22.06 61.11 -12.95
N ARG K 173 20.92 60.60 -12.48
CA ARG K 173 19.73 61.42 -12.28
C ARG K 173 20.06 62.57 -11.32
N GLN K 174 19.32 63.68 -11.46
CA GLN K 174 19.55 64.90 -10.66
C GLN K 174 21.02 65.32 -10.46
N THR K 175 21.79 65.39 -11.55
CA THR K 175 23.18 65.86 -11.46
C THR K 175 23.38 67.23 -12.13
N GLY K 176 22.33 67.76 -12.74
CA GLY K 176 22.37 69.10 -13.33
C GLY K 176 22.45 69.06 -14.83
N LYS K 177 21.95 67.97 -15.42
CA LYS K 177 22.09 67.76 -16.86
C LYS K 177 21.20 68.71 -17.66
N THR K 178 19.92 68.76 -17.33
CA THR K 178 19.02 69.69 -17.99
C THR K 178 19.47 71.13 -17.72
N ALA K 179 19.92 71.38 -16.48
CA ALA K 179 20.42 72.69 -16.07
C ALA K 179 21.52 73.23 -16.98
N VAL K 180 22.38 72.33 -17.47
CA VAL K 180 23.47 72.73 -18.35
C VAL K 180 22.96 73.09 -19.75
N ALA K 181 22.00 72.33 -20.25
CA ALA K 181 21.40 72.65 -21.55
C ALA K 181 20.54 73.91 -21.47
N LEU K 182 19.89 74.10 -20.32
CA LEU K 182 18.98 75.22 -20.12
C LEU K 182 19.73 76.53 -20.07
N ASP K 183 20.75 76.61 -19.20
CA ASP K 183 21.59 77.79 -19.09
C ASP K 183 22.18 78.19 -20.45
N THR K 184 22.59 77.20 -21.24
CA THR K 184 23.08 77.44 -22.60
C THR K 184 22.04 78.13 -23.48
N ILE K 185 20.81 77.62 -23.45
CA ILE K 185 19.74 78.22 -24.25
C ILE K 185 19.50 79.66 -23.81
N LEU K 186 19.37 79.87 -22.50
CA LEU K 186 19.16 81.21 -21.93
C LEU K 186 20.22 82.21 -22.40
N ASN K 187 21.48 81.79 -22.38
CA ASN K 187 22.64 82.63 -22.74
C ASN K 187 22.64 83.13 -24.18
N GLN K 188 21.68 82.67 -24.98
CA GLN K 188 21.63 83.08 -26.39
C GLN K 188 20.87 84.40 -26.61
N LYS K 189 20.36 84.99 -25.53
CA LYS K 189 19.68 86.30 -25.60
C LYS K 189 20.60 87.39 -26.15
N ARG K 190 21.89 87.24 -25.88
CA ARG K 190 22.90 88.21 -26.27
C ARG K 190 22.99 88.44 -27.77
N TRP K 191 22.67 87.41 -28.55
CA TRP K 191 22.78 87.53 -30.01
C TRP K 191 21.45 87.44 -30.71
N ASN K 192 20.47 86.83 -30.06
CA ASN K 192 19.14 86.67 -30.68
C ASN K 192 18.31 87.96 -30.64
N ASN K 193 18.75 88.91 -29.81
CA ASN K 193 18.21 90.26 -29.83
C ASN K 193 18.82 91.12 -30.95
N GLY K 194 20.07 90.84 -31.31
CA GLY K 194 20.81 91.60 -32.33
C GLY K 194 20.35 91.44 -33.77
N SER K 195 21.19 91.90 -34.69
CA SER K 195 20.86 91.93 -36.13
C SER K 195 21.53 90.82 -36.92
N ASP K 196 22.80 90.56 -36.59
CA ASP K 196 23.64 89.56 -37.26
C ASP K 196 23.01 88.17 -37.23
N GLU K 197 22.47 87.76 -38.38
CA GLU K 197 21.81 86.45 -38.52
C GLU K 197 22.77 85.27 -38.39
N SER K 198 24.05 85.53 -38.65
CA SER K 198 25.09 84.50 -38.56
C SER K 198 25.57 84.28 -37.12
N LYS K 199 25.14 85.13 -36.20
CA LYS K 199 25.51 85.00 -34.80
C LYS K 199 24.35 84.56 -33.91
N LYS K 200 23.15 84.50 -34.48
CA LYS K 200 21.96 84.00 -33.78
C LYS K 200 21.96 82.46 -33.69
N LEU K 201 21.39 81.94 -32.61
CA LEU K 201 21.32 80.51 -32.36
C LEU K 201 19.90 80.10 -31.92
N TYR K 202 19.15 79.52 -32.85
CA TYR K 202 17.79 79.10 -32.56
C TYR K 202 17.80 77.74 -31.85
N CYS K 203 17.03 77.63 -30.78
CA CYS K 203 17.13 76.51 -29.86
C CYS K 203 15.96 75.54 -29.95
N VAL K 204 16.27 74.25 -30.10
CA VAL K 204 15.26 73.21 -30.13
C VAL K 204 15.46 72.29 -28.92
N TYR K 205 14.50 72.30 -28.01
CA TYR K 205 14.55 71.43 -26.86
C TYR K 205 13.56 70.28 -27.06
N VAL K 206 14.08 69.06 -27.04
CA VAL K 206 13.25 67.88 -27.21
C VAL K 206 13.09 67.19 -25.87
N ALA K 207 11.85 67.12 -25.40
CA ALA K 207 11.55 66.45 -24.15
C ALA K 207 11.00 65.04 -24.42
N VAL K 208 11.80 64.04 -24.09
CA VAL K 208 11.45 62.64 -24.33
C VAL K 208 11.27 61.94 -23.00
N GLY K 209 10.03 61.52 -22.72
CA GLY K 209 9.74 60.71 -21.54
C GLY K 209 9.54 61.46 -20.24
N GLN K 210 9.73 62.78 -20.27
CA GLN K 210 9.57 63.61 -19.07
C GLN K 210 8.10 63.76 -18.71
N LYS K 211 7.80 64.08 -17.46
CA LYS K 211 6.41 64.37 -17.10
C LYS K 211 5.99 65.76 -17.59
N ARG K 212 4.73 65.90 -17.97
CA ARG K 212 4.20 67.16 -18.52
C ARG K 212 4.47 68.37 -17.63
N SER K 213 4.23 68.21 -16.33
CA SER K 213 4.48 69.27 -15.38
C SER K 213 5.93 69.77 -15.39
N THR K 214 6.85 68.92 -15.83
CA THR K 214 8.27 69.26 -15.90
C THR K 214 8.56 70.10 -17.14
N VAL K 215 7.89 69.77 -18.24
CA VAL K 215 8.04 70.53 -19.47
C VAL K 215 7.37 71.90 -19.27
N ALA K 216 6.21 71.89 -18.62
CA ALA K 216 5.47 73.12 -18.30
C ALA K 216 6.32 74.05 -17.44
N GLN K 217 6.95 73.50 -16.41
CA GLN K 217 7.82 74.25 -15.53
C GLN K 217 9.02 74.82 -16.29
N LEU K 218 9.48 74.09 -17.32
CA LEU K 218 10.60 74.53 -18.13
C LEU K 218 10.20 75.67 -19.04
N VAL K 219 9.04 75.51 -19.70
CA VAL K 219 8.54 76.53 -20.61
C VAL K 219 8.32 77.85 -19.84
N GLN K 220 7.67 77.77 -18.68
CA GLN K 220 7.48 78.92 -17.80
C GLN K 220 8.81 79.65 -17.62
N THR K 221 9.82 78.91 -17.17
CA THR K 221 11.17 79.43 -16.97
C THR K 221 11.74 80.09 -18.23
N LEU K 222 11.47 79.54 -19.41
CA LEU K 222 11.98 80.11 -20.64
C LEU K 222 11.29 81.42 -21.02
N GLU K 223 10.03 81.55 -20.61
CA GLU K 223 9.24 82.75 -20.85
C GLU K 223 9.63 83.90 -19.91
N GLN K 224 9.81 83.58 -18.63
CA GLN K 224 10.24 84.54 -17.63
C GLN K 224 11.63 85.13 -17.91
N HIS K 225 12.33 84.53 -18.88
CA HIS K 225 13.64 85.02 -19.30
C HIS K 225 13.57 85.49 -20.76
N ASP K 226 12.36 85.54 -21.32
CA ASP K 226 12.12 85.99 -22.70
C ASP K 226 12.95 85.20 -23.74
N ALA K 227 13.13 83.90 -23.46
CA ALA K 227 13.93 83.03 -24.33
C ALA K 227 13.06 82.19 -25.28
N MET K 228 11.81 81.95 -24.89
CA MET K 228 10.85 81.20 -25.72
C MET K 228 10.77 81.64 -27.18
N LYS K 229 10.94 82.93 -27.42
CA LYS K 229 10.81 83.49 -28.77
C LYS K 229 11.78 82.91 -29.80
N TYR K 230 12.95 82.46 -29.35
CA TYR K 230 13.92 81.83 -30.25
C TYR K 230 14.03 80.32 -29.99
N SER K 231 13.04 79.77 -29.28
CA SER K 231 13.05 78.38 -28.86
C SER K 231 11.85 77.61 -29.40
N ILE K 232 12.09 76.38 -29.81
CA ILE K 232 11.04 75.43 -30.16
C ILE K 232 11.09 74.27 -29.17
N ILE K 233 9.94 73.96 -28.57
CA ILE K 233 9.82 72.81 -27.67
C ILE K 233 9.05 71.68 -28.34
N VAL K 234 9.72 70.52 -28.48
CA VAL K 234 9.08 69.31 -29.01
C VAL K 234 8.94 68.29 -27.87
N ALA K 235 7.70 67.98 -27.50
CA ALA K 235 7.41 67.13 -26.35
C ALA K 235 6.77 65.79 -26.71
N ALA K 236 7.36 64.72 -26.19
CA ALA K 236 6.77 63.39 -26.20
C ALA K 236 6.91 62.87 -24.78
N THR K 237 5.89 63.15 -23.98
CA THR K 237 5.96 62.96 -22.53
C THR K 237 5.66 61.53 -22.07
N ALA K 238 6.00 61.25 -20.83
CA ALA K 238 5.96 59.90 -20.24
C ALA K 238 4.74 59.06 -20.56
N SER K 239 3.56 59.68 -20.65
CA SER K 239 2.32 58.91 -20.91
C SER K 239 1.99 58.74 -22.39
N GLU K 240 2.74 59.39 -23.26
CA GLU K 240 2.47 59.34 -24.68
C GLU K 240 3.02 58.04 -25.25
N ALA K 241 2.35 57.53 -26.29
CA ALA K 241 2.72 56.26 -26.91
C ALA K 241 4.19 56.25 -27.31
N ALA K 242 4.79 55.06 -27.25
CA ALA K 242 6.22 54.87 -27.45
C ALA K 242 6.72 55.30 -28.83
N PRO K 243 5.94 55.06 -29.90
CA PRO K 243 6.38 55.54 -31.21
C PRO K 243 6.63 57.06 -31.23
N LEU K 244 5.85 57.81 -30.43
CA LEU K 244 5.99 59.27 -30.37
C LEU K 244 7.29 59.67 -29.67
N GLN K 245 7.61 58.96 -28.58
CA GLN K 245 8.86 59.20 -27.86
C GLN K 245 10.08 58.82 -28.70
N TYR K 246 9.90 57.81 -29.55
CA TYR K 246 10.96 57.35 -30.45
C TYR K 246 11.18 58.37 -31.59
N LEU K 247 10.08 58.89 -32.13
CA LEU K 247 10.10 59.84 -33.23
C LEU K 247 10.63 61.22 -32.83
N ALA K 248 10.18 61.70 -31.67
CA ALA K 248 10.43 63.08 -31.23
C ALA K 248 11.82 63.60 -31.62
N PRO K 249 12.91 62.90 -31.24
CA PRO K 249 14.24 63.37 -31.64
C PRO K 249 14.45 63.50 -33.15
N PHE K 250 13.98 62.54 -33.95
CA PHE K 250 14.16 62.61 -35.41
C PHE K 250 13.37 63.76 -36.00
N THR K 251 12.17 63.92 -35.48
CA THR K 251 11.26 64.96 -35.91
C THR K 251 11.80 66.36 -35.52
N ALA K 252 12.28 66.48 -34.29
CA ALA K 252 12.86 67.71 -33.80
C ALA K 252 14.12 68.02 -34.56
N ALA K 253 14.84 66.99 -34.97
CA ALA K 253 16.04 67.18 -35.79
C ALA K 253 15.68 67.84 -37.13
N SER K 254 14.62 67.36 -37.77
CA SER K 254 14.16 67.93 -39.03
C SER K 254 13.80 69.40 -38.88
N ILE K 255 13.12 69.73 -37.79
CA ILE K 255 12.76 71.11 -37.46
C ILE K 255 14.02 71.97 -37.31
N GLY K 256 14.97 71.50 -36.50
CA GLY K 256 16.25 72.18 -36.31
C GLY K 256 17.08 72.24 -37.58
N GLU K 257 16.78 71.38 -38.54
CA GLU K 257 17.51 71.32 -39.81
C GLU K 257 17.14 72.44 -40.77
N TRP K 258 15.90 72.92 -40.67
CA TRP K 258 15.45 74.03 -41.51
C TRP K 258 16.39 75.23 -41.38
N PHE K 259 16.83 75.52 -40.16
CA PHE K 259 17.81 76.58 -39.93
C PHE K 259 19.15 76.28 -40.57
N ARG K 260 19.67 75.07 -40.33
CA ARG K 260 20.95 74.64 -40.87
C ARG K 260 20.97 74.73 -42.39
N ASP K 261 19.88 74.35 -43.03
CA ASP K 261 19.80 74.29 -44.50
C ASP K 261 19.70 75.68 -45.15
N ASN K 262 19.11 76.62 -44.42
CA ASN K 262 18.89 77.98 -44.91
C ASN K 262 19.89 78.99 -44.33
N GLY K 263 21.14 78.55 -44.23
CA GLY K 263 22.24 79.41 -43.78
C GLY K 263 22.16 79.95 -42.36
N LYS K 264 21.28 79.38 -41.55
CA LYS K 264 21.13 79.79 -40.14
C LYS K 264 21.71 78.73 -39.18
N HIS K 265 21.69 79.02 -37.88
CA HIS K 265 22.31 78.14 -36.88
C HIS K 265 21.33 77.77 -35.77
N ALA K 266 21.22 76.47 -35.52
CA ALA K 266 20.32 75.93 -34.50
C ALA K 266 21.06 75.08 -33.47
N LEU K 267 20.50 75.02 -32.26
CA LEU K 267 21.01 74.17 -31.20
C LEU K 267 19.92 73.21 -30.76
N ILE K 268 20.19 71.91 -30.84
CA ILE K 268 19.23 70.91 -30.40
C ILE K 268 19.64 70.12 -29.14
N VAL K 269 18.74 70.11 -28.16
CA VAL K 269 18.91 69.36 -26.93
C VAL K 269 17.96 68.16 -26.96
N TYR K 270 18.54 66.95 -26.90
CA TYR K 270 17.76 65.72 -26.80
C TYR K 270 17.73 65.31 -25.34
N ASP K 271 16.59 65.50 -24.70
CA ASP K 271 16.50 65.30 -23.27
C ASP K 271 15.39 64.30 -22.92
N ASP K 272 15.73 63.01 -22.79
CA ASP K 272 17.07 62.49 -23.07
C ASP K 272 17.03 61.32 -24.06
N LEU K 273 18.20 60.82 -24.45
CA LEU K 273 18.29 59.71 -25.38
C LEU K 273 18.14 58.34 -24.71
N SER K 274 18.35 58.29 -23.39
CA SER K 274 18.08 57.07 -22.63
C SER K 274 16.63 56.65 -22.83
N LYS K 275 15.71 57.55 -22.51
CA LYS K 275 14.30 57.24 -22.57
C LYS K 275 13.83 57.01 -23.99
N GLN K 276 14.54 57.57 -24.97
CA GLN K 276 14.22 57.33 -26.37
C GLN K 276 14.53 55.89 -26.74
N ALA K 277 15.70 55.43 -26.31
CA ALA K 277 16.13 54.05 -26.48
C ALA K 277 15.09 53.07 -25.91
N VAL K 278 14.62 53.35 -24.70
CA VAL K 278 13.57 52.53 -24.05
C VAL K 278 12.31 52.46 -24.88
N ALA K 279 11.91 53.58 -25.46
CA ALA K 279 10.73 53.63 -26.32
C ALA K 279 10.93 52.84 -27.61
N TYR K 280 12.12 52.93 -28.21
CA TYR K 280 12.42 52.11 -29.39
C TYR K 280 12.34 50.63 -29.04
N ARG K 281 12.90 50.27 -27.88
CA ARG K 281 12.87 48.90 -27.38
C ARG K 281 11.44 48.40 -27.24
N GLN K 282 10.56 49.23 -26.68
CA GLN K 282 9.14 48.90 -26.49
C GLN K 282 8.47 48.56 -27.81
N LEU K 283 8.69 49.40 -28.81
CA LEU K 283 8.24 49.13 -30.19
C LEU K 283 8.66 47.79 -30.75
N SER K 284 9.97 47.50 -30.72
CA SER K 284 10.51 46.36 -31.47
C SER K 284 10.12 45.06 -30.83
N LEU K 285 10.20 45.02 -29.50
CA LEU K 285 9.80 43.82 -28.78
C LEU K 285 8.34 43.50 -29.09
N LEU K 286 7.49 44.52 -29.02
CA LEU K 286 6.07 44.35 -29.28
C LEU K 286 5.75 44.08 -30.74
N LEU K 287 6.63 44.50 -31.65
CA LEU K 287 6.49 44.11 -33.06
C LEU K 287 7.12 42.73 -33.30
N ARG K 288 7.64 42.12 -32.24
CA ARG K 288 8.23 40.77 -32.26
C ARG K 288 9.52 40.69 -33.07
N ARG K 289 10.23 41.81 -33.08
CA ARG K 289 11.55 41.88 -33.68
C ARG K 289 12.55 41.26 -32.71
N PRO K 290 13.58 40.57 -33.24
CA PRO K 290 14.50 39.85 -32.35
C PRO K 290 15.25 40.78 -31.38
N PRO K 291 15.25 40.45 -30.07
CA PRO K 291 15.96 41.27 -29.09
C PRO K 291 17.44 40.96 -29.02
N GLY K 292 18.24 41.98 -28.71
CA GLY K 292 19.66 41.82 -28.44
C GLY K 292 20.00 42.16 -27.01
N ARG K 293 21.26 42.49 -26.75
CA ARG K 293 21.71 42.92 -25.45
C ARG K 293 20.72 43.88 -24.74
N GLU K 294 20.48 43.60 -23.45
CA GLU K 294 19.50 44.33 -22.63
C GLU K 294 18.14 44.50 -23.28
N ALA K 295 17.81 43.60 -24.21
CA ALA K 295 16.53 43.59 -24.90
C ALA K 295 16.33 44.70 -25.94
N TYR K 296 17.35 45.54 -26.15
CA TYR K 296 17.30 46.54 -27.24
C TYR K 296 17.39 45.82 -28.58
N PRO K 297 16.91 46.44 -29.66
CA PRO K 297 17.00 45.81 -30.97
C PRO K 297 18.45 45.72 -31.45
N GLY K 298 18.67 44.92 -32.49
CA GLY K 298 19.99 44.74 -33.07
C GLY K 298 20.59 46.09 -33.44
N ASP K 299 19.80 46.92 -34.07
CA ASP K 299 20.27 48.21 -34.58
C ASP K 299 20.06 49.38 -33.60
N VAL K 300 20.44 49.19 -32.33
CA VAL K 300 20.19 50.26 -31.36
C VAL K 300 21.30 51.32 -31.36
N PHE K 301 22.46 50.96 -31.88
CA PHE K 301 23.53 51.90 -32.09
C PHE K 301 23.10 52.84 -33.21
N TYR K 302 22.50 52.25 -34.24
CA TYR K 302 22.02 52.95 -35.41
C TYR K 302 20.79 53.82 -35.11
N LEU K 303 20.09 53.54 -34.01
CA LEU K 303 19.02 54.43 -33.55
C LEU K 303 19.59 55.83 -33.28
N HIS K 304 20.74 55.86 -32.62
CA HIS K 304 21.35 57.08 -32.15
C HIS K 304 22.37 57.69 -33.12
N SER K 305 23.11 56.84 -33.83
CA SER K 305 24.12 57.32 -34.77
C SER K 305 23.44 57.99 -35.97
N ARG K 306 22.38 57.36 -36.45
CA ARG K 306 21.54 57.93 -37.49
C ARG K 306 21.07 59.33 -37.13
N LEU K 307 20.81 59.56 -35.84
CA LEU K 307 20.22 60.81 -35.39
C LEU K 307 21.28 61.88 -35.27
N LEU K 308 22.35 61.57 -34.54
CA LEU K 308 23.34 62.54 -34.16
C LEU K 308 24.24 63.00 -35.31
N GLU K 309 24.40 62.17 -36.32
CA GLU K 309 25.20 62.54 -37.49
C GLU K 309 24.54 63.66 -38.31
N ARG K 310 23.26 63.92 -38.04
CA ARG K 310 22.53 64.99 -38.72
C ARG K 310 22.93 66.38 -38.22
N ALA K 311 23.47 66.43 -37.00
CA ALA K 311 24.13 67.64 -36.53
C ALA K 311 25.42 67.77 -37.30
N ALA K 312 25.70 68.98 -37.80
CA ALA K 312 26.78 69.22 -38.77
C ALA K 312 27.04 70.69 -39.01
N LYS K 313 28.29 71.01 -39.34
CA LYS K 313 28.69 72.31 -39.88
C LYS K 313 28.82 72.21 -41.40
N LEU K 314 27.95 72.92 -42.11
CA LEU K 314 27.92 72.88 -43.57
C LEU K 314 29.01 73.74 -44.22
N SER K 315 29.35 73.42 -45.46
CA SER K 315 30.35 74.17 -46.24
C SER K 315 29.76 75.50 -46.76
N GLU K 316 30.66 76.39 -47.18
CA GLU K 316 30.27 77.65 -47.84
C GLU K 316 29.31 77.39 -49.01
N LYS K 317 29.67 76.40 -49.83
CA LYS K 317 28.90 76.00 -51.00
C LYS K 317 27.42 75.72 -50.66
N GLU K 318 27.20 75.09 -49.51
CA GLU K 318 25.86 74.62 -49.11
C GLU K 318 25.14 75.59 -48.17
N GLY K 319 25.71 76.78 -47.99
CA GLY K 319 25.06 77.86 -47.24
C GLY K 319 25.69 78.19 -45.91
N SER K 320 26.65 77.36 -45.49
CA SER K 320 27.38 77.52 -44.21
C SER K 320 26.56 77.37 -42.90
N GLY K 321 25.33 76.87 -43.01
CA GLY K 321 24.50 76.61 -41.82
C GLY K 321 25.05 75.53 -40.89
N SER K 322 24.54 75.53 -39.67
CA SER K 322 24.96 74.55 -38.68
C SER K 322 23.81 74.04 -37.84
N LEU K 323 23.88 72.78 -37.43
CA LEU K 323 23.04 72.22 -36.38
C LEU K 323 23.95 71.64 -35.32
N THR K 324 23.75 72.08 -34.08
CA THR K 324 24.54 71.61 -32.94
C THR K 324 23.66 70.81 -32.00
N ALA K 325 24.19 69.67 -31.54
CA ALA K 325 23.42 68.74 -30.75
C ALA K 325 24.02 68.57 -29.39
N LEU K 326 23.15 68.66 -28.39
CA LEU K 326 23.51 68.35 -27.04
C LEU K 326 22.64 67.18 -26.57
N PRO K 327 22.97 65.96 -27.02
CA PRO K 327 22.20 64.81 -26.52
C PRO K 327 22.40 64.67 -25.02
N VAL K 328 21.38 64.19 -24.33
CA VAL K 328 21.48 63.87 -22.92
C VAL K 328 21.36 62.36 -22.69
N ILE K 329 22.22 61.83 -21.83
CA ILE K 329 22.22 60.44 -21.42
C ILE K 329 22.23 60.38 -19.90
N GLU K 330 21.29 59.63 -19.34
CA GLU K 330 21.29 59.37 -17.91
C GLU K 330 22.02 58.06 -17.67
N THR K 331 23.11 58.12 -16.92
CA THR K 331 23.81 56.90 -16.52
C THR K 331 23.14 56.37 -15.27
N GLN K 332 23.36 55.09 -14.99
CA GLN K 332 22.69 54.44 -13.87
C GLN K 332 23.38 54.55 -12.51
N GLY K 333 24.60 54.05 -12.39
CA GLY K 333 25.30 54.15 -11.11
C GLY K 333 26.60 54.91 -11.21
N GLY K 334 26.72 55.72 -12.26
CA GLY K 334 27.98 56.36 -12.63
C GLY K 334 28.65 55.50 -13.69
N ASP K 335 27.91 54.49 -14.15
CA ASP K 335 28.46 53.51 -15.07
C ASP K 335 28.45 54.02 -16.51
N VAL K 336 29.47 54.80 -16.87
CA VAL K 336 29.67 55.27 -18.25
C VAL K 336 30.02 54.14 -19.21
N SER K 337 30.36 52.97 -18.65
CA SER K 337 30.67 51.78 -19.45
C SER K 337 29.42 50.96 -19.76
N ALA K 338 28.29 51.38 -19.16
CA ALA K 338 26.97 50.81 -19.46
C ALA K 338 26.69 50.84 -20.96
N TYR K 339 25.75 50.00 -21.38
CA TYR K 339 25.50 49.76 -22.81
C TYR K 339 25.20 51.01 -23.65
N ILE K 340 23.99 51.57 -23.51
CA ILE K 340 23.57 52.75 -24.29
C ILE K 340 24.47 53.98 -24.11
N PRO K 341 24.87 54.30 -22.87
CA PRO K 341 25.81 55.43 -22.71
C PRO K 341 27.06 55.25 -23.58
N THR K 342 27.63 54.05 -23.54
CA THR K 342 28.79 53.68 -24.35
C THR K 342 28.58 53.84 -25.87
N ASN K 343 27.38 53.54 -26.36
CA ASN K 343 27.04 53.81 -27.75
C ASN K 343 27.19 55.30 -28.05
N VAL K 344 26.47 56.11 -27.27
CA VAL K 344 26.40 57.56 -27.49
C VAL K 344 27.75 58.27 -27.27
N ILE K 345 28.50 57.84 -26.26
CA ILE K 345 29.86 58.36 -26.02
C ILE K 345 30.75 58.19 -27.25
N SER K 346 30.54 57.12 -28.00
CA SER K 346 31.39 56.82 -29.14
C SER K 346 30.87 57.51 -30.40
N ILE K 347 29.63 58.00 -30.34
CA ILE K 347 29.04 58.72 -31.46
C ILE K 347 29.44 60.20 -31.42
N THR K 348 29.28 60.83 -30.26
CA THR K 348 29.49 62.27 -30.10
C THR K 348 30.96 62.68 -30.23
N ASP K 349 31.21 63.99 -30.21
CA ASP K 349 32.54 64.56 -30.42
C ASP K 349 33.22 64.83 -29.07
N GLY K 350 32.54 64.50 -27.98
CA GLY K 350 33.07 64.76 -26.66
C GLY K 350 31.94 64.67 -25.70
N GLN K 351 32.22 64.82 -24.42
CA GLN K 351 31.18 64.73 -23.41
C GLN K 351 31.45 65.63 -22.25
N ILE K 352 30.38 66.17 -21.67
CA ILE K 352 30.44 66.83 -20.38
C ILE K 352 29.89 65.85 -19.38
N PHE K 353 30.71 65.49 -18.40
CA PHE K 353 30.34 64.48 -17.42
C PHE K 353 30.08 65.12 -16.06
N LEU K 354 28.92 64.80 -15.48
CA LEU K 354 28.51 65.36 -14.18
C LEU K 354 28.44 64.32 -13.08
N GLU K 355 28.88 64.69 -11.88
CA GLU K 355 29.01 63.76 -10.76
C GLU K 355 28.28 64.24 -9.51
N ALA K 356 27.48 63.37 -8.92
CA ALA K 356 26.74 63.68 -7.71
C ALA K 356 27.69 64.08 -6.60
N GLU K 357 28.85 63.44 -6.58
CA GLU K 357 29.89 63.74 -5.60
C GLU K 357 30.29 65.20 -5.66
N LEU K 358 30.63 65.68 -6.86
CA LEU K 358 30.97 67.07 -7.06
C LEU K 358 29.83 67.97 -6.59
N PHE K 359 28.62 67.63 -7.00
CA PHE K 359 27.41 68.37 -6.62
C PHE K 359 27.32 68.58 -5.12
N TYR K 360 27.44 67.50 -4.35
CA TYR K 360 27.34 67.59 -2.88
C TYR K 360 28.48 68.39 -2.25
N LYS K 361 29.65 68.38 -2.91
CA LYS K 361 30.85 69.09 -2.43
C LYS K 361 30.71 70.60 -2.55
N GLY K 362 29.80 71.03 -3.43
CA GLY K 362 29.57 72.45 -3.68
C GLY K 362 29.96 72.84 -5.08
N ILE K 363 30.60 71.92 -5.81
CA ILE K 363 30.98 72.16 -7.19
C ILE K 363 29.75 72.07 -8.09
N ARG K 364 29.35 73.21 -8.63
CA ARG K 364 28.12 73.37 -9.41
C ARG K 364 28.33 74.50 -10.42
N PRO K 365 28.23 74.20 -11.73
CA PRO K 365 27.91 72.91 -12.35
C PRO K 365 28.92 71.81 -11.98
N ALA K 366 28.39 70.63 -11.70
CA ALA K 366 29.15 69.52 -11.15
C ALA K 366 29.95 68.76 -12.21
N ILE K 367 30.76 69.51 -12.95
CA ILE K 367 31.49 68.98 -14.10
C ILE K 367 32.86 68.42 -13.70
N ASN K 368 33.07 67.14 -13.99
CA ASN K 368 34.38 66.52 -13.82
C ASN K 368 35.28 66.95 -14.96
N VAL K 369 36.24 67.82 -14.65
CA VAL K 369 37.12 68.39 -15.64
C VAL K 369 38.02 67.32 -16.26
N GLY K 370 38.39 66.32 -15.47
CA GLY K 370 39.28 65.26 -15.94
C GLY K 370 38.62 64.34 -16.94
N LEU K 371 37.32 64.09 -16.77
CA LEU K 371 36.60 63.14 -17.63
C LEU K 371 35.80 63.82 -18.75
N SER K 372 35.79 65.15 -18.76
CA SER K 372 35.06 65.88 -19.80
C SER K 372 36.03 66.40 -20.86
N VAL K 373 35.63 66.27 -22.13
CA VAL K 373 36.45 66.73 -23.24
C VAL K 373 35.59 67.27 -24.36
N SER K 374 36.20 68.11 -25.18
CA SER K 374 35.67 68.43 -26.49
C SER K 374 36.77 68.13 -27.50
N ARG K 375 36.56 67.09 -28.30
CA ARG K 375 37.57 66.63 -29.27
C ARG K 375 37.80 67.64 -30.40
N VAL K 376 36.79 68.48 -30.65
CA VAL K 376 36.93 69.65 -31.51
C VAL K 376 37.88 70.62 -30.81
N GLY K 377 37.56 70.96 -29.56
CA GLY K 377 38.44 71.74 -28.70
C GLY K 377 38.51 73.23 -29.00
N SER K 378 39.75 73.74 -29.03
CA SER K 378 40.05 75.15 -29.21
C SER K 378 39.49 75.76 -30.48
N ALA K 379 39.50 74.99 -31.56
CA ALA K 379 39.11 75.48 -32.90
C ALA K 379 37.89 76.40 -32.90
N ALA K 380 36.96 76.15 -31.98
CA ALA K 380 35.75 76.97 -31.87
C ALA K 380 35.59 77.59 -30.47
N GLN K 381 36.69 78.11 -29.95
CA GLN K 381 36.67 78.87 -28.71
C GLN K 381 37.02 80.31 -29.03
N VAL K 382 36.46 81.25 -28.27
CA VAL K 382 36.81 82.67 -28.43
C VAL K 382 38.29 82.87 -28.08
N LYS K 383 39.04 83.45 -29.02
CA LYS K 383 40.49 83.64 -28.90
C LYS K 383 40.94 84.21 -27.55
N ALA K 384 40.16 85.15 -27.02
CA ALA K 384 40.45 85.79 -25.73
C ALA K 384 40.37 84.82 -24.58
N LEU K 385 39.40 83.91 -24.65
CA LEU K 385 39.24 82.86 -23.65
C LEU K 385 40.34 81.81 -23.82
N LYS K 386 40.65 81.47 -25.08
CA LYS K 386 41.71 80.52 -25.42
C LYS K 386 43.09 80.95 -24.91
N GLN K 387 43.30 82.26 -24.81
CA GLN K 387 44.58 82.80 -24.35
C GLN K 387 44.81 82.68 -22.85
N VAL K 388 43.73 82.72 -22.08
CA VAL K 388 43.82 82.54 -20.62
C VAL K 388 43.47 81.12 -20.18
N ALA K 389 42.67 80.43 -20.98
CA ALA K 389 42.25 79.06 -20.67
C ALA K 389 43.35 78.03 -20.95
N GLY K 390 44.19 78.31 -21.94
CA GLY K 390 45.28 77.42 -22.33
C GLY K 390 46.07 76.86 -21.15
N SER K 391 46.42 77.74 -20.22
CA SER K 391 47.15 77.32 -19.02
C SER K 391 46.25 77.15 -17.80
N LEU K 392 44.94 77.39 -17.96
CA LEU K 392 43.94 77.03 -16.93
C LEU K 392 43.71 75.53 -16.95
N LYS K 393 43.89 74.94 -18.13
CA LYS K 393 43.94 73.50 -18.30
C LYS K 393 45.12 72.93 -17.50
N LEU K 394 46.29 73.55 -17.69
CA LEU K 394 47.53 73.12 -17.05
C LEU K 394 47.43 73.14 -15.52
N PHE K 395 47.27 74.34 -14.94
CA PHE K 395 47.24 74.52 -13.48
C PHE K 395 46.25 73.59 -12.78
N LEU K 396 45.18 73.23 -13.48
CA LEU K 396 44.13 72.34 -12.94
C LEU K 396 44.48 70.87 -13.05
N ALA K 397 45.04 70.48 -14.18
CA ALA K 397 45.51 69.10 -14.37
C ALA K 397 46.58 68.79 -13.33
N GLN K 398 47.44 69.78 -13.08
CA GLN K 398 48.47 69.70 -12.06
C GLN K 398 47.86 69.64 -10.65
N TYR K 399 46.76 70.36 -10.46
CA TYR K 399 46.07 70.38 -9.16
C TYR K 399 45.43 69.03 -8.83
N ARG K 400 44.78 68.42 -9.82
CA ARG K 400 44.11 67.12 -9.64
C ARG K 400 45.09 66.00 -9.32
N GLU K 401 46.31 66.15 -9.82
CA GLU K 401 47.37 65.18 -9.58
C GLU K 401 47.81 65.20 -8.11
N VAL K 402 47.86 66.39 -7.54
CA VAL K 402 48.48 66.64 -6.25
C VAL K 402 47.44 66.83 -5.13
N ALA K 403 46.16 66.81 -5.50
CA ALA K 403 45.04 67.08 -4.59
C ALA K 403 45.02 66.28 -3.29
N ALA K 404 45.54 65.05 -3.32
CA ALA K 404 45.56 64.18 -2.15
C ALA K 404 46.50 64.66 -1.03
N PHE K 405 47.42 65.57 -1.39
CA PHE K 405 48.41 66.10 -0.43
C PHE K 405 47.87 67.21 0.47
N ALA K 406 46.66 67.69 0.18
CA ALA K 406 45.99 68.71 0.99
C ALA K 406 45.66 68.20 2.38
N GLN K 407 45.57 66.87 2.52
CA GLN K 407 45.32 66.22 3.80
C GLN K 407 46.54 66.32 4.73
N PHE K 408 47.71 66.59 4.16
CA PHE K 408 48.96 66.77 4.90
C PHE K 408 49.50 68.18 4.68
N GLY K 409 48.78 69.17 5.18
CA GLY K 409 49.15 70.60 5.03
C GLY K 409 50.46 70.95 5.70
N SER K 410 50.67 70.35 6.88
CA SER K 410 51.87 70.53 7.67
C SER K 410 53.17 70.09 6.96
N ASP K 411 53.05 69.19 5.99
CA ASP K 411 54.20 68.52 5.35
C ASP K 411 54.58 69.05 3.96
N LEU K 412 53.90 70.10 3.50
CA LEU K 412 54.00 70.54 2.12
C LEU K 412 55.26 71.32 1.79
N ASP K 413 55.82 71.06 0.61
CA ASP K 413 56.94 71.83 0.07
C ASP K 413 56.44 73.10 -0.64
N ALA K 414 57.35 73.83 -1.30
CA ALA K 414 57.05 75.15 -1.85
C ALA K 414 56.11 75.16 -3.06
N SER K 415 56.49 74.46 -4.13
CA SER K 415 55.70 74.45 -5.38
C SER K 415 54.42 73.61 -5.27
N THR K 416 54.40 72.68 -4.31
CA THR K 416 53.22 71.87 -4.05
C THR K 416 52.14 72.68 -3.31
N LYS K 417 52.54 73.42 -2.28
CA LYS K 417 51.62 74.32 -1.60
C LYS K 417 51.06 75.37 -2.57
N GLN K 418 51.94 75.87 -3.44
CA GLN K 418 51.60 76.84 -4.47
C GLN K 418 50.54 76.32 -5.45
N THR K 419 50.69 75.06 -5.87
CA THR K 419 49.75 74.42 -6.79
C THR K 419 48.37 74.25 -6.14
N LEU K 420 48.35 73.82 -4.89
CA LEU K 420 47.10 73.66 -4.13
C LEU K 420 46.34 74.96 -3.96
N VAL K 421 47.05 76.02 -3.58
CA VAL K 421 46.44 77.34 -3.39
C VAL K 421 45.79 77.85 -4.68
N ARG K 422 46.50 77.74 -5.80
CA ARG K 422 45.97 78.18 -7.09
C ARG K 422 44.78 77.32 -7.51
N GLY K 423 44.92 76.00 -7.36
CA GLY K 423 43.88 75.04 -7.72
C GLY K 423 42.57 75.27 -6.98
N GLU K 424 42.64 75.21 -5.65
CA GLU K 424 41.49 75.47 -4.79
C GLU K 424 40.74 76.72 -5.22
N ARG K 425 41.49 77.72 -5.63
CA ARG K 425 40.93 79.00 -6.07
C ARG K 425 40.30 78.91 -7.46
N LEU K 426 40.98 78.27 -8.41
CA LEU K 426 40.44 78.13 -9.76
C LEU K 426 39.19 77.26 -9.79
N THR K 427 39.10 76.31 -8.84
CA THR K 427 37.93 75.45 -8.71
C THR K 427 36.73 76.27 -8.19
N GLN K 428 36.97 77.04 -7.12
CA GLN K 428 35.95 77.91 -6.53
C GLN K 428 35.51 78.98 -7.52
N LEU K 429 36.38 79.28 -8.48
CA LEU K 429 36.12 80.24 -9.54
C LEU K 429 35.12 79.67 -10.54
N LEU K 430 35.14 78.35 -10.74
CA LEU K 430 34.30 77.72 -11.74
C LEU K 430 32.91 77.37 -11.22
N LYS K 431 32.73 77.49 -9.90
CA LYS K 431 31.40 77.44 -9.30
C LYS K 431 30.54 78.54 -9.89
N GLN K 432 29.27 78.26 -10.14
CA GLN K 432 28.40 79.19 -10.84
C GLN K 432 26.96 78.89 -10.49
N ASN K 433 26.25 79.89 -10.01
CA ASN K 433 24.83 79.75 -9.73
C ASN K 433 24.05 79.44 -11.01
N GLN K 434 22.89 78.79 -10.85
CA GLN K 434 22.06 78.42 -11.97
C GLN K 434 21.33 79.64 -12.58
N TYR K 435 21.03 79.57 -13.88
CA TYR K 435 20.33 80.62 -14.61
C TYR K 435 21.13 81.93 -14.68
N SER K 436 22.44 81.84 -14.51
CA SER K 436 23.31 83.02 -14.47
C SER K 436 24.48 82.91 -15.44
N PRO K 437 24.19 82.69 -16.74
CA PRO K 437 25.29 82.58 -17.71
C PRO K 437 26.01 83.91 -17.88
N LEU K 438 27.33 83.88 -17.95
CA LEU K 438 28.13 85.09 -18.09
C LEU K 438 28.58 85.30 -19.53
N ALA K 439 28.70 86.57 -19.93
CA ALA K 439 29.21 86.90 -21.27
C ALA K 439 30.71 86.61 -21.35
N THR K 440 31.21 86.45 -22.57
CA THR K 440 32.62 86.16 -22.81
C THR K 440 33.53 87.21 -22.15
N GLU K 441 33.20 88.48 -22.37
CA GLU K 441 33.98 89.58 -21.81
C GLU K 441 33.95 89.62 -20.28
N GLU K 442 32.92 89.02 -19.68
CA GLU K 442 32.84 88.90 -18.22
C GLU K 442 33.65 87.71 -17.74
N GLN K 443 33.81 86.73 -18.62
CA GLN K 443 34.52 85.49 -18.26
C GLN K 443 36.04 85.67 -18.27
N VAL K 444 36.57 86.26 -19.34
CA VAL K 444 38.02 86.42 -19.51
C VAL K 444 38.78 87.04 -18.32
N PRO K 445 38.28 88.16 -17.76
CA PRO K 445 39.02 88.80 -16.68
C PRO K 445 39.01 87.98 -15.41
N LEU K 446 37.89 87.33 -15.10
CA LEU K 446 37.80 86.45 -13.95
C LEU K 446 38.86 85.35 -14.06
N ILE K 447 38.97 84.78 -15.25
CA ILE K 447 39.96 83.73 -15.50
C ILE K 447 41.37 84.30 -15.52
N TYR K 448 41.53 85.51 -16.06
CA TYR K 448 42.83 86.19 -16.04
C TYR K 448 43.33 86.41 -14.61
N ALA K 449 42.43 86.87 -13.74
CA ALA K 449 42.75 87.12 -12.34
C ALA K 449 43.20 85.86 -11.60
N GLY K 450 42.60 84.73 -11.94
CA GLY K 450 42.95 83.46 -11.32
C GLY K 450 44.26 82.88 -11.84
N VAL K 451 44.32 82.69 -13.15
CA VAL K 451 45.43 82.00 -13.81
C VAL K 451 46.80 82.62 -13.51
N ASN K 452 46.87 83.95 -13.53
CA ASN K 452 48.15 84.64 -13.37
C ASN K 452 48.59 84.82 -11.91
N GLY K 453 47.66 84.81 -10.97
CA GLY K 453 47.99 84.74 -9.56
C GLY K 453 47.25 85.66 -8.62
N HIS K 454 46.48 86.58 -9.19
CA HIS K 454 45.87 87.66 -8.42
C HIS K 454 44.84 87.21 -7.36
N LEU K 455 44.60 85.89 -7.30
CA LEU K 455 43.66 85.33 -6.33
C LEU K 455 44.36 84.67 -5.14
N ASP K 456 45.62 84.29 -5.34
CA ASP K 456 46.39 83.48 -4.38
C ASP K 456 46.44 84.05 -2.96
N GLY K 457 46.32 85.38 -2.84
CA GLY K 457 46.37 86.04 -1.55
C GLY K 457 45.02 86.10 -0.83
N ILE K 458 43.95 85.90 -1.58
CA ILE K 458 42.58 86.00 -1.03
C ILE K 458 42.10 84.67 -0.46
N GLU K 459 41.56 84.73 0.76
CA GLU K 459 40.99 83.56 1.43
C GLU K 459 39.83 82.96 0.62
N LEU K 460 39.72 81.63 0.68
CA LEU K 460 38.84 80.87 -0.22
C LEU K 460 37.36 81.29 -0.18
N SER K 461 36.84 81.52 1.02
CA SER K 461 35.42 81.86 1.20
C SER K 461 35.02 83.21 0.58
N ARG K 462 36.00 83.99 0.17
CA ARG K 462 35.78 85.35 -0.32
C ARG K 462 35.73 85.43 -1.84
N ILE K 463 36.04 84.32 -2.52
CA ILE K 463 36.07 84.27 -3.99
C ILE K 463 34.68 84.52 -4.59
N GLY K 464 33.66 84.12 -3.84
CA GLY K 464 32.27 84.37 -4.20
C GLY K 464 31.98 85.86 -4.32
N GLU K 465 32.21 86.59 -3.24
CA GLU K 465 31.97 88.04 -3.21
C GLU K 465 32.98 88.83 -4.05
N PHE K 466 34.15 88.24 -4.31
CA PHE K 466 35.16 88.84 -5.19
C PHE K 466 34.64 88.96 -6.61
N GLU K 467 34.00 87.90 -7.09
CA GLU K 467 33.48 87.83 -8.45
C GLU K 467 32.45 88.92 -8.73
N SER K 468 31.52 89.12 -7.80
CA SER K 468 30.47 90.14 -7.92
C SER K 468 31.03 91.56 -7.91
N SER K 469 31.95 91.83 -6.98
CA SER K 469 32.54 93.16 -6.80
C SER K 469 33.55 93.53 -7.88
N PHE K 470 34.30 92.54 -8.36
CA PHE K 470 35.30 92.77 -9.41
C PHE K 470 34.65 93.06 -10.76
N LEU K 471 33.45 92.53 -10.97
CA LEU K 471 32.73 92.72 -12.23
C LEU K 471 32.08 94.09 -12.37
N SER K 472 31.30 94.48 -11.35
CA SER K 472 30.59 95.77 -11.35
C SER K 472 31.57 96.94 -11.33
N TYR K 473 32.72 96.73 -10.69
CA TYR K 473 33.83 97.68 -10.72
C TYR K 473 34.30 97.93 -12.16
N LEU K 474 34.46 96.85 -12.94
CA LEU K 474 34.95 96.93 -14.32
C LEU K 474 33.95 97.61 -15.26
N LYS K 475 32.65 97.37 -15.03
CA LYS K 475 31.60 97.98 -15.83
C LYS K 475 31.45 99.49 -15.54
N SER K 476 32.04 99.93 -14.44
CA SER K 476 31.97 101.32 -13.99
C SER K 476 33.26 102.10 -14.27
N ASN K 477 34.38 101.40 -14.44
CA ASN K 477 35.69 102.05 -14.57
C ASN K 477 36.42 101.71 -15.88
N HIS K 478 36.34 100.44 -16.27
CA HIS K 478 37.09 99.94 -17.43
C HIS K 478 36.18 99.25 -18.44
N ASN K 479 34.92 99.72 -18.52
CA ASN K 479 33.96 99.20 -19.48
C ASN K 479 34.52 99.19 -20.90
N GLU K 480 35.40 100.15 -21.20
CA GLU K 480 36.01 100.26 -22.53
C GLU K 480 36.88 99.06 -22.89
N LEU K 481 37.45 98.42 -21.87
CA LEU K 481 38.24 97.19 -22.08
C LEU K 481 37.32 96.01 -22.40
N LEU K 482 36.27 95.85 -21.60
CA LEU K 482 35.25 94.84 -21.83
C LEU K 482 34.72 94.93 -23.25
N THR K 483 34.48 96.16 -23.70
CA THR K 483 33.95 96.43 -25.04
C THR K 483 34.91 95.96 -26.14
N GLU K 484 36.20 96.23 -25.98
CA GLU K 484 37.19 95.80 -26.97
C GLU K 484 37.33 94.28 -27.00
N ILE K 485 37.22 93.65 -25.84
CA ILE K 485 37.21 92.19 -25.74
C ILE K 485 36.03 91.63 -26.53
N ARG K 486 34.83 92.11 -26.20
CA ARG K 486 33.59 91.67 -26.85
C ARG K 486 33.65 91.82 -28.37
N GLU K 487 34.10 92.99 -28.84
CA GLU K 487 34.07 93.31 -30.26
C GLU K 487 35.18 92.66 -31.08
N LYS K 488 36.40 92.60 -30.51
CA LYS K 488 37.53 92.04 -31.23
C LYS K 488 37.66 90.51 -31.07
N GLY K 489 37.42 90.02 -29.86
CA GLY K 489 37.50 88.58 -29.60
C GLY K 489 38.92 88.09 -29.33
N GLU K 490 39.91 88.85 -29.76
CA GLU K 490 41.31 88.56 -29.45
C GLU K 490 41.76 89.39 -28.24
N LEU K 491 43.05 89.38 -27.95
CA LEU K 491 43.62 90.22 -26.91
C LEU K 491 44.91 90.89 -27.35
N SER K 492 44.92 92.21 -27.32
CA SER K 492 46.10 93.01 -27.65
C SER K 492 47.15 92.88 -26.55
N LYS K 493 48.42 93.07 -26.93
CA LYS K 493 49.50 93.18 -25.96
C LYS K 493 49.23 94.36 -25.03
N GLU K 494 48.63 95.40 -25.61
CA GLU K 494 48.14 96.57 -24.88
C GLU K 494 47.03 96.16 -23.91
N LEU K 495 46.08 95.36 -24.40
CA LEU K 495 44.93 94.95 -23.59
C LEU K 495 45.35 94.03 -22.45
N LEU K 496 46.32 93.15 -22.72
CA LEU K 496 46.92 92.32 -21.68
C LEU K 496 47.49 93.20 -20.58
N ALA K 497 48.21 94.25 -20.99
CA ALA K 497 48.83 95.21 -20.07
C ALA K 497 47.80 96.07 -19.31
N SER K 498 46.75 96.51 -20.01
CA SER K 498 45.68 97.31 -19.40
C SER K 498 44.87 96.49 -18.40
N LEU K 499 44.73 95.20 -18.70
CA LEU K 499 43.99 94.26 -17.86
C LEU K 499 44.74 93.96 -16.57
N LYS K 500 46.04 93.70 -16.69
CA LYS K 500 46.91 93.54 -15.53
C LYS K 500 46.76 94.76 -14.63
N SER K 501 46.91 95.94 -15.24
CA SER K 501 46.79 97.23 -14.57
C SER K 501 45.46 97.36 -13.82
N ALA K 502 44.36 96.99 -14.49
CA ALA K 502 43.03 97.04 -13.90
C ALA K 502 42.89 96.04 -12.75
N THR K 503 43.49 94.85 -12.92
CA THR K 503 43.39 93.78 -11.93
C THR K 503 44.17 94.13 -10.66
N GLU K 504 45.46 94.39 -10.82
CA GLU K 504 46.34 94.74 -9.70
C GLU K 504 45.72 95.85 -8.84
N SER K 505 45.11 96.82 -9.50
CA SER K 505 44.46 97.95 -8.84
C SER K 505 43.36 97.51 -7.87
N PHE K 506 42.55 96.54 -8.29
CA PHE K 506 41.45 96.03 -7.48
C PHE K 506 41.95 95.14 -6.34
N VAL K 507 43.05 94.43 -6.58
CA VAL K 507 43.68 93.55 -5.59
C VAL K 507 44.01 94.29 -4.28
N ALA K 508 44.20 95.61 -4.40
CA ALA K 508 44.49 96.48 -3.25
C ALA K 508 43.43 96.44 -2.15
N THR K 509 42.24 95.95 -2.50
CA THR K 509 41.15 95.81 -1.53
C THR K 509 40.61 94.38 -1.50
N ALA L 25 14.01 11.11 -60.73
CA ALA L 25 13.85 11.56 -59.31
C ALA L 25 13.70 10.39 -58.32
N ASN L 26 14.82 9.74 -57.98
CA ASN L 26 14.80 8.68 -56.97
C ASN L 26 14.92 9.27 -55.57
N LEU L 27 13.77 9.49 -54.90
CA LEU L 27 13.75 10.23 -53.64
C LEU L 27 14.35 9.48 -52.46
N ASN L 28 14.71 8.22 -52.68
CA ASN L 28 15.39 7.43 -51.66
C ASN L 28 16.85 7.80 -51.51
N GLU L 29 17.51 8.05 -52.64
CA GLU L 29 18.95 8.27 -52.72
C GLU L 29 19.27 9.72 -52.99
N THR L 30 18.23 10.53 -53.11
CA THR L 30 18.36 11.86 -53.68
C THR L 30 17.37 12.81 -52.99
N GLY L 31 17.66 14.10 -53.04
CA GLY L 31 16.76 15.06 -52.43
C GLY L 31 16.81 16.43 -53.06
N ARG L 32 15.79 17.24 -52.76
CA ARG L 32 15.75 18.62 -53.22
C ARG L 32 15.87 19.56 -52.05
N VAL L 33 16.64 20.63 -52.22
CA VAL L 33 16.81 21.63 -51.19
C VAL L 33 15.54 22.46 -50.98
N LEU L 34 15.05 22.49 -49.74
CA LEU L 34 13.87 23.26 -49.37
C LEU L 34 14.20 24.68 -48.98
N ALA L 35 15.33 24.85 -48.27
CA ALA L 35 15.75 26.13 -47.74
C ALA L 35 17.20 26.01 -47.31
N VAL L 36 17.90 27.14 -47.30
CA VAL L 36 19.28 27.17 -46.88
C VAL L 36 19.58 28.48 -46.14
N GLY L 37 20.26 28.34 -45.01
CA GLY L 37 20.63 29.48 -44.18
C GLY L 37 21.34 29.09 -42.89
N ASP L 38 22.09 30.07 -42.37
CA ASP L 38 22.80 29.91 -41.11
C ASP L 38 23.67 28.63 -41.09
N GLY L 39 24.29 28.29 -42.22
CA GLY L 39 25.12 27.10 -42.35
C GLY L 39 24.34 25.79 -42.51
N ILE L 40 23.00 25.88 -42.63
CA ILE L 40 22.11 24.72 -42.63
C ILE L 40 21.27 24.59 -43.92
N ALA L 41 21.19 23.38 -44.47
CA ALA L 41 20.25 23.10 -45.56
C ALA L 41 19.14 22.12 -45.18
N ARG L 42 17.90 22.56 -45.33
CA ARG L 42 16.76 21.67 -45.15
C ARG L 42 16.46 21.00 -46.48
N VAL L 43 16.43 19.68 -46.50
CA VAL L 43 16.31 18.95 -47.75
C VAL L 43 15.08 18.04 -47.71
N PHE L 44 14.32 18.02 -48.81
CA PHE L 44 13.21 17.11 -48.99
C PHE L 44 13.74 15.84 -49.64
N GLY L 45 13.29 14.68 -49.16
CA GLY L 45 13.72 13.43 -49.74
C GLY L 45 14.81 12.72 -48.96
N LEU L 46 15.78 12.16 -49.70
CA LEU L 46 16.86 11.34 -49.14
C LEU L 46 16.32 10.32 -48.14
N ASN L 47 15.29 9.58 -48.54
CA ASN L 47 14.61 8.67 -47.61
C ASN L 47 15.48 7.59 -47.00
N ASN L 48 16.49 7.13 -47.72
CA ASN L 48 17.32 6.05 -47.22
C ASN L 48 18.62 6.52 -46.56
N ILE L 49 18.72 7.82 -46.35
CA ILE L 49 19.93 8.36 -45.74
C ILE L 49 20.10 7.93 -44.29
N GLN L 50 21.35 7.64 -43.93
CA GLN L 50 21.73 7.30 -42.58
C GLN L 50 22.01 8.57 -41.78
N ALA L 51 21.71 8.55 -40.48
CA ALA L 51 22.06 9.65 -39.59
C ALA L 51 23.58 9.85 -39.63
N GLU L 52 24.02 11.08 -39.83
CA GLU L 52 25.44 11.42 -39.90
C GLU L 52 26.13 11.01 -41.22
N GLU L 53 25.34 10.85 -42.27
CA GLU L 53 25.87 10.53 -43.58
C GLU L 53 26.31 11.79 -44.33
N LEU L 54 27.45 11.67 -44.97
CA LEU L 54 27.94 12.69 -45.87
C LEU L 54 27.06 12.78 -47.13
N VAL L 55 26.75 14.01 -47.53
CA VAL L 55 26.00 14.22 -48.75
C VAL L 55 26.77 15.15 -49.70
N GLU L 56 26.39 15.14 -50.97
CA GLU L 56 26.97 16.04 -51.94
C GLU L 56 25.93 16.89 -52.65
N PHE L 57 26.16 18.21 -52.62
CA PHE L 57 25.30 19.18 -53.31
C PHE L 57 25.75 19.43 -54.77
N SER L 58 24.86 19.98 -55.59
CA SER L 58 25.12 20.27 -57.02
C SER L 58 26.48 20.91 -57.24
N SER L 59 26.71 22.00 -56.51
CA SER L 59 27.93 22.78 -56.66
C SER L 59 29.17 22.01 -56.23
N GLY L 60 29.00 20.83 -55.64
CA GLY L 60 30.12 20.03 -55.12
C GLY L 60 30.46 20.20 -53.65
N VAL L 61 29.85 21.19 -52.98
CA VAL L 61 30.01 21.34 -51.53
C VAL L 61 29.40 20.13 -50.82
N LYS L 62 30.02 19.72 -49.72
CA LYS L 62 29.54 18.59 -48.94
C LYS L 62 28.87 19.02 -47.64
N GLY L 63 28.13 18.12 -47.05
CA GLY L 63 27.42 18.37 -45.82
C GLY L 63 27.15 17.07 -45.09
N MET L 64 26.65 17.19 -43.87
CA MET L 64 26.35 16.05 -43.02
C MET L 64 24.88 16.05 -42.59
N ALA L 65 24.26 14.87 -42.69
CA ALA L 65 22.85 14.68 -42.31
C ALA L 65 22.75 14.65 -40.79
N LEU L 66 22.24 15.73 -40.23
CA LEU L 66 22.20 15.83 -38.78
C LEU L 66 20.85 15.39 -38.23
N ASN L 67 19.76 16.05 -38.64
CA ASN L 67 18.42 15.62 -38.26
C ASN L 67 17.61 14.99 -39.36
N LEU L 68 17.28 13.72 -39.14
CA LEU L 68 16.31 13.05 -39.97
C LEU L 68 14.95 13.24 -39.30
N GLU L 69 14.08 14.00 -39.96
CA GLU L 69 12.75 14.26 -39.45
C GLU L 69 11.74 13.60 -40.38
N PRO L 70 10.44 13.75 -40.10
CA PRO L 70 9.54 13.25 -41.12
C PRO L 70 9.44 14.27 -42.24
N GLY L 71 9.58 13.84 -43.47
CA GLY L 71 9.45 14.79 -44.59
C GLY L 71 10.54 15.84 -44.82
N GLN L 72 11.63 15.79 -44.05
CA GLN L 72 12.81 16.59 -44.37
C GLN L 72 14.07 16.12 -43.65
N VAL L 73 15.23 16.55 -44.14
CA VAL L 73 16.51 16.24 -43.50
C VAL L 73 17.29 17.53 -43.31
N GLY L 74 17.87 17.71 -42.12
CA GLY L 74 18.61 18.91 -41.81
C GLY L 74 20.08 18.61 -42.07
N ILE L 75 20.70 19.43 -42.90
CA ILE L 75 22.07 19.13 -43.28
C ILE L 75 22.99 20.28 -42.92
N VAL L 76 24.08 19.96 -42.24
CA VAL L 76 25.10 20.93 -41.85
C VAL L 76 26.14 21.03 -42.97
N LEU L 77 26.34 22.23 -43.50
CA LEU L 77 27.22 22.43 -44.66
C LEU L 77 28.70 22.50 -44.32
N PHE L 78 29.52 21.75 -45.06
CA PHE L 78 30.97 21.86 -44.95
C PHE L 78 31.57 22.94 -45.88
N GLY L 79 30.89 24.08 -46.00
CA GLY L 79 31.34 25.15 -46.87
C GLY L 79 30.40 26.34 -46.78
N SER L 80 30.59 27.33 -47.64
CA SER L 80 29.78 28.55 -47.65
C SER L 80 28.30 28.31 -47.98
N ASP L 81 27.42 29.14 -47.41
CA ASP L 81 26.00 29.14 -47.77
C ASP L 81 25.78 29.46 -49.26
N ARG L 82 26.62 30.34 -49.82
CA ARG L 82 26.49 30.73 -51.22
C ARG L 82 26.46 29.51 -52.14
N LEU L 83 27.14 28.44 -51.74
CA LEU L 83 27.29 27.26 -52.57
C LEU L 83 26.04 26.36 -52.69
N VAL L 84 24.93 26.74 -52.06
CA VAL L 84 23.69 25.96 -52.09
C VAL L 84 22.46 26.84 -52.30
N LYS L 85 21.58 26.42 -53.21
CA LYS L 85 20.33 27.13 -53.48
C LYS L 85 19.12 26.24 -53.26
N GLU L 86 17.96 26.86 -52.98
CA GLU L 86 16.70 26.13 -52.95
C GLU L 86 16.42 25.46 -54.29
N GLY L 87 15.87 24.25 -54.27
CA GLY L 87 15.50 23.59 -55.51
C GLY L 87 16.58 22.70 -56.10
N GLU L 88 17.82 22.87 -55.63
CA GLU L 88 18.95 22.12 -56.14
C GLU L 88 18.94 20.69 -55.67
N LEU L 89 19.59 19.81 -56.44
CA LEU L 89 19.62 18.37 -56.16
C LEU L 89 20.66 18.03 -55.10
N VAL L 90 20.39 17.02 -54.28
CA VAL L 90 21.35 16.54 -53.27
C VAL L 90 21.42 15.04 -53.36
N LYS L 91 22.61 14.50 -53.23
CA LYS L 91 22.81 13.07 -53.35
C LYS L 91 23.39 12.46 -52.09
N ARG L 92 22.92 11.26 -51.78
CA ARG L 92 23.56 10.41 -50.80
C ARG L 92 24.96 10.03 -51.27
N THR L 93 25.79 9.73 -50.29
CA THR L 93 27.15 9.28 -50.49
C THR L 93 27.24 7.82 -50.06
N GLY L 94 26.32 7.40 -49.17
CA GLY L 94 26.35 6.07 -48.56
C GLY L 94 27.30 5.97 -47.37
N ASN L 95 27.95 7.08 -46.99
CA ASN L 95 28.98 7.05 -45.95
C ASN L 95 28.84 7.99 -44.75
N ILE L 96 28.90 7.42 -43.56
CA ILE L 96 29.04 8.23 -42.37
C ILE L 96 30.33 9.01 -42.57
N VAL L 97 30.31 10.27 -42.14
CA VAL L 97 31.47 11.17 -42.27
C VAL L 97 32.74 10.42 -41.92
N ASP L 98 33.64 10.32 -42.90
CA ASP L 98 34.88 9.57 -42.75
C ASP L 98 36.07 10.30 -43.38
N VAL L 99 37.24 9.67 -43.36
CA VAL L 99 38.48 10.32 -43.70
C VAL L 99 39.44 9.22 -44.13
N PRO L 100 40.28 9.48 -45.15
CA PRO L 100 41.34 8.53 -45.51
C PRO L 100 42.32 8.42 -44.37
N VAL L 101 42.93 7.24 -44.19
CA VAL L 101 43.90 7.03 -43.12
C VAL L 101 45.02 6.14 -43.63
N GLY L 102 46.13 6.08 -42.88
CA GLY L 102 47.25 5.25 -43.27
C GLY L 102 48.57 5.99 -43.36
N PRO L 103 49.67 5.27 -43.55
CA PRO L 103 51.00 5.87 -43.54
C PRO L 103 51.22 6.76 -44.74
N GLY L 104 50.52 6.51 -45.84
CA GLY L 104 50.63 7.36 -47.02
C GLY L 104 50.32 8.82 -46.77
N LEU L 105 49.74 9.13 -45.60
CA LEU L 105 49.40 10.51 -45.25
C LEU L 105 50.59 11.26 -44.68
N LEU L 106 51.63 10.53 -44.29
CA LEU L 106 52.89 11.09 -43.82
C LEU L 106 53.50 12.09 -44.82
N GLY L 107 53.83 13.29 -44.35
CA GLY L 107 54.43 14.31 -45.18
C GLY L 107 53.41 15.22 -45.86
N ARG L 108 52.12 14.94 -45.63
CA ARG L 108 51.04 15.63 -46.33
C ARG L 108 50.30 16.62 -45.44
N VAL L 109 49.58 17.54 -46.09
CA VAL L 109 48.77 18.54 -45.44
C VAL L 109 47.41 18.39 -46.05
N VAL L 110 46.40 18.25 -45.19
CA VAL L 110 45.04 17.96 -45.65
C VAL L 110 44.06 18.90 -44.96
N ASP L 111 42.84 18.98 -45.49
CA ASP L 111 41.76 19.74 -44.86
C ASP L 111 41.02 18.80 -43.89
N ALA L 112 39.92 19.26 -43.29
CA ALA L 112 39.27 18.47 -42.24
C ALA L 112 38.71 17.16 -42.77
N LEU L 113 38.40 17.11 -44.06
CA LEU L 113 37.87 15.90 -44.70
C LEU L 113 38.92 15.02 -45.33
N GLY L 114 40.19 15.37 -45.15
CA GLY L 114 41.28 14.60 -45.72
C GLY L 114 41.71 14.93 -47.16
N ASN L 115 41.15 15.99 -47.75
CA ASN L 115 41.61 16.46 -49.08
C ASN L 115 42.98 17.09 -49.01
N PRO L 116 43.89 16.71 -49.93
CA PRO L 116 45.22 17.36 -49.95
C PRO L 116 45.07 18.82 -50.29
N ILE L 117 45.82 19.68 -49.62
CA ILE L 117 45.78 21.11 -49.86
C ILE L 117 47.21 21.66 -50.06
N ASP L 118 48.17 20.74 -50.18
CA ASP L 118 49.58 21.06 -50.29
C ASP L 118 50.08 21.12 -51.77
N GLY L 119 49.21 20.74 -52.71
CA GLY L 119 49.51 20.72 -54.15
C GLY L 119 50.22 19.46 -54.63
N LYS L 120 50.52 18.54 -53.71
CA LYS L 120 51.32 17.37 -54.07
C LYS L 120 50.49 16.18 -54.54
N GLY L 121 49.25 16.44 -54.95
CA GLY L 121 48.43 15.39 -55.53
C GLY L 121 47.79 14.41 -54.55
N PRO L 122 47.13 13.37 -55.09
CA PRO L 122 46.19 12.53 -54.29
C PRO L 122 46.85 11.83 -53.13
N ILE L 123 46.08 11.53 -52.09
CA ILE L 123 46.60 10.80 -50.95
C ILE L 123 46.51 9.32 -51.25
N ASP L 124 47.54 8.59 -50.87
CA ASP L 124 47.52 7.14 -50.97
C ASP L 124 47.05 6.56 -49.61
N ALA L 125 45.79 6.18 -49.55
CA ALA L 125 45.15 5.73 -48.32
C ALA L 125 45.21 4.23 -48.14
N ALA L 126 45.43 3.79 -46.91
CA ALA L 126 45.30 2.37 -46.58
C ALA L 126 43.82 1.99 -46.47
N GLY L 127 42.97 2.98 -46.22
CA GLY L 127 41.55 2.76 -46.10
C GLY L 127 40.89 4.04 -45.67
N ARG L 128 39.67 3.92 -45.14
CA ARG L 128 38.94 5.04 -44.57
C ARG L 128 38.42 4.71 -43.18
N SER L 129 38.37 5.70 -42.31
CA SER L 129 37.81 5.56 -40.98
C SER L 129 36.81 6.65 -40.77
N ARG L 130 35.77 6.35 -40.00
CA ARG L 130 34.82 7.37 -39.59
C ARG L 130 35.49 8.44 -38.75
N ALA L 131 34.98 9.66 -38.87
CA ALA L 131 35.40 10.77 -38.02
C ALA L 131 35.17 10.47 -36.52
N GLN L 132 33.97 9.96 -36.20
CA GLN L 132 33.63 9.59 -34.82
C GLN L 132 33.85 8.10 -34.61
N VAL L 133 34.83 7.76 -33.77
CA VAL L 133 35.09 6.38 -33.44
C VAL L 133 35.11 6.34 -31.92
N LYS L 134 34.40 5.40 -31.30
CA LYS L 134 34.37 5.35 -29.85
C LYS L 134 35.71 4.92 -29.31
N ALA L 135 36.16 5.59 -28.25
CA ALA L 135 37.39 5.25 -27.59
C ALA L 135 37.41 3.80 -27.11
N PRO L 136 38.61 3.19 -27.06
CA PRO L 136 38.78 1.89 -26.44
C PRO L 136 38.30 1.85 -24.99
N GLY L 137 37.74 0.70 -24.59
CA GLY L 137 37.23 0.49 -23.24
C GLY L 137 38.37 0.17 -22.30
N ILE L 138 38.05 -0.40 -21.14
CA ILE L 138 39.03 -0.74 -20.12
C ILE L 138 39.97 -1.83 -20.60
N LEU L 139 39.41 -2.88 -21.18
CA LEU L 139 40.20 -4.08 -21.48
C LEU L 139 41.34 -3.94 -22.50
N PRO L 140 41.10 -3.28 -23.66
CA PRO L 140 42.18 -3.13 -24.64
C PRO L 140 43.33 -2.21 -24.17
N ARG L 141 43.25 -1.68 -22.96
CA ARG L 141 44.25 -0.72 -22.49
C ARG L 141 45.31 -1.30 -21.58
N ARG L 142 46.39 -0.58 -21.41
CA ARG L 142 47.46 -0.95 -20.53
C ARG L 142 47.97 0.37 -20.00
N SER L 143 48.58 0.39 -18.83
CA SER L 143 48.98 1.68 -18.27
C SER L 143 50.17 2.28 -19.04
N VAL L 144 50.28 3.60 -19.09
CA VAL L 144 51.36 4.19 -19.86
C VAL L 144 52.68 4.06 -19.13
N HIS L 145 53.74 3.74 -19.85
CA HIS L 145 55.04 3.49 -19.21
C HIS L 145 56.22 3.87 -20.09
N GLU L 146 55.94 4.34 -21.30
CA GLU L 146 57.01 4.73 -22.23
C GLU L 146 57.07 6.25 -22.39
N PRO L 147 58.28 6.80 -22.45
CA PRO L 147 58.39 8.26 -22.51
C PRO L 147 58.06 8.86 -23.86
N VAL L 148 57.41 10.02 -23.81
CA VAL L 148 57.37 10.94 -24.94
C VAL L 148 58.42 12.01 -24.66
N GLN L 149 59.59 11.89 -25.27
CA GLN L 149 60.68 12.83 -24.97
C GLN L 149 60.47 14.13 -25.75
N THR L 150 60.27 15.25 -25.04
CA THR L 150 59.99 16.53 -25.68
C THR L 150 61.27 17.25 -26.09
N GLY L 151 62.37 17.01 -25.37
CA GLY L 151 63.62 17.74 -25.60
C GLY L 151 63.70 19.07 -24.88
N LEU L 152 62.61 19.44 -24.19
CA LEU L 152 62.59 20.65 -23.39
C LEU L 152 62.99 20.29 -21.99
N LYS L 153 64.09 20.88 -21.51
CA LYS L 153 64.61 20.62 -20.17
C LYS L 153 63.52 20.75 -19.11
N ALA L 154 62.76 21.83 -19.16
CA ALA L 154 61.73 22.06 -18.17
C ALA L 154 60.64 20.98 -18.18
N VAL L 155 60.21 20.55 -19.38
CA VAL L 155 59.12 19.57 -19.47
C VAL L 155 59.57 18.18 -19.06
N ASP L 156 60.63 17.68 -19.69
CA ASP L 156 61.10 16.32 -19.46
C ASP L 156 61.50 16.09 -17.99
N ALA L 157 62.11 17.10 -17.38
CA ALA L 157 62.51 17.02 -15.99
C ALA L 157 61.33 17.18 -15.03
N LEU L 158 60.44 18.15 -15.31
CA LEU L 158 59.39 18.52 -14.36
C LEU L 158 58.03 17.89 -14.59
N VAL L 159 57.61 17.79 -15.84
CA VAL L 159 56.27 17.27 -16.17
C VAL L 159 56.35 16.26 -17.30
N PRO L 160 57.05 15.14 -17.07
CA PRO L 160 57.28 14.21 -18.18
C PRO L 160 55.98 13.63 -18.74
N ILE L 161 55.94 13.44 -20.05
CA ILE L 161 54.77 12.94 -20.75
C ILE L 161 55.05 11.50 -21.23
N GLY L 162 54.06 10.64 -21.08
CA GLY L 162 54.16 9.26 -21.52
C GLY L 162 53.32 8.94 -22.74
N ARG L 163 53.62 7.81 -23.38
CA ARG L 163 52.87 7.41 -24.59
C ARG L 163 51.50 6.85 -24.26
N GLY L 164 50.46 7.55 -24.74
CA GLY L 164 49.07 7.20 -24.51
C GLY L 164 48.36 8.21 -23.62
N GLN L 165 49.14 9.12 -23.07
CA GLN L 165 48.65 10.12 -22.12
C GLN L 165 47.97 11.28 -22.86
N ARG L 166 47.15 12.02 -22.14
CA ARG L 166 46.65 13.28 -22.62
C ARG L 166 47.23 14.32 -21.68
N GLU L 167 47.93 15.31 -22.25
CA GLU L 167 48.55 16.35 -21.45
C GLU L 167 48.17 17.70 -22.00
N LEU L 168 47.36 18.43 -21.24
CA LEU L 168 46.89 19.72 -21.65
C LEU L 168 48.03 20.74 -21.67
N ILE L 169 48.03 21.58 -22.69
CA ILE L 169 48.91 22.76 -22.74
C ILE L 169 48.00 23.99 -22.65
N ILE L 170 48.17 24.76 -21.58
CA ILE L 170 47.19 25.80 -21.26
C ILE L 170 47.87 27.09 -20.84
N GLY L 171 47.41 28.20 -21.42
CA GLY L 171 47.84 29.53 -21.02
C GLY L 171 47.24 30.57 -21.93
N ASP L 172 47.46 31.84 -21.60
CA ASP L 172 46.99 32.93 -22.45
C ASP L 172 47.67 32.91 -23.82
N ARG L 173 47.17 33.76 -24.69
CA ARG L 173 47.71 34.05 -25.98
C ARG L 173 49.19 34.46 -25.88
N GLN L 174 50.03 33.93 -26.77
CA GLN L 174 51.46 34.30 -26.82
C GLN L 174 52.21 33.97 -25.52
N THR L 175 52.03 32.75 -25.03
CA THR L 175 52.74 32.28 -23.84
C THR L 175 53.64 31.10 -24.17
N GLY L 176 53.65 30.71 -25.43
CA GLY L 176 54.56 29.66 -25.91
C GLY L 176 53.97 28.27 -26.10
N LYS L 177 52.64 28.16 -26.24
CA LYS L 177 51.94 26.87 -26.24
C LYS L 177 52.27 26.07 -27.51
N THR L 178 51.98 26.66 -28.66
CA THR L 178 52.36 26.05 -29.91
C THR L 178 53.83 25.62 -29.93
N ALA L 179 54.71 26.50 -29.43
CA ALA L 179 56.14 26.27 -29.42
C ALA L 179 56.56 25.02 -28.64
N VAL L 180 55.92 24.79 -27.49
CA VAL L 180 56.11 23.55 -26.76
C VAL L 180 55.77 22.36 -27.67
N ALA L 181 54.57 22.38 -28.26
CA ALA L 181 54.15 21.31 -29.14
C ALA L 181 55.10 21.15 -30.33
N LEU L 182 55.48 22.27 -30.94
CA LEU L 182 56.37 22.23 -32.08
C LEU L 182 57.75 21.68 -31.74
N ASP L 183 58.29 22.01 -30.57
CA ASP L 183 59.59 21.48 -30.20
C ASP L 183 59.55 19.98 -29.94
N THR L 184 58.44 19.50 -29.38
CA THR L 184 58.23 18.07 -29.13
C THR L 184 58.23 17.31 -30.46
N ILE L 185 57.56 17.87 -31.46
CA ILE L 185 57.55 17.28 -32.78
C ILE L 185 58.96 17.23 -33.37
N LEU L 186 59.65 18.38 -33.39
CA LEU L 186 61.02 18.43 -33.92
C LEU L 186 61.92 17.44 -33.20
N ASN L 187 61.66 17.21 -31.91
CA ASN L 187 62.48 16.28 -31.17
C ASN L 187 62.45 14.84 -31.66
N GLN L 188 61.34 14.42 -32.26
CA GLN L 188 61.17 13.02 -32.64
C GLN L 188 62.13 12.55 -33.73
N LYS L 189 62.79 13.48 -34.42
CA LYS L 189 63.76 13.14 -35.49
C LYS L 189 64.88 12.19 -35.01
N ARG L 190 65.16 12.24 -33.70
CA ARG L 190 66.17 11.41 -33.05
C ARG L 190 65.93 9.91 -33.19
N TRP L 191 64.67 9.50 -33.21
CA TRP L 191 64.35 8.08 -33.29
C TRP L 191 63.73 7.74 -34.63
N ASN L 192 63.04 8.71 -35.21
CA ASN L 192 62.32 8.51 -36.45
C ASN L 192 63.26 8.25 -37.61
N ASN L 193 64.54 8.54 -37.40
CA ASN L 193 65.58 8.22 -38.38
C ASN L 193 66.19 6.84 -38.17
N GLY L 194 66.06 6.31 -36.95
CA GLY L 194 66.62 5.02 -36.59
C GLY L 194 65.85 3.86 -37.20
N SER L 195 66.20 2.65 -36.79
CA SER L 195 65.57 1.44 -37.33
C SER L 195 64.68 0.76 -36.27
N ASP L 196 64.72 1.28 -35.04
CA ASP L 196 63.92 0.74 -33.94
C ASP L 196 62.49 1.27 -33.96
N GLU L 197 61.59 0.49 -34.56
CA GLU L 197 60.21 0.93 -34.77
C GLU L 197 59.44 1.29 -33.49
N SER L 198 59.73 0.61 -32.39
CA SER L 198 59.05 0.90 -31.13
C SER L 198 59.32 2.30 -30.56
N LYS L 199 60.45 2.91 -30.90
CA LYS L 199 60.80 4.20 -30.33
C LYS L 199 60.23 5.37 -31.16
N LYS L 200 59.79 5.09 -32.37
CA LYS L 200 59.30 6.13 -33.28
C LYS L 200 57.99 6.74 -32.83
N LEU L 201 57.74 7.95 -33.31
CA LEU L 201 56.57 8.69 -32.91
C LEU L 201 56.14 9.56 -34.07
N TYR L 202 55.07 9.14 -34.73
CA TYR L 202 54.50 9.91 -35.83
C TYR L 202 53.65 11.04 -35.27
N CYS L 203 53.66 12.18 -35.96
CA CYS L 203 53.11 13.38 -35.39
C CYS L 203 51.98 13.89 -36.24
N VAL L 204 50.85 14.18 -35.60
CA VAL L 204 49.69 14.75 -36.25
C VAL L 204 49.50 16.13 -35.64
N TYR L 205 49.50 17.16 -36.47
CA TYR L 205 49.28 18.50 -35.95
C TYR L 205 47.98 19.06 -36.52
N VAL L 206 47.08 19.46 -35.63
CA VAL L 206 45.75 19.91 -36.06
C VAL L 206 45.60 21.41 -35.85
N ALA L 207 45.56 22.17 -36.95
CA ALA L 207 45.36 23.62 -36.86
C ALA L 207 43.88 23.91 -36.93
N VAL L 208 43.30 24.33 -35.83
CA VAL L 208 41.88 24.66 -35.78
C VAL L 208 41.76 26.14 -35.52
N GLY L 209 41.16 26.86 -36.45
CA GLY L 209 40.82 28.26 -36.29
C GLY L 209 41.99 29.21 -36.54
N GLN L 210 43.17 28.64 -36.79
CA GLN L 210 44.40 29.39 -37.00
C GLN L 210 44.43 30.12 -38.34
N LYS L 211 45.34 31.08 -38.48
CA LYS L 211 45.58 31.76 -39.76
C LYS L 211 46.26 30.82 -40.74
N ARG L 212 45.74 30.74 -41.95
CA ARG L 212 46.33 29.94 -43.00
C ARG L 212 47.84 30.18 -43.22
N SER L 213 48.25 31.44 -43.26
CA SER L 213 49.67 31.77 -43.43
C SER L 213 50.51 31.21 -42.29
N THR L 214 50.03 31.35 -41.05
CA THR L 214 50.70 30.77 -39.89
C THR L 214 50.95 29.27 -40.10
N VAL L 215 49.92 28.56 -40.54
CA VAL L 215 50.03 27.12 -40.81
C VAL L 215 50.98 26.84 -41.96
N ALA L 216 50.88 27.63 -43.03
CA ALA L 216 51.83 27.49 -44.14
C ALA L 216 53.27 27.65 -43.64
N GLN L 217 53.50 28.64 -42.77
CA GLN L 217 54.85 28.90 -42.26
C GLN L 217 55.32 27.78 -41.36
N LEU L 218 54.43 27.31 -40.48
CA LEU L 218 54.73 26.19 -39.59
C LEU L 218 55.16 24.95 -40.38
N VAL L 219 54.46 24.66 -41.47
CA VAL L 219 54.82 23.55 -42.32
C VAL L 219 56.23 23.71 -42.93
N GLN L 220 56.58 24.93 -43.32
CA GLN L 220 57.92 25.21 -43.86
C GLN L 220 59.00 24.97 -42.80
N THR L 221 58.73 25.40 -41.58
CA THR L 221 59.63 25.18 -40.48
C THR L 221 59.86 23.68 -40.28
N LEU L 222 58.79 22.89 -40.36
CA LEU L 222 58.91 21.44 -40.20
C LEU L 222 59.71 20.82 -41.33
N GLU L 223 59.55 21.38 -42.53
CA GLU L 223 60.31 20.93 -43.69
C GLU L 223 61.79 21.28 -43.58
N GLN L 224 62.06 22.50 -43.13
CA GLN L 224 63.43 22.93 -42.86
C GLN L 224 64.18 22.06 -41.88
N HIS L 225 63.49 21.53 -40.87
CA HIS L 225 64.10 20.63 -39.88
C HIS L 225 63.98 19.17 -40.24
N ASP L 226 63.51 18.87 -41.46
CA ASP L 226 63.30 17.49 -41.91
C ASP L 226 62.32 16.69 -40.99
N ALA L 227 61.33 17.38 -40.44
CA ALA L 227 60.35 16.76 -39.55
C ALA L 227 59.04 16.44 -40.26
N MET L 228 58.83 17.07 -41.42
CA MET L 228 57.61 16.90 -42.16
C MET L 228 57.40 15.47 -42.62
N LYS L 229 58.48 14.74 -42.87
CA LYS L 229 58.34 13.39 -43.42
C LYS L 229 57.68 12.41 -42.45
N TYR L 230 57.61 12.79 -41.17
CA TYR L 230 56.94 11.96 -40.17
C TYR L 230 55.74 12.65 -39.52
N SER L 231 55.23 13.66 -40.20
CA SER L 231 54.17 14.48 -39.64
C SER L 231 53.03 14.51 -40.62
N ILE L 232 51.82 14.72 -40.11
CA ILE L 232 50.64 14.92 -40.94
C ILE L 232 49.99 16.14 -40.37
N ILE L 233 49.52 17.04 -41.23
CA ILE L 233 48.94 18.32 -40.82
C ILE L 233 47.50 18.32 -41.29
N VAL L 234 46.57 18.46 -40.36
CA VAL L 234 45.15 18.59 -40.72
C VAL L 234 44.77 20.00 -40.37
N ALA L 235 44.28 20.76 -41.34
CA ALA L 235 44.08 22.19 -41.14
C ALA L 235 42.67 22.59 -41.47
N ALA L 236 42.05 23.32 -40.54
CA ALA L 236 40.76 23.97 -40.79
C ALA L 236 40.89 25.38 -40.21
N THR L 237 41.15 26.32 -41.10
CA THR L 237 41.60 27.66 -40.69
C THR L 237 40.48 28.68 -40.53
N ALA L 238 40.86 29.87 -40.09
CA ALA L 238 39.91 30.85 -39.58
C ALA L 238 38.78 31.23 -40.52
N SER L 239 38.98 31.06 -41.82
CA SER L 239 37.97 31.45 -42.79
C SER L 239 37.08 30.28 -43.23
N GLU L 240 37.48 29.06 -42.88
CA GLU L 240 36.70 27.87 -43.22
C GLU L 240 35.44 27.71 -42.35
N ALA L 241 34.39 27.16 -42.93
CA ALA L 241 33.12 26.98 -42.24
C ALA L 241 33.27 26.26 -40.90
N ALA L 242 32.56 26.77 -39.89
CA ALA L 242 32.62 26.27 -38.51
C ALA L 242 32.57 24.73 -38.42
N PRO L 243 31.66 24.09 -39.16
CA PRO L 243 31.66 22.61 -39.05
C PRO L 243 33.00 21.97 -39.42
N LEU L 244 33.73 22.52 -40.39
CA LEU L 244 35.04 21.96 -40.74
C LEU L 244 36.02 22.07 -39.60
N GLN L 245 36.02 23.23 -38.94
CA GLN L 245 36.85 23.44 -37.75
C GLN L 245 36.45 22.51 -36.59
N TYR L 246 35.14 22.30 -36.42
CA TYR L 246 34.61 21.39 -35.40
C TYR L 246 35.07 19.97 -35.74
N LEU L 247 35.04 19.62 -37.02
CA LEU L 247 35.40 18.26 -37.46
C LEU L 247 36.88 17.87 -37.44
N ALA L 248 37.77 18.83 -37.67
CA ALA L 248 39.20 18.54 -37.90
C ALA L 248 39.86 17.69 -36.82
N PRO L 249 39.63 18.01 -35.52
CA PRO L 249 40.25 17.16 -34.49
C PRO L 249 39.79 15.69 -34.55
N PHE L 250 38.56 15.43 -34.96
CA PHE L 250 38.08 14.04 -34.98
C PHE L 250 38.66 13.23 -36.14
N THR L 251 38.55 13.75 -37.34
CA THR L 251 39.18 13.12 -38.51
C THR L 251 40.68 12.95 -38.26
N ALA L 252 41.29 13.98 -37.63
CA ALA L 252 42.72 13.88 -37.27
C ALA L 252 43.00 12.72 -36.31
N ALA L 253 42.13 12.54 -35.30
CA ALA L 253 42.31 11.44 -34.36
C ALA L 253 42.21 10.11 -35.10
N SER L 254 41.28 10.00 -36.05
CA SER L 254 41.17 8.74 -36.84
C SER L 254 42.50 8.48 -37.58
N ILE L 255 43.06 9.53 -38.16
CA ILE L 255 44.38 9.47 -38.79
C ILE L 255 45.42 9.02 -37.78
N GLY L 256 45.42 9.62 -36.60
CA GLY L 256 46.39 9.19 -35.59
C GLY L 256 46.15 7.74 -35.20
N GLU L 257 44.87 7.35 -35.11
CA GLU L 257 44.49 6.00 -34.67
C GLU L 257 45.01 4.86 -35.54
N TRP L 258 45.13 5.11 -36.84
CA TRP L 258 45.75 4.11 -37.72
C TRP L 258 47.09 3.66 -37.16
N PHE L 259 47.92 4.62 -36.70
CA PHE L 259 49.20 4.27 -36.08
C PHE L 259 48.98 3.48 -34.77
N ARG L 260 48.17 4.04 -33.88
CA ARG L 260 47.77 3.36 -32.63
C ARG L 260 47.30 1.93 -32.84
N ASP L 261 46.39 1.75 -33.80
CA ASP L 261 45.78 0.44 -34.05
C ASP L 261 46.71 -0.59 -34.75
N ASN L 262 47.87 -0.14 -35.27
CA ASN L 262 48.75 -1.03 -36.03
C ASN L 262 50.14 -1.15 -35.43
N GLY L 263 50.17 -1.16 -34.09
CA GLY L 263 51.38 -1.43 -33.32
C GLY L 263 52.40 -0.32 -33.31
N LYS L 264 51.95 0.91 -33.58
CA LYS L 264 52.83 2.08 -33.64
C LYS L 264 52.38 3.20 -32.71
N HIS L 265 53.15 4.28 -32.69
CA HIS L 265 52.92 5.36 -31.77
C HIS L 265 52.79 6.67 -32.52
N ALA L 266 51.74 7.42 -32.17
CA ALA L 266 51.53 8.72 -32.74
C ALA L 266 51.30 9.77 -31.64
N LEU L 267 51.58 11.02 -31.98
CA LEU L 267 51.38 12.15 -31.09
C LEU L 267 50.51 13.12 -31.87
N ILE L 268 49.40 13.52 -31.28
CA ILE L 268 48.49 14.45 -31.95
C ILE L 268 48.43 15.73 -31.12
N VAL L 269 48.47 16.86 -31.81
CA VAL L 269 48.38 18.17 -31.19
C VAL L 269 47.10 18.82 -31.69
N TYR L 270 46.23 19.19 -30.76
CA TYR L 270 45.01 19.87 -31.12
C TYR L 270 45.25 21.35 -30.79
N ASP L 271 45.46 22.14 -31.83
CA ASP L 271 45.86 23.54 -31.68
C ASP L 271 44.87 24.41 -32.47
N ASP L 272 43.83 24.91 -31.81
CA ASP L 272 43.58 24.66 -30.39
C ASP L 272 42.12 24.26 -30.14
N LEU L 273 41.84 23.68 -28.97
CA LEU L 273 40.48 23.23 -28.67
C LEU L 273 39.53 24.35 -28.21
N SER L 274 40.08 25.50 -27.77
CA SER L 274 39.26 26.68 -27.49
C SER L 274 38.49 27.12 -28.73
N LYS L 275 39.20 27.14 -29.86
CA LYS L 275 38.64 27.55 -31.15
C LYS L 275 37.72 26.49 -31.72
N GLN L 276 38.05 25.22 -31.54
CA GLN L 276 37.07 24.17 -31.85
C GLN L 276 35.74 24.36 -31.08
N ALA L 277 35.83 24.67 -29.79
CA ALA L 277 34.61 24.87 -28.97
C ALA L 277 33.77 26.06 -29.47
N VAL L 278 34.45 27.14 -29.87
CA VAL L 278 33.81 28.34 -30.40
C VAL L 278 33.09 28.04 -31.72
N ALA L 279 33.72 27.23 -32.57
CA ALA L 279 33.11 26.83 -33.85
C ALA L 279 31.89 25.94 -33.61
N TYR L 280 31.99 25.02 -32.66
CA TYR L 280 30.88 24.16 -32.29
C TYR L 280 29.71 24.97 -31.67
N ARG L 281 30.04 25.94 -30.83
CA ARG L 281 29.03 26.87 -30.33
C ARG L 281 28.31 27.63 -31.46
N GLN L 282 29.06 28.08 -32.46
CA GLN L 282 28.46 28.75 -33.63
C GLN L 282 27.33 27.93 -34.20
N LEU L 283 27.64 26.68 -34.57
CA LEU L 283 26.62 25.74 -35.09
C LEU L 283 25.47 25.54 -34.13
N SER L 284 25.79 25.29 -32.86
CA SER L 284 24.78 25.01 -31.86
C SER L 284 23.81 26.15 -31.74
N LEU L 285 24.34 27.38 -31.69
CA LEU L 285 23.47 28.54 -31.61
C LEU L 285 22.63 28.69 -32.87
N LEU L 286 23.23 28.42 -34.03
CA LEU L 286 22.51 28.60 -35.30
C LEU L 286 21.45 27.51 -35.51
N LEU L 287 21.68 26.35 -34.91
CA LEU L 287 20.69 25.29 -34.89
C LEU L 287 19.66 25.52 -33.81
N ARG L 288 19.89 26.55 -32.98
CA ARG L 288 18.97 27.01 -31.93
C ARG L 288 18.90 26.13 -30.69
N ARG L 289 19.97 25.39 -30.44
CA ARG L 289 20.16 24.66 -29.18
C ARG L 289 20.32 25.67 -28.05
N PRO L 290 19.65 25.43 -26.91
CA PRO L 290 19.71 26.41 -25.83
C PRO L 290 21.14 26.71 -25.41
N PRO L 291 21.49 28.00 -25.33
CA PRO L 291 22.81 28.33 -24.81
C PRO L 291 22.89 28.14 -23.32
N GLY L 292 24.01 27.62 -22.84
CA GLY L 292 24.22 27.49 -21.42
C GLY L 292 25.27 28.44 -20.89
N ARG L 293 26.07 27.94 -19.97
CA ARG L 293 27.19 28.66 -19.42
C ARG L 293 28.06 29.23 -20.53
N GLU L 294 28.25 30.54 -20.52
CA GLU L 294 29.06 31.27 -21.50
C GLU L 294 28.58 30.96 -22.92
N ALA L 295 27.27 30.74 -23.04
CA ALA L 295 26.57 30.51 -24.33
C ALA L 295 26.87 29.18 -25.01
N TYR L 296 27.81 28.41 -24.47
CA TYR L 296 28.12 27.08 -25.03
C TYR L 296 26.97 26.09 -24.83
N PRO L 297 26.81 25.12 -25.76
CA PRO L 297 25.75 24.13 -25.53
C PRO L 297 26.15 23.11 -24.45
N GLY L 298 25.13 22.41 -23.91
CA GLY L 298 25.32 21.39 -22.88
C GLY L 298 26.31 20.29 -23.23
N ASP L 299 26.44 19.97 -24.51
CA ASP L 299 27.32 18.89 -24.91
C ASP L 299 28.75 19.32 -25.26
N VAL L 300 29.14 20.53 -24.86
CA VAL L 300 30.47 21.02 -25.21
C VAL L 300 31.57 20.26 -24.48
N PHE L 301 31.25 19.71 -23.31
CA PHE L 301 32.20 18.87 -22.61
C PHE L 301 32.36 17.57 -23.39
N TYR L 302 31.23 16.99 -23.82
CA TYR L 302 31.24 15.73 -24.56
C TYR L 302 32.00 15.86 -25.89
N LEU L 303 31.90 17.02 -26.53
CA LEU L 303 32.72 17.38 -27.68
C LEU L 303 34.17 17.04 -27.44
N HIS L 304 34.70 17.48 -26.30
CA HIS L 304 36.10 17.26 -25.98
C HIS L 304 36.41 15.92 -25.33
N SER L 305 35.52 15.43 -24.47
CA SER L 305 35.79 14.16 -23.81
C SER L 305 35.78 12.97 -24.78
N ARG L 306 34.82 12.92 -25.71
CA ARG L 306 34.78 11.87 -26.74
CA ARG L 306 34.82 11.82 -26.67
C ARG L 306 36.07 11.88 -27.58
N LEU L 307 36.59 13.08 -27.81
CA LEU L 307 37.81 13.27 -28.59
C LEU L 307 39.04 12.77 -27.83
N LEU L 308 39.23 13.25 -26.60
CA LEU L 308 40.48 13.02 -25.90
C LEU L 308 40.58 11.60 -25.38
N GLU L 309 39.44 10.97 -25.18
CA GLU L 309 39.39 9.57 -24.77
C GLU L 309 40.05 8.62 -25.77
N ARG L 310 40.14 9.06 -27.02
CA ARG L 310 40.65 8.22 -28.08
C ARG L 310 42.16 8.09 -28.01
N ALA L 311 42.81 9.04 -27.33
CA ALA L 311 44.22 8.90 -27.02
C ALA L 311 44.33 7.84 -25.90
N ALA L 312 45.26 6.87 -26.06
CA ALA L 312 45.31 5.68 -25.21
C ALA L 312 46.57 4.87 -25.44
N LYS L 313 46.95 4.10 -24.43
CA LYS L 313 47.99 3.11 -24.59
C LYS L 313 47.31 1.74 -24.60
N LEU L 314 47.55 0.99 -25.66
CA LEU L 314 46.91 -0.30 -25.87
C LEU L 314 47.74 -1.43 -25.32
N SER L 315 47.09 -2.51 -24.90
CA SER L 315 47.75 -3.70 -24.39
C SER L 315 48.47 -4.50 -25.48
N GLU L 316 49.35 -5.39 -25.02
CA GLU L 316 50.02 -6.40 -25.87
C GLU L 316 49.10 -7.14 -26.84
N LYS L 317 48.00 -7.66 -26.31
CA LYS L 317 47.02 -8.35 -27.13
C LYS L 317 46.64 -7.45 -28.29
N GLU L 318 46.61 -6.15 -28.05
CA GLU L 318 46.10 -5.21 -29.03
C GLU L 318 47.19 -4.56 -29.92
N GLY L 319 48.43 -5.00 -29.78
CA GLY L 319 49.53 -4.54 -30.62
C GLY L 319 50.48 -3.58 -29.93
N SER L 320 50.11 -3.12 -28.73
CA SER L 320 50.91 -2.22 -27.91
C SER L 320 51.04 -0.77 -28.41
N GLY L 321 50.36 -0.45 -29.52
CA GLY L 321 50.36 0.91 -30.06
C GLY L 321 49.82 1.96 -29.08
N SER L 322 50.03 3.23 -29.43
CA SER L 322 49.54 4.33 -28.61
C SER L 322 49.23 5.58 -29.42
N LEU L 323 48.38 6.43 -28.86
CA LEU L 323 48.12 7.76 -29.40
C LEU L 323 48.18 8.68 -28.19
N THR L 324 49.10 9.64 -28.23
CA THR L 324 49.30 10.59 -27.14
C THR L 324 48.74 11.90 -27.63
N ALA L 325 48.03 12.63 -26.77
CA ALA L 325 47.41 13.89 -27.19
C ALA L 325 47.93 15.07 -26.42
N LEU L 326 48.20 16.14 -27.13
CA LEU L 326 48.55 17.40 -26.51
C LEU L 326 47.50 18.41 -26.94
N PRO L 327 46.33 18.38 -26.27
CA PRO L 327 45.36 19.40 -26.58
C PRO L 327 45.84 20.76 -26.08
N VAL L 328 45.42 21.83 -26.76
CA VAL L 328 45.79 23.19 -26.39
C VAL L 328 44.55 24.01 -26.04
N ILE L 329 44.66 24.78 -24.96
CA ILE L 329 43.61 25.65 -24.56
C ILE L 329 44.17 27.04 -24.32
N GLU L 330 43.53 28.04 -24.92
CA GLU L 330 43.88 29.42 -24.70
C GLU L 330 42.97 30.02 -23.64
N THR L 331 43.53 30.42 -22.51
CA THR L 331 42.79 31.13 -21.48
C THR L 331 42.75 32.63 -21.78
N GLN L 332 41.79 33.31 -21.15
CA GLN L 332 41.64 34.75 -21.26
C GLN L 332 42.01 35.31 -19.91
N GLY L 333 43.04 36.15 -19.88
CA GLY L 333 43.50 36.79 -18.66
C GLY L 333 43.79 35.83 -17.53
N GLY L 334 44.37 34.67 -17.84
CA GLY L 334 44.70 33.68 -16.83
C GLY L 334 43.52 32.92 -16.23
N ASP L 335 42.34 33.03 -16.82
CA ASP L 335 41.14 32.42 -16.21
C ASP L 335 41.07 30.91 -16.46
N VAL L 336 41.72 30.16 -15.59
CA VAL L 336 41.68 28.70 -15.67
C VAL L 336 40.39 28.13 -15.10
N SER L 337 39.58 28.99 -14.49
CA SER L 337 38.30 28.62 -13.88
C SER L 337 37.16 28.63 -14.86
N ALA L 338 37.41 29.10 -16.08
CA ALA L 338 36.33 29.20 -17.05
C ALA L 338 35.75 27.82 -17.49
N TYR L 339 34.59 27.85 -18.12
CA TYR L 339 33.92 26.63 -18.59
C TYR L 339 34.82 25.68 -19.39
N ILE L 340 35.31 26.11 -20.54
CA ILE L 340 36.11 25.23 -21.41
C ILE L 340 37.41 24.79 -20.75
N PRO L 341 38.17 25.73 -20.16
CA PRO L 341 39.38 25.28 -19.47
C PRO L 341 39.11 24.19 -18.42
N THR L 342 38.08 24.36 -17.62
CA THR L 342 37.76 23.38 -16.59
C THR L 342 37.26 22.08 -17.19
N ASN L 343 36.42 22.16 -18.22
CA ASN L 343 36.09 20.95 -19.00
C ASN L 343 37.31 20.15 -19.36
N VAL L 344 38.30 20.77 -20.01
CA VAL L 344 39.44 20.00 -20.52
C VAL L 344 40.38 19.53 -19.42
N ILE L 345 40.62 20.38 -18.41
CA ILE L 345 41.40 19.95 -17.24
C ILE L 345 40.78 18.69 -16.64
N SER L 346 39.46 18.57 -16.69
CA SER L 346 38.83 17.42 -16.09
C SER L 346 38.74 16.21 -17.05
N ILE L 347 39.31 16.38 -18.25
CA ILE L 347 39.47 15.27 -19.21
C ILE L 347 40.91 14.74 -19.25
N THR L 348 41.88 15.64 -19.26
CA THR L 348 43.27 15.25 -19.50
C THR L 348 43.95 14.68 -18.26
N ASP L 349 45.18 14.19 -18.46
CA ASP L 349 45.93 13.56 -17.38
C ASP L 349 46.91 14.54 -16.75
N GLY L 350 46.54 15.81 -16.70
CA GLY L 350 47.44 16.84 -16.18
C GLY L 350 47.56 17.99 -17.14
N GLN L 351 48.35 19.01 -16.78
CA GLN L 351 48.50 20.20 -17.59
C GLN L 351 49.88 20.77 -17.44
N ILE L 352 50.33 21.38 -18.52
CA ILE L 352 51.47 22.24 -18.51
C ILE L 352 50.87 23.61 -18.59
N PHE L 353 50.98 24.36 -17.50
CA PHE L 353 50.41 25.69 -17.45
C PHE L 353 51.47 26.73 -17.80
N LEU L 354 51.20 27.54 -18.82
CA LEU L 354 52.16 28.56 -19.29
C LEU L 354 51.73 29.95 -18.89
N GLU L 355 52.61 30.65 -18.16
CA GLU L 355 52.26 31.88 -17.49
C GLU L 355 52.82 33.11 -18.19
N ALA L 356 51.95 34.10 -18.42
CA ALA L 356 52.35 35.31 -19.14
C ALA L 356 53.45 36.07 -18.41
N GLU L 357 53.32 36.21 -17.09
CA GLU L 357 54.32 36.93 -16.29
C GLU L 357 55.72 36.32 -16.45
N LEU L 358 55.82 34.99 -16.42
CA LEU L 358 57.10 34.32 -16.65
C LEU L 358 57.59 34.54 -18.06
N PHE L 359 56.68 34.42 -19.02
CA PHE L 359 57.03 34.65 -20.41
C PHE L 359 57.57 36.07 -20.65
N TYR L 360 56.94 37.06 -20.00
CA TYR L 360 57.37 38.46 -20.12
C TYR L 360 58.78 38.67 -19.60
N LYS L 361 59.09 38.08 -18.45
CA LYS L 361 60.44 38.11 -17.85
C LYS L 361 61.49 37.27 -18.58
N GLY L 362 61.14 36.70 -19.73
CA GLY L 362 62.05 35.81 -20.48
C GLY L 362 62.26 34.41 -19.91
N ILE L 363 61.45 34.01 -18.94
CA ILE L 363 61.45 32.60 -18.51
C ILE L 363 60.65 31.79 -19.53
N ARG L 364 61.37 31.10 -20.42
CA ARG L 364 60.74 30.36 -21.50
C ARG L 364 61.48 29.04 -21.69
N PRO L 365 60.73 27.92 -21.71
CA PRO L 365 59.27 27.73 -21.53
C PRO L 365 58.71 28.35 -20.25
N ALA L 366 57.58 29.02 -20.37
CA ALA L 366 56.98 29.75 -19.24
C ALA L 366 56.17 28.88 -18.29
N ILE L 367 56.74 27.73 -17.89
CA ILE L 367 56.03 26.76 -17.06
C ILE L 367 55.84 27.22 -15.63
N ASN L 368 54.60 27.31 -15.18
CA ASN L 368 54.31 27.51 -13.78
C ASN L 368 54.40 26.16 -13.09
N VAL L 369 55.49 25.96 -12.35
CA VAL L 369 55.80 24.66 -11.76
C VAL L 369 54.72 24.15 -10.81
N GLY L 370 54.23 25.03 -9.94
CA GLY L 370 53.23 24.66 -8.96
C GLY L 370 51.86 24.29 -9.52
N LEU L 371 51.54 24.80 -10.70
CA LEU L 371 50.24 24.52 -11.31
C LEU L 371 50.32 23.45 -12.38
N SER L 372 51.53 23.07 -12.78
CA SER L 372 51.75 22.07 -13.81
C SER L 372 51.93 20.70 -13.20
N VAL L 373 51.23 19.71 -13.74
CA VAL L 373 51.39 18.33 -13.31
C VAL L 373 51.18 17.34 -14.47
N SER L 374 51.83 16.20 -14.36
CA SER L 374 51.68 15.09 -15.29
C SER L 374 51.35 13.84 -14.48
N ARG L 375 50.06 13.50 -14.46
CA ARG L 375 49.48 12.44 -13.65
C ARG L 375 50.21 11.11 -13.79
N VAL L 376 50.28 10.62 -15.02
CA VAL L 376 50.84 9.32 -15.32
C VAL L 376 52.24 9.51 -15.89
N GLY L 377 52.93 10.54 -15.42
CA GLY L 377 54.17 10.99 -16.02
C GLY L 377 55.46 10.38 -15.49
N SER L 378 55.58 10.27 -14.16
CA SER L 378 56.77 9.71 -13.51
C SER L 378 57.12 8.28 -13.99
N ALA L 379 56.09 7.43 -14.10
CA ALA L 379 56.29 6.06 -14.55
C ALA L 379 56.92 6.01 -15.96
N ALA L 380 56.77 7.10 -16.71
CA ALA L 380 57.26 7.21 -18.07
C ALA L 380 58.30 8.32 -18.25
N GLN L 381 59.04 8.63 -17.21
CA GLN L 381 60.17 9.52 -17.35
C GLN L 381 61.37 8.62 -17.56
N VAL L 382 62.35 9.07 -18.32
CA VAL L 382 63.62 8.34 -18.45
C VAL L 382 64.28 8.30 -17.06
N LYS L 383 64.67 7.11 -16.62
CA LYS L 383 65.14 6.92 -15.24
C LYS L 383 66.32 7.83 -14.88
N ALA L 384 67.32 7.89 -15.74
CA ALA L 384 68.46 8.78 -15.56
C ALA L 384 68.01 10.20 -15.20
N LEU L 385 66.99 10.68 -15.90
CA LEU L 385 66.47 12.01 -15.64
C LEU L 385 65.72 12.07 -14.31
N LYS L 386 65.00 11.01 -13.98
CA LYS L 386 64.29 10.92 -12.71
C LYS L 386 65.29 11.02 -11.56
N GLN L 387 66.39 10.29 -11.69
CA GLN L 387 67.45 10.19 -10.68
C GLN L 387 68.10 11.53 -10.40
N VAL L 388 68.49 12.23 -11.46
CA VAL L 388 69.20 13.50 -11.30
C VAL L 388 68.32 14.70 -10.94
N ALA L 389 67.01 14.50 -10.91
CA ALA L 389 66.09 15.63 -10.70
C ALA L 389 65.24 15.52 -9.42
N GLY L 390 65.66 14.70 -8.47
CA GLY L 390 64.91 14.56 -7.22
C GLY L 390 64.72 15.91 -6.57
N SER L 391 63.48 16.18 -6.15
CA SER L 391 63.13 17.41 -5.42
C SER L 391 63.07 18.66 -6.28
N LEU L 392 63.55 18.57 -7.52
CA LEU L 392 63.66 19.74 -8.40
C LEU L 392 62.33 20.44 -8.59
N LYS L 393 61.25 19.68 -8.65
CA LYS L 393 59.91 20.22 -8.85
C LYS L 393 59.39 20.92 -7.56
N LEU L 394 59.47 20.23 -6.43
CA LEU L 394 59.06 20.83 -5.15
C LEU L 394 59.92 22.06 -4.83
N PHE L 395 61.24 21.89 -4.91
CA PHE L 395 62.15 22.98 -4.63
C PHE L 395 61.76 24.22 -5.42
N LEU L 396 61.65 24.08 -6.74
CA LEU L 396 61.32 25.23 -7.60
C LEU L 396 60.02 25.94 -7.22
N ALA L 397 59.00 25.18 -6.83
CA ALA L 397 57.74 25.76 -6.35
C ALA L 397 57.95 26.51 -5.03
N GLN L 398 58.74 25.91 -4.12
CA GLN L 398 59.10 26.51 -2.84
C GLN L 398 60.00 27.74 -3.02
N TYR L 399 60.96 27.61 -3.93
CA TYR L 399 61.87 28.70 -4.24
C TYR L 399 61.13 29.94 -4.73
N ARG L 400 60.16 29.75 -5.63
CA ARG L 400 59.38 30.87 -6.17
C ARG L 400 58.58 31.56 -5.06
N GLU L 401 58.04 30.75 -4.16
CA GLU L 401 57.32 31.23 -3.00
C GLU L 401 58.23 32.10 -2.14
N VAL L 402 59.44 31.61 -1.89
CA VAL L 402 60.47 32.35 -1.18
C VAL L 402 60.87 33.65 -1.92
N ALA L 403 61.17 33.56 -3.21
CA ALA L 403 61.56 34.73 -3.99
C ALA L 403 60.48 35.81 -4.00
N ALA L 404 59.22 35.38 -3.87
CA ALA L 404 58.08 36.28 -3.80
C ALA L 404 58.11 37.17 -2.55
N PHE L 405 58.33 36.57 -1.37
CA PHE L 405 58.42 37.36 -0.12
C PHE L 405 59.72 38.18 0.01
N ALA L 406 60.81 37.67 -0.55
CA ALA L 406 62.12 38.34 -0.51
C ALA L 406 62.06 39.82 -0.93
N LEU L 412 67.61 39.43 5.39
CA LEU L 412 68.40 38.59 4.48
C LEU L 412 68.80 37.26 5.14
N ASP L 413 67.80 36.52 5.65
CA ASP L 413 68.04 35.21 6.27
C ASP L 413 69.06 34.39 5.45
N ALA L 414 70.03 33.78 6.15
CA ALA L 414 71.15 33.08 5.51
C ALA L 414 70.74 31.85 4.68
N SER L 415 69.91 31.01 5.30
CA SER L 415 69.35 29.82 4.66
C SER L 415 68.53 30.17 3.41
N THR L 416 67.70 31.20 3.54
CA THR L 416 66.83 31.65 2.44
C THR L 416 67.58 32.47 1.38
N LYS L 417 68.88 32.68 1.62
CA LYS L 417 69.74 33.33 0.63
C LYS L 417 70.36 32.27 -0.29
N GLN L 418 70.58 31.08 0.26
CA GLN L 418 71.09 29.94 -0.50
C GLN L 418 70.00 29.34 -1.41
N THR L 419 68.81 29.08 -0.85
CA THR L 419 67.69 28.58 -1.64
C THR L 419 67.45 29.52 -2.82
N LEU L 420 67.67 30.81 -2.58
CA LEU L 420 67.56 31.86 -3.58
C LEU L 420 68.67 31.74 -4.62
N VAL L 421 69.84 31.29 -4.17
CA VAL L 421 71.01 31.13 -5.06
C VAL L 421 70.79 29.99 -6.06
N ARG L 422 70.39 28.83 -5.54
CA ARG L 422 70.09 27.66 -6.36
C ARG L 422 68.99 27.93 -7.38
N GLY L 423 67.83 28.33 -6.88
CA GLY L 423 66.65 28.57 -7.70
C GLY L 423 66.89 29.51 -8.87
N GLU L 424 67.74 30.50 -8.66
CA GLU L 424 68.06 31.47 -9.70
C GLU L 424 68.89 30.82 -10.81
N ARG L 425 69.83 29.96 -10.41
CA ARG L 425 70.63 29.18 -11.34
C ARG L 425 69.76 28.15 -12.08
N LEU L 426 68.97 27.40 -11.32
CA LEU L 426 68.07 26.39 -11.86
C LEU L 426 67.10 26.99 -12.86
N THR L 427 66.38 28.04 -12.43
CA THR L 427 65.55 28.82 -13.33
C THR L 427 66.31 29.10 -14.63
N GLN L 428 67.46 29.76 -14.54
CA GLN L 428 68.27 30.09 -15.72
C GLN L 428 68.64 28.88 -16.56
N LEU L 429 68.93 27.76 -15.88
CA LEU L 429 69.34 26.53 -16.53
C LEU L 429 68.19 25.96 -17.38
N LEU L 430 66.96 26.10 -16.90
CA LEU L 430 65.78 25.56 -17.55
C LEU L 430 65.23 26.45 -18.66
N LYS L 431 65.82 27.63 -18.88
CA LYS L 431 65.48 28.42 -20.07
C LYS L 431 66.03 27.69 -21.28
N GLN L 432 65.42 27.91 -22.45
CA GLN L 432 65.79 27.19 -23.65
C GLN L 432 65.28 27.96 -24.85
N ASN L 433 66.13 28.17 -25.83
CA ASN L 433 65.71 28.75 -27.10
C ASN L 433 64.74 27.82 -27.82
N GLN L 434 63.84 28.40 -28.59
CA GLN L 434 62.92 27.65 -29.44
C GLN L 434 63.70 26.81 -30.45
N TYR L 435 63.08 25.75 -30.97
CA TYR L 435 63.66 24.91 -32.01
C TYR L 435 64.98 24.22 -31.62
N SER L 436 65.24 24.06 -30.33
CA SER L 436 66.51 23.48 -29.92
C SER L 436 66.31 22.41 -28.87
N PRO L 437 65.53 21.35 -29.19
CA PRO L 437 65.35 20.30 -28.21
C PRO L 437 66.64 19.54 -27.99
N LEU L 438 66.84 19.08 -26.78
CA LEU L 438 68.04 18.36 -26.40
C LEU L 438 67.77 16.87 -26.19
N ALA L 439 68.75 16.04 -26.51
CA ALA L 439 68.74 14.63 -26.18
C ALA L 439 68.77 14.45 -24.66
N THR L 440 68.28 13.32 -24.19
CA THR L 440 68.21 13.07 -22.75
C THR L 440 69.61 13.01 -22.13
N GLU L 441 70.57 12.46 -22.85
CA GLU L 441 71.94 12.36 -22.35
C GLU L 441 72.60 13.73 -22.28
N GLU L 442 72.05 14.70 -23.01
CA GLU L 442 72.48 16.09 -22.87
C GLU L 442 71.80 16.76 -21.67
N GLN L 443 70.54 16.40 -21.41
CA GLN L 443 69.80 17.01 -20.32
C GLN L 443 70.30 16.59 -18.93
N VAL L 444 70.61 15.31 -18.74
CA VAL L 444 70.95 14.84 -17.38
C VAL L 444 72.23 15.50 -16.80
N PRO L 445 73.28 15.65 -17.61
CA PRO L 445 74.48 16.30 -17.07
C PRO L 445 74.20 17.74 -16.66
N LEU L 446 73.37 18.43 -17.42
CA LEU L 446 73.00 19.80 -17.09
C LEU L 446 72.25 19.85 -15.78
N ILE L 447 71.24 19.02 -15.63
CA ILE L 447 70.38 19.03 -14.46
C ILE L 447 71.15 18.56 -13.23
N TYR L 448 71.99 17.54 -13.41
CA TYR L 448 72.87 17.06 -12.33
C TYR L 448 73.69 18.21 -11.71
N ALA L 449 74.33 19.00 -12.57
CA ALA L 449 75.13 20.12 -12.14
C ALA L 449 74.32 21.04 -11.24
N GLY L 450 73.26 21.63 -11.80
CA GLY L 450 72.39 22.55 -11.08
C GLY L 450 71.89 22.02 -9.75
N VAL L 451 71.31 20.82 -9.75
CA VAL L 451 70.66 20.28 -8.57
C VAL L 451 71.66 19.95 -7.45
N ASN L 452 72.93 19.75 -7.82
CA ASN L 452 73.98 19.40 -6.86
C ASN L 452 75.01 20.50 -6.59
N GLY L 453 74.57 21.76 -6.71
CA GLY L 453 75.37 22.91 -6.28
C GLY L 453 76.47 23.41 -7.20
N HIS L 454 76.87 22.61 -8.18
CA HIS L 454 78.03 22.93 -9.03
C HIS L 454 77.85 24.17 -9.91
N LEU L 455 76.77 24.92 -9.70
CA LEU L 455 76.56 26.16 -10.43
C LEU L 455 76.43 27.33 -9.46
N ASP L 456 76.33 27.03 -8.17
CA ASP L 456 76.15 28.04 -7.11
C ASP L 456 77.22 29.15 -7.17
N GLY L 457 78.38 28.81 -7.72
CA GLY L 457 79.51 29.74 -7.80
C GLY L 457 79.56 30.58 -9.06
N ILE L 458 79.01 30.06 -10.16
CA ILE L 458 79.09 30.75 -11.45
C ILE L 458 78.10 31.91 -11.55
N GLU L 459 78.44 32.92 -12.34
CA GLU L 459 77.60 34.10 -12.53
C GLU L 459 76.35 33.77 -13.31
N LEU L 460 75.23 34.35 -12.88
CA LEU L 460 73.93 34.16 -13.52
C LEU L 460 73.99 34.33 -15.04
N SER L 461 74.61 35.41 -15.49
CA SER L 461 74.69 35.74 -16.92
C SER L 461 75.56 34.77 -17.73
N ARG L 462 76.16 33.81 -17.05
CA ARG L 462 77.04 32.85 -17.72
C ARG L 462 76.49 31.40 -17.76
N ILE L 463 75.26 31.19 -17.28
CA ILE L 463 74.64 29.87 -17.26
C ILE L 463 74.42 29.28 -18.66
N GLY L 464 74.03 30.11 -19.61
CA GLY L 464 73.88 29.69 -21.00
C GLY L 464 75.21 29.34 -21.62
N GLU L 465 76.20 30.20 -21.39
CA GLU L 465 77.58 29.96 -21.82
C GLU L 465 78.09 28.65 -21.24
N PHE L 466 77.77 28.41 -19.97
CA PHE L 466 78.10 27.14 -19.32
C PHE L 466 77.55 25.94 -20.08
N GLU L 467 76.23 25.94 -20.37
CA GLU L 467 75.55 24.82 -21.01
C GLU L 467 76.26 24.34 -22.27
N SER L 468 76.43 25.23 -23.25
CA SER L 468 77.02 24.84 -24.54
C SER L 468 78.49 24.44 -24.43
N SER L 469 79.24 25.05 -23.50
CA SER L 469 80.64 24.69 -23.26
C SER L 469 80.76 23.33 -22.58
N PHE L 470 79.93 23.10 -21.55
CA PHE L 470 79.90 21.85 -20.82
C PHE L 470 79.53 20.68 -21.75
N LEU L 471 78.57 20.90 -22.63
CA LEU L 471 78.16 19.88 -23.59
C LEU L 471 79.26 19.57 -24.61
N SER L 472 79.88 20.61 -25.16
CA SER L 472 81.05 20.45 -26.04
C SER L 472 82.16 19.67 -25.37
N TYR L 473 82.48 20.03 -24.14
CA TYR L 473 83.46 19.35 -23.33
C TYR L 473 83.12 17.86 -23.24
N LEU L 474 81.91 17.56 -22.77
CA LEU L 474 81.45 16.18 -22.58
C LEU L 474 81.43 15.36 -23.88
N LYS L 475 81.02 16.00 -24.98
CA LYS L 475 80.94 15.34 -26.27
C LYS L 475 82.30 14.93 -26.84
N SER L 476 83.34 15.65 -26.46
CA SER L 476 84.70 15.30 -26.90
C SER L 476 85.55 14.57 -25.85
N ASN L 477 85.29 14.83 -24.57
CA ASN L 477 86.09 14.22 -23.50
C ASN L 477 85.47 13.04 -22.73
N HIS L 478 84.14 13.00 -22.67
CA HIS L 478 83.44 11.94 -21.94
C HIS L 478 82.33 11.32 -22.79
N ASN L 479 82.63 11.08 -24.07
CA ASN L 479 81.62 10.61 -25.02
C ASN L 479 81.00 9.27 -24.65
N GLU L 480 81.78 8.45 -23.96
CA GLU L 480 81.34 7.13 -23.51
C GLU L 480 80.36 7.27 -22.34
N LEU L 481 80.47 8.38 -21.61
CA LEU L 481 79.57 8.78 -20.52
C LEU L 481 78.15 9.01 -21.05
N LEU L 482 78.07 9.91 -22.03
CA LEU L 482 76.83 10.25 -22.70
C LEU L 482 76.25 9.01 -23.38
N THR L 483 77.12 8.20 -23.97
CA THR L 483 76.69 6.97 -24.62
C THR L 483 76.00 5.99 -23.67
N GLU L 484 76.57 5.77 -22.49
CA GLU L 484 75.94 4.85 -21.54
C GLU L 484 74.59 5.39 -21.07
N ILE L 485 74.50 6.72 -20.91
CA ILE L 485 73.25 7.38 -20.50
C ILE L 485 72.16 7.18 -21.56
N ARG L 486 72.53 7.37 -22.82
CA ARG L 486 71.61 7.18 -23.95
C ARG L 486 71.16 5.72 -24.07
N GLU L 487 72.09 4.79 -23.85
CA GLU L 487 71.83 3.38 -24.13
C GLU L 487 71.19 2.63 -22.97
N LYS L 488 71.55 2.98 -21.74
CA LYS L 488 70.96 2.32 -20.58
C LYS L 488 69.79 3.06 -19.96
N GLY L 489 69.75 4.38 -20.15
CA GLY L 489 68.64 5.21 -19.66
C GLY L 489 68.56 5.29 -18.14
N GLU L 490 69.66 4.92 -17.50
CA GLU L 490 69.72 4.70 -16.06
C GLU L 490 71.18 4.86 -15.65
N LEU L 491 71.40 5.37 -14.44
CA LEU L 491 72.74 5.60 -13.92
C LEU L 491 73.05 4.70 -12.74
N SER L 492 74.07 3.85 -12.90
CA SER L 492 74.62 3.07 -11.80
C SER L 492 75.46 3.97 -10.90
N LYS L 493 75.77 3.51 -9.69
CA LYS L 493 76.61 4.27 -8.76
C LYS L 493 77.96 4.64 -9.38
N GLU L 494 78.53 3.70 -10.13
CA GLU L 494 79.75 3.89 -10.90
C GLU L 494 79.61 5.02 -11.94
N LEU L 495 78.47 5.06 -12.63
CA LEU L 495 78.25 6.04 -13.72
C LEU L 495 77.92 7.42 -13.17
N LEU L 496 77.20 7.44 -12.06
CA LEU L 496 76.88 8.66 -11.33
C LEU L 496 78.15 9.32 -10.83
N ALA L 497 79.00 8.53 -10.16
CA ALA L 497 80.29 8.99 -9.65
C ALA L 497 81.18 9.54 -10.75
N SER L 498 81.22 8.83 -11.87
CA SER L 498 82.00 9.24 -13.03
C SER L 498 81.51 10.60 -13.58
N LEU L 499 80.21 10.85 -13.44
CA LEU L 499 79.59 12.10 -13.87
C LEU L 499 79.93 13.27 -12.93
N LYS L 500 79.89 13.01 -11.63
CA LYS L 500 80.40 13.92 -10.59
C LYS L 500 81.83 14.40 -10.93
N SER L 501 82.73 13.44 -11.16
CA SER L 501 84.11 13.74 -11.54
C SER L 501 84.17 14.65 -12.76
N ALA L 502 83.36 14.35 -13.77
CA ALA L 502 83.37 15.10 -15.03
C ALA L 502 82.88 16.53 -14.84
N THR L 503 81.96 16.71 -13.91
CA THR L 503 81.39 18.03 -13.64
C THR L 503 82.37 18.92 -12.88
N GLU L 504 82.86 18.42 -11.74
CA GLU L 504 83.83 19.15 -10.91
C GLU L 504 85.02 19.59 -11.76
N SER L 505 85.49 18.66 -12.60
CA SER L 505 86.62 18.89 -13.48
C SER L 505 86.40 20.04 -14.46
N PHE L 506 85.17 20.18 -14.95
CA PHE L 506 84.84 21.27 -15.86
C PHE L 506 84.57 22.57 -15.11
N VAL L 507 83.93 22.46 -13.93
CA VAL L 507 83.62 23.61 -13.07
C VAL L 507 84.90 24.41 -12.80
N ALA L 508 85.93 23.72 -12.29
CA ALA L 508 87.23 24.32 -12.02
C ALA L 508 87.75 25.21 -13.17
N THR L 509 87.66 24.70 -14.39
CA THR L 509 88.05 25.44 -15.60
C THR L 509 86.84 26.02 -16.37
N ASN M 26 -18.06 10.01 -24.31
CA ASN M 26 -18.61 11.35 -23.99
C ASN M 26 -17.53 12.34 -23.59
N LEU M 27 -17.29 13.34 -24.44
CA LEU M 27 -16.12 14.21 -24.29
C LEU M 27 -16.29 15.39 -23.34
N ASN M 28 -17.45 15.45 -22.69
CA ASN M 28 -17.72 16.53 -21.76
C ASN M 28 -17.16 16.24 -20.39
N GLU M 29 -17.21 14.97 -19.99
CA GLU M 29 -16.91 14.57 -18.63
C GLU M 29 -15.65 13.72 -18.57
N THR M 30 -15.22 13.25 -19.72
CA THR M 30 -14.04 12.43 -19.83
C THR M 30 -13.21 12.97 -20.98
N GLY M 31 -11.97 12.49 -21.08
CA GLY M 31 -11.08 12.87 -22.16
C GLY M 31 -10.09 11.76 -22.52
N ARG M 32 -9.29 12.03 -23.55
CA ARG M 32 -8.32 11.07 -24.08
C ARG M 32 -6.94 11.69 -24.15
N VAL M 33 -5.95 11.00 -23.60
CA VAL M 33 -4.56 11.49 -23.64
C VAL M 33 -4.05 11.61 -25.07
N LEU M 34 -3.68 12.83 -25.46
CA LEU M 34 -3.05 13.08 -26.77
C LEU M 34 -1.56 12.80 -26.71
N ALA M 35 -0.92 13.22 -25.62
CA ALA M 35 0.52 13.04 -25.43
C ALA M 35 0.82 13.14 -23.97
N VAL M 36 1.90 12.49 -23.56
CA VAL M 36 2.30 12.53 -22.18
C VAL M 36 3.80 12.37 -22.07
N GLY M 37 4.43 13.21 -21.23
CA GLY M 37 5.82 13.06 -20.90
C GLY M 37 6.19 14.10 -19.86
N ASP M 38 7.22 13.80 -19.07
CA ASP M 38 7.77 14.76 -18.09
C ASP M 38 6.69 15.22 -17.09
N GLY M 39 5.75 14.34 -16.79
CA GLY M 39 4.73 14.65 -15.79
C GLY M 39 3.64 15.55 -16.30
N ILE M 40 3.59 15.73 -17.63
CA ILE M 40 2.55 16.52 -18.27
C ILE M 40 1.74 15.66 -19.21
N ALA M 41 0.42 15.79 -19.17
CA ALA M 41 -0.45 15.13 -20.13
C ALA M 41 -1.23 16.17 -20.88
N ARG M 42 -1.24 16.05 -22.22
CA ARG M 42 -2.09 16.87 -23.07
C ARG M 42 -3.34 16.03 -23.38
N VAL M 43 -4.52 16.57 -23.08
CA VAL M 43 -5.74 15.76 -23.16
C VAL M 43 -6.78 16.37 -24.08
N PHE M 44 -7.30 15.54 -24.97
CA PHE M 44 -8.44 15.89 -25.82
C PHE M 44 -9.74 15.66 -25.04
N GLY M 45 -10.67 16.59 -25.17
CA GLY M 45 -11.96 16.49 -24.51
C GLY M 45 -12.01 17.19 -23.18
N LEU M 46 -12.57 16.50 -22.17
CA LEU M 46 -12.86 17.08 -20.86
C LEU M 46 -13.52 18.46 -21.00
N ASN M 47 -14.48 18.57 -21.93
CA ASN M 47 -15.02 19.88 -22.30
C ASN M 47 -15.55 20.71 -21.14
N ASN M 48 -16.16 20.04 -20.15
CA ASN M 48 -16.76 20.74 -19.01
C ASN M 48 -15.84 20.92 -17.82
N ILE M 49 -14.56 20.56 -17.97
CA ILE M 49 -13.64 20.65 -16.84
C ILE M 49 -13.44 22.08 -16.33
N GLN M 50 -13.26 22.19 -15.01
CA GLN M 50 -12.96 23.45 -14.38
C GLN M 50 -11.46 23.62 -14.30
N ALA M 51 -11.02 24.87 -14.36
CA ALA M 51 -9.63 25.19 -14.11
C ALA M 51 -9.31 24.76 -12.68
N GLU M 52 -8.21 24.05 -12.52
CA GLU M 52 -7.69 23.56 -11.23
C GLU M 52 -8.45 22.39 -10.64
N GLU M 53 -9.19 21.69 -11.49
CA GLU M 53 -9.93 20.51 -11.10
C GLU M 53 -9.04 19.28 -11.11
N LEU M 54 -9.24 18.43 -10.10
CA LEU M 54 -8.66 17.10 -10.07
C LEU M 54 -9.24 16.20 -11.18
N VAL M 55 -8.35 15.41 -11.80
CA VAL M 55 -8.78 14.41 -12.79
C VAL M 55 -8.17 13.08 -12.39
N GLU M 56 -8.78 12.01 -12.87
CA GLU M 56 -8.26 10.65 -12.66
C GLU M 56 -7.95 10.03 -14.00
N PHE M 57 -6.77 9.41 -14.08
CA PHE M 57 -6.34 8.64 -15.26
C PHE M 57 -6.68 7.18 -15.04
N SER M 58 -7.08 6.49 -16.10
CA SER M 58 -7.53 5.11 -15.97
C SER M 58 -6.52 4.18 -15.29
N SER M 59 -5.22 4.49 -15.33
CA SER M 59 -4.22 3.68 -14.60
C SER M 59 -4.15 3.94 -13.09
N GLY M 60 -4.78 5.01 -12.64
CA GLY M 60 -4.86 5.26 -11.20
C GLY M 60 -4.22 6.56 -10.74
N VAL M 61 -3.24 7.07 -11.49
CA VAL M 61 -2.60 8.33 -11.16
C VAL M 61 -3.60 9.49 -11.29
N LYS M 62 -3.40 10.51 -10.48
CA LYS M 62 -4.25 11.66 -10.48
C LYS M 62 -3.53 12.86 -11.09
N GLY M 63 -4.30 13.81 -11.59
CA GLY M 63 -3.73 15.05 -12.05
C GLY M 63 -4.60 16.26 -11.80
N MET M 64 -4.12 17.40 -12.29
CA MET M 64 -4.72 18.69 -12.03
C MET M 64 -4.70 19.46 -13.34
N ALA M 65 -5.87 19.95 -13.75
CA ALA M 65 -5.97 20.71 -15.00
C ALA M 65 -5.55 22.14 -14.80
N LEU M 66 -4.46 22.53 -15.43
CA LEU M 66 -3.97 23.90 -15.30
C LEU M 66 -4.06 24.74 -16.58
N ASN M 67 -3.99 24.12 -17.76
CA ASN M 67 -4.14 24.85 -19.02
C ASN M 67 -5.42 24.43 -19.74
N LEU M 68 -6.36 25.35 -19.88
CA LEU M 68 -7.57 25.06 -20.62
C LEU M 68 -7.46 25.81 -21.93
N GLU M 69 -7.25 25.08 -23.02
CA GLU M 69 -6.99 25.69 -24.32
C GLU M 69 -8.06 25.22 -25.29
N PRO M 70 -8.18 25.90 -26.44
CA PRO M 70 -9.27 25.53 -27.36
C PRO M 70 -9.36 24.03 -27.68
N GLY M 71 -8.29 23.39 -28.11
CA GLY M 71 -8.42 21.98 -28.50
C GLY M 71 -8.01 20.92 -27.50
N GLN M 72 -7.52 21.32 -26.33
CA GLN M 72 -6.89 20.38 -25.42
C GLN M 72 -6.79 20.94 -24.00
N VAL M 73 -6.51 20.07 -23.03
CA VAL M 73 -6.26 20.48 -21.66
C VAL M 73 -4.86 20.05 -21.24
N GLY M 74 -4.11 20.95 -20.61
CA GLY M 74 -2.82 20.64 -20.03
C GLY M 74 -3.00 20.19 -18.59
N ILE M 75 -2.58 18.96 -18.29
CA ILE M 75 -2.73 18.42 -16.96
C ILE M 75 -1.38 18.08 -16.38
N VAL M 76 -1.16 18.47 -15.13
CA VAL M 76 0.09 18.13 -14.44
C VAL M 76 -0.18 16.91 -13.60
N LEU M 77 0.71 15.93 -13.62
CA LEU M 77 0.48 14.69 -12.88
C LEU M 77 0.92 14.74 -11.42
N PHE M 78 0.09 14.16 -10.56
CA PHE M 78 0.42 13.99 -9.15
C PHE M 78 1.09 12.66 -8.90
N GLY M 79 1.88 12.20 -9.85
CA GLY M 79 2.61 10.94 -9.73
C GLY M 79 3.42 10.67 -10.99
N SER M 80 3.85 9.41 -11.16
CA SER M 80 4.65 8.99 -12.31
C SER M 80 3.80 8.90 -13.57
N ASP M 81 4.41 9.17 -14.72
CA ASP M 81 3.70 9.03 -15.98
C ASP M 81 4.04 7.76 -16.72
N ARG M 82 4.86 6.95 -16.09
CA ARG M 82 5.20 5.60 -16.54
C ARG M 82 3.97 4.81 -16.98
N LEU M 83 2.83 5.05 -16.34
CA LEU M 83 1.64 4.29 -16.63
C LEU M 83 0.61 5.03 -17.50
N VAL M 84 0.78 6.33 -17.70
CA VAL M 84 -0.11 7.05 -18.61
C VAL M 84 0.31 6.85 -20.06
N LYS M 85 -0.64 6.72 -20.99
CA LYS M 85 -0.34 6.40 -22.38
C LYS M 85 -1.24 7.16 -23.33
N GLU M 86 -0.78 7.41 -24.56
CA GLU M 86 -1.67 7.97 -25.58
C GLU M 86 -2.96 7.15 -25.71
N GLY M 87 -4.10 7.84 -25.86
CA GLY M 87 -5.40 7.19 -26.03
C GLY M 87 -6.11 6.83 -24.73
N GLU M 88 -5.38 6.84 -23.62
CA GLU M 88 -5.91 6.45 -22.32
C GLU M 88 -6.99 7.43 -21.84
N LEU M 89 -7.99 6.90 -21.11
CA LEU M 89 -9.13 7.70 -20.65
C LEU M 89 -8.80 8.54 -19.43
N VAL M 90 -9.30 9.77 -19.43
CA VAL M 90 -9.15 10.68 -18.30
C VAL M 90 -10.56 11.07 -17.83
N LYS M 91 -10.80 11.01 -16.52
CA LYS M 91 -12.14 11.31 -15.96
C LYS M 91 -12.15 12.55 -15.08
N ARG M 92 -13.06 13.48 -15.34
CA ARG M 92 -13.34 14.57 -14.39
C ARG M 92 -13.67 14.01 -13.02
N THR M 93 -13.30 14.74 -11.98
CA THR M 93 -13.78 14.40 -10.65
C THR M 93 -14.85 15.38 -10.19
N GLY M 94 -14.98 16.50 -10.91
CA GLY M 94 -15.91 17.56 -10.52
C GLY M 94 -15.37 18.51 -9.45
N ASN M 95 -14.25 18.16 -8.82
CA ASN M 95 -13.74 18.91 -7.66
C ASN M 95 -12.46 19.70 -7.89
N ILE M 96 -12.49 21.01 -7.62
CA ILE M 96 -11.29 21.82 -7.50
C ILE M 96 -10.37 21.13 -6.48
N VAL M 97 -9.06 21.13 -6.74
CA VAL M 97 -8.12 20.41 -5.91
C VAL M 97 -8.31 20.75 -4.44
N ASP M 98 -8.59 19.73 -3.64
CA ASP M 98 -8.85 19.90 -2.23
C ASP M 98 -8.06 18.91 -1.38
N VAL M 99 -8.19 19.06 -0.06
CA VAL M 99 -7.52 18.23 0.93
C VAL M 99 -8.47 18.05 2.13
N PRO M 100 -8.39 16.89 2.80
CA PRO M 100 -9.08 16.70 4.08
C PRO M 100 -8.54 17.63 5.16
N VAL M 101 -9.42 18.10 6.05
CA VAL M 101 -9.03 18.92 7.20
C VAL M 101 -9.70 18.43 8.47
N GLY M 102 -9.23 18.91 9.62
CA GLY M 102 -9.87 18.60 10.89
C GLY M 102 -8.88 18.21 11.95
N PRO M 103 -9.35 18.11 13.21
CA PRO M 103 -8.45 17.75 14.32
C PRO M 103 -8.02 16.28 14.24
N GLY M 104 -8.72 15.47 13.44
CA GLY M 104 -8.36 14.06 13.30
C GLY M 104 -7.07 13.82 12.54
N LEU M 105 -6.54 14.88 11.93
CA LEU M 105 -5.25 14.81 11.22
C LEU M 105 -4.10 14.92 12.17
N LEU M 106 -4.38 15.29 13.42
CA LEU M 106 -3.32 15.43 14.40
C LEU M 106 -2.65 14.08 14.64
N GLY M 107 -1.33 14.08 14.73
CA GLY M 107 -0.55 12.84 14.87
C GLY M 107 -0.38 12.03 13.59
N ARG M 108 -0.77 12.61 12.46
CA ARG M 108 -0.70 11.94 11.15
C ARG M 108 0.42 12.49 10.26
N VAL M 109 0.90 11.66 9.34
CA VAL M 109 1.84 12.09 8.34
C VAL M 109 1.18 11.86 6.99
N VAL M 110 0.98 12.94 6.25
CA VAL M 110 0.34 12.87 4.93
C VAL M 110 1.19 13.36 3.73
N ASP M 111 0.77 12.99 2.52
CA ASP M 111 1.30 13.57 1.29
C ASP M 111 0.55 14.87 0.94
N ALA M 112 0.96 15.52 -0.15
CA ALA M 112 0.41 16.83 -0.50
C ALA M 112 -1.11 16.84 -0.71
N LEU M 113 -1.69 15.68 -0.93
CA LEU M 113 -3.14 15.58 -1.16
C LEU M 113 -3.93 15.05 0.06
N GLY M 114 -3.23 14.86 1.18
CA GLY M 114 -3.83 14.33 2.40
C GLY M 114 -3.84 12.81 2.52
N ASN M 115 -3.36 12.08 1.51
CA ASN M 115 -3.25 10.63 1.64
C ASN M 115 -2.26 10.28 2.73
N PRO M 116 -2.61 9.30 3.60
CA PRO M 116 -1.73 8.89 4.69
C PRO M 116 -0.46 8.24 4.16
N ILE M 117 0.68 8.55 4.75
CA ILE M 117 1.94 7.90 4.37
C ILE M 117 2.66 7.33 5.59
N ASP M 118 1.97 7.34 6.74
CA ASP M 118 2.51 6.77 7.98
C ASP M 118 2.14 5.29 8.15
N GLY M 119 1.27 4.77 7.29
CA GLY M 119 0.83 3.38 7.37
C GLY M 119 -0.15 3.11 8.51
N LYS M 120 -1.00 4.09 8.81
CA LYS M 120 -1.91 4.00 9.96
C LYS M 120 -3.36 4.11 9.54
N GLY M 121 -3.64 3.78 8.29
CA GLY M 121 -5.01 3.70 7.80
C GLY M 121 -5.62 5.05 7.50
N PRO M 122 -6.90 5.05 7.06
CA PRO M 122 -7.56 6.26 6.53
C PRO M 122 -7.51 7.45 7.46
N ILE M 123 -7.71 8.62 6.90
CA ILE M 123 -7.61 9.87 7.62
C ILE M 123 -8.99 10.18 8.20
N ASP M 124 -9.02 10.52 9.49
CA ASP M 124 -10.25 10.96 10.11
C ASP M 124 -10.51 12.44 9.81
N ALA M 125 -11.33 12.68 8.79
CA ALA M 125 -11.55 14.02 8.27
C ALA M 125 -12.88 14.63 8.75
N ALA M 126 -12.80 15.86 9.27
CA ALA M 126 -13.99 16.65 9.61
C ALA M 126 -14.63 17.25 8.38
N GLY M 127 -13.83 17.46 7.33
CA GLY M 127 -14.33 18.02 6.07
C GLY M 127 -13.21 18.14 5.04
N ARG M 128 -13.48 18.88 3.97
CA ARG M 128 -12.51 19.06 2.90
C ARG M 128 -12.42 20.52 2.48
N SER M 129 -11.20 21.06 2.41
CA SER M 129 -10.99 22.42 1.96
C SER M 129 -10.22 22.42 0.67
N ARG M 130 -10.50 23.40 -0.18
CA ARG M 130 -9.71 23.64 -1.38
C ARG M 130 -8.26 23.92 -0.97
N ALA M 131 -7.34 23.60 -1.87
CA ALA M 131 -5.92 23.93 -1.66
C ALA M 131 -5.69 25.45 -1.65
N GLN M 132 -6.33 26.14 -2.58
CA GLN M 132 -6.22 27.59 -2.70
C GLN M 132 -7.47 28.23 -2.10
N VAL M 133 -7.24 29.04 -1.07
CA VAL M 133 -8.29 29.70 -0.33
C VAL M 133 -7.84 31.15 -0.13
N LYS M 134 -8.73 32.09 -0.44
CA LYS M 134 -8.53 33.51 -0.16
C LYS M 134 -8.08 33.75 1.28
N ALA M 135 -7.10 34.62 1.43
CA ALA M 135 -6.66 35.07 2.74
C ALA M 135 -7.77 35.91 3.39
N PRO M 136 -7.83 35.93 4.73
CA PRO M 136 -8.79 36.81 5.40
C PRO M 136 -8.55 38.25 4.99
N GLY M 137 -9.64 38.97 4.74
CA GLY M 137 -9.59 40.37 4.32
C GLY M 137 -9.12 41.35 5.38
N ILE M 138 -9.17 42.65 5.05
CA ILE M 138 -8.80 43.70 6.00
C ILE M 138 -9.67 43.60 7.27
N LEU M 139 -10.97 43.41 7.08
CA LEU M 139 -11.88 43.46 8.21
C LEU M 139 -11.77 42.32 9.23
N PRO M 140 -11.76 41.04 8.78
CA PRO M 140 -11.79 39.93 9.75
C PRO M 140 -10.54 39.76 10.63
N ARG M 141 -9.62 40.72 10.59
CA ARG M 141 -8.40 40.61 11.37
C ARG M 141 -8.40 41.50 12.60
N ARG M 142 -7.48 41.20 13.50
CA ARG M 142 -7.22 42.01 14.67
C ARG M 142 -5.71 41.97 14.85
N SER M 143 -5.13 43.07 15.36
CA SER M 143 -3.70 43.18 15.61
C SER M 143 -3.14 42.03 16.45
N VAL M 144 -1.97 41.56 16.04
CA VAL M 144 -1.29 40.46 16.69
C VAL M 144 -0.84 40.89 18.08
N HIS M 145 -1.27 40.17 19.11
CA HIS M 145 -0.99 40.56 20.49
C HIS M 145 -0.56 39.41 21.40
N GLU M 146 -0.72 38.17 20.94
CA GLU M 146 -0.38 37.00 21.76
C GLU M 146 0.96 36.37 21.37
N PRO M 147 1.74 35.91 22.37
CA PRO M 147 3.01 35.22 22.10
C PRO M 147 2.87 33.84 21.46
N VAL M 148 3.78 33.56 20.52
CA VAL M 148 4.16 32.20 20.18
C VAL M 148 5.52 32.06 20.87
N GLN M 149 5.53 31.33 21.96
CA GLN M 149 6.75 31.21 22.75
C GLN M 149 7.60 30.10 22.15
N THR M 150 8.74 30.47 21.60
CA THR M 150 9.62 29.51 20.92
C THR M 150 10.37 28.66 21.93
N GLY M 151 10.65 29.24 23.09
CA GLY M 151 11.47 28.58 24.10
C GLY M 151 12.94 28.87 23.88
N LEU M 152 13.26 29.66 22.86
CA LEU M 152 14.62 30.02 22.56
C LEU M 152 14.92 31.39 23.12
N LYS M 153 15.92 31.43 23.99
CA LYS M 153 16.32 32.68 24.66
C LYS M 153 16.49 33.80 23.65
N ALA M 154 17.31 33.58 22.63
CA ALA M 154 17.64 34.62 21.65
C ALA M 154 16.42 35.10 20.88
N VAL M 155 15.54 34.16 20.52
CA VAL M 155 14.36 34.48 19.72
C VAL M 155 13.33 35.24 20.56
N ASP M 156 12.86 34.59 21.63
CA ASP M 156 11.82 35.15 22.48
C ASP M 156 12.15 36.53 23.06
N ALA M 157 13.43 36.76 23.35
CA ALA M 157 13.88 38.03 23.91
C ALA M 157 14.07 39.12 22.85
N LEU M 158 14.66 38.76 21.72
CA LEU M 158 15.10 39.76 20.73
C LEU M 158 14.21 39.86 19.51
N VAL M 159 13.67 38.72 19.06
CA VAL M 159 12.73 38.71 17.94
C VAL M 159 11.47 37.91 18.30
N PRO M 160 10.61 38.49 19.16
CA PRO M 160 9.44 37.75 19.60
C PRO M 160 8.42 37.63 18.48
N ILE M 161 7.81 36.46 18.39
CA ILE M 161 6.87 36.14 17.33
C ILE M 161 5.48 36.02 17.92
N GLY M 162 4.50 36.61 17.25
CA GLY M 162 3.13 36.58 17.73
C GLY M 162 2.18 35.69 16.96
N ARG M 163 1.07 35.35 17.61
CA ARG M 163 0.06 34.53 16.96
C ARG M 163 -0.59 35.31 15.82
N GLY M 164 -0.42 34.78 14.60
CA GLY M 164 -0.95 35.39 13.39
C GLY M 164 0.14 36.01 12.53
N GLN M 165 1.34 36.08 13.09
CA GLN M 165 2.48 36.67 12.40
C GLN M 165 3.11 35.69 11.39
N ARG M 166 3.72 36.25 10.35
CA ARG M 166 4.57 35.48 9.45
C ARG M 166 6.00 35.92 9.70
N GLU M 167 6.84 35.00 10.17
CA GLU M 167 8.25 35.31 10.44
C GLU M 167 9.15 34.39 9.62
N LEU M 168 9.97 34.98 8.75
CA LEU M 168 10.89 34.23 7.91
C LEU M 168 12.07 33.70 8.69
N ILE M 169 12.47 32.47 8.38
CA ILE M 169 13.75 31.92 8.79
C ILE M 169 14.59 31.75 7.52
N ILE M 170 15.78 32.35 7.51
CA ILE M 170 16.58 32.43 6.30
C ILE M 170 18.06 32.29 6.61
N GLY M 171 18.76 31.55 5.72
CA GLY M 171 20.20 31.29 5.83
C GLY M 171 20.68 30.13 4.97
N ASP M 172 21.98 30.04 4.74
CA ASP M 172 22.59 28.97 3.95
C ASP M 172 22.19 27.60 4.50
N ARG M 173 22.56 26.53 3.80
CA ARG M 173 22.18 25.21 4.27
C ARG M 173 22.95 24.88 5.55
N GLN M 174 22.31 24.12 6.43
CA GLN M 174 22.93 23.67 7.69
C GLN M 174 23.32 24.83 8.62
N THR M 175 22.49 25.87 8.69
CA THR M 175 22.74 26.99 9.60
C THR M 175 21.81 26.98 10.83
N GLY M 176 20.89 26.02 10.89
CA GLY M 176 20.01 25.82 12.03
C GLY M 176 18.54 26.13 11.79
N LYS M 177 18.16 26.27 10.53
CA LYS M 177 16.84 26.76 10.16
C LYS M 177 15.73 25.80 10.61
N THR M 178 15.85 24.54 10.24
CA THR M 178 14.88 23.57 10.70
C THR M 178 14.89 23.47 12.24
N ALA M 179 16.09 23.50 12.84
CA ALA M 179 16.25 23.43 14.30
C ALA M 179 15.43 24.50 15.05
N VAL M 180 15.59 25.76 14.65
CA VAL M 180 14.75 26.85 15.15
C VAL M 180 13.25 26.52 15.13
N ALA M 181 12.74 26.02 14.00
CA ALA M 181 11.30 25.75 13.90
C ALA M 181 10.90 24.53 14.72
N LEU M 182 11.82 23.57 14.81
CA LEU M 182 11.54 22.31 15.48
C LEU M 182 11.46 22.49 17.00
N ASP M 183 12.39 23.24 17.56
CA ASP M 183 12.35 23.61 18.97
C ASP M 183 11.02 24.30 19.32
N THR M 184 10.64 25.30 18.52
CA THR M 184 9.36 25.95 18.65
C THR M 184 8.21 24.96 18.74
N ILE M 185 8.24 23.92 17.92
CA ILE M 185 7.19 22.92 17.95
C ILE M 185 7.27 22.15 19.26
N LEU M 186 8.50 21.83 19.69
CA LEU M 186 8.70 21.06 20.91
C LEU M 186 8.19 21.83 22.14
N ASN M 187 8.42 23.14 22.15
CA ASN M 187 8.03 24.03 23.22
C ASN M 187 6.53 24.01 23.56
N GLN M 188 5.68 23.90 22.54
CA GLN M 188 4.23 23.95 22.73
C GLN M 188 3.65 22.82 23.61
N LYS M 189 4.51 21.90 24.06
CA LYS M 189 4.14 20.79 24.95
C LYS M 189 3.49 21.28 26.25
N ARG M 190 4.06 22.35 26.83
CA ARG M 190 3.58 22.96 28.05
C ARG M 190 2.08 23.22 28.02
N TRP M 191 1.64 23.97 27.01
CA TRP M 191 0.24 24.37 26.92
C TRP M 191 -0.64 23.31 26.31
N ASN M 192 -0.07 22.45 25.47
CA ASN M 192 -0.87 21.45 24.77
C ASN M 192 -1.29 20.30 25.67
N ASN M 193 -0.51 20.06 26.72
CA ASN M 193 -0.83 19.04 27.71
C ASN M 193 -1.93 19.49 28.68
N GLY M 194 -2.03 20.82 28.86
CA GLY M 194 -3.09 21.44 29.64
C GLY M 194 -4.47 21.22 29.02
N SER M 195 -5.45 21.98 29.50
CA SER M 195 -6.84 21.87 29.00
C SER M 195 -7.38 23.22 28.48
N ASP M 196 -6.67 24.30 28.77
CA ASP M 196 -7.04 25.62 28.27
C ASP M 196 -6.76 25.71 26.76
N GLU M 197 -7.85 25.70 25.98
CA GLU M 197 -7.76 25.67 24.52
C GLU M 197 -7.20 26.96 23.90
N SER M 198 -7.25 28.07 24.63
CA SER M 198 -6.84 29.37 24.10
C SER M 198 -5.32 29.59 24.12
N LYS M 199 -4.61 28.76 24.87
CA LYS M 199 -3.14 28.88 24.96
C LYS M 199 -2.43 27.79 24.14
N LYS M 200 -3.20 26.79 23.70
CA LYS M 200 -2.73 25.73 22.83
C LYS M 200 -2.32 26.21 21.41
N LEU M 201 -1.27 25.58 20.88
CA LEU M 201 -0.76 25.89 19.55
C LEU M 201 -0.51 24.60 18.79
N TYR M 202 -1.43 24.27 17.88
CA TYR M 202 -1.30 23.07 17.04
C TYR M 202 -0.34 23.32 15.87
N CYS M 203 0.48 22.32 15.58
CA CYS M 203 1.63 22.48 14.70
C CYS M 203 1.52 21.74 13.37
N VAL M 204 1.73 22.48 12.29
CA VAL M 204 1.80 21.91 10.96
C VAL M 204 3.20 22.08 10.37
N TYR M 205 3.85 20.95 10.11
CA TYR M 205 5.18 20.96 9.46
C TYR M 205 5.09 20.49 8.02
N VAL M 206 5.51 21.36 7.12
CA VAL M 206 5.50 21.08 5.68
C VAL M 206 6.93 20.81 5.17
N ALA M 207 7.15 19.59 4.71
CA ALA M 207 8.46 19.22 4.13
C ALA M 207 8.34 19.27 2.64
N VAL M 208 9.05 20.23 2.04
CA VAL M 208 8.99 20.46 0.59
C VAL M 208 10.37 20.25 -0.02
N GLY M 209 10.52 19.16 -0.76
CA GLY M 209 11.74 18.86 -1.51
C GLY M 209 12.88 18.32 -0.69
N GLN M 210 12.59 17.99 0.57
CA GLN M 210 13.55 17.37 1.47
C GLN M 210 13.65 15.88 1.18
N LYS M 211 14.73 15.28 1.65
CA LYS M 211 14.88 13.83 1.68
C LYS M 211 13.85 13.20 2.61
N ARG M 212 13.34 12.04 2.22
CA ARG M 212 12.43 11.26 3.07
C ARG M 212 13.02 10.93 4.44
N SER M 213 14.30 10.64 4.48
CA SER M 213 14.96 10.26 5.70
C SER M 213 15.12 11.45 6.62
N THR M 214 15.22 12.64 6.06
CA THR M 214 15.25 13.86 6.88
C THR M 214 13.89 14.06 7.56
N VAL M 215 12.82 13.73 6.87
CA VAL M 215 11.48 13.88 7.39
C VAL M 215 11.21 12.78 8.42
N ALA M 216 11.62 11.55 8.10
CA ALA M 216 11.49 10.42 9.02
C ALA M 216 12.20 10.68 10.34
N GLN M 217 13.43 11.20 10.25
CA GLN M 217 14.20 11.56 11.43
C GLN M 217 13.46 12.61 12.23
N LEU M 218 12.89 13.59 11.54
CA LEU M 218 12.17 14.66 12.22
C LEU M 218 10.91 14.14 12.95
N VAL M 219 10.16 13.23 12.34
CA VAL M 219 8.99 12.72 13.06
C VAL M 219 9.35 11.72 14.14
N GLN M 220 10.55 11.14 14.08
CA GLN M 220 11.01 10.29 15.16
C GLN M 220 11.24 11.16 16.40
N THR M 221 11.92 12.28 16.20
CA THR M 221 12.14 13.25 17.27
C THR M 221 10.82 13.68 17.90
N LEU M 222 9.88 14.17 17.08
CA LEU M 222 8.59 14.60 17.59
C LEU M 222 7.89 13.51 18.38
N GLU M 223 8.08 12.25 17.98
CA GLU M 223 7.48 11.15 18.71
C GLU M 223 8.16 10.92 20.06
N GLN M 224 9.47 11.14 20.09
CA GLN M 224 10.27 10.90 21.28
C GLN M 224 10.07 11.98 22.35
N HIS M 225 9.65 13.17 21.91
CA HIS M 225 9.28 14.24 22.82
C HIS M 225 7.76 14.33 22.96
N ASP M 226 7.05 13.26 22.56
CA ASP M 226 5.59 13.19 22.68
C ASP M 226 4.94 14.45 22.12
N ALA M 227 5.35 14.83 20.91
CA ALA M 227 4.92 16.08 20.29
C ALA M 227 4.10 15.79 19.03
N MET M 228 4.18 14.56 18.56
CA MET M 228 3.44 14.13 17.37
C MET M 228 1.94 14.26 17.55
N LYS M 229 1.46 14.07 18.77
CA LYS M 229 0.01 14.08 19.07
C LYS M 229 -0.67 15.42 18.77
N TYR M 230 0.12 16.50 18.74
CA TYR M 230 -0.41 17.80 18.40
C TYR M 230 0.24 18.39 17.13
N SER M 231 0.89 17.53 16.36
CA SER M 231 1.54 17.94 15.11
C SER M 231 0.87 17.29 13.90
N ILE M 232 0.89 17.98 12.77
CA ILE M 232 0.54 17.38 11.47
C ILE M 232 1.71 17.62 10.48
N ILE M 233 2.15 16.53 9.85
CA ILE M 233 3.27 16.60 8.91
C ILE M 233 2.72 16.40 7.51
N VAL M 234 2.97 17.39 6.65
CA VAL M 234 2.64 17.29 5.23
C VAL M 234 3.95 17.16 4.42
N ALA M 235 4.07 16.08 3.67
CA ALA M 235 5.34 15.78 3.02
C ALA M 235 5.20 15.64 1.50
N ALA M 236 6.00 16.43 0.79
CA ALA M 236 6.21 16.29 -0.65
C ALA M 236 7.73 16.28 -0.82
N THR M 237 8.29 15.08 -0.79
CA THR M 237 9.74 14.90 -0.71
C THR M 237 10.40 14.98 -2.10
N ALA M 238 11.73 14.94 -2.14
CA ALA M 238 12.54 15.28 -3.34
C ALA M 238 12.28 14.44 -4.59
N SER M 239 11.82 13.20 -4.42
CA SER M 239 11.55 12.33 -5.55
C SER M 239 10.13 12.49 -6.09
N GLU M 240 9.29 13.24 -5.39
CA GLU M 240 7.89 13.34 -5.78
C GLU M 240 7.65 14.38 -6.85
N ALA M 241 6.65 14.11 -7.68
CA ALA M 241 6.31 14.96 -8.80
C ALA M 241 6.26 16.42 -8.39
N ALA M 242 6.68 17.29 -9.30
CA ALA M 242 6.77 18.71 -9.04
C ALA M 242 5.45 19.35 -8.57
N PRO M 243 4.30 18.93 -9.15
CA PRO M 243 3.00 19.47 -8.71
C PRO M 243 2.70 19.21 -7.23
N LEU M 244 3.09 18.03 -6.72
CA LEU M 244 2.94 17.74 -5.28
C LEU M 244 3.78 18.67 -4.40
N GLN M 245 5.00 18.99 -4.84
CA GLN M 245 5.88 19.88 -4.09
C GLN M 245 5.37 21.30 -4.14
N TYR M 246 4.80 21.66 -5.29
CA TYR M 246 4.14 22.95 -5.46
C TYR M 246 2.93 23.08 -4.53
N LEU M 247 2.12 22.02 -4.47
CA LEU M 247 0.84 22.06 -3.79
C LEU M 247 0.91 21.98 -2.24
N ALA M 248 1.87 21.21 -1.74
CA ALA M 248 1.96 20.90 -0.32
C ALA M 248 1.79 22.10 0.62
N PRO M 249 2.51 23.22 0.38
CA PRO M 249 2.31 24.34 1.30
C PRO M 249 0.87 24.88 1.28
N PHE M 250 0.17 24.73 0.16
CA PHE M 250 -1.19 25.23 0.08
C PHE M 250 -2.17 24.33 0.83
N THR M 251 -2.06 23.03 0.62
CA THR M 251 -2.95 22.08 1.31
C THR M 251 -2.66 22.09 2.81
N ALA M 252 -1.40 22.27 3.17
CA ALA M 252 -1.02 22.37 4.55
C ALA M 252 -1.62 23.63 5.17
N ALA M 253 -1.57 24.75 4.45
CA ALA M 253 -2.26 25.96 4.90
C ALA M 253 -3.73 25.66 5.24
N SER M 254 -4.46 25.03 4.31
CA SER M 254 -5.87 24.69 4.54
C SER M 254 -6.05 23.84 5.81
N ILE M 255 -5.10 22.94 6.04
CA ILE M 255 -5.11 22.09 7.22
C ILE M 255 -4.97 22.97 8.47
N GLY M 256 -4.01 23.90 8.42
CA GLY M 256 -3.76 24.82 9.52
C GLY M 256 -4.90 25.79 9.77
N GLU M 257 -5.62 26.13 8.71
CA GLU M 257 -6.75 27.06 8.78
C GLU M 257 -7.98 26.45 9.44
N TRP M 258 -8.11 25.12 9.45
CA TRP M 258 -9.23 24.51 10.16
C TRP M 258 -9.17 24.96 11.61
N PHE M 259 -7.97 24.96 12.16
CA PHE M 259 -7.74 25.48 13.50
C PHE M 259 -8.04 26.97 13.58
N ARG M 260 -7.48 27.75 12.67
CA ARG M 260 -7.68 29.19 12.65
C ARG M 260 -9.17 29.58 12.64
N ASP M 261 -9.99 28.82 11.92
CA ASP M 261 -11.38 29.19 11.65
C ASP M 261 -12.33 28.78 12.77
N ASN M 262 -11.92 27.82 13.60
CA ASN M 262 -12.76 27.29 14.66
C ASN M 262 -12.20 27.71 16.02
N GLY M 263 -11.82 28.97 16.12
CA GLY M 263 -11.39 29.54 17.38
C GLY M 263 -10.15 28.96 18.01
N LYS M 264 -9.39 28.16 17.26
CA LYS M 264 -8.12 27.62 17.77
C LYS M 264 -6.91 28.26 17.08
N HIS M 265 -5.71 27.86 17.49
CA HIS M 265 -4.46 28.49 17.06
C HIS M 265 -3.44 27.49 16.52
N ALA M 266 -2.92 27.77 15.32
CA ALA M 266 -2.01 26.85 14.62
C ALA M 266 -0.73 27.53 14.16
N LEU M 267 0.35 26.77 14.23
CA LEU M 267 1.64 27.19 13.71
C LEU M 267 1.99 26.32 12.49
N ILE M 268 2.30 26.98 11.37
CA ILE M 268 2.74 26.29 10.16
C ILE M 268 4.18 26.63 9.78
N VAL M 269 5.00 25.59 9.60
CA VAL M 269 6.36 25.73 9.09
C VAL M 269 6.46 25.27 7.62
N TYR M 270 6.96 26.15 6.75
CA TYR M 270 7.10 25.84 5.34
C TYR M 270 8.56 25.61 5.03
N ASP M 271 8.95 24.35 4.96
CA ASP M 271 10.35 24.01 4.96
C ASP M 271 10.73 23.20 3.70
N ASP M 272 11.10 23.87 2.60
CA ASP M 272 11.24 25.32 2.48
C ASP M 272 10.60 25.87 1.21
N LEU M 273 10.49 27.18 1.13
CA LEU M 273 9.83 27.79 -0.02
C LEU M 273 10.77 27.94 -1.23
N SER M 274 12.07 27.81 -0.99
CA SER M 274 13.03 27.83 -2.08
C SER M 274 12.70 26.70 -3.03
N LYS M 275 12.50 25.50 -2.47
CA LYS M 275 12.25 24.29 -3.24
C LYS M 275 10.85 24.26 -3.82
N GLN M 276 9.90 24.93 -3.17
CA GLN M 276 8.58 25.06 -3.73
C GLN M 276 8.61 25.91 -5.00
N ALA M 277 9.41 26.97 -4.98
CA ALA M 277 9.51 27.86 -6.13
C ALA M 277 10.10 27.11 -7.31
N VAL M 278 11.12 26.30 -7.03
CA VAL M 278 11.75 25.46 -8.04
C VAL M 278 10.75 24.46 -8.64
N ALA M 279 9.92 23.85 -7.80
CA ALA M 279 8.90 22.93 -8.31
C ALA M 279 7.89 23.66 -9.18
N TYR M 280 7.45 24.83 -8.73
CA TYR M 280 6.52 25.63 -9.51
C TYR M 280 7.14 25.94 -10.87
N ARG M 281 8.41 26.36 -10.88
CA ARG M 281 9.13 26.59 -12.15
C ARG M 281 9.08 25.36 -13.06
N GLN M 282 9.44 24.21 -12.51
CA GLN M 282 9.46 22.98 -13.29
C GLN M 282 8.12 22.76 -14.00
N LEU M 283 7.01 22.72 -13.26
CA LEU M 283 5.75 22.37 -13.89
C LEU M 283 5.32 23.41 -14.89
N SER M 284 5.68 24.67 -14.63
CA SER M 284 5.26 25.78 -15.46
C SER M 284 6.01 25.77 -16.79
N LEU M 285 7.30 25.47 -16.75
CA LEU M 285 8.07 25.32 -17.98
C LEU M 285 7.52 24.17 -18.82
N LEU M 286 7.21 23.06 -18.15
CA LEU M 286 6.73 21.88 -18.85
C LEU M 286 5.29 22.04 -19.35
N LEU M 287 4.53 22.95 -18.78
CA LEU M 287 3.22 23.26 -19.33
C LEU M 287 3.43 24.19 -20.53
N ARG M 288 4.68 24.53 -20.80
CA ARG M 288 5.11 25.46 -21.87
C ARG M 288 4.61 26.89 -21.65
N ARG M 289 4.55 27.32 -20.41
CA ARG M 289 4.27 28.71 -20.09
C ARG M 289 5.55 29.52 -20.15
N PRO M 290 5.55 30.61 -20.94
CA PRO M 290 6.82 31.32 -21.14
C PRO M 290 7.30 31.86 -19.81
N PRO M 291 8.57 31.59 -19.46
CA PRO M 291 9.08 31.93 -18.15
C PRO M 291 9.46 33.40 -18.06
N GLY M 292 9.72 33.85 -16.84
CA GLY M 292 10.22 35.19 -16.61
C GLY M 292 11.62 35.10 -16.05
N ARG M 293 11.92 36.00 -15.11
CA ARG M 293 13.24 36.09 -14.52
C ARG M 293 13.74 34.72 -14.07
N GLU M 294 14.97 34.40 -14.48
CA GLU M 294 15.64 33.15 -14.11
C GLU M 294 14.83 31.90 -14.41
N ALA M 295 14.01 31.99 -15.45
CA ALA M 295 13.13 30.92 -15.91
C ALA M 295 12.01 30.55 -14.92
N TYR M 296 11.92 31.27 -13.79
CA TYR M 296 10.79 31.11 -12.87
C TYR M 296 9.56 31.69 -13.55
N PRO M 297 8.37 31.24 -13.14
CA PRO M 297 7.16 31.76 -13.79
C PRO M 297 6.99 33.25 -13.53
N GLY M 298 6.28 33.93 -14.42
CA GLY M 298 5.94 35.34 -14.23
C GLY M 298 5.43 35.69 -12.83
N ASP M 299 4.61 34.81 -12.25
CA ASP M 299 3.94 35.13 -10.96
C ASP M 299 4.55 34.39 -9.77
N VAL M 300 5.88 34.26 -9.76
CA VAL M 300 6.51 33.50 -8.69
C VAL M 300 6.39 34.20 -7.33
N PHE M 301 6.30 35.52 -7.35
CA PHE M 301 6.09 36.28 -6.13
C PHE M 301 4.70 35.95 -5.55
N TYR M 302 3.70 35.96 -6.43
CA TYR M 302 2.33 35.62 -6.09
C TYR M 302 2.21 34.25 -5.45
N LEU M 303 2.99 33.30 -5.97
CA LEU M 303 3.05 31.95 -5.41
C LEU M 303 3.23 32.02 -3.91
N HIS M 304 4.18 32.85 -3.49
CA HIS M 304 4.49 32.99 -2.08
C HIS M 304 3.63 34.01 -1.33
N SER M 305 3.25 35.10 -1.99
CA SER M 305 2.48 36.13 -1.32
C SER M 305 1.08 35.62 -0.97
N ARG M 306 0.47 34.88 -1.87
CA ARG M 306 -0.87 34.38 -1.61
C ARG M 306 -0.87 33.30 -0.55
N LEU M 307 0.26 32.63 -0.40
CA LEU M 307 0.35 31.58 0.57
C LEU M 307 0.45 32.22 1.96
N LEU M 308 1.38 33.16 2.11
CA LEU M 308 1.72 33.68 3.42
C LEU M 308 0.66 34.64 3.97
N GLU M 309 -0.11 35.25 3.08
CA GLU M 309 -1.18 36.13 3.50
C GLU M 309 -2.28 35.36 4.22
N ARG M 310 -2.25 34.04 4.08
CA ARG M 310 -3.23 33.19 4.74
C ARG M 310 -2.96 33.00 6.23
N ALA M 311 -1.75 33.33 6.66
CA ALA M 311 -1.48 33.45 8.08
C ALA M 311 -2.10 34.76 8.58
N ALA M 312 -2.84 34.68 9.68
CA ALA M 312 -3.60 35.83 10.18
C ALA M 312 -4.06 35.66 11.62
N LYS M 313 -4.16 36.78 12.34
CA LYS M 313 -4.88 36.82 13.60
C LYS M 313 -6.29 37.30 13.29
N LEU M 314 -7.27 36.45 13.53
CA LEU M 314 -8.67 36.78 13.27
C LEU M 314 -9.29 37.66 14.36
N SER M 315 -10.34 38.38 13.99
CA SER M 315 -11.08 39.26 14.91
C SER M 315 -11.91 38.49 15.93
N GLU M 316 -12.40 39.20 16.93
CA GLU M 316 -13.28 38.64 17.95
C GLU M 316 -14.55 38.11 17.29
N LYS M 317 -15.07 38.88 16.33
CA LYS M 317 -16.29 38.46 15.62
C LYS M 317 -16.13 37.12 14.93
N GLU M 318 -14.92 36.84 14.43
CA GLU M 318 -14.64 35.64 13.63
C GLU M 318 -14.06 34.48 14.44
N GLY M 319 -14.08 34.58 15.76
CA GLY M 319 -13.72 33.47 16.64
C GLY M 319 -12.38 33.60 17.35
N SER M 320 -11.63 34.65 17.02
CA SER M 320 -10.31 34.94 17.62
C SER M 320 -9.14 33.98 17.27
N GLY M 321 -9.38 33.03 16.35
CA GLY M 321 -8.35 32.07 15.91
C GLY M 321 -7.20 32.71 15.14
N SER M 322 -6.13 31.93 14.96
CA SER M 322 -4.93 32.44 14.32
C SER M 322 -4.15 31.32 13.65
N LEU M 323 -3.42 31.69 12.59
CA LEU M 323 -2.40 30.84 11.96
C LEU M 323 -1.13 31.66 11.87
N THR M 324 -0.06 31.12 12.45
CA THR M 324 1.26 31.74 12.44
C THR M 324 2.18 30.92 11.51
N ALA M 325 2.93 31.63 10.66
CA ALA M 325 3.74 30.97 9.65
C ALA M 325 5.19 31.21 9.86
N LEU M 326 5.95 30.13 9.84
CA LEU M 326 7.40 30.19 9.78
C LEU M 326 7.89 29.64 8.42
N PRO M 327 7.85 30.47 7.36
CA PRO M 327 8.43 30.02 6.11
C PRO M 327 9.93 29.95 6.24
N VAL M 328 10.52 29.00 5.52
CA VAL M 328 11.97 28.83 5.49
C VAL M 328 12.46 29.13 4.08
N ILE M 329 13.52 29.95 3.99
CA ILE M 329 14.19 30.24 2.72
C ILE M 329 15.65 29.90 2.88
N GLU M 330 16.18 29.16 1.90
CA GLU M 330 17.58 28.74 1.88
C GLU M 330 18.38 29.58 0.90
N THR M 331 19.32 30.35 1.45
CA THR M 331 20.18 31.19 0.63
C THR M 331 21.39 30.38 0.18
N GLN M 332 22.21 30.96 -0.67
CA GLN M 332 23.47 30.36 -1.06
C GLN M 332 24.60 31.33 -0.87
N GLY M 333 25.58 30.93 -0.06
CA GLY M 333 26.75 31.78 0.23
C GLY M 333 26.32 33.12 0.80
N GLY M 334 25.33 33.08 1.71
CA GLY M 334 24.76 34.28 2.33
C GLY M 334 24.10 35.30 1.43
N ASP M 335 23.73 34.93 0.20
CA ASP M 335 23.18 35.91 -0.75
C ASP M 335 21.68 36.13 -0.55
N VAL M 336 21.34 37.10 0.29
CA VAL M 336 19.93 37.40 0.54
C VAL M 336 19.32 38.28 -0.56
N SER M 337 20.16 38.78 -1.45
CA SER M 337 19.71 39.63 -2.54
C SER M 337 19.22 38.86 -3.77
N ALA M 338 19.31 37.53 -3.72
CA ALA M 338 18.83 36.69 -4.82
C ALA M 338 17.33 36.84 -4.96
N TYR M 339 16.84 36.53 -6.15
CA TYR M 339 15.46 36.71 -6.56
C TYR M 339 14.42 36.23 -5.53
N ILE M 340 14.40 34.94 -5.22
CA ILE M 340 13.36 34.37 -4.38
C ILE M 340 13.49 34.80 -2.89
N PRO M 341 14.72 34.76 -2.33
CA PRO M 341 14.89 35.28 -0.98
C PRO M 341 14.35 36.69 -0.83
N THR M 342 14.65 37.55 -1.79
CA THR M 342 14.20 38.93 -1.74
C THR M 342 12.67 39.04 -1.84
N ASN M 343 12.06 38.19 -2.66
CA ASN M 343 10.61 38.10 -2.74
C ASN M 343 9.97 37.80 -1.37
N VAL M 344 10.49 36.80 -0.66
CA VAL M 344 9.86 36.36 0.56
C VAL M 344 10.14 37.33 1.73
N ILE M 345 11.36 37.83 1.82
CA ILE M 345 11.72 38.90 2.76
C ILE M 345 10.69 40.04 2.69
N SER M 346 10.33 40.47 1.50
CA SER M 346 9.36 41.56 1.35
C SER M 346 7.90 41.14 1.61
N ILE M 347 7.68 39.91 2.05
CA ILE M 347 6.32 39.43 2.30
C ILE M 347 6.05 39.32 3.79
N THR M 348 7.02 38.76 4.51
CA THR M 348 6.85 38.44 5.89
C THR M 348 6.95 39.66 6.81
N ASP M 349 6.64 39.43 8.09
CA ASP M 349 6.63 40.48 9.10
C ASP M 349 7.98 40.52 9.81
N GLY M 350 9.05 40.42 9.03
CA GLY M 350 10.41 40.35 9.56
C GLY M 350 11.04 38.99 9.34
N GLN M 351 12.31 38.86 9.73
CA GLN M 351 13.11 37.68 9.43
C GLN M 351 14.05 37.37 10.56
N ILE M 352 14.21 36.07 10.84
CA ILE M 352 15.32 35.56 11.62
C ILE M 352 16.41 35.03 10.69
N PHE M 353 17.57 35.64 10.83
CA PHE M 353 18.62 35.59 9.88
C PHE M 353 19.76 34.75 10.46
N LEU M 354 19.88 33.51 10.01
CA LEU M 354 20.92 32.61 10.49
C LEU M 354 22.18 32.74 9.63
N GLU M 355 23.32 32.90 10.29
CA GLU M 355 24.60 33.13 9.59
C GLU M 355 25.57 32.01 9.88
N ALA M 356 26.21 31.53 8.82
CA ALA M 356 27.20 30.46 8.92
C ALA M 356 28.39 30.85 9.80
N GLU M 357 28.89 32.09 9.64
CA GLU M 357 30.03 32.57 10.41
C GLU M 357 29.81 32.35 11.91
N LEU M 358 28.59 32.65 12.38
CA LEU M 358 28.22 32.43 13.78
C LEU M 358 28.06 30.95 14.13
N PHE M 359 27.35 30.21 13.29
CA PHE M 359 27.11 28.77 13.47
C PHE M 359 28.38 27.92 13.53
N TYR M 360 29.44 28.40 12.87
CA TYR M 360 30.74 27.69 12.88
C TYR M 360 31.49 27.90 14.19
N LYS M 361 31.49 29.13 14.69
CA LYS M 361 32.00 29.41 16.05
C LYS M 361 31.25 28.52 17.04
N GLY M 362 30.02 28.14 16.68
CA GLY M 362 29.16 27.33 17.53
C GLY M 362 28.29 28.16 18.44
N ILE M 363 28.20 29.48 18.20
CA ILE M 363 27.16 30.30 18.83
C ILE M 363 25.83 29.91 18.17
N ARG M 364 25.06 29.10 18.89
CA ARG M 364 23.86 28.53 18.32
C ARG M 364 22.69 28.72 19.30
N PRO M 365 21.53 29.20 18.80
CA PRO M 365 21.24 29.46 17.38
C PRO M 365 22.09 30.59 16.81
N ALA M 366 22.35 30.51 15.51
CA ALA M 366 23.25 31.45 14.86
C ALA M 366 22.51 32.66 14.36
N ILE M 367 21.80 33.32 15.26
CA ILE M 367 20.99 34.48 14.90
C ILE M 367 21.85 35.74 14.84
N ASN M 368 21.81 36.40 13.69
CA ASN M 368 22.40 37.72 13.56
C ASN M 368 21.41 38.70 14.16
N VAL M 369 21.71 39.18 15.36
CA VAL M 369 20.80 40.07 16.10
C VAL M 369 20.48 41.37 15.34
N GLY M 370 21.53 42.05 14.88
CA GLY M 370 21.37 43.32 14.14
C GLY M 370 20.53 43.24 12.88
N LEU M 371 20.40 42.05 12.30
CA LEU M 371 19.69 41.91 11.03
C LEU M 371 18.36 41.19 11.18
N SER M 372 18.20 40.43 12.24
CA SER M 372 16.93 39.77 12.52
C SER M 372 15.95 40.76 13.13
N VAL M 373 14.76 40.85 12.54
CA VAL M 373 13.74 41.78 13.03
C VAL M 373 12.41 41.08 13.16
N SER M 374 11.61 41.56 14.10
CA SER M 374 10.20 41.20 14.18
C SER M 374 9.40 42.49 14.05
N ARG M 375 8.76 42.68 12.89
CA ARG M 375 8.04 43.92 12.60
C ARG M 375 6.81 44.12 13.49
N VAL M 376 6.45 43.08 14.22
CA VAL M 376 5.36 43.15 15.19
C VAL M 376 5.85 43.77 16.51
N GLY M 377 7.02 43.33 16.96
CA GLY M 377 7.68 43.92 18.13
C GLY M 377 7.23 43.40 19.49
N SER M 378 7.41 44.25 20.50
CA SER M 378 7.09 43.92 21.87
C SER M 378 5.61 43.55 22.08
N ALA M 379 4.76 44.01 21.15
CA ALA M 379 3.33 43.71 21.18
C ALA M 379 3.05 42.21 21.28
N ALA M 380 3.98 41.41 20.77
CA ALA M 380 3.86 39.95 20.74
C ALA M 380 4.62 39.27 21.88
N GLN M 381 5.36 40.06 22.65
CA GLN M 381 6.25 39.52 23.69
C GLN M 381 5.51 39.40 25.01
N VAL M 382 5.81 38.34 25.78
CA VAL M 382 5.32 38.24 27.16
C VAL M 382 5.88 39.44 27.93
N LYS M 383 4.97 40.18 28.58
CA LYS M 383 5.32 41.43 29.27
C LYS M 383 6.48 41.29 30.27
N ALA M 384 6.50 40.18 30.99
CA ALA M 384 7.56 39.90 31.96
C ALA M 384 8.93 39.86 31.29
N LEU M 385 8.97 39.32 30.07
CA LEU M 385 10.20 39.20 29.32
C LEU M 385 10.60 40.55 28.74
N LYS M 386 9.62 41.33 28.28
CA LYS M 386 9.85 42.69 27.79
C LYS M 386 10.51 43.58 28.85
N GLN M 387 10.09 43.39 30.11
CA GLN M 387 10.63 44.13 31.25
C GLN M 387 12.12 43.86 31.46
N VAL M 388 12.46 42.60 31.73
CA VAL M 388 13.84 42.19 32.03
C VAL M 388 14.84 42.38 30.88
N ALA M 389 14.35 42.42 29.64
CA ALA M 389 15.20 42.60 28.47
C ALA M 389 14.98 43.97 27.84
N GLY M 390 14.95 45.00 28.68
CA GLY M 390 14.69 46.37 28.24
C GLY M 390 15.52 46.80 27.05
N SER M 391 16.84 46.87 27.26
CA SER M 391 17.76 47.35 26.23
C SER M 391 18.43 46.23 25.44
N LEU M 392 18.27 44.99 25.91
CA LEU M 392 19.07 43.85 25.42
C LEU M 392 19.48 43.89 23.95
N LYS M 393 18.58 44.27 23.05
CA LYS M 393 18.89 44.28 21.61
C LYS M 393 19.84 45.40 21.19
N LEU M 394 19.60 46.62 21.68
CA LEU M 394 20.52 47.73 21.47
C LEU M 394 21.74 47.65 22.41
N PHE M 395 21.64 46.79 23.41
CA PHE M 395 22.75 46.50 24.32
C PHE M 395 23.76 45.57 23.65
N LEU M 396 23.28 44.82 22.65
CA LEU M 396 24.14 44.01 21.78
C LEU M 396 24.44 44.76 20.49
N ALA M 397 24.12 46.05 20.51
CA ALA M 397 24.59 47.00 19.50
C ALA M 397 25.58 47.95 20.18
N GLN M 398 25.45 48.06 21.51
CA GLN M 398 26.44 48.73 22.36
C GLN M 398 27.66 47.84 22.58
N TYR M 399 27.44 46.54 22.62
CA TYR M 399 28.52 45.56 22.76
C TYR M 399 29.21 45.27 21.44
N ARG M 400 28.43 45.15 20.36
CA ARG M 400 28.99 44.92 19.03
C ARG M 400 29.87 46.10 18.59
N GLU M 401 29.51 47.30 19.06
CA GLU M 401 30.30 48.50 18.89
C GLU M 401 31.70 48.35 19.49
N VAL M 402 31.76 47.91 20.75
CA VAL M 402 33.03 47.77 21.48
C VAL M 402 33.80 46.50 21.09
N ALA M 403 33.19 45.65 20.27
CA ALA M 403 33.87 44.46 19.74
C ALA M 403 34.95 44.86 18.75
N ALA M 404 34.74 45.98 18.07
CA ALA M 404 35.72 46.53 17.14
C ALA M 404 36.88 47.24 17.86
N PHE M 405 36.66 47.65 19.11
CA PHE M 405 37.65 48.35 19.94
C PHE M 405 38.80 47.45 20.39
N ALA M 406 38.55 46.15 20.48
CA ALA M 406 39.53 45.18 20.99
C ALA M 406 40.68 44.87 20.02
N GLN M 407 40.35 44.69 18.74
CA GLN M 407 41.36 44.48 17.69
C GLN M 407 41.95 45.80 17.18
N PHE M 408 41.31 46.92 17.54
CA PHE M 408 41.89 48.25 17.45
C PHE M 408 43.15 48.31 18.33
N GLY M 409 43.20 47.45 19.34
CA GLY M 409 44.39 47.24 20.17
C GLY M 409 44.42 48.06 21.44
N SER M 410 43.53 49.05 21.53
CA SER M 410 43.51 49.98 22.66
C SER M 410 42.91 49.38 23.94
N ASP M 411 43.46 49.81 25.07
CA ASP M 411 43.09 49.30 26.39
C ASP M 411 42.55 50.41 27.29
N LEU M 412 41.47 51.05 26.84
CA LEU M 412 40.93 52.21 27.54
C LEU M 412 39.42 52.07 27.73
N ASP M 413 38.81 53.15 28.19
CA ASP M 413 37.39 53.18 28.52
C ASP M 413 37.08 52.03 29.48
N ALA M 414 37.47 52.22 30.75
CA ALA M 414 37.18 51.23 31.80
C ALA M 414 35.68 51.16 32.06
N SER M 415 35.01 52.29 31.86
CA SER M 415 33.56 52.35 31.79
C SER M 415 33.05 51.47 30.63
N THR M 416 33.78 51.52 29.51
CA THR M 416 33.55 50.63 28.37
C THR M 416 33.79 49.17 28.78
N LYS M 417 34.87 48.92 29.52
CA LYS M 417 35.16 47.57 30.06
C LYS M 417 33.94 46.92 30.71
N GLN M 418 33.13 47.72 31.40
CA GLN M 418 31.91 47.24 32.05
C GLN M 418 30.91 46.66 31.03
N THR M 419 30.60 47.42 29.99
CA THR M 419 29.76 46.94 28.89
C THR M 419 30.49 45.93 27.99
N LEU M 420 31.81 46.10 27.86
CA LEU M 420 32.67 45.23 27.06
C LEU M 420 32.66 43.77 27.54
N VAL M 421 32.63 43.60 28.86
CA VAL M 421 32.61 42.29 29.51
C VAL M 421 31.19 41.72 29.49
N ARG M 422 30.23 42.57 29.87
CA ARG M 422 28.81 42.19 29.94
C ARG M 422 28.31 41.50 28.67
N GLY M 423 28.52 42.17 27.52
CA GLY M 423 28.06 41.66 26.24
C GLY M 423 28.55 40.25 25.93
N GLU M 424 29.81 39.99 26.24
CA GLU M 424 30.43 38.68 26.01
C GLU M 424 29.75 37.60 26.86
N ARG M 425 29.29 37.98 28.05
CA ARG M 425 28.55 37.08 28.93
C ARG M 425 27.10 36.92 28.46
N LEU M 426 26.52 38.01 27.95
CA LEU M 426 25.18 37.98 27.37
C LEU M 426 25.13 37.06 26.15
N THR M 427 26.17 37.13 25.33
CA THR M 427 26.30 36.26 24.16
C THR M 427 26.36 34.78 24.56
N GLN M 428 27.07 34.47 25.63
CA GLN M 428 27.16 33.09 26.10
C GLN M 428 25.84 32.62 26.72
N LEU M 429 25.08 33.57 27.26
CA LEU M 429 23.79 33.29 27.88
C LEU M 429 22.75 32.92 26.82
N LEU M 430 22.84 33.59 25.67
CA LEU M 430 21.92 33.36 24.55
C LEU M 430 22.19 32.08 23.75
N LYS M 431 23.38 31.52 23.89
CA LYS M 431 23.68 30.19 23.33
C LYS M 431 22.74 29.18 23.96
N GLN M 432 22.37 28.15 23.20
CA GLN M 432 21.35 27.21 23.64
C GLN M 432 21.47 25.91 22.86
N ASN M 433 21.51 24.80 23.56
CA ASN M 433 21.50 23.50 22.90
C ASN M 433 20.19 23.26 22.14
N GLN M 434 20.22 22.29 21.25
CA GLN M 434 19.07 21.92 20.46
C GLN M 434 18.14 21.01 21.26
N TYR M 435 16.85 21.02 20.94
CA TYR M 435 15.83 20.19 21.57
C TYR M 435 15.66 20.50 23.07
N SER M 436 16.03 21.72 23.45
CA SER M 436 16.00 22.13 24.85
C SER M 436 15.37 23.52 25.03
N PRO M 437 14.06 23.64 24.74
CA PRO M 437 13.45 24.96 24.86
C PRO M 437 13.12 25.28 26.32
N LEU M 438 13.14 26.57 26.67
CA LEU M 438 12.87 27.02 28.03
C LEU M 438 11.54 27.75 28.16
N ALA M 439 10.82 27.46 29.26
CA ALA M 439 9.61 28.20 29.62
C ALA M 439 10.00 29.64 29.97
N THR M 440 9.05 30.57 29.82
CA THR M 440 9.27 31.98 30.13
C THR M 440 9.76 32.20 31.57
N GLU M 441 9.19 31.47 32.53
CA GLU M 441 9.62 31.59 33.91
C GLU M 441 11.08 31.17 34.10
N GLU M 442 11.60 30.36 33.19
CA GLU M 442 13.02 29.99 33.21
C GLU M 442 13.87 31.05 32.52
N GLN M 443 13.36 31.62 31.42
CA GLN M 443 14.06 32.66 30.68
C GLN M 443 14.20 33.97 31.46
N VAL M 444 13.09 34.48 31.96
CA VAL M 444 13.01 35.81 32.59
C VAL M 444 14.09 36.06 33.67
N PRO M 445 14.25 35.11 34.62
CA PRO M 445 15.35 35.21 35.58
C PRO M 445 16.72 35.35 34.89
N LEU M 446 17.02 34.42 33.97
CA LEU M 446 18.31 34.42 33.25
C LEU M 446 18.61 35.76 32.59
N ILE M 447 17.63 36.32 31.89
CA ILE M 447 17.82 37.60 31.21
C ILE M 447 18.05 38.70 32.23
N TYR M 448 17.26 38.69 33.31
CA TYR M 448 17.41 39.66 34.39
C TYR M 448 18.83 39.61 34.96
N ALA M 449 19.30 38.40 35.25
CA ALA M 449 20.64 38.18 35.77
C ALA M 449 21.72 38.79 34.86
N GLY M 450 21.60 38.57 33.55
CA GLY M 450 22.59 39.05 32.59
C GLY M 450 22.58 40.56 32.36
N VAL M 451 21.39 41.12 32.18
CA VAL M 451 21.23 42.53 31.81
C VAL M 451 21.73 43.47 32.89
N ASN M 452 21.42 43.15 34.15
CA ASN M 452 21.77 44.01 35.28
C ASN M 452 23.20 43.80 35.81
N GLY M 453 23.99 43.04 35.06
CA GLY M 453 25.41 42.89 35.33
C GLY M 453 25.75 41.95 36.47
N HIS M 454 24.79 41.13 36.89
CA HIS M 454 25.02 40.14 37.94
C HIS M 454 25.91 38.99 37.46
N LEU M 455 26.25 39.01 36.17
CA LEU M 455 27.10 37.98 35.56
C LEU M 455 28.51 38.49 35.31
N ASP M 456 28.68 39.81 35.32
CA ASP M 456 29.94 40.46 34.98
C ASP M 456 31.15 39.94 35.77
N GLY M 457 30.88 39.32 36.92
CA GLY M 457 31.92 38.76 37.78
C GLY M 457 32.06 37.24 37.74
N ILE M 458 31.38 36.60 36.80
CA ILE M 458 31.47 35.14 36.62
C ILE M 458 32.33 34.79 35.40
N GLU M 459 33.04 33.67 35.48
CA GLU M 459 33.88 33.21 34.39
C GLU M 459 33.04 32.78 33.18
N LEU M 460 33.53 33.16 31.99
CA LEU M 460 32.85 32.86 30.73
C LEU M 460 32.53 31.39 30.55
N SER M 461 33.48 30.52 30.91
CA SER M 461 33.35 29.08 30.69
C SER M 461 32.39 28.38 31.64
N ARG M 462 31.84 29.14 32.60
CA ARG M 462 30.95 28.57 33.62
C ARG M 462 29.51 29.11 33.55
N ILE M 463 29.25 29.98 32.57
CA ILE M 463 27.90 30.51 32.34
C ILE M 463 26.92 29.39 31.98
N GLY M 464 27.40 28.40 31.23
CA GLY M 464 26.62 27.20 30.95
C GLY M 464 26.10 26.55 32.21
N GLU M 465 27.00 26.13 33.10
CA GLU M 465 26.61 25.50 34.35
C GLU M 465 25.85 26.44 35.29
N PHE M 466 26.16 27.74 35.24
CA PHE M 466 25.45 28.73 36.03
C PHE M 466 23.94 28.68 35.78
N GLU M 467 23.56 28.57 34.51
CA GLU M 467 22.15 28.55 34.11
C GLU M 467 21.37 27.41 34.75
N SER M 468 21.84 26.18 34.55
CA SER M 468 21.11 24.99 34.99
C SER M 468 21.06 24.84 36.51
N SER M 469 22.02 25.46 37.19
CA SER M 469 22.06 25.47 38.66
C SER M 469 21.12 26.52 39.23
N PHE M 470 21.23 27.74 38.68
CA PHE M 470 20.36 28.85 39.07
C PHE M 470 18.87 28.46 38.99
N LEU M 471 18.53 27.67 37.99
CA LEU M 471 17.15 27.21 37.79
C LEU M 471 16.81 26.02 38.69
N SER M 472 17.82 25.29 39.13
CA SER M 472 17.62 24.26 40.15
C SER M 472 17.33 24.95 41.48
N TYR M 473 18.09 26.01 41.75
CA TYR M 473 17.96 26.82 42.96
C TYR M 473 16.61 27.52 43.08
N LEU M 474 16.09 28.00 41.95
CA LEU M 474 14.79 28.67 41.94
C LEU M 474 13.64 27.68 42.05
N LYS M 475 13.84 26.46 41.56
CA LYS M 475 12.84 25.40 41.70
C LYS M 475 12.83 24.82 43.10
N SER M 476 14.02 24.69 43.70
CA SER M 476 14.17 24.14 45.05
C SER M 476 13.59 25.09 46.10
N ASN M 477 13.93 26.37 46.00
CA ASN M 477 13.62 27.34 47.04
C ASN M 477 12.54 28.35 46.66
N HIS M 478 12.82 29.17 45.63
CA HIS M 478 11.90 30.22 45.21
C HIS M 478 10.84 29.73 44.23
N ASN M 479 10.30 28.54 44.50
CA ASN M 479 9.29 27.91 43.62
C ASN M 479 8.04 28.75 43.36
N GLU M 480 7.71 29.63 44.31
CA GLU M 480 6.55 30.52 44.18
C GLU M 480 6.86 31.70 43.26
N LEU M 481 8.15 32.06 43.18
CA LEU M 481 8.61 33.15 42.32
C LEU M 481 8.34 32.81 40.85
N LEU M 482 8.71 31.60 40.46
CA LEU M 482 8.50 31.10 39.10
C LEU M 482 7.02 30.99 38.76
N THR M 483 6.25 30.44 39.70
CA THR M 483 4.81 30.28 39.55
C THR M 483 4.14 31.64 39.33
N GLU M 484 4.67 32.68 39.98
CA GLU M 484 4.18 34.05 39.81
C GLU M 484 4.30 34.53 38.38
N ILE M 485 5.51 34.46 37.83
CA ILE M 485 5.80 34.87 36.45
C ILE M 485 4.98 34.04 35.46
N ARG M 486 4.88 32.73 35.73
CA ARG M 486 4.12 31.83 34.88
C ARG M 486 2.64 32.23 34.76
N GLU M 487 1.96 32.42 35.89
CA GLU M 487 0.53 32.72 35.90
C GLU M 487 0.19 34.16 35.51
N LYS M 488 0.96 35.11 36.02
CA LYS M 488 0.65 36.53 35.83
C LYS M 488 1.22 37.10 34.53
N GLY M 489 2.31 36.49 34.04
CA GLY M 489 2.97 36.96 32.83
C GLY M 489 3.59 38.33 32.96
N GLU M 490 3.68 38.83 34.20
CA GLU M 490 4.23 40.15 34.49
C GLU M 490 5.09 40.15 35.75
N LEU M 491 5.81 41.25 35.96
CA LEU M 491 6.56 41.46 37.18
C LEU M 491 6.13 42.77 37.83
N SER M 492 5.48 42.67 38.99
CA SER M 492 5.18 43.85 39.80
C SER M 492 6.45 44.32 40.49
N LYS M 493 6.45 45.57 40.93
CA LYS M 493 7.57 46.16 41.67
C LYS M 493 7.97 45.29 42.85
N GLU M 494 7.00 44.55 43.39
CA GLU M 494 7.22 43.60 44.48
C GLU M 494 8.05 42.41 44.00
N LEU M 495 7.64 41.80 42.89
CA LEU M 495 8.37 40.68 42.28
C LEU M 495 9.76 41.07 41.77
N LEU M 496 9.85 42.24 41.15
CA LEU M 496 11.10 42.75 40.59
C LEU M 496 12.23 42.79 41.62
N ALA M 497 11.90 43.17 42.85
CA ALA M 497 12.88 43.18 43.95
C ALA M 497 13.06 41.81 44.58
N SER M 498 12.00 41.00 44.60
CA SER M 498 12.06 39.63 45.12
C SER M 498 13.05 38.82 44.28
N LEU M 499 12.97 38.99 42.97
CA LEU M 499 13.89 38.37 42.02
C LEU M 499 15.30 38.92 42.17
N LYS M 500 15.40 40.25 42.27
CA LYS M 500 16.69 40.92 42.51
C LYS M 500 17.39 40.34 43.73
N SER M 501 16.63 40.17 44.81
CA SER M 501 17.15 39.65 46.06
C SER M 501 17.59 38.19 45.94
N ALA M 502 16.79 37.40 45.21
CA ALA M 502 17.11 35.99 44.96
C ALA M 502 18.33 35.83 44.06
N THR M 503 18.56 36.83 43.20
CA THR M 503 19.71 36.84 42.30
C THR M 503 20.99 37.11 43.08
N GLU M 504 21.06 38.29 43.69
CA GLU M 504 22.23 38.71 44.48
C GLU M 504 22.59 37.64 45.50
N SER M 505 21.57 36.92 45.97
CA SER M 505 21.73 35.78 46.86
C SER M 505 22.56 34.65 46.23
N PHE M 506 22.13 34.18 45.05
CA PHE M 506 22.76 33.02 44.40
C PHE M 506 24.20 33.27 43.92
N VAL M 507 24.52 34.51 43.55
CA VAL M 507 25.87 34.88 43.08
C VAL M 507 26.97 34.28 43.97
N ALA M 508 26.81 34.42 45.29
CA ALA M 508 27.69 33.77 46.26
C ALA M 508 27.37 32.28 46.36
N THR M 509 27.68 31.55 45.28
CA THR M 509 27.34 30.12 45.09
C THR M 509 25.89 29.76 45.47
N SER N 6 -33.97 44.71 -24.10
CA SER N 6 -32.54 45.16 -24.12
C SER N 6 -31.70 44.31 -25.07
N THR N 7 -30.40 44.62 -25.16
CA THR N 7 -29.48 43.89 -26.04
C THR N 7 -28.09 43.67 -25.38
N PRO N 8 -28.00 42.67 -24.47
CA PRO N 8 -26.73 42.43 -23.75
C PRO N 8 -25.73 41.59 -24.56
N ILE N 9 -24.51 42.11 -24.71
CA ILE N 9 -23.45 41.44 -25.48
C ILE N 9 -22.86 40.26 -24.71
N THR N 10 -22.85 39.09 -25.36
CA THR N 10 -22.52 37.83 -24.72
C THR N 10 -21.40 37.09 -25.46
N GLY N 11 -20.42 36.61 -24.69
CA GLY N 11 -19.37 35.74 -25.22
C GLY N 11 -19.19 34.46 -24.43
N LYS N 12 -18.26 33.62 -24.89
CA LYS N 12 -17.95 32.35 -24.23
C LYS N 12 -16.46 32.24 -23.92
N VAL N 13 -16.13 31.69 -22.76
CA VAL N 13 -14.74 31.46 -22.39
C VAL N 13 -14.19 30.37 -23.30
N THR N 14 -13.06 30.66 -23.96
CA THR N 14 -12.40 29.67 -24.83
C THR N 14 -11.10 29.11 -24.27
N ALA N 15 -10.43 29.89 -23.42
CA ALA N 15 -9.18 29.46 -22.80
C ALA N 15 -8.97 30.09 -21.44
N VAL N 16 -8.39 29.32 -20.53
CA VAL N 16 -7.97 29.81 -19.21
C VAL N 16 -6.54 29.38 -18.97
N ILE N 17 -5.65 30.34 -18.75
CA ILE N 17 -4.26 30.06 -18.40
C ILE N 17 -3.80 31.04 -17.32
N GLY N 18 -3.77 30.59 -16.07
CA GLY N 18 -3.47 31.50 -14.96
C GLY N 18 -4.46 32.66 -14.91
N ALA N 19 -3.93 33.89 -14.80
CA ALA N 19 -4.76 35.09 -14.79
C ALA N 19 -5.35 35.45 -16.16
N ILE N 20 -4.90 34.76 -17.21
CA ILE N 20 -5.31 35.13 -18.56
C ILE N 20 -6.49 34.30 -19.07
N VAL N 21 -7.56 34.98 -19.46
CA VAL N 21 -8.75 34.34 -19.98
C VAL N 21 -9.06 34.87 -21.38
N ASP N 22 -9.16 33.95 -22.34
CA ASP N 22 -9.55 34.30 -23.69
C ASP N 22 -11.06 34.03 -23.85
N VAL N 23 -11.72 34.93 -24.59
CA VAL N 23 -13.17 34.96 -24.72
C VAL N 23 -13.58 35.24 -26.17
N HIS N 24 -14.42 34.37 -26.71
CA HIS N 24 -14.93 34.49 -28.08
C HIS N 24 -16.33 35.15 -28.11
N PHE N 25 -16.58 35.96 -29.12
CA PHE N 25 -17.83 36.70 -29.26
C PHE N 25 -18.41 36.53 -30.65
N GLU N 26 -19.63 37.02 -30.86
CA GLU N 26 -20.22 37.11 -32.20
C GLU N 26 -19.78 38.38 -32.94
N GLN N 27 -19.72 38.26 -34.27
CA GLN N 27 -19.09 39.26 -35.15
C GLN N 27 -19.49 40.72 -34.84
N SER N 28 -18.50 41.62 -34.94
CA SER N 28 -18.68 43.08 -34.76
C SER N 28 -19.42 43.51 -33.46
N GLU N 29 -19.58 42.56 -32.54
CA GLU N 29 -20.02 42.89 -31.19
C GLU N 29 -18.91 42.56 -30.18
N LEU N 30 -17.66 42.84 -30.55
CA LEU N 30 -16.52 42.67 -29.64
C LEU N 30 -16.38 43.86 -28.70
N PRO N 31 -16.17 43.60 -27.40
CA PRO N 31 -15.94 44.68 -26.44
C PRO N 31 -14.63 45.41 -26.71
N ALA N 32 -14.60 46.70 -26.42
CA ALA N 32 -13.40 47.50 -26.57
C ALA N 32 -12.33 47.10 -25.55
N ILE N 33 -11.08 47.29 -25.95
CA ILE N 33 -9.95 47.14 -25.05
C ILE N 33 -10.18 48.02 -23.82
N LEU N 34 -9.96 47.42 -22.65
CA LEU N 34 -10.15 48.04 -21.33
C LEU N 34 -11.57 47.88 -20.75
N ASN N 35 -12.49 47.31 -21.53
CA ASN N 35 -13.84 47.01 -21.04
C ASN N 35 -13.81 45.93 -19.96
N ALA N 36 -14.65 46.09 -18.94
CA ALA N 36 -14.87 45.06 -17.95
C ALA N 36 -15.87 44.05 -18.48
N LEU N 37 -15.57 42.77 -18.31
CA LEU N 37 -16.51 41.70 -18.62
C LEU N 37 -16.82 40.95 -17.34
N GLU N 38 -17.95 40.26 -17.30
CA GLU N 38 -18.38 39.60 -16.07
C GLU N 38 -18.77 38.15 -16.27
N ILE N 39 -18.38 37.31 -15.31
CA ILE N 39 -18.82 35.92 -15.27
C ILE N 39 -19.52 35.64 -13.94
N LYS N 40 -20.74 35.12 -14.02
CA LYS N 40 -21.51 34.73 -12.84
C LYS N 40 -21.01 33.40 -12.24
N THR N 41 -20.47 33.49 -11.03
CA THR N 41 -19.88 32.34 -10.31
C THR N 41 -20.92 31.60 -9.43
N PRO N 42 -20.46 30.68 -8.53
CA PRO N 42 -21.37 30.15 -7.52
C PRO N 42 -21.78 31.23 -6.51
N GLN N 43 -20.80 31.79 -5.79
CA GLN N 43 -21.05 32.90 -4.86
C GLN N 43 -20.22 34.12 -5.29
N GLY N 44 -20.91 35.15 -5.77
CA GLY N 44 -20.26 36.41 -6.18
C GLY N 44 -20.25 36.62 -7.70
N LYS N 45 -19.08 36.97 -8.23
CA LYS N 45 -18.83 37.08 -9.67
C LYS N 45 -17.34 37.25 -9.98
N LEU N 46 -16.97 37.09 -11.25
CA LEU N 46 -15.60 37.35 -11.68
C LEU N 46 -15.55 38.45 -12.72
N VAL N 47 -14.70 39.45 -12.49
CA VAL N 47 -14.50 40.50 -13.46
C VAL N 47 -13.22 40.27 -14.28
N LEU N 48 -13.32 40.42 -15.59
CA LEU N 48 -12.18 40.36 -16.50
C LEU N 48 -12.01 41.70 -17.19
N GLU N 49 -10.76 42.11 -17.42
CA GLU N 49 -10.50 43.32 -18.21
C GLU N 49 -9.91 42.96 -19.58
N VAL N 50 -10.54 43.46 -20.64
CA VAL N 50 -10.07 43.23 -22.01
C VAL N 50 -8.72 43.89 -22.22
N ALA N 51 -7.75 43.10 -22.68
CA ALA N 51 -6.39 43.57 -22.87
C ALA N 51 -6.03 43.64 -24.35
N GLN N 52 -6.46 42.65 -25.12
CA GLN N 52 -6.07 42.56 -26.54
C GLN N 52 -7.20 41.98 -27.40
N HIS N 53 -7.18 42.31 -28.69
CA HIS N 53 -7.99 41.62 -29.68
C HIS N 53 -7.11 40.65 -30.47
N LEU N 54 -7.28 39.35 -30.21
CA LEU N 54 -6.43 38.33 -30.77
C LEU N 54 -6.67 38.00 -32.25
N GLY N 55 -7.83 38.44 -32.76
CA GLY N 55 -8.30 38.06 -34.08
C GLY N 55 -9.34 36.96 -33.98
N GLU N 56 -10.03 36.70 -35.08
CA GLU N 56 -11.01 35.61 -35.15
C GLU N 56 -12.10 35.74 -34.07
N ASN N 57 -12.51 36.98 -33.80
CA ASN N 57 -13.58 37.29 -32.85
C ASN N 57 -13.27 36.98 -31.37
N THR N 58 -12.01 36.77 -31.05
CA THR N 58 -11.61 36.44 -29.68
C THR N 58 -10.82 37.58 -29.03
N VAL N 59 -11.06 37.81 -27.75
CA VAL N 59 -10.32 38.80 -27.00
C VAL N 59 -9.53 38.15 -25.89
N ARG N 60 -8.47 38.82 -25.45
CA ARG N 60 -7.67 38.33 -24.34
C ARG N 60 -7.91 39.24 -23.15
N THR N 61 -8.19 38.65 -22.00
CA THR N 61 -8.53 39.43 -20.83
C THR N 61 -7.61 39.08 -19.68
N ILE N 62 -7.56 39.96 -18.70
CA ILE N 62 -6.86 39.75 -17.44
C ILE N 62 -7.90 39.64 -16.34
N ALA N 63 -7.83 38.58 -15.53
CA ALA N 63 -8.80 38.38 -14.46
C ALA N 63 -8.49 39.30 -13.27
N MET N 64 -9.54 39.81 -12.62
CA MET N 64 -9.39 40.64 -11.43
C MET N 64 -9.50 39.83 -10.13
N ASP N 65 -9.74 38.52 -10.28
CA ASP N 65 -9.70 37.58 -9.16
C ASP N 65 -9.21 36.23 -9.69
N GLY N 66 -9.19 35.21 -8.83
CA GLY N 66 -8.83 33.83 -9.22
C GLY N 66 -9.60 33.29 -10.40
N THR N 67 -9.00 32.37 -11.14
CA THR N 67 -9.66 31.79 -12.30
C THR N 67 -10.02 30.34 -12.10
N GLU N 68 -9.64 29.77 -10.95
CA GLU N 68 -10.17 28.46 -10.59
C GLU N 68 -11.70 28.39 -10.77
N GLY N 69 -12.20 27.26 -11.24
CA GLY N 69 -13.63 27.09 -11.44
C GLY N 69 -14.15 27.49 -12.80
N LEU N 70 -13.38 28.25 -13.57
CA LEU N 70 -13.82 28.60 -14.93
C LEU N 70 -13.84 27.39 -15.83
N VAL N 71 -14.75 27.40 -16.79
CA VAL N 71 -15.01 26.29 -17.69
C VAL N 71 -15.08 26.86 -19.09
N ARG N 72 -14.52 26.14 -20.06
CA ARG N 72 -14.67 26.57 -21.44
C ARG N 72 -16.14 26.44 -21.82
N GLY N 73 -16.69 27.46 -22.48
CA GLY N 73 -18.12 27.50 -22.80
C GLY N 73 -18.95 28.46 -21.93
N GLU N 74 -18.42 28.81 -20.77
CA GLU N 74 -19.08 29.71 -19.81
C GLU N 74 -19.48 31.07 -20.42
N LYS N 75 -20.70 31.52 -20.11
CA LYS N 75 -21.19 32.82 -20.57
C LYS N 75 -20.37 33.97 -19.98
N VAL N 76 -20.02 34.91 -20.84
CA VAL N 76 -19.27 36.09 -20.45
C VAL N 76 -20.03 37.33 -20.91
N LEU N 77 -20.39 38.21 -19.97
CA LEU N 77 -21.14 39.43 -20.28
C LEU N 77 -20.25 40.66 -20.40
N ASP N 78 -20.48 41.45 -21.45
CA ASP N 78 -19.80 42.74 -21.64
C ASP N 78 -20.56 43.83 -20.88
N THR N 79 -19.89 44.48 -19.93
CA THR N 79 -20.51 45.56 -19.15
C THR N 79 -20.69 46.86 -19.94
N GLY N 80 -20.04 46.97 -21.09
CA GLY N 80 -20.15 48.17 -21.92
C GLY N 80 -19.12 49.25 -21.68
N GLY N 81 -18.44 49.18 -20.53
CA GLY N 81 -17.40 50.15 -20.21
C GLY N 81 -16.31 49.54 -19.36
N PRO N 82 -15.26 50.33 -19.04
CA PRO N 82 -14.20 49.88 -18.16
C PRO N 82 -14.70 49.60 -16.75
N ILE N 83 -13.78 49.17 -15.89
CA ILE N 83 -14.09 48.95 -14.48
C ILE N 83 -14.47 50.30 -13.87
N SER N 84 -15.56 50.32 -13.10
CA SER N 84 -16.12 51.55 -12.54
C SER N 84 -15.99 51.60 -11.04
N VAL N 85 -15.57 52.75 -10.52
CA VAL N 85 -15.62 53.03 -9.09
C VAL N 85 -16.70 54.03 -8.75
N PRO N 86 -17.33 53.86 -7.58
CA PRO N 86 -18.05 54.96 -6.94
C PRO N 86 -17.08 56.12 -6.68
N VAL N 87 -17.58 57.34 -6.78
CA VAL N 87 -16.78 58.54 -6.50
C VAL N 87 -17.59 59.49 -5.61
N GLY N 88 -16.94 60.52 -5.09
CA GLY N 88 -17.64 61.50 -4.29
C GLY N 88 -17.54 61.21 -2.81
N ARG N 89 -18.29 61.99 -2.01
CA ARG N 89 -18.16 62.02 -0.55
C ARG N 89 -18.56 60.71 0.11
N GLU N 90 -19.34 59.89 -0.60
CA GLU N 90 -19.82 58.61 -0.07
C GLU N 90 -18.72 57.56 0.14
N THR N 91 -17.63 57.68 -0.64
CA THR N 91 -16.47 56.80 -0.53
C THR N 91 -15.70 57.03 0.78
N LEU N 92 -15.72 58.27 1.26
CA LEU N 92 -15.00 58.66 2.48
C LEU N 92 -15.43 57.82 3.67
N GLY N 93 -14.44 57.27 4.37
CA GLY N 93 -14.69 56.40 5.51
C GLY N 93 -15.04 54.96 5.16
N ARG N 94 -15.15 54.67 3.86
CA ARG N 94 -15.40 53.31 3.36
C ARG N 94 -14.12 52.61 2.87
N ILE N 95 -14.12 51.29 2.89
CA ILE N 95 -13.02 50.51 2.30
C ILE N 95 -13.48 49.84 1.01
N ILE N 96 -12.84 50.23 -0.09
CA ILE N 96 -13.24 49.80 -1.43
C ILE N 96 -12.16 48.85 -2.01
N ASN N 97 -12.57 47.87 -2.79
CA ASN N 97 -11.62 47.00 -3.51
C ASN N 97 -11.45 47.45 -4.95
N VAL N 98 -10.66 46.71 -5.73
CA VAL N 98 -10.27 47.14 -7.08
C VAL N 98 -11.44 47.38 -8.05
N ILE N 99 -12.52 46.62 -7.88
CA ILE N 99 -13.68 46.69 -8.78
C ILE N 99 -14.76 47.64 -8.24
N GLY N 100 -14.41 48.37 -7.18
CA GLY N 100 -15.30 49.37 -6.61
C GLY N 100 -16.31 48.86 -5.60
N GLU N 101 -16.10 47.67 -5.08
CA GLU N 101 -17.01 47.08 -4.10
C GLU N 101 -16.55 47.40 -2.69
N PRO N 102 -17.52 47.52 -1.75
CA PRO N 102 -17.21 47.73 -0.34
C PRO N 102 -16.69 46.46 0.32
N ILE N 103 -15.60 46.56 1.07
CA ILE N 103 -15.07 45.41 1.77
C ILE N 103 -15.01 45.62 3.28
N ASP N 104 -15.87 46.53 3.78
CA ASP N 104 -15.91 46.86 5.22
C ASP N 104 -17.18 46.38 5.89
N GLU N 105 -18.02 45.64 5.14
CA GLU N 105 -19.29 45.08 5.64
C GLU N 105 -20.28 46.14 6.15
N ARG N 106 -20.20 47.34 5.59
CA ARG N 106 -21.05 48.43 6.06
C ARG N 106 -22.10 48.80 5.02
N GLY N 107 -22.51 47.81 4.23
CA GLY N 107 -23.55 48.00 3.22
C GLY N 107 -23.04 48.70 1.98
N PRO N 108 -23.92 48.86 0.96
CA PRO N 108 -23.59 49.53 -0.31
C PRO N 108 -22.96 50.91 -0.13
N ILE N 109 -22.25 51.35 -1.16
CA ILE N 109 -21.71 52.71 -1.22
C ILE N 109 -22.65 53.52 -2.09
N LYS N 110 -23.53 54.26 -1.42
CA LYS N 110 -24.66 54.92 -2.06
C LYS N 110 -24.25 56.24 -2.69
N SER N 111 -23.37 56.17 -3.68
CA SER N 111 -22.94 57.37 -4.40
C SER N 111 -23.80 57.55 -5.65
N LYS N 112 -23.83 58.78 -6.16
CA LYS N 112 -24.68 59.11 -7.31
C LYS N 112 -23.99 58.79 -8.63
N LEU N 113 -22.67 58.90 -8.65
CA LEU N 113 -21.89 58.62 -9.85
C LEU N 113 -20.94 57.44 -9.68
N ARG N 114 -20.65 56.78 -10.80
CA ARG N 114 -19.50 55.90 -10.91
C ARG N 114 -18.67 56.39 -12.07
N LYS N 115 -17.35 56.25 -11.95
CA LYS N 115 -16.46 56.64 -13.04
C LYS N 115 -15.54 55.50 -13.46
N PRO N 116 -15.20 55.44 -14.78
CA PRO N 116 -14.22 54.48 -15.27
C PRO N 116 -12.87 54.67 -14.58
N ILE N 117 -12.21 53.56 -14.23
CA ILE N 117 -10.90 53.62 -13.60
C ILE N 117 -9.77 53.94 -14.59
N HIS N 118 -10.05 53.76 -15.88
CA HIS N 118 -9.13 54.19 -16.92
C HIS N 118 -9.57 55.55 -17.46
N ALA N 119 -8.61 56.46 -17.58
CA ALA N 119 -8.86 57.81 -18.07
C ALA N 119 -7.57 58.43 -18.61
N ASP N 120 -7.71 59.34 -19.58
CA ASP N 120 -6.59 60.08 -20.14
C ASP N 120 -6.02 61.07 -19.14
N PRO N 121 -4.69 61.22 -19.11
CA PRO N 121 -4.10 62.25 -18.26
C PRO N 121 -4.38 63.65 -18.78
N PRO N 122 -4.42 64.65 -17.88
CA PRO N 122 -4.55 66.05 -18.26
C PRO N 122 -3.55 66.44 -19.34
N SER N 123 -4.00 67.19 -20.35
CA SER N 123 -3.14 67.63 -21.45
C SER N 123 -2.04 68.57 -20.97
N PHE N 124 -1.09 68.87 -21.86
CA PHE N 124 -0.04 69.85 -21.55
C PHE N 124 -0.64 71.20 -21.13
N ALA N 125 -1.59 71.69 -21.94
CA ALA N 125 -2.27 72.95 -21.70
C ALA N 125 -2.95 73.05 -20.34
N GLU N 126 -3.37 71.92 -19.78
CA GLU N 126 -4.09 71.89 -18.50
C GLU N 126 -3.18 71.92 -17.26
N GLN N 127 -1.86 71.89 -17.47
CA GLN N 127 -0.89 71.86 -16.36
C GLN N 127 -0.78 73.23 -15.69
N SER N 128 -0.93 73.24 -14.38
CA SER N 128 -0.66 74.46 -13.61
C SER N 128 0.62 74.29 -12.79
N THR N 129 1.68 74.92 -13.26
CA THR N 129 2.97 74.90 -12.57
C THR N 129 2.82 75.58 -11.20
N SER N 130 3.64 75.18 -10.25
CA SER N 130 3.55 75.68 -8.89
C SER N 130 4.91 75.55 -8.22
N ALA N 131 5.05 76.19 -7.07
CA ALA N 131 6.28 76.09 -6.29
C ALA N 131 5.97 76.38 -4.83
N GLU N 132 5.01 75.64 -4.28
CA GLU N 132 4.65 75.81 -2.87
C GLU N 132 5.12 74.60 -2.07
N ILE N 133 5.63 74.88 -0.88
CA ILE N 133 6.19 73.84 -0.02
C ILE N 133 5.15 73.27 0.95
N LEU N 134 5.26 71.96 1.20
CA LEU N 134 4.42 71.27 2.17
C LEU N 134 5.23 70.89 3.40
N GLU N 135 4.92 71.52 4.52
CA GLU N 135 5.60 71.26 5.78
C GLU N 135 5.17 69.89 6.31
N THR N 136 6.16 69.07 6.65
CA THR N 136 5.90 67.70 7.10
C THR N 136 6.01 67.59 8.60
N GLY N 137 6.95 68.34 9.17
CA GLY N 137 7.27 68.23 10.59
C GLY N 137 8.41 67.26 10.81
N ILE N 138 9.01 66.80 9.71
CA ILE N 138 10.13 65.87 9.77
C ILE N 138 11.38 66.63 9.37
N LYS N 139 12.36 66.65 10.27
CA LYS N 139 13.50 67.55 10.17
C LYS N 139 14.26 67.42 8.85
N VAL N 140 14.65 66.19 8.52
CA VAL N 140 15.48 65.92 7.34
C VAL N 140 14.77 66.31 6.05
N VAL N 141 13.49 66.01 5.99
CA VAL N 141 12.69 66.33 4.83
C VAL N 141 12.61 67.84 4.68
N ASP N 142 12.10 68.50 5.72
CA ASP N 142 11.85 69.94 5.70
C ASP N 142 13.15 70.71 5.48
N LEU N 143 14.25 70.19 6.00
CA LEU N 143 15.54 70.84 5.81
C LEU N 143 16.12 70.65 4.40
N LEU N 144 16.30 69.39 4.00
CA LEU N 144 17.14 69.07 2.83
C LEU N 144 16.42 68.74 1.53
N ALA N 145 15.17 68.28 1.62
CA ALA N 145 14.39 67.90 0.44
C ALA N 145 12.88 68.05 0.69
N PRO N 146 12.39 69.30 0.82
CA PRO N 146 11.01 69.55 1.23
C PRO N 146 10.00 69.10 0.19
N TYR N 147 8.81 68.71 0.64
CA TYR N 147 7.78 68.22 -0.25
C TYR N 147 7.05 69.37 -0.93
N ALA N 148 6.51 69.10 -2.11
CA ALA N 148 5.82 70.10 -2.91
C ALA N 148 4.31 69.91 -2.86
N ARG N 149 3.61 70.99 -2.51
CA ARG N 149 2.14 71.04 -2.55
C ARG N 149 1.66 70.75 -3.97
N GLY N 150 0.72 69.82 -4.10
CA GLY N 150 0.19 69.46 -5.41
C GLY N 150 1.24 68.88 -6.34
N GLY N 151 2.22 68.20 -5.74
CA GLY N 151 3.25 67.51 -6.47
C GLY N 151 3.42 66.06 -6.02
N LYS N 152 4.24 65.31 -6.76
CA LYS N 152 4.43 63.89 -6.50
C LYS N 152 5.69 63.63 -5.66
N ILE N 153 5.52 62.76 -4.66
CA ILE N 153 6.59 62.45 -3.71
C ILE N 153 6.74 60.94 -3.54
N GLY N 154 7.98 60.46 -3.60
CA GLY N 154 8.24 59.05 -3.49
C GLY N 154 9.22 58.71 -2.40
N LEU N 155 8.88 57.69 -1.62
CA LEU N 155 9.71 57.21 -0.52
C LEU N 155 10.38 55.90 -0.92
N PHE N 156 11.63 56.01 -1.34
CA PHE N 156 12.39 54.89 -1.86
C PHE N 156 13.04 54.12 -0.73
N GLY N 157 12.89 52.81 -0.74
CA GLY N 157 13.60 51.96 0.21
C GLY N 157 13.51 50.48 -0.05
N GLY N 158 14.60 49.77 0.25
CA GLY N 158 14.62 48.33 0.20
C GLY N 158 13.67 47.74 1.21
N ALA N 159 13.69 46.43 1.35
CA ALA N 159 12.78 45.75 2.27
C ALA N 159 13.13 46.09 3.71
N GLY N 160 12.14 46.55 4.45
CA GLY N 160 12.27 46.74 5.90
C GLY N 160 13.11 47.91 6.38
N VAL N 161 13.20 48.95 5.56
CA VAL N 161 13.99 50.13 5.93
C VAL N 161 13.13 51.27 6.51
N GLY N 162 11.82 51.21 6.26
CA GLY N 162 10.88 52.10 6.91
C GLY N 162 9.91 52.85 6.03
N LYS N 163 9.66 52.35 4.82
CA LYS N 163 8.74 53.01 3.89
C LYS N 163 7.33 53.17 4.47
N THR N 164 6.84 52.12 5.10
CA THR N 164 5.48 52.10 5.58
C THR N 164 5.30 52.86 6.89
N VAL N 165 6.29 52.75 7.78
CA VAL N 165 6.28 53.55 8.99
C VAL N 165 6.30 55.03 8.60
N PHE N 166 7.17 55.37 7.63
CA PHE N 166 7.34 56.74 7.17
C PHE N 166 6.06 57.31 6.60
N ILE N 167 5.42 56.56 5.70
CA ILE N 167 4.19 57.05 5.06
C ILE N 167 3.06 57.24 6.07
N GLN N 168 3.02 56.38 7.09
CA GLN N 168 2.03 56.49 8.14
C GLN N 168 2.25 57.70 9.06
N GLU N 169 3.51 58.10 9.24
CA GLU N 169 3.83 59.31 10.00
C GLU N 169 3.47 60.56 9.21
N LEU N 170 3.64 60.51 7.89
CA LEU N 170 3.17 61.58 7.02
C LEU N 170 1.65 61.71 7.08
N ILE N 171 0.97 60.57 7.18
CA ILE N 171 -0.48 60.55 7.37
C ILE N 171 -0.86 61.18 8.70
N ASN N 172 -0.21 60.73 9.78
CA ASN N 172 -0.39 61.31 11.09
C ASN N 172 -0.23 62.83 11.09
N ASN N 173 0.90 63.30 10.54
CA ASN N 173 1.27 64.72 10.58
C ASN N 173 0.42 65.62 9.71
N ILE N 174 -0.12 65.08 8.61
CA ILE N 174 -0.74 65.92 7.57
C ILE N 174 -2.24 65.66 7.39
N ALA N 175 -2.66 64.41 7.49
CA ALA N 175 -4.02 64.00 7.09
C ALA N 175 -5.14 64.77 7.79
N LYS N 176 -5.22 64.62 9.11
CA LYS N 176 -6.26 65.26 9.94
C LYS N 176 -6.28 66.78 9.78
N ALA N 177 -5.09 67.39 9.87
CA ALA N 177 -4.91 68.84 9.81
C ALA N 177 -5.20 69.46 8.43
N HIS N 178 -5.20 68.63 7.37
CA HIS N 178 -5.35 69.10 5.99
C HIS N 178 -6.78 69.50 5.65
N GLY N 179 -6.90 70.59 4.88
CA GLY N 179 -8.19 71.12 4.44
C GLY N 179 -9.06 70.15 3.65
N GLY N 180 -8.54 69.66 2.54
CA GLY N 180 -9.29 68.74 1.65
C GLY N 180 -9.45 67.30 2.11
N PHE N 181 -9.75 66.41 1.16
CA PHE N 181 -9.91 64.99 1.47
C PHE N 181 -8.66 64.17 1.15
N SER N 182 -8.46 63.10 1.90
CA SER N 182 -7.37 62.17 1.63
C SER N 182 -7.85 60.87 1.00
N VAL N 183 -6.99 60.28 0.17
CA VAL N 183 -7.21 58.93 -0.35
C VAL N 183 -5.97 58.07 -0.11
N PHE N 184 -6.17 56.96 0.58
CA PHE N 184 -5.11 55.98 0.75
C PHE N 184 -5.39 54.73 -0.07
N THR N 185 -4.46 54.41 -0.98
CA THR N 185 -4.54 53.18 -1.74
C THR N 185 -3.45 52.19 -1.33
N GLY N 186 -3.89 51.01 -0.88
CA GLY N 186 -3.00 49.88 -0.60
C GLY N 186 -2.83 49.03 -1.85
N VAL N 187 -1.62 49.09 -2.41
CA VAL N 187 -1.29 48.34 -3.62
C VAL N 187 -0.28 47.25 -3.30
N GLY N 188 -0.71 45.99 -3.39
CA GLY N 188 0.15 44.83 -3.22
C GLY N 188 0.98 44.74 -1.94
N GLU N 189 0.49 45.32 -0.85
CA GLU N 189 1.21 45.21 0.42
C GLU N 189 0.48 44.30 1.40
N ARG N 190 0.84 44.36 2.68
CA ARG N 190 0.29 43.43 3.69
C ARG N 190 -1.14 43.78 4.09
N THR N 191 -2.01 42.78 4.06
CA THR N 191 -3.38 42.99 4.51
C THR N 191 -3.43 43.44 5.98
N ARG N 192 -2.63 42.82 6.84
CA ARG N 192 -2.62 43.22 8.25
C ARG N 192 -2.22 44.69 8.42
N GLU N 193 -1.43 45.23 7.49
CA GLU N 193 -1.08 46.65 7.51
C GLU N 193 -2.29 47.54 7.20
N GLY N 194 -3.19 47.05 6.36
CA GLY N 194 -4.44 47.75 6.07
C GLY N 194 -5.39 47.75 7.26
N ASN N 195 -5.43 46.63 7.98
CA ASN N 195 -6.17 46.52 9.23
C ASN N 195 -5.61 47.48 10.29
N ASP N 196 -4.28 47.51 10.42
CA ASP N 196 -3.59 48.43 11.31
C ASP N 196 -3.93 49.88 11.01
N LEU N 197 -3.96 50.23 9.72
CA LEU N 197 -4.19 51.61 9.28
C LEU N 197 -5.64 52.06 9.50
N TYR N 198 -6.59 51.18 9.19
CA TYR N 198 -8.02 51.41 9.42
C TYR N 198 -8.28 51.76 10.90
N ARG N 199 -7.77 50.93 11.80
CA ARG N 199 -7.94 51.13 13.23
C ARG N 199 -7.30 52.46 13.70
N GLU N 200 -6.20 52.85 13.09
CA GLU N 200 -5.51 54.11 13.43
C GLU N 200 -6.21 55.35 12.87
N MET N 201 -6.96 55.19 11.79
CA MET N 201 -7.75 56.28 11.23
C MET N 201 -8.87 56.59 12.23
N LYS N 202 -9.53 55.51 12.68
CA LYS N 202 -10.64 55.56 13.63
C LYS N 202 -10.25 56.29 14.92
N GLU N 203 -9.21 55.78 15.58
CA GLU N 203 -8.78 56.29 16.87
C GLU N 203 -8.11 57.65 16.76
N THR N 204 -7.96 58.14 15.53
CA THR N 204 -7.45 59.48 15.25
C THR N 204 -8.56 60.45 14.83
N GLY N 205 -9.71 59.89 14.44
CA GLY N 205 -10.88 60.67 14.06
C GLY N 205 -10.96 61.06 12.60
N VAL N 206 -9.95 60.68 11.81
CA VAL N 206 -9.96 60.91 10.36
C VAL N 206 -10.97 59.99 9.68
N ILE N 207 -11.28 58.86 10.32
CA ILE N 207 -12.43 58.05 9.97
C ILE N 207 -13.39 57.98 11.16
N ASN N 208 -14.64 58.32 10.89
CA ASN N 208 -15.69 58.31 11.90
C ASN N 208 -16.90 57.60 11.32
N LEU N 209 -17.22 56.44 11.87
CA LEU N 209 -18.32 55.62 11.34
C LEU N 209 -19.71 56.19 11.60
N GLU N 210 -19.88 56.90 12.71
CA GLU N 210 -21.14 57.60 13.00
C GLU N 210 -21.04 59.12 12.77
N GLY N 211 -19.94 59.55 12.15
CA GLY N 211 -19.71 60.96 11.88
C GLY N 211 -19.30 61.19 10.46
N GLU N 212 -18.27 62.01 10.27
CA GLU N 212 -17.79 62.37 8.95
C GLU N 212 -16.31 62.03 8.78
N SER N 213 -15.93 61.65 7.57
CA SER N 213 -14.58 61.16 7.34
C SER N 213 -13.84 61.92 6.24
N LYS N 214 -12.56 62.19 6.48
CA LYS N 214 -11.72 62.93 5.54
C LYS N 214 -10.95 62.00 4.59
N VAL N 215 -11.06 60.68 4.78
CA VAL N 215 -10.25 59.74 4.00
C VAL N 215 -11.03 58.52 3.47
N ALA N 216 -10.75 58.17 2.21
CA ALA N 216 -11.32 56.97 1.59
C ALA N 216 -10.22 55.92 1.41
N LEU N 217 -10.57 54.66 1.67
CA LEU N 217 -9.60 53.57 1.62
C LEU N 217 -9.83 52.58 0.47
N VAL N 218 -8.81 52.44 -0.39
CA VAL N 218 -8.83 51.46 -1.48
C VAL N 218 -7.73 50.41 -1.26
N PHE N 219 -8.10 49.14 -1.34
CA PHE N 219 -7.16 48.06 -1.06
C PHE N 219 -7.14 46.91 -2.09
N GLY N 220 -5.94 46.63 -2.60
CA GLY N 220 -5.66 45.45 -3.45
C GLY N 220 -4.33 44.85 -3.06
N GLN N 221 -4.32 44.10 -1.97
CA GLN N 221 -3.07 43.72 -1.32
C GLN N 221 -2.42 42.46 -1.94
N MET N 222 -1.26 42.08 -1.43
CA MET N 222 -0.46 41.01 -2.02
C MET N 222 -1.09 39.63 -2.01
N ASN N 223 -2.22 39.46 -1.34
CA ASN N 223 -3.00 38.23 -1.43
C ASN N 223 -3.79 38.15 -2.73
N GLU N 224 -3.88 39.27 -3.44
CA GLU N 224 -4.70 39.34 -4.65
C GLU N 224 -3.88 38.93 -5.86
N PRO N 225 -4.54 38.29 -6.86
CA PRO N 225 -3.94 37.94 -8.15
C PRO N 225 -3.35 39.16 -8.85
N PRO N 226 -2.40 38.94 -9.79
CA PRO N 226 -1.73 40.05 -10.44
C PRO N 226 -2.67 41.06 -11.07
N GLY N 227 -3.77 40.58 -11.65
CA GLY N 227 -4.77 41.46 -12.27
C GLY N 227 -5.29 42.54 -11.34
N ALA N 228 -5.64 42.16 -10.11
CA ALA N 228 -6.17 43.15 -9.16
C ALA N 228 -5.10 44.12 -8.68
N ARG N 229 -3.90 43.61 -8.41
CA ARG N 229 -2.79 44.46 -8.03
C ARG N 229 -2.37 45.41 -9.15
N ALA N 230 -2.61 45.02 -10.40
CA ALA N 230 -2.25 45.87 -11.54
C ALA N 230 -3.20 47.04 -11.77
N ARG N 231 -4.39 46.94 -11.18
CA ARG N 231 -5.46 47.90 -11.45
C ARG N 231 -5.93 48.72 -10.25
N VAL N 232 -5.70 48.21 -9.04
CA VAL N 232 -6.19 48.85 -7.81
C VAL N 232 -5.71 50.31 -7.66
N ALA N 233 -4.54 50.63 -8.18
CA ALA N 233 -3.99 51.97 -8.03
C ALA N 233 -4.87 52.93 -8.80
N LEU N 234 -5.31 52.51 -9.99
CA LEU N 234 -6.20 53.30 -10.82
C LEU N 234 -7.53 53.51 -10.13
N THR N 235 -7.98 52.49 -9.42
CA THR N 235 -9.25 52.56 -8.70
C THR N 235 -9.20 53.70 -7.66
N GLY N 236 -8.20 53.68 -6.80
CA GLY N 236 -7.98 54.73 -5.80
C GLY N 236 -7.72 56.11 -6.42
N LEU N 237 -6.96 56.13 -7.50
CA LEU N 237 -6.64 57.36 -8.21
C LEU N 237 -7.89 58.03 -8.76
N THR N 238 -8.82 57.24 -9.28
CA THR N 238 -10.04 57.78 -9.88
C THR N 238 -10.88 58.54 -8.84
N ILE N 239 -11.00 57.97 -7.65
CA ILE N 239 -11.65 58.64 -6.52
C ILE N 239 -11.01 60.00 -6.26
N ALA N 240 -9.68 60.01 -6.20
CA ALA N 240 -8.92 61.22 -5.96
C ALA N 240 -9.12 62.25 -7.07
N GLU N 241 -9.22 61.77 -8.31
CA GLU N 241 -9.41 62.65 -9.45
C GLU N 241 -10.76 63.39 -9.45
N TYR N 242 -11.78 62.75 -8.89
CA TYR N 242 -13.12 63.34 -8.82
C TYR N 242 -13.11 64.49 -7.84
N PHE N 243 -12.52 64.25 -6.67
CA PHE N 243 -12.36 65.30 -5.68
C PHE N 243 -11.61 66.48 -6.28
N ARG N 244 -10.59 66.21 -7.08
CA ARG N 244 -9.77 67.27 -7.67
C ARG N 244 -10.54 68.12 -8.66
N ASP N 245 -11.30 67.48 -9.55
CA ASP N 245 -11.88 68.14 -10.72
C ASP N 245 -13.29 68.70 -10.54
N GLU N 246 -14.09 68.00 -9.76
CA GLU N 246 -15.51 68.35 -9.64
C GLU N 246 -15.78 69.03 -8.30
N GLU N 247 -15.16 68.51 -7.24
CA GLU N 247 -15.23 69.12 -5.91
C GLU N 247 -14.22 70.28 -5.77
N GLY N 248 -13.42 70.50 -6.81
CA GLY N 248 -12.37 71.54 -6.84
C GLY N 248 -11.25 71.39 -5.82
N GLN N 249 -11.26 70.28 -5.09
CA GLN N 249 -10.52 70.08 -3.83
C GLN N 249 -8.98 70.13 -3.92
N ASP N 250 -8.36 70.26 -2.75
CA ASP N 250 -6.93 69.99 -2.57
C ASP N 250 -6.80 68.57 -2.00
N VAL N 251 -6.51 67.60 -2.87
CA VAL N 251 -6.53 66.20 -2.48
C VAL N 251 -5.15 65.71 -2.08
N LEU N 252 -5.13 64.80 -1.10
CA LEU N 252 -3.96 63.99 -0.81
C LEU N 252 -4.19 62.54 -1.24
N LEU N 253 -3.25 61.99 -2.01
CA LEU N 253 -3.26 60.59 -2.44
C LEU N 253 -2.05 59.83 -1.90
N PHE N 254 -2.30 58.93 -0.96
CA PHE N 254 -1.25 58.09 -0.40
C PHE N 254 -1.26 56.70 -1.04
N ILE N 255 -0.10 56.28 -1.55
CA ILE N 255 0.04 54.96 -2.19
C ILE N 255 1.17 54.14 -1.58
N ASP N 256 0.81 53.00 -1.00
CA ASP N 256 1.77 52.01 -0.52
C ASP N 256 1.32 50.68 -1.12
N ASN N 257 2.00 50.16 -2.15
CA ASN N 257 3.32 50.61 -2.64
C ASN N 257 3.28 50.60 -4.16
N ILE N 258 3.81 51.65 -4.78
CA ILE N 258 3.61 51.86 -6.21
C ILE N 258 4.40 50.86 -7.08
N PHE N 259 5.48 50.32 -6.54
CA PHE N 259 6.23 49.25 -7.19
C PHE N 259 5.35 48.04 -7.49
N ARG N 260 4.44 47.72 -6.58
CA ARG N 260 3.58 46.55 -6.74
C ARG N 260 2.67 46.64 -7.96
N PHE N 261 2.54 47.84 -8.50
CA PHE N 261 1.80 48.08 -9.75
C PHE N 261 2.60 47.58 -10.96
N THR N 262 3.86 47.99 -11.05
CA THR N 262 4.75 47.54 -12.11
C THR N 262 5.01 46.02 -12.01
N GLN N 263 5.19 45.55 -10.78
CA GLN N 263 5.41 44.13 -10.51
C GLN N 263 4.22 43.30 -10.95
N ALA N 264 3.01 43.76 -10.65
CA ALA N 264 1.83 43.04 -11.09
C ALA N 264 1.79 42.90 -12.59
N GLY N 265 2.13 43.97 -13.30
CA GLY N 265 2.15 43.93 -14.75
C GLY N 265 3.15 42.89 -15.21
N SER N 266 4.30 42.90 -14.55
CA SER N 266 5.34 41.95 -14.78
C SER N 266 4.83 40.52 -14.71
N GLU N 267 4.02 40.24 -13.70
CA GLU N 267 3.59 38.89 -13.41
C GLU N 267 2.73 38.23 -14.50
N VAL N 268 2.03 39.02 -15.28
CA VAL N 268 1.18 38.48 -16.36
C VAL N 268 1.70 38.78 -17.76
N SER N 269 2.83 39.48 -17.85
CA SER N 269 3.33 39.91 -19.15
C SER N 269 3.60 38.76 -20.14
N ALA N 270 4.29 37.71 -19.69
CA ALA N 270 4.61 36.58 -20.57
C ALA N 270 3.37 35.90 -21.10
N LEU N 271 2.36 35.73 -20.23
CA LEU N 271 1.11 35.11 -20.64
C LEU N 271 0.25 36.00 -21.54
N LEU N 272 0.54 37.29 -21.57
CA LEU N 272 -0.10 38.18 -22.54
C LEU N 272 0.60 38.08 -23.90
N GLY N 273 1.69 37.33 -23.97
CA GLY N 273 2.38 37.10 -25.23
C GLY N 273 3.49 38.09 -25.56
N ARG N 274 3.95 38.86 -24.58
CA ARG N 274 5.08 39.76 -24.80
C ARG N 274 6.42 39.04 -24.65
N ILE N 275 7.37 39.43 -25.50
CA ILE N 275 8.78 39.10 -25.31
C ILE N 275 9.25 39.87 -24.08
N PRO N 276 10.00 39.25 -23.18
CA PRO N 276 10.39 40.07 -22.05
C PRO N 276 11.46 41.13 -22.38
N SER N 277 11.50 42.18 -21.56
CA SER N 277 12.54 43.18 -21.62
C SER N 277 13.59 42.81 -20.56
N ALA N 278 14.49 43.74 -20.24
CA ALA N 278 15.52 43.51 -19.21
C ALA N 278 14.97 43.19 -17.80
N VAL N 279 15.70 42.34 -17.07
CA VAL N 279 15.42 42.01 -15.67
C VAL N 279 14.01 41.41 -15.44
N GLY N 280 13.44 40.78 -16.48
CA GLY N 280 12.16 40.09 -16.34
C GLY N 280 10.96 41.02 -16.36
N TYR N 281 11.17 42.24 -16.86
CA TYR N 281 10.12 43.21 -16.87
C TYR N 281 9.43 43.27 -18.22
N GLN N 282 8.18 43.73 -18.20
CA GLN N 282 7.37 43.94 -19.39
C GLN N 282 8.02 45.02 -20.25
N PRO N 283 7.89 44.94 -21.58
CA PRO N 283 8.43 45.96 -22.47
C PRO N 283 7.70 47.30 -22.33
N THR N 284 6.45 47.24 -21.87
CA THR N 284 5.61 48.43 -21.69
C THR N 284 5.83 49.16 -20.36
N LEU N 285 6.92 48.83 -19.65
CA LEU N 285 7.14 49.34 -18.29
C LEU N 285 6.99 50.87 -18.17
N ALA N 286 7.69 51.61 -19.03
CA ALA N 286 7.75 53.08 -18.93
C ALA N 286 6.42 53.74 -19.29
N THR N 287 5.85 53.38 -20.43
CA THR N 287 4.58 53.94 -20.84
C THR N 287 3.45 53.53 -19.89
N ASP N 288 3.49 52.30 -19.38
CA ASP N 288 2.49 51.85 -18.42
C ASP N 288 2.51 52.75 -17.21
N MET N 289 3.72 53.05 -16.72
CA MET N 289 3.90 53.90 -15.56
C MET N 289 3.51 55.35 -15.85
N GLY N 290 3.88 55.84 -17.02
CA GLY N 290 3.43 57.13 -17.53
C GLY N 290 1.92 57.30 -17.47
N LEU N 291 1.19 56.35 -18.05
CA LEU N 291 -0.27 56.42 -18.15
C LEU N 291 -0.94 56.46 -16.77
N LEU N 292 -0.18 56.17 -15.72
CA LEU N 292 -0.71 56.23 -14.37
C LEU N 292 -0.23 57.49 -13.66
N GLN N 293 1.05 57.80 -13.77
CA GLN N 293 1.64 58.93 -13.07
C GLN N 293 1.19 60.31 -13.57
N GLU N 294 1.01 60.45 -14.88
CA GLU N 294 0.60 61.72 -15.50
C GLU N 294 -0.85 62.11 -15.17
N ARG N 295 -1.59 61.16 -14.60
CA ARG N 295 -2.94 61.43 -14.12
C ARG N 295 -2.86 62.00 -12.71
N ILE N 296 -1.81 61.63 -11.97
CA ILE N 296 -1.63 62.11 -10.61
C ILE N 296 -0.91 63.45 -10.66
N THR N 297 -1.64 64.49 -11.02
CA THR N 297 -1.05 65.81 -11.20
C THR N 297 -1.97 66.93 -10.71
N THR N 298 -1.57 68.17 -10.96
CA THR N 298 -2.31 69.34 -10.52
C THR N 298 -2.75 70.16 -11.73
N THR N 299 -4.07 70.37 -11.82
CA THR N 299 -4.66 71.11 -12.93
C THR N 299 -5.20 72.46 -12.47
N LYS N 300 -5.77 73.20 -13.41
CA LYS N 300 -6.39 74.47 -13.11
C LYS N 300 -7.64 74.31 -12.26
N LYS N 301 -8.27 73.13 -12.32
CA LYS N 301 -9.45 72.82 -11.50
C LYS N 301 -9.11 72.49 -10.06
N GLY N 302 -7.88 72.03 -9.81
CA GLY N 302 -7.49 71.65 -8.45
C GLY N 302 -6.14 70.97 -8.29
N SER N 303 -5.86 70.55 -7.06
CA SER N 303 -4.54 70.07 -6.67
C SER N 303 -4.56 68.64 -6.16
N VAL N 304 -3.59 67.83 -6.60
CA VAL N 304 -3.35 66.52 -6.02
C VAL N 304 -1.91 66.39 -5.55
N THR N 305 -1.76 66.11 -4.25
CA THR N 305 -0.46 65.83 -3.67
C THR N 305 -0.44 64.35 -3.28
N SER N 306 0.46 63.59 -3.91
CA SER N 306 0.55 62.16 -3.66
C SER N 306 1.87 61.80 -3.04
N VAL N 307 1.79 60.95 -2.03
CA VAL N 307 2.97 60.35 -1.44
C VAL N 307 2.92 58.86 -1.79
N GLN N 308 3.93 58.41 -2.53
CA GLN N 308 4.00 57.02 -2.97
C GLN N 308 5.20 56.34 -2.34
N ALA N 309 4.97 55.19 -1.70
CA ALA N 309 6.06 54.36 -1.23
C ALA N 309 6.61 53.58 -2.44
N VAL N 310 7.92 53.61 -2.64
CA VAL N 310 8.54 52.94 -3.79
C VAL N 310 9.55 51.90 -3.32
N TYR N 311 9.13 50.64 -3.39
CA TYR N 311 10.00 49.52 -3.05
C TYR N 311 11.15 49.44 -4.04
N VAL N 312 12.32 49.14 -3.51
CA VAL N 312 13.56 49.06 -4.26
C VAL N 312 14.12 47.65 -4.03
N PRO N 313 13.89 46.74 -5.01
CA PRO N 313 14.20 45.32 -4.82
C PRO N 313 15.70 45.11 -4.63
N ALA N 314 16.07 44.40 -3.57
CA ALA N 314 17.46 44.12 -3.25
C ALA N 314 18.29 45.39 -3.05
N ASP N 315 17.63 46.48 -2.65
CA ASP N 315 18.25 47.79 -2.44
C ASP N 315 18.87 48.38 -3.71
N ASP N 316 18.57 47.81 -4.86
CA ASP N 316 19.17 48.27 -6.11
C ASP N 316 18.34 49.39 -6.75
N LEU N 317 18.82 50.62 -6.61
CA LEU N 317 18.13 51.78 -7.17
C LEU N 317 18.20 51.81 -8.68
N THR N 318 19.00 50.92 -9.27
CA THR N 318 19.08 50.83 -10.73
C THR N 318 18.09 49.84 -11.32
N ASP N 319 17.41 49.09 -10.46
CA ASP N 319 16.30 48.25 -10.91
C ASP N 319 15.32 49.08 -11.75
N PRO N 320 14.96 48.58 -12.95
CA PRO N 320 14.14 49.38 -13.87
C PRO N 320 12.89 50.00 -13.25
N ALA N 321 12.30 49.34 -12.24
CA ALA N 321 11.06 49.84 -11.65
C ALA N 321 11.23 51.15 -10.86
N PRO N 322 12.06 51.15 -9.78
CA PRO N 322 12.37 52.42 -9.11
C PRO N 322 13.04 53.43 -10.03
N ALA N 323 13.93 52.97 -10.91
CA ALA N 323 14.65 53.87 -11.80
C ALA N 323 13.71 54.72 -12.63
N THR N 324 12.67 54.09 -13.17
CA THR N 324 11.76 54.76 -14.09
C THR N 324 10.81 55.68 -13.34
N THR N 325 10.76 55.51 -12.01
CA THR N 325 9.89 56.30 -11.16
C THR N 325 10.43 57.71 -10.88
N PHE N 326 11.76 57.83 -10.74
CA PHE N 326 12.40 59.11 -10.38
C PHE N 326 11.93 60.32 -11.19
N ALA N 327 11.76 60.17 -12.50
CA ALA N 327 11.37 61.27 -13.38
C ALA N 327 9.97 61.82 -13.06
N HIS N 328 9.16 61.04 -12.34
CA HIS N 328 7.78 61.42 -12.07
C HIS N 328 7.66 62.20 -10.77
N LEU N 329 8.78 62.37 -10.07
CA LEU N 329 8.72 62.89 -8.71
C LEU N 329 9.35 64.26 -8.54
N ASP N 330 8.61 65.14 -7.85
CA ASP N 330 9.06 66.49 -7.55
C ASP N 330 10.06 66.45 -6.41
N ALA N 331 9.89 65.47 -5.53
CA ALA N 331 10.78 65.26 -4.40
C ALA N 331 10.90 63.76 -4.08
N THR N 332 12.12 63.35 -3.71
CA THR N 332 12.41 61.95 -3.45
C THR N 332 13.03 61.79 -2.06
N THR N 333 12.40 60.97 -1.23
CA THR N 333 12.97 60.62 0.08
C THR N 333 13.60 59.21 0.02
N VAL N 334 14.92 59.17 -0.13
CA VAL N 334 15.63 57.90 -0.32
C VAL N 334 16.09 57.31 1.01
N LEU N 335 15.48 56.21 1.43
CA LEU N 335 15.91 55.50 2.62
C LEU N 335 17.14 54.64 2.34
N SER N 336 17.81 54.19 3.41
CA SER N 336 19.04 53.43 3.27
C SER N 336 19.21 52.45 4.41
N ARG N 337 19.53 51.19 4.06
CA ARG N 337 19.78 50.15 5.03
C ARG N 337 21.02 50.51 5.84
N GLY N 338 21.99 51.12 5.16
CA GLY N 338 23.22 51.58 5.81
C GLY N 338 22.95 52.55 6.94
N ILE N 339 22.13 53.56 6.66
CA ILE N 339 21.69 54.52 7.66
C ILE N 339 20.88 53.83 8.79
N SER N 340 19.88 53.04 8.41
CA SER N 340 19.00 52.40 9.39
C SER N 340 19.74 51.48 10.36
N GLU N 341 20.76 50.79 9.86
CA GLU N 341 21.54 49.86 10.67
C GLU N 341 22.41 50.56 11.72
N LEU N 342 22.65 51.84 11.53
CA LEU N 342 23.32 52.68 12.52
C LEU N 342 22.35 53.25 13.57
N GLY N 343 21.09 52.85 13.52
CA GLY N 343 20.09 53.31 14.49
C GLY N 343 19.41 54.64 14.16
N ILE N 344 19.80 55.25 13.05
CA ILE N 344 19.20 56.49 12.59
C ILE N 344 17.84 56.25 11.90
N TYR N 345 16.75 56.54 12.61
CA TYR N 345 15.42 56.58 12.00
C TYR N 345 14.86 57.99 12.08
N PRO N 346 14.18 58.46 11.02
CA PRO N 346 13.98 57.79 9.74
C PRO N 346 15.32 57.59 9.03
N ALA N 347 15.46 56.48 8.31
CA ALA N 347 16.72 56.12 7.68
C ALA N 347 16.94 56.89 6.38
N VAL N 348 16.82 58.22 6.44
CA VAL N 348 16.92 59.03 5.24
C VAL N 348 18.39 59.33 4.88
N ASP N 349 18.73 59.05 3.63
CA ASP N 349 20.01 59.47 3.09
C ASP N 349 19.97 60.97 2.85
N PRO N 350 20.75 61.73 3.65
CA PRO N 350 20.71 63.18 3.61
C PRO N 350 21.22 63.76 2.30
N LEU N 351 22.04 63.01 1.59
CA LEU N 351 22.60 63.49 0.32
C LEU N 351 21.83 63.06 -0.93
N ASP N 352 21.36 61.82 -0.93
CA ASP N 352 20.72 61.23 -2.11
C ASP N 352 19.30 61.73 -2.35
N SER N 353 18.63 62.14 -1.28
CA SER N 353 17.26 62.67 -1.39
C SER N 353 17.30 64.05 -2.04
N LYS N 354 16.34 64.34 -2.91
CA LYS N 354 16.33 65.62 -3.66
C LYS N 354 14.97 66.28 -3.61
N SER N 355 14.93 67.57 -3.97
CA SER N 355 13.68 68.30 -4.13
C SER N 355 13.80 69.42 -5.17
N ARG N 356 12.76 69.55 -5.98
CA ARG N 356 12.60 70.67 -6.91
C ARG N 356 12.63 71.98 -6.13
N LEU N 357 12.06 71.93 -4.92
CA LEU N 357 11.87 73.12 -4.09
C LEU N 357 13.01 73.48 -3.14
N LEU N 358 14.15 72.80 -3.24
CA LEU N 358 15.33 73.29 -2.53
C LEU N 358 15.95 74.38 -3.38
N ASP N 359 15.42 75.59 -3.19
CA ASP N 359 15.72 76.73 -4.04
C ASP N 359 15.59 78.01 -3.18
N ALA N 360 16.63 78.84 -3.20
CA ALA N 360 16.62 80.12 -2.48
C ALA N 360 15.37 80.95 -2.80
N ALA N 361 14.97 80.92 -4.07
CA ALA N 361 13.76 81.61 -4.52
C ALA N 361 12.49 81.07 -3.86
N VAL N 362 12.55 79.84 -3.35
CA VAL N 362 11.37 79.20 -2.76
C VAL N 362 11.42 79.14 -1.23
N VAL N 363 12.54 78.70 -0.67
CA VAL N 363 12.66 78.57 0.80
C VAL N 363 13.41 79.72 1.48
N GLY N 364 13.96 80.63 0.67
CA GLY N 364 14.72 81.77 1.17
C GLY N 364 16.20 81.43 1.26
N GLN N 365 17.04 82.40 0.90
CA GLN N 365 18.50 82.24 0.86
C GLN N 365 19.13 81.67 2.13
N GLU N 366 18.50 81.90 3.29
CA GLU N 366 19.02 81.35 4.55
C GLU N 366 18.89 79.82 4.57
N HIS N 367 17.66 79.33 4.45
CA HIS N 367 17.33 77.91 4.34
C HIS N 367 18.28 77.18 3.37
N TYR N 368 18.32 77.64 2.13
CA TYR N 368 19.18 77.06 1.09
C TYR N 368 20.63 76.92 1.56
N ASP N 369 21.16 77.98 2.16
CA ASP N 369 22.54 78.02 2.63
C ASP N 369 22.80 77.01 3.75
N VAL N 370 21.85 76.87 4.66
CA VAL N 370 21.97 75.91 5.76
C VAL N 370 22.04 74.49 5.18
N ALA N 371 21.03 74.14 4.37
CA ALA N 371 20.97 72.84 3.69
C ALA N 371 22.27 72.53 2.98
N SER N 372 22.68 73.43 2.09
CA SER N 372 23.91 73.27 1.31
C SER N 372 25.16 72.99 2.14
N LYS N 373 25.29 73.63 3.31
CA LYS N 373 26.49 73.46 4.12
C LYS N 373 26.41 72.25 5.04
N VAL N 374 25.19 71.85 5.40
CA VAL N 374 24.97 70.57 6.06
C VAL N 374 25.44 69.47 5.11
N GLN N 375 25.01 69.57 3.85
CA GLN N 375 25.36 68.60 2.83
C GLN N 375 26.86 68.59 2.51
N GLU N 376 27.50 69.76 2.50
CA GLU N 376 28.95 69.87 2.33
C GLU N 376 29.72 69.26 3.49
N THR N 377 29.19 69.48 4.69
CA THR N 377 29.78 68.93 5.90
C THR N 377 29.74 67.39 5.84
N LEU N 378 28.59 66.85 5.44
CA LEU N 378 28.39 65.39 5.37
C LEU N 378 29.19 64.73 4.26
N GLN N 379 29.33 65.44 3.14
CA GLN N 379 30.16 64.96 2.05
C GLN N 379 31.63 64.95 2.46
N THR N 380 32.13 66.07 2.98
CA THR N 380 33.52 66.17 3.42
C THR N 380 33.85 65.09 4.45
N TYR N 381 32.87 64.80 5.32
CA TYR N 381 32.96 63.73 6.31
C TYR N 381 33.33 62.38 5.66
N LYS N 382 32.60 62.00 4.61
CA LYS N 382 32.88 60.75 3.88
C LYS N 382 34.34 60.63 3.47
N SER N 383 34.86 61.67 2.81
CA SER N 383 36.25 61.73 2.38
C SER N 383 37.26 61.54 3.51
N LEU N 384 36.89 61.97 4.71
CA LEU N 384 37.75 61.83 5.87
C LEU N 384 37.70 60.42 6.42
N GLN N 385 36.50 59.85 6.45
CA GLN N 385 36.30 58.46 6.89
C GLN N 385 37.21 57.48 6.16
N ASP N 386 37.57 57.81 4.92
CA ASP N 386 38.59 57.04 4.19
C ASP N 386 39.94 57.15 4.87
N ILE N 387 40.45 58.39 5.01
CA ILE N 387 41.74 58.62 5.66
C ILE N 387 41.78 57.98 7.05
N ILE N 388 40.67 58.08 7.80
CA ILE N 388 40.56 57.47 9.12
C ILE N 388 40.69 55.93 9.07
N ALA N 389 40.16 55.32 8.02
CA ALA N 389 40.22 53.87 7.84
C ALA N 389 41.65 53.36 7.73
N ILE N 390 42.45 54.02 6.89
CA ILE N 390 43.84 53.62 6.68
C ILE N 390 44.76 54.24 7.72
N LEU N 391 44.82 55.57 7.74
CA LEU N 391 45.85 56.32 8.46
C LEU N 391 45.56 56.60 9.92
N GLY N 392 44.29 56.51 10.30
CA GLY N 392 43.88 56.84 11.66
C GLY N 392 43.69 58.33 11.84
N MET N 393 43.77 58.76 13.11
CA MET N 393 43.39 60.11 13.51
C MET N 393 44.51 61.13 13.36
N ASP N 394 45.75 60.64 13.43
CA ASP N 394 46.95 61.49 13.51
C ASP N 394 47.21 62.37 12.28
N GLU N 395 46.59 62.05 11.14
CA GLU N 395 46.78 62.85 9.93
C GLU N 395 45.62 63.82 9.66
N LEU N 396 44.73 63.96 10.64
CA LEU N 396 43.61 64.88 10.56
C LEU N 396 43.98 66.23 11.18
N SER N 397 43.68 67.30 10.46
CA SER N 397 43.87 68.66 10.99
C SER N 397 42.90 68.89 12.15
N GLU N 398 43.05 70.03 12.84
CA GLU N 398 42.15 70.36 13.93
C GLU N 398 40.76 70.71 13.41
N GLN N 399 40.72 71.31 12.22
CA GLN N 399 39.45 71.54 11.53
C GLN N 399 38.82 70.22 11.06
N ASP N 400 39.65 69.35 10.50
CA ASP N 400 39.21 68.03 10.09
C ASP N 400 38.49 67.32 11.24
N LYS N 401 39.11 67.29 12.43
CA LYS N 401 38.51 66.63 13.60
C LYS N 401 37.22 67.31 14.04
N LEU N 402 37.15 68.63 13.84
CA LEU N 402 35.93 69.38 14.15
C LEU N 402 34.80 69.04 13.17
N THR N 403 35.13 69.00 11.88
CA THR N 403 34.21 68.55 10.83
C THR N 403 33.62 67.17 11.18
N VAL N 404 34.50 66.22 11.51
CA VAL N 404 34.06 64.90 11.91
C VAL N 404 33.05 64.99 13.05
N GLU N 405 33.43 65.69 14.12
CA GLU N 405 32.57 65.84 15.30
C GLU N 405 31.19 66.42 14.99
N ARG N 406 31.18 67.47 14.15
CA ARG N 406 29.94 68.18 13.82
C ARG N 406 29.03 67.35 12.94
N ALA N 407 29.61 66.75 11.90
CA ALA N 407 28.89 65.86 10.98
C ALA N 407 28.22 64.73 11.74
N ARG N 408 28.95 64.15 12.69
CA ARG N 408 28.43 63.09 13.53
C ARG N 408 27.22 63.54 14.35
N LYS N 409 27.25 64.81 14.81
CA LYS N 409 26.12 65.39 15.53
C LYS N 409 24.97 65.68 14.56
N ILE N 410 25.33 66.17 13.37
CA ILE N 410 24.35 66.48 12.33
C ILE N 410 23.55 65.23 11.94
N GLN N 411 24.27 64.13 11.71
CA GLN N 411 23.66 62.84 11.35
C GLN N 411 22.63 62.41 12.37
N ARG N 412 23.04 62.45 13.65
CA ARG N 412 22.17 62.12 14.77
C ARG N 412 21.00 63.10 14.87
N PHE N 413 21.30 64.38 14.66
CA PHE N 413 20.29 65.41 14.77
C PHE N 413 19.20 65.22 13.72
N LEU N 414 19.56 64.60 12.59
CA LEU N 414 18.57 64.26 11.55
C LEU N 414 17.61 63.12 11.95
N SER N 415 17.96 62.32 12.96
CA SER N 415 17.01 61.34 13.49
C SER N 415 15.87 62.00 14.24
N GLN N 416 14.77 61.28 14.41
CA GLN N 416 13.55 61.82 14.99
C GLN N 416 12.65 60.69 15.45
N PRO N 417 12.12 60.76 16.68
CA PRO N 417 11.15 59.75 17.07
C PRO N 417 9.84 60.00 16.37
N PHE N 418 9.29 58.97 15.74
CA PHE N 418 8.02 59.12 15.05
C PHE N 418 6.91 58.71 15.99
N ALA N 419 5.75 59.34 15.83
CA ALA N 419 4.58 59.02 16.65
C ALA N 419 4.16 57.57 16.42
N VAL N 420 4.09 57.17 15.15
CA VAL N 420 3.68 55.83 14.78
C VAL N 420 4.75 54.77 15.06
N ALA N 421 5.99 55.21 15.26
CA ALA N 421 7.09 54.30 15.60
C ALA N 421 7.24 54.10 17.12
N GLU N 422 6.27 54.61 17.88
CA GLU N 422 6.31 54.60 19.34
C GLU N 422 6.51 53.20 19.93
N VAL N 423 5.85 52.21 19.35
CA VAL N 423 6.00 50.82 19.78
C VAL N 423 7.41 50.27 19.57
N PHE N 424 8.14 50.80 18.58
CA PHE N 424 9.51 50.38 18.30
C PHE N 424 10.52 51.15 19.15
N THR N 425 10.30 52.46 19.28
CA THR N 425 11.20 53.36 20.00
C THR N 425 11.04 53.28 21.52
N GLY N 426 9.80 53.19 21.99
CA GLY N 426 9.48 53.46 23.39
C GLY N 426 9.28 54.96 23.59
N ILE N 427 10.18 55.75 22.99
CA ILE N 427 10.16 57.22 23.02
C ILE N 427 8.92 57.81 22.35
N PRO N 428 8.24 58.78 23.00
CA PRO N 428 7.08 59.43 22.37
C PRO N 428 7.52 60.27 21.19
N GLY N 429 6.67 60.35 20.17
CA GLY N 429 7.01 61.02 18.92
C GLY N 429 7.06 62.53 19.01
N LYS N 430 7.94 63.13 18.21
CA LYS N 430 8.06 64.58 18.15
C LYS N 430 7.70 65.11 16.77
N LEU N 431 7.15 66.33 16.75
CA LEU N 431 6.91 67.05 15.49
C LEU N 431 7.59 68.40 15.59
N VAL N 432 8.48 68.67 14.63
CA VAL N 432 9.33 69.85 14.66
C VAL N 432 8.98 70.76 13.50
N ARG N 433 8.62 71.99 13.82
CA ARG N 433 8.25 72.97 12.79
C ARG N 433 9.46 73.30 11.91
N LEU N 434 9.20 73.65 10.65
CA LEU N 434 10.27 73.92 9.70
C LEU N 434 11.23 75.00 10.19
N LYS N 435 10.68 76.10 10.69
CA LYS N 435 11.47 77.23 11.18
C LYS N 435 12.44 76.80 12.29
N ASP N 436 11.93 76.02 13.23
CA ASP N 436 12.75 75.35 14.24
C ASP N 436 13.94 74.65 13.60
N THR N 437 13.64 73.78 12.63
CA THR N 437 14.64 72.96 11.95
C THR N 437 15.76 73.83 11.37
N VAL N 438 15.43 74.79 10.51
CA VAL N 438 16.43 75.65 9.90
C VAL N 438 17.25 76.40 10.95
N ALA N 439 16.57 77.02 11.92
CA ALA N 439 17.21 77.76 13.00
C ALA N 439 18.18 76.87 13.79
N SER N 440 17.68 75.71 14.23
CA SER N 440 18.46 74.77 15.02
C SER N 440 19.72 74.26 14.29
N PHE N 441 19.59 74.01 13.00
CA PHE N 441 20.72 73.49 12.21
C PHE N 441 21.74 74.57 11.89
N LYS N 442 21.25 75.80 11.68
CA LYS N 442 22.10 76.97 11.45
C LYS N 442 23.01 77.20 12.67
N ALA N 443 22.39 77.16 13.85
CA ALA N 443 23.09 77.31 15.12
C ALA N 443 24.24 76.33 15.28
N VAL N 444 24.00 75.08 14.86
CA VAL N 444 25.00 74.01 14.96
C VAL N 444 26.10 74.19 13.92
N LEU N 445 25.71 74.65 12.74
CA LEU N 445 26.67 74.95 11.67
C LEU N 445 27.61 76.11 12.01
N GLU N 446 27.11 77.06 12.81
CA GLU N 446 27.90 78.20 13.26
C GLU N 446 28.89 77.82 14.36
N GLY N 447 28.41 77.07 15.36
CA GLY N 447 29.32 76.46 16.33
C GLY N 447 28.81 76.44 17.74
N LYS N 448 27.58 76.93 17.94
CA LYS N 448 27.03 77.19 19.26
C LYS N 448 26.88 75.97 20.18
N TYR N 449 27.07 74.77 19.65
CA TYR N 449 26.88 73.56 20.44
C TYR N 449 28.04 72.56 20.35
N ASP N 450 29.20 73.05 19.90
CA ASP N 450 30.42 72.25 19.83
C ASP N 450 30.83 71.61 21.16
N ASN N 451 30.26 72.13 22.25
CA ASN N 451 30.55 71.61 23.58
C ASN N 451 29.54 70.56 24.04
N ILE N 452 28.44 70.44 23.30
CA ILE N 452 27.39 69.47 23.61
C ILE N 452 27.68 68.11 22.95
N PRO N 453 27.70 67.03 23.76
CA PRO N 453 27.98 65.68 23.25
C PRO N 453 26.91 65.13 22.30
N GLU N 454 27.33 64.22 21.42
CA GLU N 454 26.50 63.58 20.39
C GLU N 454 25.11 63.17 20.84
N HIS N 455 25.08 62.32 21.87
CA HIS N 455 23.84 61.71 22.35
C HIS N 455 22.67 62.67 22.54
N ALA N 456 22.99 63.95 22.74
CA ALA N 456 21.97 64.98 22.92
C ALA N 456 21.20 65.24 21.61
N PHE N 457 21.88 65.06 20.49
CA PHE N 457 21.29 65.31 19.17
C PHE N 457 20.49 64.12 18.64
N TYR N 458 20.71 62.95 19.22
CA TYR N 458 20.11 61.72 18.74
C TYR N 458 18.69 61.51 19.27
N MET N 459 17.78 61.21 18.35
CA MET N 459 16.39 60.83 18.64
C MET N 459 15.65 61.89 19.45
N VAL N 460 15.81 63.15 19.04
CA VAL N 460 15.09 64.26 19.67
C VAL N 460 14.43 65.16 18.64
N GLY N 461 13.71 66.16 19.13
CA GLY N 461 13.01 67.12 18.27
C GLY N 461 13.88 68.30 17.89
N GLY N 462 13.47 69.49 18.33
CA GLY N 462 14.19 70.73 18.04
C GLY N 462 15.42 70.94 18.91
N ILE N 463 16.12 72.05 18.67
CA ILE N 463 17.34 72.41 19.42
C ILE N 463 17.15 72.50 20.95
N GLU N 464 15.94 72.87 21.38
CA GLU N 464 15.61 72.95 22.80
C GLU N 464 15.67 71.57 23.47
N ASP N 465 15.08 70.58 22.81
CA ASP N 465 15.08 69.18 23.29
C ASP N 465 16.50 68.59 23.36
N VAL N 466 17.43 69.21 22.63
CA VAL N 466 18.84 68.83 22.66
C VAL N 466 19.47 69.24 23.99
N VAL N 467 19.37 70.53 24.31
CA VAL N 467 19.94 71.09 25.55
C VAL N 467 19.33 70.40 26.78
N ALA N 468 18.02 70.17 26.74
CA ALA N 468 17.30 69.47 27.81
C ALA N 468 17.84 68.05 28.04
N LYS N 469 18.13 67.34 26.95
CA LYS N 469 18.71 66.01 27.02
C LYS N 469 20.17 66.06 27.47
N ALA N 470 20.89 67.11 27.05
CA ALA N 470 22.29 67.28 27.41
C ALA N 470 22.47 67.44 28.92
N GLU N 471 21.58 68.23 29.53
CA GLU N 471 21.58 68.47 30.97
C GLU N 471 21.10 67.24 31.77
N LYS N 472 20.19 66.48 31.17
CA LYS N 472 19.66 65.26 31.79
C LYS N 472 20.71 64.14 31.88
N LEU N 473 21.63 64.11 30.93
CA LEU N 473 22.71 63.11 30.94
C LEU N 473 23.91 63.56 31.77
N ALA N 474 23.99 64.86 32.05
CA ALA N 474 24.96 65.38 33.02
C ALA N 474 24.65 64.81 34.41
N ALA N 475 23.35 64.73 34.74
CA ALA N 475 22.90 64.13 35.99
C ALA N 475 22.70 62.62 35.83
N PRO O 8 17.24 39.57 -67.87
CA PRO O 8 17.48 39.95 -66.47
C PRO O 8 16.50 39.27 -65.50
N ILE O 9 17.05 38.50 -64.55
CA ILE O 9 16.25 37.83 -63.50
C ILE O 9 15.58 38.84 -62.53
N THR O 10 14.28 38.66 -62.33
CA THR O 10 13.45 39.65 -61.64
C THR O 10 12.56 39.04 -60.55
N GLY O 11 12.34 39.81 -59.48
CA GLY O 11 11.48 39.40 -58.37
C GLY O 11 10.75 40.54 -57.68
N LYS O 12 9.99 40.20 -56.65
CA LYS O 12 9.11 41.17 -55.96
C LYS O 12 9.35 41.16 -54.47
N VAL O 13 9.39 42.36 -53.87
CA VAL O 13 9.46 42.51 -52.41
C VAL O 13 8.24 41.83 -51.77
N THR O 14 8.47 40.96 -50.80
CA THR O 14 7.36 40.36 -50.05
C THR O 14 7.29 40.86 -48.61
N ALA O 15 8.41 41.34 -48.08
CA ALA O 15 8.46 41.83 -46.70
C ALA O 15 9.51 42.91 -46.47
N VAL O 16 9.20 43.82 -45.55
CA VAL O 16 10.13 44.85 -45.12
C VAL O 16 10.04 44.98 -43.60
N ILE O 17 11.13 44.66 -42.93
CA ILE O 17 11.23 44.79 -41.49
C ILE O 17 12.54 45.49 -41.20
N GLY O 18 12.49 46.81 -41.05
CA GLY O 18 13.69 47.62 -40.93
C GLY O 18 14.66 47.29 -42.04
N ALA O 19 15.89 46.95 -41.67
CA ALA O 19 16.96 46.64 -42.63
C ALA O 19 16.82 45.27 -43.31
N ILE O 20 15.80 44.51 -42.93
CA ILE O 20 15.59 43.17 -43.47
C ILE O 20 14.47 43.17 -44.50
N VAL O 21 14.79 42.73 -45.71
CA VAL O 21 13.87 42.79 -46.83
C VAL O 21 13.78 41.40 -47.47
N ASP O 22 12.55 40.90 -47.60
CA ASP O 22 12.30 39.62 -48.23
C ASP O 22 11.83 39.79 -49.67
N VAL O 23 12.35 38.93 -50.55
CA VAL O 23 12.09 39.04 -51.98
C VAL O 23 11.72 37.69 -52.55
N HIS O 24 10.66 37.66 -53.36
CA HIS O 24 10.18 36.44 -53.99
C HIS O 24 10.64 36.37 -55.45
N PHE O 25 11.04 35.18 -55.90
CA PHE O 25 11.52 34.96 -57.27
C PHE O 25 10.81 33.77 -57.89
N GLU O 26 11.01 33.57 -59.18
CA GLU O 26 10.45 32.43 -59.92
C GLU O 26 11.34 31.19 -59.78
N GLN O 27 10.73 30.01 -59.94
CA GLN O 27 11.42 28.71 -59.79
C GLN O 27 12.70 28.62 -60.62
N SER O 28 13.75 28.07 -60.01
CA SER O 28 15.09 27.88 -60.60
C SER O 28 15.81 29.20 -60.96
N GLU O 29 15.19 30.32 -60.62
CA GLU O 29 15.77 31.65 -60.83
C GLU O 29 16.23 32.31 -59.53
N LEU O 30 16.65 31.52 -58.55
CA LEU O 30 16.96 32.10 -57.25
C LEU O 30 18.38 32.60 -57.18
N PRO O 31 18.55 33.87 -56.77
CA PRO O 31 19.88 34.42 -56.63
C PRO O 31 20.61 33.80 -55.45
N ALA O 32 21.87 33.43 -55.66
CA ALA O 32 22.68 32.78 -54.64
C ALA O 32 22.84 33.70 -53.42
N ILE O 33 23.05 33.10 -52.26
CA ILE O 33 23.38 33.85 -51.05
C ILE O 33 24.64 34.67 -51.30
N LEU O 34 24.61 35.93 -50.89
CA LEU O 34 25.68 36.92 -51.09
C LEU O 34 25.57 37.73 -52.41
N ASN O 35 24.67 37.34 -53.31
CA ASN O 35 24.40 38.15 -54.50
C ASN O 35 23.79 39.48 -54.13
N ALA O 36 24.11 40.50 -54.92
CA ALA O 36 23.48 41.81 -54.80
C ALA O 36 22.19 41.87 -55.62
N LEU O 37 21.16 42.43 -55.01
CA LEU O 37 19.93 42.74 -55.70
C LEU O 37 19.76 44.24 -55.71
N GLU O 38 19.05 44.76 -56.72
CA GLU O 38 18.84 46.20 -56.84
C GLU O 38 17.38 46.58 -56.94
N ILE O 39 17.05 47.70 -56.32
CA ILE O 39 15.74 48.30 -56.44
C ILE O 39 15.95 49.76 -56.80
N LYS O 40 15.23 50.22 -57.82
CA LYS O 40 15.32 51.63 -58.22
C LYS O 40 14.43 52.50 -57.36
N THR O 41 15.06 53.46 -56.71
CA THR O 41 14.35 54.39 -55.83
C THR O 41 14.50 55.79 -56.39
N PRO O 42 13.63 56.74 -55.95
CA PRO O 42 13.77 58.14 -56.31
C PRO O 42 15.22 58.64 -56.31
N GLN O 43 15.99 58.30 -55.26
CA GLN O 43 17.34 58.86 -55.06
C GLN O 43 18.45 58.10 -55.80
N GLY O 44 18.23 56.82 -56.07
CA GLY O 44 19.20 55.99 -56.79
C GLY O 44 18.85 54.52 -56.59
N LYS O 45 19.84 53.66 -56.59
CA LYS O 45 19.58 52.26 -56.31
C LYS O 45 19.69 51.97 -54.81
N LEU O 46 18.80 51.11 -54.34
CA LEU O 46 18.91 50.47 -53.05
C LEU O 46 19.45 49.07 -53.32
N VAL O 47 20.58 48.75 -52.69
CA VAL O 47 21.21 47.44 -52.84
C VAL O 47 20.88 46.54 -51.65
N LEU O 48 20.49 45.30 -51.96
CA LEU O 48 20.21 44.27 -50.97
C LEU O 48 21.19 43.13 -51.15
N GLU O 49 21.78 42.67 -50.06
CA GLU O 49 22.59 41.45 -50.11
C GLU O 49 21.82 40.23 -49.60
N VAL O 50 21.82 39.15 -50.38
CA VAL O 50 21.08 37.93 -50.05
C VAL O 50 21.73 37.21 -48.87
N ALA O 51 20.96 36.99 -47.82
CA ALA O 51 21.45 36.28 -46.62
C ALA O 51 21.02 34.83 -46.57
N GLN O 52 19.75 34.56 -46.87
CA GLN O 52 19.17 33.23 -46.67
C GLN O 52 18.15 32.88 -47.76
N HIS O 53 18.04 31.59 -48.05
CA HIS O 53 16.91 31.07 -48.84
C HIS O 53 15.85 30.52 -47.88
N LEU O 54 14.82 31.31 -47.62
CA LEU O 54 13.76 30.95 -46.64
C LEU O 54 12.90 29.78 -47.07
N GLY O 55 12.97 29.44 -48.35
CA GLY O 55 12.07 28.45 -48.91
C GLY O 55 10.89 29.08 -49.62
N GLU O 56 10.14 28.26 -50.34
CA GLU O 56 9.01 28.70 -51.17
C GLU O 56 9.40 29.89 -52.06
N ASN O 57 10.60 29.79 -52.63
CA ASN O 57 11.11 30.75 -53.62
C ASN O 57 11.31 32.17 -53.11
N THR O 58 11.40 32.30 -51.80
CA THR O 58 11.71 33.56 -51.16
C THR O 58 13.14 33.56 -50.62
N VAL O 59 13.79 34.72 -50.73
CA VAL O 59 15.09 34.92 -50.13
C VAL O 59 14.96 36.04 -49.11
N ARG O 60 15.78 35.99 -48.06
CA ARG O 60 15.88 37.07 -47.10
C ARG O 60 17.17 37.85 -47.38
N THR O 61 17.09 39.17 -47.29
CA THR O 61 18.21 40.06 -47.61
C THR O 61 18.45 41.07 -46.53
N ILE O 62 19.67 41.60 -46.49
CA ILE O 62 19.99 42.74 -45.63
C ILE O 62 20.22 43.95 -46.53
N ALA O 63 19.66 45.09 -46.15
CA ALA O 63 19.75 46.27 -46.99
C ALA O 63 21.05 47.02 -46.75
N MET O 64 21.55 47.64 -47.81
CA MET O 64 22.77 48.47 -47.73
C MET O 64 22.45 49.95 -47.49
N ASP O 65 21.14 50.27 -47.50
CA ASP O 65 20.70 51.62 -47.23
C ASP O 65 19.32 51.57 -46.59
N GLY O 66 18.79 52.71 -46.16
CA GLY O 66 17.47 52.80 -45.56
C GLY O 66 16.38 52.22 -46.45
N THR O 67 15.38 51.61 -45.81
CA THR O 67 14.30 50.92 -46.52
C THR O 67 12.97 51.64 -46.47
N GLU O 68 12.92 52.83 -45.86
CA GLU O 68 11.71 53.64 -45.89
C GLU O 68 11.30 53.90 -47.34
N GLY O 69 10.01 53.74 -47.61
CA GLY O 69 9.48 53.97 -48.94
C GLY O 69 9.22 52.71 -49.72
N LEU O 70 9.89 51.61 -49.36
CA LEU O 70 9.65 50.34 -50.04
C LEU O 70 8.19 49.88 -49.92
N VAL O 71 7.75 49.15 -50.94
CA VAL O 71 6.36 48.72 -51.07
C VAL O 71 6.39 47.27 -51.47
N ARG O 72 5.58 46.45 -50.81
CA ARG O 72 5.47 45.05 -51.20
C ARG O 72 5.02 44.97 -52.65
N GLY O 73 5.72 44.18 -53.44
CA GLY O 73 5.43 44.08 -54.85
C GLY O 73 6.42 44.84 -55.73
N GLU O 74 7.24 45.70 -55.11
CA GLU O 74 8.21 46.48 -55.87
C GLU O 74 9.21 45.58 -56.59
N LYS O 75 9.53 45.97 -57.83
CA LYS O 75 10.41 45.20 -58.72
C LYS O 75 11.82 45.11 -58.19
N VAL O 76 12.41 43.91 -58.23
CA VAL O 76 13.74 43.67 -57.69
C VAL O 76 14.62 42.93 -58.68
N LEU O 77 15.78 43.50 -58.96
CA LEU O 77 16.73 42.92 -59.93
C LEU O 77 17.87 42.09 -59.30
N ASP O 78 18.03 40.85 -59.78
CA ASP O 78 19.22 40.05 -59.49
C ASP O 78 20.36 40.56 -60.36
N THR O 79 21.41 41.11 -59.74
CA THR O 79 22.57 41.55 -60.51
C THR O 79 23.46 40.38 -60.92
N GLY O 80 23.12 39.17 -60.50
CA GLY O 80 23.83 37.96 -60.93
C GLY O 80 25.12 37.64 -60.20
N GLY O 81 25.56 38.54 -59.31
CA GLY O 81 26.74 38.29 -58.49
C GLY O 81 26.75 39.15 -57.23
N PRO O 82 27.81 39.03 -56.41
CA PRO O 82 27.93 39.85 -55.19
C PRO O 82 28.11 41.33 -55.49
N ILE O 83 27.90 42.16 -54.48
CA ILE O 83 28.26 43.56 -54.55
C ILE O 83 29.64 43.69 -55.19
N SER O 84 29.72 44.46 -56.27
CA SER O 84 30.97 44.67 -56.98
C SER O 84 31.50 46.08 -56.76
N VAL O 85 32.82 46.22 -56.81
CA VAL O 85 33.44 47.54 -56.70
C VAL O 85 34.46 47.77 -57.79
N PRO O 86 34.59 49.04 -58.25
CA PRO O 86 35.65 49.46 -59.16
C PRO O 86 37.01 49.25 -58.53
N VAL O 87 37.94 48.68 -59.30
CA VAL O 87 39.31 48.46 -58.84
C VAL O 87 40.33 49.10 -59.76
N GLY O 88 41.57 49.20 -59.29
CA GLY O 88 42.63 49.75 -60.12
C GLY O 88 42.97 51.19 -59.76
N ARG O 89 43.86 51.78 -60.57
CA ARG O 89 44.41 53.12 -60.30
C ARG O 89 43.37 54.25 -60.34
N GLU O 90 42.28 54.02 -61.08
CA GLU O 90 41.16 54.96 -61.14
C GLU O 90 40.47 55.22 -59.78
N THR O 91 40.72 54.37 -58.79
CA THR O 91 40.11 54.52 -57.47
C THR O 91 40.90 55.51 -56.63
N LEU O 92 42.18 55.66 -56.97
CA LEU O 92 43.10 56.50 -56.20
C LEU O 92 42.70 57.98 -56.24
N GLY O 93 42.73 58.61 -55.07
CA GLY O 93 42.26 59.97 -54.92
C GLY O 93 40.75 60.10 -54.74
N ARG O 94 40.00 59.05 -55.10
CA ARG O 94 38.54 59.06 -55.00
C ARG O 94 38.05 58.72 -53.58
N ILE O 95 36.78 59.02 -53.33
CA ILE O 95 36.10 58.58 -52.12
C ILE O 95 34.91 57.72 -52.56
N ILE O 96 34.93 56.47 -52.10
CA ILE O 96 34.00 55.42 -52.56
C ILE O 96 33.12 54.94 -51.39
N ASN O 97 31.90 54.48 -51.68
CA ASN O 97 31.09 53.84 -50.65
C ASN O 97 31.02 52.32 -50.81
N VAL O 98 30.36 51.65 -49.87
CA VAL O 98 30.31 50.19 -49.76
C VAL O 98 29.95 49.48 -51.06
N ILE O 99 29.00 50.05 -51.79
CA ILE O 99 28.55 49.47 -53.05
C ILE O 99 29.32 50.00 -54.27
N GLY O 100 30.50 50.60 -54.03
CA GLY O 100 31.37 51.01 -55.12
C GLY O 100 31.03 52.32 -55.82
N GLU O 101 30.12 53.11 -55.25
CA GLU O 101 29.73 54.39 -55.84
C GLU O 101 30.61 55.52 -55.33
N PRO O 102 30.95 56.48 -56.21
CA PRO O 102 31.70 57.69 -55.81
C PRO O 102 30.87 58.60 -54.90
N ILE O 103 31.46 59.12 -53.83
CA ILE O 103 30.74 60.02 -52.92
C ILE O 103 31.51 61.31 -52.69
N ASP O 104 32.36 61.68 -53.65
CA ASP O 104 33.17 62.90 -53.61
C ASP O 104 32.69 63.95 -54.64
N GLU O 105 31.56 63.65 -55.30
CA GLU O 105 30.99 64.46 -56.38
C GLU O 105 31.96 64.78 -57.53
N ARG O 106 32.91 63.89 -57.77
CA ARG O 106 33.88 64.09 -58.86
C ARG O 106 33.55 63.23 -60.07
N GLY O 107 32.27 62.91 -60.25
CA GLY O 107 31.83 62.08 -61.37
C GLY O 107 32.24 60.62 -61.24
N PRO O 108 31.89 59.81 -62.26
CA PRO O 108 32.13 58.37 -62.22
C PRO O 108 33.59 57.98 -62.06
N ILE O 109 33.81 56.85 -61.38
CA ILE O 109 35.10 56.19 -61.42
C ILE O 109 35.09 55.43 -62.73
N LYS O 110 35.94 55.85 -63.67
CA LYS O 110 35.94 55.28 -65.01
C LYS O 110 36.85 54.06 -65.06
N SER O 111 36.46 53.04 -64.31
CA SER O 111 37.29 51.88 -64.09
C SER O 111 37.06 50.85 -65.17
N LYS O 112 38.14 50.15 -65.52
CA LYS O 112 38.07 49.12 -66.55
C LYS O 112 37.30 47.90 -66.03
N LEU O 113 37.57 47.53 -64.77
CA LEU O 113 36.95 46.35 -64.17
C LEU O 113 36.25 46.60 -62.85
N ARG O 114 35.28 45.75 -62.56
CA ARG O 114 34.69 45.65 -61.23
C ARG O 114 35.00 44.24 -60.68
N LYS O 115 35.26 44.17 -59.38
CA LYS O 115 35.47 42.88 -58.71
C LYS O 115 34.43 42.69 -57.59
N PRO O 116 33.99 41.43 -57.35
CA PRO O 116 33.05 41.18 -56.25
C PRO O 116 33.71 41.35 -54.89
N ILE O 117 33.01 41.94 -53.93
CA ILE O 117 33.56 42.11 -52.56
C ILE O 117 33.65 40.82 -51.72
N HIS O 118 32.93 39.76 -52.11
CA HIS O 118 33.14 38.44 -51.50
C HIS O 118 33.95 37.58 -52.41
N ALA O 119 35.04 37.04 -51.89
CA ALA O 119 35.89 36.13 -52.64
C ALA O 119 36.70 35.29 -51.65
N ASP O 120 37.15 34.13 -52.11
CA ASP O 120 37.95 33.24 -51.29
C ASP O 120 39.35 33.79 -51.03
N PRO O 121 39.85 33.59 -49.81
CA PRO O 121 41.25 33.89 -49.51
C PRO O 121 42.15 33.03 -50.39
N PRO O 122 43.43 33.41 -50.52
CA PRO O 122 44.36 32.50 -51.19
C PRO O 122 44.38 31.14 -50.52
N SER O 123 44.48 30.09 -51.33
CA SER O 123 44.60 28.71 -50.84
C SER O 123 45.86 28.52 -50.02
N PHE O 124 45.97 27.35 -49.41
CA PHE O 124 47.11 27.04 -48.56
C PHE O 124 48.39 27.00 -49.41
N ALA O 125 48.28 26.39 -50.59
CA ALA O 125 49.39 26.22 -51.53
C ALA O 125 49.96 27.56 -52.02
N GLU O 126 49.11 28.58 -52.08
CA GLU O 126 49.48 29.89 -52.60
C GLU O 126 50.07 30.79 -51.54
N GLN O 127 50.24 30.29 -50.31
CA GLN O 127 50.75 31.13 -49.22
C GLN O 127 52.26 31.25 -49.28
N SER O 128 52.74 32.42 -48.87
CA SER O 128 54.16 32.64 -48.63
C SER O 128 54.61 31.75 -47.47
N THR O 129 55.71 31.04 -47.69
CA THR O 129 56.19 30.03 -46.73
C THR O 129 57.05 30.60 -45.58
N SER O 130 57.34 31.90 -45.63
CA SER O 130 58.15 32.52 -44.59
C SER O 130 57.65 33.91 -44.27
N ALA O 131 57.61 34.23 -42.98
CA ALA O 131 57.39 35.59 -42.53
C ALA O 131 58.50 36.47 -43.08
N GLU O 132 58.12 37.62 -43.63
CA GLU O 132 59.08 38.66 -43.98
C GLU O 132 58.68 40.02 -43.45
N ILE O 133 59.68 40.84 -43.14
CA ILE O 133 59.46 42.18 -42.63
C ILE O 133 58.87 43.08 -43.71
N LEU O 134 57.96 43.96 -43.30
CA LEU O 134 57.64 45.11 -44.12
C LEU O 134 58.36 46.32 -43.54
N GLU O 135 59.48 46.70 -44.17
CA GLU O 135 60.29 47.86 -43.78
C GLU O 135 59.45 49.14 -43.87
N THR O 136 59.30 49.84 -42.74
CA THR O 136 58.44 51.02 -42.69
C THR O 136 59.19 52.35 -42.72
N GLY O 137 60.49 52.31 -42.46
CA GLY O 137 61.28 53.54 -42.41
C GLY O 137 61.10 54.32 -41.11
N ILE O 138 60.28 53.79 -40.20
CA ILE O 138 60.12 54.40 -38.89
C ILE O 138 60.98 53.61 -37.91
N LYS O 139 61.75 54.31 -37.09
CA LYS O 139 62.81 53.66 -36.31
C LYS O 139 62.27 52.74 -35.23
N VAL O 140 61.37 53.24 -34.39
CA VAL O 140 60.75 52.42 -33.34
C VAL O 140 60.20 51.13 -33.92
N VAL O 141 59.38 51.27 -34.96
CA VAL O 141 58.72 50.13 -35.59
C VAL O 141 59.71 49.12 -36.16
N ASP O 142 60.54 49.55 -37.11
CA ASP O 142 61.48 48.64 -37.76
C ASP O 142 62.44 47.96 -36.79
N LEU O 143 62.88 48.68 -35.76
CA LEU O 143 63.76 48.09 -34.77
C LEU O 143 63.02 47.14 -33.82
N LEU O 144 62.03 47.69 -33.10
CA LEU O 144 61.45 47.05 -31.92
C LEU O 144 60.19 46.22 -32.15
N ALA O 145 59.28 46.71 -33.00
CA ALA O 145 58.06 45.96 -33.33
C ALA O 145 57.78 46.01 -34.83
N PRO O 146 58.62 45.34 -35.64
CA PRO O 146 58.51 45.41 -37.10
C PRO O 146 57.20 44.89 -37.68
N TYR O 147 56.78 45.45 -38.81
CA TYR O 147 55.56 45.04 -39.50
C TYR O 147 55.82 43.79 -40.33
N ALA O 148 54.77 43.03 -40.58
CA ALA O 148 54.87 41.80 -41.35
C ALA O 148 54.29 42.00 -42.73
N ARG O 149 55.07 41.66 -43.73
CA ARG O 149 54.57 41.67 -45.08
C ARG O 149 53.38 40.70 -45.18
N GLY O 150 52.21 41.26 -45.48
CA GLY O 150 50.99 40.45 -45.61
C GLY O 150 50.34 40.17 -44.27
N GLY O 151 50.69 40.97 -43.26
CA GLY O 151 50.22 40.74 -41.93
C GLY O 151 49.28 41.83 -41.49
N LYS O 152 48.95 41.81 -40.21
CA LYS O 152 48.01 42.77 -39.65
C LYS O 152 48.69 43.42 -38.47
N ILE O 153 48.41 44.71 -38.27
CA ILE O 153 48.99 45.46 -37.17
C ILE O 153 47.88 46.22 -36.45
N GLY O 154 47.83 46.07 -35.14
CA GLY O 154 46.89 46.83 -34.34
C GLY O 154 47.49 48.18 -33.97
N LEU O 155 46.73 49.24 -34.20
CA LEU O 155 47.12 50.60 -33.80
C LEU O 155 46.25 51.08 -32.64
N PHE O 156 46.89 51.39 -31.52
CA PHE O 156 46.18 51.74 -30.28
C PHE O 156 46.59 53.13 -29.81
N GLY O 157 45.66 53.81 -29.14
CA GLY O 157 45.93 55.15 -28.64
C GLY O 157 44.68 56.01 -28.48
N GLY O 158 44.68 56.83 -27.43
CA GLY O 158 43.59 57.77 -27.18
C GLY O 158 43.59 58.87 -28.23
N ALA O 159 42.63 59.79 -28.12
CA ALA O 159 42.52 60.88 -29.11
C ALA O 159 43.75 61.80 -29.07
N GLY O 160 44.07 62.39 -30.21
CA GLY O 160 45.13 63.39 -30.29
C GLY O 160 46.55 62.94 -29.99
N VAL O 161 46.79 61.64 -29.97
CA VAL O 161 48.15 61.11 -29.76
C VAL O 161 48.95 60.97 -31.06
N GLY O 162 48.26 60.94 -32.20
CA GLY O 162 48.96 61.00 -33.48
C GLY O 162 48.84 59.84 -34.45
N LYS O 163 47.73 59.11 -34.41
CA LYS O 163 47.57 57.96 -35.31
C LYS O 163 47.35 58.35 -36.77
N THR O 164 46.58 59.41 -36.99
CA THR O 164 46.30 59.88 -38.33
C THR O 164 47.57 60.31 -39.06
N VAL O 165 48.44 61.02 -38.34
CA VAL O 165 49.74 61.42 -38.85
C VAL O 165 50.61 60.18 -39.07
N PHE O 166 50.52 59.23 -38.13
CA PHE O 166 51.22 57.96 -38.28
C PHE O 166 50.76 57.24 -39.55
N ILE O 167 49.45 57.07 -39.69
CA ILE O 167 48.84 56.46 -40.88
C ILE O 167 49.37 57.07 -42.18
N GLN O 168 49.29 58.41 -42.27
CA GLN O 168 49.73 59.14 -43.45
C GLN O 168 51.21 58.98 -43.74
N GLU O 169 52.04 59.01 -42.70
CA GLU O 169 53.47 58.76 -42.86
C GLU O 169 53.75 57.37 -43.44
N LEU O 170 53.03 56.37 -42.94
CA LEU O 170 53.07 55.01 -43.52
C LEU O 170 52.69 54.98 -44.99
N ILE O 171 51.60 55.67 -45.34
CA ILE O 171 51.17 55.74 -46.74
C ILE O 171 52.31 56.25 -47.60
N ASN O 172 52.93 57.34 -47.12
CA ASN O 172 54.03 58.01 -47.79
C ASN O 172 55.22 57.06 -47.93
N ASN O 173 55.73 56.61 -46.78
CA ASN O 173 56.94 55.79 -46.77
C ASN O 173 56.83 54.48 -47.56
N ILE O 174 55.63 53.94 -47.66
CA ILE O 174 55.44 52.69 -48.40
C ILE O 174 55.34 52.94 -49.91
N ALA O 175 54.78 54.09 -50.30
CA ALA O 175 54.76 54.49 -51.71
C ALA O 175 56.16 54.84 -52.22
N LYS O 176 56.92 55.60 -51.43
CA LYS O 176 58.29 55.97 -51.79
C LYS O 176 59.21 54.74 -51.86
N ALA O 177 59.28 54.01 -50.74
CA ALA O 177 60.23 52.91 -50.56
C ALA O 177 59.95 51.66 -51.39
N HIS O 178 58.68 51.37 -51.66
CA HIS O 178 58.32 50.10 -52.30
C HIS O 178 57.46 50.27 -53.54
N GLY O 179 56.96 51.48 -53.77
CA GLY O 179 56.03 51.74 -54.88
C GLY O 179 54.71 51.03 -54.65
N GLY O 180 54.25 51.05 -53.39
CA GLY O 180 52.97 50.45 -53.03
C GLY O 180 51.88 51.48 -52.75
N PHE O 181 50.68 51.23 -53.29
CA PHE O 181 49.50 52.05 -52.98
C PHE O 181 48.83 51.69 -51.65
N SER O 182 47.96 52.57 -51.18
CA SER O 182 47.22 52.36 -49.95
C SER O 182 45.72 52.46 -50.18
N VAL O 183 44.95 51.70 -49.41
CA VAL O 183 43.52 51.93 -49.31
C VAL O 183 43.21 52.23 -47.86
N PHE O 184 42.36 53.23 -47.62
CA PHE O 184 41.92 53.56 -46.29
C PHE O 184 40.44 53.37 -46.20
N THR O 185 40.00 52.46 -45.34
CA THR O 185 38.58 52.18 -45.14
C THR O 185 38.14 52.66 -43.78
N GLY O 186 37.12 53.52 -43.79
CA GLY O 186 36.53 54.04 -42.58
C GLY O 186 35.27 53.26 -42.32
N VAL O 187 35.30 52.49 -41.24
CA VAL O 187 34.20 51.61 -40.86
C VAL O 187 33.59 52.19 -39.60
N GLY O 188 32.32 52.58 -39.67
CA GLY O 188 31.67 53.23 -38.54
C GLY O 188 32.37 54.50 -38.13
N GLU O 189 32.92 55.17 -39.13
CA GLU O 189 33.59 56.46 -39.02
C GLU O 189 32.56 57.50 -38.62
N ARG O 190 32.93 58.44 -37.74
CA ARG O 190 32.22 59.71 -37.67
C ARG O 190 32.40 60.39 -39.02
N THR O 191 31.30 60.79 -39.67
CA THR O 191 31.36 61.46 -40.96
C THR O 191 32.28 62.68 -40.90
N ARG O 192 32.13 63.49 -39.86
CA ARG O 192 32.98 64.67 -39.63
C ARG O 192 34.48 64.33 -39.72
N GLU O 193 34.89 63.21 -39.13
CA GLU O 193 36.27 62.78 -39.16
C GLU O 193 36.70 62.35 -40.57
N GLY O 194 35.75 61.90 -41.37
CA GLY O 194 36.03 61.55 -42.75
C GLY O 194 36.35 62.79 -43.55
N ASN O 195 35.50 63.81 -43.40
CA ASN O 195 35.74 65.14 -43.94
C ASN O 195 37.13 65.65 -43.55
N ASP O 196 37.42 65.66 -42.25
CA ASP O 196 38.73 66.09 -41.74
C ASP O 196 39.89 65.37 -42.42
N LEU O 197 39.77 64.06 -42.62
CA LEU O 197 40.83 63.24 -43.17
C LEU O 197 41.05 63.50 -44.66
N TYR O 198 39.96 63.74 -45.39
CA TYR O 198 40.02 64.05 -46.82
C TYR O 198 40.81 65.33 -47.04
N ARG O 199 40.43 66.37 -46.30
CA ARG O 199 41.10 67.66 -46.33
C ARG O 199 42.56 67.48 -45.94
N GLU O 200 42.81 66.76 -44.83
CA GLU O 200 44.17 66.59 -44.33
C GLU O 200 45.06 65.82 -45.28
N MET O 201 44.47 64.91 -46.04
CA MET O 201 45.20 64.08 -47.00
C MET O 201 45.57 64.86 -48.26
N LYS O 202 44.74 65.85 -48.60
CA LYS O 202 45.05 66.79 -49.69
C LYS O 202 46.12 67.80 -49.24
N GLU O 203 46.01 68.25 -47.99
CA GLU O 203 47.00 69.14 -47.37
C GLU O 203 48.37 68.50 -47.26
N THR O 204 48.41 67.18 -47.35
CA THR O 204 49.64 66.43 -47.14
C THR O 204 50.26 65.95 -48.46
N GLY O 205 49.41 65.83 -49.48
CA GLY O 205 49.86 65.40 -50.80
C GLY O 205 49.64 63.93 -51.11
N VAL O 206 49.17 63.13 -50.15
CA VAL O 206 48.89 61.71 -50.41
C VAL O 206 47.71 61.54 -51.36
N ILE O 207 46.75 62.45 -51.27
CA ILE O 207 45.75 62.63 -52.33
C ILE O 207 46.10 63.91 -53.08
N ASN O 208 46.16 63.82 -54.41
CA ASN O 208 46.36 65.01 -55.25
C ASN O 208 45.43 65.05 -56.44
N LEU O 209 44.38 65.86 -56.32
CA LEU O 209 43.27 65.89 -57.26
C LEU O 209 43.67 66.04 -58.74
N GLU O 210 44.60 66.95 -59.01
CA GLU O 210 45.11 67.11 -60.38
C GLU O 210 46.28 66.16 -60.67
N GLY O 211 47.14 65.96 -59.66
CA GLY O 211 48.32 65.11 -59.81
C GLY O 211 48.07 63.62 -59.59
N GLU O 212 49.08 62.96 -59.01
CA GLU O 212 49.02 61.52 -58.70
C GLU O 212 48.72 61.29 -57.22
N SER O 213 47.76 60.41 -56.95
CA SER O 213 47.39 60.08 -55.58
C SER O 213 47.95 58.72 -55.15
N LYS O 214 48.19 58.57 -53.85
CA LYS O 214 48.74 57.34 -53.29
C LYS O 214 47.66 56.43 -52.68
N VAL O 215 46.57 57.02 -52.21
CA VAL O 215 45.53 56.31 -51.46
C VAL O 215 44.13 56.40 -52.07
N ALA O 216 43.36 55.33 -51.93
CA ALA O 216 41.93 55.31 -52.25
C ALA O 216 41.16 55.37 -50.94
N LEU O 217 40.04 56.07 -50.94
CA LEU O 217 39.25 56.19 -49.72
C LEU O 217 37.94 55.48 -49.87
N VAL O 218 37.60 54.65 -48.88
CA VAL O 218 36.31 53.95 -48.84
C VAL O 218 35.66 54.22 -47.50
N PHE O 219 34.42 54.71 -47.52
CA PHE O 219 33.72 55.09 -46.30
C PHE O 219 32.38 54.40 -46.07
N GLY O 220 32.28 53.80 -44.89
CA GLY O 220 31.06 53.22 -44.38
C GLY O 220 30.88 53.83 -43.02
N GLN O 221 30.31 55.03 -43.02
CA GLN O 221 30.17 55.87 -41.85
C GLN O 221 29.08 55.38 -40.88
N MET O 222 29.23 55.80 -39.63
CA MET O 222 28.25 55.59 -38.56
C MET O 222 26.78 55.69 -38.92
N ASN O 223 26.42 56.67 -39.75
CA ASN O 223 25.01 56.94 -40.03
C ASN O 223 24.41 55.93 -40.98
N GLU O 224 25.26 55.10 -41.57
CA GLU O 224 24.79 54.02 -42.44
C GLU O 224 24.19 52.86 -41.64
N PRO O 225 23.34 52.06 -42.29
CA PRO O 225 22.70 50.96 -41.57
C PRO O 225 23.65 49.77 -41.37
N PRO O 226 23.32 48.84 -40.45
CA PRO O 226 24.24 47.74 -40.11
C PRO O 226 24.82 47.02 -41.32
N GLY O 227 23.98 46.76 -42.33
CA GLY O 227 24.39 46.04 -43.52
C GLY O 227 25.57 46.67 -44.22
N ALA O 228 25.54 48.00 -44.36
CA ALA O 228 26.60 48.74 -45.05
C ALA O 228 27.88 48.75 -44.22
N ARG O 229 27.74 48.97 -42.92
CA ARG O 229 28.88 49.03 -42.03
C ARG O 229 29.56 47.67 -41.91
N ALA O 230 28.78 46.61 -42.06
CA ALA O 230 29.29 45.25 -42.04
C ALA O 230 30.13 44.93 -43.27
N ARG O 231 29.74 45.47 -44.41
CA ARG O 231 30.40 45.14 -45.66
C ARG O 231 31.49 46.10 -46.17
N VAL O 232 31.50 47.36 -45.73
CA VAL O 232 32.52 48.31 -46.23
C VAL O 232 33.95 47.79 -46.20
N ALA O 233 34.37 47.21 -45.08
CA ALA O 233 35.73 46.70 -45.00
C ALA O 233 36.05 45.75 -46.15
N LEU O 234 35.05 45.01 -46.63
CA LEU O 234 35.25 44.09 -47.74
C LEU O 234 35.42 44.87 -49.04
N THR O 235 34.78 46.03 -49.10
CA THR O 235 34.93 46.94 -50.24
C THR O 235 36.38 47.47 -50.34
N GLY O 236 36.90 48.02 -49.24
CA GLY O 236 38.29 48.46 -49.19
C GLY O 236 39.26 47.33 -49.49
N LEU O 237 39.04 46.19 -48.84
CA LEU O 237 39.85 45.02 -49.07
C LEU O 237 39.97 44.61 -50.54
N THR O 238 38.87 44.64 -51.26
CA THR O 238 38.85 44.18 -52.66
C THR O 238 39.71 45.08 -53.56
N ILE O 239 39.59 46.39 -53.34
CA ILE O 239 40.41 47.37 -54.04
C ILE O 239 41.87 47.05 -53.73
N ALA O 240 42.20 46.89 -52.46
CA ALA O 240 43.57 46.54 -52.07
C ALA O 240 44.07 45.26 -52.76
N GLU O 241 43.23 44.21 -52.77
CA GLU O 241 43.61 42.93 -53.36
C GLU O 241 44.00 43.03 -54.81
N TYR O 242 43.36 43.92 -55.55
CA TYR O 242 43.60 44.05 -56.99
C TYR O 242 45.02 44.53 -57.27
N PHE O 243 45.45 45.53 -56.51
CA PHE O 243 46.81 46.03 -56.63
C PHE O 243 47.84 44.93 -56.41
N ARG O 244 47.52 44.01 -55.49
CA ARG O 244 48.37 42.86 -55.25
C ARG O 244 48.30 41.84 -56.38
N ASP O 245 47.09 41.46 -56.79
CA ASP O 245 46.91 40.36 -57.73
C ASP O 245 47.29 40.74 -59.17
N GLU O 246 46.98 41.96 -59.57
CA GLU O 246 47.20 42.41 -60.94
C GLU O 246 48.52 43.15 -61.11
N GLU O 247 48.90 43.95 -60.13
CA GLU O 247 50.06 44.83 -60.28
C GLU O 247 51.24 44.46 -59.39
N GLY O 248 51.15 43.30 -58.74
CA GLY O 248 52.23 42.76 -57.93
C GLY O 248 52.79 43.66 -56.84
N GLN O 249 51.96 44.51 -56.28
CA GLN O 249 52.41 45.49 -55.29
C GLN O 249 52.44 44.95 -53.86
N ASP O 250 53.02 45.74 -52.96
CA ASP O 250 52.88 45.53 -51.53
C ASP O 250 52.00 46.65 -51.00
N VAL O 251 50.70 46.35 -50.91
CA VAL O 251 49.67 47.32 -50.58
C VAL O 251 49.50 47.48 -49.07
N LEU O 252 49.17 48.69 -48.63
CA LEU O 252 48.66 48.91 -47.28
C LEU O 252 47.13 48.99 -47.32
N LEU O 253 46.48 48.29 -46.37
CA LEU O 253 45.05 48.44 -46.17
C LEU O 253 44.84 48.97 -44.79
N PHE O 254 44.12 50.08 -44.68
CA PHE O 254 43.81 50.63 -43.37
C PHE O 254 42.35 50.42 -43.05
N ILE O 255 42.11 49.95 -41.83
CA ILE O 255 40.74 49.83 -41.32
C ILE O 255 40.63 50.56 -39.99
N ASP O 256 39.79 51.59 -39.98
CA ASP O 256 39.45 52.35 -38.78
C ASP O 256 37.93 52.44 -38.77
N ASN O 257 37.25 51.76 -37.84
CA ASN O 257 37.82 50.97 -36.75
C ASN O 257 37.38 49.48 -36.86
N ILE O 258 38.30 48.54 -36.64
CA ILE O 258 37.98 47.11 -36.84
C ILE O 258 36.82 46.63 -35.96
N PHE O 259 36.72 47.20 -34.77
CA PHE O 259 35.61 46.89 -33.87
C PHE O 259 34.24 47.17 -34.49
N ARG O 260 34.14 48.21 -35.32
CA ARG O 260 32.87 48.59 -35.91
C ARG O 260 32.43 47.56 -36.93
N PHE O 261 33.41 46.93 -37.57
CA PHE O 261 33.12 45.81 -38.47
C PHE O 261 32.49 44.67 -37.64
N THR O 262 33.06 44.41 -36.47
CA THR O 262 32.56 43.38 -35.61
C THR O 262 31.17 43.76 -35.10
N GLN O 263 31.06 44.96 -34.57
CA GLN O 263 29.80 45.51 -34.08
C GLN O 263 28.68 45.46 -35.12
N ALA O 264 28.98 45.85 -36.36
CA ALA O 264 27.99 45.80 -37.42
C ALA O 264 27.58 44.36 -37.75
N GLY O 265 28.57 43.44 -37.80
CA GLY O 265 28.29 42.01 -37.91
C GLY O 265 27.30 41.54 -36.84
N SER O 266 27.55 41.92 -35.58
CA SER O 266 26.65 41.63 -34.47
C SER O 266 25.22 42.19 -34.64
N GLU O 267 25.10 43.42 -35.14
CA GLU O 267 23.78 43.99 -35.39
C GLU O 267 23.04 43.24 -36.46
N VAL O 268 23.74 42.94 -37.55
CA VAL O 268 23.13 42.23 -38.66
C VAL O 268 22.65 40.84 -38.22
N SER O 269 23.47 40.19 -37.40
CA SER O 269 23.17 38.87 -36.87
C SER O 269 21.92 38.90 -35.99
N ALA O 270 21.88 39.87 -35.08
CA ALA O 270 20.69 40.05 -34.22
C ALA O 270 19.44 40.28 -35.08
N LEU O 271 19.53 41.13 -36.11
CA LEU O 271 18.39 41.47 -36.95
C LEU O 271 17.90 40.31 -37.79
N LEU O 272 18.82 39.43 -38.17
CA LEU O 272 18.48 38.20 -38.87
C LEU O 272 17.85 37.11 -37.95
N GLY O 273 17.76 37.40 -36.66
CA GLY O 273 17.06 36.53 -35.72
C GLY O 273 17.96 35.42 -35.19
N ARG O 274 19.28 35.61 -35.33
CA ARG O 274 20.21 34.59 -34.87
C ARG O 274 20.40 34.78 -33.37
N ILE O 275 20.48 33.65 -32.66
CA ILE O 275 20.67 33.68 -31.23
C ILE O 275 22.04 34.25 -30.94
N PRO O 276 22.09 35.37 -30.17
CA PRO O 276 23.34 35.97 -29.75
C PRO O 276 24.17 35.00 -28.92
N SER O 277 25.48 35.22 -28.94
CA SER O 277 26.46 34.40 -28.26
C SER O 277 26.89 35.15 -27.03
N ALA O 278 27.97 34.71 -26.40
CA ALA O 278 28.50 35.34 -25.19
C ALA O 278 28.65 36.85 -25.38
N VAL O 279 28.14 37.59 -24.41
CA VAL O 279 28.29 39.06 -24.33
C VAL O 279 27.49 39.75 -25.45
N GLY O 280 26.58 39.02 -26.09
CA GLY O 280 25.69 39.64 -27.06
C GLY O 280 26.19 39.64 -28.50
N TYR O 281 27.45 39.27 -28.69
CA TYR O 281 28.06 39.20 -30.01
C TYR O 281 27.46 38.09 -30.85
N GLN O 282 27.73 38.15 -32.15
CA GLN O 282 27.19 37.18 -33.07
C GLN O 282 27.82 35.80 -32.84
N PRO O 283 27.02 34.71 -33.03
CA PRO O 283 27.57 33.36 -32.96
C PRO O 283 28.73 33.12 -33.94
N THR O 284 28.70 33.79 -35.09
CA THR O 284 29.72 33.69 -36.15
C THR O 284 30.90 34.64 -35.96
N LEU O 285 31.06 35.17 -34.76
CA LEU O 285 32.12 36.15 -34.48
C LEU O 285 33.47 35.80 -35.11
N ALA O 286 33.96 34.59 -34.87
CA ALA O 286 35.30 34.21 -35.26
C ALA O 286 35.39 33.93 -36.75
N THR O 287 34.34 33.35 -37.34
CA THR O 287 34.35 33.12 -38.80
C THR O 287 34.15 34.41 -39.60
N ASP O 288 33.26 35.29 -39.11
CA ASP O 288 33.12 36.65 -39.68
C ASP O 288 34.50 37.29 -39.77
N MET O 289 35.23 37.30 -38.65
CA MET O 289 36.54 37.92 -38.60
C MET O 289 37.48 37.21 -39.61
N GLY O 290 37.39 35.89 -39.67
CA GLY O 290 38.28 35.12 -40.50
C GLY O 290 38.09 35.36 -41.98
N LEU O 291 36.85 35.59 -42.40
CA LEU O 291 36.53 35.83 -43.81
C LEU O 291 37.10 37.18 -44.31
N LEU O 292 37.27 38.13 -43.40
CA LEU O 292 37.96 39.35 -43.71
C LEU O 292 39.45 39.12 -43.63
N GLN O 293 39.95 38.84 -42.42
CA GLN O 293 41.39 38.79 -42.15
C GLN O 293 42.20 37.85 -43.04
N GLU O 294 41.62 36.72 -43.42
CA GLU O 294 42.39 35.73 -44.18
C GLU O 294 42.69 36.19 -45.59
N ARG O 295 42.01 37.23 -46.03
CA ARG O 295 42.24 37.77 -47.36
C ARG O 295 43.46 38.70 -47.35
N ILE O 296 43.81 39.21 -46.17
CA ILE O 296 44.96 40.07 -45.96
C ILE O 296 46.21 39.19 -45.77
N THR O 297 46.95 38.94 -46.84
CA THR O 297 48.07 38.01 -46.80
C THR O 297 49.07 38.20 -47.96
N THR O 298 50.18 37.47 -47.94
CA THR O 298 51.14 37.45 -49.04
C THR O 298 50.86 36.31 -50.02
N THR O 299 50.92 36.61 -51.32
CA THR O 299 50.84 35.61 -52.37
C THR O 299 52.13 35.66 -53.19
N LYS O 300 52.17 34.94 -54.31
CA LYS O 300 53.33 35.00 -55.21
C LYS O 300 53.52 36.33 -55.94
N LYS O 301 52.42 37.05 -56.15
CA LYS O 301 52.42 38.32 -56.89
C LYS O 301 52.83 39.54 -56.04
N GLY O 302 52.56 39.48 -54.74
CA GLY O 302 52.74 40.61 -53.84
C GLY O 302 52.03 40.39 -52.50
N SER O 303 51.61 41.47 -51.84
CA SER O 303 51.06 41.37 -50.50
C SER O 303 50.08 42.48 -50.17
N VAL O 304 49.11 42.16 -49.31
CA VAL O 304 48.27 43.19 -48.71
C VAL O 304 48.57 43.18 -47.23
N THR O 305 49.12 44.26 -46.71
CA THR O 305 49.38 44.39 -45.28
C THR O 305 48.37 45.37 -44.71
N SER O 306 47.91 45.15 -43.48
CA SER O 306 46.79 45.93 -42.95
C SER O 306 47.08 46.53 -41.61
N VAL O 307 46.73 47.79 -41.43
CA VAL O 307 46.92 48.46 -40.15
C VAL O 307 45.53 48.84 -39.70
N GLN O 308 45.20 48.45 -38.47
CA GLN O 308 43.83 48.43 -38.05
C GLN O 308 43.67 49.13 -36.72
N ALA O 309 42.79 50.11 -36.69
CA ALA O 309 42.43 50.71 -35.42
C ALA O 309 41.58 49.69 -34.64
N VAL O 310 41.98 49.44 -33.40
CA VAL O 310 41.30 48.46 -32.56
C VAL O 310 40.72 49.06 -31.29
N TYR O 311 39.41 49.29 -31.28
CA TYR O 311 38.72 49.72 -30.07
C TYR O 311 38.54 48.55 -29.10
N VAL O 312 38.74 48.80 -27.81
CA VAL O 312 38.67 47.77 -26.79
C VAL O 312 37.52 48.06 -25.82
N PRO O 313 36.37 47.41 -26.02
CA PRO O 313 35.19 47.71 -25.20
C PRO O 313 35.46 47.60 -23.70
N ALA O 314 35.02 48.61 -22.95
CA ALA O 314 35.20 48.70 -21.48
C ALA O 314 36.64 48.47 -21.03
N ASP O 315 37.58 48.67 -21.95
CA ASP O 315 39.02 48.44 -21.71
C ASP O 315 39.36 47.00 -21.36
N ASP O 316 38.42 46.11 -21.66
CA ASP O 316 38.59 44.69 -21.39
C ASP O 316 39.23 43.98 -22.58
N LEU O 317 40.50 43.66 -22.49
CA LEU O 317 41.19 42.95 -23.58
C LEU O 317 40.68 41.52 -23.76
N THR O 318 39.99 41.01 -22.74
CA THR O 318 39.43 39.66 -22.78
C THR O 318 38.03 39.68 -23.37
N ASP O 319 37.56 40.86 -23.75
CA ASP O 319 36.26 40.99 -24.42
C ASP O 319 36.32 40.22 -25.76
N PRO O 320 35.24 39.50 -26.10
CA PRO O 320 35.22 38.72 -27.35
C PRO O 320 35.67 39.45 -28.61
N ALA O 321 35.34 40.74 -28.74
CA ALA O 321 35.73 41.49 -29.96
C ALA O 321 37.26 41.63 -30.15
N PRO O 322 37.97 42.24 -29.18
CA PRO O 322 39.44 42.34 -29.31
C PRO O 322 40.11 40.97 -29.24
N ALA O 323 39.62 40.09 -28.36
CA ALA O 323 40.21 38.77 -28.18
C ALA O 323 40.25 37.97 -29.48
N THR O 324 39.19 38.07 -30.27
CA THR O 324 39.14 37.42 -31.57
C THR O 324 39.99 38.17 -32.57
N THR O 325 39.97 39.50 -32.51
CA THR O 325 40.79 40.32 -33.40
C THR O 325 42.25 40.05 -33.18
N PHE O 326 42.67 40.02 -31.92
CA PHE O 326 44.07 39.77 -31.56
C PHE O 326 44.66 38.49 -32.10
N ALA O 327 43.86 37.45 -32.25
CA ALA O 327 44.34 36.20 -32.84
C ALA O 327 44.94 36.43 -34.22
N HIS O 328 44.57 37.53 -34.86
CA HIS O 328 45.03 37.78 -36.24
C HIS O 328 46.20 38.74 -36.31
N LEU O 329 46.45 39.46 -35.22
CA LEU O 329 47.50 40.48 -35.18
C LEU O 329 48.91 39.91 -35.11
N ASP O 330 49.72 40.30 -36.09
CA ASP O 330 51.13 39.95 -36.12
C ASP O 330 51.97 40.97 -35.35
N ALA O 331 51.43 42.17 -35.15
CA ALA O 331 52.15 43.22 -34.43
C ALA O 331 51.22 44.30 -33.91
N THR O 332 51.71 45.06 -32.93
CA THR O 332 51.00 46.24 -32.47
C THR O 332 51.88 47.50 -32.47
N THR O 333 51.24 48.64 -32.72
CA THR O 333 51.87 49.92 -32.56
C THR O 333 51.03 50.66 -31.53
N VAL O 334 51.56 50.79 -30.31
CA VAL O 334 50.82 51.41 -29.22
C VAL O 334 51.29 52.84 -29.04
N LEU O 335 50.39 53.79 -29.33
CA LEU O 335 50.66 55.20 -29.09
C LEU O 335 50.07 55.58 -27.74
N SER O 336 50.92 56.11 -26.87
CA SER O 336 50.50 56.44 -25.51
C SER O 336 50.53 57.94 -25.25
N ARG O 337 49.53 58.43 -24.51
CA ARG O 337 49.49 59.82 -24.09
C ARG O 337 50.52 60.11 -23.00
N GLY O 338 50.89 59.08 -22.23
CA GLY O 338 52.06 59.14 -21.33
C GLY O 338 53.29 59.64 -22.08
N ILE O 339 53.55 59.03 -23.24
CA ILE O 339 54.50 59.54 -24.24
C ILE O 339 53.84 60.76 -24.89
N SER O 340 54.55 61.46 -25.78
CA SER O 340 54.03 62.65 -26.48
C SER O 340 53.97 63.90 -25.57
N GLU O 341 53.43 63.72 -24.36
CA GLU O 341 53.48 64.75 -23.32
C GLU O 341 54.94 65.04 -22.99
N LEU O 342 55.79 64.00 -23.00
CA LEU O 342 57.25 64.15 -22.88
C LEU O 342 57.88 64.66 -24.18
N GLY O 343 57.04 65.04 -25.14
CA GLY O 343 57.51 65.63 -26.41
C GLY O 343 58.06 64.65 -27.43
N ILE O 344 57.82 63.36 -27.23
CA ILE O 344 58.33 62.33 -28.13
C ILE O 344 57.32 61.99 -29.24
N TYR O 345 57.77 62.06 -30.49
CA TYR O 345 56.95 61.70 -31.63
C TYR O 345 57.78 60.88 -32.63
N PRO O 346 57.21 59.79 -33.17
CA PRO O 346 55.86 59.30 -32.94
C PRO O 346 55.70 58.79 -31.52
N ALA O 347 54.56 59.11 -30.90
CA ALA O 347 54.33 58.81 -29.49
C ALA O 347 54.09 57.33 -29.19
N VAL O 348 54.97 56.48 -29.70
CA VAL O 348 54.85 55.03 -29.54
C VAL O 348 55.62 54.52 -28.34
N ASP O 349 54.91 53.82 -27.46
CA ASP O 349 55.51 53.12 -26.33
C ASP O 349 56.39 52.00 -26.86
N PRO O 350 57.71 52.12 -26.66
CA PRO O 350 58.68 51.18 -27.22
C PRO O 350 58.70 49.81 -26.53
N LEU O 351 57.95 49.69 -25.44
CA LEU O 351 57.89 48.44 -24.68
C LEU O 351 56.51 47.76 -24.77
N ASP O 352 55.46 48.56 -24.85
CA ASP O 352 54.10 48.03 -24.98
C ASP O 352 53.82 47.58 -26.41
N SER O 353 54.52 48.17 -27.38
CA SER O 353 54.37 47.79 -28.78
C SER O 353 55.19 46.55 -29.05
N LYS O 354 54.58 45.57 -29.69
CA LYS O 354 55.18 44.23 -29.82
C LYS O 354 54.97 43.65 -31.20
N SER O 355 55.89 42.79 -31.61
CA SER O 355 55.79 42.09 -32.89
C SER O 355 56.20 40.64 -32.80
N ARG O 356 55.40 39.77 -33.41
CA ARG O 356 55.67 38.36 -33.51
C ARG O 356 56.89 38.12 -34.43
N LEU O 357 57.24 39.11 -35.23
CA LEU O 357 58.34 39.01 -36.18
C LEU O 357 59.70 39.46 -35.62
N LEU O 358 59.72 40.02 -34.41
CA LEU O 358 60.99 40.32 -33.73
C LEU O 358 61.59 39.00 -33.27
N ASP O 359 62.10 38.26 -34.24
CA ASP O 359 62.51 36.87 -34.07
C ASP O 359 63.81 36.71 -34.84
N ALA O 360 64.83 36.20 -34.16
CA ALA O 360 66.14 36.01 -34.76
C ALA O 360 66.05 35.21 -36.06
N ALA O 361 65.11 34.27 -36.09
CA ALA O 361 64.88 33.44 -37.27
C ALA O 361 64.32 34.26 -38.45
N VAL O 362 63.73 35.42 -38.14
CA VAL O 362 63.11 36.28 -39.15
C VAL O 362 63.99 37.47 -39.50
N VAL O 363 64.44 38.19 -38.48
CA VAL O 363 65.17 39.45 -38.64
C VAL O 363 66.68 39.28 -38.60
N GLY O 364 67.16 38.07 -38.30
CA GLY O 364 68.59 37.80 -38.14
C GLY O 364 69.03 38.00 -36.71
N GLN O 365 70.17 37.40 -36.33
CA GLN O 365 70.62 37.47 -34.94
C GLN O 365 71.03 38.88 -34.51
N GLU O 366 71.70 39.60 -35.41
CA GLU O 366 72.12 40.98 -35.16
C GLU O 366 70.97 41.85 -34.65
N HIS O 367 69.98 42.04 -35.53
CA HIS O 367 68.77 42.81 -35.25
C HIS O 367 68.10 42.40 -33.94
N TYR O 368 67.90 41.09 -33.76
CA TYR O 368 67.24 40.60 -32.56
C TYR O 368 67.96 41.05 -31.29
N ASP O 369 69.29 40.88 -31.26
CA ASP O 369 70.10 41.22 -30.09
C ASP O 369 70.08 42.72 -29.80
N VAL O 370 70.22 43.54 -30.84
CA VAL O 370 70.17 44.99 -30.70
C VAL O 370 68.84 45.40 -30.06
N ALA O 371 67.74 44.99 -30.69
CA ALA O 371 66.39 45.28 -30.19
C ALA O 371 66.17 44.76 -28.77
N SER O 372 66.49 43.49 -28.54
CA SER O 372 66.31 42.88 -27.23
C SER O 372 67.06 43.63 -26.12
N LYS O 373 68.25 44.13 -26.45
CA LYS O 373 69.04 44.85 -25.45
C LYS O 373 68.48 46.26 -25.21
N VAL O 374 67.97 46.89 -26.27
CA VAL O 374 67.29 48.18 -26.16
C VAL O 374 66.07 48.05 -25.25
N GLN O 375 65.30 46.97 -25.43
CA GLN O 375 64.16 46.67 -24.55
C GLN O 375 64.64 46.46 -23.12
N GLU O 376 65.71 45.68 -22.97
CA GLU O 376 66.32 45.39 -21.67
C GLU O 376 66.71 46.69 -20.95
N THR O 377 67.34 47.60 -21.70
CA THR O 377 67.83 48.88 -21.20
C THR O 377 66.70 49.79 -20.72
N LEU O 378 65.67 49.93 -21.54
CA LEU O 378 64.53 50.79 -21.23
C LEU O 378 63.67 50.19 -20.11
N GLN O 379 63.60 48.86 -20.06
CA GLN O 379 62.83 48.16 -19.02
C GLN O 379 63.44 48.35 -17.62
N THR O 380 64.77 48.35 -17.55
CA THR O 380 65.46 48.62 -16.29
C THR O 380 65.29 50.08 -15.89
N TYR O 381 65.48 50.99 -16.85
CA TYR O 381 65.27 52.43 -16.60
C TYR O 381 63.84 52.72 -16.15
N LYS O 382 62.87 52.07 -16.78
CA LYS O 382 61.44 52.19 -16.43
C LYS O 382 61.20 51.89 -14.95
N SER O 383 61.79 50.79 -14.47
CA SER O 383 61.62 50.35 -13.07
C SER O 383 62.63 50.98 -12.11
N LEU O 384 63.58 51.75 -12.65
CA LEU O 384 64.48 52.57 -11.83
C LEU O 384 63.94 53.99 -11.65
N GLN O 385 62.82 54.29 -12.32
CA GLN O 385 62.16 55.60 -12.24
C GLN O 385 61.64 55.91 -10.83
N ASP O 386 61.07 54.90 -10.18
CA ASP O 386 60.46 55.06 -8.86
C ASP O 386 61.47 55.25 -7.73
N ILE O 387 62.70 54.78 -7.94
CA ILE O 387 63.78 55.00 -6.97
C ILE O 387 64.71 56.16 -7.38
N ILE O 388 64.29 56.95 -8.38
CA ILE O 388 64.98 58.19 -8.74
C ILE O 388 64.27 59.38 -8.05
N ALA O 389 62.95 59.29 -7.94
CA ALA O 389 62.15 60.35 -7.31
C ALA O 389 62.15 60.27 -5.77
N ILE O 390 62.90 59.32 -5.23
CA ILE O 390 63.05 59.16 -3.77
C ILE O 390 64.48 59.45 -3.31
N LEU O 391 65.46 58.77 -3.91
CA LEU O 391 66.85 58.76 -3.43
C LEU O 391 67.84 59.59 -4.25
N GLY O 392 67.33 60.60 -4.96
CA GLY O 392 68.17 61.46 -5.82
C GLY O 392 68.74 60.72 -7.01
N MET O 393 69.85 61.21 -7.55
CA MET O 393 70.51 60.56 -8.68
C MET O 393 71.96 60.15 -8.44
N ASP O 394 72.59 60.73 -7.42
CA ASP O 394 73.96 60.41 -7.07
C ASP O 394 74.09 59.07 -6.35
N GLU O 395 73.00 58.62 -5.71
CA GLU O 395 73.02 57.40 -4.91
C GLU O 395 72.61 56.15 -5.70
N LEU O 396 73.52 55.69 -6.56
CA LEU O 396 73.37 54.45 -7.32
C LEU O 396 74.72 53.74 -7.44
N SER O 397 74.71 52.52 -7.99
CA SER O 397 75.97 51.88 -8.38
C SER O 397 76.40 52.47 -9.72
N GLU O 398 77.72 52.58 -9.91
CA GLU O 398 78.30 53.25 -11.08
C GLU O 398 78.01 52.55 -12.42
N GLN O 399 77.36 51.38 -12.34
CA GLN O 399 76.95 50.66 -13.54
C GLN O 399 75.46 50.88 -13.86
N ASP O 400 74.69 51.24 -12.83
CA ASP O 400 73.27 51.56 -12.98
C ASP O 400 73.05 52.96 -13.56
N LYS O 401 73.98 53.88 -13.32
CA LYS O 401 73.92 55.23 -13.89
C LYS O 401 74.52 55.27 -15.31
N LEU O 402 75.27 54.21 -15.65
CA LEU O 402 75.87 54.06 -16.97
C LEU O 402 74.81 53.83 -18.06
N THR O 403 73.88 52.92 -17.76
CA THR O 403 72.82 52.57 -18.70
C THR O 403 71.64 53.55 -18.67
N VAL O 404 71.38 54.14 -17.51
CA VAL O 404 70.30 55.14 -17.35
C VAL O 404 70.61 56.43 -18.13
N GLU O 405 71.87 56.84 -18.11
CA GLU O 405 72.34 57.96 -18.91
C GLU O 405 72.23 57.61 -20.39
N ARG O 406 72.37 56.32 -20.69
CA ARG O 406 72.32 55.80 -22.05
C ARG O 406 70.89 55.52 -22.51
N ALA O 407 70.00 55.21 -21.55
CA ALA O 407 68.59 54.95 -21.83
C ALA O 407 67.85 56.23 -22.21
N ARG O 408 68.11 57.30 -21.47
CA ARG O 408 67.56 58.63 -21.76
C ARG O 408 67.94 59.13 -23.16
N LYS O 409 69.06 58.62 -23.67
CA LYS O 409 69.55 58.97 -25.00
C LYS O 409 68.75 58.23 -26.08
N ILE O 410 68.44 56.97 -25.80
CA ILE O 410 67.70 56.10 -26.72
C ILE O 410 66.21 56.47 -26.76
N GLN O 411 65.62 56.66 -25.58
CA GLN O 411 64.24 57.12 -25.43
C GLN O 411 63.97 58.33 -26.31
N ARG O 412 65.00 59.15 -26.52
CA ARG O 412 64.93 60.31 -27.39
C ARG O 412 65.34 59.99 -28.83
N PHE O 413 66.17 58.97 -28.99
CA PHE O 413 66.62 58.55 -30.32
C PHE O 413 65.52 57.79 -31.07
N LEU O 414 64.54 57.28 -30.33
CA LEU O 414 63.39 56.59 -30.93
C LEU O 414 62.42 57.55 -31.61
N SER O 415 62.43 58.81 -31.17
CA SER O 415 61.67 59.87 -31.83
C SER O 415 62.22 60.10 -33.23
N GLN O 416 61.39 60.72 -34.08
CA GLN O 416 61.70 60.89 -35.50
C GLN O 416 60.76 61.94 -36.08
N PRO O 417 61.31 62.81 -36.94
CA PRO O 417 60.46 63.76 -37.64
C PRO O 417 59.93 63.16 -38.94
N PHE O 418 58.64 63.33 -39.17
CA PHE O 418 57.95 62.72 -40.32
C PHE O 418 57.72 63.70 -41.46
N ALA O 419 57.84 63.20 -42.69
CA ALA O 419 57.59 63.98 -43.90
C ALA O 419 56.23 64.70 -43.86
N VAL O 420 55.23 64.01 -43.31
CA VAL O 420 53.88 64.56 -43.22
C VAL O 420 53.70 65.39 -41.93
N ALA O 421 54.69 65.33 -41.05
CA ALA O 421 54.62 66.03 -39.75
C ALA O 421 55.33 67.39 -39.73
N GLU O 422 56.02 67.72 -40.83
CA GLU O 422 56.82 68.96 -40.90
C GLU O 422 56.05 70.19 -40.40
N VAL O 423 54.79 70.30 -40.82
CA VAL O 423 53.89 71.40 -40.42
C VAL O 423 53.71 71.53 -38.90
N PHE O 424 54.15 70.52 -38.13
CA PHE O 424 53.99 70.54 -36.68
C PHE O 424 55.29 70.83 -35.91
N THR O 425 56.42 70.36 -36.45
CA THR O 425 57.71 70.44 -35.72
C THR O 425 58.73 71.36 -36.37
N GLY O 426 58.64 71.55 -37.69
CA GLY O 426 59.56 72.43 -38.39
C GLY O 426 60.90 71.79 -38.68
N ILE O 427 60.99 70.48 -38.50
CA ILE O 427 62.19 69.73 -38.87
C ILE O 427 61.81 68.84 -40.06
N PRO O 428 62.66 68.82 -41.12
CA PRO O 428 62.40 67.98 -42.30
C PRO O 428 62.26 66.51 -41.95
N GLY O 429 61.36 65.82 -42.65
CA GLY O 429 61.04 64.43 -42.36
C GLY O 429 62.09 63.45 -42.83
N LYS O 430 62.40 62.48 -41.98
CA LYS O 430 63.41 61.47 -42.30
C LYS O 430 62.76 60.12 -42.60
N LEU O 431 63.31 59.42 -43.59
CA LEU O 431 62.95 58.05 -43.88
C LEU O 431 64.19 57.17 -43.63
N VAL O 432 64.38 56.77 -42.38
CA VAL O 432 65.53 55.98 -41.96
C VAL O 432 65.36 54.52 -42.38
N ARG O 433 66.32 53.98 -43.13
CA ARG O 433 66.27 52.56 -43.51
C ARG O 433 66.49 51.60 -42.33
N LEU O 434 66.04 50.36 -42.51
CA LEU O 434 66.16 49.33 -41.48
C LEU O 434 67.61 49.12 -41.06
N LYS O 435 68.47 48.87 -42.04
CA LYS O 435 69.91 48.64 -41.80
C LYS O 435 70.56 49.79 -41.03
N ASP O 436 70.27 51.02 -41.44
CA ASP O 436 70.60 52.24 -40.69
C ASP O 436 70.20 52.09 -39.23
N THR O 437 68.90 51.89 -39.00
CA THR O 437 68.32 51.85 -37.65
C THR O 437 69.05 50.87 -36.73
N VAL O 438 69.36 49.69 -37.25
CA VAL O 438 70.05 48.65 -36.48
C VAL O 438 71.49 49.05 -36.17
N ALA O 439 72.29 49.26 -37.21
CA ALA O 439 73.67 49.76 -37.07
C ALA O 439 73.74 50.93 -36.08
N SER O 440 72.89 51.93 -36.31
CA SER O 440 72.87 53.16 -35.51
C SER O 440 72.59 52.89 -34.03
N PHE O 441 71.75 51.90 -33.76
CA PHE O 441 71.40 51.55 -32.37
C PHE O 441 72.40 50.57 -31.74
N LYS O 442 73.06 49.77 -32.58
CA LYS O 442 74.11 48.86 -32.12
C LYS O 442 75.27 49.66 -31.52
N ALA O 443 75.61 50.77 -32.18
CA ALA O 443 76.71 51.64 -31.76
C ALA O 443 76.48 52.32 -30.40
N VAL O 444 75.27 52.83 -30.18
CA VAL O 444 74.92 53.50 -28.91
C VAL O 444 75.00 52.55 -27.71
N LEU O 445 74.61 51.29 -27.91
CA LEU O 445 74.72 50.25 -26.88
C LEU O 445 76.19 49.89 -26.60
N GLU O 446 77.01 49.94 -27.66
CA GLU O 446 78.43 49.62 -27.59
C GLU O 446 79.22 50.65 -26.78
N GLY O 447 78.72 51.89 -26.74
CA GLY O 447 79.34 52.97 -25.97
C GLY O 447 79.84 54.12 -26.82
N LYS O 448 80.01 53.85 -28.12
CA LYS O 448 80.66 54.77 -29.08
C LYS O 448 80.21 56.23 -29.05
N TYR O 449 79.12 56.52 -28.33
CA TYR O 449 78.57 57.87 -28.27
C TYR O 449 78.09 58.24 -26.87
N ASP O 450 78.84 57.81 -25.84
CA ASP O 450 78.54 58.16 -24.45
C ASP O 450 78.86 59.63 -24.14
N ASN O 451 79.85 60.16 -24.84
CA ASN O 451 80.30 61.55 -24.69
C ASN O 451 79.36 62.56 -25.36
N ILE O 452 78.37 62.06 -26.10
CA ILE O 452 77.42 62.89 -26.86
C ILE O 452 76.22 63.32 -26.00
N PRO O 453 75.86 64.63 -26.04
CA PRO O 453 74.75 65.21 -25.26
C PRO O 453 73.36 64.64 -25.60
N GLU O 454 72.45 64.71 -24.62
CA GLU O 454 71.11 64.12 -24.70
C GLU O 454 70.22 64.66 -25.82
N HIS O 455 70.31 65.95 -26.10
CA HIS O 455 69.45 66.61 -27.07
C HIS O 455 69.84 66.31 -28.52
N ALA O 456 71.00 65.70 -28.70
CA ALA O 456 71.51 65.35 -30.03
C ALA O 456 70.80 64.15 -30.68
N PHE O 457 70.20 63.30 -29.84
CA PHE O 457 69.44 62.13 -30.31
C PHE O 457 67.96 62.44 -30.59
N TYR O 458 67.50 63.58 -30.07
CA TYR O 458 66.11 64.03 -30.21
C TYR O 458 65.78 64.48 -31.64
N MET O 459 64.65 63.98 -32.15
CA MET O 459 64.09 64.38 -33.44
C MET O 459 65.09 64.42 -34.61
N VAL O 460 65.72 63.28 -34.86
CA VAL O 460 66.64 63.11 -35.99
C VAL O 460 66.64 61.65 -36.44
N GLY O 461 66.96 61.40 -37.70
CA GLY O 461 66.89 60.06 -38.26
C GLY O 461 68.17 59.50 -38.83
N GLY O 462 68.79 58.58 -38.09
CA GLY O 462 70.03 57.94 -38.52
C GLY O 462 71.16 58.16 -37.54
N ILE O 463 72.36 57.70 -37.89
CA ILE O 463 73.53 57.95 -37.06
C ILE O 463 74.34 59.13 -37.57
N GLU O 464 74.48 59.23 -38.90
CA GLU O 464 75.12 60.38 -39.55
C GLU O 464 74.46 61.70 -39.14
N ASP O 465 73.19 61.62 -38.75
CA ASP O 465 72.43 62.77 -38.28
C ASP O 465 72.68 63.12 -36.81
N VAL O 466 73.28 62.18 -36.06
CA VAL O 466 73.65 62.46 -34.67
C VAL O 466 75.02 63.15 -34.63
N VAL O 467 75.91 62.74 -35.55
CA VAL O 467 77.23 63.35 -35.71
C VAL O 467 77.08 64.83 -36.12
N ALA O 468 76.30 65.06 -37.18
CA ALA O 468 76.06 66.41 -37.69
C ALA O 468 75.41 67.36 -36.68
N LYS O 469 74.50 66.84 -35.86
CA LYS O 469 73.75 67.67 -34.90
C LYS O 469 74.55 68.11 -33.69
N ALA O 470 75.30 67.17 -33.09
CA ALA O 470 76.06 67.42 -31.87
C ALA O 470 77.11 68.54 -32.00
N GLU O 471 77.81 68.57 -33.14
CA GLU O 471 78.86 69.55 -33.42
C GLU O 471 78.29 70.96 -33.60
N LYS O 472 77.11 71.03 -34.20
CA LYS O 472 76.49 72.30 -34.52
C LYS O 472 75.79 72.94 -33.31
N LEU O 473 75.75 72.23 -32.18
CA LEU O 473 75.12 72.76 -30.97
C LEU O 473 75.99 73.80 -30.26
N ALA O 474 77.19 73.41 -29.86
CA ALA O 474 78.12 74.28 -29.13
C ALA O 474 78.67 75.41 -30.01
N ALA O 475 79.33 75.03 -31.11
CA ALA O 475 79.93 75.98 -32.05
C ALA O 475 79.26 75.90 -33.41
N THR P 7 3.51 -13.09 -31.24
CA THR P 7 4.56 -12.25 -31.90
C THR P 7 4.58 -10.81 -31.31
N PRO P 8 5.80 -10.20 -31.24
CA PRO P 8 5.94 -9.03 -30.39
C PRO P 8 5.57 -7.72 -31.08
N ILE P 9 5.55 -6.64 -30.30
CA ILE P 9 5.14 -5.33 -30.80
C ILE P 9 6.35 -4.67 -31.49
N THR P 10 6.14 -4.22 -32.72
CA THR P 10 7.21 -3.63 -33.50
C THR P 10 6.84 -2.27 -34.12
N GLY P 11 7.81 -1.37 -34.16
CA GLY P 11 7.61 -0.08 -34.80
C GLY P 11 8.67 0.25 -35.83
N LYS P 12 8.58 1.47 -36.36
CA LYS P 12 9.56 2.01 -37.30
C LYS P 12 10.12 3.34 -36.83
N VAL P 13 11.43 3.54 -37.03
CA VAL P 13 12.07 4.82 -36.70
C VAL P 13 11.50 5.89 -37.62
N THR P 14 11.08 7.03 -37.08
CA THR P 14 10.59 8.10 -37.95
C THR P 14 11.40 9.40 -37.90
N ALA P 15 12.28 9.52 -36.91
CA ALA P 15 13.09 10.71 -36.69
C ALA P 15 14.30 10.35 -35.83
N VAL P 16 15.43 11.02 -36.11
CA VAL P 16 16.69 10.85 -35.38
C VAL P 16 17.38 12.22 -35.31
N ILE P 17 17.70 12.65 -34.09
CA ILE P 17 18.59 13.78 -33.84
C ILE P 17 19.46 13.44 -32.64
N GLY P 18 20.75 13.25 -32.88
CA GLY P 18 21.66 12.90 -31.81
C GLY P 18 21.10 11.71 -31.07
N ALA P 19 21.02 11.82 -29.74
CA ALA P 19 20.59 10.71 -28.90
C ALA P 19 19.09 10.38 -28.98
N ILE P 20 18.29 11.25 -29.58
CA ILE P 20 16.85 11.12 -29.53
C ILE P 20 16.31 10.46 -30.78
N VAL P 21 15.61 9.33 -30.60
CA VAL P 21 15.00 8.60 -31.71
C VAL P 21 13.48 8.44 -31.54
N ASP P 22 12.73 9.01 -32.48
CA ASP P 22 11.29 8.89 -32.50
C ASP P 22 10.90 7.59 -33.20
N VAL P 23 9.93 6.87 -32.64
CA VAL P 23 9.49 5.57 -33.19
C VAL P 23 7.97 5.52 -33.33
N HIS P 24 7.51 5.14 -34.52
CA HIS P 24 6.07 5.01 -34.76
C HIS P 24 5.61 3.58 -34.59
N PHE P 25 4.46 3.40 -33.96
CA PHE P 25 3.88 2.08 -33.81
C PHE P 25 2.57 1.98 -34.55
N GLU P 26 2.59 1.18 -35.63
CA GLU P 26 1.48 1.00 -36.58
C GLU P 26 0.22 0.43 -35.94
N GLN P 27 0.40 -0.40 -34.92
CA GLN P 27 -0.71 -1.05 -34.25
C GLN P 27 -1.15 -0.24 -33.04
N SER P 28 -2.20 -0.74 -32.39
CA SER P 28 -2.92 -0.06 -31.31
C SER P 28 -2.03 0.22 -30.09
N GLU P 29 -1.11 -0.70 -29.82
CA GLU P 29 -0.37 -0.76 -28.57
C GLU P 29 1.02 -0.07 -28.57
N LEU P 30 1.14 1.00 -27.79
CA LEU P 30 2.39 1.73 -27.61
C LEU P 30 3.14 1.26 -26.38
N PRO P 31 4.49 1.24 -26.43
CA PRO P 31 5.26 0.81 -25.26
C PRO P 31 5.23 1.86 -24.16
N ALA P 32 5.19 1.43 -22.92
CA ALA P 32 5.16 2.33 -21.78
C ALA P 32 6.43 3.18 -21.71
N ILE P 33 6.29 4.35 -21.11
CA ILE P 33 7.41 5.21 -20.82
C ILE P 33 8.33 4.44 -19.89
N LEU P 34 9.64 4.52 -20.18
CA LEU P 34 10.71 3.79 -19.50
C LEU P 34 11.00 2.40 -20.09
N ASN P 35 10.18 1.93 -21.03
CA ASN P 35 10.47 0.65 -21.68
C ASN P 35 11.73 0.69 -22.53
N ALA P 36 12.40 -0.45 -22.59
CA ALA P 36 13.54 -0.65 -23.46
C ALA P 36 13.05 -1.14 -24.82
N LEU P 37 13.44 -0.42 -25.88
CA LEU P 37 13.26 -0.89 -27.26
C LEU P 37 14.60 -1.34 -27.87
N GLU P 38 14.52 -2.13 -28.92
CA GLU P 38 15.72 -2.69 -29.51
C GLU P 38 15.66 -2.59 -31.01
N ILE P 39 16.75 -2.11 -31.60
CA ILE P 39 16.96 -2.11 -33.03
C ILE P 39 18.08 -3.10 -33.26
N LYS P 40 17.85 -4.08 -34.14
CA LYS P 40 18.86 -5.06 -34.50
C LYS P 40 19.93 -4.40 -35.38
N THR P 41 21.18 -4.57 -34.99
CA THR P 41 22.30 -4.10 -35.81
C THR P 41 23.18 -5.30 -36.13
N PRO P 42 23.98 -5.20 -37.21
CA PRO P 42 24.94 -6.26 -37.52
C PRO P 42 25.96 -6.49 -36.39
N GLN P 43 26.25 -5.45 -35.60
CA GLN P 43 27.10 -5.59 -34.42
C GLN P 43 26.36 -6.23 -33.23
N GLY P 44 25.05 -6.08 -33.18
CA GLY P 44 24.29 -6.57 -32.03
C GLY P 44 22.94 -5.89 -31.95
N LYS P 45 22.79 -4.96 -31.01
CA LYS P 45 21.56 -4.18 -30.90
C LYS P 45 21.81 -2.84 -30.25
N LEU P 46 21.04 -1.86 -30.70
CA LEU P 46 20.99 -0.56 -30.10
C LEU P 46 19.75 -0.51 -29.20
N VAL P 47 19.97 -0.24 -27.93
CA VAL P 47 18.90 -0.12 -26.94
C VAL P 47 18.37 1.33 -26.87
N LEU P 48 17.05 1.46 -26.88
CA LEU P 48 16.39 2.75 -26.75
C LEU P 48 15.46 2.77 -25.50
N GLU P 49 15.51 3.83 -24.69
CA GLU P 49 14.59 3.96 -23.58
C GLU P 49 13.47 4.90 -23.94
N VAL P 50 12.21 4.46 -23.80
CA VAL P 50 11.09 5.33 -24.15
C VAL P 50 11.01 6.50 -23.16
N ALA P 51 10.91 7.72 -23.68
CA ALA P 51 10.85 8.92 -22.83
C ALA P 51 9.49 9.65 -22.81
N GLN P 52 8.76 9.63 -23.92
CA GLN P 52 7.54 10.42 -24.02
C GLN P 52 6.66 9.78 -25.06
N HIS P 53 5.35 9.97 -24.92
CA HIS P 53 4.42 9.73 -26.01
C HIS P 53 4.11 11.04 -26.70
N LEU P 54 4.41 11.12 -27.98
CA LEU P 54 4.31 12.39 -28.70
C LEU P 54 2.95 12.63 -29.29
N GLY P 55 2.11 11.60 -29.34
CA GLY P 55 0.88 11.68 -30.10
C GLY P 55 1.01 10.93 -31.41
N GLU P 56 -0.13 10.68 -32.05
CA GLU P 56 -0.19 10.03 -33.37
C GLU P 56 0.65 8.77 -33.45
N ASN P 57 0.55 7.96 -32.41
CA ASN P 57 1.18 6.64 -32.36
C ASN P 57 2.70 6.63 -32.33
N THR P 58 3.30 7.73 -31.89
CA THR P 58 4.73 7.88 -31.92
C THR P 58 5.24 8.15 -30.51
N VAL P 59 6.34 7.49 -30.17
CA VAL P 59 7.03 7.73 -28.94
C VAL P 59 8.41 8.34 -29.22
N ARG P 60 8.88 9.14 -28.27
CA ARG P 60 10.24 9.66 -28.29
C ARG P 60 11.08 8.84 -27.33
N THR P 61 12.29 8.51 -27.74
CA THR P 61 13.14 7.61 -27.00
C THR P 61 14.52 8.22 -26.88
N ILE P 62 15.29 7.73 -25.91
CA ILE P 62 16.68 8.12 -25.73
C ILE P 62 17.54 6.87 -26.00
N ALA P 63 18.44 6.98 -26.97
CA ALA P 63 19.36 5.88 -27.31
C ALA P 63 20.41 5.64 -26.23
N MET P 64 20.79 4.38 -26.06
CA MET P 64 21.85 4.04 -25.08
C MET P 64 23.24 3.93 -25.74
N ASP P 65 23.28 4.14 -27.06
CA ASP P 65 24.54 4.15 -27.81
C ASP P 65 24.38 5.14 -28.96
N GLY P 66 25.45 5.33 -29.75
CA GLY P 66 25.42 6.21 -30.89
C GLY P 66 24.35 5.88 -31.92
N THR P 67 23.70 6.89 -32.47
CA THR P 67 22.71 6.67 -33.51
C THR P 67 23.20 6.81 -34.98
N GLU P 68 24.51 6.98 -35.23
CA GLU P 68 24.93 7.14 -36.63
C GLU P 68 24.58 5.85 -37.34
N GLY P 69 24.07 5.96 -38.55
CA GLY P 69 23.74 4.78 -39.30
C GLY P 69 22.25 4.51 -39.39
N LEU P 70 21.51 4.91 -38.36
CA LEU P 70 20.07 4.70 -38.34
C LEU P 70 19.44 5.31 -39.55
N VAL P 71 18.49 4.60 -40.13
CA VAL P 71 17.75 5.10 -41.28
C VAL P 71 16.29 5.23 -40.88
N ARG P 72 15.60 6.24 -41.38
CA ARG P 72 14.16 6.31 -41.15
C ARG P 72 13.53 5.07 -41.75
N GLY P 73 12.66 4.41 -40.98
CA GLY P 73 12.01 3.18 -41.42
C GLY P 73 12.55 1.96 -40.71
N GLU P 74 13.72 2.08 -40.10
CA GLU P 74 14.35 0.94 -39.44
C GLU P 74 13.38 0.35 -38.38
N LYS P 75 13.36 -0.98 -38.35
CA LYS P 75 12.47 -1.75 -37.51
C LYS P 75 12.89 -1.70 -36.05
N VAL P 76 11.90 -1.56 -35.15
CA VAL P 76 12.13 -1.47 -33.71
C VAL P 76 11.22 -2.41 -32.91
N LEU P 77 11.81 -3.08 -31.93
CA LEU P 77 11.11 -4.05 -31.09
C LEU P 77 10.94 -3.55 -29.65
N ASP P 78 9.72 -3.70 -29.11
CA ASP P 78 9.43 -3.48 -27.69
C ASP P 78 9.81 -4.71 -26.88
N THR P 79 10.62 -4.53 -25.83
CA THR P 79 11.01 -5.66 -24.99
C THR P 79 9.94 -5.95 -23.89
N GLY P 80 8.95 -5.06 -23.80
CA GLY P 80 7.90 -5.16 -22.79
C GLY P 80 8.26 -4.68 -21.39
N GLY P 81 9.51 -4.32 -21.17
CA GLY P 81 9.97 -3.78 -19.88
C GLY P 81 11.20 -2.86 -19.96
N PRO P 82 11.54 -2.20 -18.84
CA PRO P 82 12.70 -1.29 -18.78
C PRO P 82 14.02 -2.01 -18.97
N ILE P 83 15.05 -1.26 -19.31
CA ILE P 83 16.40 -1.78 -19.26
C ILE P 83 16.59 -2.54 -17.94
N SER P 84 17.12 -3.75 -18.03
CA SER P 84 17.33 -4.54 -16.84
C SER P 84 18.78 -4.96 -16.71
N VAL P 85 19.19 -5.29 -15.50
CA VAL P 85 20.56 -5.70 -15.23
C VAL P 85 20.63 -6.92 -14.28
N PRO P 86 21.65 -7.76 -14.48
CA PRO P 86 21.89 -8.85 -13.54
C PRO P 86 22.10 -8.31 -12.12
N VAL P 87 21.60 -9.05 -11.14
CA VAL P 87 21.76 -8.69 -9.73
C VAL P 87 22.28 -9.90 -8.96
N GLY P 88 22.80 -9.67 -7.76
CA GLY P 88 23.25 -10.75 -6.90
C GLY P 88 24.75 -10.93 -6.93
N ARG P 89 25.20 -12.03 -6.35
CA ARG P 89 26.63 -12.28 -6.16
C ARG P 89 27.39 -12.56 -7.47
N GLU P 90 26.69 -12.92 -8.53
CA GLU P 90 27.37 -13.17 -9.80
C GLU P 90 27.85 -11.87 -10.48
N THR P 91 27.47 -10.70 -9.95
CA THR P 91 27.99 -9.43 -10.42
C THR P 91 29.30 -9.07 -9.73
N LEU P 92 29.60 -9.70 -8.60
CA LEU P 92 30.83 -9.39 -7.88
C LEU P 92 32.07 -9.79 -8.69
N GLY P 93 33.07 -8.89 -8.74
CA GLY P 93 34.29 -9.12 -9.51
C GLY P 93 34.13 -8.97 -11.01
N ARG P 94 32.92 -8.66 -11.46
CA ARG P 94 32.67 -8.47 -12.88
C ARG P 94 32.65 -6.98 -13.22
N ILE P 95 32.68 -6.67 -14.51
CA ILE P 95 32.53 -5.29 -15.00
C ILE P 95 31.42 -5.26 -16.03
N ILE P 96 30.48 -4.34 -15.83
CA ILE P 96 29.14 -4.35 -16.46
C ILE P 96 28.91 -2.97 -17.07
N ASN P 97 28.21 -2.89 -18.19
CA ASN P 97 27.85 -1.56 -18.68
C ASN P 97 26.43 -1.15 -18.27
N VAL P 98 25.90 -0.14 -18.95
CA VAL P 98 24.67 0.52 -18.56
C VAL P 98 23.47 -0.39 -18.79
N ILE P 99 23.59 -1.30 -19.75
CA ILE P 99 22.50 -2.22 -20.03
C ILE P 99 22.76 -3.64 -19.51
N GLY P 100 23.59 -3.78 -18.48
CA GLY P 100 23.81 -5.07 -17.83
C GLY P 100 24.72 -6.08 -18.51
N GLU P 101 25.32 -5.72 -19.64
CA GLU P 101 26.22 -6.62 -20.34
C GLU P 101 27.60 -6.60 -19.71
N PRO P 102 28.27 -7.77 -19.64
CA PRO P 102 29.67 -7.81 -19.20
C PRO P 102 30.61 -7.15 -20.23
N ILE P 103 31.61 -6.43 -19.73
CA ILE P 103 32.54 -5.73 -20.59
C ILE P 103 33.96 -6.10 -20.20
N ASP P 104 34.07 -7.20 -19.46
CA ASP P 104 35.34 -7.71 -18.94
C ASP P 104 35.86 -8.97 -19.66
N GLU P 105 35.18 -9.37 -20.73
CA GLU P 105 35.61 -10.52 -21.58
C GLU P 105 35.75 -11.82 -20.79
N ARG P 106 34.85 -12.02 -19.85
CA ARG P 106 34.86 -13.22 -19.03
C ARG P 106 33.56 -14.00 -19.10
N GLY P 107 32.82 -13.78 -20.18
CA GLY P 107 31.60 -14.52 -20.44
C GLY P 107 30.37 -14.01 -19.69
N PRO P 108 29.22 -14.67 -19.92
CA PRO P 108 27.93 -14.26 -19.37
C PRO P 108 27.97 -14.13 -17.86
N ILE P 109 27.12 -13.28 -17.32
CA ILE P 109 26.94 -13.20 -15.88
C ILE P 109 25.79 -14.13 -15.54
N LYS P 110 26.12 -15.29 -14.98
CA LYS P 110 25.13 -16.33 -14.78
C LYS P 110 24.28 -16.11 -13.52
N SER P 111 23.63 -14.95 -13.44
CA SER P 111 22.78 -14.62 -12.30
C SER P 111 21.39 -15.21 -12.46
N LYS P 112 20.80 -15.60 -11.32
CA LYS P 112 19.43 -16.14 -11.27
C LYS P 112 18.42 -15.14 -11.80
N LEU P 113 18.66 -13.86 -11.49
CA LEU P 113 17.68 -12.79 -11.72
C LEU P 113 18.25 -11.53 -12.38
N ARG P 114 17.39 -10.86 -13.13
CA ARG P 114 17.64 -9.55 -13.65
C ARG P 114 16.59 -8.60 -13.08
N LYS P 115 16.96 -7.34 -12.87
CA LYS P 115 16.05 -6.35 -12.33
C LYS P 115 16.07 -5.06 -13.14
N PRO P 116 14.91 -4.38 -13.26
CA PRO P 116 14.87 -3.13 -13.99
C PRO P 116 15.70 -2.06 -13.31
N ILE P 117 16.28 -1.17 -14.10
CA ILE P 117 17.15 -0.15 -13.53
C ILE P 117 16.37 1.05 -12.99
N HIS P 118 15.11 1.18 -13.41
CA HIS P 118 14.18 2.12 -12.80
C HIS P 118 13.35 1.46 -11.68
N ALA P 119 13.31 2.10 -10.52
CA ALA P 119 12.45 1.65 -9.41
C ALA P 119 12.12 2.81 -8.48
N ASP P 120 10.97 2.69 -7.83
CA ASP P 120 10.58 3.63 -6.79
C ASP P 120 11.55 3.55 -5.63
N PRO P 121 11.85 4.70 -5.02
CA PRO P 121 12.63 4.68 -3.79
C PRO P 121 11.80 4.09 -2.65
N PRO P 122 12.47 3.62 -1.59
CA PRO P 122 11.75 3.21 -0.37
C PRO P 122 10.78 4.29 0.11
N SER P 123 9.64 3.86 0.62
CA SER P 123 8.60 4.77 1.10
C SER P 123 9.00 5.45 2.41
N PHE P 124 8.14 6.38 2.86
CA PHE P 124 8.33 6.99 4.18
C PHE P 124 8.34 5.93 5.28
N ALA P 125 7.40 4.99 5.18
CA ALA P 125 7.28 3.90 6.15
C ALA P 125 8.55 3.07 6.28
N GLU P 126 9.26 2.88 5.15
CA GLU P 126 10.41 1.98 5.11
C GLU P 126 11.74 2.61 5.53
N GLN P 127 11.73 3.91 5.81
CA GLN P 127 12.94 4.59 6.28
C GLN P 127 13.45 4.00 7.60
N SER P 128 14.74 4.13 7.84
CA SER P 128 15.36 3.70 9.09
C SER P 128 16.52 4.62 9.35
N THR P 129 16.39 5.45 10.40
CA THR P 129 17.36 6.50 10.65
C THR P 129 18.30 6.17 11.80
N SER P 130 19.51 6.72 11.73
CA SER P 130 20.59 6.38 12.65
C SER P 130 21.55 7.54 12.81
N ALA P 131 22.59 7.32 13.62
CA ALA P 131 23.60 8.35 13.86
C ALA P 131 24.98 7.74 14.11
N GLU P 132 25.22 6.57 13.52
CA GLU P 132 26.49 5.87 13.67
C GLU P 132 27.60 6.55 12.84
N ILE P 133 28.68 6.97 13.52
CA ILE P 133 29.84 7.55 12.84
C ILE P 133 30.53 6.50 11.99
N LEU P 134 31.03 6.92 10.82
CA LEU P 134 31.93 6.09 10.02
C LEU P 134 33.31 6.73 10.07
N GLU P 135 34.23 6.07 10.75
CA GLU P 135 35.56 6.59 10.94
C GLU P 135 36.31 6.46 9.62
N THR P 136 36.93 7.55 9.16
CA THR P 136 37.59 7.52 7.86
C THR P 136 39.09 7.35 7.98
N GLY P 137 39.67 7.94 9.02
CA GLY P 137 41.12 7.98 9.16
C GLY P 137 41.68 9.27 8.59
N ILE P 138 40.79 10.14 8.13
CA ILE P 138 41.19 11.40 7.54
C ILE P 138 40.88 12.48 8.55
N LYS P 139 41.93 13.15 9.02
CA LYS P 139 41.85 14.09 10.14
C LYS P 139 40.77 15.15 9.97
N VAL P 140 40.72 15.78 8.79
CA VAL P 140 39.83 16.91 8.58
C VAL P 140 38.36 16.48 8.58
N VAL P 141 38.11 15.27 8.10
CA VAL P 141 36.75 14.75 8.03
C VAL P 141 36.30 14.27 9.40
N ASP P 142 37.11 13.41 10.01
CA ASP P 142 36.78 12.83 11.32
C ASP P 142 36.61 13.92 12.38
N LEU P 143 37.47 14.94 12.35
CA LEU P 143 37.36 16.03 13.32
C LEU P 143 36.20 16.98 13.04
N LEU P 144 36.16 17.58 11.86
CA LEU P 144 35.29 18.73 11.60
C LEU P 144 33.94 18.42 10.98
N ALA P 145 33.82 17.26 10.32
CA ALA P 145 32.58 16.88 9.65
C ALA P 145 32.50 15.38 9.38
N PRO P 146 32.25 14.58 10.43
CA PRO P 146 32.30 13.12 10.33
C PRO P 146 31.28 12.60 9.35
N TYR P 147 31.56 11.44 8.78
CA TYR P 147 30.62 10.79 7.88
C TYR P 147 29.63 9.92 8.67
N ALA P 148 28.51 9.58 8.04
CA ALA P 148 27.50 8.73 8.67
C ALA P 148 27.39 7.37 8.00
N ARG P 149 27.51 6.29 8.79
CA ARG P 149 27.19 4.94 8.31
C ARG P 149 25.75 4.91 7.79
N GLY P 150 25.54 4.25 6.65
CA GLY P 150 24.23 4.19 6.01
C GLY P 150 23.80 5.54 5.50
N GLY P 151 24.73 6.49 5.52
CA GLY P 151 24.46 7.84 5.03
C GLY P 151 24.98 8.14 3.62
N LYS P 152 24.72 9.37 3.18
CA LYS P 152 25.12 9.83 1.87
C LYS P 152 26.17 10.91 2.01
N ILE P 153 27.30 10.68 1.36
CA ILE P 153 28.48 11.55 1.44
C ILE P 153 28.83 12.10 0.06
N GLY P 154 28.93 13.42 -0.04
CA GLY P 154 29.26 14.05 -1.30
C GLY P 154 30.60 14.71 -1.21
N LEU P 155 31.44 14.48 -2.21
CA LEU P 155 32.75 15.13 -2.32
C LEU P 155 32.74 16.17 -3.47
N PHE P 156 32.61 17.44 -3.12
CA PHE P 156 32.49 18.50 -4.12
C PHE P 156 33.86 19.01 -4.51
N GLY P 157 34.06 19.29 -5.79
CA GLY P 157 35.32 19.90 -6.22
C GLY P 157 35.33 20.32 -7.66
N GLY P 158 36.01 21.43 -7.95
CA GLY P 158 36.21 21.87 -9.32
C GLY P 158 37.14 20.90 -10.01
N ALA P 159 37.46 21.18 -11.27
CA ALA P 159 38.39 20.38 -12.07
C ALA P 159 39.77 20.30 -11.42
N GLY P 160 40.23 19.06 -11.19
CA GLY P 160 41.59 18.80 -10.73
C GLY P 160 41.97 19.09 -9.30
N VAL P 161 41.00 19.33 -8.42
CA VAL P 161 41.31 19.64 -7.01
C VAL P 161 41.42 18.43 -6.07
N GLY P 162 40.94 17.27 -6.49
CA GLY P 162 41.18 16.04 -5.74
C GLY P 162 40.05 15.06 -5.48
N LYS P 163 38.93 15.20 -6.17
CA LYS P 163 37.75 14.33 -5.93
C LYS P 163 38.07 12.84 -6.07
N THR P 164 38.78 12.48 -7.14
CA THR P 164 39.01 11.07 -7.42
C THR P 164 40.09 10.48 -6.53
N VAL P 165 41.15 11.24 -6.30
CA VAL P 165 42.14 10.85 -5.30
C VAL P 165 41.44 10.66 -3.95
N PHE P 166 40.53 11.58 -3.59
CA PHE P 166 39.82 11.47 -2.32
C PHE P 166 38.98 10.22 -2.22
N ILE P 167 38.18 9.93 -3.23
CA ILE P 167 37.27 8.80 -3.17
C ILE P 167 38.06 7.50 -3.20
N GLN P 168 39.22 7.52 -3.84
CA GLN P 168 40.09 6.33 -3.88
C GLN P 168 40.71 6.04 -2.51
N GLU P 169 41.02 7.10 -1.75
CA GLU P 169 41.55 6.92 -0.41
C GLU P 169 40.47 6.37 0.52
N LEU P 170 39.25 6.85 0.36
CA LEU P 170 38.12 6.32 1.10
C LEU P 170 37.85 4.85 0.79
N ILE P 171 37.99 4.46 -0.48
CA ILE P 171 37.86 3.06 -0.90
C ILE P 171 38.95 2.25 -0.22
N ASN P 172 40.19 2.75 -0.31
CA ASN P 172 41.34 2.15 0.32
C ASN P 172 41.16 1.94 1.84
N ASN P 173 40.64 2.96 2.52
CA ASN P 173 40.48 2.96 3.98
C ASN P 173 39.28 2.20 4.54
N ILE P 174 38.27 1.93 3.72
CA ILE P 174 36.97 1.50 4.23
C ILE P 174 36.49 0.20 3.60
N ALA P 175 36.83 -0.02 2.34
CA ALA P 175 36.18 -1.07 1.53
C ALA P 175 36.62 -2.50 1.81
N LYS P 176 37.85 -2.66 2.30
CA LYS P 176 38.41 -3.98 2.65
C LYS P 176 37.81 -4.56 3.92
N ALA P 177 37.79 -3.73 4.96
CA ALA P 177 37.39 -4.14 6.29
C ALA P 177 35.92 -3.83 6.53
N HIS P 178 35.13 -3.80 5.45
CA HIS P 178 33.72 -3.45 5.56
C HIS P 178 32.85 -4.67 5.89
N GLY P 179 33.17 -5.80 5.26
CA GLY P 179 32.43 -7.05 5.50
C GLY P 179 31.32 -7.24 4.49
N GLY P 180 30.46 -6.21 4.36
CA GLY P 180 29.45 -6.15 3.30
C GLY P 180 30.09 -5.91 1.94
N PHE P 181 29.25 -5.84 0.90
CA PHE P 181 29.75 -5.68 -0.47
C PHE P 181 29.80 -4.22 -0.89
N SER P 182 30.60 -3.95 -1.92
CA SER P 182 30.68 -2.63 -2.54
C SER P 182 30.25 -2.65 -4.01
N VAL P 183 29.65 -1.54 -4.44
CA VAL P 183 29.49 -1.27 -5.87
C VAL P 183 30.20 0.05 -6.19
N PHE P 184 31.07 0.01 -7.20
CA PHE P 184 31.66 1.24 -7.75
C PHE P 184 31.05 1.51 -9.12
N THR P 185 30.57 2.74 -9.30
CA THR P 185 30.01 3.15 -10.57
C THR P 185 30.75 4.36 -11.13
N GLY P 186 31.43 4.15 -12.26
CA GLY P 186 32.06 5.23 -13.01
C GLY P 186 31.01 5.83 -13.93
N VAL P 187 30.72 7.11 -13.73
CA VAL P 187 29.76 7.80 -14.58
C VAL P 187 30.49 8.98 -15.19
N GLY P 188 30.62 8.93 -16.53
CA GLY P 188 31.14 10.06 -17.29
C GLY P 188 32.53 10.47 -16.86
N GLU P 189 33.30 9.53 -16.33
CA GLU P 189 34.69 9.86 -16.00
C GLU P 189 35.69 9.19 -16.94
N ARG P 190 36.97 9.12 -16.54
CA ARG P 190 38.02 8.66 -17.44
C ARG P 190 38.05 7.13 -17.61
N THR P 191 37.95 6.64 -18.84
CA THR P 191 38.11 5.20 -19.05
C THR P 191 39.37 4.65 -18.41
N ARG P 192 40.50 5.34 -18.61
CA ARG P 192 41.76 4.95 -17.98
C ARG P 192 41.64 4.77 -16.46
N GLU P 193 40.84 5.61 -15.82
CA GLU P 193 40.69 5.53 -14.36
C GLU P 193 40.05 4.22 -13.95
N GLY P 194 39.13 3.73 -14.79
CA GLY P 194 38.49 2.43 -14.63
C GLY P 194 39.48 1.31 -14.80
N ASN P 195 40.34 1.45 -15.80
CA ASN P 195 41.40 0.51 -16.03
C ASN P 195 42.29 0.45 -14.79
N ASP P 196 42.71 1.61 -14.28
CA ASP P 196 43.51 1.72 -13.06
C ASP P 196 42.87 1.00 -11.88
N LEU P 197 41.60 1.33 -11.63
CA LEU P 197 40.87 0.84 -10.47
C LEU P 197 40.71 -0.68 -10.48
N TYR P 198 40.48 -1.24 -11.67
CA TYR P 198 40.32 -2.67 -11.87
C TYR P 198 41.59 -3.40 -11.45
N ARG P 199 42.72 -2.93 -11.98
CA ARG P 199 44.03 -3.49 -11.66
C ARG P 199 44.34 -3.35 -10.17
N GLU P 200 44.07 -2.18 -9.61
CA GLU P 200 44.31 -1.91 -8.19
C GLU P 200 43.48 -2.83 -7.27
N MET P 201 42.21 -3.05 -7.62
CA MET P 201 41.34 -3.90 -6.82
C MET P 201 41.69 -5.38 -6.88
N LYS P 202 42.15 -5.83 -8.04
CA LYS P 202 42.76 -7.16 -8.17
C LYS P 202 43.98 -7.29 -7.24
N GLU P 203 44.83 -6.27 -7.20
CA GLU P 203 46.07 -6.29 -6.43
C GLU P 203 45.87 -6.10 -4.93
N THR P 204 44.65 -5.73 -4.51
CA THR P 204 44.34 -5.72 -3.09
C THR P 204 43.49 -6.94 -2.69
N GLY P 205 43.07 -7.74 -3.69
CA GLY P 205 42.26 -8.94 -3.45
C GLY P 205 40.76 -8.70 -3.38
N VAL P 206 40.37 -7.43 -3.30
CA VAL P 206 38.98 -6.99 -3.30
C VAL P 206 38.21 -7.58 -4.50
N ILE P 207 38.87 -7.63 -5.66
CA ILE P 207 38.44 -8.46 -6.77
C ILE P 207 39.41 -9.61 -6.85
N ASN P 208 38.89 -10.79 -7.17
CA ASN P 208 39.66 -12.01 -7.20
C ASN P 208 39.05 -12.93 -8.26
N LEU P 209 39.61 -12.86 -9.46
CA LEU P 209 39.08 -13.54 -10.64
C LEU P 209 38.92 -15.05 -10.46
N GLU P 210 39.83 -15.67 -9.72
CA GLU P 210 39.77 -17.13 -9.51
C GLU P 210 39.33 -17.49 -8.08
N GLY P 211 38.56 -16.60 -7.46
CA GLY P 211 38.10 -16.77 -6.07
C GLY P 211 36.85 -15.97 -5.76
N GLU P 212 36.74 -15.53 -4.51
CA GLU P 212 35.62 -14.72 -4.02
C GLU P 212 35.89 -13.22 -4.23
N SER P 213 34.89 -12.49 -4.72
CA SER P 213 35.01 -11.04 -4.86
C SER P 213 34.03 -10.24 -4.01
N LYS P 214 34.45 -9.06 -3.59
CA LYS P 214 33.71 -8.18 -2.69
C LYS P 214 33.07 -6.97 -3.38
N VAL P 215 33.42 -6.72 -4.64
CA VAL P 215 33.03 -5.48 -5.32
C VAL P 215 32.54 -5.69 -6.75
N ALA P 216 31.42 -5.05 -7.08
CA ALA P 216 30.91 -5.01 -8.46
C ALA P 216 31.29 -3.67 -9.12
N LEU P 217 31.69 -3.73 -10.39
CA LEU P 217 32.07 -2.55 -11.15
C LEU P 217 31.13 -2.30 -12.31
N VAL P 218 30.61 -1.07 -12.37
CA VAL P 218 29.72 -0.66 -13.46
C VAL P 218 30.32 0.60 -14.10
N PHE P 219 30.40 0.65 -15.43
CA PHE P 219 31.03 1.81 -16.10
C PHE P 219 30.28 2.33 -17.31
N GLY P 220 30.18 3.65 -17.40
CA GLY P 220 29.69 4.35 -18.60
C GLY P 220 30.40 5.70 -18.58
N GLN P 221 31.56 5.77 -19.24
CA GLN P 221 32.49 6.84 -18.98
C GLN P 221 32.30 8.01 -19.93
N MET P 222 33.15 9.02 -19.83
CA MET P 222 33.04 10.22 -20.66
C MET P 222 33.25 10.01 -22.17
N ASN P 223 33.48 8.78 -22.62
CA ASN P 223 33.48 8.49 -24.08
C ASN P 223 32.11 8.10 -24.59
N GLU P 224 31.17 7.92 -23.66
CA GLU P 224 29.83 7.42 -24.01
C GLU P 224 28.86 8.53 -24.42
N PRO P 225 27.90 8.20 -25.28
CA PRO P 225 26.83 9.13 -25.62
C PRO P 225 25.94 9.38 -24.37
N PRO P 226 25.18 10.50 -24.38
CA PRO P 226 24.53 10.97 -23.15
C PRO P 226 23.54 9.96 -22.57
N GLY P 227 22.82 9.24 -23.43
CA GLY P 227 21.85 8.26 -22.94
C GLY P 227 22.48 7.29 -21.95
N ALA P 228 23.70 6.87 -22.25
CA ALA P 228 24.35 5.87 -21.43
C ALA P 228 24.85 6.50 -20.13
N ARG P 229 25.39 7.72 -20.23
CA ARG P 229 25.86 8.43 -19.04
C ARG P 229 24.68 8.80 -18.13
N ALA P 230 23.51 9.02 -18.70
CA ALA P 230 22.33 9.37 -17.94
C ALA P 230 21.74 8.19 -17.15
N ARG P 231 21.98 6.96 -17.61
CA ARG P 231 21.33 5.79 -17.01
C ARG P 231 22.25 4.87 -16.23
N VAL P 232 23.56 4.96 -16.46
CA VAL P 232 24.49 4.00 -15.88
C VAL P 232 24.52 4.07 -14.35
N ALA P 233 24.23 5.23 -13.77
CA ALA P 233 24.18 5.31 -12.33
C ALA P 233 23.01 4.48 -11.78
N LEU P 234 21.89 4.45 -12.51
CA LEU P 234 20.72 3.65 -12.09
C LEU P 234 21.08 2.17 -12.05
N THR P 235 21.90 1.77 -13.02
CA THR P 235 22.34 0.40 -13.18
C THR P 235 23.16 -0.06 -11.97
N GLY P 236 24.15 0.72 -11.58
CA GLY P 236 25.01 0.36 -10.45
C GLY P 236 24.18 0.37 -9.17
N LEU P 237 23.24 1.30 -9.13
CA LEU P 237 22.37 1.48 -7.99
C LEU P 237 21.48 0.26 -7.80
N THR P 238 20.95 -0.26 -8.91
CA THR P 238 20.02 -1.38 -8.86
C THR P 238 20.69 -2.62 -8.24
N ILE P 239 21.96 -2.81 -8.55
CA ILE P 239 22.75 -3.90 -7.98
C ILE P 239 22.94 -3.73 -6.48
N ALA P 240 23.16 -2.49 -6.04
CA ALA P 240 23.29 -2.19 -4.62
C ALA P 240 21.96 -2.42 -3.88
N GLU P 241 20.85 -2.04 -4.52
CA GLU P 241 19.53 -2.18 -3.94
C GLU P 241 19.23 -3.64 -3.65
N TYR P 242 19.65 -4.53 -4.55
CA TYR P 242 19.39 -5.94 -4.37
C TYR P 242 20.14 -6.49 -3.17
N PHE P 243 21.42 -6.17 -3.06
CA PHE P 243 22.19 -6.56 -1.89
C PHE P 243 21.54 -6.04 -0.61
N ARG P 244 20.94 -4.87 -0.69
CA ARG P 244 20.34 -4.27 0.48
C ARG P 244 19.03 -4.97 0.87
N ASP P 245 18.13 -5.15 -0.09
CA ASP P 245 16.77 -5.60 0.20
C ASP P 245 16.61 -7.12 0.32
N GLU P 246 17.22 -7.86 -0.61
CA GLU P 246 17.05 -9.31 -0.68
C GLU P 246 18.07 -10.06 0.16
N GLU P 247 19.22 -9.43 0.45
CA GLU P 247 20.25 -10.09 1.25
C GLU P 247 20.51 -9.36 2.57
N GLY P 248 19.73 -8.30 2.84
CA GLY P 248 19.84 -7.52 4.07
C GLY P 248 21.20 -6.94 4.41
N GLN P 249 22.05 -6.78 3.38
CA GLN P 249 23.45 -6.37 3.55
C GLN P 249 23.68 -4.90 3.87
N ASP P 250 24.85 -4.62 4.45
CA ASP P 250 25.36 -3.25 4.53
C ASP P 250 26.24 -3.04 3.31
N VAL P 251 25.75 -2.20 2.40
CA VAL P 251 26.36 -2.03 1.10
C VAL P 251 27.08 -0.70 1.04
N LEU P 252 28.21 -0.66 0.35
CA LEU P 252 28.83 0.61 -0.01
C LEU P 252 28.56 0.90 -1.48
N LEU P 253 28.13 2.12 -1.78
CA LEU P 253 27.97 2.53 -3.17
C LEU P 253 28.85 3.74 -3.43
N PHE P 254 29.91 3.56 -4.22
CA PHE P 254 30.80 4.64 -4.62
C PHE P 254 30.46 5.05 -6.05
N ILE P 255 30.31 6.36 -6.28
CA ILE P 255 29.99 6.91 -7.60
C ILE P 255 30.90 8.07 -7.98
N ASP P 256 31.64 7.91 -9.07
CA ASP P 256 32.47 8.97 -9.63
C ASP P 256 32.11 9.06 -11.09
N ASN P 257 31.39 10.09 -11.52
CA ASN P 257 31.04 11.30 -10.77
C ASN P 257 29.58 11.63 -11.02
N ILE P 258 28.80 11.84 -9.95
CA ILE P 258 27.35 11.89 -10.08
C ILE P 258 26.85 13.10 -10.86
N PHE P 259 27.66 14.17 -10.91
CA PHE P 259 27.34 15.32 -11.75
C PHE P 259 27.10 14.91 -13.20
N ARG P 260 27.87 13.93 -13.67
CA ARG P 260 27.84 13.50 -15.06
C ARG P 260 26.47 12.93 -15.47
N PHE P 261 25.70 12.47 -14.48
CA PHE P 261 24.31 12.07 -14.72
C PHE P 261 23.45 13.28 -15.06
N THR P 262 23.66 14.38 -14.33
CA THR P 262 22.87 15.60 -14.54
C THR P 262 23.27 16.27 -15.86
N GLN P 263 24.57 16.32 -16.10
CA GLN P 263 25.12 16.83 -17.36
C GLN P 263 24.56 16.08 -18.57
N ALA P 264 24.57 14.76 -18.49
CA ALA P 264 23.99 13.93 -19.54
C ALA P 264 22.56 14.32 -19.81
N GLY P 265 21.81 14.50 -18.73
CA GLY P 265 20.42 14.93 -18.79
C GLY P 265 20.30 16.23 -19.54
N SER P 266 21.26 17.13 -19.35
CA SER P 266 21.15 18.44 -19.97
C SER P 266 21.50 18.39 -21.46
N GLU P 267 22.31 17.41 -21.88
CA GLU P 267 22.63 17.25 -23.31
C GLU P 267 21.39 16.84 -24.12
N VAL P 268 20.52 16.02 -23.54
CA VAL P 268 19.35 15.56 -24.27
C VAL P 268 18.11 16.41 -24.07
N SER P 269 18.15 17.30 -23.08
CA SER P 269 16.94 18.01 -22.66
C SER P 269 16.29 18.80 -23.80
N ALA P 270 17.06 19.59 -24.54
CA ALA P 270 16.49 20.36 -25.68
C ALA P 270 15.95 19.46 -26.79
N LEU P 271 16.69 18.39 -27.09
CA LEU P 271 16.24 17.37 -28.04
C LEU P 271 14.90 16.77 -27.63
N LEU P 272 14.66 16.68 -26.33
CA LEU P 272 13.38 16.18 -25.81
C LEU P 272 12.23 17.18 -25.91
N GLY P 273 12.51 18.44 -26.25
CA GLY P 273 11.45 19.44 -26.43
C GLY P 273 11.23 20.40 -25.27
N ARG P 274 12.04 20.25 -24.22
CA ARG P 274 11.87 21.05 -23.00
C ARG P 274 12.37 22.48 -23.19
N ILE P 275 11.57 23.47 -22.78
CA ILE P 275 12.07 24.82 -22.59
C ILE P 275 13.14 24.78 -21.48
N PRO P 276 14.35 25.33 -21.75
CA PRO P 276 15.45 25.26 -20.75
C PRO P 276 15.20 26.10 -19.49
N SER P 277 15.71 25.62 -18.37
CA SER P 277 15.67 26.34 -17.11
C SER P 277 16.99 27.10 -16.94
N ALA P 278 17.25 27.66 -15.76
CA ALA P 278 18.40 28.51 -15.54
C ALA P 278 19.68 27.83 -15.98
N VAL P 279 20.54 28.60 -16.65
CA VAL P 279 21.87 28.17 -17.10
C VAL P 279 21.84 27.03 -18.09
N GLY P 280 20.72 26.86 -18.77
CA GLY P 280 20.60 25.88 -19.83
C GLY P 280 20.24 24.49 -19.36
N TYR P 281 20.04 24.32 -18.06
CA TYR P 281 19.67 22.99 -17.53
C TYR P 281 18.26 22.61 -17.84
N GLN P 282 18.02 21.30 -17.77
CA GLN P 282 16.70 20.73 -17.85
C GLN P 282 15.80 21.29 -16.73
N PRO P 283 14.50 21.47 -17.00
CA PRO P 283 13.59 21.90 -15.93
C PRO P 283 13.35 20.81 -14.87
N THR P 284 13.63 19.57 -15.22
CA THR P 284 13.42 18.41 -14.37
C THR P 284 14.63 18.15 -13.48
N LEU P 285 15.59 19.08 -13.50
CA LEU P 285 16.79 18.94 -12.67
C LEU P 285 16.55 18.32 -11.29
N ALA P 286 15.69 18.95 -10.46
CA ALA P 286 15.55 18.51 -9.06
C ALA P 286 14.82 17.18 -8.95
N THR P 287 13.73 17.03 -9.67
CA THR P 287 13.03 15.75 -9.62
C THR P 287 13.88 14.60 -10.16
N ASP P 288 14.52 14.78 -11.31
CA ASP P 288 15.39 13.73 -11.86
C ASP P 288 16.39 13.30 -10.78
N MET P 289 16.98 14.29 -10.14
CA MET P 289 17.97 14.01 -9.10
CA MET P 289 17.98 14.04 -9.09
C MET P 289 17.34 13.29 -7.92
N GLY P 290 16.15 13.73 -7.51
CA GLY P 290 15.41 13.13 -6.39
C GLY P 290 15.07 11.66 -6.66
N LEU P 291 14.60 11.38 -7.86
CA LEU P 291 14.28 10.02 -8.25
C LEU P 291 15.48 9.09 -8.18
N LEU P 292 16.68 9.66 -8.27
CA LEU P 292 17.91 8.87 -8.17
CA LEU P 292 17.90 8.85 -8.17
C LEU P 292 18.38 8.76 -6.72
N GLN P 293 18.61 9.93 -6.11
CA GLN P 293 19.22 9.95 -4.80
C GLN P 293 18.35 9.29 -3.71
N GLU P 294 17.04 9.34 -3.88
CA GLU P 294 16.15 8.87 -2.82
C GLU P 294 16.17 7.35 -2.72
N ARG P 295 16.63 6.69 -3.78
CA ARG P 295 16.83 5.24 -3.77
C ARG P 295 18.11 4.89 -3.01
N ILE P 296 19.07 5.82 -3.00
CA ILE P 296 20.31 5.59 -2.29
C ILE P 296 20.10 5.96 -0.83
N THR P 297 19.54 5.02 -0.09
CA THR P 297 19.14 5.26 1.29
C THR P 297 19.13 3.94 2.08
N THR P 298 19.02 4.09 3.40
CA THR P 298 19.04 2.98 4.33
C THR P 298 17.61 2.62 4.74
N THR P 299 17.29 1.34 4.65
CA THR P 299 15.95 0.87 5.01
C THR P 299 16.01 -0.05 6.22
N LYS P 300 14.85 -0.56 6.61
CA LYS P 300 14.78 -1.55 7.68
C LYS P 300 15.41 -2.89 7.26
N LYS P 301 15.40 -3.18 5.96
CA LYS P 301 16.00 -4.42 5.44
C LYS P 301 17.51 -4.33 5.37
N GLY P 302 18.04 -3.12 5.19
CA GLY P 302 19.48 -2.93 5.07
C GLY P 302 19.99 -1.52 4.89
N SER P 303 21.31 -1.42 4.91
CA SER P 303 21.99 -0.14 4.90
C SER P 303 22.76 0.09 3.58
N VAL P 304 22.71 1.32 3.07
CA VAL P 304 23.58 1.75 1.97
C VAL P 304 24.36 3.02 2.35
N THR P 305 25.67 2.88 2.48
CA THR P 305 26.57 4.01 2.63
C THR P 305 27.06 4.44 1.25
N SER P 306 26.82 5.69 0.89
CA SER P 306 27.18 6.18 -0.43
C SER P 306 28.17 7.34 -0.42
N VAL P 307 29.24 7.18 -1.19
CA VAL P 307 30.18 8.25 -1.42
C VAL P 307 30.14 8.64 -2.89
N GLN P 308 29.91 9.93 -3.14
CA GLN P 308 29.70 10.43 -4.48
C GLN P 308 30.58 11.62 -4.75
N ALA P 309 31.44 11.51 -5.76
CA ALA P 309 32.16 12.69 -6.26
C ALA P 309 31.14 13.58 -7.01
N VAL P 310 31.22 14.88 -6.75
CA VAL P 310 30.31 15.84 -7.35
C VAL P 310 31.13 16.94 -8.00
N TYR P 311 31.19 16.94 -9.32
CA TYR P 311 31.97 17.93 -10.05
C TYR P 311 31.34 19.33 -9.93
N VAL P 312 32.17 20.36 -9.82
CA VAL P 312 31.65 21.73 -9.74
C VAL P 312 32.05 22.52 -10.99
N PRO P 313 31.07 22.79 -11.90
CA PRO P 313 31.34 23.50 -13.14
C PRO P 313 31.98 24.85 -12.88
N ALA P 314 33.09 25.11 -13.56
CA ALA P 314 33.77 26.40 -13.48
C ALA P 314 33.97 26.90 -12.05
N ASP P 315 34.19 25.98 -11.11
CA ASP P 315 34.42 26.31 -9.68
C ASP P 315 33.26 27.07 -9.00
N ASP P 316 32.08 27.00 -9.60
CA ASP P 316 30.93 27.76 -9.11
C ASP P 316 29.98 26.87 -8.31
N LEU P 317 30.05 26.96 -6.97
CA LEU P 317 29.18 26.14 -6.12
C LEU P 317 27.68 26.46 -6.20
N THR P 318 27.32 27.58 -6.82
CA THR P 318 25.90 27.93 -7.02
C THR P 318 25.39 27.45 -8.38
N ASP P 319 26.25 26.83 -9.18
CA ASP P 319 25.78 26.19 -10.41
C ASP P 319 24.64 25.22 -10.06
N PRO P 320 23.52 25.27 -10.80
CA PRO P 320 22.37 24.43 -10.46
C PRO P 320 22.69 22.97 -10.12
N ALA P 321 23.60 22.33 -10.85
CA ALA P 321 23.88 20.91 -10.58
C ALA P 321 24.47 20.67 -9.17
N PRO P 322 25.63 21.25 -8.84
CA PRO P 322 26.04 20.96 -7.47
C PRO P 322 25.09 21.58 -6.44
N ALA P 323 24.52 22.74 -6.76
CA ALA P 323 23.62 23.41 -5.81
C ALA P 323 22.49 22.51 -5.35
N THR P 324 21.87 21.79 -6.28
CA THR P 324 20.74 20.91 -6.01
C THR P 324 21.20 19.61 -5.37
N THR P 325 22.49 19.31 -5.46
CA THR P 325 22.96 18.04 -4.91
C THR P 325 23.09 18.09 -3.37
N PHE P 326 23.37 19.27 -2.84
CA PHE P 326 23.55 19.48 -1.38
C PHE P 326 22.42 18.93 -0.51
N ALA P 327 21.17 19.17 -0.89
CA ALA P 327 20.03 18.74 -0.10
C ALA P 327 19.93 17.19 0.11
N HIS P 328 20.80 16.42 -0.54
CA HIS P 328 20.68 14.96 -0.51
C HIS P 328 21.70 14.30 0.41
N LEU P 329 22.56 15.09 1.04
CA LEU P 329 23.70 14.52 1.71
C LEU P 329 23.69 14.72 3.21
N ASP P 330 24.22 13.73 3.92
CA ASP P 330 24.35 13.79 5.35
C ASP P 330 25.66 14.46 5.68
N ALA P 331 26.68 14.25 4.83
CA ALA P 331 27.95 14.94 4.95
C ALA P 331 28.45 15.41 3.60
N THR P 332 29.18 16.51 3.59
CA THR P 332 29.63 17.11 2.36
C THR P 332 31.05 17.57 2.60
N THR P 333 32.00 17.00 1.87
CA THR P 333 33.37 17.50 1.83
C THR P 333 33.51 18.40 0.61
N VAL P 334 33.80 19.68 0.82
CA VAL P 334 33.99 20.62 -0.27
C VAL P 334 35.48 20.87 -0.47
N LEU P 335 35.96 20.60 -1.67
CA LEU P 335 37.38 20.81 -1.99
C LEU P 335 37.54 22.16 -2.68
N SER P 336 38.58 22.89 -2.29
CA SER P 336 38.78 24.25 -2.76
C SER P 336 40.04 24.36 -3.61
N ARG P 337 39.92 25.00 -4.78
CA ARG P 337 41.11 25.29 -5.61
C ARG P 337 42.14 26.16 -4.89
N GLY P 338 41.67 27.19 -4.19
CA GLY P 338 42.54 28.10 -3.43
C GLY P 338 43.36 27.38 -2.37
N ILE P 339 42.73 26.42 -1.72
CA ILE P 339 43.41 25.55 -0.77
C ILE P 339 44.40 24.58 -1.45
N SER P 340 44.00 23.99 -2.58
CA SER P 340 44.91 23.09 -3.30
C SER P 340 46.16 23.82 -3.81
N GLU P 341 46.01 25.07 -4.26
CA GLU P 341 47.18 25.81 -4.76
C GLU P 341 48.18 26.19 -3.65
N LEU P 342 47.69 26.27 -2.42
CA LEU P 342 48.56 26.42 -1.24
C LEU P 342 49.27 25.13 -0.85
N GLY P 343 48.91 24.01 -1.51
CA GLY P 343 49.57 22.73 -1.27
C GLY P 343 48.97 21.94 -0.12
N ILE P 344 47.80 22.39 0.35
CA ILE P 344 47.06 21.63 1.35
C ILE P 344 46.26 20.53 0.66
N TYR P 345 46.65 19.28 0.91
CA TYR P 345 45.90 18.10 0.50
C TYR P 345 45.62 17.20 1.71
N PRO P 346 44.40 16.66 1.80
CA PRO P 346 43.29 16.92 0.89
C PRO P 346 42.89 18.38 0.97
N ALA P 347 42.50 18.96 -0.16
CA ALA P 347 42.22 20.40 -0.26
C ALA P 347 40.87 20.77 0.36
N VAL P 348 40.61 20.24 1.55
CA VAL P 348 39.31 20.40 2.18
C VAL P 348 39.11 21.82 2.73
N ASP P 349 37.95 22.40 2.46
CA ASP P 349 37.62 23.68 3.03
C ASP P 349 36.91 23.45 4.37
N PRO P 350 37.63 23.67 5.49
CA PRO P 350 37.16 23.31 6.85
C PRO P 350 35.86 24.02 7.21
N LEU P 351 35.70 25.23 6.70
CA LEU P 351 34.43 25.94 6.76
C LEU P 351 33.80 25.72 5.41
N ASP P 352 32.60 25.15 5.37
CA ASP P 352 31.94 24.86 4.09
C ASP P 352 31.73 23.38 3.91
N SER P 353 32.53 22.54 4.56
CA SER P 353 32.21 21.12 4.61
C SER P 353 31.45 20.82 5.89
N LYS P 354 30.45 19.96 5.79
CA LYS P 354 29.47 19.84 6.86
C LYS P 354 29.05 18.43 7.16
N SER P 355 28.49 18.25 8.35
CA SER P 355 27.99 16.98 8.78
C SER P 355 26.82 17.17 9.72
N ARG P 356 25.81 16.33 9.50
CA ARG P 356 24.68 16.19 10.39
C ARG P 356 25.14 15.71 11.78
N LEU P 357 26.30 15.05 11.82
CA LEU P 357 26.77 14.37 13.01
C LEU P 357 27.64 15.18 13.97
N LEU P 358 28.09 16.37 13.57
CA LEU P 358 28.93 17.19 14.47
C LEU P 358 28.05 17.70 15.59
N ASP P 359 27.99 16.90 16.64
CA ASP P 359 26.94 16.97 17.64
C ASP P 359 27.41 16.29 18.91
N ALA P 360 27.36 17.02 20.01
CA ALA P 360 27.79 16.51 21.34
C ALA P 360 27.15 15.17 21.71
N ALA P 361 25.87 15.00 21.36
CA ALA P 361 25.14 13.77 21.63
C ALA P 361 25.74 12.57 20.89
N VAL P 362 26.57 12.85 19.89
CA VAL P 362 27.07 11.82 18.96
C VAL P 362 28.57 11.62 19.09
N VAL P 363 29.31 12.73 19.13
CA VAL P 363 30.78 12.66 19.20
C VAL P 363 31.34 12.90 20.62
N GLY P 364 30.48 13.28 21.56
CA GLY P 364 30.90 13.65 22.90
C GLY P 364 31.28 15.11 22.98
N GLN P 365 31.11 15.70 24.17
CA GLN P 365 31.35 17.13 24.38
C GLN P 365 32.78 17.57 24.08
N GLU P 366 33.74 16.70 24.37
CA GLU P 366 35.16 17.01 24.14
C GLU P 366 35.38 17.25 22.63
N HIS P 367 35.16 16.20 21.84
CA HIS P 367 35.23 16.28 20.38
C HIS P 367 34.52 17.53 19.87
N TYR P 368 33.21 17.63 20.14
CA TYR P 368 32.41 18.78 19.73
C TYR P 368 33.12 20.11 19.99
N ASP P 369 33.66 20.26 21.20
CA ASP P 369 34.25 21.55 21.62
C ASP P 369 35.58 21.86 20.94
N VAL P 370 36.40 20.82 20.72
CA VAL P 370 37.63 20.95 19.94
C VAL P 370 37.33 21.45 18.52
N ALA P 371 36.34 20.84 17.88
CA ALA P 371 35.88 21.24 16.56
C ALA P 371 35.46 22.70 16.53
N SER P 372 34.63 23.10 17.49
CA SER P 372 34.15 24.48 17.56
C SER P 372 35.31 25.47 17.66
N LYS P 373 36.30 25.14 18.48
CA LYS P 373 37.45 26.02 18.69
C LYS P 373 38.37 26.08 17.47
N VAL P 374 38.60 24.93 16.84
CA VAL P 374 39.32 24.89 15.57
C VAL P 374 38.59 25.76 14.55
N GLN P 375 37.29 25.57 14.44
CA GLN P 375 36.48 26.35 13.50
C GLN P 375 36.52 27.86 13.82
N GLU P 376 36.43 28.20 15.10
CA GLU P 376 36.52 29.59 15.56
C GLU P 376 37.85 30.24 15.19
N THR P 377 38.93 29.52 15.45
CA THR P 377 40.28 29.95 15.10
C THR P 377 40.44 30.19 13.59
N LEU P 378 40.00 29.24 12.78
CA LEU P 378 40.08 29.37 11.32
C LEU P 378 39.24 30.55 10.82
N GLN P 379 38.05 30.69 11.41
CA GLN P 379 37.18 31.81 11.10
C GLN P 379 37.87 33.17 11.37
N THR P 380 38.41 33.33 12.58
CA THR P 380 39.12 34.56 12.96
C THR P 380 40.21 34.89 11.93
N TYR P 381 40.92 33.86 11.48
CA TYR P 381 42.00 34.02 10.52
C TYR P 381 41.50 34.47 9.16
N LYS P 382 40.41 33.87 8.70
CA LYS P 382 39.80 34.26 7.43
C LYS P 382 39.42 35.73 7.50
N SER P 383 38.69 36.08 8.54
CA SER P 383 38.18 37.44 8.75
C SER P 383 39.26 38.53 8.62
N LEU P 384 40.52 38.16 8.84
CA LEU P 384 41.60 39.12 8.86
C LEU P 384 42.42 39.19 7.56
N GLN P 385 42.02 38.40 6.57
CA GLN P 385 42.79 38.29 5.31
C GLN P 385 42.96 39.61 4.57
N ASP P 386 41.97 40.48 4.70
CA ASP P 386 42.01 41.85 4.14
C ASP P 386 43.23 42.61 4.64
N ILE P 387 43.23 42.85 5.95
CA ILE P 387 44.30 43.58 6.61
C ILE P 387 45.66 42.97 6.28
N ILE P 388 45.79 41.66 6.55
CA ILE P 388 47.05 40.96 6.33
C ILE P 388 47.65 41.28 4.97
N ALA P 389 46.85 41.08 3.91
CA ALA P 389 47.32 41.22 2.54
C ALA P 389 47.76 42.65 2.19
N ILE P 390 46.99 43.63 2.65
CA ILE P 390 47.29 45.05 2.38
C ILE P 390 48.37 45.60 3.30
N LEU P 391 48.11 45.60 4.60
CA LEU P 391 48.92 46.31 5.59
C LEU P 391 50.10 45.52 6.15
N GLY P 392 49.95 44.20 6.23
CA GLY P 392 50.98 43.33 6.78
C GLY P 392 50.62 42.79 8.13
N MET P 393 51.36 41.77 8.58
CA MET P 393 51.13 41.10 9.86
C MET P 393 51.37 42.03 11.06
N ASP P 394 52.24 43.01 10.84
CA ASP P 394 52.62 43.96 11.87
C ASP P 394 51.46 44.80 12.42
N GLU P 395 50.37 44.88 11.65
CA GLU P 395 49.25 45.74 12.02
C GLU P 395 48.12 45.03 12.77
N LEU P 396 48.36 43.80 13.20
CA LEU P 396 47.36 43.11 14.00
C LEU P 396 47.65 43.33 15.46
N SER P 397 46.65 43.11 16.31
CA SER P 397 46.88 43.08 17.74
C SER P 397 47.79 41.88 18.03
N GLU P 398 48.26 41.76 19.27
CA GLU P 398 49.11 40.63 19.63
C GLU P 398 48.28 39.38 19.86
N GLN P 399 47.06 39.56 20.34
CA GLN P 399 46.12 38.46 20.52
C GLN P 399 45.75 37.88 19.16
N ASP P 400 45.67 38.76 18.17
CA ASP P 400 45.32 38.34 16.81
C ASP P 400 46.49 37.72 16.05
N LYS P 401 47.72 38.17 16.34
CA LYS P 401 48.93 37.56 15.77
C LYS P 401 49.03 36.10 16.16
N LEU P 402 48.71 35.84 17.43
CA LEU P 402 48.80 34.50 17.98
C LEU P 402 47.79 33.58 17.30
N THR P 403 46.55 34.07 17.20
CA THR P 403 45.48 33.33 16.54
C THR P 403 45.86 32.95 15.08
N VAL P 404 46.44 33.91 14.36
CA VAL P 404 46.90 33.67 13.00
C VAL P 404 48.02 32.64 12.97
N GLU P 405 48.95 32.73 13.92
CA GLU P 405 50.01 31.73 14.05
C GLU P 405 49.41 30.35 14.25
N ARG P 406 48.48 30.27 15.19
CA ARG P 406 47.86 29.02 15.59
C ARG P 406 47.01 28.47 14.44
N ALA P 407 46.29 29.35 13.75
CA ALA P 407 45.43 28.92 12.65
C ALA P 407 46.24 28.35 11.48
N ARG P 408 47.34 29.03 11.13
CA ARG P 408 48.24 28.57 10.08
C ARG P 408 48.81 27.18 10.34
N LYS P 409 48.99 26.86 11.62
CA LYS P 409 49.44 25.54 12.05
C LYS P 409 48.30 24.53 11.99
N ILE P 410 47.10 24.98 12.33
CA ILE P 410 45.90 24.14 12.21
C ILE P 410 45.59 23.82 10.73
N GLN P 411 45.67 24.83 9.87
CA GLN P 411 45.53 24.64 8.43
C GLN P 411 46.44 23.52 7.97
N ARG P 412 47.72 23.62 8.34
CA ARG P 412 48.70 22.65 7.90
C ARG P 412 48.46 21.27 8.52
N PHE P 413 48.07 21.27 9.78
CA PHE P 413 47.84 20.01 10.50
C PHE P 413 46.64 19.23 9.95
N LEU P 414 45.73 19.94 9.28
CA LEU P 414 44.56 19.33 8.63
C LEU P 414 44.92 18.59 7.34
N SER P 415 46.04 18.99 6.73
CA SER P 415 46.58 18.28 5.57
C SER P 415 47.06 16.90 6.00
N GLN P 416 47.18 15.99 5.03
CA GLN P 416 47.43 14.58 5.33
C GLN P 416 47.94 13.84 4.09
N PRO P 417 48.98 13.01 4.25
CA PRO P 417 49.42 12.22 3.11
C PRO P 417 48.52 11.01 2.92
N PHE P 418 47.93 10.90 1.73
CA PHE P 418 47.12 9.74 1.38
C PHE P 418 47.99 8.62 0.80
N ALA P 419 47.61 7.38 1.11
CA ALA P 419 48.29 6.18 0.60
C ALA P 419 48.19 6.08 -0.92
N VAL P 420 47.02 6.42 -1.47
CA VAL P 420 46.84 6.40 -2.93
C VAL P 420 47.56 7.57 -3.60
N ALA P 421 48.15 8.45 -2.79
CA ALA P 421 48.83 9.62 -3.33
C ALA P 421 50.34 9.47 -3.30
N GLU P 422 50.83 8.40 -2.67
CA GLU P 422 52.27 8.17 -2.49
C GLU P 422 53.12 8.52 -3.71
N VAL P 423 52.60 8.27 -4.91
CA VAL P 423 53.30 8.66 -6.14
C VAL P 423 53.36 10.20 -6.28
N PHE P 424 52.21 10.86 -6.18
CA PHE P 424 52.17 12.33 -6.21
C PHE P 424 53.05 12.98 -5.13
N THR P 425 53.02 12.43 -3.92
CA THR P 425 53.72 13.03 -2.78
C THR P 425 55.17 12.55 -2.62
N GLY P 426 55.39 11.26 -2.86
CA GLY P 426 56.62 10.60 -2.41
C GLY P 426 56.62 10.43 -0.90
N ILE P 427 55.45 10.57 -0.29
CA ILE P 427 55.30 10.57 1.16
C ILE P 427 54.34 9.46 1.56
N PRO P 428 54.77 8.55 2.45
CA PRO P 428 53.94 7.42 2.87
C PRO P 428 52.60 7.87 3.43
N GLY P 429 51.54 7.18 3.02
CA GLY P 429 50.18 7.48 3.48
C GLY P 429 50.04 7.36 4.99
N LYS P 430 49.22 8.23 5.57
CA LYS P 430 48.93 8.20 7.00
C LYS P 430 47.44 8.02 7.22
N LEU P 431 47.10 7.19 8.20
CA LEU P 431 45.72 6.97 8.59
C LEU P 431 45.62 7.25 10.07
N VAL P 432 45.04 8.40 10.44
CA VAL P 432 45.00 8.84 11.82
C VAL P 432 43.67 8.50 12.47
N ARG P 433 43.72 7.85 13.64
CA ARG P 433 42.51 7.50 14.37
C ARG P 433 41.81 8.76 14.88
N LEU P 434 40.48 8.72 14.81
CA LEU P 434 39.61 9.80 15.26
C LEU P 434 40.01 10.31 16.64
N LYS P 435 40.15 9.38 17.60
CA LYS P 435 40.49 9.72 18.99
C LYS P 435 41.80 10.51 19.06
N ASP P 436 42.78 10.07 18.27
CA ASP P 436 44.08 10.73 18.20
C ASP P 436 44.03 12.09 17.52
N THR P 437 43.10 12.24 16.58
CA THR P 437 42.87 13.52 15.89
C THR P 437 42.32 14.55 16.87
N VAL P 438 41.33 14.13 17.67
CA VAL P 438 40.76 14.99 18.72
C VAL P 438 41.82 15.45 19.74
N ALA P 439 42.47 14.48 20.40
CA ALA P 439 43.56 14.77 21.33
C ALA P 439 44.62 15.70 20.73
N SER P 440 45.11 15.35 19.55
CA SER P 440 46.16 16.12 18.88
C SER P 440 45.77 17.56 18.64
N PHE P 441 44.50 17.79 18.33
CA PHE P 441 44.04 19.15 18.03
C PHE P 441 43.73 19.92 19.31
N LYS P 442 43.13 19.22 20.29
CA LYS P 442 42.92 19.73 21.63
C LYS P 442 44.23 20.33 22.17
N ALA P 443 45.27 19.51 22.18
CA ALA P 443 46.59 19.91 22.64
C ALA P 443 47.12 21.14 21.90
N VAL P 444 46.86 21.23 20.60
CA VAL P 444 47.34 22.37 19.80
C VAL P 444 46.59 23.65 20.14
N LEU P 445 45.31 23.52 20.46
CA LEU P 445 44.48 24.66 20.86
C LEU P 445 44.94 25.21 22.22
N GLU P 446 45.25 24.28 23.14
CA GLU P 446 45.67 24.61 24.50
CA GLU P 446 45.66 24.63 24.50
C GLU P 446 47.01 25.34 24.57
N GLY P 447 47.72 25.41 23.44
CA GLY P 447 48.96 26.17 23.36
C GLY P 447 50.24 25.35 23.49
N LYS P 448 50.08 24.05 23.74
CA LYS P 448 51.22 23.15 24.04
C LYS P 448 52.25 23.00 22.92
N TYR P 449 51.99 23.57 21.75
CA TYR P 449 52.91 23.43 20.63
C TYR P 449 53.13 24.75 19.89
N ASP P 450 53.00 25.87 20.60
CA ASP P 450 53.24 27.18 20.00
C ASP P 450 54.71 27.45 19.67
N ASN P 451 55.61 26.71 20.32
CA ASN P 451 57.06 26.81 20.05
C ASN P 451 57.51 26.00 18.83
N ILE P 452 56.61 25.22 18.26
CA ILE P 452 56.93 24.39 17.10
C ILE P 452 56.69 25.18 15.82
N PRO P 453 57.65 25.12 14.88
CA PRO P 453 57.49 25.84 13.61
C PRO P 453 56.42 25.21 12.71
N GLU P 454 55.85 26.03 11.83
CA GLU P 454 54.75 25.69 10.93
C GLU P 454 54.90 24.40 10.11
N HIS P 455 56.01 24.29 9.40
CA HIS P 455 56.21 23.22 8.44
C HIS P 455 56.13 21.83 9.07
N ALA P 456 56.31 21.77 10.39
CA ALA P 456 56.28 20.49 11.09
C ALA P 456 54.86 19.91 11.20
N PHE P 457 53.85 20.76 11.01
CA PHE P 457 52.46 20.31 11.04
C PHE P 457 51.99 19.85 9.65
N TYR P 458 52.73 20.24 8.64
CA TYR P 458 52.40 20.02 7.25
C TYR P 458 52.66 18.58 6.82
N MET P 459 51.61 17.91 6.34
CA MET P 459 51.71 16.64 5.64
C MET P 459 52.25 15.51 6.54
N VAL P 460 51.67 15.40 7.73
CA VAL P 460 51.99 14.32 8.66
C VAL P 460 50.71 13.70 9.21
N GLY P 461 50.86 12.81 10.18
CA GLY P 461 49.72 12.13 10.78
C GLY P 461 49.28 12.80 12.06
N GLY P 462 49.44 12.09 13.18
CA GLY P 462 49.10 12.60 14.50
C GLY P 462 50.16 13.53 15.07
N ILE P 463 49.95 13.96 16.31
CA ILE P 463 50.84 14.93 16.94
C ILE P 463 52.27 14.39 17.19
N GLU P 464 52.38 13.08 17.38
CA GLU P 464 53.69 12.43 17.53
C GLU P 464 54.58 12.71 16.31
N ASP P 465 53.96 12.68 15.12
CA ASP P 465 54.65 12.95 13.87
C ASP P 465 55.07 14.42 13.76
N VAL P 466 54.27 15.32 14.34
CA VAL P 466 54.64 16.73 14.43
C VAL P 466 55.92 16.90 15.26
N VAL P 467 55.88 16.35 16.48
CA VAL P 467 57.06 16.36 17.36
C VAL P 467 58.25 15.72 16.62
N ALA P 468 58.04 14.53 16.07
CA ALA P 468 59.08 13.85 15.30
C ALA P 468 59.69 14.74 14.22
N LYS P 469 58.85 15.27 13.34
CA LYS P 469 59.30 16.13 12.24
C LYS P 469 60.01 17.40 12.73
N ALA P 470 59.53 17.96 13.85
CA ALA P 470 60.13 19.14 14.45
C ALA P 470 61.58 18.89 14.87
N GLU P 471 61.81 17.74 15.50
CA GLU P 471 63.14 17.35 15.93
C GLU P 471 64.06 17.13 14.73
N LYS P 472 63.50 16.50 13.69
CA LYS P 472 64.23 16.32 12.42
C LYS P 472 64.61 17.67 11.82
N LEU P 473 63.69 18.62 11.86
CA LEU P 473 63.93 19.96 11.33
C LEU P 473 64.91 20.76 12.18
N ALA P 474 64.99 20.42 13.46
CA ALA P 474 65.97 21.03 14.35
C ALA P 474 67.41 20.60 14.00
N ALA P 475 67.56 19.34 13.57
CA ALA P 475 68.86 18.73 13.25
C ALA P 475 69.65 19.43 12.14
N ALA Q 1 29.85 37.58 -4.85
CA ALA Q 1 30.53 37.56 -6.19
C ALA Q 1 29.68 38.22 -7.27
N THR Q 2 28.77 39.12 -6.86
CA THR Q 2 27.95 39.88 -7.79
C THR Q 2 28.72 41.09 -8.32
N LEU Q 3 28.23 41.66 -9.41
CA LEU Q 3 28.92 42.76 -10.07
C LEU Q 3 29.09 43.99 -9.17
N LYS Q 4 28.07 44.26 -8.34
CA LYS Q 4 28.09 45.43 -7.48
C LYS Q 4 29.02 45.24 -6.28
N GLU Q 5 29.11 44.00 -5.78
CA GLU Q 5 30.07 43.65 -4.73
C GLU Q 5 31.50 43.91 -5.20
N VAL Q 6 31.82 43.44 -6.41
CA VAL Q 6 33.16 43.60 -6.98
C VAL Q 6 33.47 45.07 -7.23
N GLU Q 7 32.46 45.83 -7.65
CA GLU Q 7 32.62 47.26 -7.87
C GLU Q 7 33.00 47.99 -6.59
N MET Q 8 32.22 47.78 -5.52
CA MET Q 8 32.47 48.39 -4.21
C MET Q 8 33.86 48.07 -3.68
N ARG Q 9 34.16 46.77 -3.63
CA ARG Q 9 35.48 46.27 -3.28
C ARG Q 9 36.57 46.97 -4.10
N LEU Q 10 36.35 47.10 -5.40
CA LEU Q 10 37.33 47.69 -6.30
C LEU Q 10 37.58 49.18 -6.03
N LYS Q 11 36.52 49.97 -5.87
CA LYS Q 11 36.64 51.39 -5.55
C LYS Q 11 37.26 51.62 -4.17
N SER Q 12 37.00 50.71 -3.23
CA SER Q 12 37.55 50.81 -1.87
C SER Q 12 39.07 50.64 -1.87
N ILE Q 13 39.55 49.61 -2.56
CA ILE Q 13 40.98 49.34 -2.67
C ILE Q 13 41.69 50.37 -3.53
N LYS Q 14 40.97 50.97 -4.48
CA LYS Q 14 41.54 52.01 -5.34
C LYS Q 14 41.90 53.26 -4.56
N ASN Q 15 41.08 53.58 -3.55
CA ASN Q 15 41.36 54.66 -2.59
C ASN Q 15 42.53 54.31 -1.70
N ILE Q 16 42.50 53.09 -1.16
CA ILE Q 16 43.60 52.60 -0.33
C ILE Q 16 44.93 52.77 -1.04
N GLU Q 17 44.99 52.34 -2.30
CA GLU Q 17 46.21 52.50 -3.08
C GLU Q 17 46.64 53.96 -3.14
N LYS Q 18 45.68 54.86 -3.35
CA LYS Q 18 45.96 56.28 -3.47
C LYS Q 18 46.44 56.87 -2.14
N ILE Q 19 45.75 56.55 -1.05
CA ILE Q 19 46.06 57.07 0.27
C ILE Q 19 47.46 56.64 0.72
N THR Q 20 47.71 55.33 0.63
CA THR Q 20 48.99 54.74 1.07
C THR Q 20 50.17 55.24 0.24
N LYS Q 21 49.97 55.42 -1.06
CA LYS Q 21 50.99 56.01 -1.91
C LYS Q 21 51.32 57.42 -1.43
N THR Q 22 50.28 58.20 -1.13
CA THR Q 22 50.46 59.58 -0.67
C THR Q 22 51.24 59.60 0.65
N MET Q 23 50.78 58.82 1.63
CA MET Q 23 51.46 58.73 2.92
C MET Q 23 52.95 58.43 2.76
N LYS Q 24 53.27 57.50 1.86
CA LYS Q 24 54.65 57.11 1.59
C LYS Q 24 55.51 58.29 1.12
N ILE Q 25 54.96 59.12 0.23
CA ILE Q 25 55.69 60.27 -0.30
C ILE Q 25 55.82 61.35 0.78
N VAL Q 26 54.79 61.46 1.60
CA VAL Q 26 54.81 62.34 2.77
C VAL Q 26 55.94 61.91 3.70
N ALA Q 27 55.93 60.62 4.08
CA ALA Q 27 56.96 60.05 4.94
C ALA Q 27 58.37 60.31 4.40
N SER Q 28 58.53 60.23 3.07
CA SER Q 28 59.82 60.51 2.45
C SER Q 28 60.31 61.92 2.75
N THR Q 29 59.37 62.87 2.71
CA THR Q 29 59.65 64.26 3.06
C THR Q 29 60.00 64.37 4.53
N ARG Q 30 59.15 63.79 5.38
CA ARG Q 30 59.36 63.78 6.82
C ARG Q 30 60.73 63.20 7.20
N LEU Q 31 61.23 62.29 6.38
CA LEU Q 31 62.50 61.61 6.63
C LEU Q 31 63.71 62.47 6.28
N SER Q 32 63.63 63.22 5.17
CA SER Q 32 64.67 64.19 4.82
C SER Q 32 64.89 65.15 5.98
N LYS Q 33 63.78 65.71 6.46
CA LYS Q 33 63.76 66.65 7.56
C LYS Q 33 64.30 66.03 8.85
N ALA Q 34 63.88 64.80 9.14
CA ALA Q 34 64.30 64.11 10.36
C ALA Q 34 65.72 63.53 10.26
N GLU Q 35 66.27 63.45 9.04
CA GLU Q 35 67.64 63.00 8.84
C GLU Q 35 68.64 64.03 9.35
N LYS Q 36 68.40 65.29 9.01
CA LYS Q 36 69.27 66.38 9.44
C LYS Q 36 69.28 66.58 10.96
N ALA Q 37 68.12 66.41 11.59
CA ALA Q 37 68.00 66.51 13.05
C ALA Q 37 68.64 65.32 13.77
N LYS Q 38 68.76 64.19 13.06
CA LYS Q 38 69.42 63.00 13.59
C LYS Q 38 70.94 63.16 13.59
N ILE Q 39 71.46 63.81 12.54
CA ILE Q 39 72.89 64.13 12.44
C ILE Q 39 73.29 65.08 13.56
N SER Q 40 72.51 66.14 13.75
CA SER Q 40 72.73 67.14 14.81
C SER Q 40 72.73 66.55 16.21
N ALA Q 41 71.85 65.57 16.44
CA ALA Q 41 71.78 64.87 17.72
C ALA Q 41 72.88 63.83 17.86
N LYS Q 42 73.51 63.47 16.74
CA LYS Q 42 74.62 62.52 16.76
C LYS Q 42 75.97 63.24 16.95
N LYS Q 43 75.98 64.55 16.72
CA LYS Q 43 77.16 65.39 16.99
C LYS Q 43 77.17 65.83 18.45
N MET Q 44 75.99 65.99 19.02
CA MET Q 44 75.81 66.23 20.46
C MET Q 44 75.77 64.89 21.20
N ASP Q 45 76.50 63.92 20.66
CA ASP Q 45 76.64 62.59 21.24
C ASP Q 45 78.10 62.18 21.16
N GLU Q 46 78.79 62.70 20.15
CA GLU Q 46 80.24 62.56 20.01
C GLU Q 46 80.93 63.56 20.93
N ALA Q 47 80.36 64.76 21.05
CA ALA Q 47 80.90 65.83 21.88
C ALA Q 47 80.40 65.75 23.34
N GLU Q 48 79.20 65.22 23.52
CA GLU Q 48 78.59 65.11 24.84
C GLU Q 48 79.19 63.97 25.67
N GLN Q 49 79.38 62.81 25.04
CA GLN Q 49 79.87 61.62 25.74
C GLN Q 49 81.39 61.41 25.60
N LEU Q 50 82.07 62.32 24.92
CA LEU Q 50 83.54 62.24 24.80
C LEU Q 50 84.23 62.35 26.16
N PHE Q 51 83.56 62.98 27.12
CA PHE Q 51 83.96 62.96 28.53
C PHE Q 51 83.94 61.53 29.08
N TYR Q 52 82.92 60.76 28.71
CA TYR Q 52 82.75 59.38 29.19
C TYR Q 52 83.72 58.39 28.52
N LYS Q 53 84.24 58.77 27.35
CA LYS Q 53 85.28 58.00 26.66
C LYS Q 53 86.60 58.05 27.45
N ASN Q 54 87.05 59.27 27.72
CA ASN Q 54 88.28 59.52 28.47
C ASN Q 54 88.18 59.11 29.94
N ALA Q 55 87.14 59.57 30.62
CA ALA Q 55 86.88 59.20 32.02
C ALA Q 55 86.58 57.71 32.18
N GLU Q 56 86.18 57.07 31.08
CA GLU Q 56 86.11 55.61 30.97
C GLU Q 56 85.15 55.00 31.99
N THR Q 57 83.88 55.45 31.95
CA THR Q 57 82.90 55.11 32.98
C THR Q 57 82.36 53.68 32.83
N LYS Q 58 82.12 53.04 33.98
CA LYS Q 58 81.59 51.69 34.03
C LYS Q 58 80.74 51.51 35.29
N ASN Q 59 79.62 50.81 35.14
CA ASN Q 59 78.68 50.58 36.26
C ASN Q 59 79.21 49.56 37.26
N LYS Q 71 67.86 45.99 41.24
CA LYS Q 71 66.99 47.11 40.90
C LYS Q 71 67.61 47.99 39.81
N GLU Q 72 66.93 48.05 38.66
CA GLU Q 72 67.40 48.79 37.47
C GLU Q 72 66.27 49.58 36.82
N LEU Q 73 66.63 50.68 36.18
CA LEU Q 73 65.67 51.48 35.42
C LEU Q 73 65.88 51.30 33.91
N ILE Q 74 64.85 50.79 33.25
CA ILE Q 74 64.81 50.69 31.79
C ILE Q 74 63.80 51.69 31.23
N VAL Q 75 64.22 52.45 30.23
CA VAL Q 75 63.33 53.35 29.51
C VAL Q 75 63.28 52.92 28.04
N ALA Q 76 62.09 52.49 27.61
CA ALA Q 76 61.89 51.95 26.27
C ALA Q 76 61.21 52.96 25.36
N ILE Q 77 61.85 53.30 24.24
CA ILE Q 77 61.40 54.40 23.40
C ILE Q 77 60.88 54.02 22.01
N THR Q 78 59.54 54.05 21.88
CA THR Q 78 58.88 54.00 20.58
C THR Q 78 57.93 55.22 20.50
N SER Q 79 56.70 55.01 20.04
CA SER Q 79 55.72 56.09 19.93
C SER Q 79 54.31 55.54 20.13
N ASP Q 80 53.32 56.38 19.84
CA ASP Q 80 51.90 56.00 19.94
C ASP Q 80 51.35 55.47 18.60
N LYS Q 81 52.07 55.73 17.52
CA LYS Q 81 51.60 55.50 16.16
C LYS Q 81 51.86 54.07 15.65
N GLY Q 82 50.86 53.51 14.96
CA GLY Q 82 51.04 52.27 14.21
C GLY Q 82 51.52 52.57 12.80
N LEU Q 83 51.34 51.59 11.91
CA LEU Q 83 51.67 51.72 10.48
C LEU Q 83 53.16 51.94 10.21
N CYS Q 84 54.00 51.32 11.03
CA CYS Q 84 55.45 51.45 10.87
C CYS Q 84 56.16 50.11 10.98
N GLY Q 85 55.49 49.05 10.53
CA GLY Q 85 56.07 47.72 10.53
C GLY Q 85 56.22 47.17 11.94
N SER Q 86 57.40 46.62 12.22
CA SER Q 86 57.65 45.95 13.50
C SER Q 86 58.46 46.79 14.51
N ILE Q 87 58.52 48.10 14.26
CA ILE Q 87 59.19 49.05 15.16
C ILE Q 87 58.90 48.73 16.64
N HIS Q 88 57.63 48.60 16.99
CA HIS Q 88 57.22 48.41 18.39
C HIS Q 88 57.43 46.98 18.89
N SER Q 89 57.14 45.98 18.06
CA SER Q 89 57.26 44.58 18.48
C SER Q 89 58.72 44.14 18.55
N GLN Q 90 59.53 44.63 17.61
CA GLN Q 90 60.95 44.28 17.54
C GLN Q 90 61.71 44.84 18.74
N LEU Q 91 61.45 46.11 19.07
CA LEU Q 91 62.02 46.73 20.26
C LEU Q 91 61.48 46.10 21.54
N ALA Q 92 60.22 45.67 21.51
CA ALA Q 92 59.62 44.99 22.66
C ALA Q 92 60.29 43.64 22.94
N LYS Q 93 60.72 42.96 21.87
CA LYS Q 93 61.40 41.68 22.03
C LYS Q 93 62.79 41.89 22.62
N ALA Q 94 63.48 42.92 22.16
CA ALA Q 94 64.80 43.30 22.69
C ALA Q 94 64.78 43.62 24.18
N VAL Q 95 63.68 44.21 24.64
CA VAL Q 95 63.51 44.56 26.05
C VAL Q 95 63.22 43.32 26.91
N ARG Q 96 62.33 42.45 26.43
CA ARG Q 96 62.01 41.20 27.11
C ARG Q 96 63.26 40.32 27.23
N ARG Q 97 64.10 40.34 26.20
CA ARG Q 97 65.35 39.60 26.18
C ARG Q 97 66.31 40.07 27.27
N HIS Q 98 66.36 41.39 27.48
CA HIS Q 98 67.14 41.97 28.56
C HIS Q 98 66.47 41.72 29.91
N LEU Q 99 65.15 41.55 29.87
CA LEU Q 99 64.33 41.36 31.06
C LEU Q 99 64.40 39.92 31.59
N ASN Q 100 64.86 39.00 30.75
CA ASN Q 100 65.16 37.63 31.18
C ASN Q 100 66.39 37.63 32.08
N ASP Q 101 67.41 38.38 31.67
CA ASP Q 101 68.66 38.54 32.42
C ASP Q 101 68.49 39.34 33.72
N GLN Q 102 67.44 40.15 33.79
CA GLN Q 102 67.05 40.79 35.05
C GLN Q 102 65.56 41.11 35.09
N PRO Q 103 64.78 40.26 35.80
CA PRO Q 103 63.31 40.30 35.74
C PRO Q 103 62.63 41.26 36.73
N ASN Q 104 63.40 41.87 37.63
CA ASN Q 104 62.83 42.72 38.68
C ASN Q 104 62.96 44.23 38.39
N ALA Q 105 63.54 44.57 37.23
CA ALA Q 105 63.76 45.95 36.81
C ALA Q 105 62.46 46.75 36.62
N ASP Q 106 62.55 48.06 36.87
CA ASP Q 106 61.44 48.96 36.60
C ASP Q 106 61.47 49.48 35.16
N ILE Q 107 60.28 49.66 34.58
CA ILE Q 107 60.16 50.09 33.20
C ILE Q 107 59.41 51.41 33.10
N VAL Q 108 60.00 52.35 32.35
CA VAL Q 108 59.29 53.54 31.89
C VAL Q 108 59.16 53.46 30.38
N THR Q 109 57.92 53.42 29.90
CA THR Q 109 57.63 53.32 28.48
C THR Q 109 57.28 54.68 27.90
N ILE Q 110 57.99 55.06 26.84
CA ILE Q 110 57.68 56.28 26.10
C ILE Q 110 57.04 55.92 24.76
N GLY Q 111 55.71 55.97 24.74
CA GLY Q 111 54.94 55.57 23.58
C GLY Q 111 53.95 54.49 23.94
N ASP Q 112 52.68 54.73 23.64
CA ASP Q 112 51.60 53.78 23.95
C ASP Q 112 51.79 52.42 23.29
N LYS Q 113 52.42 52.40 22.12
CA LYS Q 113 52.64 51.14 21.39
C LYS Q 113 53.60 50.18 22.07
N ILE Q 114 54.69 50.71 22.64
CA ILE Q 114 55.61 49.87 23.42
C ILE Q 114 54.97 49.48 24.75
N LYS Q 115 54.24 50.41 25.35
CA LYS Q 115 53.46 50.15 26.56
C LYS Q 115 52.54 48.98 26.29
N MET Q 116 51.95 48.98 25.10
CA MET Q 116 51.08 47.92 24.59
C MET Q 116 51.74 46.55 24.77
N GLN Q 117 52.91 46.40 24.17
CA GLN Q 117 53.65 45.15 24.15
C GLN Q 117 54.06 44.66 25.52
N LEU Q 118 54.68 45.54 26.30
CA LEU Q 118 55.24 45.21 27.60
C LEU Q 118 54.16 45.06 28.68
N LEU Q 119 52.97 45.58 28.41
CA LEU Q 119 51.84 45.46 29.31
C LEU Q 119 51.20 44.08 29.25
N ARG Q 120 51.39 43.40 28.11
CA ARG Q 120 50.93 42.03 27.92
C ARG Q 120 51.88 41.06 28.62
N THR Q 121 53.15 41.14 28.26
CA THR Q 121 54.18 40.21 28.74
C THR Q 121 54.66 40.48 30.18
N HIS Q 122 55.03 41.72 30.50
CA HIS Q 122 55.54 42.06 31.84
C HIS Q 122 54.73 43.17 32.53
N PRO Q 123 53.42 42.94 32.77
CA PRO Q 123 52.53 44.04 33.21
C PRO Q 123 52.94 44.76 34.50
N ASN Q 124 53.43 44.01 35.49
CA ASN Q 124 53.71 44.60 36.80
C ASN Q 124 54.99 45.43 36.85
N ASN Q 125 55.88 45.23 35.89
CA ASN Q 125 57.17 45.92 35.81
C ASN Q 125 57.06 47.41 35.45
N ILE Q 126 55.99 47.76 34.73
CA ILE Q 126 55.80 49.12 34.24
C ILE Q 126 55.34 50.02 35.37
N LYS Q 127 56.10 51.10 35.60
CA LYS Q 127 55.75 52.03 36.67
C LYS Q 127 55.41 53.43 36.18
N LEU Q 128 55.75 53.74 34.92
CA LEU Q 128 55.46 55.05 34.32
C LEU Q 128 55.39 55.01 32.80
N SER Q 129 54.32 55.55 32.24
CA SER Q 129 54.14 55.62 30.79
C SER Q 129 54.02 57.05 30.29
N ILE Q 130 54.71 57.32 29.18
CA ILE Q 130 54.68 58.63 28.55
C ILE Q 130 53.86 58.55 27.26
N ASN Q 131 53.03 59.56 27.05
CA ASN Q 131 52.05 59.61 25.98
C ASN Q 131 52.35 60.78 25.03
N GLY Q 132 51.79 60.73 23.83
CA GLY Q 132 51.82 61.85 22.88
C GLY Q 132 53.19 62.34 22.43
N ILE Q 133 54.13 61.42 22.26
CA ILE Q 133 55.48 61.80 21.84
C ILE Q 133 55.70 61.79 20.33
N GLY Q 134 55.12 60.80 19.64
CA GLY Q 134 55.48 60.49 18.26
C GLY Q 134 55.13 61.46 17.13
N LYS Q 135 54.03 62.20 17.28
CA LYS Q 135 53.51 63.03 16.19
C LYS Q 135 54.56 63.98 15.59
N ASP Q 136 55.07 64.88 16.42
CA ASP Q 136 56.07 65.86 15.98
C ASP Q 136 57.49 65.43 16.33
N ALA Q 137 58.46 65.97 15.58
CA ALA Q 137 59.88 65.75 15.86
C ALA Q 137 60.20 66.00 17.34
N PRO Q 138 61.02 65.12 17.94
CA PRO Q 138 61.35 65.21 19.38
C PRO Q 138 62.24 66.43 19.68
N THR Q 139 62.05 67.02 20.85
CA THR Q 139 62.71 68.28 21.23
C THR Q 139 63.38 68.16 22.58
N PHE Q 140 64.35 69.04 22.85
CA PHE Q 140 64.98 69.05 24.16
C PHE Q 140 63.97 69.24 25.29
N GLN Q 141 63.01 70.14 25.09
CA GLN Q 141 61.98 70.37 26.10
C GLN Q 141 61.34 69.06 26.54
N GLU Q 142 60.98 68.23 25.56
CA GLU Q 142 60.34 66.96 25.81
C GLU Q 142 61.24 66.03 26.59
N SER Q 143 62.50 65.95 26.17
CA SER Q 143 63.49 65.11 26.83
C SER Q 143 63.72 65.53 28.28
N ALA Q 144 63.99 66.82 28.46
CA ALA Q 144 64.25 67.41 29.78
C ALA Q 144 63.10 67.20 30.75
N LEU Q 145 61.88 67.44 30.28
CA LEU Q 145 60.68 67.30 31.13
C LEU Q 145 60.41 65.84 31.51
N ILE Q 146 60.71 64.92 30.58
CA ILE Q 146 60.63 63.49 30.85
C ILE Q 146 61.71 63.10 31.86
N ALA Q 147 62.95 63.50 31.59
CA ALA Q 147 64.07 63.33 32.52
C ALA Q 147 63.70 63.87 33.90
N ASP Q 148 63.15 65.09 33.93
CA ASP Q 148 62.70 65.71 35.16
C ASP Q 148 61.78 64.78 35.96
N LYS Q 149 60.71 64.30 35.32
CA LYS Q 149 59.76 63.42 35.99
C LYS Q 149 60.36 62.04 36.31
N LEU Q 150 61.36 61.63 35.52
CA LEU Q 150 62.14 60.44 35.84
C LEU Q 150 62.88 60.65 37.16
N LEU Q 151 63.55 61.80 37.28
CA LEU Q 151 64.30 62.16 38.50
C LEU Q 151 63.38 62.40 39.68
N SER Q 152 62.22 62.98 39.40
CA SER Q 152 61.27 63.38 40.44
C SER Q 152 60.52 62.19 41.04
N VAL Q 153 59.71 61.53 40.23
CA VAL Q 153 58.80 60.48 40.73
C VAL Q 153 59.37 59.06 40.60
N MET Q 154 60.30 58.86 39.68
CA MET Q 154 60.94 57.54 39.52
C MET Q 154 62.24 57.36 40.31
N LYS Q 155 62.73 58.45 40.90
CA LYS Q 155 64.01 58.47 41.65
C LYS Q 155 65.17 57.96 40.79
N ALA Q 156 65.28 58.48 39.58
CA ALA Q 156 66.28 58.04 38.60
C ALA Q 156 67.73 58.14 39.09
N GLY Q 157 67.96 58.96 40.11
CA GLY Q 157 69.29 59.08 40.71
C GLY Q 157 69.71 57.84 41.49
N THR Q 158 68.73 57.19 42.12
CA THR Q 158 68.98 56.09 43.05
C THR Q 158 69.08 54.71 42.35
N TYR Q 159 69.46 54.71 41.08
CA TYR Q 159 69.55 53.46 40.33
C TYR Q 159 70.99 53.13 39.94
N PRO Q 160 71.45 51.90 40.27
CA PRO Q 160 72.78 51.39 39.92
C PRO Q 160 73.00 51.40 38.41
N LYS Q 161 72.06 50.79 37.67
CA LYS Q 161 72.09 50.77 36.21
C LYS Q 161 70.85 51.45 35.62
N ILE Q 162 71.08 52.16 34.52
CA ILE Q 162 70.02 52.79 33.75
C ILE Q 162 70.26 52.51 32.27
N SER Q 163 69.22 52.03 31.59
CA SER Q 163 69.30 51.72 30.16
C SER Q 163 68.16 52.36 29.36
N ILE Q 164 68.51 52.83 28.17
CA ILE Q 164 67.54 53.37 27.21
C ILE Q 164 67.49 52.45 26.00
N PHE Q 165 66.32 51.85 25.76
CA PHE Q 165 66.10 51.06 24.56
C PHE Q 165 65.40 51.88 23.51
N TYR Q 166 65.98 51.89 22.32
CA TYR Q 166 65.49 52.68 21.20
C TYR Q 166 65.86 51.94 19.90
N ASN Q 167 65.30 52.37 18.77
CA ASN Q 167 65.66 51.80 17.48
C ASN Q 167 66.69 52.65 16.75
N ASP Q 168 67.78 52.02 16.29
CA ASP Q 168 68.84 52.73 15.58
C ASP Q 168 68.75 52.53 14.06
N PRO Q 169 68.62 53.63 13.29
CA PRO Q 169 68.59 53.54 11.83
C PRO Q 169 69.96 53.26 11.21
N VAL Q 170 70.38 51.99 11.26
CA VAL Q 170 71.60 51.50 10.61
C VAL Q 170 71.79 52.10 9.21
N SER Q 171 70.81 51.84 8.34
CA SER Q 171 70.77 52.45 7.00
C SER Q 171 69.51 53.30 6.86
N SER Q 172 69.31 53.88 5.68
CA SER Q 172 68.10 54.64 5.39
C SER Q 172 66.92 53.75 4.97
N LEU Q 173 67.14 52.43 4.97
CA LEU Q 173 66.09 51.46 4.67
C LEU Q 173 65.64 50.67 5.91
N SER Q 174 66.59 50.23 6.73
CA SER Q 174 66.28 49.38 7.89
C SER Q 174 66.80 49.89 9.23
N PHE Q 175 66.43 49.17 10.30
CA PHE Q 175 66.77 49.56 11.67
C PHE Q 175 67.09 48.37 12.56
N GLU Q 176 67.86 48.63 13.62
CA GLU Q 176 68.20 47.62 14.62
C GLU Q 176 67.92 48.17 16.03
N PRO Q 177 67.18 47.41 16.85
CA PRO Q 177 67.00 47.79 18.26
C PRO Q 177 68.35 47.88 18.97
N SER Q 178 68.77 49.10 19.27
CA SER Q 178 70.01 49.33 20.02
C SER Q 178 69.74 49.60 21.50
N GLU Q 179 70.84 49.61 22.27
CA GLU Q 179 70.80 49.84 23.70
C GLU Q 179 71.95 50.78 24.04
N LYS Q 180 71.72 51.68 24.98
CA LYS Q 180 72.81 52.48 25.55
C LYS Q 180 72.56 52.81 27.03
N PRO Q 181 73.60 52.64 27.87
CA PRO Q 181 73.43 52.82 29.31
C PRO Q 181 73.73 54.24 29.80
N ILE Q 182 73.11 54.60 30.91
CA ILE Q 182 73.32 55.88 31.57
C ILE Q 182 73.84 55.64 33.00
N PHE Q 183 74.93 56.33 33.35
CA PHE Q 183 75.57 56.19 34.66
C PHE Q 183 75.19 57.36 35.56
N ASN Q 184 74.78 57.05 36.79
CA ASN Q 184 74.39 58.10 37.76
C ASN Q 184 75.57 58.91 38.34
N ALA Q 185 75.25 59.97 39.08
CA ALA Q 185 76.25 60.85 39.70
C ALA Q 185 77.26 60.08 40.56
N LYS Q 186 76.76 59.09 41.30
CA LYS Q 186 77.56 58.16 42.08
C LYS Q 186 78.61 57.43 41.22
N THR Q 187 78.23 57.10 39.97
CA THR Q 187 79.08 56.34 39.04
C THR Q 187 80.03 57.22 38.22
N ILE Q 188 79.63 58.46 37.98
CA ILE Q 188 80.46 59.42 37.22
C ILE Q 188 81.75 59.76 37.98
N GLU Q 189 81.66 59.84 39.31
CA GLU Q 189 82.80 60.13 40.17
C GLU Q 189 83.79 58.97 40.23
N GLN Q 190 83.27 57.75 40.32
CA GLN Q 190 84.09 56.55 40.47
C GLN Q 190 84.71 56.06 39.15
N SER Q 191 84.56 56.85 38.09
CA SER Q 191 85.21 56.56 36.80
C SER Q 191 86.73 56.69 36.91
N PRO Q 192 87.46 55.67 36.40
CA PRO Q 192 88.93 55.53 36.48
C PRO Q 192 89.77 56.78 36.21
N SER Q 193 89.45 57.52 35.14
CA SER Q 193 90.21 58.71 34.77
C SER Q 193 89.47 60.02 35.09
N PHE Q 194 88.45 59.92 35.96
CA PHE Q 194 87.59 61.04 36.35
C PHE Q 194 88.32 62.34 36.72
N GLY Q 195 89.38 62.20 37.51
CA GLY Q 195 90.10 63.35 38.07
C GLY Q 195 91.04 64.11 37.14
N LYS Q 196 91.22 63.61 35.91
CA LYS Q 196 92.14 64.22 34.93
C LYS Q 196 91.75 65.65 34.51
N PHE Q 197 90.53 66.05 34.84
CA PHE Q 197 90.01 67.38 34.52
C PHE Q 197 89.83 68.18 35.80
N GLU Q 198 90.20 69.46 35.75
CA GLU Q 198 90.02 70.36 36.90
C GLU Q 198 88.52 70.50 37.19
N ILE Q 199 88.12 70.03 38.37
CA ILE Q 199 86.71 69.99 38.75
C ILE Q 199 86.52 70.55 40.16
N ASP Q 200 85.56 71.46 40.29
CA ASP Q 200 85.18 72.00 41.58
C ASP Q 200 84.29 71.02 42.34
N THR Q 201 84.88 70.35 43.33
CA THR Q 201 84.14 69.44 44.21
C THR Q 201 83.17 70.20 45.14
N ASP Q 202 83.42 71.50 45.32
CA ASP Q 202 82.60 72.38 46.15
C ASP Q 202 81.19 72.51 45.59
N ALA Q 203 81.11 72.74 44.28
CA ALA Q 203 79.83 72.84 43.57
C ALA Q 203 79.44 71.49 42.98
N ASN Q 204 78.15 71.33 42.67
CA ASN Q 204 77.62 70.07 42.12
C ASN Q 204 77.89 69.91 40.63
N VAL Q 205 78.95 69.16 40.30
CA VAL Q 205 79.27 68.84 38.91
C VAL Q 205 78.82 67.42 38.54
N PRO Q 206 78.89 66.45 39.49
CA PRO Q 206 78.50 65.09 39.14
C PRO Q 206 77.00 64.98 38.88
N ARG Q 207 76.19 65.46 39.83
CA ARG Q 207 74.73 65.42 39.73
C ARG Q 207 74.24 66.12 38.46
N ASP Q 208 74.76 67.33 38.22
CA ASP Q 208 74.37 68.12 37.06
C ASP Q 208 74.76 67.48 35.73
N LEU Q 209 75.89 66.79 35.70
CA LEU Q 209 76.33 66.11 34.48
C LEU Q 209 75.49 64.86 34.20
N PHE Q 210 75.09 64.16 35.26
CA PHE Q 210 74.22 63.00 35.13
C PHE Q 210 72.84 63.40 34.65
N GLU Q 211 72.30 64.49 35.21
CA GLU Q 211 70.96 64.96 34.87
C GLU Q 211 70.92 65.60 33.48
N TYR Q 212 72.06 66.12 33.03
CA TYR Q 212 72.19 66.75 31.72
C TYR Q 212 72.35 65.70 30.63
N THR Q 213 73.12 64.66 30.92
CA THR Q 213 73.35 63.58 29.95
C THR Q 213 72.07 62.74 29.81
N LEU Q 214 71.38 62.50 30.92
CA LEU Q 214 70.08 61.81 30.90
C LEU Q 214 69.14 62.42 29.85
N ALA Q 215 69.10 63.75 29.81
CA ALA Q 215 68.24 64.48 28.89
C ALA Q 215 68.76 64.49 27.46
N ASN Q 216 70.07 64.61 27.29
CA ASN Q 216 70.65 64.61 25.94
C ASN Q 216 70.61 63.26 25.27
N GLN Q 217 70.90 62.20 26.04
CA GLN Q 217 70.93 60.85 25.51
C GLN Q 217 69.54 60.40 25.08
N MET Q 218 68.54 60.70 25.91
CA MET Q 218 67.15 60.47 25.55
C MET Q 218 66.75 61.20 24.28
N LEU Q 219 67.23 62.44 24.14
CA LEU Q 219 66.97 63.20 22.92
C LEU Q 219 67.66 62.59 21.70
N THR Q 220 68.83 61.98 21.91
CA THR Q 220 69.52 61.29 20.83
C THR Q 220 68.83 59.97 20.45
N ALA Q 221 68.26 59.30 21.46
CA ALA Q 221 67.53 58.05 21.26
C ALA Q 221 66.26 58.32 20.46
N MET Q 222 65.49 59.29 20.93
CA MET Q 222 64.24 59.68 20.29
C MET Q 222 64.45 60.22 18.89
N ALA Q 223 65.54 60.95 18.66
CA ALA Q 223 65.85 61.48 17.34
C ALA Q 223 66.17 60.35 16.36
N GLN Q 224 66.78 59.30 16.89
CA GLN Q 224 67.12 58.14 16.11
C GLN Q 224 65.90 57.24 15.92
N GLY Q 225 65.19 56.95 17.01
CA GLY Q 225 63.98 56.14 17.00
C GLY Q 225 62.85 56.72 16.18
N TYR Q 226 62.88 58.04 16.00
CA TYR Q 226 61.92 58.75 15.18
C TYR Q 226 62.26 58.62 13.70
N ALA Q 227 63.53 58.74 13.35
CA ALA Q 227 63.99 58.56 11.97
C ALA Q 227 63.91 57.10 11.54
N ALA Q 228 63.87 56.20 12.51
CA ALA Q 228 63.73 54.78 12.23
C ALA Q 228 62.26 54.43 12.00
N GLU Q 229 61.36 55.19 12.62
CA GLU Q 229 59.93 54.93 12.51
C GLU Q 229 59.33 55.51 11.22
N ILE Q 230 59.80 56.70 10.82
CA ILE Q 230 59.39 57.27 9.53
C ILE Q 230 59.83 56.32 8.41
N SER Q 231 61.10 55.92 8.44
CA SER Q 231 61.68 55.03 7.43
C SER Q 231 60.93 53.70 7.32
N ALA Q 232 60.54 53.14 8.47
CA ALA Q 232 59.79 51.90 8.51
C ALA Q 232 58.35 52.08 8.00
N ARG Q 233 57.79 53.27 8.20
CA ARG Q 233 56.45 53.59 7.73
C ARG Q 233 56.46 53.84 6.23
N ARG Q 234 57.55 54.44 5.73
CA ARG Q 234 57.71 54.64 4.29
C ARG Q 234 57.91 53.30 3.60
N ASN Q 235 58.59 52.38 4.27
CA ASN Q 235 58.72 51.00 3.81
C ASN Q 235 57.36 50.30 3.76
N ALA Q 236 56.59 50.37 4.85
CA ALA Q 236 55.27 49.72 4.93
C ALA Q 236 54.25 50.31 3.96
N MET Q 237 54.25 51.63 3.85
CA MET Q 237 53.37 52.34 2.91
C MET Q 237 53.71 52.07 1.45
N ASP Q 238 54.98 51.80 1.16
CA ASP Q 238 55.38 51.39 -0.19
C ASP Q 238 54.82 50.00 -0.48
N ASN Q 239 54.88 49.13 0.54
CA ASN Q 239 54.35 47.78 0.42
C ASN Q 239 52.84 47.78 0.29
N ALA Q 240 52.15 48.36 1.27
CA ALA Q 240 50.69 48.43 1.25
C ALA Q 240 50.15 48.97 -0.08
N SER Q 241 50.87 49.93 -0.65
CA SER Q 241 50.47 50.54 -1.93
C SER Q 241 50.67 49.57 -3.10
N LYS Q 242 51.76 48.81 -3.03
CA LYS Q 242 52.08 47.85 -4.07
C LYS Q 242 51.11 46.67 -4.04
N ASN Q 243 50.84 46.16 -2.83
CA ASN Q 243 49.87 45.09 -2.62
C ASN Q 243 48.47 45.48 -3.07
N ALA Q 244 48.07 46.71 -2.76
CA ALA Q 244 46.78 47.23 -3.18
C ALA Q 244 46.64 47.25 -4.69
N GLY Q 245 47.74 47.58 -5.37
CA GLY Q 245 47.80 47.61 -6.84
C GLY Q 245 47.52 46.24 -7.44
N ASP Q 246 48.14 45.21 -6.87
CA ASP Q 246 47.89 43.83 -7.26
C ASP Q 246 46.44 43.45 -7.00
N MET Q 247 45.93 43.77 -5.81
CA MET Q 247 44.52 43.54 -5.49
C MET Q 247 43.59 44.17 -6.53
N ILE Q 248 43.89 45.40 -6.90
CA ILE Q 248 43.16 46.10 -7.95
C ILE Q 248 43.19 45.30 -9.26
N ASN Q 249 44.35 44.75 -9.61
CA ASN Q 249 44.47 43.94 -10.83
C ASN Q 249 43.67 42.65 -10.78
N ARG Q 250 43.68 41.99 -9.62
CA ARG Q 250 42.92 40.74 -9.46
C ARG Q 250 41.42 41.00 -9.54
N TYR Q 251 40.98 42.11 -8.95
CA TYR Q 251 39.56 42.45 -8.91
C TYR Q 251 39.07 43.08 -10.21
N SER Q 252 39.97 43.65 -10.98
CA SER Q 252 39.65 44.14 -12.32
C SER Q 252 39.33 42.98 -13.24
N ILE Q 253 40.18 41.97 -13.17
CA ILE Q 253 40.00 40.74 -13.91
C ILE Q 253 38.70 40.06 -13.47
N LEU Q 254 38.47 39.95 -12.16
CA LEU Q 254 37.22 39.39 -11.66
C LEU Q 254 36.01 40.20 -12.14
N TYR Q 255 36.15 41.53 -12.14
CA TYR Q 255 35.05 42.38 -12.56
C TYR Q 255 34.62 42.05 -13.98
N ASN Q 256 35.60 41.96 -14.87
CA ASN Q 256 35.34 41.69 -16.26
C ASN Q 256 34.71 40.30 -16.54
N ARG Q 257 35.18 39.26 -15.85
CA ARG Q 257 34.53 37.95 -15.96
C ARG Q 257 33.05 38.04 -15.59
N THR Q 258 32.77 38.77 -14.52
CA THR Q 258 31.41 38.90 -13.98
C THR Q 258 30.58 39.79 -14.89
N ARG Q 259 31.19 40.83 -15.42
CA ARG Q 259 30.56 41.70 -16.40
C ARG Q 259 30.08 40.89 -17.60
N GLN Q 260 30.98 40.12 -18.20
CA GLN Q 260 30.65 39.26 -19.35
C GLN Q 260 29.52 38.29 -18.99
N ALA Q 261 29.64 37.61 -17.84
CA ALA Q 261 28.62 36.64 -17.43
C ALA Q 261 27.25 37.27 -17.27
N VAL Q 262 27.19 38.45 -16.67
CA VAL Q 262 25.92 39.13 -16.44
C VAL Q 262 25.23 39.49 -17.75
N ILE Q 263 26.01 39.89 -18.74
CA ILE Q 263 25.45 40.23 -20.05
C ILE Q 263 24.85 38.99 -20.73
N THR Q 264 25.63 37.90 -20.78
CA THR Q 264 25.20 36.62 -21.30
C THR Q 264 23.97 36.11 -20.54
N ASN Q 265 24.07 36.00 -19.20
CA ASN Q 265 22.95 35.50 -18.39
C ASN Q 265 21.68 36.30 -18.60
N GLU Q 266 21.77 37.64 -18.54
CA GLU Q 266 20.60 38.48 -18.75
CA GLU Q 266 20.62 38.52 -18.78
C GLU Q 266 20.00 38.22 -20.14
N LEU Q 267 20.84 38.01 -21.14
CA LEU Q 267 20.38 37.79 -22.50
C LEU Q 267 19.74 36.41 -22.69
N VAL Q 268 20.30 35.40 -22.04
CA VAL Q 268 19.73 34.05 -22.10
C VAL Q 268 18.27 34.06 -21.62
N ASP Q 269 18.00 34.69 -20.47
CA ASP Q 269 16.62 34.90 -19.99
C ASP Q 269 15.72 35.47 -21.05
N ILE Q 270 16.22 36.50 -21.74
CA ILE Q 270 15.45 37.16 -22.78
C ILE Q 270 15.18 36.19 -23.94
N ILE Q 271 16.21 35.49 -24.39
CA ILE Q 271 16.09 34.50 -25.47
C ILE Q 271 15.05 33.44 -25.14
N THR Q 272 15.16 32.80 -23.98
CA THR Q 272 14.20 31.80 -23.55
C THR Q 272 12.74 32.30 -23.54
N GLY Q 273 12.53 33.54 -23.10
CA GLY Q 273 11.22 34.16 -23.14
C GLY Q 273 10.69 34.44 -24.54
N ALA Q 274 11.60 34.72 -25.47
CA ALA Q 274 11.25 34.96 -26.87
C ALA Q 274 10.93 33.68 -27.64
N SER Q 275 11.68 32.61 -27.38
CA SER Q 275 11.49 31.29 -28.00
C SER Q 275 10.10 30.68 -27.77
N SER Q 276 9.48 31.02 -26.63
CA SER Q 276 8.17 30.45 -26.26
C SER Q 276 7.02 31.44 -26.46
N LYS R 11 90.18 74.57 16.81
CA LYS R 11 89.70 73.21 17.21
C LYS R 11 88.55 73.26 18.21
N LEU R 12 87.35 73.63 17.73
CA LEU R 12 86.15 73.71 18.57
C LEU R 12 84.99 72.90 18.00
N GLN R 13 84.27 72.20 18.87
CA GLN R 13 83.00 71.58 18.52
C GLN R 13 81.87 72.28 19.29
N PHE R 14 81.15 73.14 18.57
CA PHE R 14 80.06 73.92 19.15
C PHE R 14 78.72 73.44 18.61
N ALA R 15 78.05 72.59 19.40
CA ALA R 15 76.85 71.89 18.95
C ALA R 15 75.59 72.13 19.80
N LEU R 16 74.48 72.32 19.11
CA LEU R 16 73.16 72.39 19.72
C LEU R 16 72.38 71.14 19.28
N PRO R 17 71.28 70.80 19.97
CA PRO R 17 70.47 69.66 19.56
C PRO R 17 69.97 69.74 18.10
N HIS R 18 69.67 70.95 17.63
CA HIS R 18 69.06 71.14 16.31
C HIS R 18 70.04 71.61 15.23
N GLU R 19 71.21 72.09 15.65
CA GLU R 19 72.19 72.67 14.72
C GLU R 19 73.60 72.59 15.30
N THR R 20 74.58 72.29 14.45
CA THR R 20 75.98 72.23 14.90
C THR R 20 76.79 73.35 14.22
N LEU R 21 77.11 74.36 15.02
CA LEU R 21 77.68 75.62 14.51
C LEU R 21 79.13 75.58 14.04
N TYR R 22 79.95 74.74 14.66
CA TYR R 22 81.39 74.75 14.35
C TYR R 22 82.02 73.42 13.91
N SER R 23 82.22 72.49 14.85
CA SER R 23 82.96 71.24 14.64
C SER R 23 84.23 71.42 13.81
N VAL R 27 90.07 77.69 14.27
CA VAL R 27 89.70 78.76 15.19
C VAL R 27 90.76 78.93 16.29
N THR R 28 90.85 80.14 16.86
CA THR R 28 91.89 80.50 17.82
C THR R 28 91.44 80.57 19.29
N GLN R 29 90.50 81.46 19.60
CA GLN R 29 90.05 81.67 20.98
C GLN R 29 88.54 81.86 21.13
N VAL R 30 87.99 81.32 22.23
CA VAL R 30 86.59 81.53 22.61
C VAL R 30 86.45 81.96 24.09
N ASN R 31 85.44 82.76 24.37
CA ASN R 31 85.11 83.20 25.73
C ASN R 31 83.74 82.67 26.14
N LEU R 32 83.68 82.00 27.30
CA LEU R 32 82.43 81.34 27.71
C LEU R 32 82.07 81.56 29.19
N PRO R 33 80.77 81.80 29.47
CA PRO R 33 80.29 82.12 30.82
C PRO R 33 80.08 80.89 31.69
N ALA R 34 81.13 80.49 32.41
CA ALA R 34 81.08 79.33 33.29
C ALA R 34 80.27 79.59 34.56
N LYS R 35 80.04 78.55 35.35
CA LYS R 35 79.48 78.69 36.70
C LYS R 35 80.50 79.43 37.56
N SER R 36 81.76 79.02 37.43
CA SER R 36 82.90 79.75 37.98
C SER R 36 83.12 81.03 37.16
N GLY R 37 84.19 81.76 37.47
CA GLY R 37 84.51 83.00 36.78
C GLY R 37 84.32 82.92 35.27
N ARG R 38 83.71 83.96 34.69
CA ARG R 38 83.61 84.09 33.24
C ARG R 38 85.01 83.96 32.64
N ILE R 39 85.25 82.83 31.95
CA ILE R 39 86.59 82.42 31.53
C ILE R 39 86.86 82.60 30.02
N GLY R 40 88.10 82.92 29.69
CA GLY R 40 88.57 82.91 28.29
C GLY R 40 89.40 81.66 28.04
N VAL R 41 89.34 81.14 26.82
CA VAL R 41 90.04 79.88 26.47
C VAL R 41 91.10 80.06 25.37
N LEU R 42 92.36 79.81 25.74
CA LEU R 42 93.51 79.93 24.85
C LEU R 42 93.84 78.62 24.15
N ALA R 43 94.84 78.65 23.26
CA ALA R 43 95.22 77.50 22.41
C ALA R 43 95.53 76.21 23.17
N ASN R 44 96.27 76.31 24.27
CA ASN R 44 96.66 75.15 25.08
C ASN R 44 96.15 75.24 26.52
N HIS R 45 94.83 75.21 26.68
CA HIS R 45 94.19 75.32 27.99
C HIS R 45 94.29 74.00 28.76
N VAL R 46 94.31 74.12 30.08
CA VAL R 46 94.30 72.98 31.00
C VAL R 46 92.97 72.23 30.85
N PRO R 47 93.02 70.89 30.69
CA PRO R 47 91.80 70.08 30.68
C PRO R 47 90.86 70.44 31.84
N THR R 48 89.73 71.03 31.51
CA THR R 48 88.75 71.51 32.49
C THR R 48 87.33 71.11 32.04
N VAL R 49 86.49 70.71 32.99
CA VAL R 49 85.08 70.43 32.72
C VAL R 49 84.19 71.10 33.78
N GLU R 50 83.43 72.10 33.34
CA GLU R 50 82.52 72.84 34.21
C GLU R 50 81.26 73.34 33.48
N GLN R 51 80.24 73.66 34.27
CA GLN R 51 78.95 74.13 33.77
C GLN R 51 79.03 75.40 32.96
N LEU R 52 77.95 75.70 32.25
CA LEU R 52 77.79 76.97 31.60
C LEU R 52 76.46 77.57 32.03
N LEU R 53 76.53 78.75 32.64
CA LEU R 53 75.34 79.49 33.02
C LEU R 53 74.83 80.19 31.76
N PRO R 54 73.55 80.62 31.77
CA PRO R 54 73.06 81.35 30.61
C PRO R 54 73.78 82.68 30.46
N GLY R 55 74.60 82.80 29.43
CA GLY R 55 75.38 84.01 29.20
C GLY R 55 75.77 84.18 27.75
N VAL R 56 76.91 84.85 27.54
CA VAL R 56 77.36 85.18 26.19
C VAL R 56 78.62 84.40 25.83
N VAL R 57 78.51 83.59 24.78
CA VAL R 57 79.68 82.91 24.22
C VAL R 57 80.19 83.72 23.03
N GLU R 58 81.42 84.21 23.14
CA GLU R 58 82.09 84.90 22.04
C GLU R 58 83.19 84.00 21.47
N VAL R 59 83.41 84.14 20.16
CA VAL R 59 84.47 83.39 19.49
C VAL R 59 85.19 84.28 18.46
N MET R 60 86.49 84.50 18.68
CA MET R 60 87.33 85.18 17.69
C MET R 60 88.16 84.19 16.88
N GLU R 61 87.90 84.19 15.57
CA GLU R 61 88.67 83.39 14.62
C GLU R 61 89.80 84.27 14.08
N GLY R 62 90.91 84.28 14.82
CA GLY R 62 92.02 85.18 14.53
C GLY R 62 91.68 86.61 14.93
N SER R 63 91.25 87.40 13.95
CA SER R 63 90.93 88.81 14.16
C SER R 63 89.42 89.06 14.34
N ASN R 64 88.62 88.58 13.39
CA ASN R 64 87.17 88.76 13.41
C ASN R 64 86.49 87.87 14.45
N SER R 65 85.53 88.44 15.18
CA SER R 65 84.81 87.70 16.24
C SER R 65 83.30 87.64 16.02
N LYS R 66 82.71 86.50 16.38
CA LYS R 66 81.26 86.30 16.30
C LYS R 66 80.70 86.06 17.70
N LYS R 67 79.49 86.57 17.95
CA LYS R 67 78.93 86.59 19.29
C LYS R 67 77.59 85.83 19.41
N PHE R 68 77.57 84.81 20.26
CA PHE R 68 76.38 83.96 20.44
C PHE R 68 75.90 83.94 21.90
N PHE R 69 74.67 84.38 22.13
CA PHE R 69 74.04 84.26 23.44
C PHE R 69 73.41 82.87 23.58
N ILE R 70 73.86 82.11 24.58
CA ILE R 70 73.40 80.73 24.76
C ILE R 70 72.41 80.58 25.91
N SER R 71 71.86 79.37 26.04
CA SER R 71 70.90 79.05 27.09
C SER R 71 71.58 78.46 28.32
N GLY R 72 72.80 77.99 28.12
CA GLY R 72 73.53 77.27 29.18
C GLY R 72 73.62 75.80 28.89
N GLY R 73 74.74 75.19 29.28
CA GLY R 73 74.96 73.77 29.09
C GLY R 73 76.15 73.27 29.87
N PHE R 74 77.12 72.72 29.14
CA PHE R 74 78.36 72.20 29.73
C PHE R 74 79.55 72.47 28.81
N ALA R 75 80.62 73.01 29.39
CA ALA R 75 81.87 73.22 28.68
C ALA R 75 82.82 72.07 28.95
N THR R 76 83.48 71.58 27.90
CA THR R 76 84.42 70.47 28.01
C THR R 76 85.72 70.79 27.28
N VAL R 77 86.82 70.82 28.03
CA VAL R 77 88.16 70.94 27.47
C VAL R 77 88.81 69.57 27.46
N GLN R 78 89.25 69.13 26.28
CA GLN R 78 89.81 67.79 26.09
C GLN R 78 91.33 67.79 26.13
N PRO R 79 91.95 66.65 26.51
CA PRO R 79 93.42 66.52 26.56
C PRO R 79 94.12 66.96 25.28
N ASP R 80 93.53 66.65 24.12
CA ASP R 80 94.15 66.94 22.82
C ASP R 80 93.77 68.30 22.22
N SER R 81 93.81 69.36 23.04
CA SER R 81 93.53 70.75 22.62
C SER R 81 92.18 70.93 21.89
N GLN R 82 91.14 70.30 22.43
CA GLN R 82 89.80 70.37 21.84
C GLN R 82 88.80 70.96 22.82
N LEU R 83 87.92 71.81 22.32
CA LEU R 83 86.88 72.43 23.14
C LEU R 83 85.48 72.06 22.63
N CYS R 84 84.72 71.40 23.50
CA CYS R 84 83.37 70.96 23.18
C CYS R 84 82.36 71.72 24.02
N VAL R 85 81.59 72.58 23.37
CA VAL R 85 80.59 73.39 24.05
C VAL R 85 79.21 72.98 23.56
N THR R 86 78.40 72.48 24.49
CA THR R 86 77.03 72.03 24.18
C THR R 86 76.00 72.92 24.86
N ALA R 87 75.09 73.49 24.05
CA ALA R 87 74.00 74.31 24.57
C ALA R 87 72.71 74.01 23.82
N ILE R 88 71.59 74.15 24.53
CA ILE R 88 70.27 73.92 23.95
C ILE R 88 69.89 74.99 22.92
N GLU R 89 69.97 76.26 23.32
CA GLU R 89 69.79 77.37 22.38
C GLU R 89 71.03 78.25 22.32
N ALA R 90 71.28 78.82 21.15
CA ALA R 90 72.39 79.73 20.94
C ALA R 90 72.08 80.60 19.73
N PHE R 91 72.10 81.93 19.94
CA PHE R 91 71.76 82.89 18.89
C PHE R 91 72.62 84.15 18.95
N PRO R 92 72.88 84.77 17.78
CA PRO R 92 73.43 86.13 17.74
C PRO R 92 72.50 87.16 18.41
N LEU R 93 73.06 88.29 18.80
CA LEU R 93 72.35 89.34 19.55
C LEU R 93 71.41 90.11 18.64
N GLU R 94 71.89 90.42 17.45
CA GLU R 94 71.09 91.05 16.40
C GLU R 94 69.77 90.31 16.13
N SER R 95 69.65 89.10 16.69
CA SER R 95 68.48 88.23 16.47
C SER R 95 67.38 88.41 17.52
N PHE R 96 67.53 89.38 18.41
CA PHE R 96 66.55 89.62 19.48
C PHE R 96 65.82 90.96 19.32
N SER R 97 64.54 90.97 19.69
CA SER R 97 63.75 92.20 19.72
C SER R 97 63.55 92.65 21.16
N GLN R 98 63.88 93.91 21.42
CA GLN R 98 63.89 94.48 22.77
C GLN R 98 62.56 94.29 23.50
N GLU R 99 61.46 94.56 22.80
CA GLU R 99 60.12 94.57 23.41
C GLU R 99 59.60 93.19 23.84
N ASN R 100 59.88 92.17 23.04
CA ASN R 100 59.52 90.80 23.40
C ASN R 100 60.16 90.40 24.71
N ILE R 101 61.43 90.79 24.87
CA ILE R 101 62.16 90.56 26.10
C ILE R 101 61.47 91.25 27.28
N LYS R 102 61.01 92.49 27.05
CA LYS R 102 60.30 93.27 28.07
C LYS R 102 58.98 92.63 28.45
N ASN R 103 58.16 92.30 27.44
CA ASN R 103 56.87 91.65 27.66
C ASN R 103 56.98 90.36 28.47
N LEU R 104 58.07 89.63 28.25
CA LEU R 104 58.38 88.41 29.00
C LEU R 104 58.83 88.76 30.41
N LEU R 105 59.81 89.67 30.49
CA LEU R 105 60.39 90.10 31.76
C LEU R 105 59.31 90.49 32.75
N ALA R 106 58.41 91.36 32.31
CA ALA R 106 57.34 91.85 33.16
C ALA R 106 56.43 90.70 33.63
N GLU R 107 56.04 89.83 32.69
CA GLU R 107 55.19 88.69 32.99
C GLU R 107 55.86 87.72 33.95
N ALA R 108 57.18 87.60 33.84
CA ALA R 108 57.98 86.77 34.72
C ALA R 108 58.02 87.33 36.14
N LYS R 109 58.31 88.63 36.25
CA LYS R 109 58.35 89.33 37.53
C LYS R 109 57.04 89.19 38.28
N LYS R 110 55.93 89.38 37.56
CA LYS R 110 54.60 89.18 38.11
C LYS R 110 54.43 87.76 38.64
N ASN R 111 54.98 86.79 37.91
CA ASN R 111 54.85 85.38 38.24
C ASN R 111 55.71 84.92 39.42
N VAL R 112 56.77 85.64 39.74
CA VAL R 112 57.46 85.41 41.02
C VAL R 112 56.42 85.69 42.09
N SER R 113 56.36 84.82 43.12
CA SER R 113 55.32 84.90 44.15
C SER R 113 53.91 84.92 43.53
N SER R 114 53.73 84.13 42.47
CA SER R 114 52.48 84.11 41.71
C SER R 114 51.41 83.31 42.42
N SER R 115 51.86 82.38 43.27
CA SER R 115 51.01 81.43 43.96
C SER R 115 51.92 80.30 44.43
N ASP R 116 51.34 79.36 45.17
CA ASP R 116 52.02 78.11 45.49
C ASP R 116 52.41 77.34 44.23
N ALA R 117 53.51 76.59 44.33
CA ALA R 117 54.08 75.79 43.25
C ALA R 117 55.44 76.31 42.81
N ARG R 118 56.05 75.56 41.91
CA ARG R 118 57.26 75.98 41.25
C ARG R 118 56.93 76.91 40.09
N GLU R 119 55.65 77.09 39.81
CA GLU R 119 55.20 78.17 38.93
C GLU R 119 55.86 79.45 39.42
N ALA R 120 55.81 79.65 40.74
CA ALA R 120 56.47 80.77 41.41
C ALA R 120 57.98 80.72 41.21
N ALA R 121 58.56 79.54 41.37
CA ALA R 121 60.01 79.35 41.29
C ALA R 121 60.57 79.41 39.85
N GLU R 122 59.77 78.95 38.89
CA GLU R 122 60.16 78.98 37.47
C GLU R 122 60.30 80.42 36.97
N ALA R 123 59.39 81.28 37.42
CA ALA R 123 59.41 82.70 37.08
C ALA R 123 60.72 83.33 37.52
N ALA R 124 61.12 83.05 38.76
CA ALA R 124 62.38 83.54 39.32
C ALA R 124 63.55 83.24 38.39
N ILE R 125 63.52 82.07 37.77
CA ILE R 125 64.56 81.63 36.86
C ILE R 125 64.54 82.47 35.57
N GLN R 126 63.33 82.78 35.11
CA GLN R 126 63.16 83.56 33.88
C GLN R 126 63.68 84.99 34.05
N VAL R 127 63.30 85.63 35.16
CA VAL R 127 63.68 87.01 35.46
C VAL R 127 65.20 87.20 35.37
N GLU R 128 65.94 86.30 36.03
CA GLU R 128 67.40 86.36 36.05
C GLU R 128 67.99 86.25 34.63
N VAL R 129 67.45 85.31 33.84
CA VAL R 129 67.93 85.06 32.47
C VAL R 129 67.63 86.23 31.51
N LEU R 130 66.41 86.77 31.62
CA LEU R 130 66.00 87.89 30.79
C LEU R 130 66.71 89.19 31.19
N GLU R 131 67.08 89.29 32.46
CA GLU R 131 67.90 90.41 32.96
C GLU R 131 69.32 90.33 32.38
N ASN R 132 69.92 89.14 32.45
CA ASN R 132 71.25 88.89 31.86
C ASN R 132 71.28 89.18 30.35
N LEU R 133 70.11 89.13 29.73
CA LEU R 133 69.98 89.38 28.30
C LEU R 133 70.00 90.89 28.00
N GLN R 134 69.12 91.64 28.66
CA GLN R 134 69.05 93.10 28.47
C GLN R 134 70.38 93.78 28.77
N SER R 135 71.06 93.32 29.82
CA SER R 135 72.37 93.82 30.22
C SER R 135 73.39 93.81 29.06
N VAL R 136 73.11 93.05 28.01
CA VAL R 136 73.96 93.02 26.83
C VAL R 136 73.23 93.60 25.63
N LEU R 137 73.89 94.55 24.96
CA LEU R 137 73.39 95.18 23.74
C LEU R 137 74.40 96.24 23.28
N SER S 1 69.69 80.79 40.67
CA SER S 1 68.48 80.89 41.54
C SER S 1 68.39 79.73 42.55
N ALA S 2 67.20 79.48 43.07
CA ALA S 2 67.00 78.43 44.07
C ALA S 2 65.98 77.38 43.64
N TRP S 3 66.18 76.82 42.45
CA TRP S 3 65.33 75.72 41.95
C TRP S 3 65.55 74.43 42.76
N ARG S 4 66.52 74.51 43.66
CA ARG S 4 66.91 73.44 44.57
C ARG S 4 65.77 73.12 45.54
N LYS S 5 65.29 74.14 46.25
CA LYS S 5 64.17 74.01 47.18
C LYS S 5 62.93 73.52 46.44
N ALA S 6 62.67 74.14 45.28
CA ALA S 6 61.62 73.72 44.38
C ALA S 6 61.98 72.37 43.74
N GLY S 7 61.04 71.80 43.00
CA GLY S 7 61.25 70.49 42.38
C GLY S 7 62.18 70.42 41.18
N ILE S 8 62.70 71.58 40.75
CA ILE S 8 63.43 71.71 39.45
C ILE S 8 64.76 70.94 39.35
N SER S 9 64.88 70.20 38.26
CA SER S 9 66.09 69.48 37.91
C SER S 9 66.93 70.36 36.97
N TYR S 10 68.19 69.98 36.78
CA TYR S 10 69.12 70.80 36.01
C TYR S 10 68.64 71.11 34.58
N ALA S 11 68.25 70.07 33.86
CA ALA S 11 67.84 70.21 32.46
C ALA S 11 66.50 70.96 32.32
N ALA S 12 65.59 70.74 33.27
CA ALA S 12 64.32 71.48 33.34
C ALA S 12 64.55 72.98 33.49
N TYR S 13 65.55 73.33 34.29
CA TYR S 13 66.02 74.71 34.44
C TYR S 13 66.49 75.30 33.11
N LEU S 14 67.36 74.57 32.42
CA LEU S 14 67.92 75.02 31.14
C LEU S 14 66.84 75.23 30.09
N ASN S 15 65.82 74.37 30.12
CA ASN S 15 64.70 74.47 29.20
C ASN S 15 63.90 75.75 29.44
N VAL S 16 63.52 75.98 30.70
CA VAL S 16 62.88 77.23 31.13
C VAL S 16 63.62 78.45 30.56
N ALA S 17 64.94 78.44 30.69
CA ALA S 17 65.80 79.45 30.08
C ALA S 17 65.64 79.47 28.57
N ALA S 18 65.95 78.34 27.93
CA ALA S 18 65.90 78.19 26.48
C ALA S 18 64.59 78.68 25.87
N GLN S 19 63.49 78.39 26.54
CA GLN S 19 62.17 78.93 26.19
C GLN S 19 62.18 80.46 26.11
N ALA S 20 62.53 81.09 27.23
CA ALA S 20 62.59 82.55 27.30
C ALA S 20 63.45 83.14 26.18
N ILE S 21 64.56 82.48 25.88
CA ILE S 21 65.47 82.91 24.80
C ILE S 21 64.84 82.77 23.41
N ARG S 22 64.05 81.72 23.21
CA ARG S 22 63.32 81.53 21.95
C ARG S 22 62.22 82.58 21.79
N SER S 23 61.40 82.77 22.83
CA SER S 23 60.38 83.81 22.86
C SER S 23 60.98 85.22 22.69
N SER S 24 62.26 85.37 23.05
CA SER S 24 62.94 86.67 23.02
C SER S 24 63.38 87.10 21.64
N LEU S 25 63.42 86.15 20.71
CA LEU S 25 63.88 86.40 19.34
C LEU S 25 63.02 87.45 18.64
N LYS S 26 63.60 88.08 17.61
CA LYS S 26 62.84 88.93 16.71
C LYS S 26 61.74 88.09 16.11
N THR S 27 60.49 88.50 16.30
CA THR S 27 59.33 87.70 15.94
C THR S 27 59.40 87.01 14.56
N GLU S 28 59.91 87.72 13.56
CA GLU S 28 60.06 87.14 12.21
C GLU S 28 61.07 85.98 12.15
N LEU S 29 62.06 86.01 13.04
CA LEU S 29 63.03 84.92 13.15
C LEU S 29 62.56 83.77 14.06
N GLN S 30 61.38 83.94 14.67
CA GLN S 30 60.72 82.85 15.39
C GLN S 30 60.04 81.92 14.38
N THR S 31 60.86 81.23 13.58
CA THR S 31 60.39 80.38 12.49
C THR S 31 59.53 79.20 12.95
N ALA S 32 58.88 78.55 11.99
CA ALA S 32 58.03 77.40 12.26
C ALA S 32 58.72 76.37 13.16
N SER S 33 59.95 76.00 12.79
CA SER S 33 60.74 75.02 13.55
C SER S 33 61.04 75.49 14.97
N VAL S 34 61.36 76.78 15.12
CA VAL S 34 61.66 77.39 16.43
C VAL S 34 60.45 77.27 17.37
N LEU S 35 59.25 77.54 16.85
CA LEU S 35 58.04 77.44 17.65
C LEU S 35 57.69 75.99 17.99
N ASN S 36 58.17 75.04 17.18
CA ASN S 36 57.93 73.63 17.42
C ASN S 36 58.78 73.10 18.55
N ARG S 37 59.95 73.71 18.70
CA ARG S 37 60.90 73.44 19.77
C ARG S 37 60.31 73.85 21.12
N SER S 38 59.17 74.55 21.08
CA SER S 38 58.56 75.17 22.25
C SER S 38 57.27 74.50 22.73
N GLN S 39 56.66 73.67 21.90
CA GLN S 39 55.39 73.01 22.26
C GLN S 39 55.45 71.48 22.20
N THR S 40 54.69 70.87 23.11
CA THR S 40 54.54 69.43 23.20
C THR S 40 53.16 69.07 23.76
N ASP S 41 52.57 68.00 23.23
CA ASP S 41 51.28 67.52 23.71
C ASP S 41 51.46 66.26 24.56
N ALA S 42 52.66 66.13 25.14
CA ALA S 42 53.02 64.93 25.89
C ALA S 42 52.37 64.85 27.25
N PHE S 43 51.97 63.63 27.63
CA PHE S 43 51.35 63.35 28.92
C PHE S 43 52.21 62.34 29.67
N TYR S 44 52.02 62.24 30.98
CA TYR S 44 52.66 61.18 31.76
C TYR S 44 51.68 60.52 32.73
N THR S 45 51.75 59.20 32.81
CA THR S 45 50.83 58.43 33.66
C THR S 45 51.60 57.40 34.48
N GLN S 46 51.43 57.45 35.80
CA GLN S 46 52.09 56.52 36.70
C GLN S 46 51.33 55.20 36.74
N TYR S 47 52.05 54.09 36.89
CA TYR S 47 51.44 52.75 36.91
C TYR S 47 51.85 51.92 38.13
N LYS S 48 50.88 51.17 38.66
CA LYS S 48 51.12 50.26 39.78
C LYS S 48 50.46 48.91 39.53
N ASN S 49 51.00 47.87 40.14
CA ASN S 49 50.48 46.49 40.05
C ASN S 49 50.46 45.93 38.64
N ALA S 53 47.98 46.23 36.68
CA ALA S 53 48.46 47.15 35.65
C ALA S 53 47.54 48.36 35.49
N SER S 54 46.93 48.78 36.59
CA SER S 54 46.14 50.00 36.62
C SER S 54 47.05 51.21 36.85
N GLU S 55 46.45 52.37 37.10
CA GLU S 55 47.19 53.63 37.14
C GLU S 55 46.33 54.76 37.73
N PRO S 56 46.97 55.74 38.41
CA PRO S 56 46.30 56.96 38.83
C PRO S 56 46.36 58.09 37.78
N THR S 57 45.29 58.88 37.73
CA THR S 57 45.16 60.14 36.94
C THR S 57 46.28 60.51 35.92
N PRO S 58 45.87 60.84 34.67
CA PRO S 58 46.81 61.36 33.66
C PRO S 58 47.19 62.83 33.92
N ILE S 59 48.44 63.17 33.67
CA ILE S 59 48.92 64.54 33.86
C ILE S 59 49.58 65.03 32.57
N THR S 60 50.27 66.17 32.62
CA THR S 60 50.81 66.81 31.43
C THR S 60 52.26 67.19 31.67
N LYS S 61 53.02 67.35 30.58
CA LYS S 61 54.26 68.12 30.61
C LYS S 61 55.41 67.36 31.25
N SER T 1 33.04 57.27 -4.77
CA SER T 1 34.52 57.32 -4.55
C SER T 1 34.88 57.89 -3.17
N GLU T 2 34.28 59.01 -2.78
CA GLU T 2 34.53 59.57 -1.45
C GLU T 2 33.71 58.81 -0.42
N GLY T 3 34.42 58.18 0.52
CA GLY T 3 33.78 57.36 1.54
C GLY T 3 33.68 55.90 1.17
N SER T 4 34.20 55.56 -0.01
CA SER T 4 34.16 54.20 -0.55
C SER T 4 34.92 53.18 0.30
N THR T 5 35.96 53.64 1.00
CA THR T 5 36.72 52.82 1.93
C THR T 5 36.17 52.90 3.35
N GLY T 6 35.87 54.13 3.80
CA GLY T 6 35.61 54.40 5.21
C GLY T 6 34.19 54.33 5.72
N THR T 7 33.24 54.79 4.91
CA THR T 7 31.89 55.00 5.43
C THR T 7 31.10 53.69 5.51
N PRO T 8 30.30 53.52 6.58
CA PRO T 8 29.53 52.29 6.75
C PRO T 8 28.32 52.20 5.83
N ARG T 9 28.43 51.30 4.85
CA ARG T 9 27.28 50.81 4.11
C ARG T 9 26.76 49.59 4.88
N GLY T 10 25.80 48.86 4.31
CA GLY T 10 25.13 47.77 5.02
C GLY T 10 26.06 46.77 5.71
N SER T 11 25.61 46.25 6.84
CA SER T 11 26.21 45.05 7.42
C SER T 11 25.97 43.90 6.44
N GLY T 12 27.01 43.12 6.19
CA GLY T 12 26.97 42.15 5.10
C GLY T 12 27.44 42.80 3.81
N SER T 13 28.19 43.90 3.95
CA SER T 13 28.94 44.53 2.86
C SER T 13 30.21 45.15 3.44
N GLU T 14 30.54 44.74 4.67
CA GLU T 14 31.63 45.32 5.46
C GLU T 14 33.03 44.89 5.06
N ASP T 15 33.92 45.86 4.89
CA ASP T 15 35.35 45.60 4.87
C ASP T 15 35.81 45.39 6.31
N SER T 16 37.07 44.99 6.47
CA SER T 16 37.74 45.14 7.75
C SER T 16 38.17 46.61 7.90
N PHE T 17 38.32 47.27 6.76
CA PHE T 17 38.69 48.69 6.70
C PHE T 17 37.56 49.60 7.13
N VAL T 18 36.33 49.24 6.78
CA VAL T 18 35.15 49.93 7.30
C VAL T 18 35.08 49.72 8.81
N LYS T 19 35.28 48.46 9.23
CA LYS T 19 35.19 48.06 10.62
C LYS T 19 36.18 48.81 11.52
N ARG T 20 37.40 49.04 11.02
CA ARG T 20 38.40 49.76 11.80
C ARG T 20 38.20 51.27 11.79
N ALA T 21 37.73 51.81 10.66
CA ALA T 21 37.40 53.23 10.57
C ALA T 21 36.39 53.63 11.63
N ARG T 22 35.37 52.81 11.82
CA ARG T 22 34.37 53.05 12.84
C ARG T 22 34.92 52.78 14.26
N ALA T 23 35.90 51.89 14.35
CA ALA T 23 36.51 51.58 15.64
C ALA T 23 37.45 52.68 16.11
N THR T 24 38.40 53.08 15.27
CA THR T 24 39.37 54.12 15.64
C THR T 24 38.65 55.44 15.91
N GLU T 25 37.55 55.64 15.18
CA GLU T 25 36.76 56.86 15.25
C GLU T 25 35.85 56.94 16.47
N ASP T 26 35.06 55.89 16.70
CA ASP T 26 34.19 55.84 17.88
C ASP T 26 34.97 56.06 19.17
N PHE T 27 36.18 55.48 19.24
CA PHE T 27 37.10 55.65 20.38
C PHE T 27 37.46 57.12 20.55
N PHE T 28 37.78 57.78 19.43
CA PHE T 28 38.19 59.17 19.45
C PHE T 28 37.09 60.07 20.01
N VAL T 29 35.86 59.86 19.54
CA VAL T 29 34.72 60.65 20.01
C VAL T 29 34.47 60.41 21.50
N ARG T 30 34.59 59.15 21.93
CA ARG T 30 34.46 58.78 23.34
C ARG T 30 35.42 59.55 24.25
N GLN T 31 36.69 59.63 23.84
CA GLN T 31 37.73 60.33 24.59
C GLN T 31 37.44 61.81 24.71
N ARG T 32 37.08 62.44 23.58
CA ARG T 32 36.76 63.86 23.56
C ARG T 32 35.49 64.19 24.35
N GLU T 33 34.48 63.32 24.28
CA GLU T 33 33.23 63.54 25.03
C GLU T 33 33.42 63.35 26.52
N LYS T 34 34.33 62.44 26.88
CA LYS T 34 34.73 62.21 28.26
C LYS T 34 35.43 63.45 28.85
N GLU T 35 36.33 64.06 28.09
CA GLU T 35 37.06 65.25 28.53
C GLU T 35 36.15 66.48 28.70
N GLN T 36 35.16 66.61 27.83
CA GLN T 36 34.20 67.73 27.87
C GLN T 36 32.99 67.39 28.74
PG ATP U . -24.19 -65.20 23.03
O1G ATP U . -24.72 -65.65 24.35
O2G ATP U . -22.58 -64.96 23.04
O3G ATP U . -24.78 -63.73 22.69
PB ATP U . -23.88 -66.69 20.50
O1B ATP U . -24.18 -65.86 19.32
O2B ATP U . -22.46 -67.02 20.78
O3B ATP U . -24.67 -66.18 21.84
PA ATP U . -24.71 -69.43 21.10
O1A ATP U . -23.56 -70.17 20.57
O2A ATP U . -24.82 -69.19 22.57
O3A ATP U . -24.79 -68.03 20.27
O5' ATP U . -26.09 -70.09 20.61
C5' ATP U . -27.30 -69.45 20.98
C4' ATP U . -28.38 -70.45 21.45
O4' ATP U . -28.85 -71.25 20.31
C3' ATP U . -27.99 -71.44 22.54
O3' ATP U . -29.18 -71.73 23.29
C2' ATP U . -27.57 -72.67 21.73
O2' ATP U . -27.76 -73.86 22.49
C1' ATP U . -28.57 -72.65 20.56
N9 ATP U . -28.04 -73.22 19.30
C8 ATP U . -26.87 -72.93 18.71
N7 ATP U . -26.75 -73.64 17.58
C5 ATP U . -27.86 -74.37 17.44
C6 ATP U . -28.31 -75.29 16.49
N6 ATP U . -27.58 -75.60 15.42
N1 ATP U . -29.51 -75.86 16.67
C2 ATP U . -30.27 -75.58 17.73
N3 ATP U . -29.87 -74.72 18.65
C4 ATP U . -28.67 -74.10 18.54
MG MG V . -21.26 -66.61 22.53
PB ADP W . -17.33 -28.83 -11.66
O1B ADP W . -16.53 -27.42 -11.55
O2B ADP W . -18.84 -28.68 -11.06
O3B ADP W . -16.61 -29.94 -10.99
PA ADP W . -16.57 -28.76 -14.35
O1A ADP W . -15.31 -29.37 -13.88
O2A ADP W . -16.57 -27.36 -14.85
O3A ADP W . -17.69 -28.97 -13.22
O5' ADP W . -17.26 -29.70 -15.44
C5' ADP W . -17.13 -31.15 -15.34
C4' ADP W . -16.99 -31.84 -16.73
O4' ADP W . -18.07 -31.44 -17.62
C3' ADP W . -15.69 -31.38 -17.35
O3' ADP W . -15.06 -32.50 -17.94
C2' ADP W . -16.13 -30.37 -18.42
O2' ADP W . -15.26 -30.41 -19.54
C1' ADP W . -17.51 -30.89 -18.82
N9 ADP W . -18.44 -29.79 -19.24
C8 ADP W . -18.74 -28.67 -18.57
N7 ADP W . -19.63 -27.94 -19.25
C5 ADP W . -19.91 -28.59 -20.38
C6 ADP W . -20.75 -28.35 -21.47
N6 ADP W . -21.50 -27.25 -21.54
N1 ADP W . -20.81 -29.25 -22.47
C2 ADP W . -20.09 -30.35 -22.43
N3 ADP W . -19.27 -30.63 -21.41
C4 ADP W . -19.16 -29.78 -20.37
MG MG X . -14.70 -27.13 -10.41
PB ADP Y . -48.54 -25.26 25.80
O1B ADP Y . -48.51 -24.96 27.35
O2B ADP Y . -48.19 -26.80 25.56
O3B ADP Y . -47.53 -24.36 25.14
PA ADP Y . -51.06 -23.99 25.96
O1A ADP Y . -50.37 -22.74 26.27
O2A ADP Y . -51.82 -24.65 27.02
O3A ADP Y . -50.05 -25.11 25.32
O5' ADP Y . -51.99 -23.81 24.64
C5' ADP Y . -51.88 -22.65 23.80
C4' ADP Y . -53.22 -22.24 23.18
O4' ADP Y . -53.94 -23.44 22.91
C3' ADP Y . -54.03 -21.51 24.25
O3' ADP Y . -53.76 -20.08 24.23
C2' ADP Y . -55.44 -21.77 23.79
O2' ADP Y . -55.81 -20.76 22.84
C1' ADP Y . -55.34 -23.15 23.10
N9 ADP Y . -55.97 -24.25 23.91
C8 ADP Y . -55.38 -24.98 24.87
N7 ADP Y . -56.26 -25.86 25.35
C5 ADP Y . -57.42 -25.70 24.71
C6 ADP Y . -58.67 -26.32 24.78
N6 ADP Y . -58.91 -27.31 25.63
N1 ADP Y . -59.65 -25.92 23.95
C2 ADP Y . -59.43 -24.93 23.08
N3 ADP Y . -58.26 -24.32 22.99
C4 ADP Y . -57.22 -24.68 23.79
MG MG Z . -47.16 -23.77 28.57
C1 EDO AA . -29.91 -31.62 41.44
O1 EDO AA . -29.64 -30.65 42.43
C2 EDO AA . -28.61 -32.07 40.79
O2 EDO AA . -27.75 -32.52 41.82
PB ADP BA . -42.28 -50.46 33.90
O1B ADP BA . -41.76 -51.05 35.31
O2B ADP BA . -41.48 -51.26 32.74
O3B ADP BA . -42.01 -49.02 33.81
PA ADP BA . -44.79 -51.12 34.98
O1A ADP BA . -44.78 -50.02 35.98
O2A ADP BA . -44.49 -52.49 35.42
O3A ADP BA . -43.83 -50.80 33.73
O5' ADP BA . -46.23 -51.11 34.28
C5' ADP BA . -46.69 -49.84 33.84
C4' ADP BA . -48.12 -49.90 33.39
O4' ADP BA . -48.21 -50.82 32.27
C3' ADP BA . -49.00 -50.52 34.46
O3' ADP BA . -49.38 -49.53 35.41
C2' ADP BA . -50.18 -50.96 33.60
O2' ADP BA . -50.90 -49.83 33.09
C1' ADP BA . -49.45 -51.58 32.41
N9 ADP BA . -49.14 -53.01 32.68
C8 ADP BA . -47.94 -53.56 32.92
N7 ADP BA . -48.08 -54.88 33.10
C5 ADP BA . -49.38 -55.17 32.98
C6 ADP BA . -50.13 -56.33 33.06
N6 ADP BA . -49.56 -57.50 33.31
N1 ADP BA . -51.46 -56.27 32.87
C2 ADP BA . -52.07 -55.12 32.62
N3 ADP BA . -51.39 -53.98 32.53
C4 ADP BA . -50.05 -53.98 32.71
MG MG CA . -40.77 -50.16 37.03
PB ADP DA . -9.63 -59.33 -7.35
O1B ADP DA . -8.28 -58.45 -7.50
O2B ADP DA . -10.83 -58.25 -7.32
O3B ADP DA . -9.60 -60.18 -6.13
PA ADP DA . -8.57 -60.97 -9.33
O1A ADP DA . -7.90 -61.76 -8.27
O2A ADP DA . -7.76 -60.06 -10.19
O3A ADP DA . -9.80 -60.16 -8.70
O5' ADP DA . -9.37 -62.00 -10.27
C5' ADP DA . -10.41 -62.81 -9.70
C4' ADP DA . -10.91 -63.86 -10.69
O4' ADP DA . -11.67 -63.19 -11.73
C3' ADP DA . -9.72 -64.49 -11.40
O3' ADP DA . -9.26 -65.63 -10.65
C2' ADP DA . -10.32 -64.92 -12.72
O2' ADP DA . -11.01 -66.17 -12.57
C1' ADP DA . -11.33 -63.80 -13.02
N9 ADP DA . -10.70 -62.79 -13.92
C8 ADP DA . -10.18 -61.62 -13.56
N7 ADP DA . -9.71 -60.98 -14.63
C5 ADP DA . -9.94 -61.73 -15.69
C6 ADP DA . -9.67 -61.59 -17.04
N6 ADP DA . -9.07 -60.49 -17.49
N1 ADP DA . -10.04 -62.57 -17.88
C2 ADP DA . -10.64 -63.67 -17.43
N3 ADP DA . -10.91 -63.84 -16.14
C4 ADP DA . -10.57 -62.90 -15.24
PB ADP EA . -34.53 -15.47 3.32
O1B ADP EA . -34.67 -14.05 3.97
O2B ADP EA . -35.42 -16.46 4.26
O3B ADP EA . -33.16 -16.00 3.28
PA ADP EA . -35.63 -14.18 1.12
O1A ADP EA . -34.40 -13.41 0.80
O2A ADP EA . -36.77 -13.51 1.79
O3A ADP EA . -35.23 -15.48 1.92
O5' ADP EA . -36.18 -14.85 -0.21
C5' ADP EA . -35.29 -15.60 -1.09
C4' ADP EA . -35.97 -15.87 -2.42
O4' ADP EA . -37.13 -16.70 -2.14
C3' ADP EA . -36.59 -14.61 -3.01
O3' ADP EA . -35.62 -13.90 -3.78
C2' ADP EA . -37.61 -15.20 -3.93
O2' ADP EA . -36.98 -15.76 -5.10
C1' ADP EA . -38.18 -16.33 -3.07
N9 ADP EA . -39.34 -15.81 -2.35
C8 ADP EA . -39.40 -15.56 -1.04
N7 ADP EA . -40.61 -15.09 -0.74
C5 ADP EA . -41.32 -15.04 -1.86
C6 ADP EA . -42.62 -14.66 -2.14
N6 ADP EA . -43.42 -14.23 -1.17
N1 ADP EA . -43.07 -14.73 -3.41
C2 ADP EA . -42.29 -15.17 -4.38
N3 ADP EA . -41.03 -15.57 -4.14
C4 ADP EA . -40.53 -15.50 -2.88
MG MG FA . -33.15 -12.65 4.63
PG ATP GA . 16.82 64.83 -13.79
O1G ATP GA . 15.59 65.19 -13.02
O2G ATP GA . 16.56 64.72 -15.37
O3G ATP GA . 17.30 63.34 -13.36
PB ATP GA . 19.23 66.45 -14.38
O1B ATP GA . 20.47 65.67 -14.32
O2B ATP GA . 18.74 66.84 -15.71
O3B ATP GA . 18.07 65.81 -13.42
PA ATP GA . 18.69 69.11 -13.28
O1A ATP GA . 18.98 69.95 -14.45
O2A ATP GA . 17.28 68.79 -12.96
O3A ATP GA . 19.56 67.73 -13.43
O5' ATP GA . 19.37 69.67 -11.97
C5' ATP GA . 19.21 68.95 -10.75
C4' ATP GA . 18.90 69.88 -9.55
O4' ATP GA . 20.06 70.71 -9.22
C3' ATP GA . 17.74 70.86 -9.69
O3' ATP GA . 17.17 71.04 -8.39
C2' ATP GA . 18.44 72.14 -10.15
O2' ATP GA . 17.68 73.30 -9.79
C1' ATP GA . 19.74 72.10 -9.36
N9 ATP GA . 20.89 72.74 -10.04
C8 ATP GA . 21.30 72.55 -11.30
N7 ATP GA . 22.37 73.31 -11.55
C5 ATP GA . 22.65 73.97 -10.43
C6 ATP GA . 23.64 74.89 -10.08
N6 ATP GA . 24.58 75.29 -10.94
N1 ATP GA . 23.65 75.39 -8.82
C2 ATP GA . 22.72 75.02 -7.94
N3 ATP GA . 21.78 74.16 -8.25
C4 ATP GA . 21.72 73.61 -9.47
MG MG HA . 16.82 66.44 -16.65
PB ADP IA . 51.11 30.62 -28.22
O1B ADP IA . 50.91 29.27 -29.08
O2B ADP IA . 50.76 30.36 -26.67
O3B ADP IA . 50.30 31.73 -28.75
PA ADP IA . 53.63 30.73 -29.39
O1A ADP IA . 52.98 31.39 -30.53
O2A ADP IA . 54.18 29.36 -29.58
O3A ADP IA . 52.70 30.81 -28.13
O5' ADP IA . 54.79 31.68 -28.80
C5' ADP IA . 54.63 33.12 -28.84
C4' ADP IA . 55.95 33.87 -29.16
O4' ADP IA . 57.01 33.45 -28.27
C3' ADP IA . 56.39 33.51 -30.56
O3' ADP IA . 56.83 34.69 -31.21
C2' ADP IA . 57.54 32.53 -30.36
O2' ADP IA . 58.49 32.66 -31.41
C1' ADP IA . 58.15 32.98 -29.05
N9 ADP IA . 58.75 31.86 -28.26
C8 ADP IA . 58.17 30.70 -27.93
N7 ADP IA . 59.00 29.94 -27.21
C5 ADP IA . 60.14 30.63 -27.07
C6 ADP IA . 61.37 30.39 -26.42
N6 ADP IA . 61.60 29.26 -25.77
N1 ADP IA . 62.32 31.33 -26.46
C2 ADP IA . 62.12 32.47 -27.09
N3 ADP IA . 60.99 32.74 -27.72
C4 ADP IA . 59.98 31.84 -27.73
MG MG JA . 49.54 29.01 -30.72
C1 EDO KA . 25.38 23.67 -18.35
O1 EDO KA . 25.26 25.11 -18.22
C2 EDO KA . 24.23 23.03 -19.12
O2 EDO KA . 23.89 23.76 -20.32
C1 EDO LA . 62.18 27.37 -14.48
O1 EDO LA . 62.54 28.35 -15.47
C2 EDO LA . 60.69 27.38 -14.18
O2 EDO LA . 59.97 27.05 -15.38
PB ADP MA . 19.29 23.79 8.15
O1B ADP MA . 17.77 23.43 8.33
O2B ADP MA . 19.43 25.34 7.86
O3B ADP MA . 19.84 22.98 7.01
PA ADP MA . 19.60 22.37 10.59
O1A ADP MA . 19.23 21.13 9.88
O2A ADP MA . 18.64 22.93 11.56
O3A ADP MA . 20.00 23.56 9.57
O5' ADP MA . 21.04 22.19 11.30
C5' ADP MA . 21.90 21.09 10.98
C4' ADP MA . 22.74 20.64 12.18
O4' ADP MA . 23.09 21.81 12.92
C3' ADP MA . 21.84 19.81 13.11
O3' ADP MA . 21.88 18.41 12.77
C2' ADP MA . 22.50 20.02 14.44
O2' ADP MA . 23.53 19.04 14.61
C1' ADP MA . 23.11 21.43 14.32
N9 ADP MA . 22.37 22.46 15.14
C8 ADP MA . 21.31 23.17 14.76
N7 ADP MA . 20.93 23.98 15.76
C5 ADP MA . 21.76 23.79 16.77
C6 ADP MA . 21.87 24.34 18.06
N6 ADP MA . 21.03 25.27 18.50
N1 ADP MA . 22.86 23.92 18.87
C2 ADP MA . 23.73 23.00 18.47
N3 ADP MA . 23.65 22.46 17.25
C4 ADP MA . 22.68 22.83 16.38
MG MG NA . 16.40 22.22 7.18
C1 EDO OA . 1.06 31.22 -8.56
O1 EDO OA . -0.01 31.53 -9.45
C2 EDO OA . 0.53 30.51 -7.32
O2 EDO OA . 0.30 29.14 -7.61
PB ADP PA . 9.33 48.80 4.80
O1B ADP PA . 7.84 49.34 4.54
O2B ADP PA . 10.33 49.69 3.92
O3B ADP PA . 9.43 47.36 4.45
PA ADP PA . 8.61 49.27 7.52
O1A ADP PA . 7.66 48.14 7.58
O2A ADP PA . 8.12 50.64 7.35
O3A ADP PA . 9.72 49.05 6.34
O5' ADP PA . 9.55 49.19 8.79
C5' ADP PA . 10.09 47.92 9.11
C4' ADP PA . 10.77 47.94 10.47
O4' ADP PA . 11.86 48.89 10.44
C3' ADP PA . 9.83 48.46 11.56
O3' ADP PA . 8.99 47.42 12.01
C2' ADP PA . 10.86 48.86 12.60
O2' ADP PA . 11.50 47.72 13.17
C1' ADP PA . 11.88 49.57 11.73
N9 ADP PA . 11.53 51.00 11.56
C8 ADP PA . 11.09 51.60 10.44
N7 ADP PA . 10.90 52.90 10.68
C5 ADP PA . 11.21 53.12 11.96
C6 ADP PA . 11.21 54.25 12.78
N6 ADP PA . 10.83 55.44 12.33
N1 ADP PA . 11.60 54.11 14.06
C2 ADP PA . 11.98 52.94 14.55
N3 ADP PA . 11.99 51.86 13.80
C4 ADP PA . 11.61 51.91 12.51
MG MG QA . 6.00 48.46 3.80
PB ADP RA . 44.81 61.38 -33.69
O1B ADP RA . 44.77 60.55 -35.10
O2B ADP RA . 45.02 60.22 -32.56
O3B ADP RA . 43.58 62.18 -33.48
PA ADP RA . 46.54 63.13 -35.01
O1A ADP RA . 45.36 63.90 -35.45
O2A ADP RA . 47.28 62.30 -35.98
O3A ADP RA . 46.15 62.23 -33.72
O5' ADP RA . 47.56 64.15 -34.32
C5' ADP RA . 47.14 64.90 -33.16
C4' ADP RA . 48.17 65.96 -32.77
O4' ADP RA . 49.34 65.31 -32.23
C3' ADP RA . 48.65 66.66 -34.04
O3' ADP RA . 47.80 67.78 -34.31
C2' ADP RA . 50.03 67.12 -33.64
O2' ADP RA . 49.97 68.34 -32.87
C1' ADP RA . 50.52 65.98 -32.75
N9 ADP RA . 51.35 65.04 -33.56
C8 ADP RA . 50.94 63.87 -34.06
N7 ADP RA . 51.94 63.29 -34.73
C5 ADP RA . 53.00 64.08 -34.65
C6 ADP RA . 54.29 63.99 -35.13
N6 ADP RA . 54.67 62.95 -35.86
N1 ADP RA . 55.15 65.00 -34.87
C2 ADP RA . 54.76 66.05 -34.16
N3 ADP RA . 53.53 66.16 -33.67
C4 ADP RA . 52.63 65.19 -33.91
C1 EDO SA . 24.69 37.53 -43.62
O1 EDO SA . 25.91 37.93 -42.98
C2 EDO SA . 24.97 36.85 -44.94
O2 EDO SA . 25.48 35.53 -44.66
PB ADP TA . 39.58 15.57 -9.73
O1B ADP TA . 39.00 14.12 -9.62
O2B ADP TA . 38.76 16.45 -8.64
O3B ADP TA . 39.38 16.20 -11.06
PA ADP TA . 41.98 14.31 -9.07
O1A ADP TA . 42.13 13.63 -10.38
O2A ADP TA . 41.48 13.53 -7.90
O3A ADP TA . 41.09 15.61 -9.25
O5' ADP TA . 43.36 15.00 -8.69
C5' ADP TA . 44.05 15.86 -9.65
C4' ADP TA . 45.46 16.14 -9.18
O4' ADP TA . 45.34 16.87 -7.95
C3' ADP TA . 46.20 14.85 -8.77
O3' ADP TA . 46.83 14.24 -9.88
C2' ADP TA . 47.25 15.42 -7.86
O2' ADP TA . 48.28 16.07 -8.62
C1' ADP TA . 46.45 16.48 -7.09
N9 ADP TA . 45.95 15.85 -5.86
C8 ADP TA . 44.68 15.56 -5.61
N7 ADP TA . 44.58 15.00 -4.40
C5 ADP TA . 45.80 14.95 -3.88
C6 ADP TA . 46.30 14.51 -2.67
N6 ADP TA . 45.47 14.00 -1.78
N1 ADP TA . 47.62 14.59 -2.43
C2 ADP TA . 48.44 15.13 -3.32
N3 ADP TA . 47.99 15.57 -4.49
C4 ADP TA . 46.67 15.50 -4.80
MG MG UA . 38.19 12.77 -11.12
C1 EDO VA . 24.77 -0.12 -25.06
O1 EDO VA . 25.92 -0.21 -25.93
C2 EDO VA . 23.54 0.48 -25.78
O2 EDO VA . 23.04 -0.25 -26.92
#